data_9QE0
#
_entry.id   9QE0
#
_cell.length_a   1.00
_cell.length_b   1.00
_cell.length_c   1.00
_cell.angle_alpha   90.00
_cell.angle_beta   90.00
_cell.angle_gamma   90.00
#
_symmetry.space_group_name_H-M   'P 1'
#
loop_
_entity.id
_entity.type
_entity.pdbx_description
1 polymer JetC
2 polymer JetB
3 polymer JetA
#
loop_
_entity_poly.entity_id
_entity_poly.type
_entity_poly.pdbx_seq_one_letter_code
_entity_poly.pdbx_strand_id
1 'polypeptide(L)'
;MMTEAKWVMNRAGLLNFWYYDDEIFPFSDGKLLLRGTNGSGKSVTMQSFLPVLLDGKKSPDRLDPFGSKARRMEDYLLGE
KEVVDRDERTGYLFIEYKKAGVERYITTGIGMQAKRHKGIKSWYFVITDNRRIGYDFELAHSQLGDRVPFSAKELENRIG
EGGYVVHTQREYMELVNKYIFGFQSNEAYEDLIKLLIQLRSPKLSKDFKPTVIYEILESALPPLTDDELRHLSDTIESMD
QTQQQLEQLEREFASSSRLVNQYHSYNQYILAERAGKWQDALKRYTVAEEHVKGLTAQDEELTQEIKQEEEQKQQFAQQQ
EIALEEKKRLERHEVWNLEEDKRKKIENTKSLSSEINSLQKKWDHKNSQYNRLWQEREQSQNQIRQHESGMEDLLGELQF
DAEEAAFSEHEVNVHDFERHQEEEFDFSIWIGEIGSHEQLLANLNQLADEENRLSEEHNRLQRQSSEKKKEVDAIRKNLD
HLADWFTEEKQRLEHQVFTWIEQHPKLIFSNERRQEIARSIEGLYEENRYEQVREKLLAVVNDYITDISTKKKLMETKIE
DKKHELEAARAELHHWKTLKMPNPDRAKDTEAFRLQLLEDGQAFIPFYAAVEFQDDVTEEQKERIESALKQTGILDSLIT
ENALAPTHDRVIRPEPQLLGYTLADYLRPDLEADSLISNKLVDEILRSISLEQEGAGFHVDVDGSYSLGCLVGHAPNEGP
SKYIGRSSRKRYQQEKIKECQETIEQLQLELEELKVQLSQYEENLLQAAQWKQTMPTDQELNDLNVQIEKTGHQLEEQKK
VLFQLDEQWKQVHGHLQVIKIQLHQEGRQLNLSLTKEVLGQALISAKNYRDQLYSFKDLFQKCLFARKRIEDLTHRLFEM
ETELDDLKGDQNVKESQLRKEKAEIESIEQQLKLKGIEEVRLRIQQVQQELREATEGINHLLETIPQKKAKQETCQNELA
AAKTSAEFWSNMADEWEQMVRADIARGFVEVVEMDPVKIVKQLESILGKYDRSKLNEQLTKTFINEQIFLTEYRMFEYPE
ETERPEWFSKEWGEYYEPFMNEWNQLQSRRLILMEYKGQRVSPYFVFTSLEKELEDQKGWLDEQDRQLYEDIIVNTVGVI
LRNRIKRAEKWVSEMDKIMESRDNSSGLTFSIAWKPLTAESEQELDTKDLVKLLQRNSKFLNEDDLNRITKHFQSRIGKA
KELIQLRNEGSTLHQVLKEVLDYRKWFTFVLSFKRVNEPKRELTNNAFFKFSGGEKAMAMYIPLFTAAYSRYKEAGEMAP
YIISLDEAFAGVDENNIRDMFEVVEQLGFNYIMNSQALWGDYDTISSLSICELVRPKNADFVTVIRYQWDGKQRTFVVDD
EHVEELVTHDG
;
A,B,F,G
2 'polypeptide(L)'
;MIMEQTQLFDEKAIQGMDILFHHYWILRAEQPEWYQLIREREKVLRRYLDEKFGLRLIVHQHFIKLEKIPVEPEGWMGIQ
DFQEPMDYAIFCCALAFLEGKAVDEQFLLSELCQEIQADYPGDFPLDWTLYTHRKSLIRAVKVLMEFQLIRTIDGDIGRF
DQNEEQEVLYEASTYSRYFMRTYPDDFSSYQHWSELLKEDWKLNQEDERRKRVYRKLFFSPGLHRLDQQDPDFLYIRNYR
NRLAEDIEKHSEYKLHVYKNTAFLSIAEPRQYQQVFPNSKASTDIILQLSKYIHGEPERFKANENGEILMTEGEFEQVVD
DLRQQFGTGWAKYFRDMSTKGIRTELLRAMKDWMMAEVDSETSLIRIKSLTGVMTGEYPSDFQTGGTEG
;
D,H
3 'polypeptide(L)'
;GPAAMDSTMKKIIEASYLTADSAAHYRTILRYFYHQHERMRDFIAPEELLEHMRSIPAFADFQEDQLHQQLAQLVKWNNL
IARQDMTNAKTIEEYKKKRFRYQCTPYTVEIERMIVQLEKLGDTFQGSLERSQFDRLFQAITSLQNELENDLNKSAEEYM
RIWEDVFRYFQTIRTSTADYIAYINSEQTDQRMQTEAFLVYKNQFTTYLRDFIVSLQKTSLQIQHSLSELTLERLQHFFQ
KLIEHRGAIPRLEDVSSSTNDWLTEYEEYWFSLRQWFLGSAVQQSELDILQWQTNEMIRRMTRYVQRIGERQQHFRSRKK
DYLQLSKWFVECRDSEEAHKLSAVVFGSMTIQHLQLEEATTENLHVDTWDEAPTELTIKPRTVRYREKTKPGSFNSNEQK
KKEQRELYLKEREQEKKLIEKYMTQGKITLSALSTVEPFIRKVLLSWIGKSMAAKNRMVKTDYGLHVKVMLDYEKTITLQ
AEDGNLLMPDATFLFEETRG
;
E,J
#
# COMPACT_ATOMS: atom_id res chain seq x y z
N MET A 1 36.96 -34.27 -33.58
CA MET A 1 37.55 -33.04 -34.11
C MET A 1 38.01 -32.11 -33.00
N MET A 2 38.89 -31.19 -33.38
CA MET A 2 39.46 -30.23 -32.44
C MET A 2 38.35 -29.29 -31.95
N THR A 3 38.72 -28.41 -31.04
CA THR A 3 37.90 -27.25 -30.68
C THR A 3 38.32 -26.05 -31.50
N GLU A 4 37.98 -24.84 -31.06
CA GLU A 4 38.48 -23.68 -31.76
C GLU A 4 40.00 -23.72 -31.64
N ALA A 5 40.69 -23.11 -32.60
CA ALA A 5 41.76 -23.85 -33.23
C ALA A 5 43.07 -23.72 -32.45
N LYS A 6 43.55 -24.87 -31.97
CA LYS A 6 44.67 -24.91 -31.06
C LYS A 6 45.92 -24.39 -31.77
N TRP A 7 46.77 -23.71 -31.02
CA TRP A 7 48.07 -23.27 -31.51
C TRP A 7 49.07 -24.41 -31.59
N VAL A 8 50.11 -24.20 -32.39
CA VAL A 8 51.25 -25.11 -32.48
C VAL A 8 52.48 -24.24 -32.70
N MET A 9 53.57 -24.63 -32.07
CA MET A 9 54.85 -23.95 -32.19
C MET A 9 55.76 -24.52 -33.27
N ASN A 10 55.85 -23.85 -34.43
CA ASN A 10 56.93 -24.21 -35.34
C ASN A 10 57.71 -23.01 -35.86
N ARG A 11 58.56 -22.42 -35.03
CA ARG A 11 59.84 -21.81 -35.40
C ARG A 11 60.33 -21.04 -34.17
N ALA A 12 61.63 -20.76 -34.13
CA ALA A 12 62.19 -20.04 -32.99
C ALA A 12 63.52 -19.38 -33.35
N GLY A 13 63.54 -18.06 -33.24
CA GLY A 13 64.64 -17.28 -33.76
C GLY A 13 65.38 -16.59 -32.63
N LEU A 14 66.57 -16.12 -32.93
CA LEU A 14 67.29 -15.17 -32.11
C LEU A 14 67.99 -14.17 -33.01
N LEU A 15 68.22 -12.96 -32.51
CA LEU A 15 68.83 -11.94 -33.35
C LEU A 15 69.69 -11.00 -32.52
N ASN A 16 71.01 -11.14 -32.66
CA ASN A 16 72.01 -10.36 -31.93
C ASN A 16 71.93 -10.48 -30.41
N PHE A 17 71.48 -11.62 -29.87
CA PHE A 17 71.45 -11.80 -28.43
C PHE A 17 72.59 -12.73 -28.05
N TRP A 18 73.28 -12.39 -26.95
CA TRP A 18 74.39 -13.21 -26.49
C TRP A 18 75.26 -13.46 -27.71
N TYR A 19 75.89 -14.63 -27.77
CA TYR A 19 76.66 -15.06 -28.93
C TYR A 19 75.74 -15.55 -30.05
N TYR A 20 74.45 -15.68 -29.77
CA TYR A 20 73.44 -15.98 -30.80
C TYR A 20 73.34 -14.81 -31.77
N ASP A 21 74.18 -14.85 -32.80
CA ASP A 21 74.29 -13.74 -33.74
C ASP A 21 73.05 -13.65 -34.63
N ASP A 22 72.73 -14.76 -35.30
CA ASP A 22 71.47 -14.85 -36.04
C ASP A 22 71.17 -16.34 -36.23
N GLU A 23 70.37 -16.89 -35.31
CA GLU A 23 70.06 -18.31 -35.32
C GLU A 23 68.55 -18.48 -35.31
N ILE A 24 68.08 -19.58 -35.91
CA ILE A 24 66.67 -19.91 -35.91
C ILE A 24 66.57 -21.43 -35.80
N PHE A 25 65.43 -21.90 -35.33
CA PHE A 25 65.23 -23.31 -35.08
C PHE A 25 63.81 -23.69 -35.47
N PRO A 26 63.65 -24.66 -36.36
CA PRO A 26 62.30 -25.14 -36.71
C PRO A 26 61.87 -26.24 -35.75
N PHE A 27 60.58 -26.36 -35.55
CA PHE A 27 60.01 -27.42 -34.72
C PHE A 27 59.33 -28.37 -35.68
N SER A 28 59.59 -29.68 -35.53
CA SER A 28 58.86 -30.67 -36.33
C SER A 28 57.39 -30.26 -36.41
N ASP A 29 56.67 -30.35 -35.30
CA ASP A 29 55.27 -29.97 -35.31
C ASP A 29 55.10 -28.92 -34.22
N GLY A 30 55.42 -29.34 -33.01
CA GLY A 30 55.47 -28.53 -31.82
C GLY A 30 56.61 -28.97 -30.94
N LYS A 31 57.44 -29.90 -31.43
CA LYS A 31 58.50 -30.49 -30.65
C LYS A 31 59.86 -30.20 -31.26
N LEU A 32 60.86 -30.14 -30.38
CA LEU A 32 62.23 -29.78 -30.70
C LEU A 32 63.12 -30.35 -29.62
N LEU A 33 64.37 -30.65 -29.95
CA LEU A 33 65.28 -31.28 -29.01
C LEU A 33 66.71 -30.81 -29.26
N LEU A 34 67.09 -29.81 -28.47
CA LEU A 34 68.41 -29.23 -28.45
C LEU A 34 69.42 -30.19 -27.81
N ARG A 35 70.68 -30.05 -28.17
CA ARG A 35 71.73 -30.82 -27.53
C ARG A 35 73.07 -30.12 -27.71
N GLY A 36 73.97 -30.36 -26.76
CA GLY A 36 75.32 -29.82 -26.83
C GLY A 36 75.96 -29.95 -25.48
N THR A 37 77.28 -29.83 -25.44
CA THR A 37 77.99 -29.91 -24.16
C THR A 37 77.46 -28.87 -23.18
N ASN A 38 77.48 -29.22 -21.89
CA ASN A 38 76.96 -28.33 -20.86
C ASN A 38 77.76 -27.03 -20.80
N GLY A 39 77.07 -25.96 -20.42
CA GLY A 39 77.70 -24.66 -20.43
C GLY A 39 77.75 -23.95 -21.77
N SER A 40 76.98 -24.40 -22.75
CA SER A 40 77.06 -23.83 -24.08
C SER A 40 75.86 -22.94 -24.36
N GLY A 41 74.83 -23.04 -23.55
CA GLY A 41 73.62 -22.26 -23.66
C GLY A 41 72.38 -23.04 -24.00
N LYS A 42 72.47 -24.36 -24.11
CA LYS A 42 71.28 -25.14 -24.43
C LYS A 42 70.22 -24.93 -23.35
N SER A 43 70.68 -24.52 -22.18
CA SER A 43 69.78 -24.27 -21.07
C SER A 43 69.42 -22.80 -21.06
N VAL A 44 70.40 -21.94 -21.32
CA VAL A 44 70.09 -20.53 -21.25
C VAL A 44 69.09 -20.24 -22.36
N THR A 45 69.30 -20.88 -23.51
CA THR A 45 68.40 -20.78 -24.65
C THR A 45 67.01 -21.29 -24.29
N MET A 46 66.93 -22.50 -23.74
CA MET A 46 65.59 -23.01 -23.44
C MET A 46 64.91 -22.10 -22.43
N GLN A 47 65.64 -21.69 -21.40
CA GLN A 47 65.12 -20.77 -20.39
C GLN A 47 64.65 -19.46 -21.01
N SER A 48 65.37 -18.95 -22.01
CA SER A 48 64.94 -17.71 -22.66
C SER A 48 63.63 -17.93 -23.38
N PHE A 49 63.47 -19.08 -24.02
CA PHE A 49 62.22 -19.31 -24.74
C PHE A 49 61.11 -19.62 -23.75
N LEU A 50 61.32 -20.58 -22.86
CA LEU A 50 60.24 -20.98 -21.98
C LEU A 50 60.68 -20.87 -20.54
N PRO A 51 59.83 -20.39 -19.62
CA PRO A 51 58.52 -19.83 -19.92
C PRO A 51 58.72 -18.33 -20.13
N VAL A 52 60.01 -17.94 -20.25
CA VAL A 52 60.34 -16.52 -20.32
C VAL A 52 59.62 -15.85 -21.47
N LEU A 53 59.67 -16.44 -22.66
CA LEU A 53 59.06 -15.80 -23.81
C LEU A 53 57.54 -15.90 -23.73
N LEU A 54 57.05 -16.75 -22.83
CA LEU A 54 55.61 -16.94 -22.66
C LEU A 54 54.96 -15.79 -21.90
N ASP A 55 55.67 -15.24 -20.92
CA ASP A 55 55.13 -14.12 -20.13
C ASP A 55 56.01 -12.88 -20.15
N GLY A 56 57.32 -13.02 -20.30
CA GLY A 56 58.21 -11.89 -20.34
C GLY A 56 58.92 -11.50 -19.06
N LYS A 57 58.60 -12.07 -17.91
CA LYS A 57 59.35 -11.77 -16.70
C LYS A 57 60.78 -12.23 -16.93
N LYS A 58 61.74 -11.34 -16.64
CA LYS A 58 63.14 -11.57 -16.94
C LYS A 58 64.06 -11.50 -15.73
N SER A 59 63.51 -11.54 -14.53
CA SER A 59 64.37 -11.41 -13.37
C SER A 59 65.34 -12.58 -13.28
N PRO A 60 66.47 -12.40 -12.59
CA PRO A 60 67.52 -13.44 -12.59
C PRO A 60 67.05 -14.80 -12.12
N ASP A 61 66.06 -14.83 -11.22
CA ASP A 61 65.57 -16.08 -10.67
C ASP A 61 65.03 -17.03 -11.73
N ARG A 62 64.36 -16.52 -12.75
CA ARG A 62 63.77 -17.43 -13.73
C ARG A 62 64.84 -18.15 -14.52
N LEU A 63 65.84 -17.43 -15.01
CA LEU A 63 66.95 -18.06 -15.72
C LEU A 63 67.81 -18.92 -14.81
N ASP A 64 68.02 -18.49 -13.58
CA ASP A 64 69.01 -19.12 -12.71
C ASP A 64 68.60 -20.53 -12.29
N PRO A 65 69.45 -21.55 -12.51
CA PRO A 65 69.10 -22.91 -12.08
C PRO A 65 69.01 -23.09 -10.57
N PHE A 66 69.96 -22.56 -9.80
CA PHE A 66 69.89 -22.69 -8.35
C PHE A 66 68.67 -22.02 -7.78
N GLY A 67 68.04 -21.16 -8.57
CA GLY A 67 67.06 -20.19 -8.12
C GLY A 67 67.65 -18.97 -7.48
N SER A 68 68.97 -18.85 -7.45
CA SER A 68 69.61 -17.65 -6.92
C SER A 68 69.69 -16.58 -8.00
N LYS A 69 70.42 -15.51 -7.71
CA LYS A 69 70.54 -14.36 -8.60
C LYS A 69 71.97 -14.15 -9.07
N ALA A 70 72.68 -15.22 -9.43
CA ALA A 70 74.11 -15.11 -9.72
C ALA A 70 74.32 -14.27 -10.97
N ARG A 71 73.62 -14.58 -12.05
CA ARG A 71 73.88 -13.97 -13.34
C ARG A 71 72.50 -13.56 -13.85
N ARG A 72 72.43 -12.38 -14.47
CA ARG A 72 71.19 -11.92 -15.06
C ARG A 72 71.09 -12.24 -16.54
N MET A 73 69.88 -12.04 -17.05
CA MET A 73 69.64 -12.17 -18.49
C MET A 73 70.47 -11.14 -19.21
N GLU A 74 70.55 -9.94 -18.63
CA GLU A 74 71.34 -8.86 -19.18
C GLU A 74 72.75 -9.33 -19.49
N ASP A 75 73.32 -10.10 -18.58
CA ASP A 75 74.69 -10.57 -18.75
C ASP A 75 74.78 -11.41 -20.02
N TYR A 76 73.78 -12.25 -20.24
CA TYR A 76 73.66 -13.04 -21.45
C TYR A 76 73.51 -12.13 -22.67
N LEU A 77 72.72 -11.06 -22.53
CA LEU A 77 72.44 -10.18 -23.65
C LEU A 77 73.72 -9.51 -24.10
N LEU A 78 74.54 -9.10 -23.13
CA LEU A 78 75.76 -8.35 -23.42
C LEU A 78 76.91 -9.30 -23.68
N GLY A 79 76.87 -10.49 -23.07
CA GLY A 79 77.91 -11.48 -23.19
C GLY A 79 79.05 -11.22 -22.23
N GLU A 80 79.92 -12.20 -22.05
CA GLU A 80 81.03 -12.07 -21.13
C GLU A 80 81.91 -10.92 -21.58
N LYS A 81 82.30 -10.03 -20.67
CA LYS A 81 83.20 -8.95 -21.07
C LYS A 81 84.54 -9.49 -21.53
N GLU A 82 84.92 -10.68 -21.06
CA GLU A 82 86.18 -11.29 -21.46
C GLU A 82 86.15 -11.79 -22.90
N VAL A 83 84.99 -11.80 -23.53
CA VAL A 83 84.86 -12.35 -24.87
C VAL A 83 84.45 -11.24 -25.83
N VAL A 84 83.44 -10.46 -25.45
CA VAL A 84 82.93 -9.38 -26.29
C VAL A 84 83.28 -8.07 -25.60
N ASP A 85 83.94 -7.17 -26.33
CA ASP A 85 84.37 -5.88 -25.78
C ASP A 85 83.26 -4.86 -26.04
N ARG A 86 82.11 -5.13 -25.43
CA ARG A 86 80.94 -4.29 -25.59
C ARG A 86 80.17 -4.15 -24.28
N ASP A 87 79.50 -3.01 -24.16
CA ASP A 87 78.69 -2.64 -23.02
C ASP A 87 77.34 -2.11 -23.48
N GLU A 88 76.96 -2.42 -24.71
CA GLU A 88 75.67 -2.04 -25.28
C GLU A 88 75.33 -2.97 -26.43
N ARG A 89 74.10 -3.46 -26.42
CA ARG A 89 73.63 -4.43 -27.40
C ARG A 89 72.12 -4.24 -27.53
N THR A 90 71.56 -4.80 -28.60
CA THR A 90 70.12 -4.95 -28.73
C THR A 90 69.80 -6.34 -29.25
N GLY A 91 69.09 -7.13 -28.44
CA GLY A 91 68.81 -8.50 -28.78
C GLY A 91 67.33 -8.68 -29.02
N TYR A 92 67.00 -9.63 -29.88
CA TYR A 92 65.62 -9.95 -30.21
C TYR A 92 65.43 -11.45 -30.04
N LEU A 93 64.38 -11.82 -29.31
CA LEU A 93 64.01 -13.22 -29.22
C LEU A 93 62.62 -13.36 -29.81
N PHE A 94 62.34 -14.47 -30.48
CA PHE A 94 60.98 -14.64 -30.98
C PHE A 94 60.67 -16.09 -31.32
N ILE A 95 59.38 -16.42 -31.25
CA ILE A 95 58.81 -17.71 -31.63
C ILE A 95 57.67 -17.49 -32.61
N GLU A 96 57.43 -18.46 -33.49
CA GLU A 96 56.44 -18.31 -34.54
C GLU A 96 55.44 -19.47 -34.48
N TYR A 97 54.24 -19.16 -34.03
CA TYR A 97 53.14 -20.08 -33.85
C TYR A 97 52.33 -20.24 -35.13
N LYS A 98 51.83 -21.45 -35.33
CA LYS A 98 50.94 -21.85 -36.40
C LYS A 98 49.74 -22.50 -35.73
N LYS A 99 48.55 -22.20 -36.23
CA LYS A 99 47.34 -22.76 -35.68
C LYS A 99 47.11 -24.16 -36.26
N ALA A 100 47.06 -25.15 -35.38
CA ALA A 100 46.96 -26.53 -35.81
C ALA A 100 45.74 -26.74 -36.69
N GLY A 101 45.94 -27.40 -37.83
CA GLY A 101 44.86 -27.68 -38.75
C GLY A 101 44.45 -26.47 -39.56
N VAL A 102 45.21 -25.39 -39.44
CA VAL A 102 44.94 -24.15 -40.17
C VAL A 102 46.28 -23.55 -40.59
N GLU A 103 46.24 -22.53 -41.42
CA GLU A 103 47.43 -21.89 -41.97
C GLU A 103 47.55 -20.46 -41.46
N ARG A 104 47.19 -20.26 -40.19
CA ARG A 104 47.30 -18.98 -39.50
C ARG A 104 48.46 -19.00 -38.53
N TYR A 105 49.25 -17.94 -38.55
CA TYR A 105 50.45 -17.84 -37.73
C TYR A 105 50.41 -16.59 -36.86
N ILE A 106 50.71 -16.80 -35.58
CA ILE A 106 50.84 -15.72 -34.61
C ILE A 106 52.28 -15.76 -34.10
N THR A 107 52.94 -14.61 -34.13
CA THR A 107 54.33 -14.50 -33.71
C THR A 107 54.37 -13.73 -32.40
N THR A 108 55.35 -14.05 -31.57
CA THR A 108 55.59 -13.31 -30.35
C THR A 108 57.07 -13.25 -30.03
N GLY A 109 57.55 -12.08 -29.68
CA GLY A 109 58.97 -11.91 -29.46
C GLY A 109 59.25 -10.70 -28.60
N ILE A 110 60.43 -10.69 -28.01
CA ILE A 110 60.88 -9.63 -27.12
C ILE A 110 62.02 -8.88 -27.80
N GLY A 111 62.14 -7.61 -27.49
CA GLY A 111 63.24 -6.78 -27.95
C GLY A 111 63.85 -6.11 -26.73
N MET A 112 65.18 -6.26 -26.59
CA MET A 112 65.85 -5.77 -25.40
C MET A 112 67.05 -4.93 -25.80
N GLN A 113 67.35 -3.95 -24.96
CA GLN A 113 68.59 -3.21 -25.05
C GLN A 113 69.20 -3.16 -23.66
N ALA A 114 70.50 -3.46 -23.57
CA ALA A 114 71.19 -3.52 -22.29
C ALA A 114 72.53 -2.84 -22.48
N LYS A 115 72.92 -2.05 -21.48
CA LYS A 115 74.24 -1.42 -21.44
C LYS A 115 75.03 -1.85 -20.22
N ARG A 116 76.22 -2.43 -20.41
CA ARG A 116 76.89 -3.11 -19.31
C ARG A 116 76.80 -2.23 -18.08
N HIS A 117 76.23 -2.78 -17.04
CA HIS A 117 75.95 -2.13 -15.78
C HIS A 117 75.55 -0.67 -15.99
N LYS A 118 74.56 -0.39 -16.87
CA LYS A 118 74.01 0.94 -17.10
C LYS A 118 72.49 0.92 -17.28
N GLY A 119 71.86 -0.24 -17.26
CA GLY A 119 70.40 -0.25 -17.40
C GLY A 119 69.88 -0.92 -18.65
N ILE A 120 68.80 -1.69 -18.46
CA ILE A 120 68.23 -2.54 -19.50
C ILE A 120 66.80 -2.12 -19.80
N LYS A 121 66.54 -1.77 -21.05
CA LYS A 121 65.21 -1.53 -21.57
C LYS A 121 64.53 -2.86 -21.89
N SER A 122 63.28 -2.80 -22.35
CA SER A 122 62.58 -3.97 -22.86
C SER A 122 61.30 -3.50 -23.53
N TRP A 123 60.96 -4.15 -24.65
CA TRP A 123 59.68 -3.94 -25.32
C TRP A 123 59.18 -5.27 -25.87
N TYR A 124 57.87 -5.48 -25.75
CA TYR A 124 57.25 -6.73 -26.18
C TYR A 124 56.32 -6.50 -27.36
N PHE A 125 56.08 -7.57 -28.12
CA PHE A 125 55.22 -7.47 -29.29
C PHE A 125 54.56 -8.81 -29.52
N VAL A 126 53.45 -8.79 -30.27
CA VAL A 126 52.72 -9.97 -30.66
C VAL A 126 52.02 -9.68 -31.98
N ILE A 127 52.26 -10.52 -32.99
CA ILE A 127 51.68 -10.29 -34.30
C ILE A 127 50.59 -11.34 -34.50
N THR A 128 49.43 -10.89 -35.00
CA THR A 128 48.26 -11.75 -35.09
C THR A 128 47.58 -11.67 -36.44
N ASP A 129 48.12 -10.89 -37.37
CA ASP A 129 47.53 -10.68 -38.69
C ASP A 129 47.96 -11.74 -39.69
N ASN A 130 48.66 -12.79 -39.23
CA ASN A 130 49.17 -13.83 -40.11
C ASN A 130 50.41 -13.40 -40.88
N ARG A 131 51.16 -12.43 -40.36
CA ARG A 131 52.46 -12.15 -40.94
C ARG A 131 53.50 -13.04 -40.29
N ARG A 132 54.47 -13.48 -41.08
CA ARG A 132 55.52 -14.37 -40.60
C ARG A 132 56.84 -13.63 -40.72
N ILE A 133 57.64 -13.63 -39.66
CA ILE A 133 58.94 -12.98 -39.73
C ILE A 133 59.83 -13.77 -40.68
N GLY A 134 60.26 -13.13 -41.76
CA GLY A 134 61.13 -13.84 -42.68
C GLY A 134 60.48 -14.34 -43.95
N TYR A 135 59.16 -14.19 -44.08
CA TYR A 135 58.50 -14.58 -45.32
C TYR A 135 57.74 -13.43 -45.97
N ASP A 136 57.00 -12.65 -45.19
CA ASP A 136 56.36 -11.43 -45.68
C ASP A 136 56.51 -10.30 -44.68
N PHE A 137 57.51 -10.37 -43.81
CA PHE A 137 57.80 -9.40 -42.77
C PHE A 137 59.27 -9.59 -42.43
N GLU A 138 59.93 -8.56 -41.90
CA GLU A 138 61.33 -8.71 -41.58
C GLU A 138 61.60 -7.93 -40.30
N LEU A 139 62.67 -8.32 -39.60
CA LEU A 139 63.05 -7.68 -38.34
C LEU A 139 64.31 -6.84 -38.42
N ALA A 140 65.17 -7.07 -39.42
CA ALA A 140 66.41 -6.33 -39.54
C ALA A 140 66.58 -5.90 -40.99
N HIS A 141 66.43 -4.60 -41.23
CA HIS A 141 66.59 -4.08 -42.58
C HIS A 141 68.07 -4.06 -42.93
N SER A 142 68.38 -4.24 -44.21
CA SER A 142 69.79 -4.19 -44.57
C SER A 142 70.24 -2.77 -44.84
N GLN A 143 69.31 -1.82 -44.80
CA GLN A 143 69.62 -0.42 -45.04
C GLN A 143 70.77 0.04 -44.15
N LEU A 144 71.49 1.07 -44.62
CA LEU A 144 72.65 1.61 -43.91
C LEU A 144 73.84 0.66 -43.90
N GLY A 145 73.71 -0.50 -44.52
CA GLY A 145 74.84 -1.43 -44.58
C GLY A 145 74.39 -2.86 -44.54
N ASP A 146 74.79 -3.60 -43.51
CA ASP A 146 74.36 -4.98 -43.38
C ASP A 146 72.98 -5.03 -42.74
N ARG A 147 72.55 -6.24 -42.38
CA ARG A 147 71.32 -6.38 -41.60
C ARG A 147 71.50 -5.71 -40.24
N VAL A 148 70.57 -4.81 -39.96
CA VAL A 148 70.54 -3.99 -38.75
C VAL A 148 69.20 -4.31 -38.08
N PRO A 149 69.19 -4.80 -36.84
CA PRO A 149 67.91 -5.04 -36.18
C PRO A 149 67.12 -3.75 -36.04
N PHE A 150 65.80 -3.86 -36.15
CA PHE A 150 64.97 -2.67 -36.08
C PHE A 150 65.19 -2.06 -34.71
N SER A 151 65.18 -0.74 -34.63
CA SER A 151 65.19 -0.14 -33.30
C SER A 151 63.75 -0.11 -32.83
N ALA A 152 63.56 0.22 -31.56
CA ALA A 152 62.24 0.14 -30.96
C ALA A 152 61.20 0.86 -31.82
N LYS A 153 61.52 2.07 -32.26
CA LYS A 153 60.51 2.87 -32.97
C LYS A 153 60.09 2.25 -34.30
N GLU A 154 61.04 1.76 -35.11
CA GLU A 154 60.63 1.18 -36.40
C GLU A 154 59.80 -0.07 -36.19
N LEU A 155 60.20 -0.91 -35.23
CA LEU A 155 59.44 -2.11 -34.94
C LEU A 155 58.06 -1.76 -34.41
N GLU A 156 57.96 -0.74 -33.58
CA GLU A 156 56.65 -0.34 -33.08
C GLU A 156 55.77 0.13 -34.22
N ASN A 157 56.31 0.88 -35.16
CA ASN A 157 55.49 1.33 -36.29
C ASN A 157 54.99 0.14 -37.11
N ARG A 158 55.95 -0.71 -37.52
CA ARG A 158 55.66 -1.83 -38.40
C ARG A 158 54.71 -2.84 -37.77
N ILE A 159 54.95 -3.26 -36.54
CA ILE A 159 53.97 -4.18 -35.98
C ILE A 159 52.71 -3.40 -35.67
N GLY A 160 52.88 -2.20 -35.08
CA GLY A 160 51.76 -1.49 -34.51
C GLY A 160 50.57 -1.51 -35.43
N GLU A 161 50.84 -1.34 -36.74
CA GLU A 161 49.74 -1.35 -37.71
C GLU A 161 49.05 -2.72 -37.80
N GLY A 162 49.83 -3.80 -37.85
CA GLY A 162 49.26 -5.12 -38.14
C GLY A 162 49.08 -6.00 -36.91
N GLY A 163 49.71 -5.62 -35.81
CA GLY A 163 49.75 -6.37 -34.57
C GLY A 163 50.03 -5.38 -33.45
N TYR A 164 50.06 -5.88 -32.22
CA TYR A 164 50.22 -5.00 -31.08
C TYR A 164 51.67 -5.00 -30.62
N VAL A 165 52.11 -3.87 -30.08
CA VAL A 165 53.39 -3.72 -29.40
C VAL A 165 53.09 -3.06 -28.06
N VAL A 166 53.64 -3.64 -26.99
CA VAL A 166 53.37 -3.16 -25.65
C VAL A 166 54.69 -3.00 -24.93
N HIS A 167 54.68 -2.20 -23.86
CA HIS A 167 55.91 -1.90 -23.15
C HIS A 167 55.92 -2.28 -21.68
N THR A 168 55.03 -3.18 -21.24
CA THR A 168 55.01 -3.63 -19.86
C THR A 168 54.74 -5.13 -19.84
N GLN A 169 55.49 -5.84 -19.00
CA GLN A 169 55.36 -7.29 -18.96
C GLN A 169 53.92 -7.72 -18.68
N ARG A 170 53.23 -7.00 -17.77
CA ARG A 170 51.85 -7.37 -17.44
C ARG A 170 50.94 -7.38 -18.66
N GLU A 171 50.98 -6.30 -19.42
CA GLU A 171 50.12 -6.19 -20.59
C GLU A 171 50.45 -7.27 -21.61
N TYR A 172 51.75 -7.52 -21.80
CA TYR A 172 52.17 -8.56 -22.74
C TYR A 172 51.62 -9.90 -22.30
N MET A 173 51.70 -10.20 -21.01
CA MET A 173 51.20 -11.47 -20.50
C MET A 173 49.69 -11.57 -20.68
N GLU A 174 48.97 -10.48 -20.42
CA GLU A 174 47.53 -10.47 -20.64
C GLU A 174 47.21 -10.74 -22.10
N LEU A 175 47.94 -10.10 -23.01
CA LEU A 175 47.73 -10.32 -24.43
C LEU A 175 47.97 -11.78 -24.80
N VAL A 176 49.08 -12.34 -24.34
CA VAL A 176 49.44 -13.70 -24.67
C VAL A 176 48.38 -14.66 -24.17
N ASN A 177 47.95 -14.48 -22.92
CA ASN A 177 46.89 -15.33 -22.40
C ASN A 177 45.65 -15.21 -23.29
N LYS A 178 45.20 -13.98 -23.52
CA LYS A 178 43.97 -13.73 -24.27
C LYS A 178 43.98 -14.43 -25.61
N TYR A 179 45.11 -14.37 -26.32
CA TYR A 179 45.14 -14.95 -27.66
C TYR A 179 45.43 -16.44 -27.63
N ILE A 180 46.55 -16.83 -27.03
CA ILE A 180 47.02 -18.21 -27.12
C ILE A 180 46.30 -19.11 -26.12
N PHE A 181 46.33 -18.77 -24.84
CA PHE A 181 45.98 -19.76 -23.83
C PHE A 181 44.50 -19.80 -23.45
N GLY A 182 43.83 -18.66 -23.41
CA GLY A 182 42.42 -18.63 -23.07
C GLY A 182 42.09 -19.14 -21.69
N PHE A 183 42.98 -18.89 -20.73
CA PHE A 183 42.74 -19.12 -19.31
C PHE A 183 41.55 -18.28 -18.86
N GLN A 184 40.79 -18.82 -17.89
CA GLN A 184 39.64 -18.06 -17.40
C GLN A 184 40.07 -16.94 -16.46
N SER A 185 41.37 -16.75 -16.30
CA SER A 185 41.87 -15.65 -15.49
C SER A 185 43.35 -15.45 -15.83
N ASN A 186 43.83 -14.22 -15.63
CA ASN A 186 45.26 -14.00 -15.85
C ASN A 186 46.05 -14.61 -14.69
N GLU A 187 45.46 -14.56 -13.50
CA GLU A 187 46.15 -15.07 -12.32
C GLU A 187 46.40 -16.56 -12.51
N ALA A 188 45.40 -17.28 -13.01
CA ALA A 188 45.56 -18.71 -13.24
C ALA A 188 46.71 -18.96 -14.20
N TYR A 189 46.82 -18.12 -15.25
CA TYR A 189 47.96 -18.25 -16.15
C TYR A 189 49.27 -18.05 -15.40
N GLU A 190 49.31 -17.06 -14.51
CA GLU A 190 50.52 -16.84 -13.72
C GLU A 190 50.83 -18.03 -12.85
N ASP A 191 49.80 -18.62 -12.23
CA ASP A 191 50.02 -19.78 -11.36
C ASP A 191 50.48 -20.99 -12.17
N LEU A 192 49.91 -21.18 -13.37
CA LEU A 192 50.40 -22.24 -14.24
C LEU A 192 51.88 -22.03 -14.50
N ILE A 193 52.26 -20.80 -14.81
CA ILE A 193 53.67 -20.51 -15.11
C ILE A 193 54.51 -20.74 -13.86
N LYS A 194 53.94 -20.46 -12.69
CA LYS A 194 54.63 -20.74 -11.44
C LYS A 194 54.89 -22.24 -11.36
N LEU A 195 53.89 -23.03 -11.70
CA LEU A 195 54.07 -24.48 -11.69
C LEU A 195 55.11 -24.89 -12.70
N LEU A 196 55.10 -24.24 -13.86
CA LEU A 196 56.06 -24.49 -14.93
C LEU A 196 57.49 -24.21 -14.50
N ILE A 197 57.73 -23.12 -13.75
CA ILE A 197 59.10 -22.88 -13.30
C ILE A 197 59.55 -24.06 -12.46
N GLN A 198 58.69 -24.54 -11.56
CA GLN A 198 59.08 -25.69 -10.73
C GLN A 198 59.33 -26.89 -11.62
N LEU A 199 58.45 -27.10 -12.61
CA LEU A 199 58.60 -28.20 -13.55
C LEU A 199 59.99 -28.16 -14.16
N ARG A 200 60.47 -26.95 -14.41
CA ARG A 200 61.70 -26.73 -15.14
C ARG A 200 62.89 -26.81 -14.21
N SER A 201 62.72 -26.36 -12.98
CA SER A 201 63.79 -26.36 -12.00
C SER A 201 64.45 -27.73 -11.94
N PRO A 202 65.76 -27.81 -11.67
CA PRO A 202 66.46 -29.05 -11.97
C PRO A 202 66.40 -30.03 -10.83
N LYS A 203 65.70 -29.68 -9.75
CA LYS A 203 65.64 -30.57 -8.60
C LYS A 203 64.94 -31.84 -9.02
N LEU A 204 64.11 -31.76 -10.06
CA LEU A 204 63.43 -32.94 -10.55
C LEU A 204 64.45 -33.96 -11.03
N SER A 205 65.38 -33.51 -11.88
CA SER A 205 66.34 -34.40 -12.52
C SER A 205 67.21 -35.10 -11.49
N LYS A 206 67.42 -34.43 -10.36
CA LYS A 206 68.33 -34.79 -9.27
C LYS A 206 67.65 -35.57 -8.15
N ASP A 207 66.61 -35.05 -7.51
CA ASP A 207 65.99 -35.73 -6.38
C ASP A 207 64.93 -36.67 -6.93
N PHE A 208 64.92 -37.87 -6.35
CA PHE A 208 64.16 -39.00 -6.85
C PHE A 208 63.04 -39.60 -6.00
N LYS A 209 62.80 -39.18 -4.76
CA LYS A 209 61.69 -39.77 -4.03
C LYS A 209 60.46 -38.88 -3.83
N PRO A 210 59.32 -39.51 -3.49
CA PRO A 210 58.01 -38.82 -3.50
C PRO A 210 57.81 -37.57 -2.64
N THR A 211 58.36 -37.48 -1.43
CA THR A 211 57.98 -36.35 -0.57
C THR A 211 58.29 -35.00 -1.22
N VAL A 212 59.20 -34.94 -2.17
CA VAL A 212 59.33 -33.71 -2.97
C VAL A 212 58.05 -33.44 -3.75
N ILE A 213 57.48 -34.49 -4.35
CA ILE A 213 56.27 -34.37 -5.15
C ILE A 213 55.10 -33.87 -4.32
N TYR A 214 54.97 -34.36 -3.08
CA TYR A 214 53.86 -33.91 -2.24
C TYR A 214 53.95 -32.42 -1.95
N GLU A 215 55.15 -31.92 -1.66
CA GLU A 215 55.31 -30.49 -1.43
C GLU A 215 54.97 -29.70 -2.68
N ILE A 216 55.38 -30.22 -3.83
CA ILE A 216 55.13 -29.55 -5.11
C ILE A 216 53.63 -29.45 -5.36
N LEU A 217 52.93 -30.58 -5.21
CA LEU A 217 51.49 -30.58 -5.41
C LEU A 217 50.82 -29.65 -4.42
N GLU A 218 51.15 -29.76 -3.14
CA GLU A 218 50.53 -28.89 -2.15
C GLU A 218 50.73 -27.43 -2.53
N SER A 219 51.88 -27.11 -3.11
CA SER A 219 52.13 -25.74 -3.54
C SER A 219 51.33 -25.40 -4.78
N ALA A 220 50.85 -26.41 -5.51
CA ALA A 220 50.12 -26.14 -6.74
C ALA A 220 48.72 -25.61 -6.46
N LEU A 221 48.12 -26.01 -5.35
CA LEU A 221 46.77 -25.61 -5.02
C LEU A 221 46.65 -24.10 -4.86
N PRO A 222 45.58 -23.47 -5.35
CA PRO A 222 45.44 -22.00 -5.27
C PRO A 222 44.98 -21.54 -3.90
N PRO A 223 45.72 -20.62 -3.26
CA PRO A 223 45.35 -20.14 -1.92
C PRO A 223 44.26 -19.06 -1.84
N LEU A 224 44.08 -18.59 -0.61
CA LEU A 224 43.17 -17.51 -0.25
C LEU A 224 43.67 -16.13 -0.69
N THR A 225 42.99 -15.55 -1.67
CA THR A 225 43.27 -14.18 -2.08
C THR A 225 43.06 -13.21 -0.93
N ASP A 226 43.92 -12.18 -0.89
CA ASP A 226 44.00 -11.32 0.29
C ASP A 226 42.66 -10.67 0.63
N ASP A 227 41.77 -10.49 -0.35
CA ASP A 227 40.49 -9.82 -0.09
C ASP A 227 39.64 -10.58 0.91
N GLU A 228 39.52 -11.89 0.71
CA GLU A 228 38.63 -12.67 1.56
C GLU A 228 39.09 -12.64 3.00
N LEU A 229 40.39 -12.76 3.22
CA LEU A 229 40.84 -12.64 4.59
C LEU A 229 40.78 -11.20 5.05
N ARG A 230 40.84 -10.27 4.09
CA ARG A 230 41.02 -8.87 4.43
C ARG A 230 39.81 -8.34 5.17
N HIS A 231 38.61 -8.65 4.69
CA HIS A 231 37.41 -8.19 5.39
C HIS A 231 37.35 -8.66 6.83
N LEU A 232 37.56 -9.96 7.04
CA LEU A 232 37.46 -10.54 8.38
C LEU A 232 38.55 -9.99 9.28
N SER A 233 39.79 -9.99 8.79
CA SER A 233 40.91 -9.54 9.60
C SER A 233 40.77 -8.08 9.95
N ASP A 234 40.38 -7.24 8.99
CA ASP A 234 40.20 -5.83 9.30
C ASP A 234 39.16 -5.66 10.38
N THR A 235 38.02 -6.33 10.25
CA THR A 235 36.97 -6.16 11.24
C THR A 235 37.43 -6.62 12.61
N ILE A 236 38.09 -7.79 12.68
CA ILE A 236 38.51 -8.33 13.97
C ILE A 236 39.60 -7.46 14.60
N GLU A 237 40.53 -6.98 13.78
CA GLU A 237 41.58 -6.11 14.32
C GLU A 237 40.98 -4.81 14.85
N SER A 238 40.04 -4.23 14.12
CA SER A 238 39.41 -3.01 14.60
C SER A 238 38.65 -3.26 15.89
N MET A 239 37.93 -4.38 15.96
CA MET A 239 37.14 -4.66 17.16
C MET A 239 38.04 -4.88 18.38
N ASP A 240 39.12 -5.65 18.21
CA ASP A 240 40.04 -5.86 19.33
C ASP A 240 40.77 -4.59 19.72
N GLN A 241 41.12 -3.75 18.73
CA GLN A 241 41.72 -2.46 19.03
C GLN A 241 40.76 -1.61 19.84
N THR A 242 39.48 -1.59 19.48
CA THR A 242 38.49 -0.84 20.25
C THR A 242 38.44 -1.36 21.67
N GLN A 243 38.48 -2.69 21.83
CA GLN A 243 38.45 -3.25 23.18
C GLN A 243 39.66 -2.79 23.98
N GLN A 244 40.84 -2.83 23.36
CA GLN A 244 42.06 -2.41 24.05
C GLN A 244 42.02 -0.92 24.39
N GLN A 245 41.49 -0.10 23.48
CA GLN A 245 41.38 1.32 23.78
C GLN A 245 40.43 1.57 24.93
N LEU A 246 39.31 0.85 24.97
CA LEU A 246 38.37 1.00 26.08
C LEU A 246 39.01 0.58 27.39
N GLU A 247 39.80 -0.49 27.37
CA GLU A 247 40.47 -0.91 28.59
C GLU A 247 41.50 0.11 29.03
N GLN A 248 42.23 0.69 28.08
CA GLN A 248 43.17 1.74 28.41
C GLN A 248 42.47 2.95 29.01
N LEU A 249 41.35 3.36 28.39
CA LEU A 249 40.61 4.50 28.91
C LEU A 249 40.09 4.24 30.32
N GLU A 250 39.58 3.03 30.56
CA GLU A 250 39.07 2.72 31.90
C GLU A 250 40.19 2.72 32.92
N ARG A 251 41.33 2.14 32.55
CA ARG A 251 42.50 2.15 33.43
C ARG A 251 42.92 3.58 33.76
N GLU A 252 43.06 4.41 32.73
CA GLU A 252 43.47 5.79 32.94
C GLU A 252 42.46 6.54 33.78
N PHE A 253 41.16 6.29 33.54
CA PHE A 253 40.13 6.97 34.32
C PHE A 253 40.18 6.55 35.78
N ALA A 254 40.42 5.26 36.04
CA ALA A 254 40.51 4.83 37.42
C ALA A 254 41.70 5.47 38.11
N SER A 255 42.84 5.54 37.42
CA SER A 255 44.00 6.20 38.01
C SER A 255 43.72 7.69 38.25
N SER A 256 43.09 8.34 37.28
CA SER A 256 42.73 9.75 37.44
C SER A 256 41.74 9.95 38.57
N SER A 257 40.80 9.03 38.73
CA SER A 257 39.84 9.11 39.82
C SER A 257 40.54 9.01 41.16
N ARG A 258 41.42 8.01 41.31
CA ARG A 258 42.17 7.88 42.55
C ARG A 258 42.96 9.15 42.83
N LEU A 259 43.68 9.65 41.83
CA LEU A 259 44.50 10.84 42.03
C LEU A 259 43.64 12.03 42.41
N VAL A 260 42.54 12.25 41.69
CA VAL A 260 41.71 13.42 41.94
C VAL A 260 41.02 13.32 43.28
N ASN A 261 40.59 12.13 43.68
CA ASN A 261 39.98 11.98 45.00
C ASN A 261 41.00 12.29 46.10
N GLN A 262 42.22 11.78 45.94
CA GLN A 262 43.26 12.08 46.92
C GLN A 262 43.52 13.58 46.93
N TYR A 263 43.57 14.19 45.75
CA TYR A 263 43.84 15.62 45.64
C TYR A 263 42.71 16.42 46.27
N HIS A 264 41.47 15.94 46.15
CA HIS A 264 40.34 16.62 46.75
C HIS A 264 40.38 16.49 48.27
N SER A 265 40.82 15.34 48.77
CA SER A 265 41.05 15.22 50.21
C SER A 265 42.12 16.20 50.65
N TYR A 266 43.19 16.30 49.86
CA TYR A 266 44.26 17.24 50.16
C TYR A 266 43.74 18.66 50.20
N ASN A 267 42.92 19.03 49.22
CA ASN A 267 42.39 20.39 49.15
C ASN A 267 41.43 20.64 50.30
N GLN A 268 40.62 19.64 50.65
CA GLN A 268 39.79 19.75 51.83
C GLN A 268 40.67 20.06 53.04
N TYR A 269 41.80 19.36 53.17
CA TYR A 269 42.67 19.61 54.32
C TYR A 269 43.26 21.01 54.27
N ILE A 270 43.68 21.46 53.09
CA ILE A 270 44.26 22.79 52.95
C ILE A 270 43.23 23.83 53.37
N LEU A 271 42.03 23.72 52.82
CA LEU A 271 40.98 24.68 53.15
C LEU A 271 40.62 24.61 54.62
N ALA A 272 40.56 23.40 55.17
CA ALA A 272 40.23 23.25 56.57
C ALA A 272 41.28 23.90 57.46
N GLU A 273 42.56 23.71 57.13
CA GLU A 273 43.61 24.30 57.95
C GLU A 273 43.59 25.81 57.85
N ARG A 274 43.42 26.34 56.63
CA ARG A 274 43.36 27.78 56.47
C ARG A 274 42.13 28.36 57.17
N ALA A 275 41.00 27.65 57.09
CA ALA A 275 39.80 28.08 57.79
C ALA A 275 39.99 28.05 59.30
N GLY A 276 40.64 27.00 59.82
CA GLY A 276 40.88 26.96 61.25
C GLY A 276 41.73 28.13 61.71
N LYS A 277 42.80 28.42 60.97
CA LYS A 277 43.63 29.56 61.32
C LYS A 277 42.86 30.86 61.16
N TRP A 278 42.07 30.99 60.10
CA TRP A 278 41.25 32.18 59.90
C TRP A 278 40.29 32.38 61.05
N GLN A 279 39.63 31.30 61.47
CA GLN A 279 38.71 31.36 62.59
C GLN A 279 39.44 31.74 63.86
N ASP A 280 40.64 31.18 64.06
CA ASP A 280 41.42 31.54 65.24
C ASP A 280 41.77 33.02 65.21
N ALA A 281 42.17 33.52 64.04
CA ALA A 281 42.51 34.93 63.92
C ALA A 281 41.30 35.81 64.24
N LEU A 282 40.13 35.46 63.68
CA LEU A 282 38.94 36.26 63.94
C LEU A 282 38.55 36.19 65.41
N LYS A 283 38.63 35.00 66.02
CA LYS A 283 38.34 34.86 67.44
C LYS A 283 39.25 35.77 68.26
N ARG A 284 40.56 35.69 68.01
CA ARG A 284 41.50 36.49 68.77
C ARG A 284 41.25 37.97 68.52
N TYR A 285 40.93 38.35 67.28
CA TYR A 285 40.64 39.75 66.99
C TYR A 285 39.41 40.22 67.76
N THR A 286 38.37 39.39 67.81
CA THR A 286 37.18 39.77 68.57
C THR A 286 37.49 39.89 70.05
N VAL A 287 38.27 38.95 70.58
CA VAL A 287 38.70 39.02 71.97
C VAL A 287 39.49 40.31 72.20
N ALA A 288 40.36 40.64 71.25
CA ALA A 288 41.15 41.85 71.35
C ALA A 288 40.24 43.07 71.35
N GLU A 289 39.21 43.07 70.52
CA GLU A 289 38.28 44.18 70.48
C GLU A 289 37.56 44.31 71.81
N GLU A 290 37.12 43.20 72.38
CA GLU A 290 36.51 43.25 73.70
C GLU A 290 37.47 43.86 74.71
N HIS A 291 38.72 43.41 74.69
CA HIS A 291 39.72 43.95 75.59
C HIS A 291 39.88 45.44 75.36
N VAL A 292 39.93 45.84 74.08
CA VAL A 292 40.11 47.24 73.72
C VAL A 292 38.97 48.05 74.29
N LYS A 293 37.74 47.56 74.11
CA LYS A 293 36.57 48.28 74.60
C LYS A 293 36.64 48.41 76.11
N GLY A 294 36.99 47.32 76.80
CA GLY A 294 37.04 47.37 78.25
C GLY A 294 38.09 48.37 78.71
N LEU A 295 39.26 48.34 78.09
CA LEU A 295 40.33 49.26 78.46
C LEU A 295 39.97 50.69 78.08
N THR A 296 39.23 50.89 76.99
CA THR A 296 38.75 52.22 76.64
C THR A 296 37.80 52.73 77.71
N ALA A 297 36.90 51.86 78.17
CA ALA A 297 35.99 52.24 79.24
C ALA A 297 36.77 52.60 80.49
N GLN A 298 37.77 51.78 80.83
CA GLN A 298 38.56 52.07 82.01
C GLN A 298 39.33 53.38 81.86
N ASP A 299 39.86 53.63 80.66
CA ASP A 299 40.57 54.88 80.41
C ASP A 299 39.63 56.07 80.56
N GLU A 300 38.43 55.96 80.00
CA GLU A 300 37.45 57.03 80.14
C GLU A 300 37.07 57.25 81.60
N GLU A 301 36.84 56.14 82.32
CA GLU A 301 36.51 56.24 83.74
C GLU A 301 37.64 56.92 84.51
N LEU A 302 38.88 56.52 84.24
CA LEU A 302 40.01 57.10 84.95
C LEU A 302 40.20 58.56 84.58
N THR A 303 39.98 58.91 83.31
CA THR A 303 40.04 60.30 82.91
C THR A 303 39.03 61.12 83.68
N GLN A 304 37.77 60.65 83.72
CA GLN A 304 36.74 61.39 84.44
C GLN A 304 37.08 61.48 85.91
N GLU A 305 37.55 60.38 86.50
CA GLU A 305 37.85 60.38 87.94
C GLU A 305 38.99 61.33 88.25
N ILE A 306 40.05 61.30 87.45
CA ILE A 306 41.18 62.19 87.67
C ILE A 306 40.74 63.64 87.50
N LYS A 307 39.91 63.89 86.49
CA LYS A 307 39.37 65.22 86.24
C LYS A 307 38.59 65.71 87.46
N GLN A 308 37.70 64.86 87.98
CA GLN A 308 36.89 65.24 89.12
C GLN A 308 37.77 65.45 90.35
N GLU A 309 38.80 64.61 90.51
CA GLU A 309 39.71 64.76 91.63
C GLU A 309 40.50 66.06 91.53
N GLU A 310 40.90 66.43 90.32
CA GLU A 310 41.56 67.72 90.14
C GLU A 310 40.62 68.86 90.46
N GLU A 311 39.35 68.75 90.07
CA GLU A 311 38.39 69.78 90.39
C GLU A 311 38.23 69.91 91.91
N GLN A 312 38.16 68.77 92.59
CA GLN A 312 38.06 68.78 94.04
C GLN A 312 39.34 69.32 94.67
N LYS A 313 40.48 69.03 94.07
CA LYS A 313 41.74 69.61 94.53
C LYS A 313 41.70 71.12 94.46
N GLN A 314 41.19 71.65 93.35
CA GLN A 314 41.05 73.10 93.22
C GLN A 314 40.06 73.64 94.23
N GLN A 315 38.98 72.90 94.48
CA GLN A 315 38.02 73.31 95.50
C GLN A 315 38.68 73.39 96.87
N PHE A 316 39.45 72.37 97.23
CA PHE A 316 40.16 72.38 98.51
C PHE A 316 41.15 73.53 98.56
N ALA A 317 41.82 73.81 97.43
CA ALA A 317 42.75 74.93 97.38
C ALA A 317 42.02 76.23 97.64
N GLN A 318 40.84 76.39 97.03
CA GLN A 318 40.02 77.58 97.26
C GLN A 318 39.66 77.70 98.73
N GLN A 319 39.20 76.60 99.32
CA GLN A 319 38.81 76.62 100.73
C GLN A 319 40.00 76.97 101.61
N GLN A 320 41.16 76.41 101.28
CA GLN A 320 42.39 76.66 102.03
C GLN A 320 42.76 78.14 101.95
N GLU A 321 42.68 78.71 100.74
CA GLU A 321 43.01 80.11 100.55
C GLU A 321 42.07 81.00 101.33
N ILE A 322 40.77 80.70 101.30
CA ILE A 322 39.81 81.52 102.04
C ILE A 322 40.06 81.39 103.54
N ALA A 323 40.43 80.21 103.99
CA ALA A 323 40.75 80.02 105.41
C ALA A 323 41.98 80.82 105.81
N LEU A 324 43.01 80.82 104.96
CA LEU A 324 44.21 81.61 105.24
C LEU A 324 43.88 83.11 105.26
N GLU A 325 43.05 83.55 104.32
CA GLU A 325 42.67 84.95 104.27
C GLU A 325 41.90 85.36 105.51
N GLU A 326 40.97 84.50 105.95
CA GLU A 326 40.20 84.78 107.14
C GLU A 326 41.10 84.78 108.37
N LYS A 327 42.11 83.91 108.39
CA LYS A 327 43.09 83.95 109.47
C LYS A 327 43.85 85.27 109.51
N LYS A 328 44.33 85.74 108.36
CA LYS A 328 45.02 87.03 108.32
C LYS A 328 44.13 88.15 108.86
N ARG A 329 42.93 88.28 108.31
CA ARG A 329 42.06 89.38 108.70
C ARG A 329 41.53 89.24 110.12
N LEU A 330 41.38 88.01 110.62
CA LEU A 330 40.98 87.78 112.00
C LEU A 330 42.09 88.01 113.01
N GLU A 331 43.37 87.99 112.61
CA GLU A 331 44.36 88.07 113.68
C GLU A 331 44.50 89.48 114.23
N ARG A 332 44.96 90.44 113.42
CA ARG A 332 45.41 91.65 114.10
C ARG A 332 44.90 92.84 113.29
N HIS A 333 44.57 93.93 113.97
CA HIS A 333 44.23 95.20 113.29
C HIS A 333 43.08 94.96 112.32
N GLU A 334 42.04 94.28 112.79
CA GLU A 334 41.02 93.75 111.90
C GLU A 334 40.17 94.83 111.24
N VAL A 335 39.65 95.78 112.03
CA VAL A 335 38.62 96.68 111.49
C VAL A 335 39.19 97.56 110.38
N TRP A 336 40.23 98.34 110.71
CA TRP A 336 40.77 99.29 109.75
C TRP A 336 41.35 98.56 108.54
N ASN A 337 42.02 97.43 108.77
CA ASN A 337 42.57 96.66 107.65
C ASN A 337 41.43 96.21 106.74
N LEU A 338 40.33 95.75 107.32
CA LEU A 338 39.18 95.30 106.52
C LEU A 338 38.64 96.45 105.68
N GLU A 339 38.56 97.65 106.27
CA GLU A 339 37.98 98.78 105.56
C GLU A 339 38.92 99.23 104.44
N GLU A 340 40.22 99.14 104.67
CA GLU A 340 41.17 99.60 103.67
C GLU A 340 41.17 98.58 102.53
N ASP A 341 41.19 97.31 102.91
CA ASP A 341 41.40 96.25 101.95
C ASP A 341 40.22 96.27 101.01
N LYS A 342 39.02 96.49 101.55
CA LYS A 342 37.84 96.36 100.72
C LYS A 342 37.98 97.22 99.47
N ARG A 343 38.49 98.45 99.66
CA ARG A 343 38.72 99.36 98.54
C ARG A 343 39.81 98.87 97.61
N LYS A 344 40.95 98.44 98.18
CA LYS A 344 42.01 97.95 97.32
C LYS A 344 41.57 96.73 96.52
N LYS A 345 40.86 95.81 97.16
CA LYS A 345 40.37 94.61 96.51
C LYS A 345 39.39 94.94 95.40
N ILE A 346 38.50 95.91 95.66
CA ILE A 346 37.53 96.29 94.64
C ILE A 346 38.24 96.86 93.42
N GLU A 347 39.23 97.73 93.65
CA GLU A 347 39.97 98.28 92.52
C GLU A 347 40.70 97.18 91.75
N ASN A 348 41.30 96.21 92.46
CA ASN A 348 42.01 95.14 91.77
C ASN A 348 41.06 94.28 90.95
N THR A 349 39.89 93.97 91.49
CA THR A 349 38.91 93.20 90.74
C THR A 349 38.42 93.94 89.51
N LYS A 350 38.16 95.25 89.62
CA LYS A 350 37.76 96.03 88.46
C LYS A 350 38.84 96.03 87.38
N SER A 351 40.09 96.25 87.78
CA SER A 351 41.18 96.26 86.81
C SER A 351 41.33 94.91 86.12
N LEU A 352 41.22 93.83 86.90
CA LEU A 352 41.34 92.50 86.34
C LEU A 352 40.20 92.19 85.38
N SER A 353 38.98 92.64 85.70
CA SER A 353 37.86 92.46 84.78
C SER A 353 38.11 93.17 83.46
N SER A 354 38.57 94.42 83.53
CA SER A 354 38.82 95.17 82.29
C SER A 354 39.90 94.48 81.45
N GLU A 355 40.97 94.02 82.11
CA GLU A 355 42.03 93.37 81.36
C GLU A 355 41.57 92.04 80.78
N ILE A 356 40.73 91.30 81.51
CA ILE A 356 40.19 90.06 81.01
C ILE A 356 39.34 90.29 79.76
N ASN A 357 38.51 91.32 79.76
CA ASN A 357 37.73 91.60 78.55
C ASN A 357 38.62 92.02 77.38
N SER A 358 39.66 92.81 77.65
CA SER A 358 40.58 93.18 76.58
C SER A 358 41.27 91.95 75.99
N LEU A 359 41.76 91.07 76.86
CA LEU A 359 42.37 89.83 76.39
C LEU A 359 41.38 88.94 75.65
N GLN A 360 40.11 88.91 76.08
CA GLN A 360 39.12 88.14 75.32
C GLN A 360 38.97 88.66 73.90
N LYS A 361 38.89 89.99 73.75
CA LYS A 361 38.79 90.54 72.40
C LYS A 361 40.01 90.17 71.56
N LYS A 362 41.20 90.36 72.12
CA LYS A 362 42.42 90.04 71.38
C LYS A 362 42.45 88.56 71.00
N TRP A 363 42.06 87.70 71.95
CA TRP A 363 42.04 86.28 71.70
C TRP A 363 41.04 85.92 70.61
N ASP A 364 39.90 86.60 70.59
CA ASP A 364 38.91 86.34 69.55
C ASP A 364 39.44 86.77 68.20
N HIS A 365 40.16 87.89 68.14
CA HIS A 365 40.80 88.29 66.89
C HIS A 365 41.77 87.21 66.41
N LYS A 366 42.61 86.73 67.33
CA LYS A 366 43.56 85.67 66.98
C LYS A 366 42.83 84.40 66.53
N ASN A 367 41.76 84.01 67.21
CA ASN A 367 41.06 82.78 66.86
C ASN A 367 40.38 82.92 65.50
N SER A 368 39.83 84.09 65.21
CA SER A 368 39.24 84.33 63.90
C SER A 368 40.30 84.24 62.81
N GLN A 369 41.47 84.83 63.05
CA GLN A 369 42.54 84.74 62.07
C GLN A 369 43.03 83.30 61.94
N TYR A 370 43.05 82.55 63.04
CA TYR A 370 43.42 81.14 62.99
C TYR A 370 42.44 80.34 62.13
N ASN A 371 41.15 80.63 62.27
CA ASN A 371 40.14 79.97 61.45
C ASN A 371 40.32 80.37 59.99
N ARG A 372 40.66 81.64 59.76
CA ARG A 372 40.97 82.10 58.41
C ARG A 372 42.13 81.31 57.83
N LEU A 373 43.19 81.12 58.62
CA LEU A 373 44.32 80.33 58.16
C LEU A 373 43.91 78.90 57.88
N TRP A 374 42.98 78.36 58.68
CA TRP A 374 42.46 77.02 58.41
C TRP A 374 41.77 76.98 57.05
N GLN A 375 40.97 78.01 56.77
CA GLN A 375 40.30 78.14 55.48
C GLN A 375 41.32 78.26 54.35
N GLU A 376 42.37 79.05 54.55
CA GLU A 376 43.39 79.23 53.53
C GLU A 376 44.12 77.92 53.26
N ARG A 377 44.41 77.16 54.32
CA ARG A 377 45.03 75.86 54.12
C ARG A 377 44.10 74.96 53.32
N GLU A 378 42.80 75.03 53.61
CA GLU A 378 41.84 74.28 52.82
C GLU A 378 41.83 74.72 51.36
N GLN A 379 41.95 76.03 51.12
CA GLN A 379 42.00 76.52 49.74
C GLN A 379 43.25 76.03 49.03
N SER A 380 44.39 76.03 49.72
CA SER A 380 45.61 75.50 49.12
C SER A 380 45.41 74.02 48.83
N GLN A 381 44.71 73.33 49.72
CA GLN A 381 44.37 71.93 49.50
C GLN A 381 43.47 71.78 48.28
N ASN A 382 42.55 72.72 48.06
CA ASN A 382 41.72 72.67 46.85
C ASN A 382 42.59 72.77 45.61
N GLN A 383 43.53 73.72 45.61
CA GLN A 383 44.45 73.84 44.49
C GLN A 383 45.24 72.56 44.30
N ILE A 384 45.72 72.00 45.42
CA ILE A 384 46.49 70.76 45.36
C ILE A 384 45.65 69.63 44.80
N ARG A 385 44.40 69.52 45.24
CA ARG A 385 43.54 68.47 44.72
C ARG A 385 43.33 68.62 43.23
N GLN A 386 43.01 69.82 42.78
CA GLN A 386 42.77 70.02 41.36
C GLN A 386 44.01 69.71 40.53
N HIS A 387 45.16 70.25 40.95
CA HIS A 387 46.37 70.05 40.18
C HIS A 387 46.83 68.60 40.25
N GLU A 388 46.86 68.02 41.45
CA GLU A 388 47.33 66.65 41.57
C GLU A 388 46.43 65.70 40.79
N SER A 389 45.11 65.86 40.90
CA SER A 389 44.21 65.04 40.11
C SER A 389 44.55 65.15 38.64
N GLY A 390 44.76 66.38 38.17
CA GLY A 390 45.09 66.51 36.77
C GLY A 390 46.39 65.82 36.44
N MET A 391 47.44 66.05 37.24
CA MET A 391 48.72 65.40 36.97
C MET A 391 48.58 63.90 36.97
N GLU A 392 47.68 63.36 37.79
CA GLU A 392 47.43 61.93 37.80
C GLU A 392 46.90 61.51 36.45
N ASP A 393 45.95 62.29 35.93
CA ASP A 393 45.42 61.99 34.61
C ASP A 393 46.53 62.16 33.58
N LEU A 394 47.32 63.22 33.72
CA LEU A 394 48.45 63.45 32.83
C LEU A 394 49.42 62.28 32.89
N LEU A 395 49.56 61.69 34.07
CA LEU A 395 50.45 60.54 34.21
C LEU A 395 49.92 59.35 33.44
N GLY A 396 48.60 59.13 33.47
CA GLY A 396 48.05 58.09 32.63
C GLY A 396 48.29 58.38 31.16
N GLU A 397 48.05 59.62 30.75
CA GLU A 397 48.33 60.02 29.37
C GLU A 397 49.80 59.81 29.05
N LEU A 398 50.69 60.19 29.99
CA LEU A 398 52.13 60.08 29.76
C LEU A 398 52.50 58.62 29.64
N GLN A 399 51.89 57.79 30.47
CA GLN A 399 52.11 56.36 30.39
C GLN A 399 51.63 55.86 29.04
N PHE A 400 50.49 56.37 28.59
CA PHE A 400 49.97 55.98 27.28
C PHE A 400 50.97 56.34 26.18
N ASP A 401 51.53 57.54 26.24
CA ASP A 401 52.50 57.95 25.24
C ASP A 401 53.75 57.10 25.33
N ALA A 402 54.18 56.78 26.55
CA ALA A 402 55.33 55.91 26.73
C ALA A 402 55.05 54.53 26.16
N GLU A 403 53.83 54.02 26.37
CA GLU A 403 53.47 52.73 25.81
C GLU A 403 53.54 52.77 24.30
N GLU A 404 52.99 53.82 23.69
CA GLU A 404 53.06 53.92 22.24
C GLU A 404 54.50 54.00 21.77
N ALA A 405 55.30 54.84 22.42
CA ALA A 405 56.69 55.04 22.03
C ALA A 405 57.64 54.03 22.69
N ALA A 406 57.11 53.10 23.48
CA ALA A 406 57.93 52.12 24.19
C ALA A 406 59.00 52.81 25.04
N PHE A 407 58.58 53.76 25.86
CA PHE A 407 59.50 54.55 26.69
C PHE A 407 59.54 53.88 28.07
N SER A 408 60.51 52.98 28.23
CA SER A 408 60.63 52.25 29.50
C SER A 408 61.01 53.19 30.63
N GLU A 409 61.76 54.24 30.31
CA GLU A 409 62.18 55.19 31.32
C GLU A 409 61.00 55.91 31.95
N HIS A 410 59.85 55.96 31.28
CA HIS A 410 58.71 56.67 31.86
C HIS A 410 58.44 56.19 33.28
N GLU A 411 58.36 54.87 33.46
CA GLU A 411 58.12 54.30 34.79
C GLU A 411 59.23 54.65 35.76
N VAL A 412 60.49 54.49 35.33
CA VAL A 412 61.61 54.75 36.23
C VAL A 412 61.61 56.21 36.68
N ASN A 413 61.43 57.13 35.74
CA ASN A 413 61.41 58.53 36.11
C ASN A 413 60.23 58.87 36.99
N VAL A 414 59.05 58.29 36.71
CA VAL A 414 57.89 58.54 37.56
C VAL A 414 58.18 58.11 38.99
N HIS A 415 58.69 56.89 39.14
CA HIS A 415 58.98 56.40 40.48
C HIS A 415 60.08 57.21 41.16
N ASP A 416 61.15 57.55 40.43
CA ASP A 416 62.17 58.44 40.97
C ASP A 416 61.55 59.75 41.44
N PHE A 417 60.62 60.30 40.66
CA PHE A 417 59.91 61.49 41.08
C PHE A 417 59.11 61.25 42.34
N GLU A 418 58.61 60.03 42.51
CA GLU A 418 57.77 59.83 43.68
C GLU A 418 58.64 59.58 44.90
N ARG A 419 59.88 59.14 44.67
CA ARG A 419 60.82 58.96 45.76
C ARG A 419 61.49 60.29 46.10
N HIS A 420 61.26 61.29 45.25
CA HIS A 420 61.54 62.67 45.64
C HIS A 420 60.30 63.43 46.06
N GLN A 421 59.13 63.04 45.58
CA GLN A 421 58.14 63.99 45.07
C GLN A 421 57.84 65.22 45.92
N GLU A 422 58.18 65.25 47.21
CA GLU A 422 57.91 66.52 47.86
C GLU A 422 59.11 67.46 47.74
N GLU A 423 60.19 67.00 47.10
CA GLU A 423 61.45 67.73 46.96
C GLU A 423 61.35 68.62 45.72
N GLU A 424 62.37 69.46 45.54
CA GLU A 424 62.48 70.25 44.32
C GLU A 424 62.89 69.44 43.10
N PHE A 425 62.01 68.62 42.53
CA PHE A 425 62.43 67.64 41.54
C PHE A 425 62.99 68.35 40.30
N ASP A 426 64.05 67.77 39.73
CA ASP A 426 64.64 68.31 38.49
C ASP A 426 64.11 67.44 37.35
N PHE A 427 63.33 68.07 36.46
CA PHE A 427 62.76 67.31 35.35
C PHE A 427 63.66 67.31 34.12
N SER A 428 64.78 68.03 34.21
CA SER A 428 65.65 68.22 33.06
C SER A 428 66.07 66.89 32.45
N ILE A 429 66.42 65.93 33.30
CA ILE A 429 66.90 64.64 32.83
C ILE A 429 65.78 63.87 32.16
N TRP A 430 64.57 63.96 32.70
CA TRP A 430 63.44 63.26 32.08
C TRP A 430 63.18 63.81 30.69
N ILE A 431 63.17 65.14 30.57
CA ILE A 431 62.95 65.75 29.27
C ILE A 431 64.08 65.38 28.32
N GLY A 432 65.32 65.38 28.82
CA GLY A 432 66.44 64.96 28.00
C GLY A 432 66.32 63.53 27.52
N GLU A 433 65.83 62.65 28.40
CA GLU A 433 65.67 61.25 28.01
C GLU A 433 64.65 61.12 26.91
N ILE A 434 63.52 61.80 27.02
CA ILE A 434 62.52 61.69 25.96
C ILE A 434 63.05 62.31 24.67
N GLY A 435 63.84 63.38 24.77
CA GLY A 435 64.42 63.96 23.58
C GLY A 435 65.39 63.02 22.88
N SER A 436 66.26 62.37 23.65
CA SER A 436 67.18 61.39 23.06
C SER A 436 66.42 60.23 22.43
N HIS A 437 65.38 59.75 23.11
CA HIS A 437 64.58 58.67 22.55
C HIS A 437 63.94 59.08 21.24
N GLU A 438 63.40 60.30 21.20
CA GLU A 438 62.79 60.82 19.99
C GLU A 438 63.81 60.98 18.87
N GLN A 439 65.01 61.45 19.21
CA GLN A 439 66.06 61.57 18.18
C GLN A 439 66.40 60.20 17.61
N LEU A 440 66.51 59.20 18.47
CA LEU A 440 66.77 57.85 18.00
C LEU A 440 65.66 57.40 17.07
N LEU A 441 64.42 57.71 17.45
CA LEU A 441 63.27 57.38 16.62
C LEU A 441 63.34 58.09 15.28
N ALA A 442 63.82 59.33 15.28
CA ALA A 442 64.00 60.07 14.04
C ALA A 442 65.00 59.37 13.15
N ASN A 443 66.11 58.92 13.74
CA ASN A 443 67.13 58.23 12.96
C ASN A 443 66.55 56.96 12.36
N LEU A 444 65.77 56.23 13.17
CA LEU A 444 65.17 55.01 12.66
C LEU A 444 64.17 55.34 11.55
N ASN A 445 63.51 56.50 11.65
CA ASN A 445 62.61 56.93 10.57
C ASN A 445 63.39 57.18 9.29
N GLN A 446 64.57 57.77 9.41
CA GLN A 446 65.43 57.97 8.25
C GLN A 446 65.77 56.62 7.64
N LEU A 447 66.10 55.66 8.49
CA LEU A 447 66.41 54.33 8.01
C LEU A 447 65.20 53.74 7.30
N ALA A 448 64.01 53.99 7.85
CA ALA A 448 62.76 53.50 7.26
C ALA A 448 62.54 54.09 5.87
N ASP A 449 62.81 55.38 5.70
CA ASP A 449 62.64 55.98 4.39
C ASP A 449 63.60 55.34 3.40
N GLU A 450 64.85 55.14 3.83
CA GLU A 450 65.80 54.47 2.95
C GLU A 450 65.35 53.07 2.59
N GLU A 451 64.85 52.31 3.56
CA GLU A 451 64.40 50.95 3.29
C GLU A 451 63.22 50.95 2.33
N ASN A 452 62.27 51.86 2.49
CA ASN A 452 61.14 51.88 1.58
C ASN A 452 61.56 52.24 0.17
N ARG A 453 62.46 53.22 0.05
CA ARG A 453 62.96 53.56 -1.28
C ARG A 453 63.62 52.36 -1.93
N LEU A 454 64.56 51.74 -1.20
CA LEU A 454 65.24 50.57 -1.73
C LEU A 454 64.28 49.41 -1.97
N SER A 455 63.23 49.28 -1.15
CA SER A 455 62.30 48.18 -1.37
C SER A 455 61.52 48.34 -2.67
N GLU A 456 61.02 49.53 -2.97
CA GLU A 456 60.37 49.71 -4.26
C GLU A 456 61.34 49.53 -5.42
N GLU A 457 62.52 50.13 -5.34
CA GLU A 457 63.47 49.92 -6.43
C GLU A 457 63.83 48.45 -6.56
N HIS A 458 64.01 47.76 -5.44
CA HIS A 458 64.42 46.38 -5.44
C HIS A 458 63.32 45.48 -5.98
N ASN A 459 62.07 45.78 -5.67
CA ASN A 459 60.96 45.06 -6.24
C ASN A 459 60.89 45.27 -7.75
N ARG A 460 61.12 46.51 -8.18
CA ARG A 460 61.17 46.81 -9.61
C ARG A 460 62.25 45.96 -10.27
N LEU A 461 63.45 45.95 -9.68
CA LEU A 461 64.54 45.19 -10.25
C LEU A 461 64.24 43.71 -10.23
N GLN A 462 63.64 43.23 -9.14
CA GLN A 462 63.29 41.82 -9.05
C GLN A 462 62.33 41.42 -10.14
N ARG A 463 61.30 42.24 -10.37
CA ARG A 463 60.34 41.94 -11.42
C ARG A 463 61.02 41.99 -12.78
N GLN A 464 61.88 42.97 -12.99
CA GLN A 464 62.59 43.06 -14.26
C GLN A 464 63.46 41.84 -14.49
N SER A 465 64.20 41.43 -13.46
CA SER A 465 65.08 40.29 -13.59
C SER A 465 64.28 39.02 -13.81
N SER A 466 63.14 38.90 -13.13
CA SER A 466 62.28 37.74 -13.32
C SER A 466 61.70 37.73 -14.72
N GLU A 467 61.36 38.90 -15.24
CA GLU A 467 60.86 38.99 -16.60
C GLU A 467 61.94 38.56 -17.59
N LYS A 468 63.16 39.02 -17.37
CA LYS A 468 64.25 38.58 -18.25
C LYS A 468 64.51 37.10 -18.10
N LYS A 469 64.38 36.57 -16.88
CA LYS A 469 64.49 35.14 -16.67
C LYS A 469 63.41 34.38 -17.42
N LYS A 470 62.19 34.90 -17.39
CA LYS A 470 61.10 34.30 -18.14
C LYS A 470 61.44 34.28 -19.61
N GLU A 471 61.92 35.40 -20.11
CA GLU A 471 62.29 35.52 -21.51
C GLU A 471 63.39 34.53 -21.86
N VAL A 472 64.43 34.47 -21.02
CA VAL A 472 65.55 33.59 -21.28
C VAL A 472 65.14 32.13 -21.25
N ASP A 473 64.34 31.76 -20.24
CA ASP A 473 63.91 30.38 -20.12
C ASP A 473 62.95 29.98 -21.23
N ALA A 474 62.06 30.90 -21.62
CA ALA A 474 61.17 30.60 -22.73
C ALA A 474 61.99 30.37 -23.98
N ILE A 475 62.98 31.23 -24.22
CA ILE A 475 63.83 31.03 -25.39
C ILE A 475 64.60 29.73 -25.27
N ARG A 476 65.11 29.41 -24.09
CA ARG A 476 65.87 28.18 -23.93
C ARG A 476 65.03 26.93 -24.16
N LYS A 477 63.81 26.91 -23.61
CA LYS A 477 62.92 25.78 -23.87
C LYS A 477 62.56 25.70 -25.34
N ASN A 478 62.28 26.85 -25.94
CA ASN A 478 61.93 26.85 -27.35
C ASN A 478 63.08 26.35 -28.19
N LEU A 479 64.29 26.79 -27.85
CA LEU A 479 65.47 26.37 -28.58
C LEU A 479 65.73 24.90 -28.41
N ASP A 480 65.58 24.37 -27.20
CA ASP A 480 65.80 22.95 -27.01
C ASP A 480 64.78 22.09 -27.75
N HIS A 481 63.48 22.43 -27.69
CA HIS A 481 62.54 21.64 -28.48
C HIS A 481 62.88 21.77 -29.95
N LEU A 482 63.19 22.97 -30.40
CA LEU A 482 63.53 23.13 -31.80
C LEU A 482 64.78 22.31 -32.14
N ALA A 483 65.76 22.26 -31.25
CA ALA A 483 66.97 21.49 -31.50
C ALA A 483 66.68 20.00 -31.61
N ASP A 484 65.85 19.46 -30.72
CA ASP A 484 65.48 18.05 -30.85
C ASP A 484 64.74 17.87 -32.17
N TRP A 485 63.87 18.81 -32.52
CA TRP A 485 63.13 18.74 -33.77
C TRP A 485 64.12 18.72 -34.92
N PHE A 486 65.21 19.47 -34.80
CA PHE A 486 66.20 19.56 -35.86
C PHE A 486 66.97 18.26 -35.99
N THR A 487 67.29 17.62 -34.87
CA THR A 487 67.90 16.31 -34.91
C THR A 487 66.96 15.29 -35.55
N GLU A 488 65.70 15.30 -35.14
CA GLU A 488 64.69 14.42 -35.71
C GLU A 488 64.55 14.66 -37.21
N GLU A 489 64.56 15.92 -37.61
CA GLU A 489 64.42 16.24 -39.02
C GLU A 489 65.62 15.72 -39.78
N LYS A 490 66.81 15.82 -39.19
CA LYS A 490 67.99 15.29 -39.84
C LYS A 490 67.87 13.78 -40.03
N GLN A 491 67.38 13.09 -39.00
CA GLN A 491 67.17 11.65 -39.15
C GLN A 491 66.15 11.35 -40.24
N ARG A 492 65.05 12.11 -40.28
CA ARG A 492 64.05 11.88 -41.31
C ARG A 492 64.64 12.15 -42.68
N LEU A 493 65.47 13.18 -42.77
CA LEU A 493 66.14 13.51 -44.02
C LEU A 493 67.07 12.37 -44.42
N GLU A 494 67.74 11.78 -43.44
CA GLU A 494 68.56 10.60 -43.70
C GLU A 494 67.71 9.49 -44.28
N HIS A 495 66.51 9.30 -43.73
CA HIS A 495 65.61 8.29 -44.26
C HIS A 495 65.32 8.60 -45.72
N GLN A 496 65.06 9.87 -46.01
CA GLN A 496 64.78 10.28 -47.39
C GLN A 496 65.98 10.01 -48.26
N VAL A 497 67.18 10.29 -47.75
CA VAL A 497 68.40 10.10 -48.51
C VAL A 497 68.54 8.64 -48.89
N PHE A 498 68.33 7.74 -47.93
CA PHE A 498 68.53 6.34 -48.25
C PHE A 498 67.31 5.75 -48.95
N THR A 499 66.22 6.53 -49.03
CA THR A 499 65.13 6.15 -49.92
C THR A 499 65.42 6.65 -51.33
N TRP A 500 66.21 7.70 -51.43
CA TRP A 500 66.66 8.16 -52.75
C TRP A 500 67.67 7.16 -53.29
N ILE A 501 68.49 6.62 -52.39
CA ILE A 501 69.46 5.60 -52.76
C ILE A 501 68.69 4.35 -53.18
N GLU A 502 67.74 3.94 -52.34
CA GLU A 502 67.02 2.68 -52.50
C GLU A 502 66.04 2.76 -53.66
N GLN A 503 65.84 3.94 -54.22
CA GLN A 503 65.02 4.12 -55.41
C GLN A 503 65.77 3.86 -56.70
N HIS A 504 67.10 3.82 -56.70
CA HIS A 504 67.86 3.54 -57.90
C HIS A 504 68.51 2.17 -57.81
N PRO A 505 67.75 1.11 -58.10
CA PRO A 505 68.29 -0.25 -57.94
C PRO A 505 69.40 -0.57 -58.92
N LYS A 506 69.48 0.16 -60.04
CA LYS A 506 70.49 -0.11 -61.04
C LYS A 506 71.86 0.28 -60.53
N LEU A 507 71.88 0.97 -59.40
CA LEU A 507 73.08 1.45 -58.73
C LEU A 507 73.44 0.51 -57.60
N ILE A 508 74.70 0.11 -57.58
CA ILE A 508 75.22 -0.93 -56.70
C ILE A 508 75.94 -0.34 -55.51
N PHE A 509 75.40 0.76 -54.96
CA PHE A 509 75.97 1.37 -53.77
C PHE A 509 76.38 0.28 -52.79
N SER A 510 77.67 0.00 -52.71
CA SER A 510 78.11 -1.00 -51.76
C SER A 510 77.72 -0.59 -50.34
N ASN A 511 77.86 -1.55 -49.43
CA ASN A 511 77.59 -1.28 -48.02
C ASN A 511 78.54 -0.22 -47.46
N GLU A 512 79.81 -0.27 -47.88
CA GLU A 512 80.79 0.68 -47.35
C GLU A 512 80.41 2.12 -47.72
N ARG A 513 80.02 2.36 -48.97
CA ARG A 513 79.63 3.72 -49.31
C ARG A 513 78.36 4.13 -48.56
N ARG A 514 77.44 3.18 -48.35
CA ARG A 514 76.26 3.48 -47.56
C ARG A 514 76.59 3.85 -46.12
N GLN A 515 77.52 3.13 -45.48
CA GLN A 515 77.96 3.52 -44.15
C GLN A 515 78.60 4.90 -44.18
N GLU A 516 79.41 5.17 -45.21
CA GLU A 516 80.04 6.47 -45.33
C GLU A 516 78.96 7.55 -45.34
N ILE A 517 77.94 7.36 -46.16
CA ILE A 517 76.86 8.34 -46.26
C ILE A 517 76.16 8.47 -44.92
N ALA A 518 75.92 7.34 -44.26
CA ALA A 518 75.26 7.36 -42.96
C ALA A 518 76.05 8.23 -42.00
N ARG A 519 77.36 8.02 -41.96
CA ARG A 519 78.22 8.76 -41.04
C ARG A 519 78.27 10.23 -41.40
N SER A 520 78.36 10.52 -42.69
CA SER A 520 78.43 11.90 -43.13
C SER A 520 77.17 12.66 -42.72
N ILE A 521 76.01 12.03 -42.88
CA ILE A 521 74.78 12.61 -42.37
C ILE A 521 74.80 12.77 -40.86
N GLU A 522 75.27 11.74 -40.15
CA GLU A 522 75.23 11.78 -38.69
C GLU A 522 75.98 12.99 -38.14
N GLY A 523 77.04 13.42 -38.82
CA GLY A 523 77.81 14.56 -38.40
C GLY A 523 77.53 15.85 -39.15
N LEU A 524 76.26 16.16 -39.38
CA LEU A 524 75.93 17.36 -40.14
C LEU A 524 76.09 18.62 -39.29
N TYR A 525 76.89 19.55 -39.82
CA TYR A 525 77.07 20.91 -39.30
C TYR A 525 77.92 20.91 -38.03
N GLU A 526 78.21 19.73 -37.49
CA GLU A 526 79.19 19.61 -36.43
C GLU A 526 80.54 19.23 -36.99
N GLU A 527 80.54 18.37 -38.03
CA GLU A 527 81.77 17.93 -38.66
C GLU A 527 81.79 18.43 -40.09
N ASN A 528 80.76 18.13 -40.87
CA ASN A 528 80.80 18.45 -42.29
C ASN A 528 79.45 19.02 -42.71
N ARG A 529 79.48 20.09 -43.48
CA ARG A 529 78.24 20.64 -44.00
C ARG A 529 77.64 19.64 -44.98
N TYR A 530 76.44 19.95 -45.49
CA TYR A 530 75.87 19.02 -46.46
C TYR A 530 76.71 18.89 -47.70
N GLU A 531 77.52 19.92 -48.03
CA GLU A 531 78.20 19.91 -49.31
C GLU A 531 79.06 18.67 -49.47
N GLN A 532 79.63 18.19 -48.36
CA GLN A 532 80.52 17.04 -48.43
C GLN A 532 79.72 15.76 -48.61
N VAL A 533 78.46 15.82 -48.23
CA VAL A 533 77.57 14.67 -48.37
C VAL A 533 77.14 14.57 -49.81
N ARG A 534 76.47 15.61 -50.30
CA ARG A 534 76.04 15.56 -51.66
C ARG A 534 77.24 15.46 -52.61
N GLU A 535 78.41 15.93 -52.19
CA GLU A 535 79.60 15.76 -53.01
C GLU A 535 79.95 14.29 -53.15
N LYS A 536 79.81 13.53 -52.08
CA LYS A 536 80.10 12.09 -52.19
C LYS A 536 78.99 11.36 -52.93
N LEU A 537 77.74 11.75 -52.70
CA LEU A 537 76.65 11.18 -53.49
C LEU A 537 76.91 11.41 -54.98
N LEU A 538 77.30 12.63 -55.34
CA LEU A 538 77.61 12.94 -56.73
C LEU A 538 78.86 12.20 -57.19
N ALA A 539 79.78 11.92 -56.28
CA ALA A 539 80.95 11.12 -56.63
C ALA A 539 80.52 9.73 -57.07
N VAL A 540 79.60 9.13 -56.32
CA VAL A 540 79.08 7.82 -56.69
C VAL A 540 78.36 7.92 -58.04
N VAL A 541 77.54 8.95 -58.20
CA VAL A 541 76.79 9.12 -59.43
C VAL A 541 77.75 9.29 -60.59
N ASN A 542 78.88 9.95 -60.34
CA ASN A 542 79.87 10.19 -61.37
C ASN A 542 80.68 8.95 -61.69
N ASP A 543 80.92 8.09 -60.71
CA ASP A 543 81.49 6.79 -61.03
C ASP A 543 80.57 6.04 -61.98
N TYR A 544 79.28 6.02 -61.66
CA TYR A 544 78.32 5.31 -62.50
C TYR A 544 78.29 5.92 -63.89
N ILE A 545 78.25 7.25 -63.95
CA ILE A 545 78.16 7.94 -65.23
C ILE A 545 79.44 7.73 -66.04
N THR A 546 80.59 7.63 -65.37
CA THR A 546 81.80 7.29 -66.10
C THR A 546 81.63 5.92 -66.73
N ASP A 547 81.08 4.96 -65.98
CA ASP A 547 80.84 3.64 -66.56
C ASP A 547 79.90 3.72 -67.77
N ILE A 548 78.81 4.48 -67.67
CA ILE A 548 77.87 4.58 -68.78
C ILE A 548 78.55 5.23 -69.98
N SER A 549 79.38 6.24 -69.73
CA SER A 549 80.12 6.88 -70.82
C SER A 549 81.04 5.87 -71.47
N THR A 550 81.68 5.02 -70.68
CA THR A 550 82.56 3.99 -71.22
C THR A 550 81.76 3.07 -72.14
N LYS A 551 80.58 2.65 -71.69
CA LYS A 551 79.78 1.75 -72.51
C LYS A 551 79.30 2.45 -73.78
N LYS A 552 79.02 3.77 -73.70
CA LYS A 552 78.67 4.53 -74.89
C LYS A 552 79.85 4.53 -75.85
N LYS A 553 81.03 4.69 -75.31
CA LYS A 553 82.26 4.66 -76.09
C LYS A 553 82.45 3.33 -76.78
N LEU A 554 82.20 2.24 -76.06
CA LEU A 554 82.30 0.92 -76.67
C LEU A 554 81.29 0.78 -77.80
N MET A 555 80.10 1.34 -77.60
CA MET A 555 79.09 1.32 -78.64
C MET A 555 79.53 2.12 -79.85
N GLU A 556 80.16 3.26 -79.63
CA GLU A 556 80.69 4.07 -80.74
C GLU A 556 81.77 3.31 -81.49
N THR A 557 82.68 2.66 -80.76
CA THR A 557 83.74 1.89 -81.41
C THR A 557 83.13 0.80 -82.27
N LYS A 558 82.14 0.10 -81.74
CA LYS A 558 81.50 -0.95 -82.50
C LYS A 558 80.67 -0.39 -83.64
N ILE A 559 80.19 0.86 -83.50
CA ILE A 559 79.52 1.52 -84.61
C ILE A 559 80.50 1.75 -85.75
N GLU A 560 81.71 2.21 -85.42
CA GLU A 560 82.75 2.32 -86.45
C GLU A 560 83.02 0.98 -87.10
N ASP A 561 83.13 -0.07 -86.27
CA ASP A 561 83.40 -1.41 -86.78
C ASP A 561 82.29 -1.86 -87.72
N LYS A 562 81.03 -1.62 -87.32
CA LYS A 562 79.90 -2.05 -88.13
C LYS A 562 79.87 -1.23 -89.41
N LYS A 563 80.25 0.05 -89.33
CA LYS A 563 80.39 0.87 -90.53
C LYS A 563 81.37 0.28 -91.51
N HIS A 564 82.53 -0.19 -91.04
CA HIS A 564 83.49 -0.71 -92.01
C HIS A 564 83.06 -2.05 -92.58
N GLU A 565 82.49 -2.94 -91.76
CA GLU A 565 82.00 -4.19 -92.31
C GLU A 565 80.84 -3.99 -93.28
N LEU A 566 79.87 -3.15 -92.91
CA LEU A 566 78.73 -2.89 -93.77
C LEU A 566 79.11 -2.10 -95.02
N GLU A 567 80.10 -1.21 -94.94
CA GLU A 567 80.55 -0.53 -96.14
C GLU A 567 81.26 -1.47 -97.11
N ALA A 568 82.08 -2.38 -96.58
CA ALA A 568 82.69 -3.38 -97.45
C ALA A 568 81.63 -4.29 -98.07
N ALA A 569 80.65 -4.72 -97.28
CA ALA A 569 79.57 -5.53 -97.82
C ALA A 569 78.76 -4.79 -98.89
N ARG A 570 78.43 -3.52 -98.68
CA ARG A 570 77.71 -2.77 -99.70
C ARG A 570 78.51 -2.65 -100.98
N ALA A 571 79.81 -2.35 -100.86
CA ALA A 571 80.65 -2.23 -102.05
C ALA A 571 80.73 -3.57 -102.79
N GLU A 572 80.92 -4.65 -102.05
CA GLU A 572 80.96 -5.98 -102.65
C GLU A 572 79.64 -6.34 -103.32
N LEU A 573 78.53 -6.04 -102.67
CA LEU A 573 77.22 -6.35 -103.25
C LEU A 573 77.02 -5.60 -104.55
N HIS A 574 77.42 -4.33 -104.58
CA HIS A 574 77.33 -3.57 -105.82
C HIS A 574 78.23 -4.18 -106.89
N HIS A 575 79.45 -4.57 -106.50
CA HIS A 575 80.38 -5.17 -107.45
C HIS A 575 79.83 -6.46 -108.05
N TRP A 576 79.24 -7.32 -107.22
CA TRP A 576 78.66 -8.56 -107.74
C TRP A 576 77.44 -8.26 -108.60
N LYS A 577 76.67 -7.22 -108.27
CA LYS A 577 75.60 -6.82 -109.15
C LYS A 577 76.16 -6.37 -110.50
N THR A 578 77.29 -5.67 -110.48
CA THR A 578 78.00 -5.19 -111.66
C THR A 578 79.10 -6.15 -112.10
N LEU A 579 78.89 -7.45 -111.91
CA LEU A 579 79.89 -8.45 -112.26
C LEU A 579 79.83 -8.71 -113.75
N LYS A 580 80.91 -8.38 -114.45
CA LYS A 580 80.99 -8.68 -115.87
C LYS A 580 81.22 -10.18 -116.09
N MET A 581 82.10 -10.76 -115.29
CA MET A 581 82.42 -12.18 -115.40
C MET A 581 83.24 -12.58 -114.18
N PRO A 582 83.37 -13.87 -113.91
CA PRO A 582 84.25 -14.31 -112.83
C PRO A 582 85.68 -14.38 -113.34
N ASN A 583 86.62 -13.92 -112.52
CA ASN A 583 88.01 -13.84 -112.92
C ASN A 583 88.82 -14.94 -112.24
N PRO A 584 89.40 -15.89 -113.00
CA PRO A 584 90.28 -16.90 -112.41
C PRO A 584 91.55 -16.33 -111.81
N ASP A 585 92.37 -17.22 -111.25
CA ASP A 585 93.64 -16.81 -110.67
C ASP A 585 94.47 -16.09 -111.71
N ARG A 586 95.08 -14.98 -111.30
CA ARG A 586 95.85 -14.13 -112.20
C ARG A 586 96.89 -13.36 -111.40
N ALA A 587 97.87 -12.81 -112.10
CA ALA A 587 98.78 -11.85 -111.52
C ALA A 587 98.47 -10.47 -112.11
N LYS A 588 98.89 -9.44 -111.37
CA LYS A 588 98.65 -8.08 -111.87
C LYS A 588 99.39 -7.84 -113.18
N ASP A 589 100.47 -8.59 -113.41
CA ASP A 589 101.16 -8.52 -114.69
C ASP A 589 100.30 -9.07 -115.82
N THR A 590 99.59 -10.18 -115.58
CA THR A 590 98.66 -10.69 -116.58
C THR A 590 97.56 -9.69 -116.87
N GLU A 591 97.05 -9.01 -115.84
CA GLU A 591 96.05 -7.97 -116.06
C GLU A 591 96.60 -6.83 -116.90
N ALA A 592 97.85 -6.44 -116.62
CA ALA A 592 98.50 -5.40 -117.41
C ALA A 592 98.66 -5.83 -118.87
N PHE A 593 99.08 -7.07 -119.09
CA PHE A 593 99.25 -7.59 -120.44
C PHE A 593 97.91 -7.61 -121.19
N ARG A 594 96.84 -8.04 -120.53
CA ARG A 594 95.58 -8.14 -121.25
C ARG A 594 94.98 -6.76 -121.50
N LEU A 595 95.23 -5.80 -120.60
CA LEU A 595 94.87 -4.42 -120.86
C LEU A 595 95.69 -3.80 -122.00
N GLN A 596 97.00 -4.08 -122.07
CA GLN A 596 97.79 -3.60 -123.19
C GLN A 596 97.27 -4.21 -124.50
N LEU A 597 96.93 -5.50 -124.48
CA LEU A 597 96.37 -6.11 -125.69
C LEU A 597 95.09 -5.40 -126.10
N LEU A 598 94.21 -5.11 -125.13
CA LEU A 598 92.98 -4.41 -125.46
C LEU A 598 93.28 -3.04 -126.07
N GLU A 599 94.23 -2.31 -125.47
CA GLU A 599 94.63 -1.01 -126.02
C GLU A 599 95.19 -1.14 -127.44
N ASP A 600 95.97 -2.19 -127.68
CA ASP A 600 96.44 -2.52 -129.03
C ASP A 600 95.29 -2.93 -129.94
N GLY A 601 94.22 -3.47 -129.36
CA GLY A 601 93.08 -3.99 -130.10
C GLY A 601 93.24 -5.38 -130.66
N GLN A 602 94.23 -6.14 -130.19
CA GLN A 602 94.44 -7.48 -130.71
C GLN A 602 93.24 -8.33 -130.36
N ALA A 603 92.86 -9.22 -131.28
CA ALA A 603 91.70 -10.09 -131.05
C ALA A 603 92.04 -11.20 -130.06
N PHE A 604 91.39 -11.21 -128.90
CA PHE A 604 91.64 -12.24 -127.91
C PHE A 604 90.38 -12.40 -127.05
N ILE A 605 90.23 -13.59 -126.46
CA ILE A 605 89.14 -13.85 -125.53
C ILE A 605 89.51 -15.02 -124.63
N PRO A 606 89.37 -14.85 -123.31
CA PRO A 606 89.69 -15.97 -122.42
C PRO A 606 88.81 -17.20 -122.64
N PHE A 607 89.35 -18.37 -122.34
CA PHE A 607 88.65 -19.63 -122.57
C PHE A 607 87.36 -19.72 -121.77
N TYR A 608 87.39 -19.35 -120.49
CA TYR A 608 86.19 -19.48 -119.68
C TYR A 608 85.06 -18.60 -120.19
N ALA A 609 85.40 -17.46 -120.81
CA ALA A 609 84.37 -16.58 -121.36
C ALA A 609 83.99 -17.03 -122.77
N ALA A 610 84.62 -18.11 -123.24
CA ALA A 610 84.49 -18.58 -124.62
C ALA A 610 83.60 -19.79 -124.75
N VAL A 611 83.43 -20.60 -123.69
CA VAL A 611 82.74 -21.87 -123.80
C VAL A 611 81.76 -22.05 -122.64
N GLU A 612 80.77 -22.91 -122.86
CA GLU A 612 79.85 -23.35 -121.81
C GLU A 612 79.63 -24.85 -121.92
N PHE A 613 79.35 -25.49 -120.80
CA PHE A 613 79.21 -26.95 -120.79
C PHE A 613 77.86 -27.33 -121.38
N GLN A 614 77.77 -28.56 -121.89
CA GLN A 614 76.54 -29.01 -122.54
C GLN A 614 75.58 -29.58 -121.51
N ASP A 615 74.37 -29.92 -121.98
CA ASP A 615 73.33 -30.39 -121.09
C ASP A 615 73.69 -31.71 -120.43
N ASP A 616 74.22 -32.68 -121.20
CA ASP A 616 74.55 -34.00 -120.66
C ASP A 616 75.72 -33.95 -119.68
N VAL A 617 76.44 -32.83 -119.63
CA VAL A 617 77.55 -32.65 -118.71
C VAL A 617 76.95 -32.27 -117.36
N THR A 618 76.72 -33.24 -116.49
CA THR A 618 76.16 -32.90 -115.20
C THR A 618 77.13 -32.05 -114.39
N GLU A 619 76.69 -31.63 -113.22
CA GLU A 619 77.48 -30.70 -112.41
C GLU A 619 78.83 -31.27 -111.99
N GLU A 620 78.89 -32.57 -111.69
CA GLU A 620 80.17 -33.15 -111.32
C GLU A 620 81.16 -33.08 -112.49
N GLN A 621 80.72 -33.44 -113.69
CA GLN A 621 81.60 -33.36 -114.84
C GLN A 621 82.00 -31.92 -115.17
N LYS A 622 81.06 -30.98 -115.14
CA LYS A 622 81.44 -29.59 -115.38
C LYS A 622 82.50 -29.15 -114.40
N GLU A 623 82.29 -29.47 -113.11
CA GLU A 623 83.24 -29.09 -112.07
C GLU A 623 84.60 -29.73 -112.33
N ARG A 624 84.60 -31.03 -112.60
CA ARG A 624 85.83 -31.77 -112.83
C ARG A 624 86.61 -31.16 -114.00
N ILE A 625 85.92 -30.90 -115.11
CA ILE A 625 86.58 -30.44 -116.32
C ILE A 625 87.13 -29.03 -116.09
N GLU A 626 86.36 -28.17 -115.44
CA GLU A 626 86.84 -26.82 -115.19
C GLU A 626 88.02 -26.83 -114.24
N SER A 627 88.01 -27.73 -113.26
CA SER A 627 89.15 -27.85 -112.35
C SER A 627 90.39 -28.29 -113.12
N ALA A 628 90.23 -29.25 -114.02
CA ALA A 628 91.37 -29.68 -114.84
C ALA A 628 91.88 -28.55 -115.71
N LEU A 629 90.97 -27.78 -116.32
CA LEU A 629 91.38 -26.65 -117.14
C LEU A 629 92.14 -25.63 -116.31
N LYS A 630 91.65 -25.34 -115.11
CA LYS A 630 92.31 -24.39 -114.22
C LYS A 630 93.69 -24.88 -113.82
N GLN A 631 93.82 -26.17 -113.51
CA GLN A 631 95.13 -26.70 -113.14
C GLN A 631 96.13 -26.53 -114.26
N THR A 632 95.71 -26.81 -115.50
CA THR A 632 96.58 -26.62 -116.65
C THR A 632 96.74 -25.15 -116.97
N GLY A 633 95.83 -24.32 -116.48
CA GLY A 633 95.79 -22.91 -116.80
C GLY A 633 95.04 -22.60 -118.06
N ILE A 634 94.56 -23.62 -118.78
CA ILE A 634 93.85 -23.37 -120.02
C ILE A 634 92.59 -22.57 -119.73
N LEU A 635 92.09 -22.65 -118.49
CA LEU A 635 90.79 -22.07 -118.19
C LEU A 635 90.82 -20.57 -118.47
N ASP A 636 91.90 -19.90 -118.07
CA ASP A 636 92.03 -18.46 -118.24
C ASP A 636 92.77 -18.10 -119.51
N SER A 637 93.30 -19.09 -120.21
CA SER A 637 94.09 -18.87 -121.41
C SER A 637 93.28 -18.14 -122.48
N LEU A 638 93.99 -17.42 -123.32
CA LEU A 638 93.38 -16.52 -124.30
C LEU A 638 93.38 -17.28 -125.62
N ILE A 639 92.25 -17.24 -126.32
CA ILE A 639 92.18 -17.66 -127.71
C ILE A 639 92.31 -16.45 -128.63
N THR A 640 93.22 -16.55 -129.59
CA THR A 640 93.52 -15.48 -130.52
C THR A 640 93.32 -16.00 -131.93
N GLU A 641 92.63 -15.23 -132.76
CA GLU A 641 92.42 -15.62 -134.15
C GLU A 641 93.70 -15.70 -134.95
N ASN A 642 94.65 -14.80 -134.72
CA ASN A 642 95.98 -14.88 -135.31
C ASN A 642 96.97 -15.48 -134.33
N ALA A 643 98.02 -16.08 -134.86
CA ALA A 643 99.06 -16.65 -134.00
C ALA A 643 99.69 -15.54 -133.17
N LEU A 644 100.00 -15.87 -131.92
CA LEU A 644 100.50 -14.88 -130.97
C LEU A 644 101.37 -15.55 -129.93
N ALA A 645 102.37 -14.80 -129.47
CA ALA A 645 103.21 -15.24 -128.38
C ALA A 645 102.88 -14.35 -127.18
N PRO A 646 102.34 -14.90 -126.10
CA PRO A 646 101.87 -14.08 -124.98
C PRO A 646 103.02 -13.67 -124.07
N THR A 647 102.90 -12.48 -123.49
CA THR A 647 103.84 -12.01 -122.48
C THR A 647 103.10 -11.91 -121.15
N HIS A 648 103.61 -12.64 -120.17
CA HIS A 648 103.00 -12.79 -118.84
C HIS A 648 101.61 -13.42 -118.90
N ASP A 649 101.29 -14.14 -119.98
CA ASP A 649 99.94 -14.64 -120.20
C ASP A 649 100.05 -15.92 -121.02
N ARG A 650 98.90 -16.56 -121.26
CA ARG A 650 98.84 -17.80 -122.03
C ARG A 650 97.89 -17.63 -123.20
N VAL A 651 98.29 -18.16 -124.36
CA VAL A 651 97.52 -18.10 -125.59
C VAL A 651 97.39 -19.51 -126.15
N ILE A 652 96.18 -19.89 -126.56
CA ILE A 652 95.92 -21.21 -127.13
C ILE A 652 96.12 -21.14 -128.65
N ARG A 653 96.38 -22.30 -129.24
CA ARG A 653 96.50 -22.48 -130.68
C ARG A 653 95.80 -23.75 -131.12
N PRO A 654 95.19 -23.75 -132.30
CA PRO A 654 94.37 -24.88 -132.76
C PRO A 654 95.23 -26.01 -133.31
N GLU A 655 95.06 -27.20 -132.71
CA GLU A 655 95.69 -28.42 -133.23
C GLU A 655 94.74 -29.60 -133.01
N PRO A 656 93.75 -29.72 -133.90
CA PRO A 656 92.63 -30.67 -133.71
C PRO A 656 93.04 -32.14 -133.67
N GLN A 657 92.25 -32.93 -132.94
CA GLN A 657 92.44 -34.38 -132.83
C GLN A 657 91.06 -34.86 -133.27
N LEU A 658 90.91 -34.94 -134.60
CA LEU A 658 89.65 -35.19 -135.28
C LEU A 658 89.01 -36.53 -134.96
N LEU A 659 89.74 -37.49 -134.42
CA LEU A 659 89.17 -38.79 -134.10
C LEU A 659 89.05 -39.01 -132.60
N GLY A 660 87.96 -39.68 -132.25
CA GLY A 660 87.56 -40.06 -130.92
C GLY A 660 86.98 -38.88 -130.14
N TYR A 661 86.90 -39.04 -128.82
CA TYR A 661 86.32 -37.94 -128.06
C TYR A 661 87.24 -36.74 -127.94
N THR A 662 86.61 -35.59 -127.75
CA THR A 662 87.22 -34.29 -127.54
C THR A 662 86.34 -33.51 -126.56
N LEU A 663 86.92 -32.48 -125.94
CA LEU A 663 86.13 -31.66 -125.02
C LEU A 663 84.98 -30.97 -125.75
N ALA A 664 85.11 -30.78 -127.07
CA ALA A 664 84.00 -30.23 -127.85
C ALA A 664 82.73 -31.06 -127.73
N ASP A 665 82.84 -32.35 -127.43
CA ASP A 665 81.64 -33.16 -127.21
C ASP A 665 80.87 -32.65 -126.01
N TYR A 666 81.57 -32.09 -125.04
CA TYR A 666 81.00 -31.74 -123.74
C TYR A 666 80.78 -30.24 -123.61
N LEU A 667 81.48 -29.43 -124.40
CA LEU A 667 81.44 -27.97 -124.28
C LEU A 667 81.06 -27.42 -125.65
N ARG A 668 80.41 -26.25 -125.65
CA ARG A 668 80.05 -25.54 -126.87
C ARG A 668 80.47 -24.08 -126.77
N PRO A 669 80.75 -23.42 -127.90
CA PRO A 669 81.26 -22.05 -127.82
C PRO A 669 80.20 -21.10 -127.28
N ASP A 670 80.62 -19.95 -126.78
CA ASP A 670 79.72 -18.96 -126.22
C ASP A 670 80.10 -17.55 -126.67
N LEU A 671 80.47 -17.40 -127.93
CA LEU A 671 80.90 -16.10 -128.44
C LEU A 671 79.68 -15.25 -128.78
N GLU A 672 79.76 -13.95 -128.49
CA GLU A 672 78.64 -13.06 -128.71
C GLU A 672 78.63 -12.55 -130.15
N ALA A 673 77.72 -11.61 -130.43
CA ALA A 673 77.61 -11.04 -131.77
C ALA A 673 78.77 -10.12 -132.12
N ASP A 674 79.41 -9.49 -131.14
CA ASP A 674 80.53 -8.61 -131.41
C ASP A 674 81.88 -9.30 -131.23
N SER A 675 81.88 -10.61 -131.02
CA SER A 675 83.11 -11.34 -130.77
C SER A 675 84.08 -11.16 -131.93
N LEU A 676 85.33 -10.85 -131.60
CA LEU A 676 86.39 -10.76 -132.62
C LEU A 676 86.93 -12.11 -133.02
N ILE A 677 86.35 -13.19 -132.51
CA ILE A 677 86.83 -14.55 -132.72
C ILE A 677 85.65 -15.38 -133.20
N SER A 678 85.93 -16.35 -134.07
CA SER A 678 84.90 -17.22 -134.61
C SER A 678 84.69 -18.42 -133.70
N ASN A 679 83.48 -18.97 -133.75
CA ASN A 679 83.19 -20.15 -132.95
C ASN A 679 83.96 -21.35 -133.48
N LYS A 680 84.35 -21.30 -134.75
CA LYS A 680 85.09 -22.41 -135.35
C LYS A 680 86.42 -22.62 -134.64
N LEU A 681 87.14 -21.52 -134.36
CA LEU A 681 88.43 -21.64 -133.66
C LEU A 681 88.25 -22.22 -132.26
N VAL A 682 87.22 -21.76 -131.54
CA VAL A 682 86.97 -22.29 -130.20
C VAL A 682 86.64 -23.77 -130.27
N ASP A 683 85.81 -24.14 -131.24
CA ASP A 683 85.44 -25.54 -131.44
C ASP A 683 86.67 -26.38 -131.74
N GLU A 684 87.55 -25.87 -132.60
CA GLU A 684 88.78 -26.59 -132.93
C GLU A 684 89.66 -26.77 -131.70
N ILE A 685 89.77 -25.73 -130.87
CA ILE A 685 90.55 -25.87 -129.64
C ILE A 685 89.91 -26.91 -128.73
N LEU A 686 88.58 -26.87 -128.61
CA LEU A 686 87.88 -27.86 -127.81
C LEU A 686 88.17 -29.26 -128.32
N ARG A 687 88.28 -29.40 -129.64
CA ARG A 687 88.67 -30.69 -130.23
C ARG A 687 90.13 -31.01 -129.99
N SER A 688 90.99 -30.00 -129.81
CA SER A 688 92.39 -30.32 -129.54
C SER A 688 92.48 -31.11 -128.25
N ILE A 689 91.68 -30.74 -127.25
CA ILE A 689 91.71 -31.38 -125.94
C ILE A 689 90.93 -32.68 -126.11
N SER A 690 91.59 -33.82 -125.91
CA SER A 690 90.97 -35.13 -126.05
C SER A 690 90.35 -35.63 -124.74
N LEU A 691 89.40 -36.56 -124.87
CA LEU A 691 88.82 -37.17 -123.67
C LEU A 691 89.19 -38.64 -123.52
N GLU A 692 90.20 -39.10 -124.25
CA GLU A 692 90.69 -40.46 -124.05
C GLU A 692 92.21 -40.43 -124.06
N GLN A 693 92.82 -41.39 -123.35
CA GLN A 693 94.27 -41.32 -123.17
C GLN A 693 94.89 -41.32 -124.56
N GLU A 694 95.67 -40.30 -124.86
CA GLU A 694 96.46 -40.27 -126.09
C GLU A 694 97.90 -40.75 -125.94
N GLY A 695 98.14 -41.94 -125.39
CA GLY A 695 99.52 -42.30 -125.11
C GLY A 695 100.17 -41.28 -124.18
N ALA A 696 101.37 -40.85 -124.57
CA ALA A 696 102.12 -39.78 -123.93
C ALA A 696 101.70 -38.38 -124.38
N GLY A 697 100.74 -38.27 -125.30
CA GLY A 697 100.37 -37.00 -125.90
C GLY A 697 99.59 -36.12 -124.96
N PHE A 698 98.59 -35.43 -125.50
CA PHE A 698 97.86 -34.40 -124.76
C PHE A 698 96.38 -34.73 -124.76
N HIS A 699 95.77 -34.74 -123.57
CA HIS A 699 94.33 -34.96 -123.45
C HIS A 699 93.89 -34.59 -122.03
N VAL A 700 92.59 -34.30 -121.88
CA VAL A 700 92.05 -33.98 -120.57
C VAL A 700 90.72 -34.72 -120.46
N ASP A 701 90.70 -35.75 -119.62
CA ASP A 701 89.57 -36.65 -119.45
C ASP A 701 88.42 -35.95 -118.71
N VAL A 702 87.25 -36.58 -118.73
CA VAL A 702 86.08 -36.03 -118.05
C VAL A 702 86.23 -36.03 -116.54
N ASP A 703 86.88 -37.05 -115.98
CA ASP A 703 87.10 -37.13 -114.53
C ASP A 703 88.16 -36.16 -114.03
N GLY A 704 88.71 -35.32 -114.90
CA GLY A 704 89.73 -34.37 -114.49
C GLY A 704 91.18 -34.76 -114.67
N SER A 705 91.49 -36.01 -115.01
CA SER A 705 92.87 -36.38 -115.29
C SER A 705 93.28 -35.83 -116.64
N TYR A 706 94.59 -35.59 -116.81
CA TYR A 706 95.09 -34.98 -118.02
C TYR A 706 96.53 -35.46 -118.26
N SER A 707 96.90 -35.56 -119.52
CA SER A 707 98.28 -35.79 -119.91
C SER A 707 98.72 -34.64 -120.80
N LEU A 708 99.86 -34.02 -120.47
CA LEU A 708 100.28 -32.79 -121.15
C LEU A 708 101.72 -32.88 -121.66
N GLY A 709 102.07 -33.94 -122.39
CA GLY A 709 103.43 -34.15 -122.84
C GLY A 709 104.11 -35.23 -122.01
N CYS A 710 105.22 -34.90 -121.35
CA CYS A 710 105.79 -35.90 -120.47
C CYS A 710 105.12 -35.90 -119.10
N LEU A 711 104.15 -35.02 -118.90
CA LEU A 711 103.50 -34.82 -117.62
C LEU A 711 102.17 -35.53 -117.65
N VAL A 712 101.73 -36.01 -116.48
CA VAL A 712 100.38 -36.53 -116.31
C VAL A 712 99.88 -35.98 -114.99
N GLY A 713 98.67 -35.46 -114.99
CA GLY A 713 98.16 -34.78 -113.82
C GLY A 713 96.70 -35.10 -113.64
N HIS A 714 96.17 -34.68 -112.51
CA HIS A 714 94.77 -34.88 -112.16
C HIS A 714 94.36 -33.71 -111.29
N ALA A 715 93.18 -33.16 -111.54
CA ALA A 715 92.91 -31.90 -110.89
C ALA A 715 92.31 -32.10 -109.49
N PRO A 716 92.48 -31.11 -108.62
CA PRO A 716 91.92 -31.16 -107.27
C PRO A 716 90.52 -30.58 -107.19
N ASN A 717 90.00 -30.51 -105.96
CA ASN A 717 88.72 -29.85 -105.76
C ASN A 717 88.87 -28.36 -106.04
N GLU A 718 87.90 -27.82 -106.78
CA GLU A 718 87.82 -26.40 -107.11
C GLU A 718 86.40 -25.87 -106.90
N GLY A 719 85.50 -26.73 -106.42
CA GLY A 719 84.12 -26.35 -106.19
C GLY A 719 83.30 -26.39 -107.46
N PRO A 720 82.02 -26.07 -107.35
CA PRO A 720 81.16 -26.06 -108.54
C PRO A 720 81.63 -25.11 -109.62
N SER A 721 81.29 -25.42 -110.87
CA SER A 721 81.76 -24.61 -111.99
C SER A 721 81.33 -23.17 -111.78
N LYS A 722 82.25 -22.24 -111.99
CA LYS A 722 81.98 -20.83 -111.80
C LYS A 722 82.35 -19.98 -113.00
N TYR A 723 83.32 -20.44 -113.78
CA TYR A 723 83.87 -19.65 -114.88
C TYR A 723 83.29 -20.02 -116.24
N ILE A 724 83.01 -21.29 -116.46
CA ILE A 724 82.60 -21.76 -117.79
C ILE A 724 81.09 -21.71 -117.88
N GLY A 725 80.59 -20.93 -118.83
CA GLY A 725 79.17 -20.86 -119.10
C GLY A 725 78.44 -19.73 -118.42
N ARG A 726 77.36 -19.27 -119.06
CA ARG A 726 76.56 -18.20 -118.47
C ARG A 726 75.91 -18.66 -117.18
N SER A 727 75.42 -19.91 -117.14
CA SER A 727 74.80 -20.42 -115.93
C SER A 727 75.78 -20.45 -114.77
N SER A 728 77.01 -20.90 -115.01
CA SER A 728 78.01 -20.94 -113.93
C SER A 728 78.34 -19.54 -113.44
N ARG A 729 78.51 -18.60 -114.37
CA ARG A 729 78.83 -17.23 -113.99
C ARG A 729 77.68 -16.62 -113.21
N LYS A 730 76.45 -16.87 -113.65
CA LYS A 730 75.27 -16.36 -112.96
C LYS A 730 75.16 -16.96 -111.56
N ARG A 731 75.42 -18.25 -111.42
CA ARG A 731 75.40 -18.87 -110.11
C ARG A 731 76.44 -18.21 -109.20
N TYR A 732 77.65 -18.00 -109.72
CA TYR A 732 78.67 -17.31 -108.95
C TYR A 732 78.15 -15.95 -108.49
N GLN A 733 77.63 -15.17 -109.44
CA GLN A 733 77.16 -13.82 -109.16
C GLN A 733 76.06 -13.84 -108.11
N GLN A 734 75.06 -14.71 -108.29
CA GLN A 734 73.91 -14.72 -107.39
C GLN A 734 74.33 -15.17 -106.00
N GLU A 735 75.21 -16.15 -105.90
CA GLU A 735 75.66 -16.61 -104.59
C GLU A 735 76.48 -15.55 -103.88
N LYS A 736 77.34 -14.84 -104.62
CA LYS A 736 78.13 -13.77 -104.02
C LYS A 736 77.21 -12.66 -103.55
N ILE A 737 76.21 -12.33 -104.37
CA ILE A 737 75.22 -11.31 -104.03
C ILE A 737 74.48 -11.71 -102.77
N LYS A 738 74.10 -12.99 -102.68
CA LYS A 738 73.38 -13.48 -101.50
C LYS A 738 74.25 -13.35 -100.25
N GLU A 739 75.53 -13.71 -100.37
CA GLU A 739 76.43 -13.56 -99.23
C GLU A 739 76.48 -12.10 -98.76
N CYS A 740 76.72 -11.18 -99.70
CA CYS A 740 76.82 -9.77 -99.32
C CYS A 740 75.50 -9.24 -98.76
N GLN A 741 74.36 -9.69 -99.30
CA GLN A 741 73.08 -9.23 -98.81
C GLN A 741 72.82 -9.70 -97.38
N GLU A 742 73.13 -10.97 -97.12
CA GLU A 742 72.98 -11.49 -95.76
C GLU A 742 73.90 -10.77 -94.80
N THR A 743 75.13 -10.51 -95.22
CA THR A 743 76.05 -9.77 -94.35
C THR A 743 75.54 -8.36 -94.07
N ILE A 744 74.98 -7.69 -95.08
CA ILE A 744 74.42 -6.35 -94.85
C ILE A 744 73.22 -6.41 -93.91
N GLU A 745 72.39 -7.44 -94.06
CA GLU A 745 71.26 -7.61 -93.15
C GLU A 745 71.72 -7.81 -91.71
N GLN A 746 72.69 -8.71 -91.52
CA GLN A 746 73.19 -8.99 -90.18
C GLN A 746 73.85 -7.75 -89.56
N LEU A 747 74.64 -7.04 -90.35
CA LEU A 747 75.29 -5.84 -89.85
C LEU A 747 74.28 -4.75 -89.54
N GLN A 748 73.22 -4.63 -90.35
CA GLN A 748 72.17 -3.67 -90.05
C GLN A 748 71.44 -4.02 -88.77
N LEU A 749 71.14 -5.31 -88.56
CA LEU A 749 70.51 -5.72 -87.31
C LEU A 749 71.39 -5.35 -86.11
N GLU A 750 72.68 -5.66 -86.21
CA GLU A 750 73.58 -5.34 -85.11
C GLU A 750 73.70 -3.83 -84.92
N LEU A 751 73.73 -3.08 -86.01
CA LEU A 751 73.84 -1.63 -85.91
C LEU A 751 72.59 -1.03 -85.27
N GLU A 752 71.40 -1.55 -85.59
CA GLU A 752 70.20 -1.07 -84.91
C GLU A 752 70.22 -1.43 -83.43
N GLU A 753 70.77 -2.61 -83.11
CA GLU A 753 70.97 -2.98 -81.72
C GLU A 753 71.93 -1.98 -81.04
N LEU A 754 72.99 -1.61 -81.77
CA LEU A 754 73.94 -0.61 -81.27
C LEU A 754 73.25 0.73 -81.05
N LYS A 755 72.39 1.12 -81.99
CA LYS A 755 71.61 2.35 -81.83
C LYS A 755 70.75 2.27 -80.57
N VAL A 756 70.16 1.12 -80.32
CA VAL A 756 69.34 1.01 -79.11
C VAL A 756 70.19 1.23 -77.87
N GLN A 757 71.37 0.60 -77.82
CA GLN A 757 72.23 0.82 -76.65
C GLN A 757 72.65 2.28 -76.53
N LEU A 758 73.00 2.92 -77.64
CA LEU A 758 73.39 4.33 -77.59
C LEU A 758 72.22 5.20 -77.13
N SER A 759 71.01 4.90 -77.59
CA SER A 759 69.83 5.65 -77.14
C SER A 759 69.64 5.46 -75.64
N GLN A 760 69.78 4.23 -75.17
CA GLN A 760 69.65 3.95 -73.74
C GLN A 760 70.74 4.66 -72.96
N TYR A 761 71.94 4.74 -73.52
CA TYR A 761 73.03 5.46 -72.86
C TYR A 761 72.73 6.94 -72.77
N GLU A 762 72.14 7.51 -73.82
CA GLU A 762 71.74 8.91 -73.77
C GLU A 762 70.67 9.09 -72.71
N GLU A 763 69.73 8.16 -72.63
CA GLU A 763 68.73 8.19 -71.57
C GLU A 763 69.37 8.08 -70.20
N ASN A 764 70.42 7.26 -70.08
CA ASN A 764 71.14 7.15 -68.83
C ASN A 764 71.78 8.47 -68.44
N LEU A 765 72.37 9.17 -69.41
CA LEU A 765 72.94 10.48 -69.11
C LEU A 765 71.84 11.44 -68.66
N LEU A 766 70.72 11.40 -69.37
CA LEU A 766 69.57 12.22 -69.01
C LEU A 766 69.14 11.91 -67.59
N GLN A 767 68.98 10.63 -67.28
CA GLN A 767 68.55 10.22 -65.95
C GLN A 767 69.58 10.61 -64.91
N ALA A 768 70.86 10.65 -65.29
CA ALA A 768 71.88 11.09 -64.35
C ALA A 768 71.68 12.56 -64.01
N ALA A 769 71.39 13.37 -65.03
CA ALA A 769 71.10 14.77 -64.78
C ALA A 769 69.85 14.92 -63.92
N GLN A 770 68.82 14.11 -64.20
CA GLN A 770 67.60 14.12 -63.41
C GLN A 770 67.89 13.70 -61.96
N TRP A 771 68.79 12.74 -61.79
CA TRP A 771 69.26 12.32 -60.48
C TRP A 771 69.87 13.50 -59.74
N LYS A 772 70.76 14.24 -60.40
CA LYS A 772 71.34 15.40 -59.74
C LYS A 772 70.25 16.30 -59.18
N GLN A 773 69.15 16.48 -59.92
CA GLN A 773 68.08 17.34 -59.43
C GLN A 773 67.31 16.68 -58.30
N THR A 774 67.19 15.35 -58.32
CA THR A 774 66.36 14.67 -57.34
C THR A 774 67.13 14.48 -56.04
N MET A 775 68.43 14.78 -56.06
CA MET A 775 69.28 14.51 -54.91
C MET A 775 68.69 15.22 -53.70
N PRO A 776 68.74 14.63 -52.51
CA PRO A 776 68.05 15.25 -51.37
C PRO A 776 68.70 16.57 -51.03
N THR A 777 67.92 17.48 -50.48
CA THR A 777 68.49 18.74 -50.07
C THR A 777 68.18 19.04 -48.60
N ASP A 778 69.10 19.77 -47.98
CA ASP A 778 69.08 20.02 -46.55
C ASP A 778 68.45 21.38 -46.22
N GLN A 779 67.49 21.83 -47.00
CA GLN A 779 67.00 23.20 -46.80
C GLN A 779 66.49 23.37 -45.38
N GLU A 780 65.61 22.49 -44.96
CA GLU A 780 65.04 22.60 -43.64
C GLU A 780 66.10 22.49 -42.56
N LEU A 781 67.04 21.55 -42.71
CA LEU A 781 68.07 21.41 -41.70
C LEU A 781 68.92 22.67 -41.62
N ASN A 782 69.29 23.24 -42.76
CA ASN A 782 70.08 24.47 -42.72
C ASN A 782 69.31 25.62 -42.11
N ASP A 783 68.02 25.74 -42.43
CA ASP A 783 67.22 26.80 -41.84
C ASP A 783 67.15 26.63 -40.33
N LEU A 784 66.91 25.40 -39.88
CA LEU A 784 66.86 25.16 -38.45
C LEU A 784 68.20 25.46 -37.80
N ASN A 785 69.30 25.06 -38.42
CA ASN A 785 70.60 25.33 -37.80
C ASN A 785 70.91 26.81 -37.74
N VAL A 786 70.60 27.56 -38.80
CA VAL A 786 70.83 29.00 -38.77
C VAL A 786 69.99 29.64 -37.67
N GLN A 787 68.71 29.29 -37.63
CA GLN A 787 67.84 29.81 -36.58
C GLN A 787 68.35 29.42 -35.21
N ILE A 788 68.86 28.20 -35.09
CA ILE A 788 69.34 27.72 -33.80
C ILE A 788 70.55 28.51 -33.36
N GLU A 789 71.49 28.74 -34.27
CA GLU A 789 72.67 29.52 -33.89
C GLU A 789 72.29 30.94 -33.55
N LYS A 790 71.40 31.55 -34.34
CA LYS A 790 71.01 32.92 -34.05
C LYS A 790 70.30 33.03 -32.72
N THR A 791 69.36 32.13 -32.45
CA THR A 791 68.66 32.18 -31.18
C THR A 791 69.58 31.84 -30.02
N GLY A 792 70.51 30.91 -30.22
CA GLY A 792 71.46 30.61 -29.17
C GLY A 792 72.36 31.78 -28.82
N HIS A 793 72.90 32.46 -29.82
CA HIS A 793 73.70 33.64 -29.54
C HIS A 793 72.88 34.72 -28.88
N GLN A 794 71.67 34.97 -29.40
CA GLN A 794 70.83 35.97 -28.75
C GLN A 794 70.53 35.57 -27.32
N LEU A 795 70.27 34.29 -27.08
CA LEU A 795 69.98 33.80 -25.76
C LEU A 795 71.19 33.97 -24.85
N GLU A 796 72.38 33.71 -25.37
CA GLU A 796 73.60 33.91 -24.59
C GLU A 796 73.71 35.39 -24.21
N GLU A 797 73.41 36.27 -25.17
CA GLU A 797 73.45 37.69 -24.88
C GLU A 797 72.50 38.00 -23.75
N GLN A 798 71.27 37.51 -23.86
CA GLN A 798 70.27 37.78 -22.83
C GLN A 798 70.71 37.15 -21.53
N LYS A 799 71.47 36.06 -21.59
CA LYS A 799 72.03 35.47 -20.39
C LYS A 799 72.97 36.46 -19.71
N LYS A 800 73.84 37.09 -20.48
CA LYS A 800 74.69 38.12 -19.90
C LYS A 800 73.85 39.23 -19.28
N VAL A 801 72.87 39.73 -20.03
CA VAL A 801 72.06 40.84 -19.54
C VAL A 801 71.34 40.44 -18.27
N LEU A 802 70.79 39.24 -18.24
CA LEU A 802 70.09 38.76 -17.06
C LEU A 802 71.04 38.65 -15.89
N PHE A 803 72.26 38.15 -16.15
CA PHE A 803 73.23 38.01 -15.08
C PHE A 803 73.59 39.36 -14.48
N GLN A 804 73.81 40.36 -15.34
CA GLN A 804 74.13 41.68 -14.82
C GLN A 804 72.94 42.29 -14.08
N LEU A 805 71.73 42.11 -14.61
CA LEU A 805 70.55 42.60 -13.93
C LEU A 805 70.39 41.95 -12.56
N ASP A 806 70.62 40.63 -12.48
CA ASP A 806 70.53 39.95 -11.20
C ASP A 806 71.63 40.41 -10.26
N GLU A 807 72.82 40.65 -10.81
CA GLU A 807 73.90 41.25 -10.03
C GLU A 807 73.44 42.56 -9.41
N GLN A 808 72.87 43.44 -10.23
CA GLN A 808 72.40 44.73 -9.72
C GLN A 808 71.34 44.50 -8.66
N TRP A 809 70.43 43.57 -8.92
CA TRP A 809 69.36 43.31 -7.98
C TRP A 809 69.92 42.85 -6.64
N LYS A 810 70.95 42.00 -6.69
CA LYS A 810 71.55 41.49 -5.47
C LYS A 810 72.39 42.55 -4.77
N GLN A 811 73.00 43.45 -5.54
CA GLN A 811 73.65 44.62 -4.95
C GLN A 811 72.63 45.42 -4.15
N VAL A 812 71.51 45.75 -4.78
CA VAL A 812 70.47 46.51 -4.12
C VAL A 812 69.98 45.72 -2.92
N HIS A 813 69.88 44.40 -3.08
CA HIS A 813 69.42 43.55 -2.00
C HIS A 813 70.38 43.60 -0.83
N GLY A 814 71.67 43.62 -1.11
CA GLY A 814 72.64 43.74 -0.04
C GLY A 814 72.47 45.04 0.70
N HIS A 815 72.32 46.14 -0.03
CA HIS A 815 72.07 47.41 0.63
C HIS A 815 70.82 47.32 1.49
N LEU A 816 69.75 46.77 0.93
CA LEU A 816 68.48 46.66 1.64
C LEU A 816 68.62 45.77 2.85
N GLN A 817 69.37 44.68 2.72
CA GLN A 817 69.60 43.76 3.82
C GLN A 817 70.33 44.46 4.94
N VAL A 818 71.35 45.25 4.60
CA VAL A 818 72.07 46.00 5.62
C VAL A 818 71.14 46.97 6.30
N ILE A 819 70.31 47.67 5.51
CA ILE A 819 69.40 48.66 6.08
C ILE A 819 68.37 48.00 6.99
N LYS A 820 67.80 46.88 6.54
CA LYS A 820 66.84 46.17 7.38
C LYS A 820 67.49 45.63 8.63
N ILE A 821 68.71 45.12 8.50
CA ILE A 821 69.43 44.64 9.67
C ILE A 821 69.59 45.76 10.68
N GLN A 822 70.10 46.90 10.22
CA GLN A 822 70.32 48.00 11.15
C GLN A 822 69.01 48.51 11.74
N LEU A 823 68.00 48.73 10.92
CA LEU A 823 66.74 49.25 11.43
C LEU A 823 66.09 48.32 12.45
N HIS A 824 65.98 47.02 12.14
CA HIS A 824 65.34 46.13 13.10
C HIS A 824 66.20 45.92 14.34
N GLN A 825 67.52 45.89 14.16
CA GLN A 825 68.46 45.76 15.26
C GLN A 825 68.41 46.95 16.20
N GLU A 826 68.48 48.17 15.66
CA GLU A 826 68.51 49.33 16.52
C GLU A 826 67.13 49.62 17.09
N GLY A 827 66.07 49.24 16.36
CA GLY A 827 64.74 49.43 16.93
C GLY A 827 64.31 48.15 17.62
N ARG A 828 65.26 47.24 17.82
CA ARG A 828 65.02 45.93 18.41
C ARG A 828 64.54 46.10 19.84
N GLN A 829 65.24 46.97 20.56
CA GLN A 829 65.07 47.08 21.99
C GLN A 829 63.67 47.55 22.34
N LEU A 830 63.08 48.35 21.48
CA LEU A 830 61.81 48.99 21.77
C LEU A 830 60.73 47.92 21.65
N ASN A 831 59.72 48.03 22.51
CA ASN A 831 58.50 47.24 22.46
C ASN A 831 57.53 47.81 21.44
N LEU A 832 57.99 47.95 20.19
CA LEU A 832 57.24 48.63 19.16
C LEU A 832 57.37 47.81 17.88
N SER A 833 56.26 47.68 17.14
CA SER A 833 56.38 47.15 15.79
C SER A 833 57.15 48.18 14.99
N LEU A 834 58.35 47.77 14.55
CA LEU A 834 59.30 48.65 13.89
C LEU A 834 58.91 48.97 12.44
N THR A 835 57.79 49.67 12.25
CA THR A 835 57.36 49.95 10.88
C THR A 835 57.31 51.45 10.66
N LYS A 836 57.34 51.85 9.39
CA LYS A 836 57.46 53.26 9.04
C LYS A 836 56.30 54.08 9.61
N GLU A 837 55.06 53.67 9.34
CA GLU A 837 53.89 54.45 9.74
C GLU A 837 53.81 54.50 11.27
N VAL A 838 54.03 53.35 11.90
CA VAL A 838 53.96 53.27 13.34
C VAL A 838 55.02 54.19 13.93
N LEU A 839 56.19 54.19 13.31
CA LEU A 839 57.31 55.00 13.79
C LEU A 839 57.03 56.49 13.62
N GLY A 840 56.36 56.89 12.53
CA GLY A 840 55.95 58.29 12.43
C GLY A 840 55.00 58.64 13.55
N GLN A 841 54.04 57.75 13.81
CA GLN A 841 53.10 57.95 14.90
C GLN A 841 53.82 58.02 16.22
N ALA A 842 54.84 57.17 16.39
CA ALA A 842 55.65 57.16 17.60
C ALA A 842 56.40 58.46 17.78
N LEU A 843 56.89 59.04 16.68
CA LEU A 843 57.57 60.33 16.79
C LEU A 843 56.58 61.35 17.31
N ILE A 844 55.37 61.34 16.76
CA ILE A 844 54.33 62.24 17.25
C ILE A 844 54.05 61.95 18.72
N SER A 845 54.02 60.67 19.08
CA SER A 845 53.77 60.27 20.46
C SER A 845 54.83 60.83 21.39
N ALA A 846 56.10 60.75 21.00
CA ALA A 846 57.17 61.26 21.84
C ALA A 846 57.04 62.77 21.98
N LYS A 847 56.68 63.45 20.89
CA LYS A 847 56.47 64.89 20.97
C LYS A 847 55.37 65.21 21.97
N ASN A 848 54.24 64.50 21.86
CA ASN A 848 53.16 64.71 22.80
C ASN A 848 53.58 64.35 24.22
N TYR A 849 54.41 63.31 24.37
CA TYR A 849 54.90 62.96 25.69
C TYR A 849 55.65 64.13 26.30
N ARG A 850 56.55 64.72 25.52
CA ARG A 850 57.36 65.83 26.01
C ARG A 850 56.49 67.05 26.32
N ASP A 851 55.53 67.37 25.45
CA ASP A 851 54.67 68.53 25.75
C ASP A 851 53.87 68.32 27.04
N GLN A 852 53.22 67.17 27.17
CA GLN A 852 52.50 66.91 28.42
C GLN A 852 53.45 66.85 29.59
N LEU A 853 54.68 66.37 29.39
CA LEU A 853 55.62 66.34 30.48
C LEU A 853 55.92 67.75 30.96
N TYR A 854 56.10 68.70 30.03
CA TYR A 854 56.31 70.08 30.49
C TYR A 854 55.08 70.59 31.23
N SER A 855 53.88 70.31 30.72
CA SER A 855 52.69 70.75 31.42
C SER A 855 52.59 70.13 32.80
N PHE A 856 52.88 68.83 32.90
CA PHE A 856 52.88 68.15 34.18
C PHE A 856 53.92 68.74 35.12
N LYS A 857 55.08 69.07 34.57
CA LYS A 857 56.12 69.73 35.35
C LYS A 857 55.62 71.05 35.91
N ASP A 858 54.95 71.83 35.07
CA ASP A 858 54.41 73.11 35.51
C ASP A 858 53.42 72.90 36.65
N LEU A 859 52.51 71.95 36.48
CA LEU A 859 51.55 71.67 37.53
C LEU A 859 52.27 71.23 38.78
N PHE A 860 53.31 70.42 38.63
CA PHE A 860 54.08 69.96 39.78
C PHE A 860 54.76 71.11 40.50
N GLN A 861 55.31 72.05 39.76
CA GLN A 861 55.96 73.17 40.42
C GLN A 861 54.94 74.00 41.18
N LYS A 862 53.76 74.19 40.58
CA LYS A 862 52.70 74.85 41.33
C LYS A 862 52.38 74.06 42.59
N CYS A 863 52.29 72.73 42.47
CA CYS A 863 52.02 71.87 43.62
C CYS A 863 53.14 71.93 44.66
N LEU A 864 54.39 71.94 44.22
CA LEU A 864 55.52 72.05 45.13
C LEU A 864 55.41 73.33 45.95
N PHE A 865 55.20 74.45 45.24
CA PHE A 865 55.11 75.73 45.93
C PHE A 865 53.93 75.69 46.89
N ALA A 866 52.79 75.15 46.44
CA ALA A 866 51.61 75.09 47.29
C ALA A 866 51.84 74.17 48.48
N ARG A 867 52.56 73.07 48.29
CA ARG A 867 52.88 72.19 49.40
C ARG A 867 53.71 72.91 50.44
N LYS A 868 54.71 73.67 49.99
CA LYS A 868 55.53 74.40 50.93
C LYS A 868 54.73 75.53 51.58
N ARG A 869 53.83 76.14 50.82
CA ARG A 869 52.88 77.09 51.35
C ARG A 869 52.02 76.47 52.44
N ILE A 870 51.48 75.28 52.18
CA ILE A 870 50.64 74.60 53.16
C ILE A 870 51.48 74.26 54.38
N GLU A 871 52.74 73.89 54.17
CA GLU A 871 53.63 73.64 55.29
C GLU A 871 53.71 74.89 56.15
N ASP A 872 53.96 76.03 55.51
CA ASP A 872 54.06 77.30 56.22
C ASP A 872 52.74 77.65 56.88
N LEU A 873 51.62 77.40 56.19
CA LEU A 873 50.31 77.73 56.76
C LEU A 873 50.04 76.91 58.00
N THR A 874 50.39 75.63 57.96
CA THR A 874 50.23 74.79 59.14
C THR A 874 51.19 75.23 60.23
N HIS A 875 52.39 75.65 59.83
CA HIS A 875 53.34 76.19 60.79
C HIS A 875 52.75 77.39 61.50
N ARG A 876 52.17 78.31 60.72
CA ARG A 876 51.54 79.48 61.28
C ARG A 876 50.36 79.09 62.15
N LEU A 877 49.57 78.10 61.72
CA LEU A 877 48.43 77.69 62.52
C LEU A 877 48.85 77.12 63.88
N PHE A 878 49.90 76.29 63.94
CA PHE A 878 50.32 75.85 65.27
C PHE A 878 50.82 77.05 66.07
N GLU A 879 51.61 77.92 65.43
CA GLU A 879 52.10 79.11 66.13
C GLU A 879 50.93 79.92 66.68
N MET A 880 49.88 80.09 65.88
CA MET A 880 48.78 80.94 66.30
C MET A 880 47.99 80.26 67.41
N GLU A 881 47.91 78.94 67.36
CA GLU A 881 47.31 78.21 68.48
C GLU A 881 48.14 78.41 69.74
N THR A 882 49.46 78.38 69.61
CA THR A 882 50.34 78.66 70.74
C THR A 882 50.08 80.07 71.28
N GLU A 883 49.99 81.06 70.39
CA GLU A 883 49.74 82.43 70.82
C GLU A 883 48.39 82.51 71.52
N LEU A 884 47.38 81.83 70.98
CA LEU A 884 46.06 81.83 71.59
C LEU A 884 46.15 81.24 72.99
N ASP A 885 46.89 80.15 73.13
CA ASP A 885 47.07 79.51 74.42
C ASP A 885 47.77 80.45 75.40
N ASP A 886 48.80 81.15 74.93
CA ASP A 886 49.52 82.10 75.77
C ASP A 886 48.60 83.22 76.21
N LEU A 887 47.79 83.75 75.28
CA LEU A 887 46.86 84.81 75.62
C LEU A 887 45.87 84.31 76.65
N LYS A 888 45.38 83.09 76.46
CA LYS A 888 44.43 82.50 77.41
C LYS A 888 45.10 82.29 78.76
N GLY A 889 46.36 81.89 78.77
CA GLY A 889 47.07 81.74 80.04
C GLY A 889 47.16 83.07 80.78
N ASP A 890 47.51 84.14 80.06
CA ASP A 890 47.56 85.45 80.71
C ASP A 890 46.17 85.85 81.21
N GLN A 891 45.15 85.60 80.39
CA GLN A 891 43.79 85.92 80.76
C GLN A 891 43.36 85.12 81.97
N ASN A 892 43.74 83.84 82.01
CA ASN A 892 43.44 82.98 83.15
C ASN A 892 44.17 83.43 84.40
N VAL A 893 45.39 83.94 84.25
CA VAL A 893 46.08 84.52 85.40
C VAL A 893 45.27 85.69 85.94
N LYS A 894 44.81 86.55 85.03
CA LYS A 894 43.97 87.67 85.44
C LYS A 894 42.70 87.17 86.12
N GLU A 895 42.11 86.11 85.56
CA GLU A 895 40.89 85.51 86.09
C GLU A 895 41.12 84.90 87.47
N SER A 896 42.25 84.22 87.67
CA SER A 896 42.56 83.64 88.96
C SER A 896 42.71 84.73 90.01
N GLN A 897 43.43 85.79 89.67
CA GLN A 897 43.55 86.89 90.62
C GLN A 897 42.20 87.53 90.89
N LEU A 898 41.35 87.66 89.86
CA LEU A 898 40.03 88.24 90.05
C LEU A 898 39.17 87.38 90.98
N ARG A 899 39.18 86.06 90.77
CA ARG A 899 38.43 85.16 91.66
C ARG A 899 38.94 85.25 93.08
N LYS A 900 40.26 85.27 93.24
CA LYS A 900 40.86 85.39 94.55
C LYS A 900 40.47 86.69 95.24
N GLU A 901 40.53 87.80 94.50
CA GLU A 901 40.18 89.08 95.10
C GLU A 901 38.70 89.15 95.46
N LYS A 902 37.81 88.62 94.62
CA LYS A 902 36.39 88.58 94.97
C LYS A 902 36.14 87.73 96.22
N ALA A 903 36.76 86.55 96.30
CA ALA A 903 36.57 85.73 97.48
C ALA A 903 37.07 86.45 98.72
N GLU A 904 38.18 87.18 98.59
CA GLU A 904 38.72 87.93 99.71
C GLU A 904 37.82 89.09 100.08
N ILE A 905 37.17 89.70 99.09
CA ILE A 905 36.16 90.74 99.37
C ILE A 905 35.00 90.15 100.14
N GLU A 906 34.51 88.97 99.74
CA GLU A 906 33.46 88.33 100.51
C GLU A 906 33.88 88.09 101.96
N SER A 907 35.11 87.62 102.14
CA SER A 907 35.62 87.38 103.50
C SER A 907 35.70 88.68 104.27
N ILE A 908 36.14 89.76 103.62
CA ILE A 908 36.22 91.06 104.24
C ILE A 908 34.84 91.55 104.67
N GLU A 909 33.85 91.37 103.80
CA GLU A 909 32.50 91.79 104.15
C GLU A 909 31.99 91.03 105.37
N GLN A 910 32.20 89.71 105.39
CA GLN A 910 31.72 88.92 106.51
C GLN A 910 32.40 89.27 107.82
N GLN A 911 33.73 89.41 107.80
CA GLN A 911 34.42 89.77 109.03
C GLN A 911 34.09 91.17 109.52
N LEU A 912 33.99 92.14 108.60
CA LEU A 912 33.60 93.47 109.02
C LEU A 912 32.22 93.47 109.67
N LYS A 913 31.25 92.78 109.07
CA LYS A 913 29.92 92.75 109.67
C LYS A 913 29.91 92.02 111.01
N LEU A 914 30.66 90.91 111.12
CA LEU A 914 30.46 89.97 112.23
C LEU A 914 31.35 90.28 113.43
N LYS A 915 32.48 90.94 113.19
CA LYS A 915 33.62 90.97 114.13
C LYS A 915 33.30 91.20 115.60
N GLY A 916 33.79 90.28 116.43
CA GLY A 916 33.61 90.32 117.88
C GLY A 916 34.68 89.41 118.46
N ILE A 917 35.25 89.83 119.58
CA ILE A 917 36.49 89.20 120.09
C ILE A 917 36.33 87.69 120.32
N GLU A 918 35.27 87.29 121.04
CA GLU A 918 35.01 85.86 121.24
C GLU A 918 34.69 85.17 119.93
N GLU A 919 33.85 85.80 119.12
CA GLU A 919 33.49 85.23 117.84
C GLU A 919 34.74 85.07 116.98
N VAL A 920 35.66 86.03 117.06
CA VAL A 920 36.89 85.93 116.28
C VAL A 920 37.69 84.72 116.76
N ARG A 921 37.77 84.49 118.08
CA ARG A 921 38.44 83.29 118.56
C ARG A 921 37.78 82.02 118.02
N LEU A 922 36.45 81.95 118.13
CA LEU A 922 35.74 80.76 117.67
C LEU A 922 35.94 80.58 116.17
N ARG A 923 35.90 81.67 115.41
CA ARG A 923 36.05 81.61 113.97
C ARG A 923 37.48 81.21 113.61
N ILE A 924 38.46 81.65 114.40
CA ILE A 924 39.84 81.21 114.19
C ILE A 924 39.94 79.71 114.40
N GLN A 925 39.29 79.18 115.45
CA GLN A 925 39.30 77.73 115.66
C GLN A 925 38.64 77.02 114.48
N GLN A 926 37.50 77.55 114.03
CA GLN A 926 36.80 76.97 112.89
C GLN A 926 37.68 77.02 111.66
N VAL A 927 38.37 78.13 111.45
CA VAL A 927 39.25 78.29 110.30
C VAL A 927 40.41 77.32 110.39
N GLN A 928 40.94 77.09 111.58
CA GLN A 928 42.00 76.09 111.71
C GLN A 928 41.49 74.72 111.34
N GLN A 929 40.30 74.35 111.82
CA GLN A 929 39.73 73.06 111.46
C GLN A 929 39.48 72.96 109.95
N GLU A 930 38.93 74.02 109.37
CA GLU A 930 38.67 74.04 107.93
C GLU A 930 39.95 73.97 107.13
N LEU A 931 40.99 74.70 107.55
CA LEU A 931 42.27 74.66 106.87
C LEU A 931 42.89 73.27 106.95
N ARG A 932 42.81 72.63 108.12
CA ARG A 932 43.31 71.27 108.23
C ARG A 932 42.52 70.35 107.30
N GLU A 933 41.19 70.52 107.26
CA GLU A 933 40.35 69.72 106.38
C GLU A 933 40.73 69.93 104.93
N ALA A 934 40.95 71.19 104.53
CA ALA A 934 41.33 71.47 103.15
C ALA A 934 42.67 70.83 102.83
N THR A 935 43.62 70.90 103.76
CA THR A 935 44.91 70.25 103.56
C THR A 935 44.72 68.75 103.42
N GLU A 936 43.88 68.16 104.28
CA GLU A 936 43.61 66.73 104.20
C GLU A 936 43.01 66.37 102.85
N GLY A 937 42.01 67.13 102.41
CA GLY A 937 41.39 66.86 101.13
C GLY A 937 42.39 66.98 99.99
N ILE A 938 43.22 68.03 100.02
CA ILE A 938 44.17 68.23 98.94
C ILE A 938 45.21 67.12 98.98
N ASN A 939 45.59 66.68 100.18
CA ASN A 939 46.53 65.58 100.33
C ASN A 939 45.94 64.27 99.81
N HIS A 940 44.70 63.98 100.18
CA HIS A 940 44.05 62.76 99.73
C HIS A 940 43.93 62.76 98.21
N LEU A 941 43.54 63.90 97.64
CA LEU A 941 43.45 63.99 96.19
C LEU A 941 44.84 63.86 95.58
N LEU A 942 45.85 64.47 96.21
CA LEU A 942 47.22 64.36 95.72
C LEU A 942 47.70 62.92 95.73
N GLU A 943 47.28 62.14 96.73
CA GLU A 943 47.66 60.74 96.77
C GLU A 943 46.90 59.94 95.71
N THR A 944 45.58 60.17 95.62
CA THR A 944 44.76 59.35 94.73
C THR A 944 45.06 59.67 93.28
N ILE A 945 45.17 60.96 92.95
CA ILE A 945 45.28 61.36 91.56
C ILE A 945 46.46 60.68 90.90
N PRO A 946 47.67 60.69 91.48
CA PRO A 946 48.78 59.97 90.85
C PRO A 946 48.49 58.49 90.70
N GLN A 947 47.83 57.88 91.68
CA GLN A 947 47.52 56.46 91.57
C GLN A 947 46.65 56.22 90.33
N LYS A 948 45.57 56.98 90.20
CA LYS A 948 44.68 56.79 89.06
C LYS A 948 45.35 57.22 87.77
N LYS A 949 46.23 58.22 87.84
CA LYS A 949 46.98 58.66 86.66
C LYS A 949 47.90 57.56 86.17
N ALA A 950 48.63 56.91 87.10
CA ALA A 950 49.48 55.79 86.70
C ALA A 950 48.64 54.63 86.20
N LYS A 951 47.50 54.38 86.84
CA LYS A 951 46.62 53.31 86.36
C LYS A 951 46.13 53.62 84.95
N GLN A 952 45.75 54.86 84.71
CA GLN A 952 45.35 55.29 83.37
C GLN A 952 46.51 55.22 82.40
N GLU A 953 47.73 55.53 82.87
CA GLU A 953 48.90 55.39 82.03
C GLU A 953 49.06 53.95 81.58
N THR A 954 48.98 53.01 82.51
CA THR A 954 49.09 51.61 82.16
C THR A 954 47.94 51.22 81.23
N CYS A 955 46.73 51.68 81.57
CA CYS A 955 45.56 51.37 80.76
C CYS A 955 45.70 51.91 79.35
N GLN A 956 46.21 53.13 79.21
CA GLN A 956 46.40 53.72 77.89
C GLN A 956 47.45 52.97 77.11
N ASN A 957 48.57 52.64 77.75
CA ASN A 957 49.60 51.85 77.07
C ASN A 957 49.02 50.54 76.58
N GLU A 958 48.34 49.82 77.48
CA GLU A 958 47.80 48.51 77.13
C GLU A 958 46.67 48.65 76.13
N LEU A 959 45.91 49.74 76.19
CA LEU A 959 44.84 49.97 75.22
C LEU A 959 45.41 50.24 73.83
N ALA A 960 46.48 51.03 73.76
CA ALA A 960 47.14 51.24 72.48
C ALA A 960 47.69 49.92 71.97
N ALA A 961 48.31 49.14 72.85
CA ALA A 961 48.81 47.82 72.48
C ALA A 961 47.67 46.94 72.00
N ALA A 962 46.53 46.98 72.70
CA ALA A 962 45.39 46.15 72.33
C ALA A 962 44.83 46.55 70.98
N LYS A 963 44.73 47.85 70.72
CA LYS A 963 44.28 48.30 69.42
C LYS A 963 45.26 47.86 68.33
N THR A 964 46.56 47.98 68.61
CA THR A 964 47.57 47.49 67.69
C THR A 964 47.33 46.02 67.43
N SER A 965 47.13 45.24 68.50
CA SER A 965 46.91 43.80 68.39
C SER A 965 45.66 43.54 67.58
N ALA A 966 44.61 44.34 67.81
CA ALA A 966 43.36 44.17 67.09
C ALA A 966 43.60 44.37 65.60
N GLU A 967 44.34 45.41 65.25
CA GLU A 967 44.65 45.66 63.84
C GLU A 967 45.44 44.47 63.30
N PHE A 968 46.41 44.01 64.08
CA PHE A 968 47.25 42.90 63.68
C PHE A 968 46.41 41.65 63.42
N TRP A 969 45.50 41.34 64.36
CA TRP A 969 44.72 40.12 64.25
C TRP A 969 43.68 40.26 63.15
N SER A 970 43.21 41.49 62.92
CA SER A 970 42.38 41.77 61.76
C SER A 970 43.14 41.46 60.49
N ASN A 971 44.39 41.91 60.44
CA ASN A 971 45.22 41.68 59.27
C ASN A 971 45.47 40.19 59.06
N MET A 972 45.75 39.46 60.14
CA MET A 972 45.99 38.03 60.00
C MET A 972 44.73 37.31 59.54
N ALA A 973 43.58 37.70 60.10
CA ALA A 973 42.31 37.14 59.67
C ALA A 973 42.06 37.44 58.21
N ASP A 974 42.38 38.66 57.78
CA ASP A 974 42.25 39.04 56.39
C ASP A 974 43.18 38.22 55.51
N GLU A 975 44.39 37.93 56.00
CA GLU A 975 45.33 37.14 55.23
C GLU A 975 44.78 35.74 55.01
N TRP A 976 44.27 35.15 56.10
CA TRP A 976 43.68 33.82 56.00
C TRP A 976 42.44 33.88 55.12
N GLU A 977 41.70 34.99 55.19
CA GLU A 977 40.56 35.21 54.32
C GLU A 977 40.97 35.21 52.86
N GLN A 978 42.05 35.90 52.53
CA GLN A 978 42.53 35.92 51.16
C GLN A 978 42.92 34.52 50.71
N MET A 979 43.61 33.79 51.57
CA MET A 979 43.97 32.41 51.25
C MET A 979 42.73 31.57 50.97
N VAL A 980 41.77 31.58 51.89
CA VAL A 980 40.59 30.74 51.78
C VAL A 980 39.78 31.14 50.55
N ARG A 981 39.71 32.44 50.27
CA ARG A 981 39.02 32.92 49.08
C ARG A 981 39.75 32.46 47.83
N ALA A 982 41.08 32.36 47.90
CA ALA A 982 41.85 31.85 46.76
C ALA A 982 41.47 30.41 46.51
N ASP A 983 41.47 29.60 47.58
CA ASP A 983 41.19 28.19 47.39
C ASP A 983 39.79 28.03 46.84
N ILE A 984 38.85 28.81 47.37
CA ILE A 984 37.50 28.75 46.85
C ILE A 984 37.48 29.15 45.38
N ALA A 985 38.27 30.18 45.00
CA ALA A 985 38.24 30.58 43.59
C ALA A 985 38.60 29.41 42.70
N ARG A 986 39.59 28.61 43.11
CA ARG A 986 39.91 27.42 42.32
C ARG A 986 38.72 26.48 42.22
N GLY A 987 37.83 26.49 43.22
CA GLY A 987 36.69 25.59 43.21
C GLY A 987 37.01 24.19 43.64
N PHE A 988 38.24 23.94 44.09
CA PHE A 988 38.67 22.64 44.57
C PHE A 988 37.84 22.15 45.75
N VAL A 989 37.42 23.04 46.66
CA VAL A 989 36.63 22.67 47.84
C VAL A 989 35.40 23.56 47.89
N GLU A 990 34.24 22.93 48.18
CA GLU A 990 33.03 23.72 48.36
C GLU A 990 32.78 23.99 49.84
N VAL A 991 32.15 25.13 50.09
CA VAL A 991 31.89 25.63 51.44
C VAL A 991 30.48 26.17 51.52
N VAL A 992 29.96 26.25 52.76
CA VAL A 992 28.62 26.78 52.96
C VAL A 992 28.61 28.24 52.55
N GLU A 993 29.49 29.03 53.17
CA GLU A 993 29.59 30.46 52.96
C GLU A 993 31.03 30.85 53.26
N MET A 994 31.39 32.07 52.89
CA MET A 994 32.76 32.54 53.11
C MET A 994 32.88 33.03 54.55
N ASP A 995 32.51 32.18 55.50
CA ASP A 995 32.64 32.44 56.93
C ASP A 995 33.55 31.40 57.56
N PRO A 996 34.66 31.80 58.20
CA PRO A 996 35.58 30.80 58.76
C PRO A 996 34.92 29.85 59.75
N VAL A 997 34.00 30.34 60.58
CA VAL A 997 33.34 29.48 61.55
C VAL A 997 32.54 28.39 60.86
N LYS A 998 31.78 28.74 59.82
CA LYS A 998 30.99 27.72 59.13
C LYS A 998 31.90 26.66 58.50
N ILE A 999 32.98 27.09 57.87
CA ILE A 999 33.92 26.16 57.24
C ILE A 999 34.57 25.28 58.30
N VAL A 1000 34.98 25.88 59.42
CA VAL A 1000 35.60 25.11 60.49
C VAL A 1000 34.62 24.06 61.01
N LYS A 1001 33.34 24.44 61.14
CA LYS A 1001 32.39 23.44 61.59
C LYS A 1001 32.32 22.31 60.58
N GLN A 1002 32.36 22.66 59.30
CA GLN A 1002 32.27 21.61 58.29
C GLN A 1002 33.45 20.65 58.34
N LEU A 1003 34.68 21.16 58.58
CA LEU A 1003 35.90 20.33 58.52
C LEU A 1003 36.66 19.97 59.80
N GLU A 1004 36.12 20.09 61.02
CA GLU A 1004 36.97 19.82 62.19
C GLU A 1004 37.64 18.45 62.12
N SER A 1005 36.94 17.46 61.56
CA SER A 1005 37.43 16.09 61.50
C SER A 1005 38.82 15.93 60.87
N ILE A 1006 39.05 16.50 59.69
CA ILE A 1006 40.30 16.21 58.97
C ILE A 1006 41.54 16.73 59.68
N LEU A 1007 41.50 17.94 60.22
CA LEU A 1007 42.65 18.41 61.02
C LEU A 1007 42.97 17.47 62.17
N GLY A 1008 41.97 16.89 62.81
CA GLY A 1008 42.23 15.93 63.87
C GLY A 1008 42.82 14.63 63.35
N LYS A 1009 42.63 14.35 62.06
CA LYS A 1009 42.98 13.04 61.53
C LYS A 1009 44.42 13.01 61.02
N TYR A 1010 44.80 13.99 60.22
CA TYR A 1010 46.08 13.97 59.52
C TYR A 1010 46.95 15.14 59.96
N ASP A 1011 48.15 15.21 59.37
CA ASP A 1011 49.05 16.33 59.55
C ASP A 1011 49.71 16.68 58.22
N ARG A 1012 50.12 17.95 58.11
CA ARG A 1012 50.52 18.51 56.83
C ARG A 1012 51.62 17.71 56.16
N SER A 1013 52.68 17.37 56.88
CA SER A 1013 53.79 16.65 56.27
C SER A 1013 53.32 15.34 55.66
N LYS A 1014 52.55 14.57 56.42
CA LYS A 1014 52.09 13.27 55.94
C LYS A 1014 51.26 13.42 54.67
N LEU A 1015 50.28 14.32 54.68
CA LEU A 1015 49.42 14.46 53.52
C LEU A 1015 50.18 14.98 52.32
N ASN A 1016 51.11 15.91 52.54
CA ASN A 1016 51.90 16.42 51.42
C ASN A 1016 52.75 15.31 50.81
N GLU A 1017 53.42 14.54 51.67
CA GLU A 1017 54.23 13.42 51.21
C GLU A 1017 53.37 12.43 50.43
N GLN A 1018 52.23 12.06 50.99
CA GLN A 1018 51.40 11.03 50.37
C GLN A 1018 50.75 11.55 49.11
N LEU A 1019 50.51 12.87 49.02
CA LEU A 1019 50.04 13.42 47.75
C LEU A 1019 51.11 13.29 46.69
N THR A 1020 52.36 13.57 47.05
CA THR A 1020 53.45 13.37 46.10
C THR A 1020 53.56 11.90 45.71
N LYS A 1021 53.43 11.01 46.69
CA LYS A 1021 53.52 9.57 46.43
C LYS A 1021 52.41 9.12 45.49
N THR A 1022 51.18 9.56 45.74
CA THR A 1022 50.06 9.21 44.89
C THR A 1022 50.30 9.75 43.49
N PHE A 1023 50.83 10.98 43.41
CA PHE A 1023 51.11 11.58 42.11
C PHE A 1023 52.11 10.74 41.34
N ILE A 1024 53.14 10.25 42.03
CA ILE A 1024 54.13 9.40 41.38
C ILE A 1024 53.49 8.09 40.93
N ASN A 1025 52.76 7.43 41.84
CA ASN A 1025 52.18 6.13 41.51
C ASN A 1025 51.24 6.25 40.32
N GLU A 1026 50.30 7.19 40.39
CA GLU A 1026 49.24 7.21 39.39
C GLU A 1026 49.77 7.79 38.08
N GLN A 1027 51.01 8.27 38.10
CA GLN A 1027 51.66 8.68 36.86
C GLN A 1027 52.10 7.47 36.06
N ILE A 1028 52.05 6.28 36.67
CA ILE A 1028 52.30 5.06 35.92
C ILE A 1028 51.25 4.91 34.84
N PHE A 1029 50.00 5.21 35.20
CA PHE A 1029 48.89 5.05 34.27
C PHE A 1029 48.77 6.30 33.43
N LEU A 1030 48.86 7.47 34.09
CA LEU A 1030 48.47 8.72 33.49
C LEU A 1030 49.62 9.42 32.78
N THR A 1031 50.79 8.77 32.67
CA THR A 1031 51.97 9.48 32.21
C THR A 1031 51.75 10.21 30.89
N GLU A 1032 50.85 9.68 30.04
CA GLU A 1032 50.59 10.32 28.76
C GLU A 1032 50.03 11.72 28.91
N TYR A 1033 49.36 12.00 30.03
CA TYR A 1033 48.83 13.34 30.25
C TYR A 1033 49.87 14.32 30.75
N ARG A 1034 51.06 13.87 31.13
CA ARG A 1034 52.14 14.79 31.49
C ARG A 1034 51.70 15.72 32.62
N MET A 1035 51.31 15.12 33.75
CA MET A 1035 50.92 15.91 34.89
C MET A 1035 52.05 16.86 35.28
N PHE A 1036 51.73 17.85 36.12
CA PHE A 1036 52.74 18.71 36.72
C PHE A 1036 52.11 19.61 37.77
N GLU A 1037 52.85 19.80 38.86
CA GLU A 1037 52.45 20.59 40.01
C GLU A 1037 53.32 21.84 40.12
N TYR A 1038 52.85 22.80 40.91
CA TYR A 1038 53.56 24.06 41.08
C TYR A 1038 53.04 24.74 42.35
N PRO A 1039 53.94 25.10 43.26
CA PRO A 1039 53.52 25.69 44.55
C PRO A 1039 52.97 27.10 44.46
N GLU A 1040 51.90 27.34 45.19
CA GLU A 1040 51.29 28.66 45.32
C GLU A 1040 51.80 29.28 46.63
N GLU A 1041 52.18 30.54 46.54
CA GLU A 1041 52.87 31.31 47.56
C GLU A 1041 52.17 32.65 47.69
N THR A 1042 52.35 33.32 48.82
CA THR A 1042 51.72 34.61 49.03
C THR A 1042 52.84 35.64 49.05
N GLU A 1043 52.61 36.74 48.34
CA GLU A 1043 53.55 37.85 48.17
C GLU A 1043 53.87 38.62 49.45
N ARG A 1044 54.13 37.96 50.58
CA ARG A 1044 54.54 38.63 51.81
C ARG A 1044 53.94 40.03 51.82
N PRO A 1045 52.67 40.18 52.15
CA PRO A 1045 52.06 41.52 52.17
C PRO A 1045 52.82 42.50 53.04
N GLU A 1046 52.93 43.72 52.48
CA GLU A 1046 53.73 44.80 53.06
C GLU A 1046 53.34 45.14 54.50
N TRP A 1047 52.08 44.97 54.89
CA TRP A 1047 51.77 45.43 56.24
C TRP A 1047 52.47 44.56 57.26
N PHE A 1048 53.04 43.43 56.82
CA PHE A 1048 53.91 42.59 57.64
C PHE A 1048 55.10 43.38 58.14
N SER A 1049 55.46 44.45 57.44
CA SER A 1049 56.65 45.24 57.75
C SER A 1049 56.53 45.98 59.07
N LYS A 1050 55.32 46.36 59.47
CA LYS A 1050 55.17 47.22 60.63
C LYS A 1050 55.46 46.42 61.90
N GLU A 1051 56.74 46.14 62.15
CA GLU A 1051 57.16 45.22 63.19
C GLU A 1051 56.29 45.40 64.41
N TRP A 1052 55.89 44.28 65.01
CA TRP A 1052 54.99 44.33 66.15
C TRP A 1052 55.66 43.87 67.43
N GLY A 1053 56.74 43.10 67.35
CA GLY A 1053 57.45 42.67 68.52
C GLY A 1053 57.50 41.17 68.67
N GLU A 1054 57.97 40.75 69.84
CA GLU A 1054 58.08 39.33 70.10
C GLU A 1054 56.71 38.69 70.02
N TYR A 1055 55.73 39.24 70.73
CA TYR A 1055 54.48 38.54 70.94
C TYR A 1055 53.82 38.19 69.62
N TYR A 1056 54.11 38.95 68.56
CA TYR A 1056 53.44 38.69 67.30
C TYR A 1056 54.34 37.92 66.34
N GLU A 1057 55.65 37.95 66.59
CA GLU A 1057 56.59 37.27 65.73
C GLU A 1057 56.30 35.78 65.58
N PRO A 1058 56.03 35.03 66.64
CA PRO A 1058 55.74 33.61 66.45
C PRO A 1058 54.56 33.37 65.53
N PHE A 1059 53.51 34.19 65.64
CA PHE A 1059 52.34 33.98 64.80
C PHE A 1059 52.64 34.31 63.35
N MET A 1060 53.42 35.37 63.14
CA MET A 1060 53.81 35.72 61.79
C MET A 1060 54.68 34.64 61.18
N ASN A 1061 55.63 34.11 61.95
CA ASN A 1061 56.46 33.02 61.48
C ASN A 1061 55.65 31.78 61.17
N GLU A 1062 54.72 31.42 62.04
CA GLU A 1062 53.92 30.23 61.79
C GLU A 1062 53.19 30.40 60.46
N TRP A 1063 52.60 31.56 60.26
CA TRP A 1063 51.90 31.81 59.01
C TRP A 1063 52.85 31.74 57.82
N ASN A 1064 54.06 32.30 57.93
CA ASN A 1064 54.99 32.21 56.81
C ASN A 1064 55.29 30.74 56.47
N GLN A 1065 55.40 29.86 57.47
CA GLN A 1065 55.70 28.47 57.14
C GLN A 1065 54.51 27.78 56.51
N LEU A 1066 53.32 27.98 57.07
CA LEU A 1066 52.16 27.20 56.65
C LEU A 1066 51.50 27.74 55.40
N GLN A 1067 51.79 28.99 55.01
CA GLN A 1067 51.10 29.65 53.92
C GLN A 1067 51.33 28.97 52.57
N SER A 1068 52.39 28.19 52.42
CA SER A 1068 52.72 27.58 51.15
C SER A 1068 51.89 26.33 50.87
N ARG A 1069 51.38 26.24 49.64
CA ARG A 1069 50.53 25.12 49.23
C ARG A 1069 50.86 24.73 47.81
N ARG A 1070 50.53 23.49 47.47
CA ARG A 1070 50.88 22.87 46.19
C ARG A 1070 49.65 22.90 45.30
N LEU A 1071 49.88 23.04 44.00
CA LEU A 1071 48.82 22.98 43.01
C LEU A 1071 49.18 21.94 41.97
N ILE A 1072 48.17 21.42 41.27
CA ILE A 1072 48.37 20.46 40.19
C ILE A 1072 47.59 20.87 38.95
N LEU A 1073 48.26 20.75 37.81
CA LEU A 1073 47.75 21.05 36.48
C LEU A 1073 48.10 19.86 35.59
N MET A 1074 47.18 19.51 34.70
CA MET A 1074 47.33 18.34 33.86
C MET A 1074 47.07 18.63 32.39
N GLU A 1075 48.00 18.17 31.56
CA GLU A 1075 47.88 18.28 30.11
C GLU A 1075 46.90 17.21 29.64
N TYR A 1076 45.87 17.67 28.93
CA TYR A 1076 44.77 16.81 28.48
C TYR A 1076 44.39 17.23 27.07
N LYS A 1077 44.75 16.39 26.10
CA LYS A 1077 44.43 16.61 24.70
C LYS A 1077 44.89 17.99 24.24
N GLY A 1078 46.13 18.34 24.58
CA GLY A 1078 46.75 19.58 24.12
C GLY A 1078 46.53 20.78 25.02
N GLN A 1079 45.43 20.80 25.78
CA GLN A 1079 45.15 21.89 26.71
C GLN A 1079 45.73 21.53 28.07
N ARG A 1080 46.02 22.55 28.88
CA ARG A 1080 46.42 22.33 30.27
C ARG A 1080 45.33 22.75 31.25
N VAL A 1081 44.74 21.75 31.89
CA VAL A 1081 43.47 21.87 32.61
C VAL A 1081 43.73 21.30 34.00
N SER A 1082 42.90 21.66 34.98
CA SER A 1082 43.15 21.15 36.32
C SER A 1082 42.65 19.72 36.47
N PRO A 1083 43.17 18.97 37.45
CA PRO A 1083 42.78 17.56 37.58
C PRO A 1083 41.29 17.34 37.72
N TYR A 1084 40.57 18.28 38.32
CA TYR A 1084 39.11 18.14 38.41
C TYR A 1084 38.51 18.04 37.03
N PHE A 1085 38.91 18.92 36.13
CA PHE A 1085 38.37 18.93 34.78
C PHE A 1085 38.71 17.64 34.07
N VAL A 1086 39.95 17.16 34.20
CA VAL A 1086 40.33 15.93 33.53
C VAL A 1086 39.55 14.74 34.09
N PHE A 1087 39.38 14.68 35.40
CA PHE A 1087 38.60 13.59 36.00
C PHE A 1087 37.16 13.62 35.50
N THR A 1088 36.54 14.80 35.47
CA THR A 1088 35.18 14.90 34.97
C THR A 1088 35.10 14.50 33.51
N SER A 1089 36.07 14.96 32.70
CA SER A 1089 36.09 14.65 31.29
C SER A 1089 36.22 13.15 31.06
N LEU A 1090 37.12 12.51 31.81
CA LEU A 1090 37.28 11.07 31.67
C LEU A 1090 36.02 10.33 32.13
N GLU A 1091 35.37 10.80 33.20
CA GLU A 1091 34.11 10.19 33.60
C GLU A 1091 33.11 10.23 32.46
N LYS A 1092 32.89 11.42 31.88
CA LYS A 1092 31.92 11.56 30.81
C LYS A 1092 32.30 10.72 29.59
N GLU A 1093 33.59 10.77 29.21
CA GLU A 1093 34.04 10.03 28.05
C GLU A 1093 33.89 8.53 28.25
N LEU A 1094 34.38 8.01 29.37
CA LEU A 1094 34.24 6.58 29.63
C LEU A 1094 32.78 6.17 29.63
N GLU A 1095 31.91 7.05 30.16
CA GLU A 1095 30.47 6.80 30.12
C GLU A 1095 29.96 6.72 28.69
N ASP A 1096 30.43 7.61 27.81
CA ASP A 1096 30.00 7.60 26.42
C ASP A 1096 30.61 6.42 25.67
N GLN A 1097 31.91 6.21 25.84
CA GLN A 1097 32.61 5.18 25.07
C GLN A 1097 32.04 3.81 25.41
N LYS A 1098 31.73 3.60 26.68
CA LYS A 1098 31.18 2.33 27.13
C LYS A 1098 29.84 2.01 26.49
N GLY A 1099 29.14 3.02 25.94
CA GLY A 1099 27.85 2.73 25.34
C GLY A 1099 27.96 2.28 23.90
N TRP A 1100 29.12 2.47 23.28
CA TRP A 1100 29.25 2.16 21.86
C TRP A 1100 28.91 0.71 21.56
N LEU A 1101 29.55 -0.22 22.26
CA LEU A 1101 29.57 -1.60 21.85
C LEU A 1101 29.17 -2.52 22.99
N ASP A 1102 28.90 -3.78 22.65
CA ASP A 1102 28.64 -4.83 23.61
C ASP A 1102 29.20 -6.13 23.03
N GLU A 1103 29.66 -7.01 23.92
CA GLU A 1103 30.32 -8.22 23.47
C GLU A 1103 29.39 -9.07 22.62
N GLN A 1104 28.10 -9.12 22.96
CA GLN A 1104 27.16 -9.93 22.19
C GLN A 1104 27.13 -9.50 20.73
N ASP A 1105 27.12 -8.18 20.49
CA ASP A 1105 27.12 -7.70 19.11
C ASP A 1105 28.44 -8.02 18.42
N ARG A 1106 29.54 -7.95 19.17
CA ARG A 1106 30.83 -8.38 18.64
C ARG A 1106 30.76 -9.82 18.14
N GLN A 1107 30.25 -10.72 18.99
CA GLN A 1107 30.13 -12.12 18.61
C GLN A 1107 29.21 -12.29 17.41
N LEU A 1108 28.10 -11.56 17.37
CA LEU A 1108 27.16 -11.69 16.28
C LEU A 1108 27.78 -11.28 14.95
N TYR A 1109 28.45 -10.12 14.95
CA TYR A 1109 29.07 -9.63 13.73
C TYR A 1109 30.16 -10.59 13.26
N GLU A 1110 30.99 -11.02 14.21
CA GLU A 1110 32.05 -11.97 13.88
C GLU A 1110 31.48 -13.24 13.31
N ASP A 1111 30.41 -13.75 13.90
CA ASP A 1111 29.82 -15.00 13.41
C ASP A 1111 29.28 -14.84 12.01
N ILE A 1112 28.59 -13.73 11.72
CA ILE A 1112 27.95 -13.58 10.42
C ILE A 1112 28.99 -13.43 9.32
N ILE A 1113 30.06 -12.70 9.61
CA ILE A 1113 31.12 -12.59 8.60
C ILE A 1113 31.85 -13.91 8.47
N VAL A 1114 32.16 -14.54 9.59
CA VAL A 1114 32.89 -15.79 9.55
C VAL A 1114 32.07 -16.83 8.82
N ASN A 1115 30.74 -16.72 8.89
CA ASN A 1115 29.88 -17.67 8.23
C ASN A 1115 29.97 -17.52 6.72
N THR A 1116 29.93 -16.27 6.24
CA THR A 1116 30.09 -16.10 4.79
C THR A 1116 31.49 -16.54 4.34
N VAL A 1117 32.51 -16.26 5.16
CA VAL A 1117 33.85 -16.74 4.84
C VAL A 1117 33.88 -18.26 4.81
N GLY A 1118 33.13 -18.88 5.70
CA GLY A 1118 33.09 -20.33 5.72
C GLY A 1118 32.47 -20.89 4.47
N VAL A 1119 31.43 -20.22 3.97
CA VAL A 1119 30.83 -20.65 2.71
C VAL A 1119 31.83 -20.50 1.58
N ILE A 1120 32.58 -19.40 1.57
CA ILE A 1120 33.61 -19.21 0.56
C ILE A 1120 34.64 -20.33 0.62
N LEU A 1121 35.05 -20.69 1.84
CA LEU A 1121 36.00 -21.78 2.00
C LEU A 1121 35.41 -23.08 1.49
N ARG A 1122 34.13 -23.29 1.75
CA ARG A 1122 33.44 -24.47 1.23
C ARG A 1122 33.56 -24.49 -0.29
N ASN A 1123 33.35 -23.34 -0.93
CA ASN A 1123 33.39 -23.29 -2.38
C ASN A 1123 34.80 -23.66 -2.86
N ARG A 1124 35.81 -23.18 -2.15
CA ARG A 1124 37.18 -23.48 -2.55
C ARG A 1124 37.49 -24.96 -2.37
N ILE A 1125 37.03 -25.55 -1.26
CA ILE A 1125 37.21 -26.99 -1.06
C ILE A 1125 36.52 -27.81 -2.15
N LYS A 1126 35.28 -27.45 -2.50
CA LYS A 1126 34.59 -28.20 -3.55
C LYS A 1126 35.35 -28.14 -4.86
N ARG A 1127 35.84 -26.96 -5.23
CA ARG A 1127 36.54 -26.84 -6.50
C ARG A 1127 37.83 -27.66 -6.46
N ALA A 1128 38.55 -27.59 -5.35
CA ALA A 1128 39.78 -28.36 -5.20
C ALA A 1128 39.49 -29.85 -5.27
N GLU A 1129 38.38 -30.28 -4.67
CA GLU A 1129 38.02 -31.69 -4.73
C GLU A 1129 37.75 -32.13 -6.16
N LYS A 1130 37.08 -31.28 -6.94
CA LYS A 1130 36.87 -31.63 -8.35
C LYS A 1130 38.21 -31.73 -9.07
N TRP A 1131 39.11 -30.80 -8.76
CA TRP A 1131 40.44 -30.79 -9.36
C TRP A 1131 41.18 -32.09 -9.06
N VAL A 1132 41.15 -32.53 -7.80
CA VAL A 1132 41.85 -33.77 -7.43
C VAL A 1132 41.19 -34.95 -8.13
N SER A 1133 39.88 -34.89 -8.29
CA SER A 1133 39.20 -35.96 -9.01
C SER A 1133 39.71 -36.02 -10.42
N GLU A 1134 39.86 -34.87 -11.06
CA GLU A 1134 40.42 -34.79 -12.39
C GLU A 1134 41.85 -35.34 -12.43
N MET A 1135 42.67 -35.01 -11.43
CA MET A 1135 44.04 -35.51 -11.44
C MET A 1135 44.08 -37.03 -11.42
N ASP A 1136 43.28 -37.63 -10.54
CA ASP A 1136 43.23 -39.08 -10.46
C ASP A 1136 42.67 -39.67 -11.74
N LYS A 1137 41.62 -39.05 -12.29
CA LYS A 1137 41.03 -39.52 -13.53
C LYS A 1137 42.04 -39.53 -14.67
N ILE A 1138 42.86 -38.47 -14.79
CA ILE A 1138 43.80 -38.43 -15.89
C ILE A 1138 44.91 -39.47 -15.69
N MET A 1139 45.35 -39.65 -14.44
CA MET A 1139 46.40 -40.64 -14.21
C MET A 1139 45.88 -42.06 -14.43
N GLU A 1140 44.59 -42.27 -14.16
CA GLU A 1140 43.94 -43.56 -14.33
C GLU A 1140 43.51 -43.87 -15.76
N SER A 1141 43.30 -42.86 -16.62
CA SER A 1141 42.60 -43.18 -17.87
C SER A 1141 43.49 -43.56 -19.04
N ARG A 1142 44.65 -44.17 -18.78
CA ARG A 1142 45.49 -44.68 -19.85
C ARG A 1142 46.20 -45.92 -19.32
N ASP A 1143 46.84 -46.66 -20.22
CA ASP A 1143 47.63 -47.81 -19.82
C ASP A 1143 49.08 -47.71 -20.31
N ASN A 1144 50.01 -47.95 -19.39
CA ASN A 1144 51.43 -47.72 -19.60
C ASN A 1144 52.10 -49.06 -19.88
N SER A 1145 53.12 -49.03 -20.72
CA SER A 1145 53.81 -50.21 -21.25
C SER A 1145 54.46 -51.04 -20.15
N SER A 1146 54.61 -50.48 -18.96
CA SER A 1146 55.25 -51.13 -17.82
C SER A 1146 54.27 -52.00 -17.04
N GLY A 1147 53.05 -52.18 -17.56
CA GLY A 1147 52.07 -52.96 -16.82
C GLY A 1147 51.63 -52.25 -15.57
N LEU A 1148 51.34 -50.97 -15.71
CA LEU A 1148 51.05 -50.12 -14.57
C LEU A 1148 50.06 -49.02 -14.94
N THR A 1149 49.28 -48.64 -13.94
CA THR A 1149 48.26 -47.60 -14.00
C THR A 1149 48.38 -46.77 -12.73
N PHE A 1150 48.23 -45.45 -12.83
CA PHE A 1150 48.46 -44.61 -11.66
C PHE A 1150 47.15 -43.97 -11.23
N SER A 1151 47.10 -43.61 -9.95
CA SER A 1151 45.97 -42.94 -9.33
C SER A 1151 46.44 -42.14 -8.12
N ILE A 1152 45.84 -40.97 -7.89
CA ILE A 1152 46.26 -40.09 -6.83
C ILE A 1152 45.02 -39.80 -6.00
N ALA A 1153 45.20 -39.52 -4.71
CA ALA A 1153 44.07 -39.29 -3.84
C ALA A 1153 44.33 -38.24 -2.76
N TRP A 1154 43.27 -37.55 -2.40
CA TRP A 1154 43.23 -36.46 -1.45
C TRP A 1154 42.28 -36.74 -0.30
N LYS A 1155 42.58 -36.18 0.87
CA LYS A 1155 41.87 -36.53 2.10
C LYS A 1155 42.38 -35.65 3.23
N PRO A 1156 41.51 -35.29 4.17
CA PRO A 1156 41.94 -34.50 5.32
C PRO A 1156 42.69 -35.32 6.35
N LEU A 1157 43.72 -34.76 6.97
CA LEU A 1157 44.50 -35.48 7.96
C LEU A 1157 43.81 -35.35 9.31
N THR A 1158 44.29 -36.09 10.31
CA THR A 1158 43.80 -35.88 11.65
C THR A 1158 44.76 -34.99 12.43
N ALA A 1159 44.20 -34.08 13.21
CA ALA A 1159 45.00 -33.13 13.95
C ALA A 1159 45.82 -33.83 15.03
N GLU A 1160 46.81 -33.12 15.56
CA GLU A 1160 47.68 -33.69 16.58
C GLU A 1160 46.87 -34.05 17.82
N SER A 1161 45.93 -33.18 18.18
CA SER A 1161 45.13 -33.28 19.39
C SER A 1161 43.85 -32.48 19.16
N GLU A 1162 42.88 -32.65 20.06
CA GLU A 1162 41.63 -31.91 19.96
C GLU A 1162 41.65 -30.51 20.54
N GLN A 1163 42.83 -29.95 20.82
CA GLN A 1163 42.88 -28.58 21.35
C GLN A 1163 42.82 -27.62 20.17
N GLU A 1164 43.53 -27.94 19.10
CA GLU A 1164 43.02 -27.76 17.76
C GLU A 1164 41.85 -28.71 17.60
N LEU A 1165 40.66 -28.13 17.45
CA LEU A 1165 39.48 -28.89 17.08
C LEU A 1165 39.72 -29.48 15.70
N ASP A 1166 39.92 -30.79 15.66
CA ASP A 1166 40.42 -31.44 14.46
C ASP A 1166 39.64 -31.08 13.21
N THR A 1167 40.41 -30.62 12.22
CA THR A 1167 39.88 -30.15 10.96
C THR A 1167 39.11 -31.23 10.23
N LYS A 1168 39.39 -32.50 10.54
CA LYS A 1168 38.67 -33.57 9.86
C LYS A 1168 37.18 -33.56 10.18
N ASP A 1169 36.79 -33.26 11.42
CA ASP A 1169 35.36 -33.15 11.70
C ASP A 1169 34.71 -32.03 10.89
N LEU A 1170 35.33 -30.86 10.87
CA LEU A 1170 34.77 -29.73 10.12
C LEU A 1170 34.74 -30.06 8.64
N VAL A 1171 35.78 -30.74 8.14
CA VAL A 1171 35.83 -31.13 6.74
C VAL A 1171 34.72 -32.13 6.44
N LYS A 1172 34.49 -33.06 7.35
CA LYS A 1172 33.40 -34.00 7.17
C LYS A 1172 32.10 -33.22 7.01
N LEU A 1173 31.92 -32.21 7.86
CA LEU A 1173 30.73 -31.38 7.78
C LEU A 1173 30.68 -30.63 6.45
N LEU A 1174 31.82 -30.13 6.00
CA LEU A 1174 31.90 -29.39 4.74
C LEU A 1174 31.57 -30.28 3.56
N GLN A 1175 32.14 -31.49 3.53
CA GLN A 1175 31.85 -32.40 2.44
C GLN A 1175 30.42 -32.89 2.53
N ARG A 1176 29.81 -32.76 3.71
CA ARG A 1176 28.47 -33.25 3.90
C ARG A 1176 27.56 -32.58 2.89
N ASN A 1177 26.74 -33.38 2.23
CA ASN A 1177 25.93 -32.85 1.15
C ASN A 1177 25.00 -31.78 1.70
N SER A 1178 24.78 -30.73 0.90
CA SER A 1178 23.90 -29.67 1.37
C SER A 1178 22.57 -30.33 1.67
N LYS A 1179 22.16 -31.25 0.79
CA LYS A 1179 20.93 -31.99 0.99
C LYS A 1179 20.92 -32.59 2.40
N PHE A 1180 22.08 -33.11 2.83
CA PHE A 1180 22.14 -33.79 4.12
C PHE A 1180 22.34 -32.80 5.27
N LEU A 1181 22.64 -31.54 4.94
CA LEU A 1181 22.87 -30.52 5.96
C LEU A 1181 21.60 -30.17 6.75
N ASN A 1182 21.82 -29.67 7.98
CA ASN A 1182 20.75 -29.29 8.89
C ASN A 1182 21.28 -28.20 9.81
N GLU A 1183 20.36 -27.52 10.50
CA GLU A 1183 20.72 -26.40 11.36
C GLU A 1183 21.76 -26.79 12.43
N ASP A 1184 21.71 -28.02 12.92
CA ASP A 1184 22.67 -28.46 13.92
C ASP A 1184 24.08 -28.49 13.33
N ASP A 1185 24.19 -29.02 12.12
CA ASP A 1185 25.48 -29.07 11.45
C ASP A 1185 26.00 -27.67 11.15
N LEU A 1186 25.10 -26.76 10.79
CA LEU A 1186 25.50 -25.37 10.57
C LEU A 1186 26.08 -24.77 11.85
N ASN A 1187 25.41 -25.03 12.97
CA ASN A 1187 25.91 -24.56 14.26
C ASN A 1187 27.27 -25.17 14.57
N ARG A 1188 27.44 -26.46 14.29
CA ARG A 1188 28.71 -27.13 14.57
C ARG A 1188 29.84 -26.51 13.75
N ILE A 1189 29.57 -26.23 12.47
CA ILE A 1189 30.59 -25.63 11.62
C ILE A 1189 30.95 -24.24 12.15
N THR A 1190 29.93 -23.47 12.54
CA THR A 1190 30.17 -22.16 13.11
C THR A 1190 30.99 -22.25 14.38
N LYS A 1191 30.70 -23.26 15.21
CA LYS A 1191 31.48 -23.47 16.41
C LYS A 1191 32.94 -23.73 16.05
N HIS A 1192 33.16 -24.53 15.02
CA HIS A 1192 34.53 -24.81 14.60
C HIS A 1192 35.23 -23.51 14.22
N PHE A 1193 34.53 -22.64 13.49
CA PHE A 1193 35.15 -21.37 13.11
C PHE A 1193 35.43 -20.51 14.32
N GLN A 1194 34.52 -20.51 15.29
CA GLN A 1194 34.73 -19.80 16.54
C GLN A 1194 35.97 -20.29 17.25
N SER A 1195 36.17 -21.60 17.32
CA SER A 1195 37.36 -22.13 17.97
C SER A 1195 38.59 -21.66 17.23
N ARG A 1196 38.52 -21.65 15.90
CA ARG A 1196 39.68 -21.20 15.13
C ARG A 1196 39.98 -19.74 15.37
N ILE A 1197 38.97 -18.89 15.49
CA ILE A 1197 39.24 -17.47 15.72
C ILE A 1197 39.85 -17.27 17.11
N GLY A 1198 39.33 -17.99 18.11
CA GLY A 1198 39.98 -17.95 19.41
C GLY A 1198 41.44 -18.40 19.33
N LYS A 1199 41.69 -19.46 18.56
CA LYS A 1199 43.05 -19.93 18.34
C LYS A 1199 43.88 -18.86 17.64
N ALA A 1200 43.26 -18.10 16.74
CA ALA A 1200 43.97 -17.02 16.05
C ALA A 1200 44.42 -15.96 17.04
N LYS A 1201 43.53 -15.54 17.93
CA LYS A 1201 43.92 -14.54 18.92
C LYS A 1201 45.03 -15.06 19.82
N GLU A 1202 44.91 -16.31 20.29
CA GLU A 1202 45.97 -16.85 21.14
C GLU A 1202 47.29 -16.86 20.38
N LEU A 1203 47.26 -17.21 19.10
CA LEU A 1203 48.47 -17.21 18.30
C LEU A 1203 49.03 -15.80 18.22
N ILE A 1204 48.16 -14.80 18.09
CA ILE A 1204 48.62 -13.42 18.12
C ILE A 1204 49.42 -13.19 19.40
N GLN A 1205 48.88 -13.62 20.54
CA GLN A 1205 49.60 -13.39 21.79
C GLN A 1205 50.92 -14.14 21.81
N LEU A 1206 50.98 -15.37 21.29
CA LEU A 1206 52.21 -16.14 21.42
C LEU A 1206 53.25 -15.59 20.46
N ARG A 1207 52.80 -15.11 19.31
CA ARG A 1207 53.69 -14.54 18.31
C ARG A 1207 53.80 -13.04 18.59
N ASN A 1208 54.66 -12.72 19.55
CA ASN A 1208 54.84 -11.34 19.99
C ASN A 1208 55.64 -10.52 18.98
N GLU A 1209 55.96 -11.14 17.85
CA GLU A 1209 56.72 -10.59 16.74
C GLU A 1209 55.95 -9.41 16.18
N GLY A 1210 54.68 -9.28 16.60
CA GLY A 1210 53.81 -8.21 16.14
C GLY A 1210 53.29 -8.34 14.73
N SER A 1211 53.22 -9.57 14.20
CA SER A 1211 52.71 -9.76 12.86
C SER A 1211 51.21 -9.52 12.93
N THR A 1212 50.66 -8.90 11.89
CA THR A 1212 49.25 -8.57 11.90
C THR A 1212 48.35 -9.79 11.93
N LEU A 1213 47.14 -9.57 12.47
CA LEU A 1213 46.16 -10.64 12.61
C LEU A 1213 45.87 -11.26 11.26
N HIS A 1214 46.07 -10.48 10.19
CA HIS A 1214 45.78 -11.00 8.86
C HIS A 1214 46.71 -12.16 8.55
N GLN A 1215 47.99 -12.03 8.89
CA GLN A 1215 48.92 -13.13 8.64
C GLN A 1215 48.55 -14.36 9.45
N VAL A 1216 48.19 -14.19 10.72
CA VAL A 1216 47.89 -15.34 11.56
C VAL A 1216 46.63 -16.03 11.04
N LEU A 1217 45.67 -15.24 10.60
CA LEU A 1217 44.47 -15.80 9.98
C LEU A 1217 44.84 -16.54 8.70
N LYS A 1218 45.62 -15.92 7.81
CA LYS A 1218 45.97 -16.56 6.56
C LYS A 1218 46.71 -17.88 6.81
N GLU A 1219 47.33 -18.02 7.97
CA GLU A 1219 47.98 -19.30 8.27
C GLU A 1219 46.98 -20.30 8.85
N VAL A 1220 46.13 -19.86 9.78
CA VAL A 1220 45.25 -20.80 10.44
C VAL A 1220 44.23 -21.36 9.47
N LEU A 1221 43.70 -20.54 8.56
CA LEU A 1221 42.63 -20.96 7.67
C LEU A 1221 43.10 -21.47 6.32
N ASP A 1222 44.40 -21.60 6.07
CA ASP A 1222 44.82 -22.05 4.74
C ASP A 1222 44.55 -23.54 4.65
N TYR A 1223 43.55 -23.89 3.83
CA TYR A 1223 43.06 -25.27 3.81
C TYR A 1223 44.01 -26.24 3.14
N ARG A 1224 44.87 -25.76 2.23
CA ARG A 1224 45.79 -26.67 1.56
C ARG A 1224 46.68 -27.42 2.55
N LYS A 1225 46.94 -26.83 3.72
CA LYS A 1225 47.76 -27.54 4.72
C LYS A 1225 46.96 -28.60 5.46
N TRP A 1226 45.64 -28.50 5.44
CA TRP A 1226 44.80 -29.44 6.18
C TRP A 1226 44.70 -30.79 5.50
N PHE A 1227 44.80 -30.84 4.18
CA PHE A 1227 44.63 -32.08 3.43
C PHE A 1227 45.99 -32.57 2.95
N THR A 1228 46.07 -33.85 2.61
CA THR A 1228 47.28 -34.42 2.05
C THR A 1228 46.97 -35.36 0.89
N PHE A 1229 47.94 -35.45 -0.01
CA PHE A 1229 47.91 -36.33 -1.17
C PHE A 1229 48.51 -37.69 -0.85
N VAL A 1230 48.06 -38.68 -1.60
CA VAL A 1230 48.55 -40.04 -1.53
C VAL A 1230 48.54 -40.58 -2.94
N LEU A 1231 49.73 -40.76 -3.50
CA LEU A 1231 49.84 -41.31 -4.84
C LEU A 1231 49.76 -42.81 -4.76
N SER A 1232 49.17 -43.43 -5.79
CA SER A 1232 48.97 -44.86 -5.74
C SER A 1232 49.13 -45.48 -7.12
N PHE A 1233 49.71 -46.67 -7.14
CA PHE A 1233 49.90 -47.40 -8.38
C PHE A 1233 49.41 -48.84 -8.20
N LYS A 1234 48.93 -49.42 -9.29
CA LYS A 1234 48.34 -50.76 -9.23
C LYS A 1234 48.86 -51.50 -10.45
N ARG A 1235 49.95 -52.24 -10.27
CA ARG A 1235 50.53 -53.07 -11.31
C ARG A 1235 49.53 -54.13 -11.74
N VAL A 1236 49.81 -54.77 -12.89
CA VAL A 1236 48.84 -55.70 -13.47
C VAL A 1236 48.60 -56.78 -12.43
N ASN A 1237 47.34 -56.99 -12.07
CA ASN A 1237 47.01 -58.11 -11.19
C ASN A 1237 47.88 -58.03 -9.93
N GLU A 1238 47.98 -56.83 -9.38
CA GLU A 1238 48.71 -56.60 -8.14
C GLU A 1238 47.95 -55.58 -7.33
N PRO A 1239 48.13 -55.54 -6.01
CA PRO A 1239 47.28 -54.65 -5.22
C PRO A 1239 47.59 -53.19 -5.44
N LYS A 1240 46.57 -52.36 -5.30
CA LYS A 1240 46.74 -50.91 -5.36
C LYS A 1240 47.59 -50.54 -4.15
N ARG A 1241 48.47 -49.55 -4.27
CA ARG A 1241 49.31 -49.20 -3.13
C ARG A 1241 49.45 -47.70 -2.95
N GLU A 1242 49.71 -47.28 -1.71
CA GLU A 1242 49.98 -45.88 -1.39
C GLU A 1242 51.46 -45.59 -1.60
N LEU A 1243 51.81 -44.40 -2.11
CA LEU A 1243 53.20 -44.16 -2.47
C LEU A 1243 53.98 -43.46 -1.35
N THR A 1244 54.46 -44.26 -0.42
CA THR A 1244 55.39 -43.87 0.63
C THR A 1244 56.78 -44.02 0.02
N ASN A 1245 57.81 -43.45 0.66
CA ASN A 1245 59.15 -43.64 0.11
C ASN A 1245 59.36 -45.13 -0.13
N ASN A 1246 59.05 -45.95 0.87
CA ASN A 1246 59.27 -47.38 0.76
C ASN A 1246 58.52 -47.91 -0.46
N ALA A 1247 57.25 -47.50 -0.60
CA ALA A 1247 56.46 -47.91 -1.76
C ALA A 1247 57.17 -47.45 -3.02
N PHE A 1248 57.81 -46.29 -2.98
CA PHE A 1248 58.49 -45.80 -4.17
C PHE A 1248 59.57 -46.80 -4.51
N PHE A 1249 60.24 -47.30 -3.48
CA PHE A 1249 61.32 -48.26 -3.64
C PHE A 1249 60.80 -49.58 -4.19
N LYS A 1250 59.52 -49.91 -3.94
CA LYS A 1250 59.04 -51.16 -4.53
C LYS A 1250 59.03 -51.08 -6.06
N PHE A 1251 59.09 -49.87 -6.62
CA PHE A 1251 59.07 -49.71 -8.07
C PHE A 1251 60.38 -50.22 -8.67
N SER A 1252 60.35 -50.56 -9.95
CA SER A 1252 61.61 -50.78 -10.63
C SER A 1252 62.19 -49.40 -10.94
N GLY A 1253 63.41 -49.34 -11.48
CA GLY A 1253 64.02 -48.04 -11.71
C GLY A 1253 63.22 -47.16 -12.66
N GLY A 1254 62.83 -47.72 -13.80
CA GLY A 1254 62.03 -46.97 -14.76
C GLY A 1254 60.69 -46.58 -14.17
N GLU A 1255 60.10 -47.49 -13.41
CA GLU A 1255 58.84 -47.26 -12.73
C GLU A 1255 59.01 -46.12 -11.74
N LYS A 1256 60.13 -46.07 -11.02
CA LYS A 1256 60.41 -44.97 -10.10
C LYS A 1256 60.40 -43.67 -10.88
N ALA A 1257 61.07 -43.67 -12.04
CA ALA A 1257 61.13 -42.44 -12.84
C ALA A 1257 59.72 -42.01 -13.24
N MET A 1258 58.89 -42.95 -13.70
CA MET A 1258 57.50 -42.60 -14.05
C MET A 1258 56.78 -42.04 -12.84
N ALA A 1259 56.91 -42.69 -11.70
CA ALA A 1259 56.15 -42.23 -10.54
C ALA A 1259 56.54 -40.81 -10.18
N MET A 1260 57.82 -40.47 -10.36
CA MET A 1260 58.27 -39.13 -9.99
C MET A 1260 57.85 -38.11 -11.04
N TYR A 1261 57.86 -38.51 -12.31
CA TYR A 1261 57.76 -37.56 -13.41
C TYR A 1261 56.38 -37.59 -14.08
N ILE A 1262 55.49 -38.43 -13.57
CA ILE A 1262 54.09 -38.44 -13.97
C ILE A 1262 53.27 -37.35 -13.29
N PRO A 1263 53.41 -37.10 -11.98
CA PRO A 1263 52.62 -36.04 -11.35
C PRO A 1263 52.78 -34.74 -12.08
N LEU A 1264 53.99 -34.44 -12.55
CA LEU A 1264 54.24 -33.21 -13.25
C LEU A 1264 53.42 -33.18 -14.54
N PHE A 1265 53.49 -34.24 -15.35
CA PHE A 1265 52.72 -34.24 -16.58
C PHE A 1265 51.23 -34.12 -16.30
N THR A 1266 50.73 -34.84 -15.31
CA THR A 1266 49.29 -34.76 -15.04
C THR A 1266 48.86 -33.40 -14.53
N ALA A 1267 49.73 -32.72 -13.77
CA ALA A 1267 49.37 -31.38 -13.35
C ALA A 1267 49.33 -30.43 -14.53
N ALA A 1268 50.38 -30.43 -15.34
CA ALA A 1268 50.41 -29.52 -16.49
C ALA A 1268 49.35 -29.87 -17.54
N TYR A 1269 48.92 -31.13 -17.60
CA TYR A 1269 47.88 -31.45 -18.57
C TYR A 1269 46.51 -31.09 -18.05
N SER A 1270 46.26 -31.27 -16.75
CA SER A 1270 44.97 -30.87 -16.24
C SER A 1270 44.89 -29.36 -16.31
N ARG A 1271 45.99 -28.69 -15.99
CA ARG A 1271 46.01 -27.23 -16.08
C ARG A 1271 45.64 -26.82 -17.49
N TYR A 1272 46.25 -27.42 -18.52
CA TYR A 1272 45.90 -26.93 -19.84
C TYR A 1272 44.43 -27.21 -20.11
N LYS A 1273 43.89 -28.32 -19.58
CA LYS A 1273 42.48 -28.60 -19.79
C LYS A 1273 41.62 -27.50 -19.19
N GLU A 1274 42.15 -26.85 -18.13
CA GLU A 1274 41.56 -25.64 -17.55
C GLU A 1274 41.61 -24.45 -18.49
N ALA A 1275 42.51 -24.49 -19.46
CA ALA A 1275 42.76 -23.34 -20.33
C ALA A 1275 41.68 -23.23 -21.39
N GLY A 1276 41.83 -22.21 -22.23
CA GLY A 1276 40.90 -21.97 -23.30
C GLY A 1276 41.11 -22.89 -24.48
N GLU A 1277 40.32 -22.64 -25.52
CA GLU A 1277 40.37 -23.49 -26.69
C GLU A 1277 41.52 -23.14 -27.62
N MET A 1278 42.23 -22.05 -27.35
CA MET A 1278 43.38 -21.68 -28.17
C MET A 1278 44.69 -22.30 -27.69
N ALA A 1279 44.72 -22.88 -26.50
CA ALA A 1279 46.02 -23.17 -25.88
C ALA A 1279 46.79 -24.33 -26.51
N PRO A 1280 48.07 -24.16 -26.81
CA PRO A 1280 48.95 -25.25 -27.23
C PRO A 1280 49.61 -25.93 -26.03
N TYR A 1281 49.45 -27.24 -25.90
CA TYR A 1281 49.95 -27.94 -24.72
C TYR A 1281 51.48 -27.98 -24.77
N ILE A 1282 52.10 -27.06 -24.02
CA ILE A 1282 53.54 -26.87 -24.01
C ILE A 1282 54.13 -27.54 -22.78
N ILE A 1283 55.32 -28.12 -22.93
CA ILE A 1283 56.13 -28.54 -21.79
C ILE A 1283 57.59 -28.27 -22.12
N SER A 1284 58.44 -28.28 -21.07
CA SER A 1284 59.88 -28.10 -21.19
C SER A 1284 60.62 -29.04 -20.25
N LEU A 1285 61.46 -29.92 -20.81
CA LEU A 1285 62.22 -30.89 -20.01
C LEU A 1285 63.67 -30.46 -20.01
N ASP A 1286 64.25 -30.34 -18.80
CA ASP A 1286 65.65 -29.95 -18.62
C ASP A 1286 66.61 -31.10 -18.29
N GLU A 1287 67.41 -31.52 -19.27
CA GLU A 1287 68.32 -32.68 -19.15
C GLU A 1287 67.69 -33.95 -18.56
N ALA A 1288 66.37 -34.05 -18.53
CA ALA A 1288 65.74 -35.14 -17.78
C ALA A 1288 66.36 -36.51 -18.09
N PHE A 1289 66.17 -37.43 -17.14
CA PHE A 1289 66.41 -38.86 -17.29
C PHE A 1289 67.85 -39.27 -17.64
N ALA A 1290 68.87 -38.45 -17.45
CA ALA A 1290 70.21 -38.99 -17.70
C ALA A 1290 70.42 -40.20 -16.81
N GLY A 1291 70.77 -41.34 -17.42
CA GLY A 1291 70.88 -42.57 -16.66
C GLY A 1291 69.86 -43.63 -16.98
N VAL A 1292 68.61 -43.24 -17.24
CA VAL A 1292 67.55 -44.16 -17.63
C VAL A 1292 67.83 -44.88 -18.95
N ASP A 1293 67.65 -46.18 -18.91
CA ASP A 1293 67.85 -47.10 -20.03
C ASP A 1293 66.99 -46.73 -21.24
N GLU A 1294 67.60 -46.78 -22.43
CA GLU A 1294 67.01 -46.22 -23.64
C GLU A 1294 65.55 -46.64 -23.81
N ASN A 1295 65.20 -47.84 -23.32
CA ASN A 1295 63.85 -48.35 -23.53
C ASN A 1295 62.88 -47.55 -22.71
N ASN A 1296 63.33 -47.09 -21.54
CA ASN A 1296 62.36 -46.52 -20.64
C ASN A 1296 62.22 -45.06 -21.00
N ILE A 1297 63.31 -44.34 -21.25
CA ILE A 1297 63.09 -42.98 -21.73
C ILE A 1297 62.19 -43.03 -22.96
N ARG A 1298 62.32 -44.12 -23.75
CA ARG A 1298 61.43 -44.35 -24.88
C ARG A 1298 59.99 -44.35 -24.40
N ASP A 1299 59.76 -45.06 -23.29
CA ASP A 1299 58.43 -45.18 -22.71
C ASP A 1299 57.95 -43.83 -22.20
N MET A 1300 58.86 -43.06 -21.63
CA MET A 1300 58.53 -41.72 -21.16
C MET A 1300 57.98 -40.91 -22.32
N PHE A 1301 58.68 -40.97 -23.46
CA PHE A 1301 58.19 -40.31 -24.66
C PHE A 1301 56.87 -40.90 -25.13
N GLU A 1302 56.69 -42.21 -24.94
CA GLU A 1302 55.41 -42.84 -25.24
C GLU A 1302 54.29 -42.19 -24.43
N VAL A 1303 54.56 -41.95 -23.15
CA VAL A 1303 53.57 -41.32 -22.27
C VAL A 1303 53.28 -39.92 -22.79
N VAL A 1304 54.34 -39.19 -23.11
CA VAL A 1304 54.19 -37.82 -23.59
C VAL A 1304 53.36 -37.82 -24.87
N GLU A 1305 53.57 -38.85 -25.71
CA GLU A 1305 52.77 -39.02 -26.91
C GLU A 1305 51.31 -39.26 -26.56
N GLN A 1306 51.05 -40.12 -25.59
CA GLN A 1306 49.66 -40.44 -25.25
C GLN A 1306 48.94 -39.17 -24.81
N LEU A 1307 49.57 -38.40 -23.91
CA LEU A 1307 48.97 -37.16 -23.46
C LEU A 1307 48.82 -36.15 -24.60
N GLY A 1308 49.75 -36.16 -25.55
CA GLY A 1308 49.67 -35.28 -26.71
C GLY A 1308 50.40 -33.97 -26.48
N PHE A 1309 51.60 -34.01 -25.92
CA PHE A 1309 52.34 -32.80 -25.62
C PHE A 1309 53.17 -32.33 -26.82
N ASN A 1310 53.40 -31.03 -26.85
CA ASN A 1310 54.43 -30.37 -27.64
C ASN A 1310 55.50 -29.86 -26.68
N TYR A 1311 56.77 -30.09 -27.00
CA TYR A 1311 57.80 -29.88 -25.98
C TYR A 1311 59.09 -29.38 -26.59
N ILE A 1312 59.92 -28.78 -25.74
CA ILE A 1312 61.29 -28.40 -26.05
C ILE A 1312 62.21 -29.01 -25.00
N MET A 1313 63.01 -29.97 -25.43
CA MET A 1313 63.89 -30.72 -24.54
C MET A 1313 65.34 -30.52 -24.94
N ASN A 1314 66.22 -30.47 -23.95
CA ASN A 1314 67.64 -30.28 -24.17
C ASN A 1314 68.41 -31.36 -23.43
N SER A 1315 69.54 -31.77 -24.00
CA SER A 1315 70.32 -32.85 -23.42
C SER A 1315 71.75 -32.81 -23.97
N GLN A 1316 72.66 -33.50 -23.30
CA GLN A 1316 74.03 -33.54 -23.78
C GLN A 1316 74.26 -34.73 -24.71
N ALA A 1317 73.50 -35.82 -24.54
CA ALA A 1317 73.78 -37.02 -25.32
C ALA A 1317 72.51 -37.59 -25.97
N LEU A 1318 71.34 -37.19 -25.49
CA LEU A 1318 70.06 -37.64 -26.03
C LEU A 1318 69.92 -37.21 -27.48
N TRP A 1319 69.52 -38.17 -28.33
CA TRP A 1319 69.36 -37.90 -29.74
C TRP A 1319 67.90 -37.95 -30.20
N GLY A 1320 66.98 -38.47 -29.39
CA GLY A 1320 65.59 -38.49 -29.77
C GLY A 1320 65.24 -39.31 -31.00
N ASP A 1321 65.83 -40.51 -31.11
CA ASP A 1321 65.52 -41.44 -32.19
C ASP A 1321 64.69 -42.62 -31.70
N TYR A 1322 63.77 -42.37 -30.76
CA TYR A 1322 62.92 -43.41 -30.20
C TYR A 1322 61.60 -43.49 -30.98
N ASP A 1323 61.18 -44.73 -31.24
CA ASP A 1323 60.06 -44.99 -32.14
C ASP A 1323 58.74 -44.46 -31.60
N THR A 1324 58.67 -44.09 -30.32
CA THR A 1324 57.40 -43.54 -29.84
C THR A 1324 57.23 -42.09 -30.23
N ILE A 1325 58.30 -41.44 -30.67
CA ILE A 1325 58.25 -40.05 -31.09
C ILE A 1325 57.80 -40.07 -32.54
N SER A 1326 56.56 -39.65 -32.82
CA SER A 1326 56.07 -39.70 -34.18
C SER A 1326 56.95 -38.89 -35.12
N SER A 1327 57.28 -37.66 -34.75
CA SER A 1327 58.16 -36.81 -35.54
C SER A 1327 58.79 -35.82 -34.57
N LEU A 1328 60.01 -35.38 -34.88
CA LEU A 1328 60.72 -34.52 -33.96
C LEU A 1328 61.86 -33.82 -34.69
N SER A 1329 62.20 -32.65 -34.19
CA SER A 1329 63.31 -31.86 -34.72
C SER A 1329 64.37 -31.76 -33.64
N ILE A 1330 65.60 -32.10 -33.99
CA ILE A 1330 66.72 -32.07 -33.06
C ILE A 1330 67.69 -31.01 -33.55
N CYS A 1331 68.06 -30.09 -32.66
CA CYS A 1331 69.06 -29.07 -32.94
C CYS A 1331 70.27 -29.22 -32.04
N GLU A 1332 71.44 -29.10 -32.66
CA GLU A 1332 72.72 -29.21 -32.00
C GLU A 1332 73.42 -27.86 -31.95
N LEU A 1333 73.76 -27.42 -30.75
CA LEU A 1333 74.42 -26.15 -30.52
C LEU A 1333 75.91 -26.42 -30.52
N VAL A 1334 76.67 -25.44 -31.00
CA VAL A 1334 78.12 -25.52 -31.17
C VAL A 1334 78.68 -24.12 -30.95
N ARG A 1335 79.57 -23.96 -29.97
CA ARG A 1335 80.36 -22.72 -29.85
C ARG A 1335 81.72 -23.00 -29.20
N PRO A 1336 82.40 -24.02 -29.70
CA PRO A 1336 83.43 -24.68 -28.89
C PRO A 1336 84.54 -23.71 -28.52
N LYS A 1337 85.47 -24.20 -27.71
CA LYS A 1337 86.72 -23.54 -27.35
C LYS A 1337 86.65 -22.06 -26.95
N ASN A 1338 85.52 -21.55 -26.44
CA ASN A 1338 85.34 -20.10 -26.26
C ASN A 1338 84.96 -19.32 -27.52
N ALA A 1339 84.95 -19.94 -28.70
CA ALA A 1339 84.59 -19.24 -29.93
C ALA A 1339 83.33 -18.40 -29.69
N ASP A 1340 83.27 -17.23 -30.31
CA ASP A 1340 82.20 -16.27 -30.01
C ASP A 1340 80.93 -16.39 -30.86
N PHE A 1341 80.77 -17.42 -31.69
CA PHE A 1341 79.58 -17.53 -32.54
C PHE A 1341 78.98 -18.91 -32.33
N VAL A 1342 77.65 -18.97 -32.19
CA VAL A 1342 76.97 -20.26 -32.03
C VAL A 1342 76.49 -20.79 -33.38
N THR A 1343 76.86 -22.03 -33.67
CA THR A 1343 76.54 -22.77 -34.88
C THR A 1343 75.45 -23.81 -34.63
N VAL A 1344 74.35 -23.72 -35.37
CA VAL A 1344 73.18 -24.58 -35.17
C VAL A 1344 73.15 -25.61 -36.30
N ILE A 1345 73.16 -26.89 -35.93
CA ILE A 1345 73.13 -28.00 -36.88
C ILE A 1345 71.81 -28.76 -36.74
N ARG A 1346 70.89 -28.49 -37.66
CA ARG A 1346 69.50 -28.91 -37.54
C ARG A 1346 69.25 -30.27 -38.17
N TYR A 1347 68.76 -31.21 -37.37
CA TYR A 1347 68.39 -32.54 -37.80
C TYR A 1347 66.87 -32.64 -37.89
N GLN A 1348 66.37 -33.86 -38.13
CA GLN A 1348 64.94 -34.13 -38.18
C GLN A 1348 64.70 -35.59 -37.81
N TRP A 1349 63.48 -35.92 -37.40
CA TRP A 1349 63.10 -37.27 -37.01
C TRP A 1349 61.68 -37.54 -37.47
N ASP A 1350 61.38 -38.81 -37.76
CA ASP A 1350 60.06 -39.23 -38.23
C ASP A 1350 59.57 -40.52 -37.60
N GLY A 1351 60.20 -40.97 -36.53
CA GLY A 1351 59.84 -42.20 -35.84
C GLY A 1351 60.74 -43.37 -36.13
N LYS A 1352 61.50 -43.33 -37.22
CA LYS A 1352 62.36 -44.43 -37.61
C LYS A 1352 63.79 -43.99 -37.89
N GLN A 1353 64.00 -42.84 -38.52
CA GLN A 1353 65.31 -42.41 -38.95
C GLN A 1353 65.47 -40.90 -38.73
N ARG A 1354 66.71 -40.49 -38.58
CA ARG A 1354 67.09 -39.12 -38.27
C ARG A 1354 68.01 -38.61 -39.38
N THR A 1355 67.48 -37.85 -40.34
CA THR A 1355 68.37 -37.38 -41.39
C THR A 1355 69.10 -36.13 -40.94
N PHE A 1356 70.04 -35.69 -41.78
CA PHE A 1356 70.69 -34.39 -41.67
C PHE A 1356 69.84 -33.38 -42.43
N VAL A 1357 69.25 -32.43 -41.71
CA VAL A 1357 68.37 -31.45 -42.35
C VAL A 1357 69.15 -30.21 -42.72
N VAL A 1358 68.99 -29.80 -43.97
CA VAL A 1358 69.24 -28.43 -44.40
C VAL A 1358 67.86 -27.79 -44.52
N ASP A 1359 67.50 -26.99 -43.51
CA ASP A 1359 66.14 -26.50 -43.37
C ASP A 1359 65.63 -25.94 -44.70
N ASP A 1360 64.43 -26.36 -45.09
CA ASP A 1360 63.97 -26.14 -46.45
C ASP A 1360 63.81 -24.65 -46.77
N GLU A 1361 62.94 -23.97 -46.01
CA GLU A 1361 62.65 -22.58 -46.31
C GLU A 1361 63.90 -21.71 -46.26
N HIS A 1362 64.75 -21.93 -45.26
CA HIS A 1362 65.93 -21.09 -45.13
C HIS A 1362 67.00 -21.47 -46.15
N VAL A 1363 67.02 -22.72 -46.60
CA VAL A 1363 67.90 -23.09 -47.71
C VAL A 1363 67.48 -22.35 -48.98
N GLU A 1364 66.17 -22.34 -49.25
CA GLU A 1364 65.69 -21.57 -50.40
C GLU A 1364 65.97 -20.08 -50.22
N GLU A 1365 65.86 -19.56 -48.99
CA GLU A 1365 66.17 -18.16 -48.74
C GLU A 1365 67.63 -17.86 -49.03
N LEU A 1366 68.53 -18.75 -48.61
CA LEU A 1366 69.94 -18.60 -48.95
C LEU A 1366 70.16 -18.65 -50.45
N VAL A 1367 69.42 -19.51 -51.14
CA VAL A 1367 69.55 -19.62 -52.59
C VAL A 1367 69.12 -18.32 -53.27
N THR A 1368 68.04 -17.71 -52.78
CA THR A 1368 67.46 -16.58 -53.50
C THR A 1368 68.16 -15.26 -53.16
N HIS A 1369 68.27 -14.94 -51.87
CA HIS A 1369 68.79 -13.65 -51.43
C HIS A 1369 70.28 -13.57 -51.73
N ASP A 1370 70.67 -12.61 -52.56
CA ASP A 1370 72.07 -12.36 -52.87
C ASP A 1370 72.22 -11.08 -53.69
N MET B 1 116.27 -40.03 -0.64
CA MET B 1 116.12 -41.45 -0.35
C MET B 1 114.66 -41.88 -0.39
N MET B 2 114.43 -43.18 -0.29
CA MET B 2 113.06 -43.69 -0.36
C MET B 2 112.65 -44.23 1.01
N THR B 3 111.45 -43.82 1.44
CA THR B 3 110.93 -44.13 2.76
C THR B 3 110.87 -45.63 3.01
N GLU B 4 110.82 -46.06 4.27
CA GLU B 4 110.70 -47.48 4.55
C GLU B 4 109.49 -47.98 3.79
N ALA B 5 109.54 -49.20 3.28
CA ALA B 5 109.08 -49.40 1.91
C ALA B 5 107.62 -48.99 1.79
N LYS B 6 107.36 -48.04 0.89
CA LYS B 6 106.01 -47.55 0.71
C LYS B 6 105.11 -48.66 0.18
N TRP B 7 103.91 -48.66 0.72
CA TRP B 7 102.81 -49.56 0.38
C TRP B 7 102.10 -49.21 -0.91
N VAL B 8 101.60 -50.23 -1.59
CA VAL B 8 100.76 -50.01 -2.75
C VAL B 8 99.61 -51.00 -2.57
N MET B 9 98.44 -50.66 -3.08
CA MET B 9 97.25 -51.50 -2.97
C MET B 9 96.92 -52.23 -4.26
N ASN B 10 96.97 -53.56 -4.26
CA ASN B 10 96.26 -54.25 -5.35
C ASN B 10 95.47 -55.46 -4.81
N ARG B 11 94.35 -55.15 -4.14
CA ARG B 11 93.09 -55.91 -4.12
C ARG B 11 92.18 -55.29 -3.07
N ALA B 12 90.88 -55.54 -3.23
CA ALA B 12 89.85 -55.07 -2.31
C ALA B 12 88.58 -55.89 -2.46
N GLY B 13 88.22 -56.68 -1.44
CA GLY B 13 87.14 -57.63 -1.59
C GLY B 13 86.15 -57.48 -0.45
N LEU B 14 84.88 -57.68 -0.77
CA LEU B 14 83.77 -57.65 0.18
C LEU B 14 83.03 -58.97 0.30
N LEU B 15 82.49 -59.22 1.47
CA LEU B 15 81.71 -60.41 1.78
C LEU B 15 80.47 -59.95 2.53
N ASN B 16 79.30 -60.26 1.98
CA ASN B 16 78.03 -59.90 2.60
C ASN B 16 77.95 -58.40 2.98
N PHE B 17 78.43 -57.54 2.09
CA PHE B 17 78.54 -56.10 2.38
C PHE B 17 77.71 -55.35 1.34
N TRP B 18 76.97 -54.34 1.79
CA TRP B 18 76.11 -53.54 0.93
C TRP B 18 75.29 -54.48 0.04
N TYR B 19 75.38 -54.37 -1.29
CA TYR B 19 74.64 -55.26 -2.19
C TYR B 19 75.53 -56.34 -2.82
N TYR B 20 76.76 -56.52 -2.31
CA TYR B 20 77.65 -57.59 -2.74
C TYR B 20 77.48 -58.78 -1.79
N ASP B 21 77.22 -59.97 -2.34
CA ASP B 21 77.23 -61.17 -1.52
C ASP B 21 78.64 -61.71 -1.34
N ASP B 22 79.45 -61.68 -2.40
CA ASP B 22 80.88 -61.97 -2.27
C ASP B 22 81.53 -61.45 -3.56
N GLU B 23 82.40 -60.46 -3.42
CA GLU B 23 83.02 -59.83 -4.57
C GLU B 23 84.47 -59.45 -4.27
N ILE B 24 85.34 -59.40 -5.28
CA ILE B 24 86.72 -58.98 -5.06
C ILE B 24 87.17 -58.19 -6.28
N PHE B 25 87.66 -56.97 -6.04
CA PHE B 25 88.15 -55.93 -6.93
C PHE B 25 89.66 -55.72 -6.90
N PRO B 26 90.36 -55.79 -8.05
CA PRO B 26 91.80 -55.55 -8.01
C PRO B 26 92.09 -54.09 -8.31
N PHE B 27 93.27 -53.64 -7.90
CA PHE B 27 93.80 -52.30 -8.14
C PHE B 27 95.05 -52.43 -9.00
N SER B 28 95.35 -51.41 -9.80
CA SER B 28 96.64 -51.31 -10.49
C SER B 28 97.55 -50.27 -9.87
N ASP B 29 98.63 -50.73 -9.22
CA ASP B 29 99.57 -49.86 -8.50
C ASP B 29 98.86 -48.94 -7.52
N GLY B 30 97.97 -49.52 -6.72
CA GLY B 30 97.27 -48.77 -5.70
C GLY B 30 96.46 -47.61 -6.23
N LYS B 31 95.79 -47.80 -7.36
CA LYS B 31 94.92 -46.80 -7.96
C LYS B 31 93.67 -47.54 -8.41
N LEU B 32 92.60 -46.80 -8.66
CA LEU B 32 91.32 -47.41 -8.95
C LEU B 32 90.38 -46.34 -9.45
N LEU B 33 89.28 -46.76 -10.04
CA LEU B 33 88.30 -45.84 -10.59
C LEU B 33 86.98 -46.58 -10.77
N LEU B 34 86.02 -46.23 -9.92
CA LEU B 34 84.70 -46.83 -9.90
C LEU B 34 83.79 -45.93 -10.71
N ARG B 35 83.17 -46.51 -11.74
CA ARG B 35 82.29 -45.74 -12.61
C ARG B 35 80.96 -46.46 -12.73
N GLY B 36 79.90 -45.66 -12.89
CA GLY B 36 78.56 -46.18 -13.04
C GLY B 36 77.57 -45.04 -13.00
N THR B 37 76.34 -45.27 -13.45
CA THR B 37 75.36 -44.21 -13.47
C THR B 37 74.92 -43.88 -12.04
N ASN B 38 74.03 -42.90 -11.92
CA ASN B 38 73.57 -42.50 -10.60
C ASN B 38 72.94 -43.68 -9.86
N GLY B 39 73.26 -43.81 -8.58
CA GLY B 39 72.77 -44.90 -7.76
C GLY B 39 73.42 -46.24 -8.04
N SER B 40 74.57 -46.25 -8.70
CA SER B 40 75.29 -47.47 -9.00
C SER B 40 76.18 -47.93 -7.86
N GLY B 41 76.24 -47.16 -6.78
CA GLY B 41 77.07 -47.50 -5.65
C GLY B 41 78.51 -47.10 -5.77
N LYS B 42 78.88 -46.41 -6.84
CA LYS B 42 80.26 -45.95 -6.99
C LYS B 42 80.66 -45.09 -5.80
N SER B 43 79.85 -44.07 -5.51
CA SER B 43 80.15 -43.18 -4.40
C SER B 43 80.12 -43.92 -3.07
N VAL B 44 79.15 -44.81 -2.88
CA VAL B 44 79.06 -45.56 -1.63
C VAL B 44 80.32 -46.39 -1.42
N THR B 45 80.73 -47.12 -2.46
CA THR B 45 81.90 -47.97 -2.38
C THR B 45 83.15 -47.14 -2.11
N MET B 46 83.31 -46.04 -2.85
CA MET B 46 84.50 -45.22 -2.66
C MET B 46 84.55 -44.62 -1.26
N GLN B 47 83.43 -44.11 -0.77
CA GLN B 47 83.41 -43.55 0.58
C GLN B 47 83.76 -44.63 1.60
N SER B 48 83.20 -45.83 1.42
CA SER B 48 83.52 -46.94 2.31
C SER B 48 84.99 -47.32 2.24
N PHE B 49 85.65 -47.12 1.10
CA PHE B 49 87.05 -47.53 0.99
C PHE B 49 88.01 -46.49 1.55
N LEU B 50 87.67 -45.20 1.45
CA LEU B 50 88.56 -44.20 2.02
C LEU B 50 87.78 -43.02 2.59
N PRO B 51 88.18 -42.51 3.76
CA PRO B 51 89.32 -42.92 4.60
C PRO B 51 88.90 -44.00 5.59
N VAL B 52 87.69 -44.53 5.41
CA VAL B 52 87.08 -45.40 6.42
C VAL B 52 87.98 -46.60 6.71
N LEU B 53 88.48 -47.27 5.67
CA LEU B 53 89.28 -48.47 5.83
C LEU B 53 90.74 -48.20 6.15
N LEU B 54 91.15 -46.93 6.20
CA LEU B 54 92.50 -46.60 6.60
C LEU B 54 92.67 -46.77 8.11
N ASP B 55 91.65 -46.41 8.87
CA ASP B 55 91.67 -46.53 10.33
C ASP B 55 90.55 -47.45 10.84
N GLY B 56 89.37 -47.36 10.26
CA GLY B 56 88.22 -48.13 10.69
C GLY B 56 87.09 -47.37 11.35
N LYS B 57 87.17 -46.05 11.45
CA LYS B 57 86.08 -45.30 12.04
C LYS B 57 85.02 -45.22 10.95
N LYS B 58 83.93 -45.95 11.11
CA LYS B 58 82.94 -46.03 10.06
C LYS B 58 81.79 -45.08 10.28
N SER B 59 81.91 -44.23 11.28
CA SER B 59 80.84 -43.33 11.67
C SER B 59 80.56 -42.36 10.52
N PRO B 60 79.36 -41.80 10.47
CA PRO B 60 78.98 -40.96 9.31
C PRO B 60 79.93 -39.79 9.08
N ASP B 61 80.58 -39.29 10.13
CA ASP B 61 81.49 -38.16 9.94
C ASP B 61 82.60 -38.50 8.96
N ARG B 62 82.99 -39.77 8.87
CA ARG B 62 84.03 -40.15 7.93
C ARG B 62 83.48 -40.30 6.51
N LEU B 63 82.18 -40.47 6.37
CA LEU B 63 81.60 -40.65 5.04
C LEU B 63 81.27 -39.30 4.42
N ASP B 64 80.56 -38.44 5.15
CA ASP B 64 80.18 -37.13 4.67
C ASP B 64 81.43 -36.30 4.38
N PRO B 65 81.44 -35.54 3.29
CA PRO B 65 82.63 -34.74 2.94
C PRO B 65 83.10 -33.77 4.01
N PHE B 66 82.30 -33.52 5.04
CA PHE B 66 82.68 -32.64 6.15
C PHE B 66 82.64 -33.40 7.46
N GLY B 67 81.63 -34.25 7.65
CA GLY B 67 81.46 -34.95 8.90
C GLY B 67 80.03 -35.13 9.37
N SER B 68 79.07 -34.64 8.60
CA SER B 68 77.67 -34.75 9.00
C SER B 68 77.23 -36.21 9.16
N LYS B 69 76.05 -36.36 9.76
CA LYS B 69 75.34 -37.63 9.98
C LYS B 69 74.24 -37.89 8.96
N ALA B 70 74.30 -37.25 7.79
CA ALA B 70 73.31 -37.36 6.73
C ALA B 70 73.12 -38.79 6.24
N ARG B 71 74.20 -39.56 6.12
CA ARG B 71 74.20 -40.92 5.58
C ARG B 71 74.97 -41.74 6.60
N ARG B 72 74.57 -42.99 6.83
CA ARG B 72 75.13 -43.76 7.95
C ARG B 72 75.71 -45.10 7.54
N MET B 73 76.64 -45.58 8.37
CA MET B 73 77.37 -46.82 8.08
C MET B 73 76.45 -48.03 8.03
N GLU B 74 75.39 -48.01 8.83
CA GLU B 74 74.49 -49.15 8.94
C GLU B 74 73.89 -49.51 7.59
N ASP B 75 73.41 -48.50 6.87
CA ASP B 75 72.86 -48.78 5.55
C ASP B 75 73.94 -49.25 4.59
N TYR B 76 75.16 -48.72 4.70
CA TYR B 76 76.24 -49.18 3.83
C TYR B 76 76.54 -50.67 4.02
N LEU B 77 76.58 -51.14 5.27
CA LEU B 77 76.74 -52.57 5.54
C LEU B 77 75.55 -53.38 5.06
N LEU B 78 74.37 -52.96 5.50
CA LEU B 78 73.10 -53.65 5.31
C LEU B 78 72.59 -53.57 3.88
N GLY B 79 72.84 -52.46 3.22
CA GLY B 79 72.14 -51.99 2.05
C GLY B 79 71.03 -51.09 2.56
N GLU B 80 70.67 -50.10 1.76
CA GLU B 80 69.85 -49.02 2.29
C GLU B 80 68.61 -49.55 3.01
N LYS B 81 68.14 -48.76 3.96
CA LYS B 81 67.06 -49.19 4.84
C LYS B 81 65.79 -49.47 4.06
N GLU B 82 65.34 -48.50 3.27
CA GLU B 82 64.06 -48.62 2.61
C GLU B 82 64.10 -49.60 1.43
N VAL B 83 65.20 -49.64 0.69
CA VAL B 83 65.27 -50.45 -0.52
C VAL B 83 65.16 -51.94 -0.23
N VAL B 84 65.63 -52.39 0.94
CA VAL B 84 65.62 -53.82 1.23
C VAL B 84 65.14 -54.10 2.65
N ASP B 85 64.66 -55.34 2.84
CA ASP B 85 64.17 -55.75 4.15
C ASP B 85 65.28 -56.35 5.01
N ARG B 86 66.50 -56.47 4.47
CA ARG B 86 67.62 -57.08 5.17
C ARG B 86 68.00 -56.20 6.36
N ASP B 87 67.29 -56.35 7.48
CA ASP B 87 67.72 -55.78 8.75
C ASP B 87 68.89 -56.49 9.43
N GLU B 88 69.36 -57.64 8.96
CA GLU B 88 70.51 -58.25 9.59
C GLU B 88 71.39 -58.94 8.55
N ARG B 89 72.69 -58.98 8.83
CA ARG B 89 73.64 -59.59 7.92
C ARG B 89 74.97 -59.71 8.66
N THR B 90 75.88 -60.54 8.15
CA THR B 90 77.25 -60.62 8.66
C THR B 90 78.17 -60.57 7.46
N GLY B 91 79.15 -59.68 7.51
CA GLY B 91 80.02 -59.42 6.37
C GLY B 91 81.46 -59.19 6.75
N TYR B 92 82.30 -59.09 5.70
CA TYR B 92 83.72 -58.84 5.85
C TYR B 92 84.11 -57.86 4.76
N LEU B 93 85.12 -57.04 5.04
CA LEU B 93 85.77 -56.15 4.09
C LEU B 93 87.28 -56.21 4.21
N PHE B 94 87.98 -56.26 3.08
CA PHE B 94 89.43 -56.40 3.16
C PHE B 94 90.05 -55.77 1.93
N ILE B 95 91.15 -55.05 2.16
CA ILE B 95 92.01 -54.47 1.16
C ILE B 95 93.37 -55.15 1.27
N GLU B 96 94.10 -55.21 0.16
CA GLU B 96 95.39 -55.87 0.12
C GLU B 96 96.43 -54.85 -0.29
N TYR B 97 97.54 -54.87 0.42
CA TYR B 97 98.67 -53.98 0.20
C TYR B 97 99.89 -54.80 -0.20
N LYS B 98 100.65 -54.30 -1.16
CA LYS B 98 101.92 -54.89 -1.60
C LYS B 98 103.01 -53.84 -1.44
N LYS B 99 104.05 -54.19 -0.70
CA LYS B 99 105.19 -53.33 -0.46
C LYS B 99 106.04 -53.19 -1.71
N ALA B 100 106.38 -51.95 -2.06
CA ALA B 100 106.99 -51.65 -3.34
C ALA B 100 108.26 -52.48 -3.52
N GLY B 101 108.46 -53.02 -4.71
CA GLY B 101 109.67 -53.72 -5.03
C GLY B 101 109.88 -55.02 -4.29
N VAL B 102 108.85 -55.55 -3.65
CA VAL B 102 108.95 -56.80 -2.90
C VAL B 102 107.68 -57.61 -3.11
N GLU B 103 107.76 -58.89 -2.75
CA GLU B 103 106.62 -59.81 -2.83
C GLU B 103 105.92 -59.90 -1.47
N ARG B 104 105.99 -58.80 -0.73
CA ARG B 104 105.41 -58.67 0.60
C ARG B 104 104.06 -57.99 0.58
N TYR B 105 103.03 -58.70 1.02
CA TYR B 105 101.68 -58.18 1.07
C TYR B 105 101.23 -58.13 2.52
N ILE B 106 100.36 -57.16 2.80
CA ILE B 106 99.67 -57.04 4.07
C ILE B 106 98.24 -56.67 3.73
N THR B 107 97.30 -57.38 4.34
CA THR B 107 95.89 -57.20 4.09
C THR B 107 95.23 -56.75 5.38
N THR B 108 94.36 -55.76 5.26
CA THR B 108 93.62 -55.27 6.41
C THR B 108 92.15 -55.31 6.06
N GLY B 109 91.32 -55.60 7.04
CA GLY B 109 89.89 -55.72 6.76
C GLY B 109 89.08 -55.78 8.02
N ILE B 110 87.79 -55.47 7.87
CA ILE B 110 86.83 -55.42 8.94
C ILE B 110 85.95 -56.67 8.88
N GLY B 111 85.45 -57.11 10.03
CA GLY B 111 84.39 -58.10 10.13
C GLY B 111 83.14 -57.44 10.69
N MET B 112 81.96 -58.00 10.40
CA MET B 112 80.73 -57.29 10.76
C MET B 112 79.57 -58.22 11.05
N GLN B 113 78.67 -57.73 11.92
CA GLN B 113 77.33 -58.26 12.10
C GLN B 113 76.53 -57.11 12.72
N ALA B 114 75.33 -56.87 12.21
CA ALA B 114 74.57 -55.71 12.65
C ALA B 114 73.07 -55.94 12.54
N LYS B 115 72.32 -55.13 13.29
CA LYS B 115 70.86 -55.10 13.21
C LYS B 115 70.38 -53.66 13.08
N ARG B 116 69.49 -53.44 12.12
CA ARG B 116 68.99 -52.11 11.75
C ARG B 116 68.33 -51.38 12.93
N HIS B 117 68.65 -50.09 13.04
CA HIS B 117 68.19 -49.19 14.09
C HIS B 117 68.69 -49.59 15.48
N LYS B 118 69.67 -50.46 15.52
CA LYS B 118 70.18 -51.03 16.77
C LYS B 118 71.69 -51.11 16.74
N GLY B 119 72.38 -50.16 16.11
CA GLY B 119 73.81 -50.16 16.20
C GLY B 119 74.41 -51.17 15.23
N ILE B 120 75.67 -51.44 15.43
CA ILE B 120 76.45 -52.28 14.53
C ILE B 120 77.54 -52.90 15.36
N LYS B 121 77.96 -54.09 14.98
CA LYS B 121 79.09 -54.75 15.63
C LYS B 121 80.18 -55.03 14.62
N SER B 122 81.39 -55.07 15.14
CA SER B 122 82.58 -55.19 14.34
C SER B 122 83.72 -55.81 15.11
N TRP B 123 84.59 -56.47 14.37
CA TRP B 123 85.86 -56.92 14.89
C TRP B 123 86.78 -56.60 13.73
N TYR B 124 88.00 -56.19 14.03
CA TYR B 124 88.91 -55.75 13.00
C TYR B 124 90.15 -56.61 12.94
N PHE B 125 90.72 -56.77 11.76
CA PHE B 125 91.83 -57.70 11.60
C PHE B 125 92.82 -57.17 10.57
N VAL B 126 94.07 -57.64 10.71
CA VAL B 126 95.16 -57.35 9.78
C VAL B 126 95.97 -58.63 9.62
N ILE B 127 96.40 -58.93 8.40
CA ILE B 127 97.26 -60.06 8.07
C ILE B 127 98.61 -59.52 7.64
N THR B 128 99.69 -60.10 8.15
CA THR B 128 101.03 -59.64 7.81
C THR B 128 102.00 -60.76 7.45
N ASP B 129 101.64 -62.03 7.59
CA ASP B 129 102.52 -63.14 7.30
C ASP B 129 102.61 -63.46 5.79
N ASN B 130 102.16 -62.55 4.92
CA ASN B 130 102.20 -62.69 3.47
C ASN B 130 101.10 -63.59 2.92
N ARG B 131 100.21 -64.08 3.78
CA ARG B 131 99.01 -64.78 3.33
C ARG B 131 98.10 -63.80 2.59
N ARG B 132 97.26 -64.33 1.72
CA ARG B 132 96.38 -63.49 0.91
C ARG B 132 94.99 -64.11 0.98
N ILE B 133 93.97 -63.25 1.13
CA ILE B 133 92.59 -63.69 1.17
C ILE B 133 92.14 -64.16 -0.21
N GLY B 134 91.55 -65.34 -0.27
CA GLY B 134 91.12 -65.87 -1.55
C GLY B 134 92.14 -66.73 -2.24
N TYR B 135 93.36 -66.80 -1.70
CA TYR B 135 94.38 -67.66 -2.30
C TYR B 135 94.73 -68.81 -1.37
N ASP B 136 95.19 -68.49 -0.17
CA ASP B 136 95.58 -69.49 0.82
C ASP B 136 95.06 -69.17 2.21
N PHE B 137 94.15 -68.21 2.35
CA PHE B 137 93.48 -67.92 3.62
C PHE B 137 92.06 -67.50 3.32
N GLU B 138 91.17 -67.73 4.29
CA GLU B 138 89.76 -67.42 4.12
C GLU B 138 89.23 -66.81 5.40
N LEU B 139 88.12 -66.09 5.25
CA LEU B 139 87.43 -65.40 6.33
C LEU B 139 86.17 -66.13 6.77
N ALA B 140 85.78 -67.21 6.08
CA ALA B 140 84.48 -67.82 6.30
C ALA B 140 84.62 -69.34 6.30
N HIS B 141 83.57 -69.97 6.80
CA HIS B 141 83.41 -71.42 6.72
C HIS B 141 82.67 -71.79 5.45
N SER B 142 82.61 -73.10 5.17
CA SER B 142 81.88 -73.62 4.03
C SER B 142 80.77 -74.55 4.46
N GLN B 143 80.02 -74.01 5.42
CA GLN B 143 78.88 -74.54 6.16
C GLN B 143 77.60 -74.10 5.44
N LEU B 144 76.57 -74.92 5.56
CA LEU B 144 75.25 -74.58 5.02
C LEU B 144 75.37 -74.17 3.55
N GLY B 145 76.34 -74.78 2.88
CA GLY B 145 76.70 -74.58 1.47
C GLY B 145 77.24 -73.33 0.79
N ASP B 146 77.07 -72.15 1.38
CA ASP B 146 77.54 -70.97 0.67
C ASP B 146 78.64 -70.19 1.39
N ARG B 147 78.32 -69.64 2.56
CA ARG B 147 79.22 -68.93 3.47
C ARG B 147 78.59 -68.68 4.82
N VAL B 148 79.37 -68.98 5.86
CA VAL B 148 78.99 -68.80 7.24
C VAL B 148 80.23 -68.09 7.77
N PRO B 149 80.25 -66.76 7.87
CA PRO B 149 81.44 -66.08 8.35
C PRO B 149 81.76 -66.33 9.83
N PHE B 150 83.03 -66.19 10.14
CA PHE B 150 83.53 -66.44 11.48
C PHE B 150 82.97 -65.43 12.46
N SER B 151 83.19 -65.67 13.74
CA SER B 151 83.01 -64.61 14.72
C SER B 151 84.39 -64.06 15.07
N ALA B 152 84.42 -63.04 15.93
CA ALA B 152 85.69 -62.36 16.16
C ALA B 152 86.74 -63.34 16.67
N LYS B 153 86.37 -64.20 17.62
CA LYS B 153 87.34 -65.08 18.24
C LYS B 153 87.87 -66.12 17.25
N GLU B 154 86.98 -66.72 16.45
CA GLU B 154 87.41 -67.74 15.48
C GLU B 154 88.34 -67.12 14.45
N LEU B 155 88.00 -65.92 13.98
CA LEU B 155 88.88 -65.25 13.02
C LEU B 155 90.23 -64.98 13.66
N GLU B 156 90.23 -64.57 14.93
CA GLU B 156 91.48 -64.35 15.64
C GLU B 156 92.29 -65.65 15.72
N ASN B 157 91.61 -66.76 16.01
CA ASN B 157 92.27 -68.06 16.14
C ASN B 157 92.91 -68.47 14.82
N ARG B 158 92.16 -68.35 13.72
CA ARG B 158 92.62 -68.77 12.40
C ARG B 158 93.75 -67.88 11.92
N ILE B 159 93.58 -66.57 12.05
CA ILE B 159 94.65 -65.67 11.64
C ILE B 159 95.79 -65.79 12.63
N GLY B 160 95.46 -65.95 13.91
CA GLY B 160 96.39 -65.95 15.01
C GLY B 160 97.28 -64.73 14.99
N GLU B 161 98.52 -64.88 15.47
CA GLU B 161 99.50 -63.82 15.41
C GLU B 161 99.87 -63.40 13.99
N GLY B 162 100.03 -64.33 13.05
CA GLY B 162 100.51 -63.98 11.73
C GLY B 162 99.93 -62.68 11.20
N GLY B 163 98.67 -62.40 11.50
CA GLY B 163 98.24 -61.02 11.67
C GLY B 163 97.60 -60.87 13.04
N TYR B 164 96.99 -59.72 13.28
CA TYR B 164 96.37 -59.47 14.58
C TYR B 164 94.86 -59.33 14.38
N VAL B 165 94.06 -59.69 15.39
CA VAL B 165 92.62 -59.47 15.35
C VAL B 165 92.15 -58.87 16.68
N VAL B 166 91.23 -57.90 16.58
CA VAL B 166 90.69 -57.13 17.69
C VAL B 166 89.20 -56.91 17.47
N HIS B 167 88.54 -56.30 18.46
CA HIS B 167 87.09 -56.16 18.45
C HIS B 167 86.67 -54.70 18.65
N THR B 168 87.62 -53.77 18.72
CA THR B 168 87.33 -52.35 18.86
C THR B 168 88.13 -51.58 17.82
N GLN B 169 87.55 -50.45 17.37
CA GLN B 169 88.14 -49.69 16.27
C GLN B 169 89.52 -49.15 16.61
N ARG B 170 89.73 -48.65 17.83
CA ARG B 170 91.00 -48.02 18.15
C ARG B 170 92.16 -48.99 18.00
N GLU B 171 91.99 -50.24 18.45
CA GLU B 171 93.09 -51.20 18.33
C GLU B 171 93.42 -51.46 16.86
N TYR B 172 92.40 -51.56 16.02
CA TYR B 172 92.63 -51.71 14.58
C TYR B 172 93.37 -50.50 14.05
N MET B 173 93.01 -49.30 14.52
CA MET B 173 93.72 -48.11 14.09
C MET B 173 95.19 -48.26 14.41
N GLU B 174 95.48 -48.73 15.62
CA GLU B 174 96.87 -48.94 15.98
C GLU B 174 97.52 -49.97 15.07
N LEU B 175 96.80 -51.07 14.78
CA LEU B 175 97.35 -52.13 13.93
C LEU B 175 97.64 -51.64 12.52
N VAL B 176 96.68 -50.93 11.92
CA VAL B 176 96.88 -50.41 10.58
C VAL B 176 98.04 -49.45 10.59
N ASN B 177 98.06 -48.51 11.54
CA ASN B 177 99.20 -47.61 11.61
C ASN B 177 100.49 -48.41 11.67
N LYS B 178 100.59 -49.36 12.59
CA LYS B 178 101.85 -50.05 12.80
C LYS B 178 102.32 -50.76 11.55
N TYR B 179 101.43 -51.53 10.91
CA TYR B 179 101.87 -52.38 9.81
C TYR B 179 101.92 -51.64 8.48
N ILE B 180 100.96 -50.75 8.23
CA ILE B 180 100.87 -50.06 6.95
C ILE B 180 101.55 -48.69 7.00
N PHE B 181 101.09 -47.79 7.88
CA PHE B 181 101.46 -46.38 7.75
C PHE B 181 102.68 -45.98 8.57
N GLY B 182 102.76 -46.39 9.84
CA GLY B 182 103.88 -45.99 10.68
C GLY B 182 103.74 -44.53 11.05
N PHE B 183 102.51 -44.08 11.32
CA PHE B 183 102.26 -42.70 11.71
C PHE B 183 102.98 -42.38 13.01
N GLN B 184 103.48 -41.14 13.13
CA GLN B 184 104.19 -40.78 14.34
C GLN B 184 103.29 -40.77 15.57
N SER B 185 102.00 -40.48 15.40
CA SER B 185 101.08 -40.41 16.51
C SER B 185 99.65 -40.54 16.00
N ASN B 186 98.79 -41.18 16.79
CA ASN B 186 97.40 -41.31 16.35
C ASN B 186 96.74 -39.95 16.18
N GLU B 187 97.25 -38.92 16.87
CA GLU B 187 96.72 -37.56 16.73
C GLU B 187 96.94 -37.04 15.31
N ALA B 188 98.17 -37.21 14.80
CA ALA B 188 98.49 -36.77 13.46
C ALA B 188 97.64 -37.52 12.45
N TYR B 189 97.45 -38.82 12.71
CA TYR B 189 96.64 -39.65 11.84
C TYR B 189 95.19 -39.15 11.79
N GLU B 190 94.63 -38.80 12.95
CA GLU B 190 93.28 -38.26 12.97
C GLU B 190 93.19 -36.93 12.20
N ASP B 191 94.19 -36.06 12.39
CA ASP B 191 94.19 -34.80 11.64
C ASP B 191 94.27 -35.04 10.14
N LEU B 192 95.14 -35.96 9.73
CA LEU B 192 95.29 -36.28 8.32
C LEU B 192 93.96 -36.75 7.74
N ILE B 193 93.30 -37.67 8.43
CA ILE B 193 92.04 -38.21 7.91
C ILE B 193 91.00 -37.11 7.85
N LYS B 194 90.98 -36.24 8.86
CA LYS B 194 90.05 -35.12 8.81
C LYS B 194 90.30 -34.30 7.55
N LEU B 195 91.56 -34.17 7.15
CA LEU B 195 91.86 -33.46 5.90
C LEU B 195 91.36 -34.26 4.69
N LEU B 196 91.62 -35.57 4.69
CA LEU B 196 91.23 -36.44 3.59
C LEU B 196 89.73 -36.37 3.33
N ILE B 197 88.93 -36.30 4.39
CA ILE B 197 87.48 -36.19 4.24
C ILE B 197 87.15 -34.97 3.39
N GLN B 198 87.88 -33.87 3.62
CA GLN B 198 87.57 -32.59 3.01
C GLN B 198 87.74 -32.61 1.50
N LEU B 199 88.77 -33.31 1.00
CA LEU B 199 89.00 -33.40 -0.44
C LEU B 199 87.75 -33.82 -1.21
N ARG B 200 86.94 -34.71 -0.64
CA ARG B 200 85.76 -35.24 -1.32
C ARG B 200 84.65 -34.20 -1.52
N SER B 201 84.67 -33.10 -0.77
CA SER B 201 83.51 -32.21 -0.66
C SER B 201 83.04 -31.50 -1.93
N PRO B 202 81.72 -31.56 -2.21
CA PRO B 202 81.18 -31.05 -3.47
C PRO B 202 80.92 -29.55 -3.49
N LYS B 203 81.43 -28.76 -2.54
CA LYS B 203 81.53 -27.32 -2.80
C LYS B 203 82.19 -27.07 -4.15
N LEU B 204 83.00 -28.02 -4.61
CA LEU B 204 83.68 -27.92 -5.89
C LEU B 204 82.68 -28.00 -7.03
N SER B 205 81.50 -28.57 -6.80
CA SER B 205 80.47 -28.51 -7.82
C SER B 205 79.82 -27.13 -7.92
N LYS B 206 79.72 -26.38 -6.81
CA LYS B 206 79.15 -25.04 -6.88
C LYS B 206 80.22 -24.07 -7.39
N ASP B 207 79.98 -22.77 -7.21
CA ASP B 207 80.90 -21.73 -7.62
C ASP B 207 82.32 -22.21 -7.38
N PHE B 208 83.16 -22.18 -8.42
CA PHE B 208 84.38 -22.93 -8.33
C PHE B 208 85.46 -21.94 -7.90
N LYS B 209 85.19 -21.22 -6.81
CA LYS B 209 85.97 -20.08 -6.36
C LYS B 209 86.66 -20.34 -5.01
N PRO B 210 87.76 -19.61 -4.74
CA PRO B 210 88.65 -19.94 -3.61
C PRO B 210 88.03 -19.98 -2.22
N THR B 211 87.06 -19.14 -1.89
CA THR B 211 86.55 -19.11 -0.53
C THR B 211 86.12 -20.49 -0.02
N VAL B 212 85.81 -21.42 -0.92
CA VAL B 212 85.59 -22.82 -0.51
C VAL B 212 86.84 -23.44 0.09
N ILE B 213 87.99 -23.24 -0.54
CA ILE B 213 89.25 -23.85 -0.07
C ILE B 213 89.60 -23.40 1.35
N TYR B 214 89.32 -22.14 1.69
CA TYR B 214 89.54 -21.67 3.04
C TYR B 214 88.76 -22.48 4.06
N GLU B 215 87.49 -22.78 3.77
CA GLU B 215 86.66 -23.57 4.66
C GLU B 215 87.25 -24.95 4.86
N ILE B 216 87.66 -25.58 3.75
CA ILE B 216 88.22 -26.93 3.81
C ILE B 216 89.47 -26.92 4.66
N LEU B 217 90.37 -25.98 4.38
CA LEU B 217 91.63 -25.91 5.12
C LEU B 217 91.38 -25.68 6.59
N GLU B 218 90.32 -24.94 6.95
CA GLU B 218 90.03 -24.78 8.36
C GLU B 218 89.55 -26.08 8.99
N SER B 219 88.59 -26.77 8.35
CA SER B 219 88.10 -28.02 8.93
C SER B 219 89.20 -29.08 9.01
N ALA B 220 90.24 -28.90 8.20
CA ALA B 220 91.41 -29.78 8.20
C ALA B 220 92.19 -29.74 9.52
N LEU B 221 92.28 -28.58 10.14
CA LEU B 221 93.12 -28.35 11.31
C LEU B 221 92.78 -29.17 12.56
N PRO B 222 93.64 -29.05 13.57
CA PRO B 222 93.51 -29.77 14.86
C PRO B 222 92.39 -29.25 15.75
N PRO B 223 91.52 -30.14 16.27
CA PRO B 223 90.43 -29.70 17.14
C PRO B 223 90.92 -29.51 18.58
N LEU B 224 90.03 -29.04 19.47
CA LEU B 224 90.31 -28.86 20.89
C LEU B 224 90.26 -30.13 21.74
N THR B 225 90.65 -29.94 23.01
CA THR B 225 90.75 -30.98 24.04
C THR B 225 90.09 -30.48 25.32
N ASP B 226 88.88 -30.98 25.55
CA ASP B 226 87.96 -30.58 26.62
C ASP B 226 88.45 -30.61 28.07
N ASP B 227 89.24 -31.58 28.54
CA ASP B 227 89.59 -31.57 29.97
C ASP B 227 90.35 -30.34 30.47
N GLU B 228 91.15 -29.68 29.65
CA GLU B 228 91.79 -28.49 30.21
C GLU B 228 90.79 -27.36 30.19
N LEU B 229 89.77 -27.55 29.37
CA LEU B 229 88.76 -26.54 29.26
C LEU B 229 87.88 -26.73 30.47
N ARG B 230 87.78 -27.98 30.93
CA ARG B 230 86.87 -28.32 32.01
C ARG B 230 87.32 -27.61 33.26
N HIS B 231 88.64 -27.64 33.49
CA HIS B 231 89.17 -26.96 34.67
C HIS B 231 88.98 -25.46 34.53
N LEU B 232 89.28 -24.93 33.34
CA LEU B 232 89.04 -23.53 33.07
C LEU B 232 87.56 -23.17 33.24
N SER B 233 86.67 -24.10 32.87
CA SER B 233 85.23 -23.92 33.01
C SER B 233 84.82 -23.81 34.46
N ASP B 234 85.39 -24.63 35.32
CA ASP B 234 85.03 -24.51 36.73
C ASP B 234 85.42 -23.12 37.22
N THR B 235 86.65 -22.72 36.92
CA THR B 235 87.08 -21.40 37.36
C THR B 235 86.22 -20.30 36.72
N ILE B 236 85.82 -20.50 35.46
CA ILE B 236 85.07 -19.48 34.75
C ILE B 236 83.64 -19.40 35.26
N GLU B 237 83.06 -20.53 35.66
CA GLU B 237 81.76 -20.47 36.30
C GLU B 237 81.82 -19.69 37.60
N SER B 238 82.83 -19.95 38.43
CA SER B 238 82.94 -19.14 39.65
C SER B 238 83.12 -17.66 39.34
N MET B 239 83.98 -17.32 38.38
CA MET B 239 84.16 -15.91 38.02
C MET B 239 82.86 -15.31 37.50
N ASP B 240 82.11 -16.05 36.68
CA ASP B 240 80.86 -15.54 36.12
C ASP B 240 79.84 -15.29 37.22
N GLN B 241 79.75 -16.19 38.19
CA GLN B 241 78.85 -15.94 39.31
C GLN B 241 79.27 -14.67 40.03
N THR B 242 80.58 -14.52 40.23
CA THR B 242 81.10 -13.30 40.84
C THR B 242 80.76 -12.08 40.00
N GLN B 243 80.86 -12.20 38.68
CA GLN B 243 80.56 -11.09 37.77
C GLN B 243 79.10 -10.68 37.84
N GLN B 244 78.20 -11.67 37.87
CA GLN B 244 76.78 -11.34 37.99
C GLN B 244 76.52 -10.59 39.29
N GLN B 245 77.06 -11.11 40.39
CA GLN B 245 76.88 -10.45 41.66
C GLN B 245 77.52 -9.06 41.64
N LEU B 246 78.69 -8.93 41.01
CA LEU B 246 79.37 -7.64 40.95
C LEU B 246 78.57 -6.61 40.17
N GLU B 247 77.99 -7.00 39.03
CA GLU B 247 77.19 -6.05 38.28
C GLU B 247 75.97 -5.62 39.08
N GLN B 248 75.31 -6.59 39.71
CA GLN B 248 74.14 -6.28 40.53
C GLN B 248 74.54 -5.36 41.66
N LEU B 249 75.64 -5.68 42.34
CA LEU B 249 76.12 -4.84 43.43
C LEU B 249 76.56 -3.47 42.95
N GLU B 250 77.09 -3.37 41.74
CA GLU B 250 77.43 -2.05 41.21
C GLU B 250 76.20 -1.17 41.10
N ARG B 251 75.16 -1.69 40.45
CA ARG B 251 73.94 -0.88 40.33
C ARG B 251 73.37 -0.57 41.71
N GLU B 252 73.29 -1.58 42.56
CA GLU B 252 72.69 -1.38 43.88
C GLU B 252 73.55 -0.46 44.74
N PHE B 253 74.87 -0.53 44.63
CA PHE B 253 75.74 0.36 45.38
C PHE B 253 75.58 1.80 44.92
N ALA B 254 75.45 2.02 43.62
CA ALA B 254 75.18 3.37 43.15
C ALA B 254 73.86 3.86 43.73
N SER B 255 72.84 3.00 43.68
CA SER B 255 71.54 3.35 44.23
C SER B 255 71.66 3.64 45.72
N SER B 256 72.39 2.79 46.45
CA SER B 256 72.59 2.97 47.87
C SER B 256 73.35 4.25 48.16
N SER B 257 74.27 4.63 47.26
CA SER B 257 74.96 5.89 47.44
C SER B 257 73.97 7.02 47.36
N ARG B 258 73.08 6.98 46.37
CA ARG B 258 72.03 7.98 46.29
C ARG B 258 71.20 8.00 47.58
N LEU B 259 70.77 6.82 48.02
CA LEU B 259 69.92 6.73 49.21
C LEU B 259 70.63 7.27 50.44
N VAL B 260 71.89 6.89 50.64
CA VAL B 260 72.61 7.29 51.83
C VAL B 260 72.89 8.77 51.78
N ASN B 261 73.16 9.30 50.59
CA ASN B 261 73.36 10.73 50.47
C ASN B 261 72.09 11.47 50.84
N GLN B 262 70.95 11.01 50.33
CA GLN B 262 69.69 11.65 50.69
C GLN B 262 69.40 11.55 52.18
N TYR B 263 69.57 10.37 52.77
CA TYR B 263 69.28 10.22 54.21
C TYR B 263 70.24 11.06 55.05
N HIS B 264 71.48 11.18 54.61
CA HIS B 264 72.44 12.01 55.33
C HIS B 264 72.09 13.49 55.17
N SER B 265 71.67 13.87 53.97
CA SER B 265 71.16 15.22 53.75
C SER B 265 69.98 15.50 54.68
N TYR B 266 69.06 14.54 54.77
CA TYR B 266 67.90 14.72 55.62
C TYR B 266 68.33 14.89 57.07
N ASN B 267 69.25 14.03 57.52
CA ASN B 267 69.65 14.10 58.92
C ASN B 267 70.42 15.38 59.21
N GLN B 268 71.33 15.78 58.31
CA GLN B 268 72.02 17.04 58.48
C GLN B 268 71.06 18.22 58.51
N TYR B 269 70.09 18.26 57.59
CA TYR B 269 69.15 19.37 57.54
C TYR B 269 68.29 19.41 58.80
N ILE B 270 67.79 18.24 59.22
CA ILE B 270 66.95 18.17 60.40
C ILE B 270 67.74 18.60 61.62
N LEU B 271 68.96 18.08 61.75
CA LEU B 271 69.79 18.40 62.87
C LEU B 271 70.11 19.87 62.87
N ALA B 272 70.39 20.44 61.71
CA ALA B 272 70.68 21.86 61.63
C ALA B 272 69.47 22.68 62.07
N GLU B 273 68.27 22.28 61.62
CA GLU B 273 67.09 23.04 62.04
C GLU B 273 66.88 22.96 63.54
N ARG B 274 66.99 21.76 64.11
CA ARG B 274 66.79 21.62 65.54
C ARG B 274 67.90 22.28 66.33
N ALA B 275 69.13 22.21 65.82
CA ALA B 275 70.25 22.91 66.44
C ALA B 275 70.04 24.40 66.41
N GLY B 276 69.55 24.93 65.28
CA GLY B 276 69.28 26.34 65.20
C GLY B 276 68.21 26.75 66.17
N LYS B 277 67.16 25.95 66.27
CA LYS B 277 66.12 26.24 67.24
C LYS B 277 66.66 26.17 68.66
N TRP B 278 67.50 25.17 68.96
CA TRP B 278 68.15 25.08 70.26
C TRP B 278 69.01 26.30 70.53
N GLN B 279 69.79 26.71 69.53
CA GLN B 279 70.63 27.89 69.65
C GLN B 279 69.79 29.11 69.97
N ASP B 280 68.71 29.31 69.20
CA ASP B 280 67.84 30.45 69.42
C ASP B 280 67.19 30.37 70.80
N ALA B 281 66.77 29.18 71.20
CA ALA B 281 66.16 29.00 72.52
C ALA B 281 67.14 29.37 73.62
N LEU B 282 68.39 28.90 73.52
CA LEU B 282 69.37 29.25 74.54
C LEU B 282 69.64 30.75 74.54
N LYS B 283 69.76 31.34 73.34
CA LYS B 283 69.97 32.78 73.25
C LYS B 283 68.83 33.53 73.91
N ARG B 284 67.60 33.14 73.57
CA ARG B 284 66.42 33.78 74.12
C ARG B 284 66.35 33.56 75.62
N TYR B 285 66.72 32.36 76.09
CA TYR B 285 66.74 32.11 77.52
C TYR B 285 67.70 33.07 78.21
N THR B 286 68.90 33.21 77.65
CA THR B 286 69.89 34.10 78.27
C THR B 286 69.40 35.54 78.22
N VAL B 287 68.79 35.95 77.10
CA VAL B 287 68.24 37.30 77.00
C VAL B 287 67.16 37.49 78.05
N ALA B 288 66.27 36.51 78.19
CA ALA B 288 65.19 36.60 79.15
C ALA B 288 65.73 36.65 80.57
N GLU B 289 66.76 35.84 80.84
CA GLU B 289 67.37 35.85 82.17
C GLU B 289 68.02 37.19 82.45
N GLU B 290 68.70 37.76 81.46
CA GLU B 290 69.23 39.11 81.60
C GLU B 290 68.12 40.11 81.87
N HIS B 291 67.02 39.99 81.13
CA HIS B 291 65.88 40.88 81.33
C HIS B 291 65.37 40.72 82.76
N VAL B 292 65.27 39.48 83.24
CA VAL B 292 64.80 39.21 84.59
C VAL B 292 65.75 39.82 85.61
N LYS B 293 67.05 39.66 85.40
CA LYS B 293 68.04 40.22 86.31
C LYS B 293 67.92 41.74 86.34
N GLY B 294 67.78 42.35 85.17
CA GLY B 294 67.64 43.80 85.12
C GLY B 294 66.40 44.25 85.85
N LEU B 295 65.29 43.55 85.64
CA LEU B 295 64.04 43.91 86.28
C LEU B 295 64.11 43.67 87.78
N THR B 296 64.81 42.63 88.22
CA THR B 296 65.01 42.42 89.64
C THR B 296 65.81 43.57 90.23
N ALA B 297 66.84 44.02 89.52
CA ALA B 297 67.60 45.18 89.97
C ALA B 297 66.69 46.39 90.08
N GLN B 298 65.85 46.60 89.07
CA GLN B 298 64.91 47.71 89.08
C GLN B 298 63.94 47.58 90.24
N ASP B 299 63.47 46.37 90.50
CA ASP B 299 62.55 46.11 91.59
C ASP B 299 63.19 46.45 92.93
N GLU B 300 64.44 46.02 93.12
CA GLU B 300 65.17 46.36 94.33
C GLU B 300 65.33 47.87 94.48
N GLU B 301 65.70 48.52 93.37
CA GLU B 301 65.89 49.96 93.39
C GLU B 301 64.60 50.68 93.75
N LEU B 302 63.48 50.27 93.16
CA LEU B 302 62.21 50.92 93.45
C LEU B 302 61.80 50.68 94.90
N THR B 303 62.05 49.47 95.42
CA THR B 303 61.75 49.21 96.82
C THR B 303 62.53 50.14 97.72
N GLN B 304 63.84 50.23 97.48
CA GLN B 304 64.67 51.11 98.27
C GLN B 304 64.20 52.55 98.15
N GLU B 305 63.90 52.98 96.92
CA GLU B 305 63.49 54.36 96.69
C GLU B 305 62.20 54.69 97.42
N ILE B 306 61.22 53.78 97.38
CA ILE B 306 59.94 54.08 98.01
C ILE B 306 60.08 54.11 99.52
N LYS B 307 60.84 53.16 100.08
CA LYS B 307 61.04 53.23 101.52
C LYS B 307 61.77 54.52 101.90
N GLN B 308 62.81 54.88 101.14
CA GLN B 308 63.57 56.09 101.44
C GLN B 308 62.69 57.33 101.32
N GLU B 309 61.82 57.36 100.31
CA GLU B 309 60.92 58.49 100.14
C GLU B 309 59.97 58.60 101.30
N GLU B 310 59.47 57.46 101.77
CA GLU B 310 58.58 57.47 102.93
C GLU B 310 59.34 57.92 104.17
N GLU B 311 60.60 57.50 104.31
CA GLU B 311 61.41 57.96 105.43
C GLU B 311 61.57 59.49 105.40
N GLN B 312 61.85 60.04 104.22
CA GLN B 312 61.97 61.49 104.11
C GLN B 312 60.63 62.17 104.38
N LYS B 313 59.54 61.52 103.99
CA LYS B 313 58.21 62.04 104.29
C LYS B 313 57.99 62.11 105.79
N GLN B 314 58.38 61.06 106.50
CA GLN B 314 58.26 61.05 107.96
C GLN B 314 59.13 62.12 108.59
N GLN B 315 60.35 62.30 108.08
CA GLN B 315 61.22 63.36 108.56
C GLN B 315 60.55 64.71 108.38
N PHE B 316 59.96 64.91 107.20
CA PHE B 316 59.25 66.15 106.89
C PHE B 316 58.06 66.32 107.81
N ALA B 317 57.35 65.23 108.12
CA ALA B 317 56.21 65.30 109.03
C ALA B 317 56.64 65.78 110.41
N GLN B 318 57.73 65.21 110.93
CA GLN B 318 58.22 65.61 112.24
C GLN B 318 58.61 67.08 112.23
N GLN B 319 59.36 67.48 111.20
CA GLN B 319 59.81 68.86 111.12
C GLN B 319 58.64 69.82 110.99
N GLN B 320 57.61 69.44 110.22
CA GLN B 320 56.42 70.27 110.08
C GLN B 320 55.67 70.39 111.39
N GLU B 321 55.56 69.31 112.15
CA GLU B 321 54.87 69.39 113.44
C GLU B 321 55.59 70.32 114.40
N ILE B 322 56.92 70.18 114.47
CA ILE B 322 57.70 71.07 115.32
C ILE B 322 57.56 72.51 114.84
N ALA B 323 57.65 72.71 113.52
CA ALA B 323 57.55 74.04 112.96
C ALA B 323 56.19 74.68 113.24
N LEU B 324 55.10 73.92 113.11
CA LEU B 324 53.79 74.50 113.42
C LEU B 324 53.68 74.88 114.90
N GLU B 325 54.13 74.00 115.80
CA GLU B 325 54.11 74.35 117.22
C GLU B 325 54.91 75.63 117.49
N GLU B 326 56.10 75.70 116.94
CA GLU B 326 56.90 76.88 117.20
C GLU B 326 56.28 78.09 116.51
N LYS B 327 55.62 77.88 115.37
CA LYS B 327 55.03 79.01 114.67
C LYS B 327 53.90 79.58 115.50
N LYS B 328 53.08 78.70 116.10
CA LYS B 328 52.02 79.23 116.95
C LYS B 328 52.63 80.13 118.01
N ARG B 329 53.72 79.66 118.64
CA ARG B 329 54.34 80.47 119.70
C ARG B 329 54.94 81.77 119.17
N LEU B 330 55.65 81.72 118.04
CA LEU B 330 56.29 82.92 117.50
C LEU B 330 55.28 83.88 116.88
N GLU B 331 54.11 83.37 116.50
CA GLU B 331 53.07 84.16 115.86
C GLU B 331 52.63 85.30 116.76
N ARG B 332 52.87 85.18 118.06
CA ARG B 332 52.41 86.18 119.01
C ARG B 332 53.01 87.53 118.65
N HIS B 333 54.25 87.50 118.16
CA HIS B 333 54.94 88.68 117.67
C HIS B 333 54.29 89.11 116.36
N GLU B 334 54.12 90.42 116.18
CA GLU B 334 53.63 90.94 114.91
C GLU B 334 54.61 90.69 113.77
N VAL B 335 55.85 90.35 114.09
CA VAL B 335 56.87 90.08 113.07
C VAL B 335 56.49 88.98 112.10
N TRP B 336 55.72 87.97 112.53
CA TRP B 336 55.38 86.89 111.61
C TRP B 336 54.50 87.36 110.44
N ASN B 337 53.50 88.19 110.71
CA ASN B 337 52.69 88.67 109.59
C ASN B 337 53.48 89.52 108.61
N LEU B 338 54.35 90.40 109.11
CA LEU B 338 55.16 91.22 108.22
C LEU B 338 56.12 90.38 107.38
N GLU B 339 56.77 89.38 107.99
CA GLU B 339 57.66 88.51 107.21
C GLU B 339 56.92 87.69 106.16
N GLU B 340 55.72 87.19 106.48
CA GLU B 340 54.94 86.47 105.48
C GLU B 340 54.59 87.39 104.31
N ASP B 341 54.14 88.60 104.60
CA ASP B 341 53.80 89.53 103.52
C ASP B 341 55.02 89.86 102.67
N LYS B 342 56.17 90.09 103.32
CA LYS B 342 57.39 90.37 102.55
C LYS B 342 57.76 89.20 101.65
N ARG B 343 57.64 87.98 102.16
CA ARG B 343 57.94 86.81 101.34
C ARG B 343 56.94 86.65 100.20
N LYS B 344 55.67 86.98 100.45
CA LYS B 344 54.69 86.97 99.37
C LYS B 344 55.08 87.93 98.25
N LYS B 345 55.46 89.16 98.61
CA LYS B 345 55.88 90.10 97.58
C LYS B 345 57.14 89.62 96.87
N ILE B 346 58.08 89.02 97.60
CA ILE B 346 59.27 88.50 96.93
C ILE B 346 58.90 87.41 95.93
N GLU B 347 57.93 86.56 96.31
CA GLU B 347 57.44 85.54 95.39
C GLU B 347 56.80 86.19 94.17
N ASN B 348 56.00 87.23 94.38
CA ASN B 348 55.40 87.97 93.27
C ASN B 348 56.48 88.51 92.34
N THR B 349 57.54 89.09 92.90
CA THR B 349 58.61 89.63 92.05
C THR B 349 59.27 88.50 91.27
N LYS B 350 59.46 87.34 91.90
CA LYS B 350 60.06 86.21 91.19
C LYS B 350 59.18 85.79 90.02
N SER B 351 57.87 85.69 90.26
CA SER B 351 56.94 85.33 89.19
C SER B 351 57.00 86.36 88.07
N LEU B 352 57.04 87.64 88.42
CA LEU B 352 57.10 88.68 87.41
C LEU B 352 58.40 88.56 86.62
N SER B 353 59.50 88.21 87.28
CA SER B 353 60.76 88.04 86.59
C SER B 353 60.66 86.91 85.58
N SER B 354 60.06 85.79 86.00
CA SER B 354 59.87 84.67 85.08
C SER B 354 59.02 85.09 83.88
N GLU B 355 57.92 85.82 84.13
CA GLU B 355 57.05 86.28 83.05
C GLU B 355 57.82 87.18 82.10
N ILE B 356 58.65 88.07 82.65
CA ILE B 356 59.42 88.99 81.83
C ILE B 356 60.42 88.21 80.98
N ASN B 357 61.05 87.20 81.59
CA ASN B 357 61.99 86.36 80.86
C ASN B 357 61.29 85.65 79.71
N SER B 358 60.10 85.10 79.96
CA SER B 358 59.37 84.42 78.91
C SER B 358 59.01 85.38 77.79
N LEU B 359 58.56 86.59 78.14
CA LEU B 359 58.19 87.55 77.12
C LEU B 359 59.41 87.96 76.30
N GLN B 360 60.55 88.15 76.97
CA GLN B 360 61.79 88.46 76.26
C GLN B 360 62.19 87.34 75.32
N LYS B 361 62.10 86.10 75.79
CA LYS B 361 62.41 84.95 74.93
C LYS B 361 61.53 84.93 73.69
N LYS B 362 60.22 85.10 73.89
CA LYS B 362 59.31 85.11 72.75
C LYS B 362 59.66 86.23 71.80
N TRP B 363 59.92 87.43 72.34
CA TRP B 363 60.22 88.57 71.48
C TRP B 363 61.52 88.38 70.73
N ASP B 364 62.54 87.83 71.38
CA ASP B 364 63.80 87.59 70.68
C ASP B 364 63.62 86.58 69.56
N HIS B 365 62.89 85.50 69.82
CA HIS B 365 62.65 84.51 68.78
C HIS B 365 61.89 85.12 67.61
N LYS B 366 60.84 85.88 67.92
CA LYS B 366 60.05 86.52 66.88
C LYS B 366 60.87 87.54 66.10
N ASN B 367 61.71 88.32 66.78
CA ASN B 367 62.56 89.29 66.10
C ASN B 367 63.55 88.59 65.18
N SER B 368 64.12 87.48 65.65
CA SER B 368 65.03 86.72 64.80
C SER B 368 64.30 86.25 63.55
N GLN B 369 63.09 85.72 63.71
CA GLN B 369 62.32 85.28 62.55
C GLN B 369 62.03 86.46 61.62
N TYR B 370 61.71 87.62 62.19
CA TYR B 370 61.45 88.80 61.38
C TYR B 370 62.67 89.21 60.56
N ASN B 371 63.84 89.20 61.20
CA ASN B 371 65.07 89.52 60.49
C ASN B 371 65.31 88.52 59.36
N ARG B 372 65.15 87.23 59.68
CA ARG B 372 65.32 86.19 58.68
C ARG B 372 64.36 86.40 57.52
N LEU B 373 63.10 86.75 57.83
CA LEU B 373 62.09 86.96 56.81
C LEU B 373 62.44 88.14 55.92
N TRP B 374 62.93 89.24 56.51
CA TRP B 374 63.32 90.39 55.70
C TRP B 374 64.46 90.01 54.77
N GLN B 375 65.43 89.24 55.29
CA GLN B 375 66.51 88.74 54.45
C GLN B 375 65.96 87.85 53.33
N GLU B 376 64.97 87.02 53.67
CA GLU B 376 64.33 86.18 52.68
C GLU B 376 63.66 87.00 51.58
N ARG B 377 62.99 88.08 51.96
CA ARG B 377 62.34 88.91 50.95
C ARG B 377 63.40 89.49 50.03
N GLU B 378 64.52 89.94 50.59
CA GLU B 378 65.60 90.45 49.75
C GLU B 378 66.15 89.35 48.84
N GLN B 379 66.29 88.13 49.36
CA GLN B 379 66.73 87.02 48.53
C GLN B 379 65.75 86.77 47.38
N SER B 380 64.45 86.87 47.66
CA SER B 380 63.46 86.69 46.60
C SER B 380 63.60 87.78 45.54
N GLN B 381 63.81 89.03 45.99
CA GLN B 381 64.01 90.12 45.06
C GLN B 381 65.26 89.88 44.21
N ASN B 382 66.35 89.44 44.83
CA ASN B 382 67.56 89.13 44.07
C ASN B 382 67.30 88.02 43.06
N GLN B 383 66.50 87.02 43.44
CA GLN B 383 66.13 85.97 42.50
C GLN B 383 65.39 86.57 41.33
N ILE B 384 64.46 87.48 41.61
CA ILE B 384 63.69 88.14 40.57
C ILE B 384 64.61 88.90 39.63
N ARG B 385 65.56 89.65 40.19
CA ARG B 385 66.47 90.43 39.38
C ARG B 385 67.36 89.56 38.50
N GLN B 386 67.95 88.52 39.08
CA GLN B 386 68.81 87.65 38.30
C GLN B 386 68.03 86.99 37.17
N HIS B 387 66.86 86.45 37.50
CA HIS B 387 66.04 85.78 36.51
C HIS B 387 65.56 86.76 35.44
N GLU B 388 65.17 87.97 35.82
CA GLU B 388 64.71 88.94 34.82
C GLU B 388 65.83 89.30 33.87
N SER B 389 67.05 89.46 34.39
CA SER B 389 68.18 89.68 33.50
C SER B 389 68.33 88.49 32.55
N GLY B 390 68.21 87.28 33.10
CA GLY B 390 68.31 86.10 32.26
C GLY B 390 67.26 86.08 31.16
N MET B 391 66.01 86.40 31.50
CA MET B 391 64.98 86.42 30.46
C MET B 391 65.18 87.55 29.46
N GLU B 392 65.74 88.68 29.88
CA GLU B 392 66.07 89.71 28.89
C GLU B 392 67.10 89.19 27.90
N ASP B 393 68.17 88.56 28.41
CA ASP B 393 69.16 87.97 27.52
C ASP B 393 68.50 86.92 26.64
N LEU B 394 67.60 86.14 27.23
CA LEU B 394 66.90 85.10 26.50
C LEU B 394 65.99 85.70 25.43
N LEU B 395 65.40 86.87 25.69
CA LEU B 395 64.62 87.52 24.65
C LEU B 395 65.50 87.88 23.47
N GLY B 396 66.68 88.41 23.75
CA GLY B 396 67.62 88.69 22.68
C GLY B 396 67.98 87.44 21.88
N GLU B 397 68.35 86.38 22.60
CA GLU B 397 68.71 85.13 21.94
C GLU B 397 67.52 84.49 21.23
N LEU B 398 66.33 84.63 21.78
CA LEU B 398 65.12 84.12 21.15
C LEU B 398 64.85 84.84 19.85
N GLN B 399 65.02 86.16 19.83
CA GLN B 399 64.90 86.90 18.58
C GLN B 399 65.93 86.37 17.60
N PHE B 400 67.16 86.14 18.08
CA PHE B 400 68.19 85.55 17.22
C PHE B 400 67.70 84.25 16.58
N ASP B 401 67.31 83.29 17.42
CA ASP B 401 66.93 81.98 16.90
C ASP B 401 65.70 82.08 16.00
N ALA B 402 64.75 82.95 16.32
CA ALA B 402 63.56 83.08 15.48
C ALA B 402 63.92 83.68 14.13
N GLU B 403 64.72 84.75 14.12
CA GLU B 403 65.17 85.31 12.85
C GLU B 403 65.93 84.28 12.03
N GLU B 404 66.69 83.40 12.69
CA GLU B 404 67.31 82.30 11.96
C GLU B 404 66.25 81.35 11.40
N ALA B 405 65.19 81.10 12.16
CA ALA B 405 64.15 80.18 11.75
C ALA B 405 63.04 80.90 10.99
N ALA B 406 63.18 82.21 10.80
CA ALA B 406 62.17 83.05 10.16
C ALA B 406 60.82 82.95 10.87
N PHE B 407 60.86 82.91 12.20
CA PHE B 407 59.68 82.85 13.06
C PHE B 407 59.32 84.27 13.49
N SER B 408 58.65 84.98 12.58
CA SER B 408 58.32 86.37 12.84
C SER B 408 57.44 86.52 14.06
N GLU B 409 56.68 85.47 14.41
CA GLU B 409 55.71 85.58 15.48
C GLU B 409 56.37 85.85 16.83
N HIS B 410 57.68 85.63 16.94
CA HIS B 410 58.36 85.81 18.23
C HIS B 410 58.29 87.24 18.74
N GLU B 411 58.46 88.22 17.85
CA GLU B 411 58.33 89.61 18.28
C GLU B 411 56.94 89.90 18.83
N VAL B 412 55.91 89.46 18.09
CA VAL B 412 54.53 89.67 18.51
C VAL B 412 54.27 89.05 19.88
N ASN B 413 54.66 87.79 20.06
CA ASN B 413 54.44 87.16 21.35
C ASN B 413 55.29 87.81 22.45
N VAL B 414 56.49 88.28 22.13
CA VAL B 414 57.30 88.95 23.15
C VAL B 414 56.59 90.19 23.67
N HIS B 415 56.08 91.02 22.76
CA HIS B 415 55.41 92.22 23.23
C HIS B 415 54.08 91.88 23.92
N ASP B 416 53.37 90.85 23.43
CA ASP B 416 52.15 90.42 24.10
C ASP B 416 52.44 89.95 25.53
N PHE B 417 53.50 89.18 25.72
CA PHE B 417 53.91 88.76 27.04
C PHE B 417 54.28 89.97 27.89
N GLU B 418 55.01 90.92 27.30
CA GLU B 418 55.37 92.12 28.04
C GLU B 418 54.12 92.82 28.56
N ARG B 419 53.07 92.88 27.75
CA ARG B 419 51.82 93.46 28.23
C ARG B 419 51.22 92.61 29.35
N HIS B 420 51.24 91.29 29.18
CA HIS B 420 50.49 90.36 30.02
C HIS B 420 51.19 90.03 31.34
N GLN B 421 52.52 90.08 31.37
CA GLN B 421 53.37 89.39 32.33
C GLN B 421 53.20 89.68 33.82
N GLU B 422 52.32 90.60 34.21
CA GLU B 422 52.04 90.72 35.65
C GLU B 422 51.28 89.52 36.21
N GLU B 423 50.75 88.66 35.34
CA GLU B 423 50.07 87.43 35.74
C GLU B 423 50.78 86.22 35.15
N GLU B 424 50.15 85.07 35.29
CA GLU B 424 50.64 83.81 34.74
C GLU B 424 50.33 83.76 33.25
N PHE B 425 51.18 84.41 32.46
CA PHE B 425 50.97 84.41 31.03
C PHE B 425 50.98 82.96 30.59
N ASP B 426 50.00 82.59 29.77
CA ASP B 426 49.95 81.21 29.32
C ASP B 426 50.80 81.09 28.07
N PHE B 427 51.85 80.29 28.22
CA PHE B 427 52.79 80.08 27.13
C PHE B 427 52.31 79.01 26.17
N SER B 428 51.19 78.36 26.48
CA SER B 428 50.77 77.20 25.68
C SER B 428 50.63 77.61 24.23
N ILE B 429 50.03 78.77 23.98
CA ILE B 429 49.86 79.24 22.61
C ILE B 429 51.22 79.49 21.98
N TRP B 430 52.14 80.08 22.73
CA TRP B 430 53.48 80.34 22.24
C TRP B 430 54.17 79.04 21.85
N ILE B 431 54.08 78.04 22.72
CA ILE B 431 54.69 76.74 22.49
C ILE B 431 54.06 76.09 21.28
N GLY B 432 52.73 76.16 21.18
CA GLY B 432 52.04 75.58 20.04
C GLY B 432 52.44 76.24 18.74
N GLU B 433 52.56 77.56 18.74
CA GLU B 433 52.97 78.26 17.54
C GLU B 433 54.37 77.84 17.14
N ILE B 434 55.31 77.86 18.08
CA ILE B 434 56.67 77.47 17.73
C ILE B 434 56.73 76.02 17.32
N GLY B 435 55.92 75.15 17.94
CA GLY B 435 55.92 73.75 17.55
C GLY B 435 55.35 73.53 16.17
N SER B 436 54.29 74.26 15.83
CA SER B 436 53.76 74.18 14.47
C SER B 436 54.79 74.68 13.48
N HIS B 437 55.44 75.79 13.81
CA HIS B 437 56.50 76.33 12.97
C HIS B 437 57.66 75.34 12.82
N GLU B 438 58.05 74.69 13.92
CA GLU B 438 59.12 73.71 13.89
C GLU B 438 58.73 72.49 13.06
N GLN B 439 57.49 72.03 13.20
CA GLN B 439 57.03 70.92 12.40
C GLN B 439 57.04 71.30 10.93
N LEU B 440 56.60 72.52 10.63
CA LEU B 440 56.63 72.99 9.25
C LEU B 440 58.06 73.07 8.75
N LEU B 441 59.00 73.52 9.61
CA LEU B 441 60.42 73.52 9.22
C LEU B 441 60.92 72.11 8.97
N ALA B 442 60.51 71.16 9.81
CA ALA B 442 60.89 69.78 9.61
C ALA B 442 60.37 69.29 8.27
N ASN B 443 59.12 69.62 7.96
CA ASN B 443 58.54 69.27 6.67
C ASN B 443 59.33 69.91 5.55
N LEU B 444 59.76 71.16 5.74
CA LEU B 444 60.58 71.83 4.73
C LEU B 444 61.88 71.06 4.53
N ASN B 445 62.49 70.62 5.62
CA ASN B 445 63.70 69.83 5.53
C ASN B 445 63.43 68.51 4.84
N GLN B 446 62.30 67.89 5.14
CA GLN B 446 61.89 66.67 4.46
C GLN B 446 61.87 66.89 2.96
N LEU B 447 61.18 67.94 2.52
CA LEU B 447 61.09 68.22 1.09
C LEU B 447 62.46 68.56 0.53
N ALA B 448 63.30 69.22 1.34
CA ALA B 448 64.64 69.57 0.92
C ALA B 448 65.44 68.30 0.66
N ASP B 449 65.34 67.33 1.55
CA ASP B 449 66.04 66.08 1.36
C ASP B 449 65.45 65.34 0.16
N GLU B 450 64.13 65.42 -0.02
CA GLU B 450 63.52 64.80 -1.19
C GLU B 450 64.07 65.40 -2.48
N GLU B 451 64.17 66.72 -2.55
CA GLU B 451 64.72 67.36 -3.74
C GLU B 451 66.19 66.99 -3.91
N ASN B 452 66.94 66.95 -2.81
CA ASN B 452 68.34 66.58 -2.91
C ASN B 452 68.50 65.16 -3.47
N ARG B 453 67.74 64.21 -2.91
CA ARG B 453 67.85 62.84 -3.39
C ARG B 453 67.40 62.76 -4.84
N LEU B 454 66.31 63.46 -5.17
CA LEU B 454 65.79 63.42 -6.54
C LEU B 454 66.80 64.04 -7.49
N SER B 455 67.46 65.13 -7.09
CA SER B 455 68.46 65.76 -7.93
C SER B 455 69.62 64.81 -8.15
N GLU B 456 70.05 64.13 -7.09
CA GLU B 456 71.12 63.14 -7.23
C GLU B 456 70.68 62.01 -8.15
N GLU B 457 69.44 61.56 -7.99
CA GLU B 457 68.89 60.52 -8.86
C GLU B 457 68.89 60.99 -10.30
N HIS B 458 68.51 62.25 -10.52
CA HIS B 458 68.47 62.82 -11.85
C HIS B 458 69.87 62.91 -12.42
N ASN B 459 70.84 63.28 -11.59
CA ASN B 459 72.23 63.30 -12.01
C ASN B 459 72.67 61.90 -12.41
N ARG B 460 72.29 60.90 -11.63
CA ARG B 460 72.66 59.53 -11.96
C ARG B 460 72.06 59.13 -13.29
N LEU B 461 70.79 59.49 -13.50
CA LEU B 461 70.14 59.15 -14.76
C LEU B 461 70.74 59.92 -15.92
N GLN B 462 71.09 61.18 -15.72
CA GLN B 462 71.80 61.93 -16.76
C GLN B 462 73.12 61.28 -17.10
N ARG B 463 73.90 60.93 -16.08
CA ARG B 463 75.18 60.30 -16.30
C ARG B 463 75.02 58.97 -17.04
N GLN B 464 74.10 58.14 -16.57
CA GLN B 464 73.90 56.83 -17.17
C GLN B 464 73.34 56.96 -18.58
N SER B 465 72.43 57.90 -18.79
CA SER B 465 71.89 58.11 -20.13
C SER B 465 73.00 58.53 -21.07
N SER B 466 73.85 59.45 -20.63
CA SER B 466 74.98 59.85 -21.45
C SER B 466 75.90 58.67 -21.71
N GLU B 467 76.16 57.87 -20.68
CA GLU B 467 77.01 56.69 -20.84
C GLU B 467 76.42 55.72 -21.85
N LYS B 468 75.14 55.40 -21.70
CA LYS B 468 74.51 54.45 -22.61
C LYS B 468 74.43 55.03 -24.01
N LYS B 469 74.17 56.33 -24.13
CA LYS B 469 74.14 56.94 -25.44
C LYS B 469 75.53 56.90 -26.07
N LYS B 470 76.58 57.15 -25.27
CA LYS B 470 77.93 57.03 -25.79
C LYS B 470 78.17 55.61 -26.27
N GLU B 471 77.76 54.63 -25.48
CA GLU B 471 77.94 53.24 -25.88
C GLU B 471 77.17 52.97 -27.15
N VAL B 472 75.94 53.48 -27.25
CA VAL B 472 75.13 53.26 -28.43
C VAL B 472 75.78 53.89 -29.65
N ASP B 473 76.26 55.12 -29.51
CA ASP B 473 76.90 55.79 -30.63
C ASP B 473 78.21 55.11 -31.02
N ALA B 474 79.01 54.70 -30.03
CA ALA B 474 80.24 53.98 -30.33
C ALA B 474 79.94 52.67 -31.04
N ILE B 475 78.94 51.95 -30.55
CA ILE B 475 78.58 50.68 -31.17
C ILE B 475 78.02 50.91 -32.56
N ARG B 476 77.25 51.98 -32.75
CA ARG B 476 76.71 52.29 -34.07
C ARG B 476 77.82 52.63 -35.04
N LYS B 477 78.80 53.41 -34.58
CA LYS B 477 79.96 53.72 -35.41
C LYS B 477 80.71 52.44 -35.75
N ASN B 478 80.91 51.59 -34.75
CA ASN B 478 81.57 50.30 -34.96
C ASN B 478 80.76 49.44 -35.92
N LEU B 479 79.45 49.46 -35.79
CA LEU B 479 78.57 48.68 -36.64
C LEU B 479 78.66 49.14 -38.09
N ASP B 480 78.62 50.45 -38.31
CA ASP B 480 78.74 50.96 -39.67
C ASP B 480 80.12 50.65 -40.24
N HIS B 481 81.16 50.74 -39.41
CA HIS B 481 82.51 50.35 -39.83
C HIS B 481 82.55 48.87 -40.17
N LEU B 482 81.89 48.06 -39.37
CA LEU B 482 81.83 46.65 -39.69
C LEU B 482 81.10 46.48 -41.01
N ALA B 483 80.06 47.29 -41.22
CA ALA B 483 79.31 47.27 -42.47
C ALA B 483 80.18 47.62 -43.70
N ASP B 484 81.01 48.65 -43.59
CA ASP B 484 81.90 48.92 -44.72
C ASP B 484 82.76 47.70 -44.95
N TRP B 485 83.32 47.14 -43.87
CA TRP B 485 84.15 45.97 -44.03
C TRP B 485 83.42 44.80 -44.68
N PHE B 486 82.13 44.61 -44.40
CA PHE B 486 81.51 43.46 -45.05
C PHE B 486 81.39 43.71 -46.54
N THR B 487 80.99 44.93 -46.91
CA THR B 487 80.93 45.25 -48.33
C THR B 487 82.30 45.18 -49.00
N GLU B 488 83.32 45.70 -48.33
CA GLU B 488 84.69 45.63 -48.84
C GLU B 488 85.10 44.18 -49.01
N GLU B 489 84.83 43.38 -48.00
CA GLU B 489 85.20 41.98 -48.04
C GLU B 489 84.43 41.23 -49.12
N LYS B 490 83.15 41.56 -49.31
CA LYS B 490 82.40 40.91 -50.37
C LYS B 490 82.99 41.24 -51.74
N GLN B 491 83.27 42.51 -51.99
CA GLN B 491 83.92 42.86 -53.26
C GLN B 491 85.26 42.14 -53.41
N ARG B 492 86.09 42.19 -52.36
CA ARG B 492 87.40 41.56 -52.41
C ARG B 492 87.27 40.06 -52.59
N LEU B 493 86.27 39.48 -51.95
CA LEU B 493 86.05 38.04 -52.00
C LEU B 493 85.60 37.64 -53.38
N GLU B 494 84.74 38.42 -54.01
CA GLU B 494 84.33 38.11 -55.37
C GLU B 494 85.54 38.20 -56.30
N HIS B 495 86.38 39.20 -56.09
CA HIS B 495 87.61 39.30 -56.86
C HIS B 495 88.49 38.07 -56.67
N GLN B 496 88.66 37.66 -55.40
CA GLN B 496 89.45 36.47 -55.07
C GLN B 496 88.82 35.22 -55.67
N VAL B 497 87.50 35.12 -55.61
CA VAL B 497 86.79 33.95 -56.10
C VAL B 497 87.05 33.80 -57.59
N PHE B 498 86.87 34.90 -58.32
CA PHE B 498 87.07 34.84 -59.76
C PHE B 498 88.53 34.63 -60.09
N THR B 499 89.45 35.16 -59.29
CA THR B 499 90.86 34.86 -59.51
C THR B 499 91.12 33.37 -59.40
N TRP B 500 90.64 32.74 -58.34
CA TRP B 500 90.82 31.30 -58.18
C TRP B 500 90.12 30.57 -59.31
N ILE B 501 88.95 31.06 -59.69
CA ILE B 501 88.21 30.52 -60.83
C ILE B 501 89.08 30.59 -62.06
N GLU B 502 89.70 31.74 -62.26
CA GLU B 502 90.48 32.07 -63.43
C GLU B 502 91.87 31.48 -63.40
N GLN B 503 92.29 30.92 -62.27
CA GLN B 503 93.61 30.28 -62.29
C GLN B 503 93.56 29.02 -63.13
N HIS B 504 92.37 28.56 -63.50
CA HIS B 504 92.21 27.40 -64.37
C HIS B 504 91.26 27.84 -65.48
N PRO B 505 91.77 28.64 -66.42
CA PRO B 505 90.96 29.20 -67.52
C PRO B 505 90.34 28.17 -68.46
N LYS B 506 90.99 27.01 -68.54
CA LYS B 506 90.59 25.88 -69.36
C LYS B 506 89.14 25.42 -69.27
N LEU B 507 88.56 25.35 -68.08
CA LEU B 507 87.14 25.00 -67.99
C LEU B 507 86.26 26.03 -68.66
N ILE B 508 85.23 25.53 -69.34
CA ILE B 508 84.29 26.26 -70.18
C ILE B 508 83.29 26.92 -69.24
N PHE B 509 83.20 28.25 -69.28
CA PHE B 509 82.19 28.90 -68.46
C PHE B 509 81.12 29.53 -69.32
N SER B 510 79.89 29.09 -69.15
CA SER B 510 78.77 29.69 -69.84
C SER B 510 78.42 31.03 -69.21
N ASN B 511 77.78 31.89 -69.99
CA ASN B 511 77.28 33.14 -69.44
C ASN B 511 76.35 32.87 -68.26
N GLU B 512 75.58 31.79 -68.36
CA GLU B 512 74.72 31.38 -67.25
C GLU B 512 75.50 30.99 -65.99
N ARG B 513 76.58 30.21 -66.09
CA ARG B 513 77.29 29.89 -64.86
C ARG B 513 77.91 31.13 -64.21
N ARG B 514 78.51 32.00 -65.02
CA ARG B 514 79.08 33.22 -64.46
C ARG B 514 78.01 34.13 -63.87
N GLN B 515 76.86 34.26 -64.54
CA GLN B 515 75.78 35.05 -63.99
C GLN B 515 75.28 34.45 -62.69
N GLU B 516 75.24 33.12 -62.61
CA GLU B 516 74.83 32.45 -61.39
C GLU B 516 75.82 32.76 -60.27
N ILE B 517 77.12 32.73 -60.57
CA ILE B 517 78.12 33.08 -59.56
C ILE B 517 77.94 34.52 -59.11
N ALA B 518 77.64 35.41 -60.06
CA ALA B 518 77.39 36.80 -59.70
C ALA B 518 76.19 36.92 -58.78
N ARG B 519 75.10 36.22 -59.11
CA ARG B 519 73.92 36.23 -58.27
C ARG B 519 74.23 35.74 -56.86
N SER B 520 74.94 34.61 -56.78
CA SER B 520 75.24 34.04 -55.47
C SER B 520 76.12 35.00 -54.65
N ILE B 521 77.16 35.54 -55.27
CA ILE B 521 78.08 36.37 -54.51
C ILE B 521 77.36 37.64 -54.08
N GLU B 522 76.49 38.17 -54.95
CA GLU B 522 75.90 39.47 -54.67
C GLU B 522 75.00 39.39 -53.44
N GLY B 523 74.20 38.34 -53.34
CA GLY B 523 73.26 38.20 -52.25
C GLY B 523 73.69 37.26 -51.15
N LEU B 524 74.96 37.26 -50.74
CA LEU B 524 75.38 36.30 -49.74
C LEU B 524 74.84 36.67 -48.36
N TYR B 525 74.33 35.66 -47.65
CA TYR B 525 73.80 35.80 -46.29
C TYR B 525 72.51 36.62 -46.24
N GLU B 526 72.07 37.18 -47.37
CA GLU B 526 70.75 37.80 -47.41
C GLU B 526 69.77 36.97 -48.22
N GLU B 527 70.26 36.21 -49.20
CA GLU B 527 69.38 35.37 -50.00
C GLU B 527 69.89 33.94 -50.00
N ASN B 528 71.21 33.74 -50.00
CA ASN B 528 71.73 32.39 -50.01
C ASN B 528 73.13 32.37 -49.41
N ARG B 529 73.45 31.24 -48.79
CA ARG B 529 74.75 30.95 -48.21
C ARG B 529 75.80 30.81 -49.30
N TYR B 530 77.07 30.82 -48.90
CA TYR B 530 78.16 30.70 -49.87
C TYR B 530 78.22 29.31 -50.45
N GLU B 531 77.68 28.32 -49.72
CA GLU B 531 77.72 26.95 -50.18
C GLU B 531 77.14 26.82 -51.58
N GLN B 532 76.07 27.56 -51.87
CA GLN B 532 75.44 27.42 -53.17
C GLN B 532 76.44 27.73 -54.29
N VAL B 533 77.45 28.54 -53.98
CA VAL B 533 78.56 28.78 -54.90
C VAL B 533 79.42 27.53 -55.02
N ARG B 534 79.80 26.97 -53.88
CA ARG B 534 80.64 25.78 -53.88
C ARG B 534 79.98 24.59 -54.54
N GLU B 535 78.65 24.45 -54.43
CA GLU B 535 78.03 23.35 -55.15
C GLU B 535 78.27 23.47 -56.65
N LYS B 536 78.06 24.65 -57.21
CA LYS B 536 78.17 24.84 -58.65
C LYS B 536 79.62 24.78 -59.11
N LEU B 537 80.55 25.31 -58.32
CA LEU B 537 81.95 25.17 -58.73
C LEU B 537 82.37 23.72 -58.72
N LEU B 538 82.09 22.99 -57.64
CA LEU B 538 82.50 21.60 -57.66
C LEU B 538 81.74 20.83 -58.72
N ALA B 539 80.53 21.30 -59.06
CA ALA B 539 79.78 20.71 -60.16
C ALA B 539 80.54 20.83 -61.47
N VAL B 540 81.01 22.03 -61.78
CA VAL B 540 81.73 22.22 -63.04
C VAL B 540 83.03 21.43 -63.02
N VAL B 541 83.76 21.48 -61.91
CA VAL B 541 85.01 20.76 -61.84
C VAL B 541 84.75 19.28 -62.02
N ASN B 542 83.69 18.79 -61.40
CA ASN B 542 83.33 17.39 -61.49
C ASN B 542 82.93 17.02 -62.91
N ASP B 543 82.16 17.86 -63.58
CA ASP B 543 81.80 17.53 -64.96
C ASP B 543 83.04 17.45 -65.84
N TYR B 544 83.95 18.39 -65.69
CA TYR B 544 85.18 18.36 -66.49
C TYR B 544 85.96 17.09 -66.19
N ILE B 545 86.12 16.78 -64.91
CA ILE B 545 86.88 15.60 -64.52
C ILE B 545 86.14 14.34 -64.96
N THR B 546 84.82 14.38 -64.99
CA THR B 546 84.04 13.25 -65.49
C THR B 546 84.44 12.97 -66.92
N ASP B 547 84.48 14.02 -67.75
CA ASP B 547 84.87 13.83 -69.13
C ASP B 547 86.30 13.30 -69.19
N ILE B 548 87.16 13.83 -68.32
CA ILE B 548 88.54 13.40 -68.26
C ILE B 548 88.62 11.91 -67.91
N SER B 549 87.83 11.48 -66.94
CA SER B 549 87.82 10.08 -66.53
C SER B 549 87.31 9.20 -67.66
N THR B 550 86.29 9.65 -68.37
CA THR B 550 85.80 8.90 -69.51
C THR B 550 86.92 8.72 -70.52
N LYS B 551 87.66 9.79 -70.79
CA LYS B 551 88.78 9.71 -71.73
C LYS B 551 89.86 8.80 -71.17
N LYS B 552 90.01 8.75 -69.85
CA LYS B 552 90.96 7.84 -69.23
C LYS B 552 90.54 6.41 -69.56
N LYS B 553 89.26 6.14 -69.44
CA LYS B 553 88.74 4.82 -69.78
C LYS B 553 88.99 4.55 -71.26
N LEU B 554 88.86 5.58 -72.09
CA LEU B 554 89.15 5.41 -73.52
C LEU B 554 90.58 4.96 -73.69
N MET B 555 91.50 5.58 -72.94
CA MET B 555 92.89 5.17 -73.01
C MET B 555 93.07 3.75 -72.51
N GLU B 556 92.30 3.34 -71.49
CA GLU B 556 92.38 1.95 -71.05
C GLU B 556 91.93 0.99 -72.15
N THR B 557 90.84 1.31 -72.83
CA THR B 557 90.43 0.49 -73.96
C THR B 557 91.51 0.46 -75.02
N LYS B 558 92.08 1.62 -75.35
CA LYS B 558 93.12 1.68 -76.37
C LYS B 558 94.32 0.83 -75.96
N ILE B 559 94.74 0.91 -74.69
CA ILE B 559 95.93 0.18 -74.27
C ILE B 559 95.64 -1.31 -74.29
N GLU B 560 94.42 -1.71 -73.90
CA GLU B 560 94.04 -3.11 -74.00
C GLU B 560 94.05 -3.58 -75.45
N ASP B 561 93.49 -2.77 -76.36
CA ASP B 561 93.47 -3.12 -77.77
C ASP B 561 94.87 -3.23 -78.34
N LYS B 562 95.76 -2.31 -77.98
CA LYS B 562 97.12 -2.37 -78.50
C LYS B 562 97.85 -3.57 -77.93
N LYS B 563 97.55 -3.95 -76.68
CA LYS B 563 98.07 -5.20 -76.16
C LYS B 563 97.57 -6.37 -76.99
N HIS B 564 96.29 -6.35 -77.36
CA HIS B 564 95.73 -7.41 -78.19
C HIS B 564 96.45 -7.49 -79.53
N GLU B 565 96.69 -6.33 -80.14
CA GLU B 565 97.37 -6.30 -81.44
C GLU B 565 98.80 -6.79 -81.29
N LEU B 566 99.48 -6.40 -80.22
CA LEU B 566 100.83 -6.90 -79.96
C LEU B 566 100.84 -8.41 -79.78
N GLU B 567 99.86 -8.94 -79.05
CA GLU B 567 99.78 -10.38 -78.89
C GLU B 567 99.52 -11.09 -80.21
N ALA B 568 98.66 -10.52 -81.06
CA ALA B 568 98.43 -11.12 -82.37
C ALA B 568 99.70 -11.10 -83.21
N ALA B 569 100.41 -9.96 -83.19
CA ALA B 569 101.67 -9.85 -83.92
C ALA B 569 102.70 -10.84 -83.39
N ARG B 570 102.79 -10.99 -82.08
CA ARG B 570 103.73 -11.95 -81.50
C ARG B 570 103.37 -13.38 -81.88
N ALA B 571 102.07 -13.70 -81.90
CA ALA B 571 101.66 -15.03 -82.34
C ALA B 571 102.06 -15.26 -83.79
N GLU B 572 101.84 -14.26 -84.64
CA GLU B 572 102.26 -14.36 -86.03
C GLU B 572 103.77 -14.50 -86.14
N LEU B 573 104.51 -13.76 -85.31
CA LEU B 573 105.96 -13.85 -85.30
C LEU B 573 106.40 -15.26 -84.93
N HIS B 574 105.76 -15.85 -83.92
CA HIS B 574 106.06 -17.23 -83.55
C HIS B 574 105.77 -18.17 -84.71
N HIS B 575 104.64 -17.96 -85.39
CA HIS B 575 104.26 -18.81 -86.50
C HIS B 575 105.29 -18.72 -87.61
N TRP B 576 105.76 -17.51 -87.90
CA TRP B 576 106.77 -17.33 -88.95
C TRP B 576 108.09 -17.94 -88.51
N LYS B 577 108.43 -17.81 -87.22
CA LYS B 577 109.66 -18.42 -86.73
C LYS B 577 109.62 -19.93 -86.93
N THR B 578 108.50 -20.57 -86.62
CA THR B 578 108.51 -22.02 -86.71
C THR B 578 108.41 -22.47 -88.17
N LEU B 579 107.82 -21.63 -89.04
CA LEU B 579 107.59 -21.95 -90.45
C LEU B 579 108.92 -22.15 -91.16
N LYS B 580 109.62 -23.26 -90.93
CA LYS B 580 110.91 -23.44 -91.59
C LYS B 580 110.76 -23.63 -93.10
N MET B 581 109.90 -24.54 -93.54
CA MET B 581 109.85 -24.88 -94.95
C MET B 581 108.55 -24.43 -95.62
N PRO B 582 108.54 -23.30 -96.32
CA PRO B 582 107.33 -22.86 -97.02
C PRO B 582 107.01 -23.77 -98.20
N ASN B 583 105.74 -23.77 -98.60
CA ASN B 583 105.27 -24.65 -99.65
C ASN B 583 104.59 -23.85 -100.75
N PRO B 584 104.60 -24.33 -102.00
CA PRO B 584 103.81 -23.67 -103.04
C PRO B 584 102.31 -23.85 -102.82
N ASP B 585 101.50 -23.29 -103.72
CA ASP B 585 100.05 -23.43 -103.60
C ASP B 585 99.65 -24.89 -103.77
N ARG B 586 98.68 -25.35 -102.99
CA ARG B 586 98.28 -26.76 -103.05
C ARG B 586 96.79 -26.89 -102.79
N ALA B 587 96.24 -28.02 -103.23
CA ALA B 587 94.89 -28.43 -102.89
C ALA B 587 94.94 -29.54 -101.83
N LYS B 588 93.91 -29.61 -101.00
CA LYS B 588 93.89 -30.64 -99.97
C LYS B 588 93.98 -32.04 -100.61
N ASP B 589 93.38 -32.19 -101.80
CA ASP B 589 93.45 -33.43 -102.54
C ASP B 589 94.86 -33.80 -102.94
N THR B 590 95.69 -32.81 -103.26
CA THR B 590 97.09 -33.11 -103.59
C THR B 590 97.81 -33.71 -102.39
N GLU B 591 97.60 -33.14 -101.20
CA GLU B 591 98.21 -33.69 -100.00
C GLU B 591 97.67 -35.10 -99.72
N ALA B 592 96.37 -35.30 -99.90
CA ALA B 592 95.81 -36.64 -99.72
C ALA B 592 96.42 -37.65 -100.68
N PHE B 593 96.57 -37.26 -101.95
CA PHE B 593 97.17 -38.14 -102.94
C PHE B 593 98.61 -38.47 -102.59
N ARG B 594 99.34 -37.49 -102.06
CA ARG B 594 100.75 -37.71 -101.75
C ARG B 594 100.86 -38.61 -100.52
N LEU B 595 99.90 -38.49 -99.61
CA LEU B 595 99.80 -39.47 -98.53
C LEU B 595 99.51 -40.86 -99.08
N GLN B 596 98.66 -40.94 -100.11
CA GLN B 596 98.43 -42.23 -100.76
C GLN B 596 99.70 -42.78 -101.40
N LEU B 597 100.50 -41.91 -102.00
CA LEU B 597 101.78 -42.34 -102.56
C LEU B 597 102.69 -42.87 -101.46
N LEU B 598 102.74 -42.17 -100.33
CA LEU B 598 103.52 -42.65 -99.19
C LEU B 598 103.01 -44.01 -98.73
N GLU B 599 101.69 -44.19 -98.68
CA GLU B 599 101.09 -45.45 -98.29
C GLU B 599 101.50 -46.59 -99.23
N ASP B 600 101.47 -46.34 -100.53
CA ASP B 600 101.75 -47.41 -101.49
C ASP B 600 103.24 -47.69 -101.61
N GLY B 601 104.05 -46.64 -101.47
CA GLY B 601 105.50 -46.77 -101.48
C GLY B 601 106.12 -46.40 -102.79
N GLN B 602 105.65 -45.32 -103.42
CA GLN B 602 106.28 -44.79 -104.62
C GLN B 602 107.44 -43.90 -104.25
N ALA B 603 108.52 -43.99 -105.00
CA ALA B 603 109.66 -43.11 -104.77
C ALA B 603 109.37 -41.76 -105.40
N PHE B 604 108.85 -40.84 -104.59
CA PHE B 604 108.38 -39.55 -105.08
C PHE B 604 108.86 -38.45 -104.16
N ILE B 605 109.09 -37.27 -104.75
CA ILE B 605 109.47 -36.07 -104.03
C ILE B 605 108.95 -34.87 -104.82
N PRO B 606 108.41 -33.83 -104.19
CA PRO B 606 107.99 -32.67 -105.00
C PRO B 606 109.20 -31.97 -105.60
N PHE B 607 108.97 -31.31 -106.72
CA PHE B 607 110.08 -30.68 -107.45
C PHE B 607 110.83 -29.69 -106.57
N TYR B 608 110.13 -28.78 -105.90
CA TYR B 608 110.81 -27.73 -105.15
C TYR B 608 111.69 -28.31 -104.05
N ALA B 609 111.29 -29.46 -103.50
CA ALA B 609 112.09 -30.09 -102.45
C ALA B 609 113.28 -30.84 -103.02
N ALA B 610 113.26 -31.15 -104.32
CA ALA B 610 114.30 -31.98 -104.92
C ALA B 610 115.23 -31.20 -105.84
N VAL B 611 115.17 -29.87 -105.87
CA VAL B 611 116.00 -29.11 -106.79
C VAL B 611 116.59 -27.89 -106.10
N GLU B 612 117.63 -27.36 -106.72
CA GLU B 612 118.31 -26.14 -106.26
C GLU B 612 119.04 -25.58 -107.47
N PHE B 613 119.18 -24.26 -107.50
CA PHE B 613 119.92 -23.62 -108.58
C PHE B 613 121.42 -23.71 -108.39
N GLN B 614 122.13 -23.83 -109.51
CA GLN B 614 123.58 -23.70 -109.54
C GLN B 614 124.01 -22.28 -109.19
N ASP B 615 125.20 -22.18 -108.59
CA ASP B 615 125.65 -20.91 -108.02
C ASP B 615 125.64 -19.78 -109.04
N ASP B 616 126.00 -20.05 -110.28
CA ASP B 616 126.14 -19.01 -111.31
C ASP B 616 124.82 -18.48 -111.83
N VAL B 617 123.69 -19.13 -111.53
CA VAL B 617 122.39 -18.62 -111.95
C VAL B 617 121.97 -17.44 -111.07
N THR B 618 122.09 -16.23 -111.61
CA THR B 618 121.88 -15.02 -110.84
C THR B 618 120.43 -14.96 -110.35
N GLU B 619 120.17 -14.07 -109.39
CA GLU B 619 118.85 -14.02 -108.78
C GLU B 619 117.76 -13.76 -109.82
N GLU B 620 118.06 -12.98 -110.85
CA GLU B 620 117.05 -12.71 -111.88
C GLU B 620 116.66 -13.98 -112.61
N GLN B 621 117.65 -14.79 -113.00
CA GLN B 621 117.33 -16.07 -113.64
C GLN B 621 116.63 -17.01 -112.68
N LYS B 622 117.01 -16.96 -111.40
CA LYS B 622 116.27 -17.73 -110.39
C LYS B 622 114.80 -17.34 -110.40
N GLU B 623 114.53 -16.04 -110.40
CA GLU B 623 113.15 -15.55 -110.41
C GLU B 623 112.42 -16.04 -111.65
N ARG B 624 113.06 -15.90 -112.82
CA ARG B 624 112.40 -16.32 -114.05
C ARG B 624 112.07 -17.81 -114.04
N ILE B 625 113.05 -18.64 -113.67
CA ILE B 625 112.82 -20.08 -113.68
C ILE B 625 111.74 -20.47 -112.66
N GLU B 626 111.82 -19.92 -111.45
CA GLU B 626 110.82 -20.26 -110.44
C GLU B 626 109.44 -19.76 -110.80
N SER B 627 109.34 -18.56 -111.37
CA SER B 627 108.04 -18.04 -111.78
C SER B 627 107.43 -18.90 -112.88
N ALA B 628 108.23 -19.26 -113.89
CA ALA B 628 107.69 -20.10 -114.95
C ALA B 628 107.26 -21.46 -114.40
N LEU B 629 108.08 -22.07 -113.54
CA LEU B 629 107.71 -23.35 -112.96
C LEU B 629 106.47 -23.25 -112.07
N LYS B 630 106.36 -22.19 -111.27
CA LYS B 630 105.20 -21.98 -110.41
C LYS B 630 103.93 -21.79 -111.23
N GLN B 631 104.01 -21.01 -112.30
CA GLN B 631 102.84 -20.80 -113.16
C GLN B 631 102.41 -22.14 -113.78
N THR B 632 103.38 -22.93 -114.24
CA THR B 632 103.14 -24.24 -114.81
C THR B 632 102.67 -25.26 -113.79
N GLY B 633 102.86 -25.01 -112.49
CA GLY B 633 102.48 -26.01 -111.52
C GLY B 633 103.60 -27.01 -111.29
N ILE B 634 104.74 -26.80 -111.95
CA ILE B 634 105.86 -27.73 -111.83
C ILE B 634 106.62 -27.49 -110.54
N LEU B 635 106.47 -26.32 -109.93
CA LEU B 635 107.21 -26.04 -108.71
C LEU B 635 106.86 -27.07 -107.65
N ASP B 636 105.60 -27.51 -107.62
CA ASP B 636 105.17 -28.49 -106.64
C ASP B 636 104.89 -29.87 -107.27
N SER B 637 105.18 -30.06 -108.55
CA SER B 637 104.89 -31.33 -109.20
C SER B 637 105.81 -32.43 -108.66
N LEU B 638 105.38 -33.67 -108.87
CA LEU B 638 106.04 -34.84 -108.29
C LEU B 638 107.00 -35.49 -109.27
N ILE B 639 108.23 -35.71 -108.80
CA ILE B 639 109.23 -36.49 -109.52
C ILE B 639 109.20 -37.92 -108.98
N THR B 640 108.93 -38.88 -109.88
CA THR B 640 108.77 -40.30 -109.53
C THR B 640 109.65 -41.21 -110.38
N GLU B 641 110.25 -42.24 -109.76
CA GLU B 641 111.02 -43.20 -110.56
C GLU B 641 110.14 -43.96 -111.55
N ASN B 642 108.91 -44.28 -111.17
CA ASN B 642 107.91 -44.86 -112.07
C ASN B 642 107.17 -43.80 -112.85
N ALA B 643 106.68 -44.21 -114.03
CA ALA B 643 105.86 -43.35 -114.89
C ALA B 643 104.46 -43.25 -114.26
N LEU B 644 104.40 -42.58 -113.13
CA LEU B 644 103.20 -42.55 -112.31
C LEU B 644 102.11 -41.71 -112.95
N ALA B 645 100.87 -42.18 -112.80
CA ALA B 645 99.70 -41.40 -113.17
C ALA B 645 99.04 -40.85 -111.91
N PRO B 646 99.08 -39.55 -111.67
CA PRO B 646 98.61 -39.01 -110.38
C PRO B 646 97.09 -39.01 -110.25
N THR B 647 96.66 -38.88 -109.00
CA THR B 647 95.26 -38.67 -108.65
C THR B 647 95.17 -37.38 -107.82
N HIS B 648 94.55 -36.35 -108.39
CA HIS B 648 94.46 -35.02 -107.78
C HIS B 648 95.84 -34.38 -107.60
N ASP B 649 96.79 -34.69 -108.49
CA ASP B 649 98.16 -34.20 -108.38
C ASP B 649 98.80 -34.19 -109.75
N ARG B 650 99.97 -33.57 -109.86
CA ARG B 650 100.71 -33.49 -111.11
C ARG B 650 101.99 -34.31 -110.93
N VAL B 651 102.31 -35.12 -111.92
CA VAL B 651 103.50 -35.97 -111.90
C VAL B 651 104.28 -35.80 -113.19
N ILE B 652 105.59 -35.66 -113.06
CA ILE B 652 106.51 -35.61 -114.20
C ILE B 652 107.01 -37.04 -114.40
N ARG B 653 107.42 -37.37 -115.62
CA ARG B 653 107.98 -38.68 -115.87
C ARG B 653 109.21 -38.58 -116.75
N PRO B 654 110.11 -39.56 -116.67
CA PRO B 654 111.35 -39.49 -117.47
C PRO B 654 111.08 -39.80 -118.94
N GLU B 655 110.00 -39.24 -119.51
CA GLU B 655 109.77 -39.39 -120.93
C GLU B 655 110.86 -38.65 -121.70
N PRO B 656 111.52 -39.33 -122.63
CA PRO B 656 112.69 -38.78 -123.34
C PRO B 656 112.41 -37.52 -124.16
N GLN B 657 112.32 -36.35 -123.50
CA GLN B 657 112.14 -35.18 -124.35
C GLN B 657 113.53 -34.62 -124.66
N LEU B 658 114.20 -35.30 -125.57
CA LEU B 658 115.59 -35.07 -125.96
C LEU B 658 115.81 -33.82 -126.80
N LEU B 659 114.74 -33.17 -127.27
CA LEU B 659 114.86 -31.97 -128.09
C LEU B 659 114.98 -30.63 -127.36
N GLY B 660 116.03 -29.91 -127.72
CA GLY B 660 116.40 -28.65 -127.10
C GLY B 660 117.12 -28.73 -125.75
N TYR B 661 117.42 -27.54 -125.24
CA TYR B 661 118.06 -27.38 -123.97
C TYR B 661 117.08 -27.75 -122.87
N THR B 662 117.60 -28.03 -121.68
CA THR B 662 116.72 -28.36 -120.57
C THR B 662 117.20 -27.72 -119.27
N LEU B 663 116.27 -27.64 -118.32
CA LEU B 663 116.57 -27.01 -117.03
C LEU B 663 117.66 -27.76 -116.27
N ALA B 664 117.92 -29.02 -116.62
CA ALA B 664 119.03 -29.74 -116.01
C ALA B 664 120.35 -29.00 -116.19
N ASP B 665 120.46 -28.23 -117.28
CA ASP B 665 121.65 -27.42 -117.53
C ASP B 665 121.80 -26.37 -116.44
N TYR B 666 120.68 -25.91 -115.89
CA TYR B 666 120.63 -24.80 -114.96
C TYR B 666 120.35 -25.22 -113.52
N LEU B 667 119.93 -26.47 -113.30
CA LEU B 667 119.47 -26.93 -112.01
C LEU B 667 120.23 -28.18 -111.58
N ARG B 668 120.31 -28.37 -110.26
CA ARG B 668 120.95 -29.52 -109.66
C ARG B 668 120.06 -30.09 -108.56
N PRO B 669 120.16 -31.40 -108.29
CA PRO B 669 119.29 -31.98 -107.26
C PRO B 669 119.66 -31.55 -105.85
N ASP B 670 118.65 -31.55 -104.99
CA ASP B 670 118.75 -31.26 -103.57
C ASP B 670 117.86 -32.23 -102.82
N LEU B 671 117.92 -33.52 -103.16
CA LEU B 671 116.99 -34.42 -102.51
C LEU B 671 117.23 -34.48 -101.01
N GLU B 672 116.12 -34.53 -100.26
CA GLU B 672 116.12 -34.59 -98.81
C GLU B 672 116.03 -36.05 -98.35
N ALA B 673 116.07 -36.24 -97.02
CA ALA B 673 116.12 -37.58 -96.46
C ALA B 673 114.88 -38.39 -96.81
N ASP B 674 113.90 -37.78 -97.50
CA ASP B 674 112.64 -38.45 -97.82
C ASP B 674 112.56 -39.02 -99.22
N SER B 675 113.35 -38.52 -100.17
CA SER B 675 113.28 -39.05 -101.52
C SER B 675 114.03 -40.37 -101.69
N LEU B 676 113.29 -41.38 -102.11
CA LEU B 676 113.79 -42.71 -102.48
C LEU B 676 114.39 -42.68 -103.88
N ILE B 677 114.19 -41.57 -104.60
CA ILE B 677 114.67 -41.36 -105.95
C ILE B 677 116.16 -41.11 -106.00
N SER B 678 116.79 -41.56 -107.08
CA SER B 678 118.21 -41.39 -107.32
C SER B 678 118.45 -40.06 -108.02
N ASN B 679 119.58 -39.43 -107.70
CA ASN B 679 119.94 -38.14 -108.29
C ASN B 679 120.06 -38.16 -109.81
N LYS B 680 120.64 -39.22 -110.40
CA LYS B 680 120.75 -39.20 -111.86
C LYS B 680 119.38 -39.16 -112.53
N LEU B 681 118.40 -39.89 -111.98
CA LEU B 681 117.04 -39.81 -112.53
C LEU B 681 116.47 -38.40 -112.39
N VAL B 682 116.68 -37.75 -111.24
CA VAL B 682 116.18 -36.38 -111.05
C VAL B 682 116.82 -35.48 -112.09
N ASP B 683 118.10 -35.68 -112.35
CA ASP B 683 118.77 -34.87 -113.35
C ASP B 683 118.10 -35.10 -114.70
N GLU B 684 117.80 -36.36 -115.02
CA GLU B 684 117.11 -36.65 -116.27
C GLU B 684 115.73 -36.00 -116.33
N ILE B 685 114.96 -36.02 -115.25
CA ILE B 685 113.65 -35.34 -115.24
C ILE B 685 113.84 -33.84 -115.41
N LEU B 686 114.89 -33.29 -114.82
CA LEU B 686 115.24 -31.90 -115.08
C LEU B 686 115.45 -31.69 -116.56
N ARG B 687 116.15 -32.64 -117.19
CA ARG B 687 116.27 -32.65 -118.65
C ARG B 687 114.89 -32.79 -119.31
N SER B 688 113.94 -33.39 -118.60
CA SER B 688 112.60 -33.58 -119.15
C SER B 688 111.83 -32.26 -119.18
N ILE B 689 112.32 -31.24 -118.49
CA ILE B 689 111.65 -29.95 -118.52
C ILE B 689 112.40 -29.19 -119.60
N SER B 690 111.80 -29.20 -120.79
CA SER B 690 112.36 -28.57 -121.98
C SER B 690 112.32 -27.04 -121.91
N LEU B 691 113.28 -26.44 -122.61
CA LEU B 691 113.37 -25.02 -122.90
C LEU B 691 112.81 -24.71 -124.28
N GLU B 692 112.25 -25.72 -124.93
CA GLU B 692 111.63 -25.68 -126.24
C GLU B 692 110.31 -26.43 -126.20
N GLN B 693 109.43 -26.09 -127.13
CA GLN B 693 108.05 -26.55 -127.13
C GLN B 693 107.80 -27.51 -128.29
N GLU B 694 106.95 -28.51 -128.05
CA GLU B 694 106.54 -29.46 -129.08
C GLU B 694 105.03 -29.63 -129.18
N GLY B 695 104.41 -29.12 -130.24
CA GLY B 695 102.97 -29.24 -130.39
C GLY B 695 102.29 -28.65 -129.18
N ALA B 696 101.39 -29.45 -128.62
CA ALA B 696 100.73 -29.16 -127.36
C ALA B 696 101.69 -29.68 -126.30
N GLY B 697 102.94 -29.21 -126.35
CA GLY B 697 103.98 -29.76 -125.50
C GLY B 697 104.14 -29.00 -124.20
N PHE B 698 104.74 -29.68 -123.23
CA PHE B 698 104.99 -29.14 -121.91
C PHE B 698 106.46 -28.73 -121.85
N HIS B 699 106.72 -27.46 -121.52
CA HIS B 699 108.08 -26.94 -121.41
C HIS B 699 108.14 -25.73 -120.48
N VAL B 700 109.32 -25.52 -119.89
CA VAL B 700 109.58 -24.34 -119.03
C VAL B 700 110.97 -23.81 -119.32
N ASP B 701 111.05 -22.73 -120.11
CA ASP B 701 112.32 -22.15 -120.54
C ASP B 701 112.87 -21.22 -119.47
N VAL B 702 114.17 -20.93 -119.55
CA VAL B 702 114.80 -20.05 -118.57
C VAL B 702 114.49 -18.59 -118.84
N ASP B 703 113.92 -18.26 -120.00
CA ASP B 703 113.64 -16.87 -120.33
C ASP B 703 112.27 -16.42 -119.85
N GLY B 704 111.54 -17.27 -119.12
CA GLY B 704 110.21 -16.95 -118.69
C GLY B 704 109.07 -17.47 -119.54
N SER B 705 109.34 -18.23 -120.59
CA SER B 705 108.28 -18.79 -121.41
C SER B 705 108.03 -20.23 -121.04
N TYR B 706 106.76 -20.62 -121.00
CA TYR B 706 106.36 -21.97 -120.64
C TYR B 706 105.07 -22.30 -121.36
N SER B 707 104.71 -23.58 -121.36
CA SER B 707 103.48 -24.05 -121.98
C SER B 707 103.23 -25.47 -121.50
N LEU B 708 101.96 -25.82 -121.37
CA LEU B 708 101.58 -27.21 -121.13
C LEU B 708 100.19 -27.45 -121.73
N GLY B 709 100.18 -28.05 -122.92
CA GLY B 709 98.96 -28.18 -123.68
C GLY B 709 99.11 -27.47 -125.01
N CYS B 710 98.02 -27.47 -125.78
CA CYS B 710 97.99 -26.80 -127.07
C CYS B 710 97.97 -25.29 -126.87
N LEU B 711 99.08 -24.77 -126.34
CA LEU B 711 99.17 -23.42 -125.81
C LEU B 711 100.62 -22.96 -125.79
N VAL B 712 100.79 -21.66 -125.63
CA VAL B 712 102.07 -20.99 -125.47
C VAL B 712 101.90 -20.06 -124.28
N GLY B 713 102.93 -19.97 -123.44
CA GLY B 713 102.82 -19.20 -122.22
C GLY B 713 104.07 -18.43 -121.88
N HIS B 714 103.87 -17.36 -121.13
CA HIS B 714 104.95 -16.51 -120.64
C HIS B 714 104.61 -16.20 -119.19
N ALA B 715 105.64 -16.13 -118.36
CA ALA B 715 105.45 -15.99 -116.93
C ALA B 715 105.52 -14.53 -116.49
N PRO B 716 104.73 -14.13 -115.51
CA PRO B 716 104.86 -12.79 -114.95
C PRO B 716 105.90 -12.76 -113.84
N ASN B 717 106.04 -11.60 -113.21
CA ASN B 717 106.89 -11.45 -112.05
C ASN B 717 106.12 -11.85 -110.80
N GLU B 718 106.71 -12.71 -109.97
CA GLU B 718 106.06 -13.13 -108.74
C GLU B 718 107.03 -13.23 -107.57
N GLY B 719 108.06 -12.38 -107.55
CA GLY B 719 109.03 -12.41 -106.48
C GLY B 719 110.27 -13.22 -106.80
N PRO B 720 111.31 -13.04 -106.00
CA PRO B 720 112.54 -13.80 -106.23
C PRO B 720 112.33 -15.24 -105.80
N SER B 721 113.26 -16.11 -106.19
CA SER B 721 113.15 -17.51 -105.81
C SER B 721 113.03 -17.63 -104.30
N LYS B 722 111.98 -18.31 -103.85
CA LYS B 722 111.66 -18.40 -102.43
C LYS B 722 111.31 -19.82 -101.99
N TYR B 723 111.30 -20.78 -102.90
CA TYR B 723 110.94 -22.15 -102.59
C TYR B 723 111.99 -23.13 -103.10
N ILE B 724 112.55 -22.86 -104.27
CA ILE B 724 113.64 -23.66 -104.81
C ILE B 724 114.94 -23.23 -104.17
N GLY B 725 115.71 -24.18 -103.65
CA GLY B 725 116.96 -23.87 -102.99
C GLY B 725 116.82 -23.71 -101.48
N ARG B 726 117.93 -24.01 -100.80
CA ARG B 726 117.94 -24.02 -99.34
C ARG B 726 117.84 -22.60 -98.77
N SER B 727 118.59 -21.67 -99.34
CA SER B 727 118.59 -20.29 -98.86
C SER B 727 117.26 -19.60 -99.08
N SER B 728 116.63 -19.81 -100.24
CA SER B 728 115.39 -19.12 -100.58
C SER B 728 114.25 -19.44 -99.62
N ARG B 729 114.13 -20.72 -99.25
CA ARG B 729 113.09 -21.08 -98.30
C ARG B 729 113.29 -20.36 -96.97
N LYS B 730 114.55 -20.27 -96.50
CA LYS B 730 114.78 -19.54 -95.27
C LYS B 730 114.52 -18.05 -95.49
N ARG B 731 114.74 -17.57 -96.72
CA ARG B 731 114.57 -16.15 -97.04
C ARG B 731 113.13 -15.71 -96.80
N TYR B 732 112.19 -16.54 -97.24
CA TYR B 732 110.78 -16.15 -97.13
C TYR B 732 110.42 -16.00 -95.66
N GLN B 733 110.88 -16.95 -94.84
CA GLN B 733 110.61 -16.92 -93.41
C GLN B 733 111.30 -15.76 -92.74
N GLN B 734 112.51 -15.42 -93.19
CA GLN B 734 113.21 -14.25 -92.67
C GLN B 734 112.45 -12.96 -92.95
N GLU B 735 111.94 -12.80 -94.18
CA GLU B 735 111.15 -11.61 -94.48
C GLU B 735 109.90 -11.53 -93.62
N LYS B 736 109.21 -12.65 -93.45
CA LYS B 736 107.99 -12.61 -92.64
C LYS B 736 108.30 -12.29 -91.17
N ILE B 737 109.36 -12.91 -90.64
CA ILE B 737 109.73 -12.68 -89.25
C ILE B 737 110.13 -11.24 -89.01
N LYS B 738 110.90 -10.67 -89.95
CA LYS B 738 111.29 -9.27 -89.81
C LYS B 738 110.10 -8.32 -89.92
N GLU B 739 109.14 -8.64 -90.79
CA GLU B 739 107.93 -7.83 -90.85
C GLU B 739 107.17 -7.87 -89.53
N CYS B 740 107.01 -9.06 -88.95
CA CYS B 740 106.34 -9.15 -87.65
C CYS B 740 107.09 -8.37 -86.57
N GLN B 741 108.41 -8.48 -86.55
CA GLN B 741 109.17 -7.76 -85.54
C GLN B 741 109.00 -6.24 -85.69
N GLU B 742 109.03 -5.75 -86.93
CA GLU B 742 108.82 -4.32 -87.15
C GLU B 742 107.43 -3.89 -86.69
N THR B 743 106.42 -4.69 -87.03
CA THR B 743 105.06 -4.39 -86.60
C THR B 743 104.97 -4.35 -85.08
N ILE B 744 105.61 -5.31 -84.41
CA ILE B 744 105.59 -5.36 -82.96
C ILE B 744 106.28 -4.12 -82.39
N GLU B 745 107.36 -3.69 -83.02
CA GLU B 745 108.03 -2.46 -82.60
C GLU B 745 107.07 -1.28 -82.66
N GLN B 746 106.39 -1.12 -83.80
CA GLN B 746 105.48 0.01 -83.97
C GLN B 746 104.36 -0.04 -82.95
N LEU B 747 103.81 -1.24 -82.73
CA LEU B 747 102.72 -1.38 -81.78
C LEU B 747 103.21 -1.09 -80.36
N GLN B 748 104.44 -1.50 -80.04
CA GLN B 748 105.04 -1.15 -78.76
C GLN B 748 105.15 0.35 -78.60
N LEU B 749 105.58 1.05 -79.65
CA LEU B 749 105.66 2.50 -79.59
C LEU B 749 104.30 3.07 -79.25
N GLU B 750 103.27 2.64 -79.98
CA GLU B 750 101.93 3.17 -79.75
C GLU B 750 101.43 2.83 -78.35
N LEU B 751 101.73 1.62 -77.88
CA LEU B 751 101.32 1.20 -76.54
C LEU B 751 101.94 2.11 -75.49
N GLU B 752 103.24 2.42 -75.66
CA GLU B 752 103.90 3.28 -74.70
C GLU B 752 103.34 4.70 -74.78
N GLU B 753 102.98 5.14 -75.98
CA GLU B 753 102.32 6.44 -76.12
C GLU B 753 101.04 6.44 -75.32
N LEU B 754 100.25 5.37 -75.44
CA LEU B 754 99.00 5.29 -74.70
C LEU B 754 99.26 5.27 -73.20
N LYS B 755 100.32 4.60 -72.75
CA LYS B 755 100.66 4.63 -71.34
C LYS B 755 100.95 6.08 -70.91
N VAL B 756 101.65 6.81 -71.77
CA VAL B 756 101.95 8.21 -71.48
C VAL B 756 100.65 8.99 -71.36
N GLN B 757 99.71 8.75 -72.26
CA GLN B 757 98.43 9.44 -72.21
C GLN B 757 97.69 9.10 -70.92
N LEU B 758 97.78 7.84 -70.49
CA LEU B 758 97.17 7.42 -69.24
C LEU B 758 97.78 8.18 -68.08
N SER B 759 99.10 8.36 -68.13
CA SER B 759 99.77 9.17 -67.11
C SER B 759 99.28 10.62 -67.16
N GLN B 760 99.08 11.15 -68.36
CA GLN B 760 98.51 12.49 -68.50
C GLN B 760 97.17 12.58 -67.79
N TYR B 761 96.32 11.58 -68.01
CA TYR B 761 95.00 11.59 -67.39
C TYR B 761 95.09 11.47 -65.88
N GLU B 762 96.02 10.65 -65.38
CA GLU B 762 96.21 10.56 -63.95
C GLU B 762 96.65 11.92 -63.38
N GLU B 763 97.54 12.59 -64.10
CA GLU B 763 97.96 13.92 -63.68
C GLU B 763 96.79 14.89 -63.65
N ASN B 764 95.91 14.83 -64.67
CA ASN B 764 94.77 15.73 -64.66
C ASN B 764 93.81 15.41 -63.53
N LEU B 765 93.62 14.12 -63.24
CA LEU B 765 92.81 13.74 -62.10
C LEU B 765 93.38 14.27 -60.80
N LEU B 766 94.70 14.15 -60.63
CA LEU B 766 95.33 14.68 -59.43
C LEU B 766 95.20 16.19 -59.36
N GLN B 767 95.32 16.86 -60.50
CA GLN B 767 95.13 18.30 -60.56
C GLN B 767 93.74 18.70 -60.11
N ALA B 768 92.71 18.06 -60.67
CA ALA B 768 91.35 18.36 -60.28
C ALA B 768 91.13 18.16 -58.79
N ALA B 769 91.54 16.99 -58.27
CA ALA B 769 91.39 16.75 -56.84
C ALA B 769 92.07 17.84 -56.02
N GLN B 770 93.26 18.27 -56.44
CA GLN B 770 93.95 19.32 -55.71
C GLN B 770 93.16 20.60 -55.77
N TRP B 771 92.58 20.89 -56.93
CA TRP B 771 91.82 22.11 -57.02
C TRP B 771 90.71 22.03 -56.01
N LYS B 772 90.11 20.84 -55.89
CA LYS B 772 89.00 20.68 -54.96
C LYS B 772 89.43 21.10 -53.57
N GLN B 773 90.69 20.82 -53.20
CA GLN B 773 91.07 21.19 -51.82
C GLN B 773 91.37 22.67 -51.74
N THR B 774 91.80 23.29 -52.83
CA THR B 774 92.27 24.66 -52.71
C THR B 774 91.17 25.68 -52.93
N MET B 775 89.92 25.33 -52.72
CA MET B 775 88.95 26.35 -53.01
C MET B 775 88.88 27.41 -51.91
N PRO B 776 88.54 28.66 -52.26
CA PRO B 776 88.35 29.71 -51.25
C PRO B 776 87.12 29.50 -50.37
N THR B 777 87.13 30.11 -49.17
CA THR B 777 86.02 29.96 -48.24
C THR B 777 85.55 31.34 -47.81
N ASP B 778 84.30 31.43 -47.39
CA ASP B 778 83.74 32.69 -46.95
C ASP B 778 83.71 32.75 -45.44
N GLN B 779 84.69 32.12 -44.79
CA GLN B 779 84.70 32.04 -43.33
C GLN B 779 84.72 33.42 -42.71
N GLU B 780 85.62 34.27 -43.20
CA GLU B 780 85.81 35.58 -42.59
C GLU B 780 84.59 36.47 -42.83
N LEU B 781 84.07 36.47 -44.06
CA LEU B 781 82.88 37.26 -44.35
C LEU B 781 81.71 36.79 -43.52
N ASN B 782 81.57 35.48 -43.37
CA ASN B 782 80.52 34.93 -42.52
C ASN B 782 80.67 35.40 -41.09
N ASP B 783 81.89 35.38 -40.57
CA ASP B 783 82.12 35.82 -39.20
C ASP B 783 81.76 37.29 -39.06
N LEU B 784 82.15 38.09 -40.05
CA LEU B 784 81.82 39.50 -40.01
C LEU B 784 80.33 39.74 -40.05
N ASN B 785 79.60 38.98 -40.87
CA ASN B 785 78.15 39.13 -40.90
C ASN B 785 77.53 38.70 -39.58
N VAL B 786 78.03 37.63 -39.00
CA VAL B 786 77.53 37.17 -37.71
C VAL B 786 77.74 38.25 -36.67
N GLN B 787 78.94 38.82 -36.64
CA GLN B 787 79.25 39.85 -35.68
C GLN B 787 78.39 41.08 -35.94
N ILE B 788 78.13 41.39 -37.21
CA ILE B 788 77.27 42.52 -37.53
C ILE B 788 75.87 42.29 -36.97
N GLU B 789 75.34 41.10 -37.19
CA GLU B 789 74.01 40.77 -36.66
C GLU B 789 74.00 40.87 -35.15
N LYS B 790 75.02 40.28 -34.51
CA LYS B 790 75.08 40.28 -33.05
C LYS B 790 75.11 41.71 -32.54
N THR B 791 75.93 42.55 -33.15
CA THR B 791 76.05 43.92 -32.68
C THR B 791 74.80 44.72 -32.99
N GLY B 792 74.07 44.39 -34.07
CA GLY B 792 72.78 45.03 -34.29
C GLY B 792 71.82 44.70 -33.16
N HIS B 793 71.80 43.43 -32.76
CA HIS B 793 71.01 43.02 -31.62
C HIS B 793 71.46 43.77 -30.37
N GLN B 794 72.78 43.90 -30.21
CA GLN B 794 73.33 44.61 -29.07
C GLN B 794 72.80 46.03 -29.09
N LEU B 795 72.77 46.62 -30.28
CA LEU B 795 72.25 47.97 -30.46
C LEU B 795 70.80 48.04 -30.03
N GLU B 796 70.00 47.03 -30.39
CA GLU B 796 68.60 47.06 -29.98
C GLU B 796 68.52 47.01 -28.47
N GLU B 797 69.35 46.20 -27.86
CA GLU B 797 69.39 46.10 -26.40
C GLU B 797 69.79 47.41 -25.75
N GLN B 798 70.88 48.01 -26.22
CA GLN B 798 71.33 49.28 -25.65
C GLN B 798 70.32 50.38 -25.89
N LYS B 799 69.64 50.37 -27.03
CA LYS B 799 68.61 51.36 -27.27
C LYS B 799 67.45 51.19 -26.31
N LYS B 800 67.03 49.94 -26.06
CA LYS B 800 66.00 49.72 -25.06
C LYS B 800 66.46 50.26 -23.71
N VAL B 801 67.71 49.96 -23.33
CA VAL B 801 68.23 50.42 -22.05
C VAL B 801 68.23 51.93 -22.00
N LEU B 802 68.68 52.57 -23.07
CA LEU B 802 68.73 54.02 -23.10
C LEU B 802 67.32 54.61 -23.00
N PHE B 803 66.37 54.02 -23.72
CA PHE B 803 65.00 54.50 -23.67
C PHE B 803 64.41 54.36 -22.27
N GLN B 804 64.63 53.22 -21.62
CA GLN B 804 64.13 53.07 -20.26
C GLN B 804 64.79 54.08 -19.34
N LEU B 805 66.10 54.27 -19.48
CA LEU B 805 66.81 55.22 -18.63
C LEU B 805 66.26 56.62 -18.84
N ASP B 806 66.02 57.00 -20.09
CA ASP B 806 65.45 58.32 -20.36
C ASP B 806 64.04 58.42 -19.83
N GLU B 807 63.29 57.32 -19.84
CA GLU B 807 61.95 57.32 -19.25
C GLU B 807 62.05 57.60 -17.76
N GLN B 808 62.93 56.89 -17.07
CA GLN B 808 63.11 57.14 -15.65
C GLN B 808 63.63 58.55 -15.41
N TRP B 809 64.49 59.04 -16.30
CA TRP B 809 64.99 60.41 -16.19
C TRP B 809 63.86 61.44 -16.28
N LYS B 810 62.97 61.27 -17.27
CA LYS B 810 61.83 62.17 -17.37
C LYS B 810 60.92 62.06 -16.16
N GLN B 811 60.64 60.84 -15.72
CA GLN B 811 59.77 60.65 -14.56
C GLN B 811 60.38 61.29 -13.33
N VAL B 812 61.67 61.07 -13.12
CA VAL B 812 62.36 61.62 -11.97
C VAL B 812 62.33 63.13 -12.04
N HIS B 813 62.55 63.69 -13.23
CA HIS B 813 62.54 65.14 -13.36
C HIS B 813 61.15 65.70 -13.06
N GLY B 814 60.10 65.03 -13.54
CA GLY B 814 58.75 65.46 -13.23
C GLY B 814 58.47 65.45 -11.74
N HIS B 815 58.82 64.34 -11.08
CA HIS B 815 58.60 64.22 -9.64
C HIS B 815 59.45 65.25 -8.91
N LEU B 816 60.67 65.47 -9.40
CA LEU B 816 61.57 66.45 -8.81
C LEU B 816 60.95 67.84 -8.90
N GLN B 817 60.35 68.17 -10.05
CA GLN B 817 59.73 69.47 -10.19
C GLN B 817 58.51 69.59 -9.28
N VAL B 818 57.73 68.52 -9.15
CA VAL B 818 56.59 68.56 -8.23
C VAL B 818 57.09 68.84 -6.82
N ILE B 819 58.13 68.12 -6.40
CA ILE B 819 58.70 68.32 -5.07
C ILE B 819 59.23 69.73 -4.95
N LYS B 820 59.84 70.25 -6.02
CA LYS B 820 60.41 71.58 -6.00
C LYS B 820 59.32 72.63 -5.78
N ILE B 821 58.20 72.51 -6.51
CA ILE B 821 57.13 73.48 -6.35
C ILE B 821 56.53 73.37 -4.95
N GLN B 822 56.34 72.14 -4.45
CA GLN B 822 55.81 72.00 -3.10
C GLN B 822 56.75 72.61 -2.06
N LEU B 823 58.05 72.38 -2.22
CA LEU B 823 59.05 72.96 -1.32
C LEU B 823 58.96 74.49 -1.37
N HIS B 824 58.91 75.04 -2.57
CA HIS B 824 58.82 76.49 -2.74
C HIS B 824 57.55 76.99 -2.08
N GLN B 825 56.46 76.27 -2.25
CA GLN B 825 55.18 76.65 -1.67
C GLN B 825 55.30 76.71 -0.16
N GLU B 826 55.97 75.72 0.43
CA GLU B 826 56.02 75.64 1.89
C GLU B 826 57.09 76.56 2.46
N GLY B 827 57.94 77.14 1.61
CA GLY B 827 58.96 78.03 2.11
C GLY B 827 58.57 79.48 1.86
N ARG B 828 57.77 79.69 0.82
CA ARG B 828 57.30 81.00 0.40
C ARG B 828 56.52 81.70 1.50
N GLN B 829 55.83 80.93 2.34
CA GLN B 829 55.02 81.52 3.40
C GLN B 829 55.86 82.38 4.33
N LEU B 830 57.17 82.16 4.40
CA LEU B 830 58.03 82.98 5.24
C LEU B 830 59.41 83.07 4.60
N ASN B 831 60.36 83.63 5.35
CA ASN B 831 61.72 83.91 4.92
C ASN B 831 62.73 82.75 4.85
N LEU B 832 62.60 81.80 3.92
CA LEU B 832 63.63 80.75 3.88
C LEU B 832 64.09 80.47 2.45
N SER B 833 65.37 80.10 2.35
CA SER B 833 65.96 79.49 1.17
C SER B 833 65.73 77.98 1.23
N LEU B 834 65.52 77.36 0.07
CA LEU B 834 65.04 75.98 0.10
C LEU B 834 66.20 75.00 -0.07
N THR B 835 67.37 75.38 0.44
CA THR B 835 68.53 74.50 0.47
C THR B 835 68.48 73.55 1.66
N LYS B 836 69.26 72.46 1.59
CA LYS B 836 69.36 71.52 2.70
C LYS B 836 69.95 72.15 3.97
N GLU B 837 71.08 72.86 3.82
CA GLU B 837 71.76 73.44 4.98
C GLU B 837 70.92 74.51 5.67
N VAL B 838 70.33 75.42 4.91
CA VAL B 838 69.58 76.51 5.52
C VAL B 838 68.41 75.95 6.31
N LEU B 839 67.64 75.06 5.69
CA LEU B 839 66.47 74.51 6.38
C LEU B 839 66.88 73.64 7.56
N GLY B 840 67.98 72.90 7.45
CA GLY B 840 68.45 72.15 8.61
C GLY B 840 68.85 73.04 9.76
N GLN B 841 69.61 74.09 9.46
CA GLN B 841 69.99 75.05 10.50
C GLN B 841 68.77 75.71 11.09
N ALA B 842 67.79 76.07 10.25
CA ALA B 842 66.58 76.70 10.74
C ALA B 842 65.82 75.76 11.66
N LEU B 843 65.73 74.48 11.31
CA LEU B 843 65.04 73.53 12.17
C LEU B 843 65.76 73.39 13.51
N ILE B 844 67.09 73.30 13.47
CA ILE B 844 67.85 73.20 14.72
C ILE B 844 67.65 74.46 15.56
N SER B 845 67.65 75.62 14.90
CA SER B 845 67.38 76.88 15.58
C SER B 845 65.99 76.89 16.18
N ALA B 846 65.00 76.35 15.47
CA ALA B 846 63.65 76.27 16.00
C ALA B 846 63.62 75.39 17.24
N LYS B 847 64.33 74.27 17.20
CA LYS B 847 64.38 73.39 18.36
C LYS B 847 65.01 74.12 19.54
N ASN B 848 66.11 74.82 19.28
CA ASN B 848 66.76 75.54 20.34
C ASN B 848 65.89 76.69 20.85
N TYR B 849 65.14 77.34 19.96
CA TYR B 849 64.21 78.38 20.40
C TYR B 849 63.10 77.85 21.30
N ARG B 850 62.48 76.70 20.97
CA ARG B 850 61.50 76.19 21.93
C ARG B 850 62.17 75.86 23.26
N ASP B 851 63.34 75.22 23.23
CA ASP B 851 64.04 74.93 24.49
C ASP B 851 64.30 76.21 25.27
N GLN B 852 64.83 77.23 24.59
CA GLN B 852 65.15 78.47 25.28
C GLN B 852 63.87 79.09 25.82
N LEU B 853 62.77 78.99 25.08
CA LEU B 853 61.49 79.51 25.55
C LEU B 853 61.03 78.78 26.80
N TYR B 854 61.20 77.45 26.86
CA TYR B 854 60.85 76.74 28.07
C TYR B 854 61.68 77.24 29.24
N SER B 855 62.99 77.41 29.01
CA SER B 855 63.86 77.94 30.07
C SER B 855 63.41 79.33 30.47
N PHE B 856 63.01 80.14 29.49
CA PHE B 856 62.53 81.48 29.75
C PHE B 856 61.28 81.45 30.62
N LYS B 857 60.36 80.56 30.31
CA LYS B 857 59.15 80.44 31.11
C LYS B 857 59.50 79.95 32.51
N ASP B 858 60.48 79.05 32.62
CA ASP B 858 60.93 78.61 33.94
C ASP B 858 61.43 79.79 34.76
N LEU B 859 62.26 80.64 34.14
CA LEU B 859 62.75 81.83 34.84
C LEU B 859 61.59 82.74 35.18
N PHE B 860 60.61 82.82 34.28
CA PHE B 860 59.40 83.60 34.52
C PHE B 860 58.66 83.07 35.74
N GLN B 861 58.56 81.76 35.85
CA GLN B 861 57.95 81.14 37.01
C GLN B 861 58.72 81.49 38.27
N LYS B 862 60.04 81.43 38.21
CA LYS B 862 60.83 81.81 39.36
C LYS B 862 60.52 83.24 39.80
N CYS B 863 60.49 84.18 38.84
CA CYS B 863 60.20 85.57 39.20
C CYS B 863 58.79 85.73 39.74
N LEU B 864 57.81 85.10 39.09
CA LEU B 864 56.44 85.17 39.56
C LEU B 864 56.31 84.70 40.98
N PHE B 865 56.84 83.51 41.27
CA PHE B 865 56.67 82.94 42.60
C PHE B 865 57.47 83.74 43.61
N ALA B 866 58.60 84.30 43.18
CA ALA B 866 59.37 85.18 44.04
C ALA B 866 58.54 86.40 44.41
N ARG B 867 57.84 86.98 43.42
CA ARG B 867 56.96 88.12 43.67
C ARG B 867 55.87 87.74 44.66
N LYS B 868 55.27 86.58 44.46
CA LYS B 868 54.19 86.14 45.33
C LYS B 868 54.70 86.00 46.76
N ARG B 869 55.87 85.39 46.90
CA ARG B 869 56.47 85.22 48.21
C ARG B 869 56.89 86.56 48.81
N ILE B 870 57.33 87.49 47.97
CA ILE B 870 57.68 88.83 48.44
C ILE B 870 56.47 89.54 49.01
N GLU B 871 55.33 89.45 48.32
CA GLU B 871 54.11 90.02 48.88
C GLU B 871 53.81 89.39 50.23
N ASP B 872 53.88 88.05 50.28
CA ASP B 872 53.62 87.34 51.53
C ASP B 872 54.55 87.84 52.63
N LEU B 873 55.84 87.91 52.33
CA LEU B 873 56.83 88.32 53.31
C LEU B 873 56.61 89.76 53.74
N THR B 874 56.22 90.64 52.82
CA THR B 874 55.99 92.03 53.17
C THR B 874 54.86 92.16 54.19
N HIS B 875 53.70 91.54 53.89
CA HIS B 875 52.59 91.69 54.84
C HIS B 875 52.90 90.96 56.14
N ARG B 876 53.57 89.81 56.04
CA ARG B 876 53.96 89.08 57.25
C ARG B 876 54.89 89.92 58.10
N LEU B 877 55.85 90.60 57.48
CA LEU B 877 56.79 91.44 58.24
C LEU B 877 56.06 92.61 58.89
N PHE B 878 55.11 93.23 58.20
CA PHE B 878 54.31 94.27 58.84
C PHE B 878 53.61 93.74 60.08
N GLU B 879 52.95 92.59 59.94
CA GLU B 879 52.27 91.98 61.09
C GLU B 879 53.26 91.67 62.21
N MET B 880 54.44 91.17 61.84
CA MET B 880 55.46 90.85 62.82
C MET B 880 55.90 92.09 63.58
N GLU B 881 56.05 93.22 62.88
CA GLU B 881 56.40 94.46 63.56
C GLU B 881 55.32 94.85 64.57
N THR B 882 54.06 94.74 64.17
CA THR B 882 52.97 95.01 65.10
C THR B 882 53.07 94.13 66.34
N GLU B 883 53.27 92.83 66.12
CA GLU B 883 53.35 91.88 67.22
C GLU B 883 54.51 92.20 68.16
N LEU B 884 55.68 92.49 67.58
CA LEU B 884 56.83 92.82 68.39
C LEU B 884 56.57 94.06 69.23
N ASP B 885 55.97 95.09 68.62
CA ASP B 885 55.70 96.30 69.38
C ASP B 885 54.80 96.01 70.58
N ASP B 886 53.70 95.30 70.35
CA ASP B 886 52.77 95.03 71.43
C ASP B 886 53.42 94.18 72.52
N LEU B 887 54.15 93.13 72.13
CA LEU B 887 54.77 92.25 73.11
C LEU B 887 55.83 92.97 73.93
N LYS B 888 56.64 93.82 73.28
CA LYS B 888 57.65 94.56 74.03
C LYS B 888 57.00 95.54 74.99
N GLY B 889 55.89 96.16 74.58
CA GLY B 889 55.15 97.00 75.50
C GLY B 889 54.69 96.24 76.73
N ASP B 890 54.14 95.04 76.52
CA ASP B 890 53.72 94.23 77.65
C ASP B 890 54.89 93.88 78.55
N GLN B 891 56.04 93.55 77.97
CA GLN B 891 57.22 93.27 78.78
C GLN B 891 57.62 94.47 79.61
N ASN B 892 57.55 95.67 79.02
CA ASN B 892 57.87 96.87 79.76
C ASN B 892 56.92 97.07 80.93
N VAL B 893 55.63 96.83 80.70
CA VAL B 893 54.64 96.93 81.79
C VAL B 893 55.02 95.97 82.91
N LYS B 894 55.35 94.72 82.57
CA LYS B 894 55.72 93.75 83.60
C LYS B 894 56.95 94.21 84.37
N GLU B 895 57.95 94.75 83.67
CA GLU B 895 59.15 95.21 84.35
C GLU B 895 58.83 96.32 85.35
N SER B 896 57.99 97.28 84.92
CA SER B 896 57.61 98.37 85.83
C SER B 896 56.86 97.83 87.04
N GLN B 897 55.95 96.88 86.81
CA GLN B 897 55.21 96.28 87.91
C GLN B 897 56.14 95.58 88.89
N LEU B 898 57.14 94.87 88.36
CA LEU B 898 58.10 94.18 89.23
C LEU B 898 58.86 95.19 90.08
N ARG B 899 59.28 96.30 89.47
CA ARG B 899 60.00 97.32 90.23
C ARG B 899 59.11 97.88 91.33
N LYS B 900 57.84 98.11 91.02
CA LYS B 900 56.89 98.59 92.03
C LYS B 900 56.77 97.58 93.17
N GLU B 901 56.72 96.30 92.84
CA GLU B 901 56.63 95.27 93.87
C GLU B 901 57.88 95.31 94.76
N LYS B 902 59.04 95.53 94.15
CA LYS B 902 60.26 95.67 94.94
C LYS B 902 60.17 96.86 95.88
N ALA B 903 59.59 97.97 95.41
CA ALA B 903 59.43 99.13 96.27
C ALA B 903 58.53 98.79 97.46
N GLU B 904 57.44 98.06 97.21
CA GLU B 904 56.57 97.64 98.30
C GLU B 904 57.30 96.72 99.27
N ILE B 905 58.15 95.84 98.73
CA ILE B 905 58.95 94.95 99.57
C ILE B 905 59.82 95.77 100.50
N GLU B 906 60.43 96.83 99.96
CA GLU B 906 61.28 97.68 100.80
C GLU B 906 60.45 98.43 101.84
N SER B 907 59.22 98.79 101.49
CA SER B 907 58.33 99.38 102.50
C SER B 907 58.07 98.41 103.64
N ILE B 908 57.79 97.15 103.31
CA ILE B 908 57.59 96.14 104.35
C ILE B 908 58.86 95.95 105.17
N GLU B 909 60.02 96.04 104.51
CA GLU B 909 61.28 95.96 105.24
C GLU B 909 61.41 97.09 106.24
N GLN B 910 61.01 98.30 105.84
CA GLN B 910 61.02 99.41 106.78
C GLN B 910 60.10 99.13 107.96
N GLN B 911 58.90 98.63 107.68
CA GLN B 911 57.96 98.31 108.74
C GLN B 911 58.52 97.27 109.71
N LEU B 912 59.20 96.24 109.19
CA LEU B 912 59.82 95.25 110.07
C LEU B 912 60.98 95.84 110.84
N LYS B 913 61.70 96.79 110.23
CA LYS B 913 62.78 97.47 110.92
C LYS B 913 62.28 98.28 112.11
N LEU B 914 61.14 98.96 111.95
CA LEU B 914 60.55 99.67 113.07
C LEU B 914 60.24 98.73 114.24
N LYS B 915 59.66 97.57 113.95
CA LYS B 915 59.55 96.51 114.95
C LYS B 915 60.82 95.67 115.05
N GLY B 916 61.96 96.33 115.24
CA GLY B 916 63.26 95.70 115.11
C GLY B 916 63.70 94.82 116.27
N ILE B 917 62.93 93.78 116.59
CA ILE B 917 63.35 92.77 117.55
C ILE B 917 64.14 91.72 116.78
N GLU B 918 65.47 91.91 116.70
CA GLU B 918 66.27 91.11 115.79
C GLU B 918 66.23 89.62 116.14
N GLU B 919 66.29 89.27 117.42
CA GLU B 919 66.27 87.86 117.78
C GLU B 919 64.94 87.23 117.38
N VAL B 920 63.84 87.91 117.67
CA VAL B 920 62.53 87.42 117.23
C VAL B 920 62.52 87.26 115.72
N ARG B 921 63.07 88.24 114.99
CA ARG B 921 63.10 88.20 113.54
C ARG B 921 63.84 86.95 113.05
N LEU B 922 65.05 86.72 113.57
CA LEU B 922 65.87 85.62 113.09
C LEU B 922 65.20 84.29 113.42
N ARG B 923 64.66 84.15 114.63
CA ARG B 923 64.03 82.90 115.01
C ARG B 923 62.77 82.66 114.20
N ILE B 924 62.03 83.74 113.92
CA ILE B 924 60.84 83.64 113.08
C ILE B 924 61.22 83.20 111.68
N GLN B 925 62.30 83.76 111.14
CA GLN B 925 62.75 83.36 109.80
C GLN B 925 63.15 81.89 109.77
N GLN B 926 63.87 81.44 110.79
CA GLN B 926 64.27 80.04 110.86
C GLN B 926 63.06 79.13 110.93
N VAL B 927 62.08 79.49 111.77
CA VAL B 927 60.88 78.68 111.93
C VAL B 927 60.10 78.65 110.63
N GLN B 928 59.96 79.81 109.96
CA GLN B 928 59.24 79.88 108.71
C GLN B 928 59.91 79.01 107.66
N GLN B 929 61.23 79.07 107.58
CA GLN B 929 61.95 78.22 106.63
C GLN B 929 61.68 76.75 106.93
N GLU B 930 61.76 76.36 108.20
CA GLU B 930 61.54 74.96 108.55
C GLU B 930 60.12 74.54 108.22
N LEU B 931 59.14 75.40 108.53
CA LEU B 931 57.75 75.06 108.23
C LEU B 931 57.54 74.90 106.74
N ARG B 932 58.04 75.83 105.94
CA ARG B 932 57.88 75.72 104.50
C ARG B 932 58.55 74.46 103.96
N GLU B 933 59.79 74.20 104.40
CA GLU B 933 60.50 73.02 103.91
C GLU B 933 59.77 71.74 104.30
N ALA B 934 59.30 71.67 105.54
CA ALA B 934 58.61 70.47 105.98
C ALA B 934 57.29 70.26 105.26
N THR B 935 56.48 71.31 105.11
CA THR B 935 55.21 71.13 104.42
C THR B 935 55.40 70.82 102.94
N GLU B 936 56.35 71.50 102.28
CA GLU B 936 56.63 71.19 100.89
C GLU B 936 57.11 69.75 100.74
N GLY B 937 58.03 69.33 101.61
CA GLY B 937 58.53 67.98 101.52
C GLY B 937 57.48 66.92 101.77
N ILE B 938 56.65 67.12 102.80
CA ILE B 938 55.65 66.10 103.09
C ILE B 938 54.59 66.04 102.01
N ASN B 939 54.17 67.19 101.49
CA ASN B 939 53.20 67.16 100.39
C ASN B 939 53.78 66.52 99.13
N HIS B 940 55.00 66.93 98.75
CA HIS B 940 55.61 66.38 97.55
C HIS B 940 55.84 64.88 97.67
N LEU B 941 56.34 64.43 98.82
CA LEU B 941 56.56 63.00 99.01
C LEU B 941 55.25 62.23 99.08
N LEU B 942 54.23 62.78 99.74
CA LEU B 942 52.92 62.15 99.73
C LEU B 942 52.41 61.99 98.30
N GLU B 943 52.68 62.97 97.45
CA GLU B 943 52.29 62.88 96.05
C GLU B 943 53.10 61.80 95.33
N THR B 944 54.42 61.79 95.55
CA THR B 944 55.33 60.95 94.77
C THR B 944 55.23 59.50 95.19
N ILE B 945 55.06 59.25 96.48
CA ILE B 945 55.12 57.89 97.00
C ILE B 945 54.13 57.00 96.23
N PRO B 946 52.87 57.37 96.08
CA PRO B 946 51.98 56.52 95.27
C PRO B 946 52.50 56.32 93.86
N GLN B 947 53.15 57.33 93.25
CA GLN B 947 53.67 57.13 91.90
C GLN B 947 54.71 56.02 91.88
N LYS B 948 55.65 56.02 92.84
CA LYS B 948 56.65 54.96 92.85
C LYS B 948 56.07 53.64 93.32
N LYS B 949 55.05 53.65 94.16
CA LYS B 949 54.37 52.40 94.49
C LYS B 949 53.74 51.79 93.24
N ALA B 950 53.11 52.62 92.41
CA ALA B 950 52.57 52.13 91.14
C ALA B 950 53.70 51.63 90.26
N LYS B 951 54.82 52.37 90.24
CA LYS B 951 55.99 51.95 89.49
C LYS B 951 56.47 50.59 89.98
N GLN B 952 56.45 50.38 91.30
CA GLN B 952 56.85 49.12 91.89
C GLN B 952 55.90 48.01 91.46
N GLU B 953 54.61 48.34 91.41
CA GLU B 953 53.60 47.39 90.94
C GLU B 953 53.91 46.96 89.51
N THR B 954 54.12 47.94 88.63
CA THR B 954 54.42 47.63 87.24
C THR B 954 55.73 46.86 87.12
N CYS B 955 56.74 47.26 87.90
CA CYS B 955 58.02 46.59 87.85
C CYS B 955 57.90 45.13 88.27
N GLN B 956 57.13 44.86 89.32
CA GLN B 956 56.95 43.49 89.77
C GLN B 956 56.14 42.68 88.77
N ASN B 957 55.12 43.28 88.16
CA ASN B 957 54.40 42.59 87.09
C ASN B 957 55.35 42.22 85.96
N GLU B 958 56.14 43.19 85.50
CA GLU B 958 57.06 42.94 84.41
C GLU B 958 58.10 41.90 84.81
N LEU B 959 58.51 41.93 86.09
CA LEU B 959 59.47 40.97 86.59
C LEU B 959 58.89 39.56 86.58
N ALA B 960 57.63 39.41 86.99
CA ALA B 960 56.99 38.11 86.94
C ALA B 960 56.88 37.62 85.50
N ALA B 961 56.50 38.50 84.59
CA ALA B 961 56.42 38.12 83.19
C ALA B 961 57.77 37.67 82.66
N ALA B 962 58.83 38.43 82.97
CA ALA B 962 60.17 38.09 82.50
C ALA B 962 60.63 36.78 83.11
N LYS B 963 60.28 36.55 84.37
CA LYS B 963 60.63 35.31 85.03
C LYS B 963 59.95 34.13 84.36
N THR B 964 58.67 34.29 83.99
CA THR B 964 58.00 33.23 83.24
C THR B 964 58.68 33.01 81.90
N SER B 965 59.05 34.10 81.22
CA SER B 965 59.75 33.97 79.94
C SER B 965 61.07 33.23 80.10
N ALA B 966 61.86 33.61 81.12
CA ALA B 966 63.16 32.99 81.34
C ALA B 966 63.02 31.52 81.67
N GLU B 967 62.06 31.19 82.54
CA GLU B 967 61.82 29.80 82.87
C GLU B 967 61.41 29.00 81.64
N PHE B 968 60.49 29.55 80.84
CA PHE B 968 60.04 28.86 79.65
C PHE B 968 61.22 28.59 78.73
N TRP B 969 62.06 29.61 78.49
CA TRP B 969 63.15 29.40 77.55
C TRP B 969 64.25 28.51 78.12
N SER B 970 64.47 28.51 79.44
CA SER B 970 65.36 27.52 80.02
C SER B 970 64.87 26.12 79.69
N ASN B 971 63.60 25.86 79.98
CA ASN B 971 63.02 24.54 79.77
C ASN B 971 63.01 24.19 78.29
N MET B 972 62.69 25.17 77.46
CA MET B 972 62.60 24.97 76.02
C MET B 972 63.99 24.65 75.45
N ALA B 973 65.00 25.39 75.89
CA ALA B 973 66.36 25.15 75.43
C ALA B 973 66.83 23.77 75.85
N ASP B 974 66.51 23.36 77.08
CA ASP B 974 66.88 22.00 77.50
C ASP B 974 66.15 20.96 76.66
N GLU B 975 64.87 21.21 76.34
CA GLU B 975 64.13 20.29 75.47
C GLU B 975 64.79 20.18 74.11
N TRP B 976 65.20 21.31 73.53
CA TRP B 976 65.85 21.26 72.22
C TRP B 976 67.18 20.54 72.33
N GLU B 977 67.87 20.72 73.46
CA GLU B 977 69.10 19.98 73.70
C GLU B 977 68.84 18.49 73.73
N GLN B 978 67.75 18.09 74.38
CA GLN B 978 67.39 16.67 74.39
C GLN B 978 67.10 16.17 72.99
N MET B 979 66.38 16.94 72.19
CA MET B 979 66.15 16.55 70.80
C MET B 979 67.47 16.31 70.08
N VAL B 980 68.37 17.29 70.17
CA VAL B 980 69.64 17.22 69.45
C VAL B 980 70.45 16.03 69.95
N ARG B 981 70.49 15.84 71.27
CA ARG B 981 71.21 14.71 71.83
C ARG B 981 70.64 13.40 71.33
N ALA B 982 69.32 13.28 71.27
CA ALA B 982 68.70 12.07 70.76
C ALA B 982 69.09 11.81 69.31
N ASP B 983 69.06 12.86 68.49
CA ASP B 983 69.40 12.68 67.08
C ASP B 983 70.87 12.29 66.91
N ILE B 984 71.75 12.94 67.67
CA ILE B 984 73.16 12.62 67.64
C ILE B 984 73.38 11.19 68.11
N ALA B 985 72.60 10.77 69.11
CA ALA B 985 72.72 9.42 69.66
C ALA B 985 72.52 8.34 68.60
N ARG B 986 71.77 8.66 67.54
CA ARG B 986 71.58 7.72 66.45
C ARG B 986 72.88 7.44 65.72
N GLY B 987 73.78 8.43 65.73
CA GLY B 987 75.10 8.30 65.17
C GLY B 987 75.12 8.49 63.68
N PHE B 988 73.96 8.78 63.06
CA PHE B 988 73.91 9.01 61.63
C PHE B 988 74.79 10.19 61.28
N VAL B 989 75.02 11.07 62.26
CA VAL B 989 75.85 12.23 62.10
C VAL B 989 76.75 12.31 63.33
N GLU B 990 78.01 12.65 63.11
CA GLU B 990 79.00 12.83 64.15
C GLU B 990 78.98 14.28 64.63
N VAL B 991 79.11 14.48 65.95
CA VAL B 991 79.04 15.83 66.49
C VAL B 991 80.44 16.16 66.95
N VAL B 992 80.98 17.26 66.43
CA VAL B 992 82.35 17.65 66.73
C VAL B 992 82.46 18.24 68.12
N GLU B 993 81.64 19.26 68.41
CA GLU B 993 81.68 19.97 69.68
C GLU B 993 80.22 20.14 70.05
N MET B 994 79.84 19.63 71.22
CA MET B 994 78.43 19.67 71.65
C MET B 994 78.08 21.09 72.08
N ASP B 995 77.83 21.94 71.08
CA ASP B 995 77.46 23.32 71.34
C ASP B 995 76.55 23.75 70.20
N PRO B 996 75.33 24.22 70.49
CA PRO B 996 74.37 24.55 69.42
C PRO B 996 74.87 25.56 68.40
N VAL B 997 75.57 26.62 68.81
CA VAL B 997 76.06 27.58 67.83
C VAL B 997 77.06 26.95 66.87
N LYS B 998 78.01 26.15 67.39
CA LYS B 998 78.96 25.50 66.49
C LYS B 998 78.27 24.49 65.60
N ILE B 999 77.37 23.69 66.16
CA ILE B 999 76.70 22.67 65.36
C ILE B 999 75.90 23.32 64.23
N VAL B 1000 75.17 24.40 64.55
CA VAL B 1000 74.47 25.15 63.51
C VAL B 1000 75.42 25.72 62.48
N LYS B 1001 76.51 26.34 62.93
CA LYS B 1001 77.50 26.88 62.00
C LYS B 1001 78.11 25.78 61.14
N GLN B 1002 78.07 24.55 61.64
CA GLN B 1002 78.61 23.38 60.95
C GLN B 1002 77.71 22.96 59.80
N LEU B 1003 76.45 23.43 59.81
CA LEU B 1003 75.49 22.88 58.87
C LEU B 1003 74.71 24.00 58.19
N GLU B 1004 74.99 25.26 58.54
CA GLU B 1004 74.14 26.33 58.03
C GLU B 1004 74.14 26.27 56.51
N SER B 1005 75.26 25.82 55.93
CA SER B 1005 75.37 25.69 54.49
C SER B 1005 74.26 24.80 53.95
N ILE B 1006 73.90 23.77 54.70
CA ILE B 1006 72.85 22.87 54.24
C ILE B 1006 71.54 23.63 54.21
N LEU B 1007 71.35 24.55 55.17
CA LEU B 1007 70.07 25.25 55.24
C LEU B 1007 69.83 26.04 53.96
N GLY B 1008 70.89 26.63 53.39
CA GLY B 1008 70.76 27.23 52.08
C GLY B 1008 70.81 26.21 50.98
N LYS B 1009 71.28 25.00 51.28
CA LYS B 1009 71.36 23.96 50.26
C LYS B 1009 69.99 23.39 49.98
N TYR B 1010 69.17 23.23 51.02
CA TYR B 1010 67.89 22.56 50.92
C TYR B 1010 66.82 23.47 51.53
N ASP B 1011 65.57 23.05 51.35
CA ASP B 1011 64.42 23.67 52.00
C ASP B 1011 63.54 22.55 52.55
N ARG B 1012 62.87 22.79 53.68
CA ARG B 1012 62.23 21.69 54.40
C ARG B 1012 61.30 20.90 53.49
N SER B 1013 60.40 21.58 52.79
CA SER B 1013 59.44 20.88 51.95
C SER B 1013 60.16 20.19 50.80
N LYS B 1014 61.15 20.88 50.22
CA LYS B 1014 61.94 20.32 49.13
C LYS B 1014 62.68 19.06 49.57
N LEU B 1015 63.28 19.11 50.76
CA LEU B 1015 63.98 17.95 51.28
C LEU B 1015 63.03 16.80 51.51
N ASN B 1016 61.84 17.07 52.06
CA ASN B 1016 60.88 15.99 52.24
C ASN B 1016 60.52 15.36 50.90
N GLU B 1017 60.27 16.22 49.91
CA GLU B 1017 59.90 15.74 48.59
C GLU B 1017 61.02 14.88 48.01
N GLN B 1018 62.26 15.35 48.11
CA GLN B 1018 63.38 14.61 47.55
C GLN B 1018 63.65 13.33 48.32
N LEU B 1019 63.44 13.32 49.64
CA LEU B 1019 63.58 12.08 50.40
C LEU B 1019 62.59 11.05 49.91
N THR B 1020 61.33 11.46 49.70
CA THR B 1020 60.33 10.53 49.17
C THR B 1020 60.74 10.07 47.78
N LYS B 1021 61.24 11.02 46.97
CA LYS B 1021 61.66 10.73 45.61
C LYS B 1021 62.77 9.68 45.60
N THR B 1022 63.75 9.84 46.48
CA THR B 1022 64.81 8.85 46.59
C THR B 1022 64.26 7.52 47.08
N PHE B 1023 63.36 7.56 48.05
CA PHE B 1023 62.88 6.30 48.60
C PHE B 1023 62.16 5.51 47.52
N ILE B 1024 61.36 6.20 46.72
CA ILE B 1024 60.61 5.55 45.64
C ILE B 1024 61.59 5.04 44.59
N ASN B 1025 62.53 5.91 44.20
CA ASN B 1025 63.50 5.57 43.18
C ASN B 1025 64.32 4.36 43.57
N GLU B 1026 64.76 4.31 44.83
CA GLU B 1026 65.61 3.22 45.30
C GLU B 1026 64.85 1.93 45.46
N GLN B 1027 63.52 1.99 45.46
CA GLN B 1027 62.75 0.75 45.48
C GLN B 1027 62.95 -0.09 44.23
N ILE B 1028 63.40 0.53 43.13
CA ILE B 1028 63.66 -0.24 41.92
C ILE B 1028 64.79 -1.26 42.06
N PHE B 1029 65.92 -0.89 42.68
CA PHE B 1029 67.08 -1.77 42.62
C PHE B 1029 67.07 -2.84 43.70
N LEU B 1030 66.75 -2.45 44.93
CA LEU B 1030 66.92 -3.28 46.12
C LEU B 1030 65.63 -3.96 46.56
N THR B 1031 64.74 -4.39 45.67
CA THR B 1031 63.50 -5.00 46.14
C THR B 1031 63.80 -6.15 47.09
N GLU B 1032 64.83 -6.94 46.79
CA GLU B 1032 65.20 -8.05 47.65
C GLU B 1032 65.41 -7.58 49.08
N TYR B 1033 66.00 -6.38 49.24
CA TYR B 1033 66.32 -5.85 50.56
C TYR B 1033 65.10 -5.26 51.25
N ARG B 1034 64.08 -4.86 50.49
CA ARG B 1034 62.82 -4.42 51.08
C ARG B 1034 62.97 -3.16 51.93
N MET B 1035 63.38 -2.06 51.26
CA MET B 1035 63.57 -0.80 51.98
C MET B 1035 62.27 -0.45 52.69
N PHE B 1036 62.40 0.14 53.87
CA PHE B 1036 61.23 0.68 54.55
C PHE B 1036 61.57 1.91 55.36
N GLU B 1037 60.63 2.84 55.35
CA GLU B 1037 60.75 4.12 56.04
C GLU B 1037 59.57 4.20 56.99
N TYR B 1038 59.86 4.53 58.25
CA TYR B 1038 58.84 4.64 59.28
C TYR B 1038 59.11 5.91 60.06
N PRO B 1039 58.07 6.57 60.59
CA PRO B 1039 58.36 7.82 61.30
C PRO B 1039 58.66 7.54 62.76
N GLU B 1040 59.28 8.51 63.41
CA GLU B 1040 59.62 8.46 64.81
C GLU B 1040 59.21 9.77 65.46
N GLU B 1041 58.88 9.72 66.75
CA GLU B 1041 58.43 10.89 67.48
C GLU B 1041 59.09 10.89 68.83
N THR B 1042 59.50 12.07 69.29
CA THR B 1042 60.07 12.26 70.62
C THR B 1042 58.95 12.44 71.63
N GLU B 1043 59.23 12.11 72.88
CA GLU B 1043 58.23 12.27 73.93
C GLU B 1043 57.93 13.73 74.19
N ARG B 1044 56.72 14.13 73.83
CA ARG B 1044 56.18 15.45 74.08
C ARG B 1044 56.38 15.90 75.53
N PRO B 1045 57.19 16.93 75.79
CA PRO B 1045 57.50 17.26 77.18
C PRO B 1045 56.22 17.53 77.94
N GLU B 1046 56.13 17.01 79.15
CA GLU B 1046 54.90 17.22 79.91
C GLU B 1046 54.70 18.69 80.27
N TRP B 1047 55.80 19.43 80.42
CA TRP B 1047 55.65 20.81 80.90
C TRP B 1047 55.09 21.72 79.82
N PHE B 1048 54.97 21.22 78.59
CA PHE B 1048 54.19 21.92 77.57
C PHE B 1048 52.74 22.07 77.96
N SER B 1049 52.27 21.22 78.89
CA SER B 1049 50.90 21.30 79.38
C SER B 1049 50.66 22.58 80.17
N LYS B 1050 51.67 23.05 80.91
CA LYS B 1050 51.51 24.25 81.71
C LYS B 1050 51.02 25.45 80.90
N GLU B 1051 50.24 26.29 81.58
CA GLU B 1051 49.57 27.44 80.98
C GLU B 1051 50.55 28.59 80.83
N TRP B 1052 51.35 28.57 79.77
CA TRP B 1052 52.29 29.65 79.50
C TRP B 1052 51.58 30.87 78.93
N GLY B 1053 50.40 30.68 78.33
CA GLY B 1053 49.69 31.78 77.72
C GLY B 1053 49.92 31.83 76.23
N GLU B 1054 49.09 32.60 75.52
CA GLU B 1054 49.16 32.59 74.07
C GLU B 1054 50.55 33.01 73.60
N TYR B 1055 51.22 33.90 74.33
CA TYR B 1055 52.51 34.38 73.84
C TYR B 1055 53.41 33.19 73.54
N TYR B 1056 53.35 32.16 74.40
CA TYR B 1056 54.27 31.05 74.30
C TYR B 1056 53.74 29.91 73.44
N GLU B 1057 52.42 29.87 73.20
CA GLU B 1057 51.81 28.73 72.53
C GLU B 1057 52.49 28.41 71.20
N PRO B 1058 52.82 29.38 70.36
CA PRO B 1058 53.47 29.05 69.09
C PRO B 1058 54.74 28.24 69.25
N PHE B 1059 55.52 28.52 70.30
CA PHE B 1059 56.77 27.79 70.47
C PHE B 1059 56.55 26.32 70.74
N MET B 1060 55.55 26.00 71.57
CA MET B 1060 55.19 24.60 71.77
C MET B 1060 54.66 23.96 70.48
N ASN B 1061 53.96 24.73 69.66
CA ASN B 1061 53.50 24.19 68.38
C ASN B 1061 54.68 23.90 67.46
N GLU B 1062 55.66 24.81 67.42
CA GLU B 1062 56.86 24.57 66.64
C GLU B 1062 57.58 23.30 67.08
N TRP B 1063 57.76 23.11 68.38
CA TRP B 1063 58.42 21.90 68.85
C TRP B 1063 57.62 20.67 68.46
N ASN B 1064 56.31 20.72 68.68
CA ASN B 1064 55.44 19.60 68.35
C ASN B 1064 55.50 19.25 66.88
N GLN B 1065 55.52 20.26 66.01
CA GLN B 1065 55.58 20.03 64.58
C GLN B 1065 56.93 19.45 64.19
N LEU B 1066 58.02 19.97 64.77
CA LEU B 1066 59.35 19.63 64.27
C LEU B 1066 59.85 18.34 64.90
N GLN B 1067 59.19 17.87 65.96
CA GLN B 1067 59.71 16.73 66.71
C GLN B 1067 59.67 15.47 65.85
N SER B 1068 58.60 15.27 65.07
CA SER B 1068 58.49 14.05 64.29
C SER B 1068 59.60 14.02 63.25
N ARG B 1069 60.08 12.82 62.93
CA ARG B 1069 61.13 12.61 61.95
C ARG B 1069 60.93 11.28 61.24
N ARG B 1070 61.56 11.14 60.08
CA ARG B 1070 61.48 9.94 59.28
C ARG B 1070 62.79 9.19 59.39
N LEU B 1071 62.73 7.85 59.46
CA LEU B 1071 63.93 7.03 59.52
C LEU B 1071 63.83 5.94 58.46
N ILE B 1072 64.94 5.71 57.74
CA ILE B 1072 65.02 4.68 56.72
C ILE B 1072 65.97 3.55 57.14
N LEU B 1073 65.50 2.31 56.98
CA LEU B 1073 66.29 1.14 57.34
C LEU B 1073 66.14 0.12 56.21
N MET B 1074 67.21 -0.64 55.98
CA MET B 1074 67.23 -1.64 54.90
C MET B 1074 67.83 -2.96 55.38
N GLU B 1075 67.27 -4.04 54.85
CA GLU B 1075 67.62 -5.43 55.17
C GLU B 1075 68.69 -5.99 54.24
N TYR B 1076 69.78 -6.51 54.81
CA TYR B 1076 71.01 -6.83 54.10
C TYR B 1076 71.74 -7.95 54.83
N LYS B 1077 71.88 -9.09 54.15
CA LYS B 1077 72.59 -10.26 54.67
C LYS B 1077 72.07 -10.69 56.03
N GLY B 1078 70.74 -10.71 56.17
CA GLY B 1078 70.15 -11.17 57.40
C GLY B 1078 70.10 -10.17 58.54
N GLN B 1079 70.56 -8.94 58.34
CA GLN B 1079 70.54 -7.95 59.40
C GLN B 1079 69.88 -6.68 58.90
N ARG B 1080 69.23 -5.95 59.81
CA ARG B 1080 68.58 -4.69 59.49
C ARG B 1080 69.49 -3.57 59.95
N VAL B 1081 69.88 -2.71 59.01
CA VAL B 1081 70.94 -1.75 59.23
C VAL B 1081 70.53 -0.40 58.65
N SER B 1082 71.28 0.64 58.99
CA SER B 1082 71.01 1.98 58.53
C SER B 1082 71.73 2.22 57.21
N PRO B 1083 71.34 3.25 56.46
CA PRO B 1083 71.94 3.45 55.14
C PRO B 1083 73.45 3.56 55.15
N TYR B 1084 74.02 4.11 56.22
CA TYR B 1084 75.47 4.21 56.31
C TYR B 1084 76.11 2.82 56.28
N PHE B 1085 75.56 1.91 57.09
CA PHE B 1085 76.10 0.56 57.15
C PHE B 1085 75.99 -0.13 55.80
N VAL B 1086 74.83 -0.03 55.16
CA VAL B 1086 74.66 -0.68 53.87
C VAL B 1086 75.59 -0.08 52.84
N PHE B 1087 75.75 1.24 52.81
CA PHE B 1087 76.62 1.81 51.80
C PHE B 1087 78.04 1.30 52.00
N THR B 1088 78.51 1.30 53.25
CA THR B 1088 79.86 0.77 53.51
C THR B 1088 79.94 -0.72 53.19
N SER B 1089 78.91 -1.48 53.56
CA SER B 1089 78.86 -2.91 53.24
C SER B 1089 78.91 -3.14 51.75
N LEU B 1090 78.15 -2.37 50.98
CA LEU B 1090 78.18 -2.53 49.54
C LEU B 1090 79.54 -2.17 49.00
N GLU B 1091 80.16 -1.12 49.55
CA GLU B 1091 81.51 -0.76 49.13
C GLU B 1091 82.47 -1.92 49.37
N LYS B 1092 82.46 -2.47 50.59
CA LYS B 1092 83.38 -3.56 50.91
C LYS B 1092 83.08 -4.79 50.05
N GLU B 1093 81.79 -5.12 49.88
CA GLU B 1093 81.44 -6.29 49.10
C GLU B 1093 81.80 -6.11 47.63
N LEU B 1094 81.60 -4.91 47.11
CA LEU B 1094 81.98 -4.63 45.74
C LEU B 1094 83.49 -4.77 45.56
N GLU B 1095 84.26 -4.24 46.53
CA GLU B 1095 85.70 -4.41 46.45
C GLU B 1095 86.12 -5.87 46.61
N ASP B 1096 85.44 -6.61 47.48
CA ASP B 1096 85.73 -8.03 47.63
C ASP B 1096 85.45 -8.77 46.34
N GLN B 1097 84.31 -8.48 45.71
CA GLN B 1097 83.97 -9.12 44.45
C GLN B 1097 84.93 -8.71 43.35
N LYS B 1098 85.33 -7.44 43.31
CA LYS B 1098 86.35 -7.02 42.36
C LYS B 1098 87.64 -7.82 42.56
N GLY B 1099 88.09 -7.93 43.81
CA GLY B 1099 89.31 -8.68 44.06
C GLY B 1099 89.18 -10.13 43.68
N TRP B 1100 88.05 -10.74 44.02
CA TRP B 1100 87.83 -12.15 43.70
C TRP B 1100 87.72 -12.36 42.20
N LEU B 1101 87.02 -11.47 41.51
CA LEU B 1101 86.93 -11.56 40.06
C LEU B 1101 88.30 -11.40 39.41
N ASP B 1102 89.09 -10.43 39.87
CA ASP B 1102 90.44 -10.25 39.33
C ASP B 1102 91.30 -11.47 39.64
N GLU B 1103 91.15 -12.03 40.83
CA GLU B 1103 91.92 -13.22 41.20
C GLU B 1103 91.58 -14.37 40.27
N GLN B 1104 90.29 -14.58 40.03
CA GLN B 1104 89.86 -15.62 39.12
C GLN B 1104 90.36 -15.33 37.71
N ASP B 1105 90.32 -14.06 37.31
CA ASP B 1105 90.82 -13.67 36.01
C ASP B 1105 92.30 -14.03 35.84
N ARG B 1106 93.11 -13.69 36.83
CA ARG B 1106 94.52 -14.01 36.72
C ARG B 1106 94.73 -15.51 36.75
N GLN B 1107 93.96 -16.22 37.57
CA GLN B 1107 94.14 -17.66 37.57
C GLN B 1107 93.77 -18.24 36.22
N LEU B 1108 92.58 -17.91 35.74
CA LEU B 1108 92.15 -18.40 34.44
C LEU B 1108 93.21 -18.17 33.39
N TYR B 1109 93.48 -16.90 33.04
CA TYR B 1109 94.41 -16.71 31.94
C TYR B 1109 95.77 -17.30 32.25
N GLU B 1110 96.49 -16.71 33.21
CA GLU B 1110 97.84 -17.21 33.43
C GLU B 1110 97.89 -18.72 33.60
N ASP B 1111 97.29 -19.21 34.69
CA ASP B 1111 97.53 -20.58 35.11
C ASP B 1111 96.95 -21.57 34.12
N ILE B 1112 95.71 -21.35 33.70
CA ILE B 1112 95.07 -22.40 32.94
C ILE B 1112 95.33 -22.07 31.50
N ILE B 1113 94.90 -20.89 31.07
CA ILE B 1113 94.79 -20.70 29.65
C ILE B 1113 96.19 -20.84 29.09
N VAL B 1114 97.19 -20.26 29.77
CA VAL B 1114 98.49 -20.27 29.14
C VAL B 1114 99.36 -21.39 29.68
N ASN B 1115 99.53 -21.59 30.99
CA ASN B 1115 100.38 -22.73 31.34
C ASN B 1115 99.85 -24.01 30.68
N THR B 1116 98.57 -24.31 30.91
CA THR B 1116 98.07 -25.59 30.46
C THR B 1116 97.47 -25.52 29.07
N VAL B 1117 96.42 -24.71 28.86
CA VAL B 1117 96.00 -24.66 27.48
C VAL B 1117 97.08 -24.04 26.60
N GLY B 1118 97.99 -23.21 27.14
CA GLY B 1118 99.12 -22.74 26.36
C GLY B 1118 99.91 -23.89 25.80
N VAL B 1119 100.08 -24.95 26.60
CA VAL B 1119 100.81 -26.11 26.09
C VAL B 1119 100.08 -26.67 24.88
N ILE B 1120 98.75 -26.78 25.01
CA ILE B 1120 97.90 -27.36 23.98
C ILE B 1120 97.90 -26.47 22.75
N LEU B 1121 97.71 -25.17 22.95
CA LEU B 1121 97.65 -24.24 21.83
C LEU B 1121 98.97 -24.21 21.10
N ARG B 1122 100.07 -24.21 21.86
CA ARG B 1122 101.37 -24.19 21.22
C ARG B 1122 101.60 -25.45 20.40
N ASN B 1123 101.29 -26.63 20.97
CA ASN B 1123 101.49 -27.84 20.18
C ASN B 1123 100.61 -27.84 18.94
N ARG B 1124 99.33 -27.49 19.08
CA ARG B 1124 98.42 -27.56 17.95
C ARG B 1124 98.70 -26.48 16.92
N ILE B 1125 99.06 -25.28 17.38
CA ILE B 1125 99.43 -24.21 16.47
C ILE B 1125 100.70 -24.59 15.72
N LYS B 1126 101.68 -25.14 16.43
CA LYS B 1126 102.90 -25.56 15.76
C LYS B 1126 102.59 -26.64 14.74
N ARG B 1127 101.72 -27.60 15.08
CA ARG B 1127 101.42 -28.67 14.14
C ARG B 1127 100.74 -28.11 12.89
N ALA B 1128 99.74 -27.25 13.09
CA ALA B 1128 99.04 -26.66 11.95
C ALA B 1128 99.98 -25.80 11.13
N GLU B 1129 100.84 -25.02 11.80
CA GLU B 1129 101.83 -24.20 11.13
C GLU B 1129 102.78 -25.07 10.32
N LYS B 1130 103.21 -26.19 10.90
CA LYS B 1130 104.07 -27.13 10.20
C LYS B 1130 103.36 -27.67 8.96
N TRP B 1131 102.09 -28.00 9.11
CA TRP B 1131 101.35 -28.55 7.98
C TRP B 1131 101.24 -27.54 6.84
N VAL B 1132 100.87 -26.31 7.17
CA VAL B 1132 100.75 -25.28 6.14
C VAL B 1132 102.10 -24.84 5.60
N SER B 1133 103.14 -24.89 6.43
CA SER B 1133 104.49 -24.57 5.96
C SER B 1133 104.96 -25.58 4.93
N GLU B 1134 104.79 -26.87 5.24
CA GLU B 1134 105.15 -27.90 4.27
C GLU B 1134 104.28 -27.77 3.04
N MET B 1135 102.99 -27.48 3.24
CA MET B 1135 102.11 -27.14 2.13
C MET B 1135 102.73 -26.07 1.24
N ASP B 1136 103.15 -24.94 1.82
CA ASP B 1136 103.65 -23.84 1.01
C ASP B 1136 104.92 -24.23 0.27
N LYS B 1137 105.83 -24.91 0.97
CA LYS B 1137 107.06 -25.35 0.32
C LYS B 1137 106.73 -26.19 -0.89
N ILE B 1138 105.88 -27.20 -0.70
CA ILE B 1138 105.51 -28.08 -1.80
C ILE B 1138 104.85 -27.29 -2.92
N MET B 1139 103.90 -26.39 -2.58
CA MET B 1139 103.15 -25.74 -3.64
C MET B 1139 104.07 -24.88 -4.50
N GLU B 1140 105.04 -24.21 -3.88
CA GLU B 1140 105.92 -23.34 -4.65
C GLU B 1140 106.97 -24.12 -5.40
N SER B 1141 107.46 -25.23 -4.84
CA SER B 1141 108.58 -25.89 -5.49
C SER B 1141 108.18 -26.50 -6.84
N ARG B 1142 107.03 -27.20 -6.88
CA ARG B 1142 106.65 -27.95 -8.08
C ARG B 1142 105.98 -26.99 -9.06
N ASP B 1143 106.48 -26.93 -10.30
CA ASP B 1143 105.82 -26.15 -11.33
C ASP B 1143 104.64 -26.91 -11.95
N ASN B 1144 103.79 -26.22 -12.70
CA ASN B 1144 102.55 -26.88 -13.13
C ASN B 1144 102.29 -26.68 -14.62
N SER B 1145 101.50 -27.60 -15.19
CA SER B 1145 101.12 -27.52 -16.61
C SER B 1145 100.26 -26.31 -16.96
N SER B 1146 99.50 -25.76 -16.00
CA SER B 1146 98.62 -24.62 -16.29
C SER B 1146 99.38 -23.30 -16.38
N GLY B 1147 100.61 -23.26 -15.90
CA GLY B 1147 101.35 -22.01 -15.81
C GLY B 1147 100.89 -21.09 -14.71
N LEU B 1148 100.03 -21.57 -13.80
CA LEU B 1148 99.53 -20.74 -12.71
C LEU B 1148 100.04 -21.30 -11.39
N THR B 1149 100.69 -20.45 -10.60
CA THR B 1149 101.29 -20.90 -9.36
C THR B 1149 100.45 -20.41 -8.18
N PHE B 1150 100.33 -21.26 -7.18
CA PHE B 1150 99.57 -20.96 -5.98
C PHE B 1150 100.46 -21.11 -4.74
N SER B 1151 100.34 -20.15 -3.82
CA SER B 1151 100.99 -20.11 -2.50
C SER B 1151 99.98 -19.71 -1.44
N ILE B 1152 100.15 -20.19 -0.21
CA ILE B 1152 99.15 -20.03 0.85
C ILE B 1152 99.80 -19.59 2.15
N ALA B 1153 99.06 -18.79 2.91
CA ALA B 1153 99.47 -18.23 4.20
C ALA B 1153 98.26 -18.05 5.10
N TRP B 1154 98.53 -18.01 6.41
CA TRP B 1154 97.52 -17.87 7.45
C TRP B 1154 97.47 -16.44 7.96
N LYS B 1155 96.41 -15.72 7.68
CA LYS B 1155 96.50 -14.33 8.09
C LYS B 1155 95.91 -14.21 9.49
N PRO B 1156 96.71 -13.74 10.43
CA PRO B 1156 96.24 -13.41 11.78
C PRO B 1156 95.38 -12.16 11.87
N LEU B 1157 94.23 -12.27 12.52
CA LEU B 1157 93.32 -11.13 12.56
C LEU B 1157 94.02 -10.00 13.32
N THR B 1158 93.58 -8.77 13.10
CA THR B 1158 94.09 -7.63 13.85
C THR B 1158 93.17 -7.18 14.97
N ALA B 1159 93.81 -6.80 16.07
CA ALA B 1159 93.18 -6.31 17.29
C ALA B 1159 92.30 -5.08 17.07
N GLU B 1160 91.12 -5.10 17.72
CA GLU B 1160 90.17 -4.00 17.67
C GLU B 1160 90.53 -2.84 18.59
N SER B 1161 90.82 -3.14 19.86
CA SER B 1161 91.19 -2.17 20.87
C SER B 1161 92.56 -2.54 21.39
N GLU B 1162 93.30 -1.52 21.86
CA GLU B 1162 94.71 -1.70 22.13
C GLU B 1162 94.98 -2.70 23.25
N GLN B 1163 93.93 -3.27 23.85
CA GLN B 1163 94.15 -4.35 24.80
C GLN B 1163 94.41 -5.67 24.10
N GLU B 1164 94.11 -5.76 22.80
CA GLU B 1164 94.38 -6.97 22.06
C GLU B 1164 95.71 -6.90 21.32
N LEU B 1165 96.21 -8.07 20.96
CA LEU B 1165 97.38 -8.30 20.12
C LEU B 1165 96.96 -8.66 18.70
N ASP B 1166 97.81 -8.33 17.74
CA ASP B 1166 97.60 -8.90 16.42
C ASP B 1166 97.88 -10.38 16.61
N THR B 1167 97.05 -11.25 16.00
CA THR B 1167 97.19 -12.67 16.30
C THR B 1167 98.59 -13.20 16.03
N LYS B 1168 99.31 -12.68 15.02
CA LYS B 1168 100.69 -13.13 14.82
C LYS B 1168 101.54 -12.80 16.04
N ASP B 1169 101.50 -11.56 16.51
CA ASP B 1169 102.25 -11.19 17.71
C ASP B 1169 101.78 -12.04 18.89
N LEU B 1170 100.47 -12.25 18.99
CA LEU B 1170 99.96 -13.09 20.07
C LEU B 1170 100.65 -14.44 20.05
N VAL B 1171 100.79 -15.03 18.85
CA VAL B 1171 101.50 -16.30 18.72
C VAL B 1171 102.97 -16.14 19.07
N LYS B 1172 103.55 -14.98 18.74
CA LYS B 1172 104.95 -14.75 19.12
C LYS B 1172 105.08 -14.90 20.63
N LEU B 1173 104.24 -14.19 21.38
CA LEU B 1173 104.31 -14.24 22.83
C LEU B 1173 104.04 -15.67 23.29
N LEU B 1174 103.01 -16.25 22.68
CA LEU B 1174 102.49 -17.59 22.98
C LEU B 1174 103.54 -18.67 22.72
N GLN B 1175 104.61 -18.36 22.00
CA GLN B 1175 105.59 -19.41 21.79
C GLN B 1175 106.43 -19.60 23.04
N ARG B 1176 106.29 -18.73 24.03
CA ARG B 1176 106.91 -18.95 25.33
C ARG B 1176 105.79 -19.47 26.23
N ASN B 1177 106.12 -20.42 27.10
CA ASN B 1177 105.11 -20.93 28.02
C ASN B 1177 104.62 -19.77 28.89
N SER B 1178 103.58 -20.04 29.70
CA SER B 1178 103.01 -18.99 30.52
C SER B 1178 104.06 -18.51 31.49
N LYS B 1179 104.69 -19.45 32.18
CA LYS B 1179 105.75 -19.18 33.13
C LYS B 1179 106.93 -18.50 32.46
N PHE B 1180 107.32 -18.94 31.25
CA PHE B 1180 108.36 -18.24 30.51
C PHE B 1180 107.94 -16.87 30.02
N LEU B 1181 106.65 -16.57 30.04
CA LEU B 1181 106.16 -15.26 29.63
C LEU B 1181 106.27 -14.27 30.78
N ASN B 1182 106.86 -13.10 30.53
CA ASN B 1182 107.05 -12.19 31.64
C ASN B 1182 105.66 -11.69 32.08
N GLU B 1183 105.62 -10.87 33.13
CA GLU B 1183 104.31 -10.42 33.57
C GLU B 1183 103.67 -9.40 32.63
N ASP B 1184 104.48 -8.59 31.94
CA ASP B 1184 103.89 -7.62 31.01
C ASP B 1184 103.14 -8.32 29.89
N ASP B 1185 103.78 -9.35 29.31
CA ASP B 1185 103.15 -10.13 28.24
C ASP B 1185 101.92 -10.87 28.74
N LEU B 1186 102.00 -11.43 29.95
CA LEU B 1186 100.83 -12.12 30.49
C LEU B 1186 99.67 -11.15 30.65
N ASN B 1187 99.97 -9.92 31.11
CA ASN B 1187 98.92 -8.91 31.25
C ASN B 1187 98.34 -8.55 29.88
N ARG B 1188 99.21 -8.38 28.88
CA ARG B 1188 98.73 -8.03 27.55
C ARG B 1188 97.81 -9.13 27.00
N ILE B 1189 98.24 -10.39 27.13
CA ILE B 1189 97.46 -11.49 26.60
C ILE B 1189 96.16 -11.66 27.39
N THR B 1190 96.21 -11.41 28.70
CA THR B 1190 95.00 -11.47 29.51
C THR B 1190 94.00 -10.42 29.04
N LYS B 1191 94.49 -9.20 28.81
CA LYS B 1191 93.63 -8.16 28.26
C LYS B 1191 93.07 -8.59 26.91
N HIS B 1192 93.91 -9.15 26.04
CA HIS B 1192 93.47 -9.57 24.72
C HIS B 1192 92.35 -10.57 24.81
N PHE B 1193 92.53 -11.59 25.63
CA PHE B 1193 91.53 -12.65 25.72
C PHE B 1193 90.32 -12.17 26.50
N GLN B 1194 90.48 -11.19 27.38
CA GLN B 1194 89.31 -10.60 28.02
C GLN B 1194 88.44 -9.91 26.99
N SER B 1195 89.05 -9.11 26.12
CA SER B 1195 88.27 -8.48 25.07
C SER B 1195 87.65 -9.51 24.13
N ARG B 1196 88.43 -10.52 23.74
CA ARG B 1196 87.89 -11.53 22.82
C ARG B 1196 86.76 -12.32 23.47
N ILE B 1197 86.90 -12.68 24.74
CA ILE B 1197 85.84 -13.41 25.43
C ILE B 1197 84.60 -12.55 25.55
N GLY B 1198 84.75 -11.28 25.90
CA GLY B 1198 83.59 -10.41 25.96
C GLY B 1198 82.85 -10.33 24.64
N LYS B 1199 83.59 -10.09 23.55
CA LYS B 1199 82.91 -9.91 22.27
C LYS B 1199 82.32 -11.22 21.77
N ALA B 1200 82.99 -12.34 22.07
CA ALA B 1200 82.44 -13.64 21.71
C ALA B 1200 81.22 -13.99 22.55
N LYS B 1201 81.28 -13.72 23.86
CA LYS B 1201 80.13 -13.92 24.72
C LYS B 1201 78.93 -13.15 24.19
N GLU B 1202 79.16 -11.91 23.76
CA GLU B 1202 78.07 -11.13 23.20
C GLU B 1202 77.59 -11.74 21.89
N LEU B 1203 78.53 -12.16 21.05
CA LEU B 1203 78.12 -12.69 19.75
C LEU B 1203 77.30 -13.96 19.91
N ILE B 1204 77.76 -14.87 20.77
CA ILE B 1204 77.05 -16.13 20.90
C ILE B 1204 75.70 -15.92 21.58
N GLN B 1205 75.66 -15.19 22.70
CA GLN B 1205 74.34 -15.06 23.31
C GLN B 1205 73.40 -14.32 22.38
N LEU B 1206 73.94 -13.49 21.49
CA LEU B 1206 73.12 -12.85 20.46
C LEU B 1206 72.67 -13.86 19.42
N ARG B 1207 73.40 -14.96 19.29
CA ARG B 1207 72.97 -15.99 18.35
C ARG B 1207 71.66 -16.63 18.81
N ASN B 1208 71.26 -16.41 20.07
CA ASN B 1208 70.05 -16.99 20.65
C ASN B 1208 70.15 -18.46 21.05
N GLU B 1209 71.25 -18.90 21.67
CA GLU B 1209 71.25 -20.28 22.15
C GLU B 1209 71.23 -20.29 23.67
N GLY B 1210 71.19 -21.50 24.22
CA GLY B 1210 71.37 -21.78 25.63
C GLY B 1210 72.79 -22.25 25.91
N SER B 1211 73.79 -21.56 25.36
CA SER B 1211 75.14 -22.08 25.42
C SER B 1211 75.74 -21.92 26.82
N THR B 1212 76.18 -23.05 27.36
CA THR B 1212 76.98 -23.10 28.57
C THR B 1212 78.27 -22.32 28.38
N LEU B 1213 78.67 -21.59 29.42
CA LEU B 1213 79.83 -20.71 29.28
C LEU B 1213 81.02 -21.51 28.78
N HIS B 1214 81.07 -22.80 29.09
CA HIS B 1214 82.11 -23.67 28.56
C HIS B 1214 82.07 -23.74 27.04
N GLN B 1215 80.88 -23.85 26.47
CA GLN B 1215 80.80 -23.83 25.01
C GLN B 1215 81.36 -22.52 24.46
N VAL B 1216 81.05 -21.40 25.13
CA VAL B 1216 81.55 -20.13 24.65
C VAL B 1216 83.07 -20.08 24.74
N LEU B 1217 83.64 -20.56 25.85
CA LEU B 1217 85.09 -20.62 25.97
C LEU B 1217 85.72 -21.53 24.91
N LYS B 1218 85.18 -22.72 24.71
CA LYS B 1218 85.74 -23.63 23.71
C LYS B 1218 85.73 -22.97 22.34
N GLU B 1219 84.68 -22.19 22.05
CA GLU B 1219 84.64 -21.49 20.77
C GLU B 1219 85.70 -20.39 20.75
N VAL B 1220 85.78 -19.60 21.82
CA VAL B 1220 86.61 -18.41 21.83
C VAL B 1220 88.07 -18.80 21.66
N LEU B 1221 88.49 -19.83 22.41
CA LEU B 1221 89.83 -20.35 22.40
C LEU B 1221 90.04 -21.34 21.27
N ASP B 1222 89.17 -21.31 20.28
CA ASP B 1222 89.25 -22.14 19.08
C ASP B 1222 90.23 -21.43 18.16
N TYR B 1223 91.52 -21.69 18.33
CA TYR B 1223 92.53 -20.88 17.67
C TYR B 1223 92.37 -20.87 16.16
N ARG B 1224 91.77 -21.91 15.59
CA ARG B 1224 91.55 -21.89 14.15
C ARG B 1224 90.80 -20.62 13.77
N LYS B 1225 89.88 -20.19 14.64
CA LYS B 1225 89.01 -19.06 14.33
C LYS B 1225 89.72 -17.74 14.59
N TRP B 1226 90.83 -17.76 15.34
CA TRP B 1226 91.64 -16.57 15.52
C TRP B 1226 92.18 -16.08 14.19
N PHE B 1227 92.43 -17.02 13.29
CA PHE B 1227 93.06 -16.81 12.00
C PHE B 1227 92.04 -16.98 10.89
N THR B 1228 92.52 -16.76 9.69
CA THR B 1228 91.77 -16.93 8.45
C THR B 1228 92.76 -17.43 7.42
N PHE B 1229 92.27 -18.12 6.40
CA PHE B 1229 93.16 -18.64 5.39
C PHE B 1229 93.23 -17.65 4.24
N VAL B 1230 94.42 -17.49 3.67
CA VAL B 1230 94.60 -16.66 2.51
C VAL B 1230 95.43 -17.38 1.46
N LEU B 1231 94.86 -17.48 0.28
CA LEU B 1231 95.48 -18.03 -0.90
C LEU B 1231 95.99 -16.86 -1.73
N SER B 1232 97.08 -17.10 -2.44
CA SER B 1232 97.72 -16.10 -3.28
C SER B 1232 98.00 -16.83 -4.58
N PHE B 1233 97.81 -16.12 -5.68
CA PHE B 1233 98.05 -16.63 -7.02
C PHE B 1233 98.97 -15.76 -7.86
N LYS B 1234 99.78 -16.42 -8.68
CA LYS B 1234 100.71 -15.69 -9.51
C LYS B 1234 100.65 -16.34 -10.88
N ARG B 1235 100.00 -15.66 -11.81
CA ARG B 1235 100.04 -16.06 -13.20
C ARG B 1235 101.46 -15.77 -13.69
N VAL B 1236 101.88 -16.46 -14.73
CA VAL B 1236 103.28 -16.42 -15.14
C VAL B 1236 103.67 -14.95 -15.29
N ASN B 1237 104.83 -14.59 -14.72
CA ASN B 1237 105.37 -13.24 -14.81
C ASN B 1237 104.46 -12.15 -14.23
N GLU B 1238 103.52 -12.49 -13.34
CA GLU B 1238 102.68 -11.44 -12.75
C GLU B 1238 102.96 -11.21 -11.25
N PRO B 1239 102.62 -10.01 -10.76
CA PRO B 1239 102.88 -9.64 -9.36
C PRO B 1239 102.08 -10.49 -8.39
N LYS B 1240 102.63 -10.75 -7.20
CA LYS B 1240 101.86 -11.53 -6.26
C LYS B 1240 100.59 -10.78 -5.87
N ARG B 1241 99.58 -11.56 -5.52
CA ARG B 1241 98.25 -11.11 -5.14
C ARG B 1241 97.65 -12.04 -4.10
N GLU B 1242 96.34 -11.89 -3.97
CA GLU B 1242 95.51 -12.72 -3.09
C GLU B 1242 94.41 -13.27 -3.99
N LEU B 1243 94.08 -14.55 -3.78
CA LEU B 1243 93.23 -15.31 -4.71
C LEU B 1243 91.76 -15.01 -4.45
N THR B 1244 91.38 -13.84 -4.95
CA THR B 1244 90.03 -13.32 -4.95
C THR B 1244 89.21 -13.96 -6.08
N ASN B 1245 87.91 -13.70 -6.01
CA ASN B 1245 86.98 -14.17 -7.04
C ASN B 1245 87.32 -13.60 -8.42
N ASN B 1246 87.62 -12.30 -8.50
CA ASN B 1246 87.92 -11.68 -9.79
C ASN B 1246 89.14 -12.32 -10.45
N ALA B 1247 90.22 -12.50 -9.69
CA ALA B 1247 91.38 -13.17 -10.26
C ALA B 1247 91.00 -14.57 -10.67
N PHE B 1248 90.03 -15.15 -9.97
CA PHE B 1248 89.57 -16.46 -10.37
C PHE B 1248 88.85 -16.41 -11.70
N PHE B 1249 87.95 -15.46 -11.88
CA PHE B 1249 87.19 -15.40 -13.12
C PHE B 1249 88.13 -15.23 -14.30
N LYS B 1250 89.27 -14.55 -14.08
CA LYS B 1250 90.22 -14.37 -15.16
C LYS B 1250 90.93 -15.67 -15.57
N PHE B 1251 90.86 -16.70 -14.74
CA PHE B 1251 91.54 -17.94 -15.02
C PHE B 1251 90.89 -18.65 -16.21
N SER B 1252 91.64 -19.52 -16.86
CA SER B 1252 91.01 -20.39 -17.84
C SER B 1252 90.53 -21.65 -17.12
N GLY B 1253 89.76 -22.48 -17.82
CA GLY B 1253 89.20 -23.65 -17.16
C GLY B 1253 90.28 -24.52 -16.54
N GLY B 1254 91.32 -24.81 -17.32
CA GLY B 1254 92.44 -25.58 -16.82
C GLY B 1254 93.19 -24.93 -15.67
N GLU B 1255 93.45 -23.63 -15.77
CA GLU B 1255 94.10 -22.92 -14.67
C GLU B 1255 93.24 -22.96 -13.42
N LYS B 1256 91.93 -22.78 -13.60
CA LYS B 1256 91.00 -22.85 -12.48
C LYS B 1256 91.10 -24.19 -11.78
N ALA B 1257 91.02 -25.26 -12.56
CA ALA B 1257 91.05 -26.59 -11.96
C ALA B 1257 92.36 -26.83 -11.23
N MET B 1258 93.47 -26.43 -11.85
CA MET B 1258 94.77 -26.62 -11.25
C MET B 1258 94.88 -25.92 -9.90
N ALA B 1259 94.44 -24.65 -9.85
CA ALA B 1259 94.52 -23.89 -8.61
C ALA B 1259 93.67 -24.50 -7.51
N MET B 1260 92.45 -24.90 -7.83
CA MET B 1260 91.62 -25.44 -6.76
C MET B 1260 92.10 -26.80 -6.26
N TYR B 1261 92.58 -27.70 -7.13
CA TYR B 1261 92.69 -29.05 -6.62
C TYR B 1261 94.12 -29.44 -6.25
N ILE B 1262 95.13 -28.91 -6.94
CA ILE B 1262 96.49 -29.18 -6.51
C ILE B 1262 96.73 -28.71 -5.09
N PRO B 1263 96.23 -27.53 -4.64
CA PRO B 1263 96.47 -27.13 -3.25
C PRO B 1263 95.93 -28.15 -2.28
N LEU B 1264 94.76 -28.69 -2.58
CA LEU B 1264 94.10 -29.61 -1.67
C LEU B 1264 94.94 -30.86 -1.55
N PHE B 1265 95.39 -31.38 -2.68
CA PHE B 1265 96.19 -32.59 -2.68
C PHE B 1265 97.56 -32.34 -2.07
N THR B 1266 98.09 -31.12 -2.19
CA THR B 1266 99.31 -30.76 -1.48
C THR B 1266 99.08 -30.71 0.02
N ALA B 1267 97.89 -30.27 0.44
CA ALA B 1267 97.55 -30.32 1.85
C ALA B 1267 97.57 -31.75 2.33
N ALA B 1268 96.93 -32.64 1.58
CA ALA B 1268 96.98 -34.07 1.88
C ALA B 1268 98.41 -34.58 1.92
N TYR B 1269 99.23 -34.15 0.96
CA TYR B 1269 100.63 -34.58 0.93
C TYR B 1269 101.34 -34.14 2.20
N SER B 1270 101.28 -32.86 2.54
CA SER B 1270 101.98 -32.39 3.73
C SER B 1270 101.48 -33.15 4.95
N ARG B 1271 100.15 -33.33 5.04
CA ARG B 1271 99.60 -34.08 6.16
C ARG B 1271 100.27 -35.43 6.21
N TYR B 1272 100.56 -36.02 5.04
CA TYR B 1272 101.16 -37.33 5.05
C TYR B 1272 102.62 -37.20 5.43
N LYS B 1273 103.21 -36.02 5.18
CA LYS B 1273 104.58 -35.81 5.61
C LYS B 1273 104.64 -35.99 7.12
N GLU B 1274 103.56 -35.59 7.79
CA GLU B 1274 103.40 -35.84 9.22
C GLU B 1274 103.32 -37.33 9.50
N ALA B 1275 102.93 -38.11 8.50
CA ALA B 1275 102.69 -39.54 8.63
C ALA B 1275 104.02 -40.27 8.74
N GLY B 1276 103.98 -41.60 8.75
CA GLY B 1276 105.23 -42.33 8.84
C GLY B 1276 105.89 -42.48 7.48
N GLU B 1277 107.04 -43.13 7.50
CA GLU B 1277 107.77 -43.38 6.26
C GLU B 1277 107.07 -44.29 5.25
N MET B 1278 106.45 -45.36 5.72
CA MET B 1278 105.95 -46.36 4.78
C MET B 1278 104.52 -46.10 4.33
N ALA B 1279 103.93 -44.98 4.74
CA ALA B 1279 102.54 -44.66 4.44
C ALA B 1279 102.36 -44.41 2.94
N PRO B 1280 101.36 -45.01 2.30
CA PRO B 1280 101.07 -44.66 0.90
C PRO B 1280 100.23 -43.40 0.84
N TYR B 1281 100.79 -42.32 0.31
CA TYR B 1281 100.09 -41.05 0.28
C TYR B 1281 98.85 -41.21 -0.59
N ILE B 1282 97.69 -41.25 0.07
CA ILE B 1282 96.38 -41.46 -0.52
C ILE B 1282 95.53 -40.19 -0.54
N ILE B 1283 94.81 -40.00 -1.65
CA ILE B 1283 93.83 -38.94 -1.77
C ILE B 1283 92.60 -39.54 -2.43
N SER B 1284 91.50 -38.78 -2.44
CA SER B 1284 90.29 -39.25 -3.10
C SER B 1284 89.44 -38.12 -3.67
N LEU B 1285 88.58 -38.49 -4.61
CA LEU B 1285 87.65 -37.57 -5.25
C LEU B 1285 86.38 -38.31 -5.64
N ASP B 1286 85.24 -37.67 -5.39
CA ASP B 1286 83.92 -38.19 -5.71
C ASP B 1286 83.32 -37.27 -6.77
N GLU B 1287 82.75 -37.84 -7.83
CA GLU B 1287 82.37 -37.03 -8.98
C GLU B 1287 83.58 -36.20 -9.43
N ALA B 1288 84.69 -36.92 -9.59
CA ALA B 1288 86.05 -36.40 -9.67
C ALA B 1288 86.19 -35.30 -10.70
N PHE B 1289 86.84 -34.21 -10.29
CA PHE B 1289 87.24 -33.12 -11.20
C PHE B 1289 85.99 -32.43 -11.75
N ALA B 1290 85.10 -32.05 -10.84
CA ALA B 1290 83.95 -31.26 -11.23
C ALA B 1290 84.40 -29.97 -11.90
N GLY B 1291 83.70 -29.60 -12.97
CA GLY B 1291 84.11 -28.48 -13.81
C GLY B 1291 85.59 -28.36 -14.10
N VAL B 1292 86.19 -29.31 -14.82
CA VAL B 1292 87.54 -29.14 -15.33
C VAL B 1292 87.60 -29.54 -16.80
N ASP B 1293 88.42 -28.81 -17.57
CA ASP B 1293 88.59 -29.10 -18.99
C ASP B 1293 89.30 -30.43 -19.23
N GLU B 1294 88.98 -31.05 -20.36
CA GLU B 1294 89.48 -32.38 -20.68
C GLU B 1294 91.01 -32.42 -20.67
N ASN B 1295 91.63 -31.28 -20.94
CA ASN B 1295 93.09 -31.31 -21.03
C ASN B 1295 93.63 -31.30 -19.65
N ASN B 1296 93.17 -30.41 -18.79
CA ASN B 1296 93.91 -30.45 -17.56
C ASN B 1296 93.52 -31.70 -16.82
N ILE B 1297 92.39 -32.37 -17.15
CA ILE B 1297 92.16 -33.64 -16.44
C ILE B 1297 93.31 -34.58 -16.79
N ARG B 1298 93.81 -34.44 -18.03
CA ARG B 1298 95.00 -35.19 -18.42
C ARG B 1298 96.15 -34.76 -17.53
N ASP B 1299 96.21 -33.45 -17.31
CA ASP B 1299 97.27 -32.86 -16.51
C ASP B 1299 97.17 -33.37 -15.09
N MET B 1300 95.95 -33.46 -14.58
CA MET B 1300 95.76 -33.90 -13.21
C MET B 1300 96.38 -35.26 -13.04
N PHE B 1301 96.08 -36.20 -13.95
CA PHE B 1301 96.66 -37.53 -13.78
C PHE B 1301 98.18 -37.53 -13.97
N GLU B 1302 98.73 -36.58 -14.74
CA GLU B 1302 100.19 -36.45 -14.76
C GLU B 1302 100.71 -35.93 -13.42
N VAL B 1303 100.04 -34.92 -12.87
CA VAL B 1303 100.42 -34.34 -11.59
C VAL B 1303 100.37 -35.42 -10.51
N VAL B 1304 99.30 -36.21 -10.53
CA VAL B 1304 99.17 -37.27 -9.54
C VAL B 1304 100.35 -38.20 -9.67
N GLU B 1305 100.73 -38.55 -10.91
CA GLU B 1305 101.86 -39.47 -11.03
C GLU B 1305 103.11 -38.81 -10.47
N GLN B 1306 103.32 -37.52 -10.78
CA GLN B 1306 104.50 -36.82 -10.27
C GLN B 1306 104.56 -36.85 -8.75
N LEU B 1307 103.40 -36.69 -8.09
CA LEU B 1307 103.38 -36.69 -6.62
C LEU B 1307 103.46 -38.10 -6.05
N GLY B 1308 103.00 -39.09 -6.81
CA GLY B 1308 103.08 -40.48 -6.41
C GLY B 1308 101.91 -40.97 -5.59
N PHE B 1309 100.77 -40.29 -5.65
CA PHE B 1309 99.64 -40.70 -4.82
C PHE B 1309 99.09 -42.05 -5.24
N ASN B 1310 98.58 -42.80 -4.27
CA ASN B 1310 97.72 -43.95 -4.50
C ASN B 1310 96.29 -43.54 -4.22
N TYR B 1311 95.39 -43.71 -5.19
CA TYR B 1311 94.09 -43.10 -5.02
C TYR B 1311 92.99 -44.03 -5.47
N ILE B 1312 91.82 -43.87 -4.87
CA ILE B 1312 90.60 -44.56 -5.29
C ILE B 1312 89.58 -43.47 -5.59
N MET B 1313 89.29 -43.27 -6.87
CA MET B 1313 88.38 -42.21 -7.30
C MET B 1313 87.16 -42.84 -7.93
N ASN B 1314 86.07 -42.08 -8.01
CA ASN B 1314 84.90 -42.52 -8.78
C ASN B 1314 84.37 -41.33 -9.56
N SER B 1315 83.68 -41.64 -10.65
CA SER B 1315 83.19 -40.60 -11.56
C SER B 1315 82.14 -41.19 -12.49
N GLN B 1316 81.10 -40.42 -12.73
CA GLN B 1316 79.98 -40.86 -13.56
C GLN B 1316 80.30 -40.82 -15.05
N ALA B 1317 81.12 -39.86 -15.50
CA ALA B 1317 81.34 -39.71 -16.94
C ALA B 1317 82.78 -40.04 -17.32
N LEU B 1318 83.73 -39.86 -16.41
CA LEU B 1318 85.13 -40.12 -16.73
C LEU B 1318 85.27 -41.60 -17.05
N TRP B 1319 86.31 -41.93 -17.82
CA TRP B 1319 86.50 -43.29 -18.28
C TRP B 1319 87.88 -43.82 -17.94
N GLY B 1320 88.79 -42.95 -17.49
CA GLY B 1320 90.12 -43.35 -17.09
C GLY B 1320 91.03 -43.73 -18.23
N ASP B 1321 90.58 -43.54 -19.47
CA ASP B 1321 91.39 -43.83 -20.65
C ASP B 1321 92.20 -42.59 -21.04
N TYR B 1322 93.20 -42.28 -20.23
CA TYR B 1322 94.03 -41.10 -20.41
C TYR B 1322 95.49 -41.49 -20.51
N ASP B 1323 96.17 -40.98 -21.54
CA ASP B 1323 97.53 -41.43 -21.83
C ASP B 1323 98.48 -41.16 -20.68
N THR B 1324 98.21 -40.14 -19.87
CA THR B 1324 99.14 -39.78 -18.79
C THR B 1324 99.12 -40.76 -17.63
N ILE B 1325 98.18 -41.70 -17.60
CA ILE B 1325 98.09 -42.65 -16.50
C ILE B 1325 99.12 -43.76 -16.72
N SER B 1326 100.06 -43.90 -15.79
CA SER B 1326 101.05 -44.96 -15.91
C SER B 1326 100.37 -46.32 -15.85
N SER B 1327 99.39 -46.46 -14.96
CA SER B 1327 98.55 -47.64 -14.89
C SER B 1327 97.39 -47.35 -13.95
N LEU B 1328 96.27 -48.03 -14.18
CA LEU B 1328 95.05 -47.76 -13.43
C LEU B 1328 94.07 -48.90 -13.68
N SER B 1329 93.62 -49.53 -12.60
CA SER B 1329 92.52 -50.48 -12.67
C SER B 1329 91.21 -49.72 -12.65
N ILE B 1330 90.18 -50.33 -13.24
CA ILE B 1330 88.86 -49.73 -13.29
C ILE B 1330 87.86 -50.82 -12.92
N CYS B 1331 86.69 -50.41 -12.45
CA CYS B 1331 85.55 -51.28 -12.25
C CYS B 1331 84.30 -50.48 -12.51
N GLU B 1332 83.29 -51.11 -13.09
CA GLU B 1332 82.02 -50.45 -13.34
C GLU B 1332 80.92 -51.12 -12.55
N LEU B 1333 80.18 -50.29 -11.82
CA LEU B 1333 79.09 -50.70 -10.97
C LEU B 1333 77.82 -50.27 -11.67
N VAL B 1334 76.90 -51.20 -11.85
CA VAL B 1334 75.68 -50.87 -12.55
C VAL B 1334 74.53 -51.23 -11.62
N ARG B 1335 73.64 -50.28 -11.36
CA ARG B 1335 72.53 -50.59 -10.49
C ARG B 1335 71.35 -49.72 -10.87
N PRO B 1336 71.10 -49.47 -12.16
CA PRO B 1336 70.34 -48.27 -12.52
C PRO B 1336 69.05 -48.36 -11.77
N LYS B 1337 68.31 -49.42 -12.03
CA LYS B 1337 67.18 -49.76 -11.20
C LYS B 1337 67.65 -49.70 -9.75
N ASN B 1338 67.10 -48.80 -8.93
CA ASN B 1338 67.57 -48.63 -7.55
C ASN B 1338 67.34 -49.90 -6.74
N ALA B 1339 66.79 -50.92 -7.39
CA ALA B 1339 66.46 -52.24 -6.86
C ALA B 1339 67.77 -52.69 -6.24
N ASP B 1340 67.75 -53.76 -5.45
CA ASP B 1340 68.94 -54.05 -4.64
C ASP B 1340 69.90 -55.05 -5.27
N PHE B 1341 70.05 -55.02 -6.59
CA PHE B 1341 71.05 -55.88 -7.21
C PHE B 1341 72.13 -54.99 -7.81
N VAL B 1342 73.36 -55.50 -7.87
CA VAL B 1342 74.48 -54.77 -8.45
C VAL B 1342 75.25 -55.62 -9.46
N THR B 1343 75.49 -55.07 -10.65
CA THR B 1343 76.23 -55.80 -11.68
C THR B 1343 77.63 -55.19 -11.77
N VAL B 1344 78.67 -56.03 -11.73
CA VAL B 1344 80.03 -55.53 -11.66
C VAL B 1344 80.81 -56.00 -12.89
N ILE B 1345 81.29 -55.04 -13.68
CA ILE B 1345 82.22 -55.27 -14.78
C ILE B 1345 83.62 -54.78 -14.42
N ARG B 1346 84.65 -55.53 -14.77
CA ARG B 1346 86.02 -55.15 -14.44
C ARG B 1346 86.81 -54.89 -15.72
N TYR B 1347 87.75 -53.94 -15.63
CA TYR B 1347 88.69 -53.67 -16.70
C TYR B 1347 90.10 -53.45 -16.14
N GLN B 1348 90.98 -52.93 -16.99
CA GLN B 1348 92.28 -52.39 -16.60
C GLN B 1348 92.82 -51.47 -17.69
N TRP B 1349 93.65 -50.51 -17.30
CA TRP B 1349 94.23 -49.55 -18.24
C TRP B 1349 95.70 -49.36 -17.91
N ASP B 1350 96.52 -49.10 -18.92
CA ASP B 1350 97.97 -48.96 -18.73
C ASP B 1350 98.56 -47.69 -19.33
N GLY B 1351 97.89 -47.06 -20.28
CA GLY B 1351 98.33 -45.76 -20.80
C GLY B 1351 99.64 -45.90 -21.55
N LYS B 1352 99.97 -44.95 -22.43
CA LYS B 1352 101.20 -45.04 -23.24
C LYS B 1352 101.93 -43.70 -23.30
N GLN B 1353 102.14 -43.07 -22.14
CA GLN B 1353 102.62 -41.69 -22.11
C GLN B 1353 103.58 -41.41 -23.26
N ARG B 1354 103.31 -40.34 -24.01
CA ARG B 1354 103.93 -40.11 -25.30
C ARG B 1354 105.33 -39.52 -25.15
N THR B 1355 106.33 -40.39 -25.31
CA THR B 1355 107.65 -40.26 -24.71
C THR B 1355 108.48 -39.13 -25.32
N PHE B 1356 108.01 -38.50 -26.40
CA PHE B 1356 108.78 -37.44 -27.03
C PHE B 1356 108.73 -36.19 -26.17
N GLN C 5 65.36 -20.02 13.78
CA GLN C 5 65.49 -19.14 12.64
C GLN C 5 66.74 -18.27 12.78
N THR C 6 67.71 -18.47 11.89
CA THR C 6 68.99 -17.78 11.97
C THR C 6 69.40 -17.29 10.59
N GLN C 7 69.22 -16.00 10.38
CA GLN C 7 69.52 -15.37 9.10
C GLN C 7 71.00 -15.01 9.05
N LEU C 8 71.52 -14.87 7.83
CA LEU C 8 72.92 -14.56 7.65
C LEU C 8 73.05 -13.50 6.56
N PHE C 9 74.08 -12.68 6.71
CA PHE C 9 74.36 -11.65 5.73
C PHE C 9 74.88 -12.25 4.44
N ASP C 10 74.06 -12.14 3.41
CA ASP C 10 74.29 -12.75 2.11
C ASP C 10 73.99 -11.69 1.04
N GLU C 11 73.88 -12.15 -0.20
CA GLU C 11 73.58 -11.26 -1.31
C GLU C 11 72.34 -10.43 -1.00
N LYS C 12 71.31 -11.06 -0.44
CA LYS C 12 70.07 -10.36 -0.14
C LYS C 12 70.29 -9.22 0.84
N ALA C 13 71.09 -9.44 1.89
CA ALA C 13 71.33 -8.39 2.85
C ALA C 13 72.06 -7.23 2.19
N ILE C 14 73.04 -7.54 1.34
CA ILE C 14 73.77 -6.50 0.63
C ILE C 14 72.82 -5.70 -0.25
N GLN C 15 71.99 -6.42 -1.01
CA GLN C 15 71.02 -5.76 -1.88
C GLN C 15 70.05 -4.87 -1.12
N GLY C 16 69.53 -5.35 0.02
CA GLY C 16 68.63 -4.50 0.79
C GLY C 16 69.33 -3.27 1.30
N MET C 17 70.56 -3.43 1.77
CA MET C 17 71.34 -2.31 2.25
C MET C 17 71.58 -1.30 1.14
N ASP C 18 71.97 -1.78 -0.02
CA ASP C 18 72.22 -0.92 -1.16
C ASP C 18 70.96 -0.18 -1.58
N ILE C 19 69.82 -0.88 -1.63
CA ILE C 19 68.57 -0.24 -2.02
C ILE C 19 68.23 0.85 -1.03
N LEU C 20 68.43 0.58 0.26
CA LEU C 20 68.18 1.59 1.26
C LEU C 20 69.06 2.80 1.04
N PHE C 21 70.35 2.56 0.81
CA PHE C 21 71.30 3.66 0.65
C PHE C 21 70.97 4.49 -0.59
N HIS C 22 70.80 3.85 -1.74
CA HIS C 22 70.79 4.61 -2.99
C HIS C 22 69.42 5.25 -3.24
N HIS C 23 68.48 5.05 -2.33
CA HIS C 23 67.21 5.76 -2.35
C HIS C 23 67.03 6.44 -1.00
N TYR C 24 66.24 7.51 -0.98
CA TYR C 24 65.95 8.18 0.29
C TYR C 24 65.17 7.25 1.21
N TRP C 25 64.12 6.62 0.70
CA TRP C 25 63.33 5.66 1.45
C TRP C 25 62.57 4.80 0.46
N ILE C 26 62.04 3.68 0.96
CA ILE C 26 61.32 2.71 0.15
C ILE C 26 59.87 2.66 0.59
N LEU C 27 58.98 2.74 -0.39
CA LEU C 27 57.54 2.79 -0.17
C LEU C 27 57.01 1.39 -0.44
N ARG C 28 56.16 0.88 0.46
CA ARG C 28 55.55 -0.44 0.31
C ARG C 28 54.71 -0.58 -0.95
N ALA C 29 53.89 0.43 -1.25
CA ALA C 29 52.91 0.34 -2.33
C ALA C 29 53.56 0.17 -3.70
N GLU C 30 54.82 0.54 -3.87
CA GLU C 30 55.44 0.46 -5.19
C GLU C 30 56.56 -0.55 -5.22
N GLN C 31 57.17 -0.86 -4.07
CA GLN C 31 58.33 -1.76 -4.03
C GLN C 31 58.03 -2.88 -3.07
N PRO C 32 56.83 -3.48 -3.16
CA PRO C 32 56.43 -4.45 -2.13
C PRO C 32 57.41 -5.59 -1.99
N GLU C 33 57.99 -6.03 -3.11
CA GLU C 33 58.97 -7.10 -3.10
C GLU C 33 60.21 -6.69 -2.31
N TRP C 34 60.75 -5.52 -2.61
CA TRP C 34 61.92 -5.05 -1.89
C TRP C 34 61.59 -4.84 -0.42
N TYR C 35 60.40 -4.31 -0.14
CA TYR C 35 60.00 -4.09 1.24
C TYR C 35 59.96 -5.40 2.00
N GLN C 36 59.35 -6.43 1.44
CA GLN C 36 59.30 -7.71 2.12
C GLN C 36 60.70 -8.30 2.28
N LEU C 37 61.50 -8.25 1.22
CA LEU C 37 62.85 -8.82 1.27
C LEU C 37 63.66 -8.12 2.36
N ILE C 38 63.59 -6.80 2.39
CA ILE C 38 64.33 -6.01 3.36
C ILE C 38 63.82 -6.42 4.73
N ARG C 39 62.51 -6.63 4.85
CA ARG C 39 61.90 -6.93 6.13
C ARG C 39 62.50 -8.24 6.62
N GLU C 40 62.71 -9.17 5.69
CA GLU C 40 63.19 -10.48 6.09
C GLU C 40 64.55 -10.37 6.76
N ARG C 41 65.46 -9.56 6.20
CA ARG C 41 66.75 -9.40 6.86
C ARG C 41 66.74 -8.25 7.86
N GLU C 42 65.58 -7.62 8.08
CA GLU C 42 65.59 -6.40 8.85
C GLU C 42 66.25 -6.61 10.20
N LYS C 43 66.10 -7.81 10.74
CA LYS C 43 66.69 -8.17 12.02
C LYS C 43 68.21 -8.07 11.96
N VAL C 44 68.82 -8.73 10.98
CA VAL C 44 70.28 -8.72 10.86
C VAL C 44 70.75 -7.31 10.55
N LEU C 45 70.04 -6.63 9.65
CA LEU C 45 70.40 -5.27 9.28
C LEU C 45 70.37 -4.31 10.46
N ARG C 46 69.34 -4.33 11.32
CA ARG C 46 69.35 -3.42 12.45
C ARG C 46 70.56 -3.64 13.34
N ARG C 47 70.82 -4.90 13.69
CA ARG C 47 71.99 -5.21 14.52
C ARG C 47 73.24 -4.69 13.85
N TYR C 48 73.39 -5.00 12.57
CA TYR C 48 74.59 -4.68 11.82
C TYR C 48 74.77 -3.16 11.73
N LEU C 49 73.68 -2.44 11.45
CA LEU C 49 73.77 -0.99 11.34
C LEU C 49 74.26 -0.43 12.65
N ASP C 50 73.72 -0.95 13.75
CA ASP C 50 74.13 -0.51 15.08
C ASP C 50 75.60 -0.81 15.30
N GLU C 51 76.01 -2.03 14.94
CA GLU C 51 77.36 -2.49 15.23
C GLU C 51 78.39 -1.66 14.47
N LYS C 52 78.16 -1.40 13.19
CA LYS C 52 79.22 -0.80 12.41
C LYS C 52 79.07 0.72 12.38
N PHE C 53 77.89 1.19 12.01
CA PHE C 53 77.61 2.62 11.93
C PHE C 53 77.09 3.20 13.24
N GLY C 54 76.16 2.51 13.88
CA GLY C 54 75.43 3.02 15.02
C GLY C 54 74.18 3.76 14.60
N LEU C 55 73.92 3.82 13.29
CA LEU C 55 72.72 4.41 12.73
C LEU C 55 71.46 3.61 13.06
N ARG C 56 70.38 4.37 13.25
CA ARG C 56 69.03 3.86 13.47
C ARG C 56 68.31 3.66 12.13
N LEU C 57 67.42 2.67 12.11
CA LEU C 57 66.56 2.40 10.96
C LEU C 57 65.18 2.01 11.46
N ILE C 58 64.17 2.80 11.08
CA ILE C 58 62.79 2.56 11.48
C ILE C 58 62.00 1.90 10.36
N VAL C 59 61.56 0.67 10.61
CA VAL C 59 60.71 -0.06 9.68
C VAL C 59 59.32 -0.23 10.27
N HIS C 60 58.31 0.22 9.51
CA HIS C 60 56.92 0.29 9.95
C HIS C 60 56.12 -0.29 8.78
N GLN C 61 54.80 -0.36 8.95
CA GLN C 61 53.96 -0.96 7.92
C GLN C 61 53.94 -0.29 6.54
N HIS C 62 53.98 1.03 6.38
CA HIS C 62 53.82 1.53 5.02
C HIS C 62 55.13 1.86 4.30
N PHE C 63 56.25 2.01 5.01
CA PHE C 63 57.50 2.38 4.35
C PHE C 63 58.66 2.04 5.27
N ILE C 64 59.85 2.02 4.69
CA ILE C 64 61.12 1.88 5.38
C ILE C 64 62.06 2.98 4.95
N LYS C 65 62.78 3.56 5.92
CA LYS C 65 63.59 4.74 5.67
C LYS C 65 64.85 4.55 6.50
N LEU C 66 65.98 4.88 5.91
CA LEU C 66 67.29 4.84 6.55
C LEU C 66 67.84 6.24 6.72
N GLU C 67 67.95 6.67 7.98
CA GLU C 67 68.33 8.04 8.28
C GLU C 67 69.82 8.22 8.01
N LYS C 68 70.14 8.44 6.74
CA LYS C 68 71.53 8.58 6.35
C LYS C 68 71.96 9.95 6.83
N ILE C 69 72.39 10.06 8.08
CA ILE C 69 72.87 11.32 8.63
C ILE C 69 74.37 11.42 8.42
N PRO C 70 74.86 12.41 7.70
CA PRO C 70 76.29 12.47 7.39
C PRO C 70 77.06 13.02 8.58
N VAL C 71 78.35 12.76 8.59
CA VAL C 71 79.19 13.30 9.66
C VAL C 71 79.30 14.80 9.49
N GLU C 72 79.58 15.26 8.27
CA GLU C 72 79.61 16.69 7.98
C GLU C 72 78.92 16.88 6.64
N PRO C 73 77.77 17.56 6.63
CA PRO C 73 76.98 17.67 5.41
C PRO C 73 77.76 18.34 4.29
N GLU C 74 77.47 17.91 3.07
CA GLU C 74 78.16 18.41 1.89
C GLU C 74 77.12 18.75 0.84
N GLY C 75 77.47 19.68 -0.05
CA GLY C 75 76.49 20.25 -0.94
C GLY C 75 75.79 19.22 -1.79
N TRP C 76 76.54 18.23 -2.28
CA TRP C 76 75.94 17.27 -3.22
C TRP C 76 74.92 16.39 -2.52
N MET C 77 74.99 16.31 -1.19
CA MET C 77 74.10 15.39 -0.49
C MET C 77 72.65 15.82 -0.64
N GLY C 78 72.40 17.13 -0.59
CA GLY C 78 71.06 17.66 -0.55
C GLY C 78 70.28 17.34 -1.80
N ILE C 79 68.98 17.59 -1.75
CA ILE C 79 68.15 17.36 -2.92
C ILE C 79 68.72 18.21 -4.04
N GLN C 80 69.19 17.55 -5.10
CA GLN C 80 69.95 18.27 -6.10
C GLN C 80 69.02 19.00 -7.04
N ASP C 81 67.81 18.49 -7.24
CA ASP C 81 66.89 19.15 -8.13
C ASP C 81 66.61 20.57 -7.67
N PHE C 82 66.86 20.84 -6.38
CA PHE C 82 66.65 22.18 -5.87
C PHE C 82 67.90 23.00 -6.16
N GLN C 83 67.70 24.28 -6.43
CA GLN C 83 68.77 25.15 -6.87
C GLN C 83 68.97 26.40 -6.03
N GLU C 84 68.02 26.78 -5.19
CA GLU C 84 68.18 27.97 -4.36
C GLU C 84 67.75 27.66 -2.94
N PRO C 85 68.20 28.44 -1.96
CA PRO C 85 67.69 28.26 -0.60
C PRO C 85 66.18 28.43 -0.58
N MET C 86 65.71 29.37 -1.40
CA MET C 86 64.28 29.65 -1.49
C MET C 86 63.50 28.39 -1.83
N ASP C 87 64.08 27.49 -2.62
CA ASP C 87 63.38 26.25 -2.93
C ASP C 87 63.15 25.44 -1.66
N TYR C 88 64.16 25.35 -0.81
CA TYR C 88 64.01 24.64 0.45
C TYR C 88 63.01 25.32 1.36
N ALA C 89 63.02 26.66 1.38
CA ALA C 89 62.07 27.37 2.24
C ALA C 89 60.65 27.05 1.80
N ILE C 90 60.42 27.04 0.49
CA ILE C 90 59.08 26.72 -0.03
C ILE C 90 58.76 25.27 0.28
N PHE C 91 59.75 24.40 0.24
CA PHE C 91 59.52 23.00 0.60
C PHE C 91 59.05 22.88 2.04
N CYS C 92 59.73 23.57 2.95
CA CYS C 92 59.34 23.52 4.35
C CYS C 92 57.94 24.10 4.53
N CYS C 93 57.63 25.18 3.80
CA CYS C 93 56.29 25.74 3.90
C CYS C 93 55.26 24.72 3.42
N ALA C 94 55.59 23.99 2.35
CA ALA C 94 54.70 22.95 1.87
C ALA C 94 54.50 21.88 2.93
N LEU C 95 55.58 21.52 3.61
CA LEU C 95 55.46 20.58 4.73
C LEU C 95 54.47 21.11 5.76
N ALA C 96 54.65 22.36 6.19
CA ALA C 96 53.71 22.96 7.14
C ALA C 96 52.29 22.87 6.64
N PHE C 97 52.12 23.08 5.34
CA PHE C 97 50.79 22.97 4.77
C PHE C 97 50.28 21.56 4.93
N LEU C 98 51.13 20.58 4.67
CA LEU C 98 50.64 19.22 4.77
C LEU C 98 50.33 18.92 6.22
N GLU C 99 51.03 19.58 7.16
CA GLU C 99 50.66 19.46 8.57
C GLU C 99 49.25 20.00 8.78
N GLY C 100 48.82 20.90 7.90
CA GLY C 100 47.50 21.46 8.05
C GLY C 100 46.42 20.63 7.38
N LYS C 101 46.81 19.60 6.63
CA LYS C 101 45.85 18.80 5.91
C LYS C 101 45.66 17.42 6.54
N ALA C 102 44.41 17.02 6.71
CA ALA C 102 44.12 15.69 7.22
C ALA C 102 44.43 14.63 6.15
N VAL C 103 44.66 13.41 6.62
CA VAL C 103 45.01 12.32 5.71
C VAL C 103 43.91 12.14 4.66
N ASP C 104 44.32 11.92 3.42
CA ASP C 104 43.41 11.74 2.28
C ASP C 104 42.53 12.95 2.02
N GLU C 105 42.82 14.07 2.67
CA GLU C 105 42.16 15.33 2.36
C GLU C 105 42.57 15.83 0.98
N GLN C 106 41.66 16.52 0.31
CA GLN C 106 41.90 16.99 -1.04
C GLN C 106 41.97 18.51 -1.01
N PHE C 107 43.03 19.04 -1.59
CA PHE C 107 43.24 20.49 -1.63
C PHE C 107 43.67 20.94 -3.01
N LEU C 108 43.34 22.18 -3.34
CA LEU C 108 43.67 22.75 -4.64
C LEU C 108 45.05 23.41 -4.61
N LEU C 109 45.72 23.43 -5.76
CA LEU C 109 47.05 24.03 -5.79
C LEU C 109 46.99 25.51 -5.40
N SER C 110 45.91 26.19 -5.76
CA SER C 110 45.76 27.61 -5.46
C SER C 110 45.71 27.84 -3.96
N GLU C 111 45.02 26.95 -3.24
CA GLU C 111 44.97 27.07 -1.78
C GLU C 111 46.36 26.94 -1.20
N LEU C 112 47.13 25.97 -1.71
CA LEU C 112 48.47 25.75 -1.21
C LEU C 112 49.34 26.97 -1.44
N CYS C 113 49.24 27.59 -2.61
CA CYS C 113 50.03 28.79 -2.83
C CYS C 113 49.63 29.87 -1.84
N GLN C 114 48.33 30.06 -1.63
CA GLN C 114 47.91 31.12 -0.72
C GLN C 114 48.39 30.88 0.71
N GLU C 115 48.21 29.68 1.25
CA GLU C 115 48.67 29.45 2.62
C GLU C 115 50.17 29.57 2.72
N ILE C 116 50.90 29.05 1.73
CA ILE C 116 52.35 29.19 1.82
C ILE C 116 52.74 30.65 1.83
N GLN C 117 52.11 31.46 0.98
CA GLN C 117 52.42 32.87 1.00
C GLN C 117 52.10 33.50 2.35
N ALA C 118 50.96 33.16 2.94
CA ALA C 118 50.56 33.75 4.20
C ALA C 118 51.53 33.37 5.31
N ASP C 119 51.87 32.09 5.40
CA ASP C 119 52.66 31.58 6.51
C ASP C 119 54.14 31.94 6.36
N TYR C 120 54.62 32.09 5.13
CA TYR C 120 56.05 32.20 4.88
C TYR C 120 56.75 33.10 5.87
N PRO C 121 57.67 32.58 6.69
CA PRO C 121 58.12 33.34 7.87
C PRO C 121 59.21 34.36 7.59
N GLY C 122 59.74 34.46 6.37
CA GLY C 122 60.82 35.39 6.10
C GLY C 122 60.38 36.83 6.15
N ASP C 123 61.35 37.71 6.35
CA ASP C 123 61.15 39.15 6.24
C ASP C 123 60.79 39.62 4.84
N PHE C 124 61.31 38.99 3.79
CA PHE C 124 61.11 39.46 2.42
C PHE C 124 59.99 38.67 1.75
N PRO C 125 58.91 39.33 1.34
CA PRO C 125 57.76 38.57 0.87
C PRO C 125 58.01 37.79 -0.42
N LEU C 126 57.33 36.65 -0.51
CA LEU C 126 57.14 35.73 -1.62
C LEU C 126 55.98 36.17 -2.49
N ASP C 127 56.18 36.23 -3.81
CA ASP C 127 55.13 36.78 -4.67
C ASP C 127 54.91 35.71 -5.73
N TRP C 128 53.64 35.39 -6.01
CA TRP C 128 53.38 34.31 -6.95
C TRP C 128 53.27 34.82 -8.37
N THR C 129 53.20 36.14 -8.55
CA THR C 129 53.12 36.74 -9.88
C THR C 129 54.40 36.58 -10.68
N LEU C 130 55.52 36.35 -10.03
CA LEU C 130 56.80 36.22 -10.71
C LEU C 130 56.88 34.87 -11.39
N TYR C 131 57.78 34.75 -12.37
CA TYR C 131 58.05 33.46 -12.98
C TYR C 131 58.96 32.59 -12.11
N THR C 132 60.05 33.17 -11.59
CA THR C 132 61.04 32.39 -10.87
C THR C 132 60.44 31.76 -9.61
N HIS C 133 59.61 32.53 -8.91
CA HIS C 133 58.99 32.03 -7.69
C HIS C 133 58.10 30.84 -8.02
N ARG C 134 57.34 30.96 -9.10
CA ARG C 134 56.48 29.87 -9.54
C ARG C 134 57.32 28.65 -9.91
N LYS C 135 58.46 28.87 -10.56
CA LYS C 135 59.32 27.75 -10.89
C LYS C 135 59.81 27.05 -9.63
N SER C 136 60.17 27.82 -8.61
CA SER C 136 60.61 27.21 -7.36
C SER C 136 59.50 26.36 -6.74
N LEU C 137 58.28 26.89 -6.71
CA LEU C 137 57.19 26.11 -6.13
C LEU C 137 56.92 24.85 -6.95
N ILE C 138 56.99 24.96 -8.27
CA ILE C 138 56.73 23.79 -9.10
C ILE C 138 57.78 22.72 -8.85
N ARG C 139 59.04 23.12 -8.70
CA ARG C 139 60.07 22.14 -8.41
C ARG C 139 59.82 21.49 -7.06
N ALA C 140 59.40 22.30 -6.08
CA ALA C 140 59.09 21.76 -4.77
C ALA C 140 57.96 20.75 -4.86
N VAL C 141 56.93 21.09 -5.63
CA VAL C 141 55.77 20.21 -5.77
C VAL C 141 56.18 18.93 -6.49
N LYS C 142 57.09 19.04 -7.45
CA LYS C 142 57.54 17.85 -8.14
C LYS C 142 58.26 16.91 -7.20
N VAL C 143 59.12 17.46 -6.34
CA VAL C 143 59.79 16.63 -5.36
C VAL C 143 58.78 16.03 -4.38
N LEU C 144 57.81 16.82 -3.95
CA LEU C 144 56.76 16.30 -3.08
C LEU C 144 56.09 15.11 -3.71
N MET C 145 55.63 15.27 -4.96
CA MET C 145 54.97 14.18 -5.66
C MET C 145 55.89 12.99 -5.83
N GLU C 146 57.21 13.21 -5.90
CA GLU C 146 58.11 12.07 -6.05
C GLU C 146 58.04 11.12 -4.88
N PHE C 147 57.93 11.64 -3.66
CA PHE C 147 57.82 10.81 -2.48
C PHE C 147 56.38 10.42 -2.15
N GLN C 148 55.45 10.68 -3.05
CA GLN C 148 54.04 10.38 -2.82
C GLN C 148 53.53 11.03 -1.55
N LEU C 149 54.18 12.10 -1.12
CA LEU C 149 53.63 12.82 0.01
C LEU C 149 52.29 13.42 -0.38
N ILE C 150 52.15 13.79 -1.65
CA ILE C 150 50.94 14.34 -2.24
C ILE C 150 50.75 13.66 -3.57
N ARG C 151 49.52 13.23 -3.86
CA ARG C 151 49.19 12.63 -5.14
C ARG C 151 48.59 13.71 -6.02
N THR C 152 48.62 13.50 -7.33
CA THR C 152 48.17 14.52 -8.28
C THR C 152 47.55 13.90 -9.52
N ILE C 153 46.25 14.09 -9.70
CA ILE C 153 45.64 13.88 -11.01
C ILE C 153 44.52 14.90 -11.22
N ASP C 154 44.84 16.08 -11.78
CA ASP C 154 43.87 16.80 -12.60
C ASP C 154 44.58 17.99 -13.25
N GLY C 155 44.82 17.92 -14.56
CA GLY C 155 45.69 18.93 -15.10
C GLY C 155 47.17 18.58 -14.97
N ASP C 156 48.00 19.63 -15.09
CA ASP C 156 49.44 19.51 -14.97
C ASP C 156 50.05 20.87 -14.65
N ILE C 157 50.64 20.98 -13.45
CA ILE C 157 51.30 22.20 -12.99
C ILE C 157 52.16 22.84 -14.08
N GLY C 158 52.67 22.05 -15.02
CA GLY C 158 53.51 22.68 -16.02
C GLY C 158 52.78 23.82 -16.69
N ARG C 159 51.46 23.71 -16.89
CA ARG C 159 50.79 24.87 -17.46
C ARG C 159 50.84 26.02 -16.45
N PHE C 160 50.96 25.65 -15.16
CA PHE C 160 51.06 26.65 -14.11
C PHE C 160 52.29 27.49 -14.35
N ASP C 161 53.25 26.89 -15.04
CA ASP C 161 54.48 27.61 -15.37
C ASP C 161 54.16 28.89 -16.13
N GLN C 162 53.30 28.79 -17.14
CA GLN C 162 53.05 29.95 -18.00
C GLN C 162 51.67 30.53 -17.72
N ASN C 163 51.01 30.03 -16.68
CA ASN C 163 49.68 30.49 -16.32
C ASN C 163 49.53 30.37 -14.81
N GLU C 164 49.84 31.44 -14.09
CA GLU C 164 49.74 31.37 -12.64
C GLU C 164 48.32 31.07 -12.17
N GLU C 165 47.30 31.41 -12.96
CA GLU C 165 45.92 31.11 -12.61
C GLU C 165 45.59 29.63 -12.78
N GLN C 166 46.46 28.86 -13.41
CA GLN C 166 46.27 27.44 -13.63
C GLN C 166 45.86 26.76 -12.33
N GLU C 167 45.12 25.67 -12.44
CA GLU C 167 44.67 24.93 -11.27
C GLU C 167 44.82 23.43 -11.48
N VAL C 168 44.99 22.72 -10.36
CA VAL C 168 45.14 21.27 -10.29
C VAL C 168 44.50 20.85 -8.97
N LEU C 169 44.06 19.60 -8.93
CA LEU C 169 43.41 19.02 -7.76
C LEU C 169 44.31 17.97 -7.15
N TYR C 170 44.77 18.25 -5.94
CA TYR C 170 45.74 17.41 -5.26
C TYR C 170 45.08 16.75 -4.07
N GLU C 171 45.69 15.64 -3.62
CA GLU C 171 45.18 14.89 -2.49
C GLU C 171 46.37 14.62 -1.58
N ALA C 172 46.22 14.94 -0.30
CA ALA C 172 47.25 14.75 0.71
C ALA C 172 47.30 13.28 1.11
N SER C 173 48.46 12.65 0.88
CA SER C 173 48.69 11.25 1.17
C SER C 173 49.24 11.06 2.58
N THR C 174 49.09 9.83 3.08
CA THR C 174 49.38 9.52 4.49
C THR C 174 50.83 9.79 4.86
N TYR C 175 51.73 9.63 3.90
CA TYR C 175 53.16 9.67 4.20
C TYR C 175 53.63 11.02 4.75
N SER C 176 52.87 12.08 4.52
CA SER C 176 53.31 13.38 5.01
C SER C 176 53.61 13.37 6.50
N ARG C 177 52.85 12.61 7.29
CA ARG C 177 53.09 12.61 8.73
C ARG C 177 54.49 12.11 9.07
N TYR C 178 54.91 11.03 8.43
CA TYR C 178 56.06 10.26 8.86
C TYR C 178 57.34 10.65 8.13
N PHE C 179 57.28 11.61 7.22
CA PHE C 179 58.36 11.89 6.28
C PHE C 179 59.67 12.19 7.00
N MET C 180 59.64 13.08 7.98
CA MET C 180 60.78 13.66 8.68
C MET C 180 61.07 12.94 9.98
N ARG C 181 62.35 12.68 10.24
CA ARG C 181 62.75 11.93 11.42
C ARG C 181 62.31 12.73 12.65
N THR C 182 62.54 12.20 13.86
CA THR C 182 62.13 12.96 15.03
C THR C 182 63.22 13.79 15.69
N TYR C 183 62.76 14.85 16.35
CA TYR C 183 63.62 15.85 16.98
C TYR C 183 63.17 15.90 18.42
N PRO C 184 63.69 15.01 19.28
CA PRO C 184 63.03 14.76 20.57
C PRO C 184 62.90 15.95 21.50
N ASP C 185 63.65 17.04 21.35
CA ASP C 185 63.53 18.10 22.34
C ASP C 185 62.52 19.15 21.88
N ASP C 186 62.51 20.26 22.61
CA ASP C 186 62.01 21.53 22.10
C ASP C 186 62.82 21.97 20.90
N PHE C 187 62.23 21.91 19.71
CA PHE C 187 63.08 22.07 18.54
C PHE C 187 63.73 23.45 18.57
N SER C 188 63.10 24.41 19.27
CA SER C 188 63.65 25.76 19.29
C SER C 188 64.97 25.80 20.03
N SER C 189 65.22 24.81 20.88
CA SER C 189 66.45 24.78 21.66
C SER C 189 67.62 24.49 20.75
N TYR C 190 67.33 24.08 19.52
CA TYR C 190 68.35 23.73 18.55
C TYR C 190 68.68 25.03 17.83
N GLN C 191 69.12 26.03 18.60
CA GLN C 191 69.30 27.38 18.09
C GLN C 191 70.13 27.45 16.82
N HIS C 192 70.87 26.40 16.48
CA HIS C 192 71.68 26.41 15.27
C HIS C 192 71.92 24.98 14.86
N TRP C 193 72.02 24.77 13.55
CA TRP C 193 72.10 23.40 13.02
C TRP C 193 73.28 22.64 13.62
N SER C 194 74.38 23.33 13.93
CA SER C 194 75.53 22.63 14.51
C SER C 194 75.13 21.87 15.77
N GLU C 195 74.09 22.34 16.47
CA GLU C 195 73.63 21.69 17.69
C GLU C 195 73.04 20.32 17.42
N LEU C 196 72.56 20.08 16.21
CA LEU C 196 72.04 18.76 15.85
C LEU C 196 73.15 17.72 15.94
N LEU C 197 74.33 18.04 15.42
CA LEU C 197 75.42 17.08 15.46
C LEU C 197 75.72 16.73 16.91
N LYS C 198 75.76 17.73 17.79
CA LYS C 198 76.01 17.47 19.19
C LYS C 198 74.98 16.51 19.76
N GLU C 199 73.80 16.41 19.15
CA GLU C 199 72.83 15.43 19.60
C GLU C 199 73.22 14.07 19.08
N ASP C 200 73.38 13.96 17.76
CA ASP C 200 73.65 12.66 17.20
C ASP C 200 74.93 12.07 17.78
N TRP C 201 75.84 12.93 18.22
CA TRP C 201 77.03 12.32 18.79
C TRP C 201 76.93 12.19 20.30
N LYS C 202 75.94 12.82 20.95
CA LYS C 202 75.77 12.43 22.33
C LYS C 202 75.11 11.06 22.35
N LEU C 203 74.48 10.70 21.21
CA LEU C 203 73.88 9.38 21.12
C LEU C 203 74.89 8.36 20.65
N ASN C 204 76.06 8.81 20.18
CA ASN C 204 77.03 7.83 19.66
C ASN C 204 78.35 7.94 20.40
N GLN C 205 78.32 8.13 21.72
CA GLN C 205 79.56 8.19 22.50
C GLN C 205 80.35 6.89 22.55
N GLU C 206 79.68 5.75 22.46
CA GLU C 206 80.37 4.47 22.56
C GLU C 206 81.12 4.18 21.27
N ASP C 207 82.44 4.16 21.35
CA ASP C 207 83.26 3.89 20.17
C ASP C 207 82.85 4.85 19.06
N GLU C 208 82.72 6.11 19.43
CA GLU C 208 82.35 7.15 18.49
C GLU C 208 83.27 7.22 17.29
N ARG C 209 84.54 6.89 17.45
CA ARG C 209 85.48 7.06 16.34
C ARG C 209 85.18 6.06 15.23
N ARG C 210 84.92 4.80 15.60
CA ARG C 210 84.66 3.79 14.58
C ARG C 210 83.40 4.12 13.79
N LYS C 211 82.32 4.50 14.49
CA LYS C 211 81.10 4.89 13.81
C LYS C 211 81.30 6.11 12.93
N ARG C 212 82.08 7.08 13.41
CA ARG C 212 82.39 8.25 12.61
C ARG C 212 83.07 7.84 11.32
N VAL C 213 84.08 6.98 11.43
CA VAL C 213 84.85 6.56 10.29
C VAL C 213 83.95 5.79 9.33
N TYR C 214 83.11 4.91 9.86
CA TYR C 214 82.24 4.12 8.99
C TYR C 214 81.30 5.03 8.21
N ARG C 215 80.72 6.02 8.88
CA ARG C 215 79.82 6.94 8.18
C ARG C 215 80.57 7.73 7.12
N LYS C 216 81.75 8.27 7.47
CA LYS C 216 82.51 9.06 6.52
C LYS C 216 82.90 8.23 5.30
N LEU C 217 83.36 7.00 5.54
CA LEU C 217 83.77 6.12 4.46
C LEU C 217 82.60 5.76 3.57
N PHE C 218 81.52 5.27 4.18
CA PHE C 218 80.41 4.73 3.41
C PHE C 218 79.65 5.80 2.65
N PHE C 219 79.56 7.01 3.20
CA PHE C 219 78.74 8.02 2.53
C PHE C 219 79.53 8.64 1.40
N SER C 220 80.65 9.21 1.69
CA SER C 220 81.38 9.96 0.69
C SER C 220 82.08 8.98 -0.23
N PRO C 221 82.30 9.34 -1.50
CA PRO C 221 83.13 8.49 -2.35
C PRO C 221 84.48 8.22 -1.72
N GLY C 222 85.00 9.20 -0.98
CA GLY C 222 86.29 9.07 -0.34
C GLY C 222 86.31 9.90 0.92
N LEU C 223 87.38 9.71 1.68
CA LEU C 223 87.63 10.35 2.96
C LEU C 223 89.01 10.96 2.93
N HIS C 224 89.09 12.28 2.97
CA HIS C 224 90.33 13.00 2.77
C HIS C 224 91.03 13.27 4.09
N ARG C 225 92.35 13.14 4.07
CA ARG C 225 93.20 13.37 5.23
C ARG C 225 93.24 14.85 5.59
N LEU C 226 92.83 15.18 6.81
CA LEU C 226 92.79 16.57 7.21
C LEU C 226 94.18 17.18 7.16
N ASP C 227 95.17 16.53 7.78
CA ASP C 227 96.53 17.03 7.69
C ASP C 227 97.50 15.87 7.90
N GLN C 228 98.78 16.21 8.05
CA GLN C 228 99.82 15.17 8.23
C GLN C 228 99.70 14.41 9.52
N GLN C 229 99.05 15.01 10.52
CA GLN C 229 98.93 14.44 11.85
C GLN C 229 97.47 14.24 12.23
N ASP C 230 96.61 13.98 11.26
CA ASP C 230 95.19 13.79 11.53
C ASP C 230 94.93 12.57 12.40
N PRO C 231 94.30 12.74 13.57
CA PRO C 231 94.12 11.58 14.45
C PRO C 231 93.21 10.56 13.81
N ASP C 232 92.20 11.05 13.09
CA ASP C 232 91.26 10.19 12.38
C ASP C 232 91.99 9.31 11.37
N PHE C 233 92.90 9.89 10.59
CA PHE C 233 93.58 9.09 9.57
C PHE C 233 94.50 8.07 10.21
N LEU C 234 95.13 8.40 11.34
CA LEU C 234 95.91 7.41 12.07
C LEU C 234 95.02 6.27 12.53
N TYR C 235 93.83 6.62 13.04
CA TYR C 235 92.84 5.64 13.44
C TYR C 235 92.51 4.73 12.26
N ILE C 236 92.27 5.34 11.12
CA ILE C 236 91.93 4.59 9.93
C ILE C 236 93.06 3.62 9.62
N ARG C 237 94.30 4.09 9.77
CA ARG C 237 95.42 3.20 9.53
C ARG C 237 95.41 2.03 10.49
N ASN C 238 95.06 2.27 11.77
CA ASN C 238 95.14 1.14 12.69
C ASN C 238 94.11 0.10 12.32
N TYR C 239 92.94 0.47 11.79
CA TYR C 239 92.03 -0.64 11.52
C TYR C 239 91.70 -0.73 10.04
N ARG C 240 92.68 -0.41 9.20
CA ARG C 240 92.52 -0.49 7.76
C ARG C 240 92.23 -1.93 7.39
N ASN C 241 93.03 -2.83 7.96
CA ASN C 241 93.07 -4.24 7.60
C ASN C 241 91.76 -4.92 8.01
N ARG C 242 91.33 -4.69 9.24
CA ARG C 242 90.10 -5.33 9.70
C ARG C 242 88.93 -4.77 8.92
N LEU C 243 89.01 -3.50 8.56
CA LEU C 243 88.04 -2.91 7.67
C LEU C 243 88.02 -3.64 6.34
N ALA C 244 89.18 -3.91 5.75
CA ALA C 244 89.23 -4.57 4.46
C ALA C 244 88.60 -5.97 4.52
N GLU C 245 88.90 -6.75 5.56
CA GLU C 245 88.31 -8.08 5.63
C GLU C 245 86.80 -7.97 5.75
N ASP C 246 86.34 -7.05 6.60
CA ASP C 246 84.91 -6.85 6.78
C ASP C 246 84.27 -6.42 5.47
N ILE C 247 84.92 -5.51 4.76
CA ILE C 247 84.38 -4.97 3.52
C ILE C 247 84.30 -6.05 2.45
N GLU C 248 85.33 -6.89 2.35
CA GLU C 248 85.23 -7.99 1.38
C GLU C 248 84.09 -8.93 1.72
N LYS C 249 83.90 -9.24 3.00
CA LYS C 249 82.80 -10.13 3.35
C LYS C 249 81.45 -9.48 3.09
N HIS C 250 81.35 -8.19 3.41
CA HIS C 250 80.06 -7.52 3.51
C HIS C 250 79.64 -6.63 2.34
N SER C 251 80.48 -6.35 1.35
CA SER C 251 80.01 -5.40 0.35
C SER C 251 80.73 -5.47 -0.98
N GLU C 252 80.20 -4.63 -1.89
CA GLU C 252 80.64 -4.50 -3.27
C GLU C 252 82.00 -3.86 -3.35
N TYR C 253 82.40 -3.15 -2.31
CA TYR C 253 83.55 -2.27 -2.33
C TYR C 253 84.85 -3.04 -2.26
N LYS C 254 85.93 -2.35 -2.62
CA LYS C 254 87.29 -2.82 -2.47
C LYS C 254 88.03 -1.63 -1.88
N LEU C 255 88.77 -1.86 -0.80
CA LEU C 255 89.35 -0.74 -0.07
C LEU C 255 90.59 -0.26 -0.77
N HIS C 256 90.83 1.05 -0.74
CA HIS C 256 92.12 1.60 -1.12
C HIS C 256 92.57 2.54 -0.02
N VAL C 257 93.87 2.64 0.21
CA VAL C 257 94.40 3.54 1.22
C VAL C 257 95.66 4.20 0.69
N TYR C 258 95.78 5.50 0.91
CA TYR C 258 96.99 6.22 0.52
C TYR C 258 97.39 7.13 1.68
N LYS C 259 98.53 7.81 1.52
CA LYS C 259 99.03 8.68 2.58
C LYS C 259 98.10 9.83 2.93
N ASN C 260 97.30 10.32 2.00
CA ASN C 260 96.53 11.52 2.27
C ASN C 260 95.05 11.35 1.93
N THR C 261 94.62 10.14 1.63
CA THR C 261 93.23 9.86 1.34
C THR C 261 92.99 8.38 1.53
N ALA C 262 91.73 8.02 1.74
CA ALA C 262 91.30 6.64 1.84
C ALA C 262 89.89 6.59 1.27
N PHE C 263 89.57 5.51 0.58
CA PHE C 263 88.26 5.47 -0.06
C PHE C 263 87.85 4.06 -0.40
N LEU C 264 86.57 3.92 -0.72
CA LEU C 264 85.97 2.68 -1.16
C LEU C 264 85.71 2.77 -2.66
N SER C 265 86.12 1.75 -3.39
CA SER C 265 85.85 1.60 -4.80
C SER C 265 84.68 0.63 -4.91
N ILE C 266 83.98 0.64 -6.03
CA ILE C 266 82.87 -0.26 -6.26
C ILE C 266 83.03 -0.98 -7.59
N ALA C 267 82.84 -2.29 -7.59
CA ALA C 267 83.15 -3.06 -8.79
C ALA C 267 82.00 -3.11 -9.80
N GLU C 268 80.76 -3.39 -9.38
CA GLU C 268 79.64 -3.49 -10.31
C GLU C 268 78.39 -2.65 -10.04
N PRO C 269 78.34 -1.41 -10.51
CA PRO C 269 77.15 -0.58 -10.27
C PRO C 269 75.96 -0.94 -11.17
N ARG C 270 74.83 -1.17 -10.52
CA ARG C 270 73.52 -1.48 -11.11
C ARG C 270 72.86 -0.21 -11.64
N GLN C 271 71.63 -0.36 -12.14
CA GLN C 271 70.89 0.68 -12.82
C GLN C 271 70.73 1.81 -11.83
N TYR C 272 70.25 1.44 -10.65
CA TYR C 272 69.81 2.38 -9.64
C TYR C 272 70.97 3.04 -8.91
N GLN C 273 72.21 2.60 -9.15
CA GLN C 273 73.32 3.12 -8.39
C GLN C 273 73.87 4.37 -9.06
N GLN C 274 74.52 5.22 -8.27
CA GLN C 274 75.24 6.38 -8.75
C GLN C 274 76.74 6.15 -8.62
N VAL C 275 77.50 6.51 -9.64
CA VAL C 275 78.94 6.27 -9.62
C VAL C 275 79.66 7.32 -10.46
N PHE C 276 80.94 7.48 -10.20
CA PHE C 276 81.85 8.31 -10.97
C PHE C 276 82.95 7.42 -11.55
N PRO C 277 83.23 7.46 -12.85
CA PRO C 277 82.69 8.34 -13.90
C PRO C 277 81.26 7.99 -14.27
N ASN C 278 80.63 8.85 -15.06
CA ASN C 278 79.28 8.62 -15.55
C ASN C 278 79.16 9.33 -16.89
N SER C 279 77.93 9.43 -17.39
CA SER C 279 77.74 9.93 -18.75
C SER C 279 78.07 11.41 -18.87
N LYS C 280 77.84 12.20 -17.84
CA LYS C 280 78.00 13.64 -18.03
C LYS C 280 79.42 13.91 -18.49
N ALA C 281 79.56 14.77 -19.49
CA ALA C 281 80.87 15.00 -20.09
C ALA C 281 81.85 15.59 -19.08
N SER C 282 81.33 16.40 -18.15
CA SER C 282 82.24 17.09 -17.24
C SER C 282 83.11 16.10 -16.50
N THR C 283 82.62 14.88 -16.26
CA THR C 283 83.52 13.92 -15.64
C THR C 283 84.68 13.63 -16.57
N ASP C 284 84.38 13.46 -17.86
CA ASP C 284 85.43 13.23 -18.85
C ASP C 284 86.47 14.34 -18.82
N ILE C 285 86.03 15.60 -18.82
CA ILE C 285 87.00 16.71 -18.79
C ILE C 285 87.74 16.75 -17.47
N ILE C 286 87.08 16.33 -16.39
CA ILE C 286 87.76 16.28 -15.11
C ILE C 286 88.88 15.25 -15.21
N LEU C 287 88.59 14.10 -15.81
CA LEU C 287 89.58 13.06 -16.00
C LEU C 287 90.71 13.54 -16.90
N GLN C 288 90.38 14.27 -17.96
CA GLN C 288 91.42 14.77 -18.86
C GLN C 288 92.33 15.72 -18.08
N LEU C 289 91.72 16.56 -17.24
CA LEU C 289 92.48 17.44 -16.37
C LEU C 289 93.32 16.65 -15.38
N SER C 290 92.76 15.57 -14.86
CA SER C 290 93.52 14.71 -13.96
C SER C 290 94.77 14.19 -14.65
N LYS C 291 94.63 13.71 -15.88
CA LYS C 291 95.79 13.22 -16.60
C LYS C 291 96.80 14.34 -16.82
N TYR C 292 96.31 15.52 -17.21
CA TYR C 292 97.21 16.65 -17.45
C TYR C 292 97.96 17.05 -16.18
N ILE C 293 97.28 17.01 -15.03
CA ILE C 293 97.96 17.32 -13.78
C ILE C 293 98.94 16.22 -13.41
N HIS C 294 98.56 14.97 -13.64
CA HIS C 294 99.49 13.87 -13.39
C HIS C 294 100.74 14.03 -14.23
N GLY C 295 100.62 14.64 -15.41
CA GLY C 295 101.75 14.63 -16.29
C GLY C 295 102.81 15.66 -15.94
N GLU C 296 102.48 16.58 -15.03
CA GLU C 296 103.48 17.56 -14.63
C GLU C 296 103.50 17.65 -13.11
N PRO C 297 103.90 16.57 -12.41
CA PRO C 297 103.86 16.61 -10.94
C PRO C 297 104.72 17.72 -10.36
N GLU C 298 105.88 17.96 -10.99
CA GLU C 298 106.85 18.96 -10.54
C GLU C 298 106.40 20.39 -10.78
N ARG C 299 105.67 20.66 -11.87
CA ARG C 299 105.25 22.03 -12.13
C ARG C 299 104.10 22.35 -11.19
N PHE C 300 103.24 21.35 -11.00
CA PHE C 300 102.10 21.43 -10.12
C PHE C 300 102.50 20.48 -9.00
N LYS C 301 103.39 20.99 -8.15
CA LYS C 301 103.90 20.24 -7.01
C LYS C 301 102.83 19.73 -6.07
N ALA C 302 102.77 18.40 -5.91
CA ALA C 302 101.74 17.98 -4.99
C ALA C 302 102.35 18.40 -3.66
N ASN C 303 101.59 19.10 -2.85
CA ASN C 303 102.00 19.46 -1.49
C ASN C 303 101.94 18.24 -0.58
N GLU C 304 102.42 18.43 0.65
CA GLU C 304 102.53 17.32 1.58
C GLU C 304 101.19 16.65 1.82
N ASN C 305 100.09 17.40 1.80
CA ASN C 305 98.75 16.84 2.02
C ASN C 305 98.23 16.07 0.83
N GLY C 306 99.02 15.91 -0.23
CA GLY C 306 98.58 15.16 -1.39
C GLY C 306 97.80 16.05 -2.34
N GLU C 307 97.57 17.29 -1.94
CA GLU C 307 96.87 18.25 -2.77
C GLU C 307 97.79 18.86 -3.82
N ILE C 308 97.20 19.27 -4.95
CA ILE C 308 97.90 20.04 -5.98
C ILE C 308 97.26 21.42 -6.12
N LEU C 309 98.11 22.44 -6.01
CA LEU C 309 97.73 23.84 -5.90
C LEU C 309 97.93 24.60 -7.20
N MET C 310 96.86 25.28 -7.64
CA MET C 310 96.83 26.08 -8.86
C MET C 310 95.96 27.30 -8.61
N THR C 311 96.35 28.43 -9.19
CA THR C 311 95.54 29.63 -9.08
C THR C 311 94.51 29.69 -10.21
N GLU C 312 93.46 30.49 -10.01
CA GLU C 312 92.38 30.55 -11.01
C GLU C 312 92.96 30.84 -12.40
N GLY C 313 93.95 31.72 -12.48
CA GLY C 313 94.59 32.01 -13.74
C GLY C 313 95.27 30.78 -14.33
N GLU C 314 95.98 30.04 -13.46
CA GLU C 314 96.69 28.84 -13.90
C GLU C 314 95.67 27.82 -14.37
N PHE C 315 94.56 27.71 -13.65
CA PHE C 315 93.48 26.81 -14.05
C PHE C 315 92.89 27.20 -15.40
N GLU C 316 92.69 28.50 -15.63
CA GLU C 316 92.14 28.93 -16.91
C GLU C 316 93.10 28.62 -18.04
N GLN C 317 94.40 28.77 -17.81
CA GLN C 317 95.38 28.39 -18.81
C GLN C 317 95.30 26.90 -19.09
N VAL C 318 95.16 26.10 -18.03
CA VAL C 318 95.02 24.66 -18.19
C VAL C 318 93.78 24.33 -19.01
N VAL C 319 92.66 25.00 -18.74
CA VAL C 319 91.44 24.70 -19.48
C VAL C 319 91.60 25.07 -20.94
N ASP C 320 92.29 26.17 -21.24
CA ASP C 320 92.55 26.51 -22.63
C ASP C 320 93.44 25.45 -23.29
N ASP C 321 94.47 25.01 -22.58
CA ASP C 321 95.36 23.99 -23.10
C ASP C 321 94.61 22.69 -23.37
N LEU C 322 93.72 22.32 -22.44
CA LEU C 322 92.91 21.12 -22.62
C LEU C 322 91.97 21.26 -23.81
N ARG C 323 91.34 22.43 -23.97
CA ARG C 323 90.49 22.64 -25.12
C ARG C 323 91.31 22.49 -26.40
N GLN C 324 92.59 22.86 -26.33
CA GLN C 324 93.44 22.68 -27.50
C GLN C 324 93.63 21.20 -27.80
N GLN C 325 94.00 20.39 -26.79
CA GLN C 325 94.25 18.98 -27.12
C GLN C 325 92.95 18.21 -27.32
N PHE C 326 92.14 18.11 -26.27
CA PHE C 326 90.98 17.23 -26.34
C PHE C 326 89.73 17.98 -26.74
N GLY C 327 89.81 19.30 -26.87
CA GLY C 327 88.62 20.06 -27.18
C GLY C 327 87.96 19.59 -28.46
N THR C 328 88.76 19.06 -29.39
CA THR C 328 88.22 18.57 -30.65
C THR C 328 87.17 17.49 -30.44
N GLY C 329 87.27 16.74 -29.34
CA GLY C 329 86.34 15.66 -29.10
C GLY C 329 85.27 16.01 -28.09
N TRP C 330 85.40 17.17 -27.44
CA TRP C 330 84.39 17.61 -26.49
C TRP C 330 83.04 17.79 -27.18
N ALA C 331 81.99 17.80 -26.36
CA ALA C 331 80.66 18.12 -26.84
C ALA C 331 80.61 19.58 -27.27
N LYS C 332 79.77 19.87 -28.27
CA LYS C 332 79.71 21.25 -28.76
C LYS C 332 79.30 22.19 -27.64
N TYR C 333 78.65 21.66 -26.61
CA TYR C 333 78.24 22.48 -25.48
C TYR C 333 79.43 23.12 -24.81
N PHE C 334 80.49 22.34 -24.55
CA PHE C 334 81.64 22.93 -23.87
C PHE C 334 82.54 23.62 -24.87
N ARG C 335 82.62 23.07 -26.08
CA ARG C 335 83.48 23.63 -27.10
C ARG C 335 83.05 25.07 -27.40
N ASP C 336 81.78 25.36 -27.15
CA ASP C 336 81.18 26.64 -27.50
C ASP C 336 81.14 27.59 -26.30
N MET C 337 81.70 27.20 -25.17
CA MET C 337 81.52 27.99 -23.95
C MET C 337 82.85 28.61 -23.56
N SER C 338 82.79 29.85 -23.08
CA SER C 338 84.01 30.57 -22.75
C SER C 338 84.79 29.85 -21.66
N THR C 339 86.04 30.28 -21.47
CA THR C 339 86.90 29.63 -20.52
C THR C 339 86.34 29.74 -19.11
N LYS C 340 85.94 30.96 -18.72
CA LYS C 340 85.51 31.19 -17.35
C LYS C 340 84.23 30.43 -17.00
N GLY C 341 83.28 30.33 -17.93
CA GLY C 341 82.09 29.54 -17.67
C GLY C 341 82.40 28.06 -17.46
N ILE C 342 83.27 27.53 -18.31
CA ILE C 342 83.72 26.15 -18.15
C ILE C 342 84.41 25.98 -16.82
N ARG C 343 85.21 26.98 -16.46
CA ARG C 343 85.92 26.99 -15.19
C ARG C 343 84.97 26.93 -14.00
N THR C 344 83.93 27.76 -14.03
CA THR C 344 82.97 27.76 -12.94
C THR C 344 82.24 26.43 -12.83
N GLU C 345 81.76 25.91 -13.96
CA GLU C 345 81.00 24.67 -13.93
C GLU C 345 81.87 23.50 -13.48
N LEU C 346 83.06 23.37 -14.05
CA LEU C 346 83.93 22.27 -13.68
C LEU C 346 84.31 22.35 -12.22
N LEU C 347 84.54 23.57 -11.71
CA LEU C 347 84.92 23.67 -10.30
C LEU C 347 83.77 23.33 -9.38
N ARG C 348 82.53 23.71 -9.74
CA ARG C 348 81.38 23.28 -8.96
C ARG C 348 81.24 21.77 -8.99
N ALA C 349 81.34 21.19 -10.18
CA ALA C 349 81.24 19.75 -10.34
C ALA C 349 82.30 19.04 -9.49
N MET C 350 83.54 19.50 -9.58
CA MET C 350 84.61 18.86 -8.82
C MET C 350 84.38 19.02 -7.34
N LYS C 351 83.72 20.10 -6.92
CA LYS C 351 83.33 20.19 -5.53
C LYS C 351 82.30 19.13 -5.17
N ASP C 352 81.31 18.90 -6.05
CA ASP C 352 80.27 17.93 -5.72
C ASP C 352 80.86 16.56 -5.44
N TRP C 353 81.87 16.14 -6.22
CA TRP C 353 82.49 14.83 -6.01
C TRP C 353 83.66 14.92 -5.05
N MET C 354 83.80 16.06 -4.38
CA MET C 354 84.88 16.35 -3.44
C MET C 354 86.26 16.19 -4.03
N MET C 355 86.42 16.41 -5.33
CA MET C 355 87.76 16.31 -5.86
C MET C 355 88.63 17.49 -5.44
N ALA C 356 88.06 18.70 -5.36
CA ALA C 356 88.84 19.88 -5.04
C ALA C 356 87.97 20.96 -4.41
N GLU C 357 88.60 21.96 -3.80
CA GLU C 357 87.85 23.12 -3.31
C GLU C 357 88.57 24.34 -3.89
N VAL C 358 87.81 25.36 -4.23
CA VAL C 358 88.37 26.66 -4.59
C VAL C 358 88.22 27.66 -3.45
N ASP C 359 89.33 28.11 -2.88
CA ASP C 359 89.26 29.06 -1.78
C ASP C 359 88.57 30.29 -2.38
N SER C 360 87.53 30.79 -1.71
CA SER C 360 86.77 31.91 -2.27
C SER C 360 87.61 33.16 -2.41
N GLU C 361 88.45 33.42 -1.40
CA GLU C 361 89.19 34.67 -1.30
C GLU C 361 90.49 34.60 -2.07
N THR C 362 91.37 33.64 -1.77
CA THR C 362 92.69 33.71 -2.36
C THR C 362 92.73 33.05 -3.73
N SER C 363 91.59 32.52 -4.18
CA SER C 363 91.47 31.79 -5.44
C SER C 363 92.41 30.59 -5.53
N LEU C 364 92.92 30.07 -4.42
CA LEU C 364 93.78 28.89 -4.54
C LEU C 364 92.93 27.66 -4.78
N ILE C 365 93.41 26.80 -5.67
CA ILE C 365 92.73 25.56 -6.01
C ILE C 365 93.38 24.44 -5.20
N ARG C 366 92.61 23.64 -4.49
CA ARG C 366 93.20 22.48 -3.82
C ARG C 366 92.63 21.24 -4.48
N ILE C 367 93.47 20.52 -5.21
CA ILE C 367 93.14 19.25 -5.85
C ILE C 367 93.53 18.08 -4.96
N LYS C 368 92.56 17.28 -4.56
CA LYS C 368 92.81 16.24 -3.58
C LYS C 368 93.41 15.01 -4.27
N SER C 369 94.14 14.19 -3.50
CA SER C 369 94.79 13.05 -4.13
C SER C 369 93.76 12.11 -4.74
N LEU C 370 92.53 12.16 -4.22
CA LEU C 370 91.52 11.27 -4.78
C LEU C 370 91.33 11.62 -6.24
N THR C 371 91.55 12.89 -6.58
CA THR C 371 91.40 13.26 -7.98
C THR C 371 92.47 12.54 -8.77
N GLY C 372 93.65 12.37 -8.14
CA GLY C 372 94.78 11.80 -8.84
C GLY C 372 94.71 10.31 -8.92
N VAL C 373 93.65 9.72 -8.36
CA VAL C 373 93.52 8.27 -8.42
C VAL C 373 93.30 7.80 -9.84
N MET C 374 92.57 8.59 -10.64
CA MET C 374 92.13 8.20 -11.96
C MET C 374 92.50 9.26 -13.00
N THR C 375 92.88 8.78 -14.19
CA THR C 375 93.19 9.64 -15.33
C THR C 375 92.57 9.04 -16.59
N GLY C 376 92.20 9.89 -17.54
CA GLY C 376 91.51 9.43 -18.74
C GLY C 376 92.01 10.11 -19.99
N GLU C 377 91.88 9.41 -21.11
CA GLU C 377 92.28 9.87 -22.44
C GLU C 377 91.38 9.21 -23.48
N TYR C 378 91.31 9.82 -24.66
CA TYR C 378 90.64 9.28 -25.84
C TYR C 378 91.37 8.09 -26.44
N PRO C 379 90.70 7.22 -27.21
CA PRO C 379 91.43 6.17 -27.93
C PRO C 379 92.49 6.77 -28.84
N SER C 380 93.65 6.09 -28.90
CA SER C 380 94.81 6.61 -29.63
C SER C 380 94.57 6.91 -31.10
N ASP C 381 93.75 6.13 -31.81
CA ASP C 381 93.63 6.43 -33.24
C ASP C 381 92.92 7.75 -33.46
N PHE C 382 91.92 8.05 -32.64
CA PHE C 382 91.30 9.36 -32.68
C PHE C 382 92.20 10.44 -32.12
N GLN C 383 92.90 10.17 -31.03
CA GLN C 383 93.77 11.23 -30.53
C GLN C 383 94.70 11.70 -31.64
N THR C 384 95.32 10.75 -32.36
CA THR C 384 96.06 11.15 -33.55
C THR C 384 95.23 11.81 -34.66
N GLY C 385 94.00 11.37 -34.94
CA GLY C 385 93.18 12.12 -35.89
C GLY C 385 92.78 13.53 -35.47
N GLY C 386 92.37 13.67 -34.21
CA GLY C 386 92.05 14.98 -33.65
C GLY C 386 93.23 15.93 -33.54
N THR C 387 94.11 15.65 -32.58
CA THR C 387 95.33 16.43 -32.38
C THR C 387 96.47 15.47 -32.13
N GLU C 388 97.13 15.04 -33.19
CA GLU C 388 98.22 14.08 -33.08
C GLU C 388 99.30 14.62 -32.15
N MET D 5 -0.91 3.12 -20.83
CA MET D 5 0.06 4.24 -20.64
C MET D 5 0.54 4.26 -19.19
N ASP D 6 1.77 4.75 -18.99
CA ASP D 6 2.26 4.98 -17.64
C ASP D 6 1.71 6.30 -17.11
N SER D 7 1.08 6.25 -15.94
CA SER D 7 0.27 7.36 -15.48
C SER D 7 1.09 8.54 -14.96
N THR D 8 2.41 8.39 -14.82
CA THR D 8 3.21 9.44 -14.20
C THR D 8 3.02 10.77 -14.91
N MET D 9 2.77 10.75 -16.22
CA MET D 9 2.59 11.99 -16.96
C MET D 9 1.46 12.83 -16.38
N LYS D 10 0.38 12.20 -15.97
CA LYS D 10 -0.82 12.89 -15.50
C LYS D 10 -0.85 12.93 -13.98
N LYS D 11 -1.24 14.09 -13.45
CA LYS D 11 -1.21 14.36 -12.02
C LYS D 11 -2.55 13.97 -11.41
N ILE D 12 -2.50 13.23 -10.31
CA ILE D 12 -3.60 12.40 -9.84
C ILE D 12 -4.46 13.18 -8.85
N ILE D 13 -5.78 13.04 -8.98
CA ILE D 13 -6.72 13.83 -8.20
C ILE D 13 -6.83 13.34 -6.77
N GLU D 14 -6.56 12.05 -6.53
CA GLU D 14 -6.62 11.54 -5.17
C GLU D 14 -5.71 12.34 -4.24
N ALA D 15 -4.63 12.90 -4.80
CA ALA D 15 -3.78 13.79 -4.03
C ALA D 15 -4.52 15.04 -3.60
N SER D 16 -5.37 15.58 -4.48
CA SER D 16 -6.13 16.78 -4.12
C SER D 16 -6.81 16.59 -2.77
N TYR D 17 -7.38 15.41 -2.54
CA TYR D 17 -7.90 15.07 -1.22
C TYR D 17 -6.86 15.22 -0.14
N LEU D 18 -5.69 14.62 -0.34
CA LEU D 18 -4.72 14.51 0.74
C LEU D 18 -4.02 15.83 1.02
N THR D 19 -4.08 16.79 0.10
CA THR D 19 -3.29 18.01 0.24
C THR D 19 -4.13 19.25 -0.11
N ALA D 20 -5.44 19.18 0.12
CA ALA D 20 -6.27 20.37 0.01
C ALA D 20 -6.16 21.19 1.30
N ASP D 21 -6.64 22.43 1.24
CA ASP D 21 -6.69 23.25 2.45
C ASP D 21 -7.68 22.67 3.45
N SER D 22 -8.78 22.11 2.98
CA SER D 22 -9.69 21.35 3.81
C SER D 22 -9.28 19.88 3.93
N ALA D 23 -7.99 19.60 3.76
CA ALA D 23 -7.52 18.22 3.81
C ALA D 23 -7.74 17.61 5.20
N ALA D 24 -8.03 18.43 6.20
CA ALA D 24 -8.39 17.89 7.51
C ALA D 24 -9.79 17.28 7.45
N HIS D 25 -10.78 18.10 7.09
CA HIS D 25 -12.14 17.58 6.92
C HIS D 25 -12.13 16.38 5.99
N TYR D 26 -11.38 16.48 4.88
CA TYR D 26 -11.26 15.38 3.95
C TYR D 26 -10.73 14.13 4.63
N ARG D 27 -9.50 14.21 5.17
CA ARG D 27 -8.89 13.06 5.82
C ARG D 27 -9.89 12.40 6.76
N THR D 28 -10.54 13.18 7.61
CA THR D 28 -11.53 12.61 8.51
C THR D 28 -12.65 11.94 7.74
N ILE D 29 -13.12 12.59 6.67
CA ILE D 29 -14.24 12.06 5.91
C ILE D 29 -13.95 10.66 5.41
N LEU D 30 -12.95 10.51 4.54
CA LEU D 30 -12.71 9.17 4.02
C LEU D 30 -12.03 8.26 5.03
N ARG D 31 -11.48 8.76 6.12
CA ARG D 31 -11.10 7.87 7.21
C ARG D 31 -12.33 7.18 7.78
N TYR D 32 -13.38 7.95 8.02
CA TYR D 32 -14.63 7.38 8.48
C TYR D 32 -15.23 6.46 7.42
N PHE D 33 -15.12 6.84 6.15
CA PHE D 33 -15.61 5.97 5.09
C PHE D 33 -14.87 4.64 5.11
N TYR D 34 -13.56 4.67 5.29
CA TYR D 34 -12.79 3.44 5.41
C TYR D 34 -13.24 2.63 6.61
N HIS D 35 -13.52 3.30 7.73
CA HIS D 35 -13.96 2.56 8.91
C HIS D 35 -15.29 1.87 8.64
N GLN D 36 -16.21 2.55 7.96
CA GLN D 36 -17.46 1.92 7.57
C GLN D 36 -17.21 0.78 6.59
N HIS D 37 -16.28 0.96 5.66
CA HIS D 37 -15.87 -0.12 4.78
C HIS D 37 -15.42 -1.33 5.57
N GLU D 38 -14.66 -1.10 6.64
CA GLU D 38 -14.27 -2.17 7.55
C GLU D 38 -15.49 -2.77 8.23
N ARG D 39 -16.49 -1.94 8.53
CA ARG D 39 -17.74 -2.44 9.08
C ARG D 39 -18.62 -3.06 8.00
N MET D 40 -18.21 -2.93 6.73
CA MET D 40 -18.96 -3.45 5.59
C MET D 40 -20.36 -2.83 5.53
N ARG D 41 -20.48 -1.57 5.90
CA ARG D 41 -21.72 -0.84 5.76
C ARG D 41 -21.86 -0.30 4.34
N ASP D 42 -23.07 0.13 4.00
CA ASP D 42 -23.39 0.56 2.65
C ASP D 42 -24.18 1.86 2.67
N PHE D 43 -23.97 2.66 1.63
CA PHE D 43 -24.83 3.80 1.33
C PHE D 43 -25.01 4.69 2.56
N ILE D 44 -23.91 5.31 2.98
CA ILE D 44 -23.94 6.12 4.20
C ILE D 44 -24.63 7.44 3.91
N ALA D 45 -25.48 7.86 4.84
CA ALA D 45 -26.18 9.13 4.69
C ALA D 45 -25.21 10.28 4.91
N PRO D 46 -25.22 11.31 4.06
CA PRO D 46 -24.42 12.51 4.35
C PRO D 46 -24.75 13.14 5.69
N GLU D 47 -25.98 12.97 6.17
CA GLU D 47 -26.37 13.57 7.43
C GLU D 47 -25.75 12.80 8.60
N GLU D 48 -25.75 11.48 8.53
CA GLU D 48 -25.00 10.68 9.51
C GLU D 48 -23.53 11.05 9.50
N LEU D 49 -22.98 11.28 8.30
CA LEU D 49 -21.59 11.71 8.19
C LEU D 49 -21.39 13.06 8.87
N LEU D 50 -22.31 13.99 8.65
CA LEU D 50 -22.24 15.28 9.34
C LEU D 50 -22.22 15.08 10.85
N GLU D 51 -23.13 14.25 11.34
CA GLU D 51 -23.21 13.98 12.77
C GLU D 51 -21.88 13.46 13.30
N HIS D 52 -21.35 12.41 12.68
CA HIS D 52 -20.17 11.77 13.26
C HIS D 52 -18.94 12.63 13.07
N MET D 53 -18.87 13.43 12.00
CA MET D 53 -17.79 14.40 11.87
C MET D 53 -17.86 15.43 12.98
N ARG D 54 -19.06 15.94 13.26
CA ARG D 54 -19.21 16.92 14.33
C ARG D 54 -18.91 16.31 15.69
N SER D 55 -19.12 15.00 15.85
CA SER D 55 -18.81 14.37 17.13
C SER D 55 -17.36 14.61 17.51
N ILE D 56 -16.48 14.74 16.53
CA ILE D 56 -15.10 15.17 16.78
C ILE D 56 -15.17 16.64 17.18
N PRO D 57 -14.63 17.02 18.35
CA PRO D 57 -14.81 18.41 18.81
C PRO D 57 -14.31 19.44 17.82
N ALA D 58 -13.19 19.17 17.14
CA ALA D 58 -12.66 20.16 16.20
C ALA D 58 -13.66 20.42 15.07
N PHE D 59 -14.29 19.37 14.56
CA PHE D 59 -15.24 19.54 13.47
C PHE D 59 -16.66 19.75 13.98
N ALA D 60 -16.82 20.01 15.27
CA ALA D 60 -18.15 20.18 15.86
C ALA D 60 -18.95 21.26 15.15
N ASP D 61 -18.27 22.28 14.63
CA ASP D 61 -18.92 23.41 13.96
C ASP D 61 -19.17 23.15 12.48
N PHE D 62 -19.25 21.88 12.07
CA PHE D 62 -19.17 21.52 10.67
C PHE D 62 -20.35 22.06 9.87
N GLN D 63 -20.08 22.92 8.90
CA GLN D 63 -21.11 23.43 8.01
C GLN D 63 -21.56 22.35 7.05
N GLU D 64 -22.86 22.05 7.03
CA GLU D 64 -23.36 20.99 6.15
C GLU D 64 -23.33 21.41 4.69
N ASP D 65 -23.53 22.70 4.41
CA ASP D 65 -23.28 23.19 3.05
C ASP D 65 -21.87 22.82 2.62
N GLN D 66 -20.89 23.08 3.49
CA GLN D 66 -19.53 22.64 3.22
C GLN D 66 -19.45 21.13 3.13
N LEU D 67 -20.27 20.41 3.90
CA LEU D 67 -20.29 18.96 3.80
C LEU D 67 -20.60 18.53 2.37
N HIS D 68 -21.68 19.06 1.80
CA HIS D 68 -22.10 18.63 0.48
C HIS D 68 -21.16 19.15 -0.59
N GLN D 69 -20.61 20.35 -0.39
CA GLN D 69 -19.56 20.82 -1.28
C GLN D 69 -18.40 19.84 -1.31
N GLN D 70 -17.95 19.40 -0.13
CA GLN D 70 -16.83 18.48 -0.05
C GLN D 70 -17.19 17.13 -0.64
N LEU D 71 -18.42 16.67 -0.40
CA LEU D 71 -18.85 15.38 -0.94
C LEU D 71 -18.84 15.41 -2.47
N ALA D 72 -19.37 16.48 -3.05
CA ALA D 72 -19.36 16.62 -4.50
C ALA D 72 -17.94 16.74 -5.02
N GLN D 73 -17.08 17.44 -4.28
CA GLN D 73 -15.69 17.54 -4.69
C GLN D 73 -15.02 16.17 -4.69
N LEU D 74 -15.30 15.38 -3.65
CA LEU D 74 -14.74 14.03 -3.55
C LEU D 74 -15.22 13.15 -4.69
N VAL D 75 -16.53 13.16 -4.96
CA VAL D 75 -17.06 12.35 -6.05
C VAL D 75 -16.45 12.80 -7.37
N LYS D 76 -16.43 14.11 -7.60
CA LYS D 76 -15.70 14.66 -8.74
C LYS D 76 -14.24 14.26 -8.70
N TRP D 77 -13.71 14.00 -7.51
CA TRP D 77 -12.31 13.62 -7.33
C TRP D 77 -12.11 12.11 -7.32
N ASN D 78 -13.08 11.34 -7.82
CA ASN D 78 -12.98 9.89 -7.97
C ASN D 78 -12.76 9.19 -6.63
N ASN D 79 -13.06 9.85 -5.52
CA ASN D 79 -12.87 9.24 -4.21
C ASN D 79 -14.14 8.58 -3.69
N LEU D 80 -15.30 8.92 -4.25
CA LEU D 80 -16.57 8.47 -3.71
C LEU D 80 -17.54 8.14 -4.83
N ILE D 81 -18.57 7.35 -4.50
CA ILE D 81 -19.68 7.06 -5.39
C ILE D 81 -20.96 7.33 -4.61
N ALA D 82 -22.03 7.69 -5.32
CA ALA D 82 -23.28 8.08 -4.69
C ALA D 82 -24.47 7.39 -5.34
N ARG D 83 -25.28 6.74 -4.50
CA ARG D 83 -26.59 6.24 -4.86
C ARG D 83 -27.63 7.32 -4.57
N GLN D 84 -28.80 7.17 -5.21
CA GLN D 84 -29.97 7.98 -4.88
C GLN D 84 -30.97 7.13 -4.12
N ASP D 85 -31.49 7.68 -3.02
CA ASP D 85 -32.43 6.97 -2.15
C ASP D 85 -33.76 6.81 -2.88
N MET D 86 -34.03 5.60 -3.35
CA MET D 86 -35.26 5.32 -4.10
C MET D 86 -36.44 4.97 -3.21
N THR D 87 -36.25 4.74 -1.92
CA THR D 87 -37.22 4.01 -1.13
C THR D 87 -37.74 4.74 0.09
N ASN D 88 -36.88 5.51 0.74
CA ASN D 88 -37.09 5.91 2.13
C ASN D 88 -37.60 7.33 2.28
N ALA D 89 -38.45 7.79 1.37
CA ALA D 89 -39.05 9.11 1.54
C ALA D 89 -40.07 9.08 2.65
N LYS D 90 -39.85 9.88 3.68
CA LYS D 90 -40.76 10.00 4.81
C LYS D 90 -41.24 11.42 5.00
N THR D 91 -40.36 12.40 4.87
CA THR D 91 -40.78 13.79 4.75
C THR D 91 -40.74 14.18 3.28
N ILE D 92 -41.57 15.17 2.93
CA ILE D 92 -41.69 15.56 1.54
C ILE D 92 -40.33 15.96 0.98
N GLU D 93 -39.49 16.58 1.80
CA GLU D 93 -38.16 16.95 1.34
C GLU D 93 -37.36 15.71 0.97
N GLU D 94 -37.48 14.64 1.76
CA GLU D 94 -36.84 13.39 1.39
C GLU D 94 -37.39 12.87 0.07
N TYR D 95 -38.70 12.99 -0.14
CA TYR D 95 -39.28 12.57 -1.42
C TYR D 95 -38.72 13.39 -2.57
N LYS D 96 -38.33 14.65 -2.30
CA LYS D 96 -38.00 15.57 -3.37
C LYS D 96 -36.52 15.50 -3.74
N LYS D 97 -35.65 15.45 -2.74
CA LYS D 97 -34.29 15.93 -2.88
C LYS D 97 -33.31 14.91 -3.46
N LYS D 98 -33.78 13.74 -3.88
CA LYS D 98 -32.88 12.73 -4.46
C LYS D 98 -31.74 12.42 -3.48
N ARG D 99 -32.06 12.41 -2.19
CA ARG D 99 -31.03 12.35 -1.16
C ARG D 99 -30.08 11.19 -1.41
N PHE D 100 -28.80 11.49 -1.47
CA PHE D 100 -27.79 10.56 -1.96
C PHE D 100 -27.06 9.89 -0.79
N ARG D 101 -26.42 8.77 -1.10
CA ARG D 101 -25.75 7.94 -0.11
C ARG D 101 -24.40 7.54 -0.67
N TYR D 102 -23.36 7.54 0.15
CA TYR D 102 -22.00 7.63 -0.35
C TYR D 102 -21.16 6.42 0.04
N GLN D 103 -20.13 6.18 -0.78
CA GLN D 103 -19.19 5.08 -0.62
C GLN D 103 -17.86 5.53 -1.19
N CYS D 104 -16.79 4.81 -0.83
CA CYS D 104 -15.44 5.19 -1.24
C CYS D 104 -14.93 4.25 -2.34
N THR D 105 -14.17 4.83 -3.27
CA THR D 105 -13.61 4.05 -4.36
C THR D 105 -12.48 3.17 -3.85
N PRO D 106 -12.18 2.07 -4.55
CA PRO D 106 -11.01 1.26 -4.16
C PRO D 106 -9.73 2.06 -4.18
N TYR D 107 -9.62 3.03 -5.09
CA TYR D 107 -8.55 4.02 -4.99
C TYR D 107 -8.38 4.45 -3.55
N THR D 108 -9.46 4.99 -2.97
CA THR D 108 -9.42 5.49 -1.62
C THR D 108 -9.08 4.40 -0.62
N VAL D 109 -9.66 3.22 -0.80
CA VAL D 109 -9.44 2.13 0.15
C VAL D 109 -7.96 1.81 0.24
N GLU D 110 -7.33 1.59 -0.92
CA GLU D 110 -5.92 1.22 -0.92
C GLU D 110 -5.06 2.38 -0.42
N ILE D 111 -5.39 3.60 -0.83
CA ILE D 111 -4.63 4.76 -0.39
C ILE D 111 -4.65 4.83 1.14
N GLU D 112 -5.84 4.70 1.73
CA GLU D 112 -5.96 4.79 3.17
C GLU D 112 -5.27 3.63 3.85
N ARG D 113 -5.31 2.45 3.23
CA ARG D 113 -4.60 1.30 3.82
C ARG D 113 -3.11 1.59 3.93
N MET D 114 -2.50 2.06 2.84
CA MET D 114 -1.07 2.35 2.89
C MET D 114 -0.80 3.51 3.86
N ILE D 115 -1.70 4.49 3.89
CA ILE D 115 -1.56 5.60 4.83
C ILE D 115 -1.52 5.06 6.26
N VAL D 116 -2.40 4.10 6.56
CA VAL D 116 -2.41 3.49 7.87
C VAL D 116 -1.09 2.80 8.13
N GLN D 117 -0.60 2.03 7.16
CA GLN D 117 0.69 1.37 7.32
C GLN D 117 1.75 2.38 7.74
N LEU D 118 1.81 3.52 7.05
CA LEU D 118 2.81 4.52 7.38
C LEU D 118 2.56 5.12 8.76
N GLU D 119 1.30 5.38 9.10
CA GLU D 119 0.99 6.05 10.36
C GLU D 119 1.50 5.26 11.56
N LYS D 120 1.64 3.95 11.41
CA LYS D 120 2.07 3.12 12.52
C LYS D 120 3.44 3.51 13.04
N LEU D 121 4.29 4.04 12.17
CA LEU D 121 5.73 3.96 12.33
C LEU D 121 6.30 5.18 13.04
N GLY D 122 7.25 4.92 13.94
CA GLY D 122 8.21 5.95 14.30
C GLY D 122 9.03 6.31 13.08
N ASP D 123 9.49 7.57 13.05
CA ASP D 123 9.95 8.16 11.78
C ASP D 123 10.99 7.30 11.09
N THR D 124 12.07 6.94 11.77
CA THR D 124 13.27 6.54 11.04
C THR D 124 13.09 5.27 10.21
N PHE D 125 13.06 4.10 10.86
CA PHE D 125 12.98 2.86 10.11
C PHE D 125 12.22 1.78 10.87
N GLN D 126 11.05 2.11 11.40
CA GLN D 126 10.44 1.32 12.46
C GLN D 126 9.77 0.04 11.96
N GLY D 127 10.15 -0.44 10.78
CA GLY D 127 9.60 -1.69 10.28
C GLY D 127 9.96 -2.87 11.16
N SER D 128 9.31 -4.00 10.87
CA SER D 128 9.46 -5.21 11.67
C SER D 128 10.00 -6.36 10.82
N LEU D 129 10.41 -7.44 11.50
CA LEU D 129 10.95 -8.64 10.85
C LEU D 129 10.12 -9.84 11.29
N GLU D 130 9.69 -10.63 10.32
CA GLU D 130 9.15 -11.97 10.57
C GLU D 130 10.20 -13.00 10.16
N ARG D 131 11.12 -13.26 11.08
CA ARG D 131 12.36 -13.97 10.80
C ARG D 131 12.18 -15.24 9.98
N SER D 132 11.00 -15.86 10.05
CA SER D 132 10.78 -17.14 9.38
C SER D 132 10.52 -17.00 7.88
N GLN D 133 10.86 -15.88 7.27
CA GLN D 133 10.69 -15.73 5.83
C GLN D 133 11.35 -16.89 5.09
N PHE D 134 12.63 -17.11 5.39
CA PHE D 134 13.42 -18.05 4.61
C PHE D 134 13.04 -19.49 4.93
N ASP D 135 12.66 -19.76 6.17
CA ASP D 135 12.17 -21.10 6.51
C ASP D 135 10.94 -21.44 5.69
N ARG D 136 9.97 -20.53 5.65
CA ARG D 136 8.74 -20.80 4.91
C ARG D 136 9.01 -20.94 3.43
N LEU D 137 9.83 -20.03 2.88
CA LEU D 137 10.17 -20.15 1.46
C LEU D 137 10.83 -21.50 1.19
N PHE D 138 11.87 -21.83 1.96
CA PHE D 138 12.53 -23.12 1.80
C PHE D 138 11.54 -24.28 1.87
N GLN D 139 10.55 -24.19 2.76
CA GLN D 139 9.58 -25.26 2.85
C GLN D 139 8.79 -25.37 1.55
N ALA D 140 8.45 -24.23 0.95
CA ALA D 140 7.74 -24.28 -0.33
C ALA D 140 8.62 -24.91 -1.41
N ILE D 141 9.90 -24.55 -1.45
CA ILE D 141 10.81 -25.18 -2.41
C ILE D 141 10.96 -26.67 -2.13
N THR D 142 10.96 -27.06 -0.87
CA THR D 142 11.01 -28.48 -0.54
C THR D 142 9.78 -29.19 -1.09
N SER D 143 8.63 -28.53 -1.00
CA SER D 143 7.41 -29.06 -1.61
C SER D 143 7.61 -29.22 -3.11
N LEU D 144 8.22 -28.23 -3.75
CA LEU D 144 8.47 -28.31 -5.19
C LEU D 144 9.37 -29.49 -5.54
N GLN D 145 10.44 -29.69 -4.76
CA GLN D 145 11.32 -30.83 -4.99
C GLN D 145 10.57 -32.14 -4.82
N ASN D 146 9.74 -32.24 -3.78
CA ASN D 146 8.95 -33.45 -3.60
C ASN D 146 7.98 -33.67 -4.75
N GLU D 147 7.43 -32.58 -5.29
CA GLU D 147 6.58 -32.69 -6.48
C GLU D 147 7.36 -33.25 -7.65
N LEU D 148 8.58 -32.72 -7.89
CA LEU D 148 9.40 -33.26 -8.97
C LEU D 148 9.68 -34.75 -8.75
N GLU D 149 9.91 -35.16 -7.50
CA GLU D 149 10.07 -36.58 -7.21
C GLU D 149 8.79 -37.36 -7.48
N ASN D 150 7.62 -36.73 -7.32
CA ASN D 150 6.36 -37.43 -7.47
C ASN D 150 6.15 -37.90 -8.90
N ASP D 151 6.92 -37.37 -9.86
CA ASP D 151 6.87 -37.82 -11.25
C ASP D 151 5.56 -37.45 -11.94
N LEU D 152 5.13 -36.20 -11.77
CA LEU D 152 4.09 -35.55 -12.55
C LEU D 152 2.71 -36.16 -12.35
N ASN D 153 2.46 -36.89 -11.26
CA ASN D 153 1.19 -37.57 -11.09
C ASN D 153 0.14 -36.71 -10.40
N LYS D 154 0.56 -35.69 -9.66
CA LYS D 154 -0.39 -34.93 -8.86
C LYS D 154 -1.20 -33.97 -9.71
N SER D 155 -2.20 -33.37 -9.09
CA SER D 155 -3.13 -32.47 -9.77
C SER D 155 -2.55 -31.07 -9.90
N ALA D 156 -3.07 -30.32 -10.88
CA ALA D 156 -2.47 -29.04 -11.25
C ALA D 156 -2.47 -28.04 -10.11
N GLU D 157 -3.57 -27.98 -9.35
CA GLU D 157 -3.71 -26.95 -8.33
C GLU D 157 -2.65 -27.08 -7.24
N GLU D 158 -2.19 -28.29 -6.94
CA GLU D 158 -1.11 -28.43 -5.97
C GLU D 158 0.14 -27.70 -6.46
N TYR D 159 0.51 -27.95 -7.71
CA TYR D 159 1.66 -27.26 -8.29
C TYR D 159 1.46 -25.75 -8.29
N MET D 160 0.26 -25.30 -8.66
CA MET D 160 0.00 -23.87 -8.71
C MET D 160 0.13 -23.24 -7.33
N ARG D 161 -0.41 -23.91 -6.31
CA ARG D 161 -0.35 -23.38 -4.96
C ARG D 161 1.10 -23.29 -4.48
N ILE D 162 1.88 -24.34 -4.74
CA ILE D 162 3.29 -24.30 -4.31
C ILE D 162 4.03 -23.18 -5.03
N TRP D 163 3.78 -23.03 -6.33
CA TRP D 163 4.37 -21.93 -7.09
C TRP D 163 4.04 -20.59 -6.45
N GLU D 164 2.76 -20.36 -6.17
CA GLU D 164 2.34 -19.07 -5.64
C GLU D 164 2.94 -18.83 -4.26
N ASP D 165 3.00 -19.87 -3.43
CA ASP D 165 3.61 -19.71 -2.11
C ASP D 165 5.08 -19.35 -2.23
N VAL D 166 5.81 -20.09 -3.07
CA VAL D 166 7.22 -19.79 -3.27
C VAL D 166 7.40 -18.34 -3.67
N PHE D 167 6.59 -17.88 -4.61
CA PHE D 167 6.83 -16.55 -5.16
C PHE D 167 6.32 -15.45 -4.25
N ARG D 168 5.26 -15.72 -3.47
CA ARG D 168 4.88 -14.80 -2.41
C ARG D 168 6.04 -14.60 -1.44
N TYR D 169 6.64 -15.70 -0.98
CA TYR D 169 7.73 -15.58 -0.02
C TYR D 169 8.93 -14.87 -0.64
N PHE D 170 9.25 -15.18 -1.91
CA PHE D 170 10.37 -14.53 -2.55
C PHE D 170 10.13 -13.04 -2.72
N GLN D 171 8.90 -12.66 -3.11
CA GLN D 171 8.56 -11.25 -3.24
C GLN D 171 8.70 -10.54 -1.90
N THR D 172 8.17 -11.16 -0.85
CA THR D 172 8.27 -10.58 0.49
C THR D 172 9.73 -10.39 0.89
N ILE D 173 10.55 -11.40 0.63
CA ILE D 173 11.96 -11.32 1.01
C ILE D 173 12.68 -10.26 0.20
N ARG D 174 12.31 -10.11 -1.08
CA ARG D 174 12.91 -9.05 -1.87
C ARG D 174 12.53 -7.67 -1.33
N THR D 175 11.27 -7.51 -0.94
CA THR D 175 10.86 -6.26 -0.30
C THR D 175 11.66 -6.02 0.97
N SER D 176 11.81 -7.07 1.78
CA SER D 176 12.52 -6.94 3.04
C SER D 176 13.97 -6.53 2.80
N THR D 177 14.63 -7.18 1.83
CA THR D 177 16.03 -6.86 1.59
C THR D 177 16.20 -5.49 0.95
N ALA D 178 15.24 -5.06 0.15
CA ALA D 178 15.29 -3.70 -0.37
C ALA D 178 15.23 -2.70 0.78
N ASP D 179 14.26 -2.86 1.68
CA ASP D 179 14.19 -2.00 2.85
C ASP D 179 15.51 -2.04 3.62
N TYR D 180 16.00 -3.25 3.88
CA TYR D 180 17.21 -3.42 4.67
C TYR D 180 18.39 -2.71 4.02
N ILE D 181 18.64 -2.99 2.74
CA ILE D 181 19.81 -2.46 2.07
C ILE D 181 19.73 -0.95 1.96
N ALA D 182 18.53 -0.41 1.70
CA ALA D 182 18.39 1.05 1.69
C ALA D 182 18.70 1.63 3.05
N TYR D 183 18.24 0.97 4.11
CA TYR D 183 18.55 1.43 5.46
C TYR D 183 20.06 1.41 5.69
N ILE D 184 20.73 0.37 5.21
CA ILE D 184 22.17 0.23 5.46
C ILE D 184 22.94 1.30 4.70
N ASN D 185 22.65 1.46 3.41
CA ASN D 185 23.49 2.31 2.56
C ASN D 185 23.11 3.78 2.66
N SER D 186 22.12 4.12 3.48
CA SER D 186 21.65 5.48 3.57
C SER D 186 22.80 6.43 3.89
N GLU D 187 22.79 7.60 3.26
CA GLU D 187 23.83 8.59 3.52
C GLU D 187 23.91 8.92 5.01
N GLN D 188 22.78 8.79 5.71
CA GLN D 188 22.82 8.92 7.16
C GLN D 188 23.81 7.93 7.75
N THR D 189 23.71 6.66 7.36
CA THR D 189 24.66 5.65 7.82
C THR D 189 26.08 6.02 7.43
N ASP D 190 26.25 6.74 6.31
CA ASP D 190 27.58 6.95 5.77
C ASP D 190 28.31 8.10 6.47
N GLN D 191 27.76 9.31 6.39
CA GLN D 191 28.52 10.48 6.84
C GLN D 191 27.79 11.36 7.85
N ARG D 192 26.46 11.28 7.90
CA ARG D 192 25.76 11.84 9.06
C ARG D 192 26.04 11.00 10.30
N MET D 193 26.68 9.84 10.10
CA MET D 193 27.14 8.94 11.14
C MET D 193 27.85 9.64 12.30
N GLN D 194 28.40 10.84 12.08
CA GLN D 194 29.21 11.49 13.10
C GLN D 194 28.43 11.72 14.39
N THR D 195 27.11 11.80 14.33
CA THR D 195 26.33 12.10 15.53
C THR D 195 25.87 10.81 16.21
N GLU D 196 25.05 10.97 17.26
CA GLU D 196 24.55 9.81 18.01
C GLU D 196 23.65 8.95 17.15
N ALA D 197 23.19 9.47 16.01
CA ALA D 197 22.36 8.67 15.12
C ALA D 197 23.09 7.41 14.67
N PHE D 198 24.41 7.42 14.73
CA PHE D 198 25.17 6.20 14.45
C PHE D 198 24.76 5.09 15.40
N LEU D 199 24.60 5.41 16.69
CA LEU D 199 24.27 4.38 17.68
C LEU D 199 22.83 3.90 17.52
N VAL D 200 21.90 4.80 17.21
CA VAL D 200 20.51 4.39 16.98
C VAL D 200 20.44 3.49 15.74
N TYR D 201 21.06 3.95 14.65
CA TYR D 201 21.22 3.09 13.49
C TYR D 201 21.88 1.79 13.89
N LYS D 202 22.84 1.85 14.81
CA LYS D 202 23.52 0.62 15.22
C LYS D 202 22.55 -0.35 15.87
N ASN D 203 21.68 0.16 16.74
CA ASN D 203 20.73 -0.71 17.43
C ASN D 203 19.78 -1.36 16.43
N GLN D 204 19.15 -0.55 15.58
CA GLN D 204 18.23 -1.12 14.61
C GLN D 204 18.95 -2.04 13.65
N PHE D 205 20.16 -1.66 13.24
CA PHE D 205 20.96 -2.42 12.30
C PHE D 205 21.33 -3.78 12.88
N THR D 206 21.71 -3.81 14.16
CA THR D 206 22.09 -5.06 14.78
C THR D 206 20.89 -5.96 14.99
N THR D 207 19.73 -5.37 15.32
CA THR D 207 18.52 -6.18 15.40
C THR D 207 18.23 -6.85 14.06
N TYR D 208 18.22 -6.05 12.99
CA TYR D 208 17.95 -6.60 11.66
C TYR D 208 18.99 -7.62 11.28
N LEU D 209 20.26 -7.28 11.47
CA LEU D 209 21.34 -8.23 11.22
C LEU D 209 21.06 -9.54 11.91
N ARG D 210 21.02 -9.53 13.24
CA ARG D 210 20.80 -10.76 13.99
C ARG D 210 19.68 -11.56 13.34
N ASP D 211 18.46 -11.05 13.42
CA ASP D 211 17.32 -11.89 13.01
C ASP D 211 17.41 -12.24 11.53
N PHE D 212 17.30 -11.23 10.67
CA PHE D 212 17.20 -11.47 9.24
C PHE D 212 18.39 -12.24 8.72
N ILE D 213 19.61 -11.76 9.00
CA ILE D 213 20.79 -12.34 8.39
C ILE D 213 21.07 -13.73 8.96
N VAL D 214 20.85 -13.95 10.26
CA VAL D 214 21.11 -15.28 10.81
C VAL D 214 20.19 -16.29 10.14
N SER D 215 18.88 -16.00 10.12
CA SER D 215 17.96 -16.91 9.48
C SER D 215 18.30 -17.07 8.00
N LEU D 216 18.60 -15.95 7.35
CA LEU D 216 18.95 -15.95 5.94
C LEU D 216 20.12 -16.87 5.65
N GLN D 217 21.21 -16.69 6.40
CA GLN D 217 22.41 -17.48 6.17
C GLN D 217 22.14 -18.95 6.45
N LYS D 218 21.46 -19.24 7.56
CA LYS D 218 21.19 -20.64 7.88
C LYS D 218 20.40 -21.31 6.78
N THR D 219 19.41 -20.60 6.21
CA THR D 219 18.60 -21.20 5.17
C THR D 219 19.34 -21.26 3.83
N SER D 220 20.15 -20.24 3.54
CA SER D 220 20.61 -20.01 2.18
C SER D 220 21.40 -21.19 1.64
N LEU D 221 22.07 -21.94 2.51
CA LEU D 221 22.85 -23.07 2.01
C LEU D 221 21.95 -24.10 1.35
N GLN D 222 21.01 -24.65 2.12
CA GLN D 222 20.05 -25.60 1.56
C GLN D 222 19.26 -24.95 0.44
N ILE D 223 18.97 -23.66 0.56
CA ILE D 223 18.29 -22.94 -0.50
C ILE D 223 19.03 -23.09 -1.81
N GLN D 224 20.26 -22.56 -1.87
CA GLN D 224 21.01 -22.56 -3.11
C GLN D 224 21.23 -23.98 -3.60
N HIS D 225 21.42 -24.93 -2.69
CA HIS D 225 21.57 -26.32 -3.09
C HIS D 225 20.32 -26.80 -3.83
N SER D 226 19.15 -26.55 -3.27
CA SER D 226 17.92 -26.96 -3.93
C SER D 226 17.72 -26.24 -5.25
N LEU D 227 18.01 -24.94 -5.28
CA LEU D 227 17.85 -24.18 -6.51
C LEU D 227 18.73 -24.75 -7.62
N SER D 228 19.98 -25.09 -7.29
CA SER D 228 20.81 -25.82 -8.23
C SER D 228 20.14 -27.12 -8.64
N GLU D 229 19.51 -27.81 -7.68
CA GLU D 229 18.82 -29.05 -8.00
C GLU D 229 17.57 -28.81 -8.83
N LEU D 230 17.06 -27.59 -8.85
CA LEU D 230 15.81 -27.27 -9.55
C LEU D 230 16.13 -26.80 -10.97
N THR D 231 16.49 -27.77 -11.81
CA THR D 231 16.89 -27.46 -13.18
C THR D 231 15.69 -27.08 -14.03
N LEU D 232 15.96 -26.30 -15.08
CA LEU D 232 14.91 -25.88 -15.99
C LEU D 232 14.12 -27.05 -16.54
N GLU D 233 14.81 -28.08 -17.03
CA GLU D 233 14.12 -29.18 -17.69
C GLU D 233 13.14 -29.88 -16.75
N ARG D 234 13.56 -30.14 -15.52
CA ARG D 234 12.64 -30.68 -14.53
C ARG D 234 11.47 -29.73 -14.30
N LEU D 235 11.76 -28.43 -14.22
CA LEU D 235 10.71 -27.45 -13.97
C LEU D 235 9.77 -27.32 -15.17
N GLN D 236 10.12 -27.88 -16.32
CA GLN D 236 9.30 -27.67 -17.52
C GLN D 236 8.00 -28.47 -17.47
N HIS D 237 8.05 -29.73 -17.02
CA HIS D 237 6.81 -30.47 -16.86
C HIS D 237 5.99 -29.90 -15.71
N PHE D 238 6.66 -29.42 -14.67
CA PHE D 238 5.98 -28.66 -13.64
C PHE D 238 5.27 -27.46 -14.23
N PHE D 239 5.93 -26.76 -15.15
CA PHE D 239 5.30 -25.64 -15.83
C PHE D 239 4.13 -26.10 -16.68
N GLN D 240 4.19 -27.31 -17.23
CA GLN D 240 3.06 -27.84 -17.97
C GLN D 240 1.86 -28.04 -17.05
N LYS D 241 2.10 -28.56 -15.84
CA LYS D 241 1.01 -28.65 -14.87
C LYS D 241 0.50 -27.28 -14.46
N LEU D 242 1.41 -26.31 -14.31
CA LEU D 242 1.00 -24.95 -14.02
C LEU D 242 0.14 -24.39 -15.14
N ILE D 243 0.49 -24.70 -16.38
CA ILE D 243 -0.34 -24.35 -17.53
C ILE D 243 -1.70 -25.02 -17.41
N GLU D 244 -1.73 -26.28 -16.99
CA GLU D 244 -2.99 -26.97 -16.79
C GLU D 244 -3.90 -26.15 -15.86
N HIS D 245 -3.37 -25.73 -14.72
CA HIS D 245 -4.21 -24.99 -13.79
C HIS D 245 -4.47 -23.56 -14.25
N ARG D 246 -3.53 -22.95 -14.96
CA ARG D 246 -3.74 -21.61 -15.51
C ARG D 246 -4.89 -21.60 -16.50
N GLY D 247 -4.93 -22.60 -17.39
CA GLY D 247 -6.10 -22.78 -18.22
C GLY D 247 -7.33 -23.10 -17.40
N ALA D 248 -7.15 -23.82 -16.29
CA ALA D 248 -8.26 -24.03 -15.37
C ALA D 248 -8.80 -22.69 -14.87
N ILE D 249 -7.99 -21.64 -14.90
CA ILE D 249 -8.43 -20.28 -14.60
C ILE D 249 -8.58 -19.53 -15.92
N PRO D 250 -9.76 -19.57 -16.57
CA PRO D 250 -9.93 -18.82 -17.82
C PRO D 250 -10.02 -17.33 -17.58
N ARG D 251 -8.87 -16.69 -17.42
CA ARG D 251 -8.82 -15.29 -17.01
C ARG D 251 -9.22 -14.36 -18.15
N LEU D 252 -9.98 -13.33 -17.80
CA LEU D 252 -10.19 -12.18 -18.68
C LEU D 252 -8.97 -11.29 -18.75
N GLU D 253 -8.07 -11.38 -17.78
CA GLU D 253 -6.91 -10.52 -17.73
C GLU D 253 -5.98 -10.82 -18.90
N ASP D 254 -4.85 -10.10 -18.94
CA ASP D 254 -3.88 -10.23 -20.03
C ASP D 254 -3.23 -11.61 -20.04
N VAL D 255 -3.61 -12.48 -19.10
CA VAL D 255 -3.19 -13.88 -19.14
C VAL D 255 -3.74 -14.60 -20.35
N SER D 256 -4.55 -13.93 -21.18
CA SER D 256 -5.04 -14.50 -22.42
C SER D 256 -3.89 -14.90 -23.34
N SER D 257 -2.67 -14.48 -23.02
CA SER D 257 -1.49 -14.88 -23.79
C SER D 257 -1.44 -16.40 -23.92
N SER D 258 -0.68 -16.90 -24.88
CA SER D 258 -0.68 -18.32 -25.17
C SER D 258 -0.09 -19.11 -24.00
N THR D 259 -0.27 -20.42 -24.08
CA THR D 259 0.30 -21.32 -23.07
C THR D 259 1.82 -21.18 -23.00
N ASN D 260 2.47 -21.07 -24.16
CA ASN D 260 3.91 -20.97 -24.17
C ASN D 260 4.39 -19.66 -23.55
N ASP D 261 3.60 -18.60 -23.66
CA ASP D 261 3.91 -17.37 -22.95
C ASP D 261 3.92 -17.61 -21.44
N TRP D 262 2.94 -18.38 -20.95
CA TRP D 262 2.92 -18.73 -19.53
C TRP D 262 4.16 -19.53 -19.16
N LEU D 263 4.54 -20.49 -20.00
CA LEU D 263 5.74 -21.26 -19.76
C LEU D 263 6.96 -20.36 -19.65
N THR D 264 7.11 -19.44 -20.60
CA THR D 264 8.26 -18.54 -20.60
C THR D 264 8.24 -17.63 -19.39
N GLU D 265 7.07 -17.19 -18.96
CA GLU D 265 6.99 -16.31 -17.80
C GLU D 265 7.39 -17.05 -16.53
N TYR D 266 6.85 -18.26 -16.33
CA TYR D 266 7.31 -19.10 -15.23
C TYR D 266 8.82 -19.26 -15.29
N GLU D 267 9.36 -19.52 -16.47
CA GLU D 267 10.77 -19.77 -16.64
C GLU D 267 11.61 -18.55 -16.27
N GLU D 268 11.20 -17.37 -16.72
CA GLU D 268 11.92 -16.15 -16.40
C GLU D 268 11.86 -15.86 -14.90
N TYR D 269 10.69 -16.05 -14.28
CA TYR D 269 10.60 -15.85 -12.84
C TYR D 269 11.51 -16.82 -12.10
N TRP D 270 11.62 -18.05 -12.60
CA TRP D 270 12.50 -19.03 -11.98
C TRP D 270 13.95 -18.59 -12.09
N PHE D 271 14.36 -18.07 -13.25
CA PHE D 271 15.71 -17.51 -13.32
C PHE D 271 15.88 -16.36 -12.35
N SER D 272 14.85 -15.53 -12.18
CA SER D 272 14.96 -14.43 -11.21
C SER D 272 15.29 -14.98 -9.84
N LEU D 273 14.50 -15.94 -9.36
CA LEU D 273 14.77 -16.55 -8.07
C LEU D 273 16.16 -17.17 -8.02
N ARG D 274 16.56 -17.84 -9.09
CA ARG D 274 17.85 -18.53 -9.13
C ARG D 274 18.99 -17.54 -9.04
N GLN D 275 18.85 -16.37 -9.66
CA GLN D 275 19.90 -15.38 -9.58
C GLN D 275 19.92 -14.71 -8.20
N TRP D 276 18.75 -14.40 -7.66
CA TRP D 276 18.73 -13.70 -6.37
C TRP D 276 19.26 -14.58 -5.25
N PHE D 277 19.02 -15.90 -5.30
CA PHE D 277 19.59 -16.75 -4.27
C PHE D 277 20.87 -17.46 -4.71
N LEU D 278 20.78 -18.31 -5.73
CA LEU D 278 21.92 -19.11 -6.16
C LEU D 278 22.92 -18.25 -6.94
N GLY D 279 22.45 -17.19 -7.58
CA GLY D 279 23.30 -16.44 -8.49
C GLY D 279 23.50 -17.14 -9.82
N SER D 280 24.70 -17.02 -10.37
CA SER D 280 25.01 -17.61 -11.67
C SER D 280 26.52 -17.77 -11.79
N ALA D 281 26.92 -18.62 -12.74
CA ALA D 281 28.34 -18.77 -13.03
C ALA D 281 28.92 -17.48 -13.58
N VAL D 282 28.08 -16.60 -14.13
CA VAL D 282 28.57 -15.35 -14.70
C VAL D 282 28.64 -14.26 -13.66
N GLN D 283 27.73 -14.25 -12.68
CA GLN D 283 27.64 -13.18 -11.70
C GLN D 283 27.37 -13.77 -10.33
N GLN D 284 27.81 -13.04 -9.30
CA GLN D 284 27.49 -13.42 -7.93
C GLN D 284 26.01 -13.21 -7.67
N SER D 285 25.44 -14.10 -6.86
CA SER D 285 24.02 -13.98 -6.51
C SER D 285 23.77 -12.63 -5.83
N GLU D 286 22.59 -12.06 -6.13
CA GLU D 286 22.21 -10.82 -5.46
C GLU D 286 22.22 -10.98 -3.95
N LEU D 287 21.93 -12.19 -3.47
CA LEU D 287 22.09 -12.47 -2.04
C LEU D 287 23.54 -12.26 -1.63
N ASP D 288 24.48 -12.72 -2.45
CA ASP D 288 25.89 -12.51 -2.16
C ASP D 288 26.24 -11.02 -2.21
N ILE D 289 25.61 -10.26 -3.10
CA ILE D 289 25.83 -8.82 -3.14
C ILE D 289 25.38 -8.19 -1.83
N LEU D 290 24.19 -8.55 -1.37
CA LEU D 290 23.69 -8.06 -0.10
C LEU D 290 24.64 -8.46 1.02
N GLN D 291 25.13 -9.69 0.97
CA GLN D 291 26.05 -10.19 1.98
C GLN D 291 27.33 -9.36 2.02
N TRP D 292 27.91 -9.09 0.84
CA TRP D 292 29.13 -8.31 0.77
C TRP D 292 28.91 -6.89 1.27
N GLN D 293 27.79 -6.29 0.89
CA GLN D 293 27.50 -4.93 1.34
C GLN D 293 27.34 -4.90 2.85
N THR D 294 26.64 -5.89 3.41
CA THR D 294 26.50 -5.96 4.85
C THR D 294 27.85 -6.11 5.54
N ASN D 295 28.71 -6.97 4.99
CA ASN D 295 30.03 -7.16 5.57
C ASN D 295 30.84 -5.88 5.54
N GLU D 296 30.81 -5.17 4.41
CA GLU D 296 31.57 -3.94 4.30
C GLU D 296 31.04 -2.88 5.24
N MET D 297 29.71 -2.77 5.39
CA MET D 297 29.18 -1.78 6.32
C MET D 297 29.51 -2.15 7.76
N ILE D 298 29.52 -3.45 8.08
CA ILE D 298 29.96 -3.88 9.40
C ILE D 298 31.39 -3.44 9.63
N ARG D 299 32.25 -3.66 8.62
CA ARG D 299 33.64 -3.26 8.75
C ARG D 299 33.77 -1.76 8.94
N ARG D 300 32.99 -0.98 8.20
CA ARG D 300 33.02 0.48 8.35
C ARG D 300 32.53 0.90 9.74
N MET D 301 31.49 0.24 10.24
CA MET D 301 30.98 0.54 11.57
C MET D 301 32.03 0.27 12.64
N THR D 302 32.62 -0.92 12.60
CA THR D 302 33.70 -1.24 13.54
C THR D 302 34.82 -0.24 13.40
N ARG D 303 35.16 0.12 12.16
CA ARG D 303 36.18 1.12 11.91
C ARG D 303 35.82 2.43 12.59
N TYR D 304 34.54 2.81 12.55
CA TYR D 304 34.12 4.07 13.16
C TYR D 304 34.24 4.02 14.68
N VAL D 305 33.87 2.90 15.28
CA VAL D 305 34.02 2.79 16.74
C VAL D 305 35.50 2.85 17.11
N GLN D 306 36.33 2.13 16.35
CA GLN D 306 37.77 2.20 16.53
C GLN D 306 38.26 3.65 16.39
N ARG D 307 37.69 4.38 15.43
CA ARG D 307 38.05 5.77 15.25
C ARG D 307 37.65 6.60 16.46
N ILE D 308 36.51 6.30 17.07
CA ILE D 308 36.13 7.02 18.28
C ILE D 308 37.18 6.80 19.36
N GLY D 309 37.61 5.56 19.53
CA GLY D 309 38.68 5.30 20.49
C GLY D 309 39.95 6.08 20.17
N GLU D 310 40.38 6.04 18.92
CA GLU D 310 41.61 6.75 18.53
C GLU D 310 41.46 8.25 18.74
N ARG D 311 40.31 8.80 18.37
CA ARG D 311 40.00 10.19 18.65
C ARG D 311 40.18 10.49 20.14
N GLN D 312 39.69 9.59 21.00
CA GLN D 312 39.90 9.75 22.43
C GLN D 312 41.39 9.82 22.75
N GLN D 313 42.20 8.97 22.12
CA GLN D 313 43.55 8.72 22.63
C GLN D 313 44.67 9.34 21.80
N HIS D 314 44.38 9.97 20.67
CA HIS D 314 45.43 10.24 19.68
C HIS D 314 45.76 11.74 19.62
N PHE D 315 46.76 12.09 18.79
CA PHE D 315 47.02 13.42 18.23
C PHE D 315 48.39 13.97 18.62
N ARG D 316 49.21 14.26 17.61
CA ARG D 316 50.52 14.91 17.77
C ARG D 316 50.65 16.00 16.71
N SER D 317 51.80 16.68 16.72
CA SER D 317 52.04 17.75 15.75
C SER D 317 53.51 18.15 15.78
N ARG D 318 53.99 18.64 14.62
CA ARG D 318 55.37 19.09 14.49
C ARG D 318 55.50 20.35 13.64
N LYS D 319 54.40 20.99 13.26
CA LYS D 319 54.42 21.99 12.21
C LYS D 319 55.41 23.12 12.50
N LYS D 320 55.38 23.65 13.72
CA LYS D 320 56.18 24.83 14.03
C LYS D 320 57.65 24.60 13.74
N ASP D 321 58.10 23.35 13.88
CA ASP D 321 59.50 23.04 13.62
C ASP D 321 59.87 23.45 12.21
N TYR D 322 58.98 23.19 11.27
CA TYR D 322 59.21 23.56 9.88
C TYR D 322 59.62 25.03 9.78
N LEU D 323 58.99 25.88 10.59
CA LEU D 323 59.12 27.32 10.43
C LEU D 323 60.53 27.79 10.75
N GLN D 324 61.11 27.27 11.83
CA GLN D 324 62.50 27.60 12.15
C GLN D 324 63.43 27.17 11.04
N LEU D 325 63.21 25.98 10.49
CA LEU D 325 64.05 25.50 9.40
C LEU D 325 63.91 26.38 8.18
N SER D 326 62.68 26.79 7.86
CA SER D 326 62.45 27.68 6.73
C SER D 326 63.16 29.01 6.94
N LYS D 327 63.08 29.53 8.16
CA LYS D 327 63.81 30.76 8.46
C LYS D 327 65.30 30.56 8.25
N TRP D 328 65.83 29.43 8.70
CA TRP D 328 67.24 29.14 8.48
C TRP D 328 67.56 29.13 6.99
N PHE D 329 66.68 28.51 6.20
CA PHE D 329 66.85 28.55 4.75
C PHE D 329 66.83 29.99 4.24
N VAL D 330 66.04 30.86 4.85
CA VAL D 330 66.13 32.27 4.53
C VAL D 330 67.54 32.77 4.79
N GLU D 331 68.10 32.41 5.93
CA GLU D 331 69.49 32.76 6.21
C GLU D 331 70.47 32.08 5.26
N CYS D 332 70.08 30.99 4.63
CA CYS D 332 70.98 30.32 3.70
C CYS D 332 71.23 31.24 2.52
N ARG D 333 72.43 31.81 2.48
CA ARG D 333 72.79 32.78 1.45
C ARG D 333 73.29 32.13 0.17
N ASP D 334 73.58 30.83 0.20
CA ASP D 334 74.06 30.14 -0.98
C ASP D 334 73.56 28.71 -0.94
N SER D 335 73.27 28.18 -2.13
CA SER D 335 72.53 26.94 -2.22
C SER D 335 73.34 25.74 -1.75
N GLU D 336 74.66 25.82 -1.76
CA GLU D 336 75.45 24.70 -1.25
C GLU D 336 75.33 24.60 0.26
N GLU D 337 75.45 25.72 0.95
CA GLU D 337 75.13 25.77 2.37
C GLU D 337 73.74 25.19 2.63
N ALA D 338 72.78 25.57 1.78
CA ALA D 338 71.42 25.08 1.95
C ALA D 338 71.34 23.58 1.77
N HIS D 339 72.04 23.04 0.77
CA HIS D 339 72.07 21.60 0.59
C HIS D 339 72.63 20.92 1.82
N LYS D 340 73.71 21.47 2.35
CA LYS D 340 74.32 20.92 3.56
C LYS D 340 73.31 20.92 4.70
N LEU D 341 72.61 22.02 4.90
CA LEU D 341 71.65 22.11 5.98
C LEU D 341 70.51 21.12 5.78
N SER D 342 70.03 21.00 4.54
CA SER D 342 68.99 20.03 4.25
C SER D 342 69.46 18.63 4.57
N ALA D 343 70.71 18.32 4.23
CA ALA D 343 71.27 17.02 4.59
C ALA D 343 71.28 16.83 6.09
N VAL D 344 71.59 17.88 6.83
CA VAL D 344 71.44 17.81 8.28
C VAL D 344 70.02 17.38 8.62
N VAL D 345 69.05 18.02 7.99
CA VAL D 345 67.66 17.78 8.35
C VAL D 345 67.29 16.33 8.04
N PHE D 346 67.70 15.82 6.89
CA PHE D 346 67.16 14.54 6.46
C PHE D 346 68.27 13.53 6.15
N GLY D 347 69.31 13.96 5.46
CA GLY D 347 70.33 13.05 4.98
C GLY D 347 70.30 12.87 3.47
N SER D 348 71.29 12.14 2.97
CA SER D 348 71.44 11.97 1.52
C SER D 348 70.48 10.92 0.99
N MET D 349 69.82 11.23 -0.13
CA MET D 349 68.97 10.23 -0.76
C MET D 349 69.80 9.06 -1.28
N THR D 350 71.04 9.32 -1.65
CA THR D 350 71.90 8.28 -2.22
C THR D 350 73.30 8.49 -1.68
N ILE D 351 74.27 7.79 -2.25
CA ILE D 351 75.67 7.89 -1.86
C ILE D 351 76.53 8.01 -3.11
N GLN D 352 77.72 8.57 -2.92
CA GLN D 352 78.67 8.84 -4.00
C GLN D 352 79.88 7.92 -3.85
N HIS D 353 80.26 7.28 -4.95
CA HIS D 353 81.43 6.41 -4.99
C HIS D 353 81.88 6.23 -6.44
N LEU D 354 83.08 5.71 -6.60
CA LEU D 354 83.70 5.53 -7.91
C LEU D 354 83.91 4.05 -8.19
N GLN D 355 83.71 3.67 -9.45
CA GLN D 355 83.98 2.30 -9.87
C GLN D 355 85.44 2.12 -10.23
N LEU D 356 85.94 0.91 -9.98
CA LEU D 356 87.29 0.52 -10.36
C LEU D 356 87.27 -0.91 -10.89
N GLU D 357 88.46 -1.37 -11.29
CA GLU D 357 88.56 -2.65 -11.98
C GLU D 357 89.08 -3.75 -11.07
N GLU D 358 90.07 -3.44 -10.23
CA GLU D 358 90.74 -4.46 -9.44
C GLU D 358 91.34 -3.81 -8.19
N ALA D 359 91.70 -4.67 -7.25
CA ALA D 359 92.41 -4.21 -6.07
C ALA D 359 93.80 -3.73 -6.45
N THR D 360 94.40 -2.95 -5.55
CA THR D 360 95.71 -2.37 -5.77
C THR D 360 96.59 -2.65 -4.55
N THR D 361 97.87 -2.34 -4.69
CA THR D 361 98.78 -2.44 -3.56
C THR D 361 98.28 -1.57 -2.42
N GLU D 362 98.40 -2.07 -1.19
CA GLU D 362 97.86 -1.39 -0.03
C GLU D 362 98.94 -0.57 0.67
N ASN D 363 99.77 0.14 -0.10
CA ASN D 363 100.81 0.97 0.50
C ASN D 363 100.14 2.21 1.11
N LEU D 364 100.02 2.17 2.44
CA LEU D 364 99.46 3.28 3.19
C LEU D 364 100.33 4.53 3.07
N HIS D 365 101.63 4.35 2.87
CA HIS D 365 102.59 5.44 2.89
C HIS D 365 102.75 6.16 1.55
N VAL D 366 102.00 5.78 0.52
CA VAL D 366 102.18 6.33 -0.81
C VAL D 366 100.88 6.99 -1.26
N ASP D 367 101.02 7.95 -2.18
CA ASP D 367 99.90 8.71 -2.71
C ASP D 367 99.75 8.45 -4.20
N THR D 368 98.60 8.86 -4.73
CA THR D 368 98.22 8.49 -6.09
C THR D 368 99.18 9.01 -7.15
N TRP D 369 99.70 10.22 -6.97
CA TRP D 369 100.62 10.78 -7.96
C TRP D 369 101.86 9.92 -8.10
N ASP D 370 102.38 9.41 -6.98
CA ASP D 370 103.38 8.36 -7.06
C ASP D 370 102.84 7.14 -7.77
N GLU D 371 101.58 6.79 -7.50
CA GLU D 371 100.97 5.64 -8.14
C GLU D 371 100.79 5.90 -9.64
N ALA D 372 100.77 4.83 -10.40
CA ALA D 372 100.31 4.90 -11.78
C ALA D 372 98.79 5.05 -11.76
N PRO D 373 98.24 6.11 -12.33
CA PRO D 373 96.81 6.38 -12.19
C PRO D 373 95.98 5.41 -13.03
N THR D 374 94.67 5.41 -12.77
CA THR D 374 93.74 4.53 -13.45
C THR D 374 93.45 5.14 -14.81
N GLU D 375 94.27 4.79 -15.80
CA GLU D 375 94.15 5.36 -17.13
C GLU D 375 92.90 4.79 -17.80
N LEU D 376 92.10 5.67 -18.40
CA LEU D 376 90.81 5.32 -18.96
C LEU D 376 90.79 5.66 -20.45
N THR D 377 90.09 4.84 -21.22
CA THR D 377 89.82 5.14 -22.63
C THR D 377 88.44 5.80 -22.68
N ILE D 378 88.37 6.95 -23.32
CA ILE D 378 87.15 7.75 -23.30
C ILE D 378 86.49 7.66 -24.67
N LYS D 379 85.36 6.98 -24.73
CA LYS D 379 84.56 6.99 -25.95
C LYS D 379 84.40 8.43 -26.41
N PRO D 380 85.02 8.84 -27.51
CA PRO D 380 85.05 10.26 -27.86
C PRO D 380 83.66 10.86 -27.87
N ARG D 381 83.52 12.05 -27.29
CA ARG D 381 82.26 12.77 -27.36
C ARG D 381 82.13 13.53 -28.67
N THR D 382 82.39 12.82 -29.76
CA THR D 382 82.12 13.29 -31.11
C THR D 382 81.78 12.04 -31.90
N VAL D 383 80.85 12.15 -32.84
CA VAL D 383 80.53 11.04 -33.73
C VAL D 383 81.78 10.73 -34.56
N ARG D 384 82.78 11.61 -34.50
CA ARG D 384 83.94 11.46 -35.36
C ARG D 384 84.55 10.07 -35.23
N TYR D 385 84.44 9.45 -34.05
CA TYR D 385 84.65 8.01 -34.02
C TYR D 385 83.36 7.28 -34.31
N ARG D 386 82.53 7.14 -33.30
CA ARG D 386 81.21 6.53 -33.43
C ARG D 386 80.48 6.88 -32.16
N GLU D 387 79.45 7.71 -32.26
CA GLU D 387 78.74 8.16 -31.08
C GLU D 387 77.28 7.83 -31.29
N LYS D 388 76.79 6.85 -30.52
CA LYS D 388 75.68 6.01 -30.97
C LYS D 388 74.51 6.14 -30.02
N THR D 389 73.32 6.24 -30.61
CA THR D 389 72.07 6.17 -29.86
C THR D 389 71.17 5.10 -30.46
N LYS D 390 71.22 4.96 -31.78
CA LYS D 390 70.45 3.95 -32.47
C LYS D 390 71.21 2.62 -32.45
N PRO D 391 70.49 1.50 -32.60
CA PRO D 391 71.12 0.19 -32.37
C PRO D 391 72.14 -0.15 -33.45
N GLY D 392 73.08 -1.03 -33.06
CA GLY D 392 74.06 -1.52 -33.99
C GLY D 392 73.61 -2.80 -34.67
N SER D 393 74.34 -3.15 -35.74
CA SER D 393 74.03 -4.35 -36.49
C SER D 393 74.65 -5.57 -35.81
N PHE D 394 73.99 -6.71 -35.99
CA PHE D 394 74.62 -7.98 -35.62
C PHE D 394 75.69 -8.30 -36.65
N ASN D 395 76.77 -8.93 -36.19
CA ASN D 395 77.95 -9.09 -37.03
C ASN D 395 77.66 -9.83 -38.32
N SER D 396 76.58 -10.60 -38.38
CA SER D 396 76.26 -11.39 -39.56
C SER D 396 77.42 -12.34 -39.87
N ASN D 397 77.70 -13.24 -38.93
CA ASN D 397 78.82 -14.15 -39.04
C ASN D 397 78.41 -15.41 -39.77
N GLU D 398 77.43 -15.29 -40.68
CA GLU D 398 76.91 -16.46 -41.38
C GLU D 398 78.04 -17.25 -42.03
N GLN D 399 79.07 -16.56 -42.52
CA GLN D 399 80.25 -17.27 -43.02
C GLN D 399 80.84 -18.18 -41.95
N LYS D 400 81.10 -17.62 -40.76
CA LYS D 400 81.73 -18.40 -39.70
C LYS D 400 80.82 -19.53 -39.23
N LYS D 401 79.53 -19.27 -39.12
CA LYS D 401 78.60 -20.32 -38.68
C LYS D 401 78.53 -21.44 -39.70
N LYS D 402 78.47 -21.09 -40.99
CA LYS D 402 78.47 -22.10 -42.04
C LYS D 402 79.76 -22.91 -42.00
N GLU D 403 80.90 -22.24 -41.84
CA GLU D 403 82.17 -22.94 -41.75
C GLU D 403 82.21 -23.88 -40.56
N GLN D 404 81.70 -23.43 -39.42
CA GLN D 404 81.69 -24.26 -38.23
C GLN D 404 80.83 -25.50 -38.44
N ARG D 405 79.63 -25.33 -38.99
CA ARG D 405 78.80 -26.50 -39.26
C ARG D 405 79.48 -27.42 -40.26
N GLU D 406 80.10 -26.86 -41.28
CA GLU D 406 80.80 -27.66 -42.28
C GLU D 406 81.89 -28.49 -41.63
N LEU D 407 82.72 -27.86 -40.81
CA LEU D 407 83.84 -28.55 -40.19
C LEU D 407 83.36 -29.61 -39.19
N TYR D 408 82.37 -29.26 -38.38
CA TYR D 408 81.81 -30.22 -37.44
C TYR D 408 81.23 -31.43 -38.17
N LEU D 409 80.44 -31.17 -39.21
CA LEU D 409 79.81 -32.25 -39.95
C LEU D 409 80.86 -33.06 -40.70
N LYS D 410 81.98 -32.44 -41.07
CA LYS D 410 83.03 -33.17 -41.76
C LYS D 410 83.78 -34.10 -40.80
N GLU D 411 84.05 -33.62 -39.60
CA GLU D 411 84.60 -34.51 -38.57
C GLU D 411 83.66 -35.67 -38.33
N ARG D 412 82.36 -35.37 -38.22
CA ARG D 412 81.40 -36.43 -37.99
C ARG D 412 81.26 -37.35 -39.20
N GLU D 413 81.51 -36.84 -40.41
CA GLU D 413 81.50 -37.68 -41.59
C GLU D 413 82.70 -38.62 -41.58
N GLN D 414 83.85 -38.13 -41.14
CA GLN D 414 85.00 -39.01 -40.94
C GLN D 414 84.67 -40.10 -39.94
N GLU D 415 84.05 -39.72 -38.82
CA GLU D 415 83.66 -40.70 -37.82
C GLU D 415 82.66 -41.70 -38.38
N LYS D 416 81.71 -41.23 -39.18
CA LYS D 416 80.72 -42.11 -39.80
C LYS D 416 81.39 -43.08 -40.77
N LYS D 417 82.35 -42.60 -41.55
CA LYS D 417 83.08 -43.48 -42.46
C LYS D 417 83.85 -44.52 -41.68
N LEU D 418 84.42 -44.13 -40.55
CA LEU D 418 85.13 -45.06 -39.69
C LEU D 418 84.19 -46.14 -39.15
N ILE D 419 83.02 -45.74 -38.66
CA ILE D 419 82.03 -46.71 -38.17
C ILE D 419 81.62 -47.65 -39.30
N GLU D 420 81.41 -47.10 -40.50
CA GLU D 420 81.06 -47.90 -41.66
C GLU D 420 82.14 -48.92 -41.95
N LYS D 421 83.40 -48.48 -41.94
CA LYS D 421 84.52 -49.40 -42.09
C LYS D 421 84.39 -50.54 -41.10
N TYR D 422 83.95 -50.23 -39.88
CA TYR D 422 83.85 -51.26 -38.87
C TYR D 422 82.49 -51.97 -38.84
N MET D 423 81.48 -51.49 -39.56
CA MET D 423 80.26 -52.29 -39.64
C MET D 423 80.45 -53.44 -40.62
N THR D 424 80.69 -54.64 -40.08
CA THR D 424 80.89 -55.85 -40.88
C THR D 424 79.54 -56.50 -41.08
N GLN D 425 78.85 -56.10 -42.16
CA GLN D 425 77.51 -56.60 -42.46
C GLN D 425 76.56 -56.35 -41.29
N GLY D 426 76.77 -55.25 -40.57
CA GLY D 426 75.92 -54.88 -39.46
C GLY D 426 76.24 -55.53 -38.14
N LYS D 427 77.43 -56.11 -37.98
CA LYS D 427 77.86 -56.71 -36.73
C LYS D 427 79.27 -56.27 -36.38
N ILE D 428 79.54 -56.18 -35.08
CA ILE D 428 80.86 -55.82 -34.57
C ILE D 428 81.14 -56.62 -33.31
N THR D 429 82.40 -57.06 -33.17
CA THR D 429 82.84 -57.78 -31.99
C THR D 429 84.12 -57.13 -31.48
N LEU D 430 84.22 -56.97 -30.16
CA LEU D 430 85.33 -56.21 -29.58
C LEU D 430 86.63 -56.98 -29.71
N SER D 431 86.60 -58.30 -29.47
CA SER D 431 87.81 -59.10 -29.55
C SER D 431 88.40 -59.10 -30.95
N ALA D 432 87.54 -59.08 -31.98
CA ALA D 432 88.03 -59.07 -33.35
C ALA D 432 88.81 -57.80 -33.66
N LEU D 433 88.57 -56.74 -32.90
CA LEU D 433 89.20 -55.43 -33.12
C LEU D 433 90.22 -55.13 -32.02
N SER D 434 91.00 -56.13 -31.63
CA SER D 434 91.99 -55.95 -30.57
C SER D 434 92.87 -54.73 -30.80
N THR D 435 93.09 -54.32 -32.04
CA THR D 435 93.70 -53.03 -32.35
C THR D 435 92.61 -52.13 -32.91
N VAL D 436 92.46 -50.95 -32.32
CA VAL D 436 91.31 -50.09 -32.60
C VAL D 436 91.74 -48.63 -32.61
N GLU D 437 90.89 -47.78 -33.19
CA GLU D 437 91.09 -46.35 -33.15
C GLU D 437 90.72 -45.84 -31.76
N PRO D 438 91.29 -44.71 -31.30
CA PRO D 438 90.79 -44.14 -30.04
C PRO D 438 89.29 -43.83 -30.07
N PHE D 439 88.81 -43.25 -31.16
CA PHE D 439 87.39 -42.95 -31.27
C PHE D 439 86.55 -44.22 -31.22
N ILE D 440 86.97 -45.25 -31.94
CA ILE D 440 86.20 -46.49 -31.95
C ILE D 440 86.30 -47.18 -30.60
N ARG D 441 87.44 -47.06 -29.91
CA ARG D 441 87.54 -47.62 -28.57
C ARG D 441 86.54 -46.95 -27.64
N LYS D 442 86.47 -45.62 -27.68
CA LYS D 442 85.52 -44.92 -26.83
C LYS D 442 84.08 -45.22 -27.23
N VAL D 443 83.83 -45.38 -28.53
CA VAL D 443 82.49 -45.74 -29.00
C VAL D 443 82.10 -47.10 -28.45
N LEU D 444 83.02 -48.06 -28.49
CA LEU D 444 82.71 -49.40 -28.02
C LEU D 444 82.59 -49.45 -26.50
N LEU D 445 83.38 -48.65 -25.78
CA LEU D 445 83.21 -48.54 -24.34
C LEU D 445 81.86 -47.96 -24.00
N SER D 446 81.44 -46.93 -24.75
CA SER D 446 80.10 -46.38 -24.57
C SER D 446 79.04 -47.41 -24.91
N TRP D 447 79.28 -48.25 -25.92
CA TRP D 447 78.35 -49.32 -26.24
C TRP D 447 78.22 -50.29 -25.08
N ILE D 448 79.35 -50.68 -24.47
CA ILE D 448 79.31 -51.58 -23.33
C ILE D 448 78.53 -50.94 -22.19
N GLY D 449 78.81 -49.67 -21.91
CA GLY D 449 78.10 -48.98 -20.85
C GLY D 449 76.61 -48.90 -21.10
N LYS D 450 76.23 -48.56 -22.33
CA LYS D 450 74.82 -48.43 -22.69
C LYS D 450 74.11 -49.77 -22.58
N SER D 451 74.77 -50.84 -23.04
CA SER D 451 74.13 -52.14 -23.06
C SER D 451 74.05 -52.75 -21.66
N MET D 452 75.03 -52.49 -20.80
CA MET D 452 75.04 -53.13 -19.50
C MET D 452 74.22 -52.32 -18.49
N ALA D 453 74.33 -50.99 -18.56
CA ALA D 453 73.45 -50.13 -17.75
C ALA D 453 72.00 -50.34 -18.14
N ALA D 454 71.70 -50.32 -19.43
CA ALA D 454 70.35 -50.57 -19.91
C ALA D 454 70.23 -52.06 -20.19
N LYS D 455 69.51 -52.77 -19.31
CA LYS D 455 69.29 -54.19 -19.50
C LYS D 455 68.59 -54.50 -20.83
N ASN D 456 68.11 -53.48 -21.53
CA ASN D 456 67.47 -53.66 -22.82
C ASN D 456 68.46 -54.04 -23.92
N ARG D 457 69.76 -53.98 -23.64
CA ARG D 457 70.81 -54.28 -24.60
C ARG D 457 70.83 -53.29 -25.76
N MET D 458 70.15 -52.15 -25.60
CA MET D 458 70.13 -51.12 -26.63
C MET D 458 71.41 -50.30 -26.59
N VAL D 459 71.75 -49.74 -27.75
CA VAL D 459 72.98 -48.98 -27.96
C VAL D 459 72.72 -48.01 -29.10
N LYS D 460 73.37 -46.85 -29.05
CA LYS D 460 73.09 -45.78 -29.98
C LYS D 460 74.37 -45.24 -30.59
N THR D 461 74.41 -45.17 -31.92
CA THR D 461 75.38 -44.35 -32.61
C THR D 461 74.82 -42.94 -32.70
N ASP D 462 75.69 -41.94 -32.67
CA ASP D 462 75.23 -40.56 -32.63
C ASP D 462 74.45 -40.19 -33.89
N TYR D 463 74.53 -40.99 -34.95
CA TYR D 463 73.86 -40.70 -36.21
C TYR D 463 72.43 -41.21 -36.25
N GLY D 464 71.96 -41.91 -35.22
CA GLY D 464 70.64 -42.49 -35.21
C GLY D 464 70.60 -43.97 -35.50
N LEU D 465 71.71 -44.57 -35.91
CA LEU D 465 71.74 -46.00 -36.18
C LEU D 465 71.71 -46.77 -34.86
N HIS D 466 70.61 -47.44 -34.58
CA HIS D 466 70.46 -48.19 -33.35
C HIS D 466 71.31 -49.45 -33.37
N VAL D 467 71.53 -50.02 -32.19
CA VAL D 467 72.40 -51.18 -32.02
C VAL D 467 71.89 -51.98 -30.83
N LYS D 468 71.67 -53.28 -31.05
CA LYS D 468 71.30 -54.19 -29.97
C LYS D 468 72.44 -55.18 -29.77
N VAL D 469 72.70 -55.52 -28.51
CA VAL D 469 73.97 -56.12 -28.09
C VAL D 469 73.77 -57.59 -27.77
N MET D 470 74.60 -58.44 -28.37
CA MET D 470 74.78 -59.82 -27.93
C MET D 470 75.93 -59.84 -26.93
N LEU D 471 75.84 -60.72 -25.92
CA LEU D 471 76.73 -60.65 -24.77
C LEU D 471 77.31 -62.02 -24.45
N ASP D 472 78.48 -61.99 -23.80
CA ASP D 472 79.18 -63.18 -23.33
C ASP D 472 80.32 -62.73 -22.44
N TYR D 473 80.47 -63.39 -21.28
CA TYR D 473 81.47 -62.95 -20.31
C TYR D 473 82.25 -64.16 -19.79
N GLU D 474 83.29 -64.55 -20.53
CA GLU D 474 84.40 -65.33 -19.96
C GLU D 474 85.59 -65.09 -20.90
N LYS D 475 86.36 -64.04 -20.63
CA LYS D 475 87.38 -63.60 -21.58
C LYS D 475 88.24 -62.51 -20.94
N THR D 476 89.46 -62.39 -21.46
CA THR D 476 90.35 -61.28 -21.15
C THR D 476 91.06 -60.90 -22.43
N ILE D 477 90.74 -59.72 -22.96
CA ILE D 477 91.28 -59.26 -24.24
C ILE D 477 91.89 -57.89 -24.06
N THR D 478 92.84 -57.56 -24.93
CA THR D 478 93.57 -56.30 -24.86
C THR D 478 93.25 -55.45 -26.08
N LEU D 479 93.21 -54.14 -25.88
CA LEU D 479 92.85 -53.18 -26.91
C LEU D 479 93.93 -52.13 -27.00
N GLN D 480 94.47 -51.92 -28.21
CA GLN D 480 95.59 -51.02 -28.43
C GLN D 480 95.14 -49.84 -29.28
N ALA D 481 95.69 -48.66 -29.02
CA ALA D 481 95.31 -47.45 -29.75
C ALA D 481 96.44 -46.44 -29.61
N GLU D 482 96.17 -45.21 -30.08
CA GLU D 482 97.15 -44.15 -29.97
C GLU D 482 97.49 -43.83 -28.51
N ASP D 483 96.47 -43.79 -27.65
CA ASP D 483 96.65 -43.50 -26.24
C ASP D 483 96.31 -44.72 -25.41
N GLY D 484 97.33 -45.36 -24.85
CA GLY D 484 97.15 -46.37 -23.84
C GLY D 484 96.60 -47.70 -24.32
N ASN D 485 96.45 -48.62 -23.37
CA ASN D 485 95.92 -49.95 -23.61
C ASN D 485 94.88 -50.24 -22.56
N LEU D 486 93.92 -51.10 -22.88
CA LEU D 486 92.89 -51.48 -21.94
C LEU D 486 92.60 -52.97 -22.04
N LEU D 487 92.34 -53.58 -20.89
CA LEU D 487 92.07 -55.01 -20.79
C LEU D 487 90.67 -55.19 -20.25
N MET D 488 89.85 -55.94 -20.97
CA MET D 488 88.41 -55.89 -20.79
C MET D 488 87.79 -57.23 -21.09
N PRO D 489 86.54 -57.46 -20.67
CA PRO D 489 85.76 -58.56 -21.27
C PRO D 489 85.23 -58.19 -22.65
N ASP D 490 84.68 -59.15 -23.37
CA ASP D 490 84.25 -58.97 -24.75
C ASP D 490 82.75 -58.73 -24.83
N ALA D 491 82.30 -58.21 -25.98
CA ALA D 491 80.89 -58.06 -26.28
C ALA D 491 80.71 -58.08 -27.78
N THR D 492 79.47 -58.35 -28.20
CA THR D 492 79.10 -58.42 -29.61
C THR D 492 77.90 -57.51 -29.84
N PHE D 493 77.79 -56.99 -31.07
CA PHE D 493 76.79 -55.98 -31.40
C PHE D 493 76.22 -56.22 -32.79
N LEU D 494 74.98 -55.78 -32.98
CA LEU D 494 74.29 -55.83 -34.26
C LEU D 494 73.54 -54.52 -34.46
N PHE D 495 73.28 -54.17 -35.72
CA PHE D 495 72.64 -52.91 -36.06
C PHE D 495 71.17 -53.13 -36.42
N GLU D 496 70.33 -52.17 -36.06
CA GLU D 496 68.91 -52.19 -36.34
C GLU D 496 68.59 -51.30 -37.54
N GLU D 497 67.29 -51.21 -37.86
CA GLU D 497 66.84 -50.57 -39.08
C GLU D 497 66.37 -49.12 -38.88
N THR D 498 66.80 -48.44 -37.81
CA THR D 498 66.53 -47.01 -37.66
C THR D 498 67.51 -46.16 -38.43
N ARG D 499 67.64 -46.41 -39.73
CA ARG D 499 68.67 -45.78 -40.55
C ARG D 499 68.13 -44.58 -41.32
N MET E 1 -35.07 -21.76 47.60
CA MET E 1 -34.69 -21.36 46.25
C MET E 1 -35.38 -22.19 45.17
N MET E 2 -35.37 -21.58 43.99
CA MET E 2 -35.98 -22.08 42.77
C MET E 2 -35.34 -21.24 41.66
N THR E 3 -35.68 -21.50 40.41
CA THR E 3 -35.41 -20.54 39.35
C THR E 3 -35.52 -19.15 40.00
N GLU E 4 -34.79 -18.15 39.52
CA GLU E 4 -35.00 -16.83 40.13
C GLU E 4 -36.46 -16.56 39.90
N ALA E 5 -37.10 -15.76 40.73
CA ALA E 5 -38.07 -16.40 41.60
C ALA E 5 -39.45 -16.56 40.95
N LYS E 6 -39.85 -17.83 40.87
CA LYS E 6 -41.01 -18.30 40.12
C LYS E 6 -42.30 -17.73 40.63
N TRP E 7 -43.23 -17.51 39.73
CA TRP E 7 -44.55 -17.12 40.18
C TRP E 7 -45.23 -18.36 40.74
N VAL E 8 -46.25 -18.13 41.55
CA VAL E 8 -47.08 -19.20 42.09
C VAL E 8 -48.51 -18.69 42.20
N MET E 9 -49.48 -19.55 41.97
CA MET E 9 -50.85 -19.11 42.06
C MET E 9 -51.25 -19.25 43.52
N ASN E 10 -51.82 -18.19 44.06
CA ASN E 10 -52.45 -18.23 45.35
C ASN E 10 -53.86 -17.67 45.36
N ARG E 11 -54.46 -17.46 44.19
CA ARG E 11 -55.82 -16.94 44.08
C ARG E 11 -56.13 -16.64 42.62
N ALA E 12 -57.43 -16.59 42.34
CA ALA E 12 -57.98 -16.32 41.01
C ALA E 12 -59.41 -15.85 41.19
N GLY E 13 -60.07 -15.53 40.10
CA GLY E 13 -61.35 -14.85 40.24
C GLY E 13 -62.16 -14.79 38.96
N LEU E 14 -63.44 -14.50 39.14
CA LEU E 14 -64.33 -14.06 38.08
C LEU E 14 -65.23 -12.99 38.67
N LEU E 15 -65.72 -12.09 37.83
CA LEU E 15 -66.53 -11.00 38.32
C LEU E 15 -67.58 -10.60 37.29
N ASN E 16 -68.83 -10.97 37.55
CA ASN E 16 -69.95 -10.71 36.65
C ASN E 16 -69.77 -11.35 35.28
N PHE E 17 -69.06 -12.48 35.22
CA PHE E 17 -68.88 -13.21 33.97
C PHE E 17 -69.78 -14.44 34.04
N TRP E 18 -70.47 -14.73 32.93
CA TRP E 18 -71.34 -15.90 32.90
C TRP E 18 -72.16 -15.79 34.18
N TYR E 19 -72.51 -16.94 34.75
CA TYR E 19 -73.18 -17.03 36.04
C TYR E 19 -72.21 -16.83 37.21
N TYR E 20 -70.90 -16.79 36.92
CA TYR E 20 -69.85 -16.47 37.89
C TYR E 20 -69.95 -15.03 38.39
N ASP E 21 -70.88 -14.83 39.32
CA ASP E 21 -71.21 -13.48 39.79
C ASP E 21 -70.05 -12.81 40.52
N ASP E 22 -69.50 -13.44 41.55
CA ASP E 22 -68.27 -12.94 42.17
C ASP E 22 -67.61 -14.07 42.97
N GLU E 23 -66.65 -14.76 42.33
CA GLU E 23 -65.99 -15.89 42.94
C GLU E 23 -64.49 -15.65 42.92
N ILE E 24 -63.78 -16.18 43.91
CA ILE E 24 -62.32 -16.10 43.93
C ILE E 24 -61.76 -17.39 44.51
N PHE E 25 -61.12 -18.16 43.63
CA PHE E 25 -60.55 -19.47 43.98
C PHE E 25 -59.13 -19.33 44.51
N PRO E 26 -58.86 -19.83 45.72
CA PRO E 26 -57.49 -19.80 46.25
C PRO E 26 -56.70 -21.05 45.85
N PHE E 27 -55.38 -20.88 45.74
CA PHE E 27 -54.47 -21.99 45.45
C PHE E 27 -53.64 -22.34 46.68
N SER E 28 -53.58 -23.63 47.02
CA SER E 28 -52.68 -24.12 48.06
C SER E 28 -51.32 -24.40 47.45
N ASP E 29 -50.35 -23.53 47.71
CA ASP E 29 -49.00 -23.68 47.16
C ASP E 29 -49.04 -23.86 45.65
N GLY E 30 -49.89 -23.08 44.99
CA GLY E 30 -49.92 -23.10 43.54
C GLY E 30 -50.76 -24.20 42.97
N LYS E 31 -51.47 -24.95 43.82
CA LYS E 31 -52.25 -26.10 43.39
C LYS E 31 -53.71 -25.87 43.75
N LEU E 32 -54.60 -26.44 42.95
CA LEU E 32 -56.04 -26.22 43.12
C LEU E 32 -56.77 -27.38 42.46
N LEU E 33 -57.96 -27.72 42.95
CA LEU E 33 -58.69 -28.86 42.43
C LEU E 33 -60.20 -28.64 42.49
N LEU E 34 -60.73 -28.18 41.37
CA LEU E 34 -62.16 -27.97 41.13
C LEU E 34 -62.88 -29.30 40.99
N ARG E 35 -64.18 -29.31 41.28
CA ARG E 35 -64.97 -30.50 41.04
C ARG E 35 -66.44 -30.12 40.93
N GLY E 36 -67.18 -30.94 40.20
CA GLY E 36 -68.62 -30.75 40.08
C GLY E 36 -69.19 -31.56 38.94
N THR E 37 -70.51 -31.70 38.97
CA THR E 37 -71.23 -32.45 37.95
C THR E 37 -70.97 -31.86 36.55
N ASN E 38 -70.97 -32.75 35.55
CA ASN E 38 -70.70 -32.34 34.19
C ASN E 38 -71.75 -31.34 33.69
N GLY E 39 -71.33 -30.44 32.82
CA GLY E 39 -72.22 -29.39 32.35
C GLY E 39 -72.39 -28.23 33.30
N SER E 40 -71.52 -28.11 34.30
CA SER E 40 -71.70 -27.06 35.29
C SER E 40 -70.71 -25.92 35.10
N GLY E 41 -69.69 -26.15 34.29
CA GLY E 41 -68.68 -25.17 34.00
C GLY E 41 -67.30 -25.50 34.49
N LYS E 42 -67.08 -26.68 35.09
CA LYS E 42 -65.74 -27.01 35.57
C LYS E 42 -64.75 -27.02 34.40
N SER E 43 -65.29 -27.14 33.20
CA SER E 43 -64.48 -27.13 31.99
C SER E 43 -64.43 -25.73 31.49
N VAL E 44 -65.55 -25.02 31.56
CA VAL E 44 -65.57 -23.66 31.06
C VAL E 44 -64.59 -22.88 31.92
N THR E 45 -64.61 -23.20 33.22
CA THR E 45 -63.70 -22.59 34.18
C THR E 45 -62.26 -22.86 33.80
N MET E 46 -61.91 -24.13 33.57
CA MET E 46 -60.50 -24.39 33.24
C MET E 46 -60.13 -23.68 31.95
N GLN E 47 -61.01 -23.76 30.97
CA GLN E 47 -60.85 -23.10 29.69
C GLN E 47 -60.72 -21.58 29.82
N SER E 48 -61.47 -20.97 30.74
CA SER E 48 -61.36 -19.52 30.92
C SER E 48 -60.00 -19.13 31.43
N PHE E 49 -59.46 -19.88 32.37
CA PHE E 49 -58.15 -19.59 32.94
C PHE E 49 -57.04 -19.97 32.00
N LEU E 50 -57.05 -21.18 31.49
CA LEU E 50 -55.94 -21.68 30.69
C LEU E 50 -56.45 -22.17 29.33
N PRO E 51 -55.69 -21.89 28.26
CA PRO E 51 -54.49 -21.06 28.25
C PRO E 51 -54.89 -19.62 27.99
N VAL E 52 -56.20 -19.35 28.07
CA VAL E 52 -56.73 -18.04 27.70
C VAL E 52 -56.06 -16.93 28.52
N LEU E 53 -56.00 -17.10 29.83
CA LEU E 53 -55.44 -16.03 30.65
C LEU E 53 -53.94 -15.97 30.53
N LEU E 54 -53.32 -16.99 29.95
CA LEU E 54 -51.89 -17.06 29.77
C LEU E 54 -51.40 -16.21 28.62
N ASP E 55 -52.16 -16.12 27.54
CA ASP E 55 -51.79 -15.32 26.38
C ASP E 55 -52.83 -14.28 26.00
N GLY E 56 -54.11 -14.53 26.25
CA GLY E 56 -55.16 -13.60 25.91
C GLY E 56 -55.84 -13.90 24.60
N LYS E 57 -55.31 -14.85 23.83
CA LYS E 57 -55.92 -15.29 22.58
C LYS E 57 -57.27 -15.90 22.98
N LYS E 58 -58.32 -15.52 22.27
CA LYS E 58 -59.71 -15.85 22.59
C LYS E 58 -60.44 -16.61 21.51
N SER E 59 -59.76 -17.16 20.52
CA SER E 59 -60.46 -17.82 19.44
C SER E 59 -61.27 -19.03 19.92
N PRO E 60 -62.30 -19.43 19.18
CA PRO E 60 -63.21 -20.49 19.64
C PRO E 60 -62.52 -21.79 20.03
N ASP E 61 -61.40 -22.14 19.42
CA ASP E 61 -60.72 -23.40 19.70
C ASP E 61 -60.35 -23.53 21.16
N ARG E 62 -59.97 -22.43 21.80
CA ARG E 62 -59.57 -22.54 23.20
C ARG E 62 -60.75 -22.94 24.04
N LEU E 63 -61.89 -22.31 23.86
CA LEU E 63 -63.07 -22.68 24.62
C LEU E 63 -63.64 -24.03 24.25
N ASP E 64 -63.69 -24.35 22.96
CA ASP E 64 -64.40 -25.53 22.47
C ASP E 64 -63.75 -26.82 22.91
N PRO E 65 -64.53 -27.71 23.53
CA PRO E 65 -64.00 -29.00 23.95
C PRO E 65 -63.64 -29.93 22.79
N PHE E 66 -64.50 -30.01 21.80
CA PHE E 66 -64.30 -30.83 20.61
C PHE E 66 -63.08 -30.40 19.81
N GLY E 67 -62.57 -29.21 20.08
CA GLY E 67 -61.64 -28.53 19.21
C GLY E 67 -62.29 -27.82 18.05
N SER E 68 -63.62 -27.82 17.97
CA SER E 68 -64.35 -27.11 16.94
C SER E 68 -64.53 -25.65 17.35
N LYS E 69 -65.37 -24.92 16.62
CA LYS E 69 -65.60 -23.50 16.80
C LYS E 69 -67.06 -23.26 17.19
N ALA E 70 -67.57 -24.10 18.09
CA ALA E 70 -68.99 -24.12 18.43
C ALA E 70 -69.45 -22.84 19.13
N ARG E 71 -68.76 -22.40 20.18
CA ARG E 71 -69.22 -21.33 21.03
C ARG E 71 -68.11 -20.32 21.25
N ARG E 72 -68.50 -19.05 21.28
CA ARG E 72 -67.56 -17.98 21.55
C ARG E 72 -67.52 -17.69 23.03
N MET E 73 -66.52 -16.89 23.42
CA MET E 73 -66.45 -16.47 24.82
C MET E 73 -67.68 -15.65 25.16
N GLU E 74 -68.14 -14.82 24.20
CA GLU E 74 -69.31 -13.98 24.41
C GLU E 74 -70.48 -14.79 24.96
N ASP E 75 -70.72 -15.97 24.40
CA ASP E 75 -71.86 -16.76 24.86
C ASP E 75 -71.72 -17.05 26.34
N TYR E 76 -70.51 -17.43 26.76
CA TYR E 76 -70.21 -17.66 28.17
C TYR E 76 -70.36 -16.37 28.98
N LEU E 77 -69.89 -15.26 28.43
CA LEU E 77 -69.90 -13.98 29.13
C LEU E 77 -71.32 -13.53 29.37
N LEU E 78 -72.17 -13.71 28.38
CA LEU E 78 -73.53 -13.23 28.42
C LEU E 78 -74.43 -14.27 29.09
N GLY E 79 -74.09 -15.54 28.97
CA GLY E 79 -74.88 -16.62 29.53
C GLY E 79 -75.99 -16.97 28.59
N GLU E 80 -76.65 -18.10 28.84
CA GLU E 80 -77.72 -18.52 27.94
C GLU E 80 -78.81 -17.46 27.96
N LYS E 81 -79.30 -17.10 26.77
CA LYS E 81 -80.39 -16.13 26.71
C LYS E 81 -81.65 -16.68 27.37
N GLU E 82 -81.78 -18.01 27.41
CA GLU E 82 -82.94 -18.64 28.02
C GLU E 82 -82.92 -18.52 29.55
N VAL E 83 -81.82 -18.04 30.11
CA VAL E 83 -81.69 -17.96 31.57
C VAL E 83 -81.58 -16.51 31.98
N VAL E 84 -80.71 -15.77 31.29
CA VAL E 84 -80.47 -14.36 31.58
C VAL E 84 -81.02 -13.57 30.40
N ASP E 85 -81.87 -12.59 30.69
CA ASP E 85 -82.51 -11.77 29.66
C ASP E 85 -81.63 -10.55 29.40
N ARG E 86 -80.43 -10.82 28.92
CA ARG E 86 -79.45 -9.79 28.64
C ARG E 86 -78.66 -10.09 27.38
N ASP E 87 -78.21 -9.03 26.73
CA ASP E 87 -77.43 -9.05 25.50
C ASP E 87 -76.23 -8.12 25.62
N GLU E 88 -75.88 -7.77 26.85
CA GLU E 88 -74.72 -6.93 27.14
C GLU E 88 -74.29 -7.15 28.57
N ARG E 89 -72.98 -7.34 28.73
CA ARG E 89 -72.37 -7.66 30.01
C ARG E 89 -70.94 -7.15 30.00
N THR E 90 -70.34 -7.07 31.18
CA THR E 90 -68.91 -6.86 31.33
C THR E 90 -68.37 -7.83 32.37
N GLY E 91 -67.48 -8.74 31.95
CA GLY E 91 -66.97 -9.76 32.83
C GLY E 91 -65.50 -9.52 33.09
N TYR E 92 -65.06 -9.95 34.28
CA TYR E 92 -63.66 -9.82 34.66
C TYR E 92 -63.13 -11.16 35.15
N LEU E 93 -61.97 -11.52 34.63
CA LEU E 93 -61.20 -12.68 35.06
C LEU E 93 -59.87 -12.23 35.60
N PHE E 94 -59.36 -12.93 36.62
CA PHE E 94 -58.05 -12.56 37.11
C PHE E 94 -57.44 -13.67 37.94
N ILE E 95 -56.11 -13.70 37.94
CA ILE E 95 -55.27 -14.58 38.75
C ILE E 95 -54.28 -13.74 39.53
N GLU E 96 -53.88 -14.21 40.70
CA GLU E 96 -53.02 -13.46 41.61
C GLU E 96 -51.80 -14.31 41.96
N TYR E 97 -50.65 -13.94 41.40
CA TYR E 97 -49.38 -14.64 41.59
C TYR E 97 -48.61 -14.19 42.82
N LYS E 98 -47.91 -15.16 43.40
CA LYS E 98 -47.01 -14.96 44.53
C LYS E 98 -45.67 -15.56 44.13
N LYS E 99 -44.60 -14.87 44.48
CA LYS E 99 -43.28 -15.35 44.15
C LYS E 99 -42.86 -16.38 45.18
N ALA E 100 -42.59 -17.60 44.69
CA ALA E 100 -42.29 -18.71 45.61
C ALA E 100 -41.10 -18.41 46.50
N GLY E 101 -41.28 -18.65 47.80
CA GLY E 101 -40.23 -18.43 48.78
C GLY E 101 -40.04 -16.97 49.08
N VAL E 102 -40.91 -16.11 48.57
CA VAL E 102 -40.85 -14.67 48.77
C VAL E 102 -42.27 -14.17 48.91
N GLU E 103 -42.41 -12.90 49.29
CA GLU E 103 -43.72 -12.29 49.52
C GLU E 103 -44.03 -11.19 48.51
N ARG E 104 -43.64 -11.40 47.25
CA ARG E 104 -43.93 -10.46 46.18
C ARG E 104 -45.02 -11.04 45.29
N TYR E 105 -46.00 -10.22 44.97
CA TYR E 105 -47.15 -10.63 44.18
C TYR E 105 -47.28 -9.80 42.92
N ILE E 106 -47.45 -10.50 41.80
CA ILE E 106 -47.74 -9.89 40.53
C ILE E 106 -49.11 -10.40 40.12
N THR E 107 -49.99 -9.48 39.74
CA THR E 107 -51.35 -9.84 39.38
C THR E 107 -51.49 -9.70 37.88
N THR E 108 -52.36 -10.53 37.33
CA THR E 108 -52.73 -10.49 35.93
C THR E 108 -54.19 -10.87 35.79
N GLY E 109 -54.91 -10.12 34.96
CA GLY E 109 -56.32 -10.35 34.85
C GLY E 109 -56.80 -9.84 33.51
N ILE E 110 -57.97 -10.35 33.11
CA ILE E 110 -58.57 -10.03 31.83
C ILE E 110 -59.81 -9.18 32.07
N GLY E 111 -60.12 -8.30 31.13
CA GLY E 111 -61.33 -7.49 31.16
C GLY E 111 -62.09 -7.57 29.83
N MET E 112 -63.37 -7.91 29.89
CA MET E 112 -64.15 -8.12 28.68
C MET E 112 -65.48 -7.38 28.69
N GLN E 113 -65.91 -6.94 27.51
CA GLN E 113 -67.27 -6.45 27.29
C GLN E 113 -67.84 -7.11 26.04
N ALA E 114 -69.06 -7.64 26.14
CA ALA E 114 -69.66 -8.35 25.02
C ALA E 114 -71.13 -7.96 24.88
N LYS E 115 -71.58 -7.76 23.64
CA LYS E 115 -72.99 -7.54 23.35
C LYS E 115 -73.55 -8.59 22.39
N ARG E 116 -74.60 -9.33 22.80
CA ARG E 116 -75.01 -10.52 22.06
C ARG E 116 -75.03 -10.16 20.58
N HIS E 117 -74.28 -10.91 19.77
CA HIS E 117 -74.09 -10.66 18.34
C HIS E 117 -74.03 -9.17 18.00
N LYS E 118 -73.17 -8.39 18.67
CA LYS E 118 -72.96 -6.98 18.33
C LYS E 118 -71.49 -6.56 18.40
N GLY E 119 -70.59 -7.44 18.79
CA GLY E 119 -69.22 -7.00 18.82
C GLY E 119 -68.65 -6.97 20.22
N ILE E 120 -67.40 -7.41 20.32
CA ILE E 120 -66.73 -7.62 21.59
C ILE E 120 -65.51 -6.74 21.70
N LYS E 121 -65.52 -5.90 22.74
CA LYS E 121 -64.36 -5.13 23.12
C LYS E 121 -63.45 -6.04 23.91
N SER E 122 -62.28 -5.53 24.30
CA SER E 122 -61.42 -6.27 25.20
C SER E 122 -60.29 -5.36 25.68
N TRP E 123 -59.93 -5.51 26.95
CA TRP E 123 -58.76 -4.84 27.46
C TRP E 123 -58.08 -5.82 28.41
N TYR E 124 -56.76 -5.88 28.35
CA TYR E 124 -56.00 -6.81 29.17
C TYR E 124 -55.20 -6.00 30.17
N PHE E 125 -54.83 -6.60 31.28
CA PHE E 125 -54.09 -5.83 32.27
C PHE E 125 -53.17 -6.74 33.08
N VAL E 126 -52.18 -6.12 33.72
CA VAL E 126 -51.22 -6.79 34.59
C VAL E 126 -50.74 -5.80 35.66
N ILE E 127 -50.86 -6.17 36.94
CA ILE E 127 -50.47 -5.28 38.03
C ILE E 127 -49.21 -5.81 38.68
N THR E 128 -48.05 -5.31 38.24
CA THR E 128 -46.78 -5.89 38.69
C THR E 128 -46.22 -5.16 39.90
N ASP E 129 -46.93 -4.16 40.42
CA ASP E 129 -46.43 -3.36 41.53
C ASP E 129 -46.73 -3.97 42.89
N ASN E 130 -47.25 -5.21 42.91
CA ASN E 130 -47.64 -5.86 44.16
C ASN E 130 -48.93 -5.38 44.80
N ARG E 131 -49.86 -4.83 44.02
CA ARG E 131 -51.18 -4.60 44.59
C ARG E 131 -52.04 -5.84 44.38
N ARG E 132 -52.87 -6.14 45.38
CA ARG E 132 -53.72 -7.31 45.37
C ARG E 132 -55.19 -6.92 45.39
N ILE E 133 -55.99 -7.52 44.50
CA ILE E 133 -57.42 -7.21 44.53
C ILE E 133 -58.00 -7.78 45.81
N GLY E 134 -58.53 -6.90 46.64
CA GLY E 134 -59.13 -7.28 47.89
C GLY E 134 -58.29 -6.99 49.12
N TYR E 135 -57.05 -6.52 48.95
CA TYR E 135 -56.27 -6.12 50.13
C TYR E 135 -55.79 -4.67 50.08
N ASP E 136 -55.24 -4.22 48.95
CA ASP E 136 -54.92 -2.81 48.76
C ASP E 136 -55.31 -2.35 47.36
N PHE E 137 -56.23 -3.06 46.72
CA PHE E 137 -56.71 -2.76 45.37
C PHE E 137 -58.07 -3.41 45.27
N GLU E 138 -58.92 -2.90 44.39
CA GLU E 138 -60.24 -3.49 44.27
C GLU E 138 -60.64 -3.42 42.80
N LEU E 139 -61.57 -4.30 42.39
CA LEU E 139 -62.00 -4.38 40.99
C LEU E 139 -63.40 -3.88 40.64
N ALA E 140 -64.32 -3.76 41.59
CA ALA E 140 -65.69 -3.31 41.36
C ALA E 140 -65.96 -2.27 42.42
N HIS E 141 -66.08 -1.02 42.01
CA HIS E 141 -66.32 0.07 42.95
C HIS E 141 -67.74 0.03 43.50
N SER E 142 -67.87 0.50 44.74
CA SER E 142 -69.14 0.57 45.43
C SER E 142 -69.88 1.85 45.11
N GLN E 143 -69.27 2.73 44.32
CA GLN E 143 -69.88 3.99 43.94
C GLN E 143 -71.29 3.72 43.41
N LEU E 144 -72.15 4.73 43.52
CA LEU E 144 -73.53 4.60 43.11
C LEU E 144 -74.29 3.67 44.06
N GLY E 145 -73.61 3.19 45.11
CA GLY E 145 -74.19 2.37 46.14
C GLY E 145 -74.05 0.86 45.93
N ASP E 146 -74.28 0.40 44.72
CA ASP E 146 -74.13 -1.01 44.40
C ASP E 146 -72.65 -1.29 44.11
N ARG E 147 -72.36 -2.46 43.58
CA ARG E 147 -71.01 -2.75 43.11
C ARG E 147 -71.06 -2.92 41.59
N VAL E 148 -70.23 -2.13 40.92
CA VAL E 148 -70.11 -2.06 39.48
C VAL E 148 -68.67 -2.41 39.10
N PRO E 149 -68.46 -3.42 38.28
CA PRO E 149 -67.08 -3.73 37.85
C PRO E 149 -66.50 -2.53 37.11
N PHE E 150 -65.19 -2.34 37.27
CA PHE E 150 -64.55 -1.18 36.67
C PHE E 150 -64.68 -1.22 35.16
N SER E 151 -64.84 -0.04 34.57
CA SER E 151 -64.76 0.05 33.14
C SER E 151 -63.31 0.19 32.73
N ALA E 152 -63.05 0.07 31.43
CA ALA E 152 -61.68 0.06 30.95
C ALA E 152 -60.92 1.27 31.49
N LYS E 153 -61.54 2.44 31.38
CA LYS E 153 -60.87 3.68 31.74
C LYS E 153 -60.57 3.72 33.24
N GLU E 154 -61.51 3.30 34.09
CA GLU E 154 -61.26 3.36 35.53
C GLU E 154 -60.12 2.42 35.92
N LEU E 155 -60.10 1.23 35.33
CA LEU E 155 -59.03 0.28 35.63
C LEU E 155 -57.68 0.83 35.17
N GLU E 156 -57.64 1.47 33.99
CA GLU E 156 -56.41 2.07 33.50
C GLU E 156 -55.96 3.19 34.41
N ASN E 157 -56.92 3.98 34.90
CA ASN E 157 -56.62 5.07 35.82
C ASN E 157 -56.01 4.54 37.11
N ARG E 158 -56.68 3.56 37.71
CA ARG E 158 -56.26 3.02 39.00
C ARG E 158 -54.89 2.35 38.89
N ILE E 159 -54.69 1.52 37.86
CA ILE E 159 -53.39 0.88 37.74
C ILE E 159 -52.33 1.92 37.37
N GLY E 160 -52.68 2.84 36.49
CA GLY E 160 -51.71 3.68 35.83
C GLY E 160 -50.55 2.88 35.25
N GLU E 161 -49.49 3.62 34.89
CA GLU E 161 -48.28 3.05 34.34
C GLU E 161 -47.49 2.19 35.32
N GLY E 162 -48.04 1.88 36.50
CA GLY E 162 -47.24 1.23 37.53
C GLY E 162 -47.52 -0.26 37.57
N GLY E 163 -48.62 -0.66 36.92
CA GLY E 163 -48.69 -1.87 36.14
C GLY E 163 -49.17 -1.51 34.76
N TYR E 164 -49.21 -2.49 33.87
CA TYR E 164 -49.57 -2.17 32.49
C TYR E 164 -51.02 -2.53 32.21
N VAL E 165 -51.62 -1.75 31.32
CA VAL E 165 -52.92 -2.04 30.72
C VAL E 165 -52.74 -1.90 29.22
N VAL E 166 -53.19 -2.89 28.47
CA VAL E 166 -53.01 -2.93 27.03
C VAL E 166 -54.35 -3.26 26.39
N HIS E 167 -54.48 -2.92 25.11
CA HIS E 167 -55.75 -3.09 24.42
C HIS E 167 -55.63 -4.00 23.20
N THR E 168 -54.57 -4.79 23.10
CA THR E 168 -54.36 -5.71 21.99
C THR E 168 -53.81 -7.01 22.53
N GLN E 169 -54.33 -8.14 22.03
CA GLN E 169 -53.88 -9.43 22.54
C GLN E 169 -52.37 -9.54 22.43
N ARG E 170 -51.80 -9.04 21.32
CA ARG E 170 -50.36 -9.10 21.12
C ARG E 170 -49.59 -8.41 22.24
N GLU E 171 -49.98 -7.19 22.58
CA GLU E 171 -49.25 -6.50 23.63
C GLU E 171 -49.35 -7.23 24.96
N TYR E 172 -50.54 -7.73 25.29
CA TYR E 172 -50.72 -8.45 26.54
C TYR E 172 -49.86 -9.71 26.57
N MET E 173 -49.87 -10.48 25.48
CA MET E 173 -49.09 -11.71 25.43
C MET E 173 -47.60 -11.42 25.51
N GLU E 174 -47.12 -10.39 24.80
CA GLU E 174 -45.71 -10.04 24.90
C GLU E 174 -45.35 -9.66 26.32
N LEU E 175 -46.22 -8.87 26.96
CA LEU E 175 -45.97 -8.48 28.34
C LEU E 175 -45.92 -9.70 29.25
N VAL E 176 -46.92 -10.58 29.11
CA VAL E 176 -47.00 -11.75 29.97
C VAL E 176 -45.77 -12.62 29.81
N ASN E 177 -45.37 -12.90 28.57
CA ASN E 177 -44.17 -13.69 28.40
C ASN E 177 -42.99 -13.00 29.08
N LYS E 178 -42.75 -11.74 28.72
CA LYS E 178 -41.59 -11.01 29.22
C LYS E 178 -41.51 -11.03 30.74
N TYR E 179 -42.64 -10.82 31.41
CA TYR E 179 -42.68 -10.72 32.86
C TYR E 179 -42.79 -12.06 33.56
N ILE E 180 -43.81 -12.85 33.25
CA ILE E 180 -44.14 -14.08 33.97
C ILE E 180 -43.24 -15.21 33.47
N PHE E 181 -43.26 -15.48 32.17
CA PHE E 181 -42.68 -16.74 31.70
C PHE E 181 -41.21 -16.70 31.28
N GLY E 182 -40.75 -15.61 30.68
CA GLY E 182 -39.35 -15.47 30.30
C GLY E 182 -38.77 -16.46 29.30
N PHE E 183 -39.57 -16.89 28.35
CA PHE E 183 -39.06 -17.68 27.24
C PHE E 183 -37.99 -16.88 26.51
N GLN E 184 -36.99 -17.58 25.98
CA GLN E 184 -35.92 -16.89 25.27
C GLN E 184 -36.37 -16.47 23.89
N SER E 185 -37.65 -16.66 23.59
CA SER E 185 -38.24 -16.20 22.35
C SER E 185 -39.74 -16.19 22.55
N ASN E 186 -40.43 -15.34 21.79
CA ASN E 186 -41.89 -15.32 21.89
C ASN E 186 -42.48 -16.53 21.19
N GLU E 187 -41.84 -16.97 20.12
CA GLU E 187 -42.34 -18.09 19.35
C GLU E 187 -42.40 -19.33 20.23
N ALA E 188 -41.34 -19.56 21.01
CA ALA E 188 -41.32 -20.71 21.90
C ALA E 188 -42.47 -20.64 22.89
N TYR E 189 -42.74 -19.45 23.45
CA TYR E 189 -43.88 -19.32 24.35
C TYR E 189 -45.20 -19.66 23.68
N GLU E 190 -45.43 -19.14 22.47
CA GLU E 190 -46.68 -19.48 21.81
C GLU E 190 -46.77 -20.97 21.51
N ASP E 191 -45.69 -21.58 21.05
CA ASP E 191 -45.70 -23.00 20.74
C ASP E 191 -45.86 -23.85 21.99
N LEU E 192 -45.22 -23.47 23.10
CA LEU E 192 -45.43 -24.19 24.35
C LEU E 192 -46.90 -24.17 24.70
N ILE E 193 -47.53 -22.99 24.60
CA ILE E 193 -48.94 -22.89 24.95
C ILE E 193 -49.76 -23.73 23.98
N LYS E 194 -49.30 -23.80 22.73
CA LYS E 194 -49.94 -24.64 21.75
C LYS E 194 -49.90 -26.09 22.20
N LEU E 195 -48.74 -26.52 22.72
CA LEU E 195 -48.59 -27.88 23.21
C LEU E 195 -49.53 -28.10 24.37
N LEU E 196 -49.65 -27.09 25.23
CA LEU E 196 -50.57 -27.17 26.36
C LEU E 196 -51.99 -27.36 25.87
N ILE E 197 -52.36 -26.67 24.79
CA ILE E 197 -53.70 -26.86 24.25
C ILE E 197 -53.91 -28.31 23.87
N GLN E 198 -52.92 -28.91 23.20
CA GLN E 198 -53.09 -30.31 22.84
C GLN E 198 -53.24 -31.12 24.11
N LEU E 199 -52.38 -30.86 25.09
CA LEU E 199 -52.48 -31.54 26.37
C LEU E 199 -53.89 -31.38 26.93
N ARG E 200 -54.47 -30.20 26.73
CA ARG E 200 -55.72 -29.83 27.35
C ARG E 200 -56.90 -30.31 26.50
N SER E 201 -56.66 -31.30 25.66
CA SER E 201 -57.75 -31.80 24.85
C SER E 201 -58.12 -33.18 25.35
N PRO E 202 -59.38 -33.62 25.33
CA PRO E 202 -59.70 -34.80 26.13
C PRO E 202 -59.48 -36.08 25.34
N LYS E 203 -59.02 -35.94 24.09
CA LYS E 203 -58.81 -37.10 23.23
C LYS E 203 -57.71 -37.97 23.78
N LEU E 204 -56.82 -37.38 24.59
CA LEU E 204 -55.74 -38.14 25.19
C LEU E 204 -56.31 -39.26 26.04
N SER E 205 -57.25 -38.93 26.91
CA SER E 205 -57.75 -39.88 27.88
C SER E 205 -58.36 -41.09 27.18
N LYS E 206 -58.91 -40.88 25.98
CA LYS E 206 -59.64 -41.87 25.22
C LYS E 206 -58.75 -42.62 24.23
N ASP E 207 -57.57 -42.07 23.92
CA ASP E 207 -56.63 -42.66 22.96
C ASP E 207 -55.67 -43.59 23.70
N PHE E 208 -56.22 -44.69 24.21
CA PHE E 208 -55.43 -45.55 25.09
C PHE E 208 -54.33 -46.41 24.49
N LYS E 209 -53.52 -45.90 23.56
CA LYS E 209 -52.39 -46.71 23.12
C LYS E 209 -51.34 -45.82 22.46
N PRO E 210 -50.09 -46.29 22.38
CA PRO E 210 -48.96 -45.45 21.96
C PRO E 210 -48.94 -44.79 20.59
N THR E 211 -49.34 -45.46 19.51
CA THR E 211 -49.12 -44.89 18.19
C THR E 211 -49.80 -43.54 17.95
N VAL E 212 -50.86 -43.22 18.70
CA VAL E 212 -51.35 -41.84 18.67
C VAL E 212 -50.33 -40.86 19.22
N ILE E 213 -49.68 -41.24 20.32
CA ILE E 213 -48.69 -40.41 21.01
C ILE E 213 -47.49 -40.05 20.14
N TYR E 214 -46.99 -40.97 19.32
CA TYR E 214 -45.84 -40.62 18.48
C TYR E 214 -46.19 -39.49 17.53
N GLU E 215 -47.38 -39.52 16.94
CA GLU E 215 -47.80 -38.44 16.06
C GLU E 215 -47.93 -37.14 16.84
N ILE E 216 -48.46 -37.24 18.07
CA ILE E 216 -48.65 -36.07 18.91
C ILE E 216 -47.31 -35.42 19.23
N LEU E 217 -46.33 -36.22 19.65
CA LEU E 217 -45.00 -35.69 19.93
C LEU E 217 -44.39 -35.10 18.68
N GLU E 218 -44.43 -35.83 17.57
CA GLU E 218 -43.84 -35.32 16.35
C GLU E 218 -44.43 -33.96 15.99
N SER E 219 -45.71 -33.76 16.29
CA SER E 219 -46.30 -32.46 16.03
C SER E 219 -45.83 -31.39 17.00
N ALA E 220 -45.25 -31.79 18.12
CA ALA E 220 -44.82 -30.82 19.12
C ALA E 220 -43.55 -30.08 18.72
N LEU E 221 -42.72 -30.74 17.95
CA LEU E 221 -41.44 -30.25 17.47
C LEU E 221 -41.64 -29.02 16.60
N PRO E 222 -40.79 -28.01 16.70
CA PRO E 222 -40.97 -26.78 15.91
C PRO E 222 -40.48 -26.96 14.49
N PRO E 223 -41.32 -26.66 13.50
CA PRO E 223 -40.91 -26.83 12.10
C PRO E 223 -40.08 -25.69 11.54
N LEU E 224 -39.81 -25.76 10.24
CA LEU E 224 -39.08 -24.74 9.51
C LEU E 224 -39.86 -23.44 9.25
N THR E 225 -39.43 -22.40 9.93
CA THR E 225 -39.88 -21.02 9.79
C THR E 225 -39.60 -20.51 8.36
N ASP E 226 -40.50 -19.67 7.88
CA ASP E 226 -40.51 -19.29 6.47
C ASP E 226 -39.16 -18.75 6.04
N ASP E 227 -38.36 -18.23 6.97
CA ASP E 227 -37.06 -17.68 6.62
C ASP E 227 -36.17 -18.73 5.98
N GLU E 228 -36.09 -19.92 6.56
CA GLU E 228 -35.18 -20.93 6.02
C GLU E 228 -35.57 -21.37 4.61
N LEU E 229 -36.62 -20.80 4.01
CA LEU E 229 -36.99 -21.12 2.65
C LEU E 229 -36.64 -19.92 1.77
N ARG E 230 -37.29 -18.80 2.07
CA ARG E 230 -36.85 -17.45 1.70
C ARG E 230 -36.11 -17.26 0.38
N HIS E 231 -34.81 -16.97 0.50
CA HIS E 231 -33.94 -16.73 -0.65
C HIS E 231 -33.90 -17.89 -1.63
N LEU E 232 -33.73 -19.11 -1.14
CA LEU E 232 -33.62 -20.25 -2.05
C LEU E 232 -34.90 -20.45 -2.85
N SER E 233 -36.04 -20.45 -2.16
CA SER E 233 -37.30 -20.68 -2.84
C SER E 233 -37.60 -19.57 -3.83
N ASP E 234 -37.37 -18.32 -3.42
CA ASP E 234 -37.61 -17.20 -4.34
C ASP E 234 -36.74 -17.33 -5.57
N THR E 235 -35.45 -17.59 -5.38
CA THR E 235 -34.52 -17.66 -6.51
C THR E 235 -34.89 -18.79 -7.45
N ILE E 236 -35.20 -19.99 -6.91
CA ILE E 236 -35.50 -21.11 -7.79
C ILE E 236 -36.80 -20.85 -8.55
N GLU E 237 -37.80 -20.30 -7.85
CA GLU E 237 -39.06 -19.98 -8.52
C GLU E 237 -38.87 -18.95 -9.62
N SER E 238 -38.07 -17.92 -9.37
CA SER E 238 -37.78 -16.89 -10.35
C SER E 238 -37.04 -17.48 -11.54
N MET E 239 -36.08 -18.37 -11.25
CA MET E 239 -35.28 -18.99 -12.28
C MET E 239 -36.10 -19.86 -13.22
N ASP E 240 -37.03 -20.66 -12.69
CA ASP E 240 -37.83 -21.47 -13.60
C ASP E 240 -38.72 -20.57 -14.47
N GLN E 241 -39.21 -19.47 -13.91
CA GLN E 241 -39.95 -18.50 -14.71
C GLN E 241 -39.08 -17.91 -15.80
N THR E 242 -37.83 -17.56 -15.48
CA THR E 242 -36.92 -17.03 -16.49
C THR E 242 -36.72 -18.05 -17.60
N GLN E 243 -36.54 -19.32 -17.24
CA GLN E 243 -36.36 -20.35 -18.25
C GLN E 243 -37.58 -20.42 -19.15
N GLN E 244 -38.77 -20.39 -18.54
CA GLN E 244 -40.00 -20.45 -19.32
C GLN E 244 -40.13 -19.23 -20.24
N GLN E 245 -39.76 -18.05 -19.75
CA GLN E 245 -39.82 -16.86 -20.60
C GLN E 245 -38.87 -16.96 -21.77
N LEU E 246 -37.66 -17.47 -21.53
CA LEU E 246 -36.70 -17.64 -22.63
C LEU E 246 -37.22 -18.65 -23.65
N GLU E 247 -37.84 -19.72 -23.17
CA GLU E 247 -38.39 -20.70 -24.09
C GLU E 247 -39.55 -20.12 -24.89
N GLN E 248 -40.39 -19.31 -24.24
CA GLN E 248 -41.46 -18.64 -24.95
C GLN E 248 -40.91 -17.70 -26.01
N LEU E 249 -39.89 -16.92 -25.67
CA LEU E 249 -39.32 -16.01 -26.65
C LEU E 249 -38.72 -16.77 -27.83
N GLU E 250 -38.02 -17.87 -27.55
CA GLU E 250 -37.44 -18.64 -28.65
C GLU E 250 -38.52 -19.25 -29.53
N ARG E 251 -39.58 -19.76 -28.92
CA ARG E 251 -40.70 -20.30 -29.68
C ARG E 251 -41.32 -19.23 -30.57
N GLU E 252 -41.60 -18.06 -29.99
CA GLU E 252 -42.21 -16.98 -30.75
C GLU E 252 -41.28 -16.54 -31.87
N PHE E 253 -39.98 -16.48 -31.60
CA PHE E 253 -39.03 -16.09 -32.62
C PHE E 253 -38.99 -17.08 -33.75
N ALA E 254 -39.04 -18.38 -33.44
CA ALA E 254 -39.06 -19.39 -34.49
C ALA E 254 -40.31 -19.24 -35.33
N SER E 255 -41.45 -19.02 -34.68
CA SER E 255 -42.68 -18.80 -35.42
C SER E 255 -42.57 -17.57 -36.31
N SER E 256 -42.01 -16.49 -35.77
CA SER E 256 -41.81 -15.28 -36.57
C SER E 256 -40.87 -15.53 -37.73
N SER E 257 -39.84 -16.35 -37.53
CA SER E 257 -38.92 -16.68 -38.62
C SER E 257 -39.65 -17.42 -39.72
N ARG E 258 -40.43 -18.44 -39.35
CA ARG E 258 -41.20 -19.17 -40.35
C ARG E 258 -42.13 -18.22 -41.09
N LEU E 259 -42.83 -17.37 -40.36
CA LEU E 259 -43.78 -16.44 -40.97
C LEU E 259 -43.07 -15.50 -41.92
N VAL E 260 -41.94 -14.94 -41.48
CA VAL E 260 -41.24 -13.95 -42.29
C VAL E 260 -40.66 -14.60 -43.54
N ASN E 261 -40.15 -15.83 -43.43
CA ASN E 261 -39.64 -16.48 -44.61
C ASN E 261 -40.76 -16.74 -45.61
N GLN E 262 -41.90 -17.23 -45.13
CA GLN E 262 -43.03 -17.45 -46.04
C GLN E 262 -43.50 -16.14 -46.64
N TYR E 263 -43.60 -15.09 -45.81
CA TYR E 263 -44.07 -13.79 -46.26
C TYR E 263 -43.10 -13.18 -47.26
N HIS E 264 -41.80 -13.38 -47.05
CA HIS E 264 -40.80 -12.84 -47.97
C HIS E 264 -40.84 -13.59 -49.30
N SER E 265 -41.06 -14.90 -49.26
CA SER E 265 -41.27 -15.63 -50.50
C SER E 265 -42.50 -15.10 -51.21
N TYR E 266 -43.58 -14.87 -50.45
CA TYR E 266 -44.80 -14.32 -51.02
C TYR E 266 -44.56 -12.96 -51.67
N ASN E 267 -43.82 -12.08 -50.98
CA ASN E 267 -43.56 -10.75 -51.49
C ASN E 267 -42.63 -10.81 -52.70
N GLN E 268 -41.64 -11.69 -52.66
CA GLN E 268 -40.81 -11.92 -53.83
C GLN E 268 -41.68 -12.30 -55.01
N TYR E 269 -42.65 -13.18 -54.78
CA TYR E 269 -43.53 -13.61 -55.87
C TYR E 269 -44.38 -12.45 -56.37
N ILE E 270 -44.91 -11.64 -55.45
CA ILE E 270 -45.72 -10.50 -55.85
C ILE E 270 -44.90 -9.55 -56.71
N LEU E 271 -43.71 -9.19 -56.24
CA LEU E 271 -42.87 -8.26 -56.98
C LEU E 271 -42.46 -8.86 -58.31
N ALA E 272 -42.12 -10.15 -58.31
CA ALA E 272 -41.72 -10.81 -59.54
C ALA E 272 -42.85 -10.83 -60.55
N GLU E 273 -44.06 -11.11 -60.11
CA GLU E 273 -45.20 -11.16 -61.03
C GLU E 273 -45.49 -9.78 -61.59
N ARG E 274 -45.46 -8.77 -60.73
CA ARG E 274 -45.70 -7.41 -61.19
C ARG E 274 -44.60 -6.98 -62.15
N ALA E 275 -43.35 -7.37 -61.86
CA ALA E 275 -42.25 -7.08 -62.76
C ALA E 275 -42.39 -7.79 -64.10
N GLY E 276 -42.82 -9.05 -64.09
CA GLY E 276 -43.01 -9.76 -65.35
C GLY E 276 -44.06 -9.10 -66.21
N LYS E 277 -45.19 -8.73 -65.60
CA LYS E 277 -46.22 -8.03 -66.34
C LYS E 277 -45.72 -6.67 -66.80
N TRP E 278 -44.97 -5.99 -65.94
CA TRP E 278 -44.37 -4.71 -66.29
C TRP E 278 -43.48 -4.88 -67.50
N GLN E 279 -42.68 -5.95 -67.51
CA GLN E 279 -41.80 -6.21 -68.64
C GLN E 279 -42.61 -6.44 -69.90
N ASP E 280 -43.72 -7.18 -69.78
CA ASP E 280 -44.55 -7.39 -70.95
C ASP E 280 -45.10 -6.07 -71.46
N ALA E 281 -45.54 -5.22 -70.53
CA ALA E 281 -46.05 -3.91 -70.93
C ALA E 281 -44.98 -3.08 -71.62
N LEU E 282 -43.78 -3.05 -71.04
CA LEU E 282 -42.69 -2.27 -71.63
C LEU E 282 -42.26 -2.82 -72.98
N LYS E 283 -42.18 -4.15 -73.09
CA LYS E 283 -41.84 -4.79 -74.35
C LYS E 283 -42.85 -4.38 -75.40
N ARG E 284 -44.14 -4.55 -75.09
CA ARG E 284 -45.17 -4.20 -76.05
C ARG E 284 -45.15 -2.72 -76.36
N TYR E 285 -44.90 -1.86 -75.37
CA TYR E 285 -44.85 -0.43 -75.65
C TYR E 285 -43.69 -0.10 -76.58
N THR E 286 -42.53 -0.71 -76.36
CA THR E 286 -41.39 -0.48 -77.23
C THR E 286 -41.67 -0.99 -78.63
N VAL E 287 -42.26 -2.18 -78.72
CA VAL E 287 -42.66 -2.73 -80.01
C VAL E 287 -43.65 -1.80 -80.68
N ALA E 288 -44.58 -1.27 -79.91
CA ALA E 288 -45.57 -0.35 -80.43
C ALA E 288 -44.90 0.91 -80.94
N GLU E 289 -43.91 1.42 -80.22
CA GLU E 289 -43.21 2.61 -80.68
C GLU E 289 -42.49 2.32 -81.99
N GLU E 290 -41.83 1.17 -82.09
CA GLU E 290 -41.20 0.78 -83.35
C GLU E 290 -42.24 0.73 -84.45
N HIS E 291 -43.39 0.11 -84.17
CA HIS E 291 -44.47 0.03 -85.15
C HIS E 291 -44.93 1.42 -85.54
N VAL E 292 -45.08 2.30 -84.55
CA VAL E 292 -45.53 3.66 -84.78
C VAL E 292 -44.56 4.36 -85.70
N LYS E 293 -43.26 4.22 -85.41
CA LYS E 293 -42.24 4.86 -86.21
C LYS E 293 -42.30 4.33 -87.63
N GLY E 294 -42.40 3.01 -87.78
CA GLY E 294 -42.42 2.43 -89.11
C GLY E 294 -43.63 2.91 -89.89
N LEU E 295 -44.80 2.93 -89.24
CA LEU E 295 -46.01 3.37 -89.90
C LEU E 295 -45.97 4.87 -90.17
N THR E 296 -45.31 5.64 -89.31
CA THR E 296 -45.12 7.06 -89.58
C THR E 296 -44.26 7.25 -90.80
N ALA E 297 -43.19 6.46 -90.90
CA ALA E 297 -42.34 6.53 -92.07
C ALA E 297 -43.12 6.17 -93.32
N GLN E 298 -43.92 5.09 -93.23
CA GLN E 298 -44.72 4.69 -94.38
C GLN E 298 -45.74 5.74 -94.73
N ASP E 299 -46.35 6.37 -93.73
CA ASP E 299 -47.30 7.44 -93.99
C ASP E 299 -46.63 8.62 -94.67
N GLU E 300 -45.45 9.00 -94.20
CA GLU E 300 -44.70 10.08 -94.84
C GLU E 300 -44.35 9.73 -96.27
N GLU E 301 -43.87 8.49 -96.47
CA GLU E 301 -43.52 8.04 -97.81
C GLU E 301 -44.74 8.08 -98.72
N LEU E 302 -45.88 7.59 -98.23
CA LEU E 302 -47.09 7.56 -99.03
C LEU E 302 -47.57 8.97 -99.31
N THR E 303 -47.46 9.86 -98.32
CA THR E 303 -47.83 11.25 -98.52
C THR E 303 -46.99 11.85 -99.65
N GLN E 304 -45.68 11.69 -99.55
CA GLN E 304 -44.79 12.23 -100.58
C GLN E 304 -45.09 11.61 -101.93
N GLU E 305 -45.28 10.29 -101.98
CA GLU E 305 -45.52 9.62 -103.24
C GLU E 305 -46.83 10.07 -103.87
N ILE E 306 -47.90 10.13 -103.08
CA ILE E 306 -49.20 10.56 -103.58
C ILE E 306 -49.11 12.00 -104.05
N LYS E 307 -48.41 12.83 -103.28
CA LYS E 307 -48.21 14.23 -103.64
C LYS E 307 -47.50 14.33 -104.98
N GLN E 308 -46.41 13.58 -105.14
CA GLN E 308 -45.64 13.63 -106.37
C GLN E 308 -46.46 13.08 -107.53
N GLU E 309 -47.26 12.03 -107.28
CA GLU E 309 -48.10 11.47 -108.33
C GLU E 309 -49.18 12.45 -108.76
N GLU E 310 -49.76 13.17 -107.80
CA GLU E 310 -50.74 14.19 -108.16
C GLU E 310 -50.07 15.31 -108.95
N GLU E 311 -48.86 15.69 -108.56
CA GLU E 311 -48.13 16.71 -109.30
C GLU E 311 -47.86 16.24 -110.72
N GLN E 312 -47.44 14.99 -110.87
CA GLN E 312 -47.18 14.46 -112.20
C GLN E 312 -48.46 14.35 -113.02
N LYS E 313 -49.58 14.00 -112.39
CA LYS E 313 -50.85 14.01 -113.12
C LYS E 313 -51.18 15.40 -113.62
N GLN E 314 -51.00 16.41 -112.78
CA GLN E 314 -51.26 17.77 -113.20
C GLN E 314 -50.27 18.20 -114.30
N GLN E 315 -49.02 17.77 -114.19
CA GLN E 315 -48.02 18.04 -115.23
C GLN E 315 -48.46 17.43 -116.55
N PHE E 316 -48.90 16.17 -116.52
CA PHE E 316 -49.38 15.51 -117.72
C PHE E 316 -50.60 16.23 -118.24
N ALA E 317 -51.46 16.72 -117.33
CA ALA E 317 -52.63 17.48 -117.74
C ALA E 317 -52.19 18.74 -118.47
N GLN E 318 -51.17 19.42 -117.96
CA GLN E 318 -50.64 20.60 -118.66
C GLN E 318 -50.18 20.21 -120.05
N GLN E 319 -49.40 19.13 -120.14
CA GLN E 319 -48.88 18.69 -121.43
C GLN E 319 -50.03 18.35 -122.37
N GLN E 320 -51.06 17.68 -121.85
CA GLN E 320 -52.22 17.29 -122.64
C GLN E 320 -52.94 18.53 -123.15
N GLU E 321 -53.14 19.50 -122.27
CA GLU E 321 -53.82 20.74 -122.65
C GLU E 321 -53.04 21.51 -123.69
N ILE E 322 -51.72 21.62 -123.51
CA ILE E 322 -50.90 22.34 -124.48
C ILE E 322 -50.91 21.62 -125.83
N ALA E 323 -50.92 20.29 -125.80
CA ALA E 323 -50.99 19.54 -127.04
C ALA E 323 -52.33 19.78 -127.73
N LEU E 324 -53.41 19.80 -126.95
CA LEU E 324 -54.73 20.10 -127.50
C LEU E 324 -54.78 21.52 -128.07
N GLU E 325 -54.20 22.48 -127.35
CA GLU E 325 -54.18 23.86 -127.83
C GLU E 325 -53.42 23.96 -129.14
N GLU E 326 -52.28 23.29 -129.25
CA GLU E 326 -51.51 23.32 -130.48
C GLU E 326 -52.28 22.65 -131.60
N LYS E 327 -53.03 21.60 -131.26
CA LYS E 327 -53.93 20.94 -132.22
C LYS E 327 -55.03 21.87 -132.73
N LYS E 328 -55.67 22.63 -131.84
CA LYS E 328 -56.69 23.56 -132.29
C LYS E 328 -56.15 24.55 -133.31
N ARG E 329 -55.06 25.23 -132.99
CA ARG E 329 -54.50 26.24 -133.87
C ARG E 329 -53.88 25.66 -135.11
N LEU E 330 -53.41 24.41 -135.03
CA LEU E 330 -52.89 23.68 -136.18
C LEU E 330 -53.96 23.15 -137.12
N GLU E 331 -55.22 23.03 -136.70
CA GLU E 331 -56.17 22.39 -137.61
C GLU E 331 -56.58 23.34 -138.72
N ARG E 332 -57.25 24.44 -138.40
CA ARG E 332 -57.92 25.12 -139.51
C ARG E 332 -57.69 26.62 -139.36
N HIS E 333 -57.53 27.30 -140.49
CA HIS E 333 -57.50 28.77 -140.52
C HIS E 333 -56.42 29.25 -139.54
N GLU E 334 -55.24 28.65 -139.67
CA GLU E 334 -54.18 28.76 -138.65
C GLU E 334 -53.56 30.16 -138.54
N VAL E 335 -53.19 30.77 -139.66
CA VAL E 335 -52.35 31.97 -139.61
C VAL E 335 -53.05 33.14 -138.92
N TRP E 336 -54.21 33.56 -139.41
CA TRP E 336 -54.88 34.75 -138.89
C TRP E 336 -55.29 34.61 -137.43
N ASN E 337 -55.77 33.45 -137.01
CA ASN E 337 -56.13 33.24 -135.61
C ASN E 337 -54.94 33.45 -134.68
N LEU E 338 -53.75 32.99 -135.03
CA LEU E 338 -52.63 33.15 -134.12
C LEU E 338 -52.40 34.63 -133.81
N GLU E 339 -52.46 35.47 -134.86
CA GLU E 339 -52.24 36.90 -134.72
C GLU E 339 -53.41 37.57 -134.02
N GLU E 340 -54.64 37.10 -134.27
CA GLU E 340 -55.80 37.75 -133.67
C GLU E 340 -55.82 37.42 -132.19
N ASP E 341 -55.58 36.14 -131.88
CA ASP E 341 -55.76 35.63 -130.53
C ASP E 341 -54.75 36.31 -129.61
N LYS E 342 -53.53 36.51 -130.11
CA LYS E 342 -52.43 36.96 -129.26
C LYS E 342 -52.79 38.21 -128.46
N ARG E 343 -53.49 39.16 -129.07
CA ARG E 343 -53.88 40.37 -128.32
C ARG E 343 -54.84 40.04 -127.19
N LYS E 344 -55.86 39.24 -127.48
CA LYS E 344 -56.80 38.83 -126.45
C LYS E 344 -56.12 38.05 -125.34
N LYS E 345 -55.19 37.17 -125.72
CA LYS E 345 -54.48 36.37 -124.74
C LYS E 345 -53.66 37.27 -123.83
N ILE E 346 -53.00 38.28 -124.43
CA ILE E 346 -52.19 39.22 -123.66
C ILE E 346 -53.06 40.01 -122.70
N GLU E 347 -54.20 40.49 -123.18
CA GLU E 347 -55.09 41.24 -122.30
C GLU E 347 -55.58 40.38 -121.14
N ASN E 348 -55.91 39.11 -121.42
CA ASN E 348 -56.38 38.24 -120.34
C ASN E 348 -55.29 37.99 -119.32
N THR E 349 -54.05 37.78 -119.78
CA THR E 349 -52.95 37.60 -118.84
C THR E 349 -52.70 38.85 -117.99
N LYS E 350 -52.74 40.03 -118.62
CA LYS E 350 -52.57 41.27 -117.86
C LYS E 350 -53.68 41.46 -116.83
N SER E 351 -54.92 41.24 -117.24
CA SER E 351 -56.04 41.40 -116.31
C SER E 351 -55.94 40.42 -115.16
N LEU E 352 -55.57 39.18 -115.46
CA LEU E 352 -55.41 38.17 -114.42
C LEU E 352 -54.29 38.52 -113.46
N SER E 353 -53.18 39.06 -113.98
CA SER E 353 -52.10 39.50 -113.12
C SER E 353 -52.56 40.60 -112.18
N SER E 354 -53.28 41.60 -112.72
CA SER E 354 -53.74 42.69 -111.89
C SER E 354 -54.70 42.18 -110.81
N GLU E 355 -55.61 41.28 -111.17
CA GLU E 355 -56.55 40.77 -110.19
C GLU E 355 -55.85 39.91 -109.16
N ILE E 356 -54.84 39.13 -109.57
CA ILE E 356 -54.08 38.34 -108.62
C ILE E 356 -53.37 39.23 -107.61
N ASN E 357 -52.75 40.32 -108.08
CA ASN E 357 -52.10 41.24 -107.13
C ASN E 357 -53.11 41.91 -106.21
N SER E 358 -54.27 42.29 -106.74
CA SER E 358 -55.29 42.90 -105.90
C SER E 358 -55.75 41.93 -104.82
N LEU E 359 -56.03 40.69 -105.21
CA LEU E 359 -56.41 39.67 -104.25
C LEU E 359 -55.29 39.38 -103.26
N GLN E 360 -54.04 39.41 -103.71
CA GLN E 360 -52.94 39.22 -102.76
C GLN E 360 -52.92 40.32 -101.70
N LYS E 361 -53.08 41.58 -102.12
CA LYS E 361 -53.13 42.66 -101.13
C LYS E 361 -54.30 42.47 -100.16
N LYS E 362 -55.48 42.18 -100.69
CA LYS E 362 -56.64 41.99 -99.81
C LYS E 362 -56.38 40.83 -98.87
N TRP E 363 -55.80 39.76 -99.39
CA TRP E 363 -55.49 38.57 -98.61
C TRP E 363 -54.48 38.90 -97.52
N ASP E 364 -53.50 39.73 -97.84
CA ASP E 364 -52.52 40.13 -96.84
C ASP E 364 -53.17 40.98 -95.75
N HIS E 365 -54.08 41.87 -96.13
CA HIS E 365 -54.84 42.61 -95.13
C HIS E 365 -55.60 41.67 -94.23
N LYS E 366 -56.28 40.70 -94.83
CA LYS E 366 -57.03 39.71 -94.09
C LYS E 366 -56.12 38.90 -93.18
N ASN E 367 -54.94 38.49 -93.66
CA ASN E 367 -54.03 37.68 -92.87
C ASN E 367 -53.48 38.50 -91.70
N SER E 368 -53.19 39.77 -91.93
CA SER E 368 -52.74 40.64 -90.84
C SER E 368 -53.83 40.77 -89.80
N GLN E 369 -55.08 40.97 -90.22
CA GLN E 369 -56.18 41.05 -89.27
C GLN E 369 -56.37 39.71 -88.56
N TYR E 370 -56.16 38.60 -89.26
CA TYR E 370 -56.25 37.29 -88.65
C TYR E 370 -55.19 37.13 -87.57
N ASN E 371 -53.98 37.60 -87.86
CA ASN E 371 -52.90 37.58 -86.88
C ASN E 371 -53.24 38.48 -85.71
N ARG E 372 -53.86 39.62 -85.99
CA ARG E 372 -54.35 40.50 -84.95
C ARG E 372 -55.35 39.77 -84.07
N LEU E 373 -56.28 39.05 -84.68
CA LEU E 373 -57.25 38.28 -83.91
C LEU E 373 -56.54 37.23 -83.06
N TRP E 374 -55.47 36.64 -83.61
CA TRP E 374 -54.67 35.70 -82.84
C TRP E 374 -54.08 36.39 -81.62
N GLN E 375 -53.57 37.59 -81.82
CA GLN E 375 -53.04 38.40 -80.73
C GLN E 375 -54.13 38.74 -79.71
N GLU E 376 -55.31 39.10 -80.19
CA GLU E 376 -56.41 39.43 -79.29
C GLU E 376 -56.84 38.22 -78.49
N ARG E 377 -56.89 37.04 -79.13
CA ARG E 377 -57.22 35.83 -78.39
C ARG E 377 -56.15 35.57 -77.34
N GLU E 378 -54.88 35.81 -77.69
CA GLU E 378 -53.80 35.68 -76.73
C GLU E 378 -53.96 36.67 -75.59
N GLN E 379 -54.38 37.89 -75.89
CA GLN E 379 -54.63 38.89 -74.87
C GLN E 379 -55.76 38.47 -73.94
N SER E 380 -56.82 37.91 -74.52
CA SER E 380 -57.91 37.40 -73.69
C SER E 380 -57.37 36.28 -72.83
N GLN E 381 -56.48 35.47 -73.39
CA GLN E 381 -55.82 34.42 -72.63
C GLN E 381 -54.96 35.01 -71.53
N ASN E 382 -54.33 36.16 -71.77
CA ASN E 382 -53.58 36.83 -70.71
C ASN E 382 -54.51 37.21 -69.58
N GLN E 383 -55.66 37.79 -69.92
CA GLN E 383 -56.64 38.13 -68.90
C GLN E 383 -57.08 36.87 -68.17
N ILE E 384 -57.32 35.80 -68.92
CA ILE E 384 -57.73 34.54 -68.32
C ILE E 384 -56.66 34.01 -67.38
N ARG E 385 -55.40 34.05 -67.81
CA ARG E 385 -54.33 33.58 -66.95
C ARG E 385 -54.24 34.40 -65.68
N GLN E 386 -54.25 35.72 -65.79
CA GLN E 386 -54.15 36.55 -64.61
C GLN E 386 -55.34 36.34 -63.67
N HIS E 387 -56.54 36.40 -64.24
CA HIS E 387 -57.75 36.27 -63.43
C HIS E 387 -57.92 34.87 -62.88
N GLU E 388 -57.81 33.84 -63.72
CA GLU E 388 -58.02 32.48 -63.25
C GLU E 388 -57.00 32.13 -62.19
N SER E 389 -55.74 32.49 -62.44
CA SER E 389 -54.73 32.27 -61.42
C SER E 389 -55.18 32.90 -60.12
N GLY E 390 -55.69 34.14 -60.20
CA GLY E 390 -56.14 34.77 -59.00
C GLY E 390 -57.28 34.02 -58.36
N MET E 391 -58.31 33.65 -59.14
CA MET E 391 -59.41 32.91 -58.55
C MET E 391 -58.95 31.61 -57.93
N GLU E 392 -57.92 30.97 -58.49
CA GLU E 392 -57.40 29.75 -57.88
C GLU E 392 -56.86 30.06 -56.50
N ASP E 393 -56.08 31.13 -56.40
CA ASP E 393 -55.57 31.52 -55.09
C ASP E 393 -56.72 31.88 -54.18
N LEU E 394 -57.69 32.62 -54.71
CA LEU E 394 -58.88 32.99 -53.96
C LEU E 394 -59.63 31.76 -53.49
N LEU E 395 -59.62 30.72 -54.31
CA LEU E 395 -60.26 29.47 -53.92
C LEU E 395 -59.53 28.83 -52.77
N GLY E 396 -58.20 28.89 -52.78
CA GLY E 396 -57.45 28.42 -51.63
C GLY E 396 -57.83 29.22 -50.40
N GLU E 397 -57.90 30.54 -50.55
CA GLU E 397 -58.32 31.41 -49.44
C GLU E 397 -59.72 31.04 -48.97
N LEU E 398 -60.64 30.79 -49.91
CA LEU E 398 -62.01 30.47 -49.56
C LEU E 398 -62.07 29.14 -48.83
N GLN E 399 -61.26 28.18 -49.28
CA GLN E 399 -61.18 26.90 -48.58
C GLN E 399 -60.63 27.11 -47.19
N PHE E 400 -59.63 27.99 -47.05
CA PHE E 400 -59.09 28.29 -45.73
C PHE E 400 -60.16 28.87 -44.82
N ASP E 401 -60.96 29.79 -45.35
CA ASP E 401 -62.02 30.39 -44.56
C ASP E 401 -63.06 29.34 -44.21
N ALA E 402 -63.39 28.45 -45.16
CA ALA E 402 -64.32 27.37 -44.89
C ALA E 402 -63.79 26.45 -43.81
N GLU E 403 -62.49 26.14 -43.86
CA GLU E 403 -61.88 25.31 -42.84
C GLU E 403 -62.02 25.95 -41.47
N GLU E 404 -61.72 27.25 -41.39
CA GLU E 404 -61.85 27.94 -40.11
C GLU E 404 -63.30 27.90 -39.65
N ALA E 405 -64.23 28.21 -40.55
CA ALA E 405 -65.66 28.28 -40.26
C ALA E 405 -66.37 26.94 -40.38
N ALA E 406 -65.67 25.86 -40.68
CA ALA E 406 -66.28 24.54 -40.85
C ALA E 406 -67.42 24.57 -41.88
N PHE E 407 -67.13 25.10 -43.07
CA PHE E 407 -68.14 25.23 -44.13
C PHE E 407 -67.94 24.01 -45.04
N SER E 408 -68.67 22.93 -44.75
CA SER E 408 -68.50 21.71 -45.54
C SER E 408 -68.98 21.86 -46.97
N GLU E 409 -70.01 22.67 -47.18
CA GLU E 409 -70.56 22.88 -48.51
C GLU E 409 -69.57 23.57 -49.45
N HIS E 410 -68.54 24.26 -48.94
CA HIS E 410 -67.61 24.95 -49.83
C HIS E 410 -67.08 24.03 -50.92
N GLU E 411 -66.61 22.84 -50.56
CA GLU E 411 -66.11 21.91 -51.57
C GLU E 411 -67.20 21.54 -52.56
N VAL E 412 -68.38 21.17 -52.06
CA VAL E 412 -69.46 20.76 -52.95
C VAL E 412 -69.82 21.89 -53.90
N ASN E 413 -69.97 23.09 -53.35
CA ASN E 413 -70.31 24.25 -54.17
C ASN E 413 -69.18 24.59 -55.15
N VAL E 414 -67.93 24.48 -54.73
CA VAL E 414 -66.82 24.76 -55.64
C VAL E 414 -66.91 23.82 -56.83
N HIS E 415 -67.07 22.53 -56.56
CA HIS E 415 -67.14 21.57 -57.66
C HIS E 415 -68.38 21.82 -58.52
N ASP E 416 -69.53 22.08 -57.88
CA ASP E 416 -70.72 22.47 -58.63
C ASP E 416 -70.44 23.67 -59.51
N PHE E 417 -69.71 24.64 -58.97
CA PHE E 417 -69.26 25.79 -59.75
C PHE E 417 -68.35 25.36 -60.88
N GLU E 418 -67.58 24.29 -60.68
CA GLU E 418 -66.64 23.99 -61.73
C GLU E 418 -67.29 23.24 -62.86
N ARG E 419 -68.43 22.57 -62.64
CA ARG E 419 -69.04 21.99 -63.82
C ARG E 419 -69.87 23.04 -64.55
N HIS E 420 -70.11 24.19 -63.89
CA HIS E 420 -70.57 25.42 -64.49
C HIS E 420 -69.49 26.49 -64.69
N GLN E 421 -68.20 26.17 -64.56
CA GLN E 421 -67.20 27.10 -65.07
C GLN E 421 -67.41 27.43 -66.54
N GLU E 422 -68.17 26.62 -67.27
CA GLU E 422 -68.49 26.90 -68.66
C GLU E 422 -69.88 27.50 -68.84
N GLU E 423 -70.63 27.75 -67.77
CA GLU E 423 -72.01 28.22 -67.88
C GLU E 423 -72.15 29.49 -67.05
N GLU E 424 -73.30 30.15 -67.17
CA GLU E 424 -73.62 31.31 -66.34
C GLU E 424 -73.96 30.95 -64.89
N PHE E 425 -72.94 30.56 -64.13
CA PHE E 425 -73.22 29.97 -62.81
C PHE E 425 -73.86 31.03 -61.92
N ASP E 426 -74.82 30.61 -61.10
CA ASP E 426 -75.49 31.50 -60.16
C ASP E 426 -74.84 31.33 -58.79
N PHE E 427 -74.22 32.39 -58.28
CA PHE E 427 -73.54 32.30 -56.98
C PHE E 427 -74.49 32.64 -55.84
N SER E 428 -75.72 33.03 -56.16
CA SER E 428 -76.66 33.51 -55.16
C SER E 428 -76.85 32.49 -54.05
N ILE E 429 -77.01 31.22 -54.41
CA ILE E 429 -77.26 30.15 -53.46
C ILE E 429 -76.07 29.90 -52.57
N TRP E 430 -74.87 29.98 -53.13
CA TRP E 430 -73.67 29.80 -52.33
C TRP E 430 -73.57 30.90 -51.30
N ILE E 431 -73.84 32.14 -51.72
CA ILE E 431 -73.80 33.27 -50.81
C ILE E 431 -74.87 33.11 -49.73
N GLY E 432 -76.05 32.66 -50.12
CA GLY E 432 -77.10 32.43 -49.14
C GLY E 432 -76.69 31.39 -48.12
N GLU E 433 -76.01 30.34 -48.58
CA GLU E 433 -75.57 29.30 -47.65
C GLU E 433 -74.56 29.84 -46.66
N ILE E 434 -73.58 30.63 -47.14
CA ILE E 434 -72.61 31.17 -46.21
C ILE E 434 -73.25 32.18 -45.27
N GLY E 435 -74.23 32.94 -45.76
CA GLY E 435 -74.93 33.86 -44.87
C GLY E 435 -75.71 33.16 -43.77
N SER E 436 -76.42 32.09 -44.12
CA SER E 436 -77.13 31.32 -43.10
C SER E 436 -76.17 30.70 -42.12
N HIS E 437 -75.05 30.18 -42.60
CA HIS E 437 -74.05 29.60 -41.72
C HIS E 437 -73.51 30.64 -40.75
N GLU E 438 -73.22 31.84 -41.26
CA GLU E 438 -72.72 32.93 -40.41
C GLU E 438 -73.76 33.36 -39.39
N GLN E 439 -75.04 33.40 -39.80
CA GLN E 439 -76.11 33.74 -38.87
C GLN E 439 -76.18 32.73 -37.75
N LEU E 440 -76.01 31.45 -38.10
CA LEU E 440 -75.99 30.41 -37.09
C LEU E 440 -74.87 30.68 -36.09
N LEU E 441 -73.71 31.09 -36.58
CA LEU E 441 -72.60 31.41 -35.68
C LEU E 441 -72.98 32.56 -34.76
N ALA E 442 -73.71 33.54 -35.28
CA ALA E 442 -74.17 34.64 -34.44
C ALA E 442 -75.08 34.12 -33.32
N ASN E 443 -76.00 33.23 -33.68
CA ASN E 443 -76.92 32.68 -32.69
C ASN E 443 -76.13 31.91 -31.63
N LEU E 444 -75.17 31.11 -32.06
CA LEU E 444 -74.35 30.36 -31.11
C LEU E 444 -73.53 31.30 -30.25
N ASN E 445 -73.12 32.45 -30.81
CA ASN E 445 -72.40 33.46 -30.05
C ASN E 445 -73.26 34.02 -28.94
N GLN E 446 -74.54 34.24 -29.23
CA GLN E 446 -75.46 34.69 -28.19
C GLN E 446 -75.53 33.66 -27.06
N LEU E 447 -75.61 32.39 -27.41
CA LEU E 447 -75.62 31.35 -26.39
C LEU E 447 -74.32 31.39 -25.60
N ALA E 448 -73.19 31.63 -26.29
CA ALA E 448 -71.89 31.70 -25.62
C ALA E 448 -71.84 32.83 -24.60
N ASP E 449 -72.37 33.99 -24.94
CA ASP E 449 -72.39 35.08 -23.96
C ASP E 449 -73.26 34.70 -22.78
N GLU E 450 -74.41 34.08 -23.05
CA GLU E 450 -75.23 33.66 -21.92
C GLU E 450 -74.45 32.67 -21.05
N GLU E 451 -73.75 31.72 -21.65
CA GLU E 451 -72.99 30.76 -20.88
C GLU E 451 -71.86 31.39 -20.08
N ASN E 452 -71.12 32.35 -20.66
CA ASN E 452 -70.05 32.96 -19.88
C ASN E 452 -70.60 33.77 -18.71
N ARG E 453 -71.69 34.51 -18.95
CA ARG E 453 -72.33 35.26 -17.88
C ARG E 453 -72.80 34.32 -16.78
N LEU E 454 -73.54 33.29 -17.16
CA LEU E 454 -74.03 32.32 -16.20
C LEU E 454 -72.86 31.62 -15.53
N SER E 455 -71.75 31.47 -16.23
CA SER E 455 -70.60 30.85 -15.62
C SER E 455 -70.09 31.71 -14.47
N GLU E 456 -70.04 33.02 -14.70
CA GLU E 456 -69.64 33.91 -13.62
C GLU E 456 -70.63 33.89 -12.46
N GLU E 457 -71.93 34.00 -12.74
CA GLU E 457 -72.88 33.95 -11.63
C GLU E 457 -72.84 32.63 -10.86
N HIS E 458 -72.77 31.50 -11.57
CA HIS E 458 -72.81 30.23 -10.85
C HIS E 458 -71.53 30.04 -10.05
N ASN E 459 -70.39 30.49 -10.57
CA ASN E 459 -69.15 30.44 -9.80
C ASN E 459 -69.27 31.31 -8.56
N ARG E 460 -69.85 32.49 -8.70
CA ARG E 460 -70.09 33.34 -7.53
C ARG E 460 -70.92 32.56 -6.52
N LEU E 461 -72.00 31.95 -6.99
CA LEU E 461 -72.89 31.19 -6.12
C LEU E 461 -72.16 30.01 -5.52
N GLN E 462 -71.31 29.35 -6.31
CA GLN E 462 -70.55 28.22 -5.80
C GLN E 462 -69.66 28.65 -4.67
N ARG E 463 -68.98 29.79 -4.83
CA ARG E 463 -68.12 30.27 -3.77
C ARG E 463 -68.94 30.61 -2.53
N GLN E 464 -70.09 31.25 -2.73
CA GLN E 464 -70.95 31.57 -1.60
C GLN E 464 -71.44 30.32 -0.90
N SER E 465 -71.93 29.35 -1.69
CA SER E 465 -72.46 28.12 -1.12
C SER E 465 -71.38 27.31 -0.43
N SER E 466 -70.19 27.26 -1.03
CA SER E 466 -69.09 26.53 -0.42
C SER E 466 -68.65 27.21 0.86
N GLU E 467 -68.64 28.54 0.87
CA GLU E 467 -68.29 29.26 2.08
C GLU E 467 -69.31 28.99 3.18
N LYS E 468 -70.60 29.03 2.82
CA LYS E 468 -71.62 28.73 3.81
C LYS E 468 -71.55 27.28 4.26
N LYS E 469 -71.23 26.36 3.34
CA LYS E 469 -71.02 24.98 3.72
C LYS E 469 -69.85 24.85 4.67
N LYS E 470 -68.77 25.58 4.40
CA LYS E 470 -67.62 25.60 5.29
C LYS E 470 -68.02 26.10 6.65
N GLU E 471 -68.79 27.19 6.67
CA GLU E 471 -69.25 27.77 7.91
C GLU E 471 -70.12 26.78 8.68
N VAL E 472 -71.06 26.15 7.98
CA VAL E 472 -71.96 25.21 8.63
C VAL E 472 -71.20 24.02 9.17
N ASP E 473 -70.28 23.49 8.37
CA ASP E 473 -69.51 22.33 8.80
C ASP E 473 -68.53 22.67 9.91
N ALA E 474 -67.92 23.86 9.85
CA ALA E 474 -67.05 24.25 10.95
C ALA E 474 -67.84 24.36 12.23
N ILE E 475 -69.02 25.00 12.16
CA ILE E 475 -69.84 25.09 13.35
C ILE E 475 -70.27 23.70 13.80
N ARG E 476 -70.63 22.84 12.85
CA ARG E 476 -71.05 21.50 13.21
C ARG E 476 -69.94 20.67 13.82
N LYS E 477 -68.73 20.73 13.27
CA LYS E 477 -67.62 20.01 13.86
C LYS E 477 -67.29 20.51 15.25
N ASN E 478 -67.26 21.84 15.39
CA ASN E 478 -66.98 22.42 16.70
C ASN E 478 -68.07 22.09 17.69
N LEU E 479 -69.33 22.18 17.24
CA LEU E 479 -70.46 21.88 18.10
C LEU E 479 -70.51 20.43 18.50
N ASP E 480 -70.27 19.52 17.57
CA ASP E 480 -70.26 18.11 17.93
C ASP E 480 -69.14 17.82 18.92
N HIS E 481 -67.95 18.37 18.67
CA HIS E 481 -66.87 18.19 19.62
C HIS E 481 -67.23 18.77 20.97
N LEU E 482 -67.82 19.97 20.97
CA LEU E 482 -68.25 20.63 22.19
C LEU E 482 -69.35 19.83 22.87
N ALA E 483 -70.26 19.23 22.11
CA ALA E 483 -71.32 18.43 22.68
C ALA E 483 -70.71 17.24 23.40
N ASP E 484 -69.73 16.61 22.77
CA ASP E 484 -69.01 15.52 23.42
C ASP E 484 -68.35 16.05 24.68
N TRP E 485 -67.76 17.24 24.58
CA TRP E 485 -67.12 17.87 25.72
C TRP E 485 -68.13 18.09 26.83
N PHE E 486 -69.36 18.45 26.45
CA PHE E 486 -70.43 18.73 27.40
C PHE E 486 -70.89 17.45 28.07
N THR E 487 -70.95 16.36 27.31
CA THR E 487 -71.25 15.07 27.90
C THR E 487 -70.16 14.68 28.88
N GLU E 488 -68.90 14.87 28.47
CA GLU E 488 -67.77 14.60 29.33
C GLU E 488 -67.85 15.45 30.59
N GLU E 489 -68.22 16.71 30.43
CA GLU E 489 -68.32 17.61 31.56
C GLU E 489 -69.41 17.13 32.50
N LYS E 490 -70.51 16.63 31.95
CA LYS E 490 -71.57 16.08 32.79
C LYS E 490 -71.03 14.90 33.57
N GLN E 491 -70.26 14.04 32.92
CA GLN E 491 -69.62 12.93 33.61
C GLN E 491 -68.69 13.43 34.69
N ARG E 492 -67.93 14.47 34.40
CA ARG E 492 -67.02 15.03 35.38
C ARG E 492 -67.82 15.57 36.56
N LEU E 493 -68.95 16.18 36.26
CA LEU E 493 -69.84 16.69 37.29
C LEU E 493 -70.35 15.54 38.13
N GLU E 494 -70.69 14.43 37.48
CA GLU E 494 -71.11 13.26 38.22
C GLU E 494 -70.04 12.75 39.19
N HIS E 495 -68.77 12.68 38.74
CA HIS E 495 -67.75 12.22 39.68
C HIS E 495 -67.70 13.17 40.86
N GLN E 496 -67.75 14.47 40.56
CA GLN E 496 -67.69 15.49 41.60
C GLN E 496 -68.88 15.39 42.52
N VAL E 497 -70.07 15.17 41.97
CA VAL E 497 -71.28 15.07 42.78
C VAL E 497 -71.15 13.91 43.74
N PHE E 498 -70.68 12.78 43.23
CA PHE E 498 -70.60 11.59 44.06
C PHE E 498 -69.36 11.65 44.93
N THR E 499 -68.49 12.64 44.69
CA THR E 499 -67.42 12.96 45.62
C THR E 499 -67.87 13.91 46.74
N TRP E 500 -68.91 14.72 46.48
CA TRP E 500 -69.44 15.57 47.56
C TRP E 500 -70.18 14.75 48.60
N ILE E 501 -70.92 13.74 48.14
CA ILE E 501 -71.62 12.87 49.06
C ILE E 501 -70.60 12.08 49.86
N GLU E 502 -69.62 11.51 49.16
CA GLU E 502 -68.64 10.60 49.73
C GLU E 502 -67.64 11.34 50.61
N GLN E 503 -67.68 12.67 50.59
CA GLN E 503 -66.88 13.45 51.51
C GLN E 503 -67.55 13.60 52.86
N HIS E 504 -68.85 13.33 52.95
CA HIS E 504 -69.47 13.42 54.26
C HIS E 504 -69.81 12.01 54.72
N PRO E 505 -68.81 11.29 55.24
CA PRO E 505 -69.00 9.89 55.65
C PRO E 505 -69.88 9.78 56.88
N LYS E 506 -69.99 10.92 57.57
CA LYS E 506 -70.70 11.01 58.83
C LYS E 506 -72.19 10.84 58.63
N LEU E 507 -72.62 10.85 57.38
CA LEU E 507 -73.99 10.73 56.95
C LEU E 507 -74.29 9.32 56.46
N ILE E 508 -75.39 8.76 56.95
CA ILE E 508 -75.78 7.38 56.75
C ILE E 508 -76.76 7.57 55.60
N PHE E 509 -76.22 7.43 54.39
CA PHE E 509 -77.00 7.57 53.17
C PHE E 509 -77.64 6.26 52.73
N SER E 510 -78.58 6.40 51.80
CA SER E 510 -79.26 5.28 51.18
C SER E 510 -78.72 5.10 49.77
N ASN E 511 -78.25 3.90 49.47
CA ASN E 511 -77.73 3.60 48.14
C ASN E 511 -78.80 3.73 47.05
N GLU E 512 -80.03 3.27 47.29
CA GLU E 512 -81.02 3.35 46.21
C GLU E 512 -81.31 4.80 45.81
N ARG E 513 -81.50 5.71 46.77
CA ARG E 513 -81.72 7.10 46.41
C ARG E 513 -80.47 7.70 45.76
N ARG E 514 -79.29 7.25 46.20
CA ARG E 514 -78.05 7.69 45.57
C ARG E 514 -78.01 7.27 44.09
N GLN E 515 -78.45 6.05 43.80
CA GLN E 515 -78.58 5.58 42.42
C GLN E 515 -79.58 6.44 41.66
N GLU E 516 -80.69 6.76 42.32
CA GLU E 516 -81.72 7.59 41.71
C GLU E 516 -81.09 8.91 41.28
N ILE E 517 -80.33 9.52 42.19
CA ILE E 517 -79.66 10.78 41.89
C ILE E 517 -78.70 10.59 40.72
N ALA E 518 -78.00 9.46 40.70
CA ALA E 518 -77.09 9.19 39.60
C ALA E 518 -77.86 9.30 38.29
N ARG E 519 -79.02 8.67 38.25
CA ARG E 519 -79.84 8.66 37.04
C ARG E 519 -80.34 10.07 36.74
N SER E 520 -80.72 10.81 37.77
CA SER E 520 -81.21 12.16 37.58
C SER E 520 -80.13 13.00 36.91
N ILE E 521 -78.89 12.79 37.32
CA ILE E 521 -77.77 13.42 36.64
C ILE E 521 -77.71 12.94 35.19
N GLU E 522 -77.91 11.63 34.98
CA GLU E 522 -77.78 11.09 33.64
C GLU E 522 -78.71 11.79 32.66
N GLY E 523 -79.87 12.23 33.13
CA GLY E 523 -80.84 12.95 32.30
C GLY E 523 -80.84 14.44 32.46
N LEU E 524 -79.66 15.06 32.50
CA LEU E 524 -79.59 16.50 32.72
C LEU E 524 -79.95 17.27 31.46
N TYR E 525 -80.92 18.17 31.60
CA TYR E 525 -81.33 19.15 30.60
C TYR E 525 -82.11 18.50 29.46
N GLU E 526 -82.15 17.17 29.45
CA GLU E 526 -83.07 16.47 28.55
C GLU E 526 -84.35 16.11 29.28
N GLU E 527 -84.22 15.77 30.56
CA GLU E 527 -85.38 15.41 31.36
C GLU E 527 -85.50 16.46 32.46
N ASN E 528 -84.45 16.68 33.23
CA ASN E 528 -84.55 17.54 34.39
C ASN E 528 -83.35 18.47 34.51
N ARG E 529 -83.62 19.73 34.82
CA ARG E 529 -82.57 20.68 35.06
C ARG E 529 -81.84 20.25 36.33
N TYR E 530 -80.79 20.98 36.71
CA TYR E 530 -80.12 20.59 37.94
C TYR E 530 -81.06 20.69 39.13
N GLU E 531 -82.09 21.52 39.04
CA GLU E 531 -82.93 21.78 40.20
C GLU E 531 -83.54 20.51 40.77
N GLN E 532 -83.84 19.55 39.90
CA GLN E 532 -84.49 18.33 40.35
C GLN E 532 -83.52 17.38 41.04
N VAL E 533 -82.23 17.53 40.76
CA VAL E 533 -81.17 16.74 41.38
C VAL E 533 -80.87 17.35 42.73
N ARG E 534 -80.47 18.61 42.68
CA ARG E 534 -80.10 19.37 43.86
C ARG E 534 -81.27 19.50 44.82
N GLU E 535 -82.49 19.42 44.32
CA GLU E 535 -83.65 19.42 45.19
C GLU E 535 -83.61 18.17 46.05
N LYS E 536 -83.21 17.06 45.43
CA LYS E 536 -83.13 15.80 46.18
C LYS E 536 -81.92 15.76 47.10
N LEU E 537 -80.79 16.31 46.65
CA LEU E 537 -79.66 16.43 47.56
C LEU E 537 -80.05 17.21 48.81
N LEU E 538 -80.73 18.34 48.63
CA LEU E 538 -81.16 19.09 49.79
C LEU E 538 -82.23 18.35 50.57
N ALA E 539 -83.04 17.53 49.89
CA ALA E 539 -84.01 16.70 50.59
C ALA E 539 -83.33 15.73 51.53
N VAL E 540 -82.28 15.08 51.06
CA VAL E 540 -81.51 14.18 51.91
C VAL E 540 -80.89 14.94 53.07
N VAL E 541 -80.29 16.09 52.78
CA VAL E 541 -79.65 16.85 53.84
C VAL E 541 -80.67 17.26 54.86
N ASN E 542 -81.89 17.55 54.40
CA ASN E 542 -82.96 17.97 55.29
C ASN E 542 -83.56 16.82 56.07
N ASP E 543 -83.61 15.63 55.48
CA ASP E 543 -83.96 14.46 56.27
C ASP E 543 -83.00 14.29 57.43
N TYR E 544 -81.70 14.35 57.15
CA TYR E 544 -80.70 14.18 58.20
C TYR E 544 -80.82 15.29 59.25
N ILE E 545 -80.98 16.51 58.78
CA ILE E 545 -81.03 17.68 59.66
C ILE E 545 -82.27 17.66 60.52
N THR E 546 -83.39 17.14 60.03
CA THR E 546 -84.55 17.00 60.91
C THR E 546 -84.20 16.09 62.08
N ASP E 547 -83.52 14.98 61.81
CA ASP E 547 -83.09 14.10 62.88
C ASP E 547 -82.20 14.84 63.86
N ILE E 548 -81.26 15.63 63.33
CA ILE E 548 -80.33 16.36 64.19
C ILE E 548 -81.08 17.37 65.04
N SER E 549 -82.09 18.02 64.45
CA SER E 549 -82.93 18.95 65.20
C SER E 549 -83.64 18.21 66.30
N THR E 550 -84.12 17.00 66.00
CA THR E 550 -84.80 16.18 67.01
C THR E 550 -83.85 15.91 68.16
N LYS E 551 -82.61 15.53 67.86
CA LYS E 551 -81.65 15.24 68.92
C LYS E 551 -81.34 16.50 69.73
N LYS E 552 -81.33 17.66 69.07
CA LYS E 552 -81.15 18.93 69.78
C LYS E 552 -82.31 19.12 70.73
N LYS E 553 -83.50 18.81 70.25
CA LYS E 553 -84.71 18.89 71.05
C LYS E 553 -84.65 17.97 72.25
N LEU E 554 -84.15 16.75 72.05
CA LEU E 554 -84.01 15.83 73.16
C LEU E 554 -83.03 16.38 74.18
N MET E 555 -81.98 17.05 73.70
CA MET E 555 -81.04 17.69 74.63
C MET E 555 -81.73 18.80 75.41
N GLU E 556 -82.59 19.57 74.74
CA GLU E 556 -83.35 20.60 75.43
C GLU E 556 -84.28 20.00 76.48
N THR E 557 -84.97 18.91 76.12
CA THR E 557 -85.86 18.25 77.05
C THR E 557 -85.09 17.76 78.27
N LYS E 558 -83.93 17.16 78.04
CA LYS E 558 -83.13 16.67 79.15
C LYS E 558 -82.52 17.83 79.93
N ILE E 559 -82.31 18.97 79.28
CA ILE E 559 -81.88 20.17 80.00
C ILE E 559 -82.98 20.60 80.96
N GLU E 560 -84.23 20.58 80.50
CA GLU E 560 -85.36 20.85 81.40
C GLU E 560 -85.34 19.86 82.56
N ASP E 561 -85.12 18.58 82.24
CA ASP E 561 -85.07 17.53 83.24
C ASP E 561 -83.97 17.82 84.26
N LYS E 562 -82.80 18.22 83.78
CA LYS E 562 -81.68 18.50 84.68
C LYS E 562 -82.01 19.71 85.52
N LYS E 563 -82.72 20.68 84.93
CA LYS E 563 -83.21 21.81 85.70
C LYS E 563 -84.10 21.37 86.84
N HIS E 564 -85.02 20.43 86.59
CA HIS E 564 -85.92 20.04 87.67
C HIS E 564 -85.24 19.23 88.76
N GLU E 565 -84.40 18.25 88.39
CA GLU E 565 -83.67 17.55 89.45
C GLU E 565 -82.57 18.34 90.16
N LEU E 566 -81.74 19.05 89.41
CA LEU E 566 -80.65 19.86 89.97
C LEU E 566 -81.10 21.10 90.72
N GLU E 567 -82.19 21.75 90.31
CA GLU E 567 -82.65 22.89 91.09
C GLU E 567 -83.18 22.45 92.45
N ALA E 568 -83.90 21.34 92.46
CA ALA E 568 -84.36 20.73 93.70
C ALA E 568 -83.20 20.30 94.58
N ALA E 569 -82.17 19.70 93.99
CA ALA E 569 -81.00 19.32 94.78
C ALA E 569 -80.31 20.54 95.39
N ARG E 570 -80.18 21.64 94.65
CA ARG E 570 -79.59 22.84 95.22
C ARG E 570 -80.43 23.37 96.38
N ALA E 571 -81.76 23.39 96.21
CA ALA E 571 -82.63 23.86 97.27
C ALA E 571 -82.53 22.97 98.50
N GLU E 572 -82.52 21.65 98.28
CA GLU E 572 -82.38 20.70 99.38
C GLU E 572 -81.05 20.86 100.09
N LEU E 573 -79.97 21.04 99.33
CA LEU E 573 -78.66 21.21 99.96
C LEU E 573 -78.64 22.45 100.83
N HIS E 574 -79.25 23.54 100.35
CA HIS E 574 -79.34 24.74 101.18
C HIS E 574 -80.18 24.48 102.42
N HIS E 575 -81.30 23.75 102.25
CA HIS E 575 -82.18 23.43 103.38
C HIS E 575 -81.45 22.61 104.44
N TRP E 576 -80.67 21.61 104.02
CA TRP E 576 -79.92 20.81 104.98
C TRP E 576 -78.83 21.66 105.63
N LYS E 577 -78.26 22.60 104.89
CA LYS E 577 -77.32 23.52 105.53
C LYS E 577 -78.06 24.33 106.60
N THR E 578 -79.30 24.73 106.30
CA THR E 578 -80.17 25.47 107.20
C THR E 578 -81.10 24.55 107.99
N LEU E 579 -80.64 23.35 108.33
CA LEU E 579 -81.47 22.39 109.05
C LEU E 579 -81.49 22.75 110.51
N LYS E 580 -82.68 23.12 111.01
CA LYS E 580 -82.83 23.38 112.44
C LYS E 580 -82.80 22.09 113.25
N MET E 581 -83.48 21.06 112.77
CA MET E 581 -83.52 19.79 113.49
C MET E 581 -84.13 18.73 112.59
N PRO E 582 -83.94 17.45 112.92
CA PRO E 582 -84.61 16.38 112.19
C PRO E 582 -86.03 16.22 112.73
N ASN E 583 -86.99 16.01 111.83
CA ASN E 583 -88.38 15.93 112.24
C ASN E 583 -88.87 14.48 112.18
N PRO E 584 -89.25 13.88 113.33
CA PRO E 584 -89.84 12.54 113.32
C PRO E 584 -91.18 12.49 112.60
N ASP E 585 -91.80 11.32 112.53
CA ASP E 585 -93.09 11.23 111.88
C ASP E 585 -94.07 12.18 112.56
N ARG E 586 -94.83 12.92 111.76
CA ARG E 586 -95.75 13.92 112.27
C ARG E 586 -96.86 14.14 111.25
N ALA E 587 -97.93 14.76 111.71
CA ALA E 587 -98.95 15.29 110.82
C ALA E 587 -98.83 16.81 110.87
N LYS E 588 -99.32 17.49 109.84
CA LYS E 588 -99.27 18.95 109.83
C LYS E 588 -100.12 19.56 110.94
N ASP E 589 -101.10 18.80 111.42
CA ASP E 589 -101.93 19.19 112.56
C ASP E 589 -101.11 19.28 113.85
N THR E 590 -100.17 18.36 114.07
CA THR E 590 -99.30 18.47 115.24
C THR E 590 -98.50 19.77 115.21
N GLU E 591 -98.03 20.17 114.03
CA GLU E 591 -97.34 21.45 113.90
C GLU E 591 -98.26 22.61 114.26
N ALA E 592 -99.53 22.53 113.84
CA ALA E 592 -100.50 23.56 114.16
C ALA E 592 -100.71 23.68 115.67
N PHE E 593 -100.80 22.54 116.36
CA PHE E 593 -100.99 22.57 117.81
C PHE E 593 -99.80 23.23 118.49
N ARG E 594 -98.59 22.94 118.03
CA ARG E 594 -97.39 23.47 118.67
C ARG E 594 -97.26 24.97 118.38
N LEU E 595 -97.75 25.39 117.22
CA LEU E 595 -97.87 26.82 116.94
C LEU E 595 -98.90 27.46 117.89
N GLN E 596 -99.98 26.74 118.14
CA GLN E 596 -100.99 27.17 119.11
C GLN E 596 -100.38 27.32 120.51
N LEU E 597 -99.54 26.36 120.90
CA LEU E 597 -98.85 26.46 122.19
C LEU E 597 -97.98 27.71 122.21
N LEU E 598 -97.25 27.95 121.11
CA LEU E 598 -96.39 29.13 121.03
C LEU E 598 -97.22 30.41 121.17
N GLU E 599 -98.37 30.47 120.50
CA GLU E 599 -99.22 31.65 120.64
C GLU E 599 -99.65 31.85 122.08
N ASP E 600 -99.97 30.76 122.79
CA ASP E 600 -100.23 30.83 124.22
C ASP E 600 -98.96 31.19 125.00
N GLY E 601 -97.81 30.85 124.44
CA GLY E 601 -96.52 31.04 125.07
C GLY E 601 -96.13 29.97 126.06
N GLN E 602 -96.82 28.83 126.04
CA GLN E 602 -96.56 27.74 126.97
C GLN E 602 -95.16 27.19 126.74
N ALA E 603 -94.50 26.80 127.82
CA ALA E 603 -93.15 26.26 127.76
C ALA E 603 -93.15 24.83 127.23
N PHE E 604 -92.52 24.60 126.08
CA PHE E 604 -92.48 23.25 125.54
C PHE E 604 -91.22 23.08 124.68
N ILE E 605 -90.79 21.83 124.55
CA ILE E 605 -89.66 21.44 123.71
C ILE E 605 -89.80 19.96 123.36
N PRO E 606 -89.71 19.57 122.09
CA PRO E 606 -89.80 18.13 121.77
C PRO E 606 -88.70 17.31 122.43
N PHE E 607 -89.02 16.05 122.69
CA PHE E 607 -88.10 15.15 123.38
C PHE E 607 -86.79 14.96 122.63
N TYR E 608 -86.87 14.74 121.31
CA TYR E 608 -85.64 14.49 120.57
C TYR E 608 -84.74 15.72 120.61
N ALA E 609 -85.33 16.91 120.70
CA ALA E 609 -84.55 18.13 120.80
C ALA E 609 -84.20 18.43 122.23
N ALA E 610 -84.63 17.58 123.16
CA ALA E 610 -84.50 17.81 124.58
C ALA E 610 -83.38 16.99 125.21
N VAL E 611 -83.02 15.85 124.61
CA VAL E 611 -82.08 14.92 125.24
C VAL E 611 -81.06 14.45 124.21
N GLU E 612 -79.92 13.99 124.73
CA GLU E 612 -78.88 13.33 123.95
C GLU E 612 -78.39 12.09 124.67
N PHE E 613 -77.90 11.11 123.92
CA PHE E 613 -77.50 9.87 124.53
C PHE E 613 -76.15 10.07 125.22
N GLN E 614 -75.85 9.23 126.21
CA GLN E 614 -74.62 9.40 126.94
C GLN E 614 -73.43 8.74 126.23
N ASP E 615 -72.23 8.96 126.77
CA ASP E 615 -71.03 8.47 126.13
C ASP E 615 -70.98 6.95 126.08
N ASP E 616 -71.32 6.28 127.18
CA ASP E 616 -71.28 4.82 127.27
C ASP E 616 -72.31 4.14 126.39
N VAL E 617 -73.27 4.92 125.88
CA VAL E 617 -74.32 4.41 125.01
C VAL E 617 -73.75 4.30 123.60
N THR E 618 -73.25 3.13 123.23
CA THR E 618 -72.71 3.02 121.89
C THR E 618 -73.81 3.18 120.86
N GLU E 619 -73.41 3.15 119.58
CA GLU E 619 -74.34 3.42 118.51
C GLU E 619 -75.50 2.42 118.42
N GLU E 620 -75.24 1.14 118.71
CA GLU E 620 -76.34 0.19 118.69
C GLU E 620 -77.39 0.51 119.75
N GLN E 621 -76.95 0.82 120.97
CA GLN E 621 -77.90 1.17 122.03
C GLN E 621 -78.64 2.46 121.72
N LYS E 622 -77.93 3.50 121.24
CA LYS E 622 -78.62 4.72 120.87
C LYS E 622 -79.69 4.45 119.83
N GLU E 623 -79.34 3.68 118.79
CA GLU E 623 -80.29 3.38 117.73
C GLU E 623 -81.50 2.62 118.28
N ARG E 624 -81.24 1.58 119.08
CA ARG E 624 -82.29 0.77 119.65
C ARG E 624 -83.24 1.62 120.48
N ILE E 625 -82.67 2.46 121.35
CA ILE E 625 -83.46 3.24 122.30
C ILE E 625 -84.28 4.27 121.55
N GLU E 626 -83.68 4.92 120.54
CA GLU E 626 -84.44 5.92 119.79
C GLU E 626 -85.56 5.25 118.99
N SER E 627 -85.32 4.05 118.47
CA SER E 627 -86.37 3.34 117.77
C SER E 627 -87.52 3.03 118.71
N ALA E 628 -87.19 2.57 119.93
CA ALA E 628 -88.23 2.30 120.92
C ALA E 628 -88.98 3.56 121.30
N LEU E 629 -88.27 4.68 121.46
CA LEU E 629 -88.92 5.94 121.78
C LEU E 629 -89.87 6.36 120.66
N LYS E 630 -89.43 6.21 119.41
CA LYS E 630 -90.27 6.54 118.27
C LYS E 630 -91.51 5.66 118.22
N GLN E 631 -91.34 4.36 118.49
CA GLN E 631 -92.49 3.45 118.49
C GLN E 631 -93.50 3.86 119.55
N THR E 632 -93.03 4.23 120.73
CA THR E 632 -93.89 4.70 121.80
C THR E 632 -94.42 6.10 121.53
N GLY E 633 -93.76 6.81 120.63
CA GLY E 633 -94.05 8.20 120.33
C GLY E 633 -93.38 9.18 121.25
N ILE E 634 -92.62 8.71 122.25
CA ILE E 634 -91.94 9.61 123.16
C ILE E 634 -90.94 10.47 122.41
N LEU E 635 -90.47 10.00 121.25
CA LEU E 635 -89.36 10.67 120.58
C LEU E 635 -89.75 12.12 120.26
N ASP E 636 -90.97 12.31 119.76
CA ASP E 636 -91.48 13.60 119.35
C ASP E 636 -92.25 14.31 120.46
N SER E 637 -92.46 13.64 121.58
CA SER E 637 -93.25 14.16 122.68
C SER E 637 -92.69 15.47 123.22
N LEU E 638 -93.58 16.29 123.77
CA LEU E 638 -93.20 17.63 124.20
C LEU E 638 -92.99 17.53 125.70
N ILE E 639 -91.90 18.12 126.20
CA ILE E 639 -91.81 18.34 127.64
C ILE E 639 -92.23 19.77 127.96
N THR E 640 -93.15 19.91 128.92
CA THR E 640 -93.70 21.19 129.29
C THR E 640 -93.52 21.43 130.77
N GLU E 641 -93.02 22.62 131.13
CA GLU E 641 -92.86 22.96 132.54
C GLU E 641 -94.19 22.99 133.27
N ASN E 642 -95.24 23.49 132.62
CA ASN E 642 -96.58 23.43 133.19
C ASN E 642 -97.38 22.27 132.61
N ALA E 643 -98.35 21.81 133.39
CA ALA E 643 -99.23 20.72 132.95
C ALA E 643 -100.00 21.13 131.71
N LEU E 644 -100.18 20.16 130.80
CA LEU E 644 -100.79 20.44 129.51
C LEU E 644 -101.49 19.21 128.97
N ALA E 645 -102.58 19.44 128.24
CA ALA E 645 -103.32 18.42 127.51
C ALA E 645 -103.13 18.67 126.01
N PRO E 646 -102.49 17.76 125.29
CA PRO E 646 -102.18 18.04 123.88
C PRO E 646 -103.35 17.76 122.94
N THR E 647 -103.46 18.59 121.90
CA THR E 647 -104.42 18.37 120.83
C THR E 647 -103.69 18.08 119.53
N HIS E 648 -103.93 16.91 118.94
CA HIS E 648 -103.20 16.51 117.73
C HIS E 648 -101.69 16.43 117.96
N ASP E 649 -101.27 16.28 119.21
CA ASP E 649 -99.86 16.36 119.58
C ASP E 649 -99.65 15.47 120.80
N ARG E 650 -98.41 15.37 121.25
CA ARG E 650 -98.10 14.55 122.42
C ARG E 650 -97.44 15.43 123.47
N VAL E 651 -97.85 15.28 124.72
CA VAL E 651 -97.27 16.03 125.82
C VAL E 651 -96.92 15.07 126.94
N ILE E 652 -95.71 15.20 127.47
CA ILE E 652 -95.23 14.40 128.58
C ILE E 652 -95.51 15.14 129.88
N ARG E 653 -95.59 14.39 130.97
CA ARG E 653 -95.71 14.94 132.31
C ARG E 653 -94.80 14.15 133.24
N PRO E 654 -94.18 14.81 134.21
CA PRO E 654 -93.20 14.12 135.06
C PRO E 654 -93.85 13.29 136.16
N GLU E 655 -93.56 11.99 136.15
CA GLU E 655 -93.95 11.10 137.24
C GLU E 655 -92.83 10.07 137.34
N PRO E 656 -91.74 10.46 138.00
CA PRO E 656 -90.51 9.65 137.98
C PRO E 656 -90.62 8.28 138.64
N GLN E 657 -89.82 7.35 138.12
CA GLN E 657 -89.72 6.00 138.66
C GLN E 657 -88.57 6.13 139.66
N LEU E 658 -88.46 5.25 140.66
CA LEU E 658 -87.49 5.55 141.71
C LEU E 658 -86.52 4.43 142.05
N LEU E 659 -86.87 3.17 141.79
CA LEU E 659 -86.06 1.99 142.06
C LEU E 659 -85.54 1.32 140.78
N GLY E 660 -84.22 1.17 140.77
CA GLY E 660 -83.43 0.57 139.70
C GLY E 660 -83.16 1.50 138.52
N TYR E 661 -82.80 0.89 137.40
CA TYR E 661 -82.41 1.71 136.26
C TYR E 661 -83.57 2.46 135.62
N THR E 662 -83.20 3.55 134.96
CA THR E 662 -84.09 4.43 134.21
C THR E 662 -83.37 4.93 132.96
N LEU E 663 -84.15 5.40 131.98
CA LEU E 663 -83.54 5.92 130.75
C LEU E 663 -82.69 7.15 131.03
N ALA E 664 -82.95 7.88 132.14
CA ALA E 664 -82.09 8.98 132.53
C ALA E 664 -80.66 8.53 132.73
N ASP E 665 -80.45 7.25 133.04
CA ASP E 665 -79.13 6.67 133.18
C ASP E 665 -78.37 6.74 131.87
N TYR E 666 -79.09 6.67 130.75
CA TYR E 666 -78.51 6.53 129.43
C TYR E 666 -78.60 7.83 128.65
N LEU E 667 -79.52 8.72 129.00
CA LEU E 667 -79.74 9.93 128.22
C LEU E 667 -79.62 11.09 129.21
N ARG E 668 -79.18 12.24 128.71
CA ARG E 668 -79.12 13.44 129.52
C ARG E 668 -79.72 14.59 128.73
N PRO E 669 -80.32 15.60 129.36
CA PRO E 669 -80.96 16.66 128.58
C PRO E 669 -79.92 17.46 127.82
N ASP E 670 -80.35 18.18 126.80
CA ASP E 670 -79.49 18.98 125.94
C ASP E 670 -80.10 20.35 125.71
N LEU E 671 -80.63 20.90 126.79
CA LEU E 671 -81.29 22.20 126.82
C LEU E 671 -80.21 23.27 126.91
N GLU E 672 -80.42 24.38 126.20
CA GLU E 672 -79.41 25.44 126.17
C GLU E 672 -79.56 26.36 127.37
N ALA E 673 -78.78 27.45 127.34
CA ALA E 673 -78.79 28.45 128.41
C ALA E 673 -80.07 29.27 128.40
N ASP E 674 -80.72 29.41 127.25
CA ASP E 674 -81.97 30.17 127.14
C ASP E 674 -83.18 29.26 127.21
N SER E 675 -82.99 28.00 127.54
CA SER E 675 -84.08 27.03 127.58
C SER E 675 -85.17 27.49 128.54
N LEU E 676 -86.42 27.42 128.09
CA LEU E 676 -87.55 27.74 128.96
C LEU E 676 -87.92 26.59 129.87
N ILE E 677 -87.15 25.51 129.87
CA ILE E 677 -87.45 24.30 130.63
C ILE E 677 -86.18 23.95 131.41
N SER E 678 -86.36 23.40 132.61
CA SER E 678 -85.22 23.04 133.42
C SER E 678 -84.77 21.62 133.10
N ASN E 679 -83.48 21.36 133.32
CA ASN E 679 -82.95 20.02 133.08
C ASN E 679 -83.51 19.04 134.11
N LYS E 680 -83.93 19.56 135.27
CA LYS E 680 -84.46 18.69 136.31
C LYS E 680 -85.73 18.00 135.83
N LEU E 681 -86.62 18.76 135.19
CA LEU E 681 -87.86 18.18 134.67
C LEU E 681 -87.58 17.13 133.61
N VAL E 682 -86.64 17.41 132.70
CA VAL E 682 -86.29 16.45 131.66
C VAL E 682 -85.73 15.18 132.29
N ASP E 683 -84.85 15.35 133.28
CA ASP E 683 -84.25 14.20 133.96
C ASP E 683 -85.32 13.36 134.63
N GLU E 684 -86.28 14.02 135.30
CA GLU E 684 -87.37 13.29 135.94
C GLU E 684 -88.20 12.53 134.90
N ILE E 685 -88.47 13.16 133.75
CA ILE E 685 -89.18 12.47 132.70
C ILE E 685 -88.37 11.29 132.19
N LEU E 686 -87.06 11.48 132.01
CA LEU E 686 -86.19 10.39 131.59
C LEU E 686 -86.25 9.23 132.56
N ARG E 687 -86.36 9.53 133.86
CA ARG E 687 -86.53 8.53 134.90
C ARG E 687 -87.90 7.88 134.88
N SER E 688 -88.94 8.55 134.38
CA SER E 688 -90.25 7.92 134.33
C SER E 688 -90.25 6.67 133.44
N ILE E 689 -89.10 6.30 132.87
CA ILE E 689 -88.94 5.18 131.95
C ILE E 689 -87.88 4.28 132.56
N SER E 690 -88.26 3.04 132.87
CA SER E 690 -87.36 2.06 133.47
C SER E 690 -86.62 1.24 132.42
N LEU E 691 -85.49 0.66 132.84
CA LEU E 691 -84.73 -0.21 131.94
C LEU E 691 -84.79 -1.67 132.37
N GLU E 692 -85.71 -2.02 133.25
CA GLU E 692 -85.92 -3.41 133.63
C GLU E 692 -87.42 -3.67 133.67
N GLN E 693 -87.80 -4.92 133.41
CA GLN E 693 -89.23 -5.23 133.26
C GLN E 693 -89.90 -4.82 134.58
N GLU E 694 -90.90 -3.95 134.47
CA GLU E 694 -91.73 -3.62 135.63
C GLU E 694 -93.03 -4.41 135.71
N GLY E 695 -92.99 -5.72 135.67
CA GLY E 695 -94.25 -6.45 135.59
C GLY E 695 -95.06 -6.02 134.38
N ALA E 696 -96.34 -5.73 134.62
CA ALA E 696 -97.26 -5.18 133.63
C ALA E 696 -97.14 -3.66 133.48
N GLY E 697 -96.30 -3.01 134.27
CA GLY E 697 -96.23 -1.56 134.30
C GLY E 697 -95.57 -1.02 133.05
N PHE E 698 -94.75 0.02 133.22
CA PHE E 698 -94.19 0.75 132.10
C PHE E 698 -92.67 0.75 132.21
N HIS E 699 -92.00 0.36 131.12
CA HIS E 699 -90.54 0.41 131.05
C HIS E 699 -90.11 0.26 129.60
N VAL E 700 -88.90 0.72 129.31
CA VAL E 700 -88.36 0.60 127.95
C VAL E 700 -86.91 0.17 128.07
N ASP E 701 -86.65 -1.08 127.71
CA ASP E 701 -85.33 -1.68 127.85
C ASP E 701 -84.36 -1.10 126.83
N VAL E 702 -83.07 -1.38 127.02
CA VAL E 702 -82.04 -0.90 126.11
C VAL E 702 -82.12 -1.54 124.74
N ASP E 703 -82.51 -2.82 124.66
CA ASP E 703 -82.65 -3.52 123.39
C ASP E 703 -83.87 -3.08 122.59
N GLY E 704 -84.63 -2.11 123.07
CA GLY E 704 -85.81 -1.64 122.36
C GLY E 704 -87.15 -2.22 122.78
N SER E 705 -87.18 -3.26 123.61
CA SER E 705 -88.48 -3.74 124.08
C SER E 705 -89.04 -2.77 125.10
N TYR E 706 -90.37 -2.76 125.22
CA TYR E 706 -91.04 -1.82 126.10
C TYR E 706 -92.34 -2.43 126.59
N SER E 707 -92.72 -2.06 127.81
CA SER E 707 -94.03 -2.37 128.38
C SER E 707 -94.72 -1.05 128.72
N LEU E 708 -95.95 -0.88 128.26
CA LEU E 708 -96.64 0.40 128.39
C LEU E 708 -98.03 0.28 129.00
N GLY E 709 -98.29 -0.73 129.82
CA GLY E 709 -99.61 -0.97 130.39
C GLY E 709 -99.99 -2.41 130.14
N CYS E 710 -101.09 -2.67 129.44
CA CYS E 710 -101.38 -4.06 129.11
C CYS E 710 -100.62 -4.44 127.85
N LEU E 711 -99.85 -3.49 127.31
CA LEU E 711 -99.18 -3.68 126.04
C LEU E 711 -97.72 -4.01 126.30
N VAL E 712 -97.13 -4.79 125.40
CA VAL E 712 -95.70 -5.06 125.40
C VAL E 712 -95.26 -4.98 123.95
N GLY E 713 -94.18 -4.27 123.69
CA GLY E 713 -93.76 -4.02 122.34
C GLY E 713 -92.26 -4.09 122.21
N HIS E 714 -91.80 -4.06 120.97
CA HIS E 714 -90.38 -4.10 120.66
C HIS E 714 -90.21 -3.32 119.36
N ALA E 715 -89.19 -2.51 119.29
CA ALA E 715 -89.17 -1.60 118.16
C ALA E 715 -88.54 -2.23 116.93
N PRO E 716 -88.90 -1.73 115.74
CA PRO E 716 -88.33 -2.23 114.49
C PRO E 716 -87.06 -1.49 114.10
N ASN E 717 -86.52 -1.81 112.93
CA ASN E 717 -85.38 -1.08 112.42
C ASN E 717 -85.81 0.35 112.11
N GLU E 718 -84.97 1.30 112.52
CA GLU E 718 -85.17 2.72 112.25
C GLU E 718 -83.88 3.38 111.80
N GLY E 719 -82.80 2.60 111.67
CA GLY E 719 -81.52 3.11 111.26
C GLY E 719 -80.77 3.77 112.39
N PRO E 720 -79.57 4.27 112.11
CA PRO E 720 -78.77 4.95 113.16
C PRO E 720 -79.49 6.14 113.75
N SER E 721 -79.16 6.48 114.99
CA SER E 721 -79.84 7.57 115.67
C SER E 721 -79.72 8.84 114.84
N LYS E 722 -80.83 9.54 114.68
CA LYS E 722 -80.86 10.77 113.89
C LYS E 722 -81.47 11.94 114.62
N TYR E 723 -82.37 11.67 115.56
CA TYR E 723 -83.13 12.71 116.23
C TYR E 723 -82.56 13.12 117.59
N ILE E 724 -82.02 12.17 118.33
CA ILE E 724 -81.60 12.41 119.71
C ILE E 724 -80.14 12.83 119.72
N GLY E 725 -79.88 14.03 120.21
CA GLY E 725 -78.52 14.50 120.38
C GLY E 725 -78.03 15.37 119.23
N ARG E 726 -77.11 16.28 119.55
CA ARG E 726 -76.55 17.13 118.53
C ARG E 726 -75.75 16.33 117.52
N SER E 727 -75.00 15.33 117.98
CA SER E 727 -74.24 14.51 117.05
C SER E 727 -75.15 13.77 116.07
N SER E 728 -76.25 13.20 116.57
CA SER E 728 -77.16 12.49 115.68
C SER E 728 -77.82 13.44 114.68
N ARG E 729 -78.26 14.61 115.13
CA ARG E 729 -78.88 15.56 114.24
C ARG E 729 -77.89 16.06 113.20
N LYS E 730 -76.67 16.35 113.63
CA LYS E 730 -75.62 16.80 112.71
C LYS E 730 -75.27 15.70 111.72
N ARG E 731 -75.19 14.45 112.16
CA ARG E 731 -74.94 13.35 111.24
C ARG E 731 -76.04 13.29 110.19
N TYR E 732 -77.29 13.42 110.62
CA TYR E 732 -78.39 13.47 109.67
C TYR E 732 -78.15 14.58 108.66
N GLN E 733 -77.85 15.77 109.17
CA GLN E 733 -77.64 16.95 108.34
C GLN E 733 -76.50 16.73 107.35
N GLN E 734 -75.36 16.23 107.85
CA GLN E 734 -74.19 16.07 107.01
C GLN E 734 -74.41 15.02 105.94
N GLU E 735 -75.09 13.92 106.29
CA GLU E 735 -75.35 12.87 105.30
C GLU E 735 -76.33 13.37 104.24
N LYS E 736 -77.34 14.14 104.66
CA LYS E 736 -78.28 14.69 103.69
C LYS E 736 -77.56 15.67 102.78
N ILE E 737 -76.69 16.50 103.36
CA ILE E 737 -75.89 17.46 102.61
C ILE E 737 -75.01 16.73 101.60
N LYS E 738 -74.40 15.64 102.03
CA LYS E 738 -73.52 14.87 101.14
C LYS E 738 -74.33 14.30 99.98
N GLU E 739 -75.52 13.77 100.26
CA GLU E 739 -76.37 13.27 99.21
C GLU E 739 -76.69 14.36 98.19
N CYS E 740 -77.15 15.52 98.68
CA CYS E 740 -77.51 16.60 97.78
C CYS E 740 -76.30 17.12 97.00
N GLN E 741 -75.13 17.16 97.64
CA GLN E 741 -73.94 17.65 96.95
C GLN E 741 -73.53 16.69 95.83
N GLU E 742 -73.56 15.39 96.11
CA GLU E 742 -73.25 14.43 95.07
C GLU E 742 -74.25 14.49 93.94
N THR E 743 -75.54 14.62 94.28
CA THR E 743 -76.55 14.73 93.23
C THR E 743 -76.35 15.99 92.40
N ILE E 744 -75.99 17.10 93.03
CA ILE E 744 -75.74 18.32 92.27
C ILE E 744 -74.52 18.16 91.37
N GLU E 745 -73.48 17.48 91.87
CA GLU E 745 -72.32 17.21 91.05
C GLU E 745 -72.66 16.36 89.85
N GLN E 746 -73.38 15.26 90.07
CA GLN E 746 -73.72 14.36 88.97
C GLN E 746 -74.62 15.06 87.95
N LEU E 747 -75.61 15.81 88.44
CA LEU E 747 -76.50 16.52 87.52
C LEU E 747 -75.76 17.61 86.76
N GLN E 748 -74.82 18.30 87.41
CA GLN E 748 -74.00 19.28 86.71
C GLN E 748 -73.13 18.62 85.64
N LEU E 749 -72.53 17.47 85.97
CA LEU E 749 -71.74 16.75 84.97
C LEU E 749 -72.60 16.37 83.78
N GLU E 750 -73.80 15.84 84.04
CA GLU E 750 -74.68 15.45 82.95
C GLU E 750 -75.12 16.67 82.14
N LEU E 751 -75.40 17.77 82.83
CA LEU E 751 -75.81 18.99 82.14
C LEU E 751 -74.69 19.56 81.27
N GLU E 752 -73.44 19.51 81.75
CA GLU E 752 -72.33 19.96 80.91
C GLU E 752 -72.14 19.03 79.72
N GLU E 753 -72.36 17.73 79.92
CA GLU E 753 -72.35 16.80 78.80
C GLU E 753 -73.46 17.15 77.81
N LEU E 754 -74.63 17.50 78.33
CA LEU E 754 -75.74 17.95 77.50
C LEU E 754 -75.37 19.22 76.74
N LYS E 755 -74.72 20.16 77.41
CA LYS E 755 -74.26 21.37 76.72
C LYS E 755 -73.33 20.98 75.58
N VAL E 756 -72.46 20.02 75.82
CA VAL E 756 -71.55 19.59 74.76
C VAL E 756 -72.36 19.02 73.59
N GLN E 757 -73.36 18.18 73.88
CA GLN E 757 -74.16 17.63 72.79
C GLN E 757 -74.88 18.72 72.02
N LEU E 758 -75.47 19.68 72.75
CA LEU E 758 -76.17 20.78 72.09
C LEU E 758 -75.22 21.63 71.26
N SER E 759 -74.02 21.88 71.77
CA SER E 759 -73.03 22.63 71.01
C SER E 759 -72.66 21.89 69.75
N GLN E 760 -72.43 20.58 69.85
CA GLN E 760 -72.10 19.79 68.69
C GLN E 760 -73.24 19.78 67.69
N TYR E 761 -74.48 19.72 68.19
CA TYR E 761 -75.64 19.76 67.30
C TYR E 761 -75.73 21.10 66.59
N GLU E 762 -75.45 22.19 67.30
CA GLU E 762 -75.46 23.50 66.66
C GLU E 762 -74.36 23.59 65.60
N GLU E 763 -73.18 23.06 65.92
CA GLU E 763 -72.11 23.00 64.94
C GLU E 763 -72.51 22.16 63.75
N ASN E 764 -73.20 21.04 63.99
CA ASN E 764 -73.68 20.20 62.90
C ASN E 764 -74.66 20.92 62.00
N LEU E 765 -75.60 21.68 62.58
CA LEU E 765 -76.53 22.46 61.78
C LEU E 765 -75.78 23.50 60.96
N LEU E 766 -74.82 24.17 61.62
CA LEU E 766 -73.98 25.14 60.94
C LEU E 766 -73.26 24.48 59.77
N GLN E 767 -72.64 23.33 60.04
CA GLN E 767 -71.90 22.62 59.01
C GLN E 767 -72.85 22.18 57.90
N ALA E 768 -74.12 21.92 58.24
CA ALA E 768 -75.07 21.57 57.19
C ALA E 768 -75.28 22.77 56.26
N ALA E 769 -75.40 23.95 56.85
CA ALA E 769 -75.50 25.16 56.04
C ALA E 769 -74.26 25.34 55.19
N GLN E 770 -73.08 25.10 55.77
CA GLN E 770 -71.82 25.17 55.05
C GLN E 770 -71.77 24.15 53.92
N TRP E 771 -72.34 22.97 54.17
CA TRP E 771 -72.51 21.90 53.19
C TRP E 771 -73.30 22.43 52.00
N LYS E 772 -74.43 23.09 52.28
CA LYS E 772 -75.22 23.65 51.20
C LYS E 772 -74.33 24.45 50.25
N GLN E 773 -73.35 25.18 50.78
CA GLN E 773 -72.50 25.98 49.90
C GLN E 773 -71.57 25.08 49.10
N THR E 774 -71.16 23.95 49.67
CA THR E 774 -70.20 23.10 49.00
C THR E 774 -70.89 22.24 47.96
N MET E 775 -72.22 22.27 47.97
CA MET E 775 -73.01 21.42 47.10
C MET E 775 -72.63 21.66 45.65
N PRO E 776 -72.58 20.62 44.82
CA PRO E 776 -72.08 20.81 43.46
C PRO E 776 -73.01 21.72 42.69
N THR E 777 -72.46 22.44 41.72
CA THR E 777 -73.26 23.29 40.87
C THR E 777 -73.02 22.94 39.41
N ASP E 778 -74.04 23.15 38.60
CA ASP E 778 -74.00 22.72 37.21
C ASP E 778 -73.60 23.89 36.32
N GLN E 779 -72.78 24.79 36.84
CA GLN E 779 -72.46 26.01 36.13
C GLN E 779 -71.89 25.73 34.74
N GLU E 780 -70.83 24.93 34.69
CA GLU E 780 -70.20 24.65 33.42
C GLU E 780 -71.15 23.94 32.47
N LEU E 781 -71.90 22.96 32.98
CA LEU E 781 -72.82 22.23 32.11
C LEU E 781 -73.90 23.16 31.58
N ASN E 782 -74.44 24.05 32.43
CA ASN E 782 -75.45 24.98 31.94
C ASN E 782 -74.89 25.94 30.90
N ASP E 783 -73.67 26.44 31.12
CA ASP E 783 -73.08 27.32 30.12
C ASP E 783 -72.91 26.59 28.81
N LEU E 784 -72.40 25.37 28.86
CA LEU E 784 -72.23 24.60 27.65
C LEU E 784 -73.56 24.33 26.98
N ASN E 785 -74.59 23.98 27.75
CA ASN E 785 -75.88 23.69 27.13
C ASN E 785 -76.51 24.93 26.49
N VAL E 786 -76.43 26.07 27.16
CA VAL E 786 -76.97 27.29 26.58
C VAL E 786 -76.23 27.63 25.30
N GLN E 787 -74.90 27.59 25.34
CA GLN E 787 -74.10 27.85 24.15
C GLN E 787 -74.43 26.84 23.06
N ILE E 788 -74.65 25.59 23.45
CA ILE E 788 -74.93 24.53 22.49
C ILE E 788 -76.26 24.79 21.80
N GLU E 789 -77.28 25.14 22.58
CA GLU E 789 -78.57 25.43 21.98
C GLU E 789 -78.50 26.64 21.08
N LYS E 790 -77.81 27.70 21.52
CA LYS E 790 -77.71 28.87 20.69
C LYS E 790 -77.00 28.59 19.38
N THR E 791 -75.86 27.91 19.45
CA THR E 791 -75.14 27.59 18.23
C THR E 791 -75.91 26.60 17.37
N GLY E 792 -76.62 25.65 17.98
CA GLY E 792 -77.43 24.74 17.20
C GLY E 792 -78.56 25.42 16.45
N HIS E 793 -79.27 26.32 17.12
CA HIS E 793 -80.32 27.07 16.43
C HIS E 793 -79.73 27.93 15.32
N GLN E 794 -78.62 28.62 15.61
CA GLN E 794 -77.98 29.41 14.56
C GLN E 794 -77.58 28.51 13.41
N LEU E 795 -77.06 27.33 13.72
CA LEU E 795 -76.62 26.38 12.72
C LEU E 795 -77.82 25.90 11.89
N GLU E 796 -78.96 25.67 12.55
CA GLU E 796 -80.16 25.29 11.83
C GLU E 796 -80.55 26.39 10.86
N GLU E 797 -80.47 27.64 11.31
CA GLU E 797 -80.77 28.77 10.45
C GLU E 797 -79.84 28.73 9.25
N GLN E 798 -78.56 28.55 9.50
CA GLN E 798 -77.59 28.54 8.43
C GLN E 798 -77.85 27.36 7.51
N LYS E 799 -78.42 26.28 8.05
CA LYS E 799 -78.81 25.17 7.18
C LYS E 799 -79.86 25.65 6.19
N LYS E 800 -80.85 26.39 6.66
CA LYS E 800 -81.84 26.96 5.75
C LYS E 800 -81.16 27.83 4.70
N VAL E 801 -80.29 28.74 5.16
CA VAL E 801 -79.65 29.67 4.23
C VAL E 801 -78.82 28.91 3.22
N LEU E 802 -78.07 27.92 3.67
CA LEU E 802 -77.23 27.13 2.77
C LEU E 802 -78.09 26.37 1.78
N PHE E 803 -79.21 25.82 2.26
CA PHE E 803 -80.11 25.08 1.39
C PHE E 803 -80.68 25.98 0.31
N GLN E 804 -81.08 27.19 0.70
CA GLN E 804 -81.61 28.13 -0.28
C GLN E 804 -80.53 28.57 -1.26
N LEU E 805 -79.32 28.80 -0.77
CA LEU E 805 -78.22 29.16 -1.66
C LEU E 805 -77.91 28.04 -2.65
N ASP E 806 -77.90 26.79 -2.17
CA ASP E 806 -77.65 25.67 -3.07
C ASP E 806 -78.79 25.50 -4.04
N GLU E 807 -80.02 25.73 -3.59
CA GLU E 807 -81.16 25.75 -4.48
C GLU E 807 -80.95 26.74 -5.59
N GLN E 808 -80.59 27.98 -5.25
CA GLN E 808 -80.35 29.00 -6.26
C GLN E 808 -79.24 28.58 -7.19
N TRP E 809 -78.15 28.03 -6.63
CA TRP E 809 -77.03 27.62 -7.45
C TRP E 809 -77.45 26.55 -8.44
N LYS E 810 -78.27 25.62 -7.98
CA LYS E 810 -78.71 24.53 -8.83
C LYS E 810 -79.72 25.01 -9.85
N GLN E 811 -80.52 26.01 -9.51
CA GLN E 811 -81.37 26.67 -10.49
C GLN E 811 -80.50 27.24 -11.61
N VAL E 812 -79.47 28.00 -11.22
CA VAL E 812 -78.57 28.61 -12.19
C VAL E 812 -77.90 27.51 -12.98
N HIS E 813 -77.55 26.42 -12.31
CA HIS E 813 -76.88 25.31 -12.96
C HIS E 813 -77.80 24.69 -14.00
N GLY E 814 -79.08 24.56 -13.68
CA GLY E 814 -80.04 24.06 -14.66
C GLY E 814 -80.10 24.98 -15.85
N HIS E 815 -80.17 26.29 -15.61
CA HIS E 815 -80.17 27.24 -16.71
C HIS E 815 -78.92 27.04 -17.56
N LEU E 816 -77.77 26.94 -16.89
CA LEU E 816 -76.49 26.78 -17.57
C LEU E 816 -76.45 25.47 -18.32
N GLN E 817 -77.01 24.43 -17.73
CA GLN E 817 -77.05 23.13 -18.39
C GLN E 817 -77.86 23.21 -19.66
N VAL E 818 -78.99 23.91 -19.61
CA VAL E 818 -79.80 24.06 -20.82
C VAL E 818 -78.99 24.83 -21.86
N ILE E 819 -78.31 25.90 -21.43
CA ILE E 819 -77.55 26.71 -22.37
C ILE E 819 -76.40 25.91 -22.97
N LYS E 820 -75.68 25.17 -22.13
CA LYS E 820 -74.59 24.34 -22.63
C LYS E 820 -75.10 23.23 -23.53
N ILE E 821 -76.24 22.64 -23.19
CA ILE E 821 -76.82 21.62 -24.05
C ILE E 821 -77.07 22.21 -25.42
N GLN E 822 -77.78 23.34 -25.48
CA GLN E 822 -78.08 23.91 -26.78
C GLN E 822 -76.83 24.34 -27.52
N LEU E 823 -75.93 25.05 -26.86
CA LEU E 823 -74.72 25.52 -27.54
C LEU E 823 -73.85 24.38 -28.05
N HIS E 824 -73.55 23.39 -27.21
CA HIS E 824 -72.72 22.29 -27.67
C HIS E 824 -73.42 21.41 -28.69
N GLN E 825 -74.73 21.23 -28.52
CA GLN E 825 -75.56 20.46 -29.43
C GLN E 825 -75.66 21.09 -30.81
N GLU E 826 -75.97 22.37 -30.87
CA GLU E 826 -76.15 23.00 -32.17
C GLU E 826 -74.83 23.24 -32.86
N GLY E 827 -73.75 23.45 -32.11
CA GLY E 827 -72.47 23.57 -32.80
C GLY E 827 -71.80 22.22 -32.81
N ARG E 828 -72.55 21.18 -32.45
CA ARG E 828 -72.04 19.82 -32.35
C ARG E 828 -71.60 19.37 -33.72
N GLN E 829 -72.47 19.61 -34.70
CA GLN E 829 -72.30 19.03 -36.02
C GLN E 829 -71.05 19.59 -36.68
N LEU E 830 -70.72 20.83 -36.37
CA LEU E 830 -69.65 21.57 -37.01
C LEU E 830 -68.32 21.07 -36.47
N ASN E 831 -67.34 21.08 -37.36
CA ASN E 831 -65.93 20.82 -37.08
C ASN E 831 -65.23 22.05 -36.50
N LEU E 832 -65.78 22.57 -35.39
CA LEU E 832 -65.35 23.82 -34.79
C LEU E 832 -65.27 23.62 -33.28
N SER E 833 -64.20 24.16 -32.66
CA SER E 833 -64.19 24.27 -31.20
C SER E 833 -65.25 25.27 -30.77
N LEU E 834 -66.25 24.78 -30.05
CA LEU E 834 -67.43 25.58 -29.71
C LEU E 834 -67.15 26.60 -28.59
N THR E 835 -66.26 27.56 -28.83
CA THR E 835 -65.96 28.54 -27.78
C THR E 835 -66.27 29.94 -28.29
N LYS E 836 -66.45 30.88 -27.36
CA LYS E 836 -66.89 32.21 -27.74
C LYS E 836 -65.94 32.87 -28.72
N GLU E 837 -64.64 32.92 -28.39
CA GLU E 837 -63.67 33.63 -29.22
C GLU E 837 -63.60 32.96 -30.57
N VAL E 838 -63.57 31.62 -30.57
CA VAL E 838 -63.50 30.88 -31.80
C VAL E 838 -64.73 31.20 -32.66
N LEU E 839 -65.91 31.28 -32.04
CA LEU E 839 -67.12 31.55 -32.80
C LEU E 839 -67.11 32.97 -33.37
N GLY E 840 -66.57 33.92 -32.61
CA GLY E 840 -66.40 35.26 -33.16
C GLY E 840 -65.48 35.23 -34.36
N GLN E 841 -64.37 34.52 -34.22
CA GLN E 841 -63.42 34.38 -35.32
C GLN E 841 -64.05 33.68 -36.50
N ALA E 842 -64.87 32.67 -36.25
CA ALA E 842 -65.55 31.96 -37.32
C ALA E 842 -66.53 32.89 -38.04
N LEU E 843 -67.24 33.74 -37.29
CA LEU E 843 -68.13 34.69 -37.92
C LEU E 843 -67.34 35.63 -38.81
N ILE E 844 -66.22 36.13 -38.31
CA ILE E 844 -65.35 36.99 -39.12
C ILE E 844 -64.86 36.22 -40.34
N SER E 845 -64.49 34.95 -40.15
CA SER E 845 -64.02 34.12 -41.25
C SER E 845 -65.09 33.98 -42.32
N ALA E 846 -66.33 33.73 -41.90
CA ALA E 846 -67.41 33.59 -42.86
C ALA E 846 -67.66 34.90 -43.58
N LYS E 847 -67.58 36.02 -42.85
CA LYS E 847 -67.73 37.31 -43.48
C LYS E 847 -66.66 37.51 -44.54
N ASN E 848 -65.41 37.22 -44.19
CA ASN E 848 -64.33 37.33 -45.16
C ASN E 848 -64.53 36.34 -46.30
N TYR E 849 -65.08 35.17 -46.00
CA TYR E 849 -65.40 34.20 -47.04
C TYR E 849 -66.36 34.77 -48.06
N ARG E 850 -67.42 35.40 -47.58
CA ARG E 850 -68.42 35.95 -48.49
C ARG E 850 -67.81 37.09 -49.31
N ASP E 851 -67.03 37.96 -48.66
CA ASP E 851 -66.37 39.04 -49.39
C ASP E 851 -65.40 38.51 -50.43
N GLN E 852 -64.58 37.53 -50.06
CA GLN E 852 -63.66 36.93 -51.01
C GLN E 852 -64.44 36.29 -52.14
N LEU E 853 -65.60 35.73 -51.81
CA LEU E 853 -66.46 35.14 -52.81
C LEU E 853 -66.93 36.19 -53.78
N TYR E 854 -67.29 37.38 -53.27
CA TYR E 854 -67.69 38.46 -54.15
C TYR E 854 -66.55 38.87 -55.07
N SER E 855 -65.34 38.98 -54.53
CA SER E 855 -64.21 39.30 -55.39
C SER E 855 -63.99 38.21 -56.43
N PHE E 856 -64.08 36.96 -56.00
CA PHE E 856 -63.91 35.82 -56.89
C PHE E 856 -65.00 35.79 -57.96
N LYS E 857 -66.25 36.08 -57.58
CA LYS E 857 -67.32 36.15 -58.57
C LYS E 857 -67.03 37.23 -59.59
N ASP E 858 -66.59 38.40 -59.13
CA ASP E 858 -66.30 39.46 -60.06
C ASP E 858 -65.24 39.03 -61.06
N LEU E 859 -64.15 38.45 -60.56
CA LEU E 859 -63.11 37.98 -61.47
C LEU E 859 -63.68 36.91 -62.41
N PHE E 860 -64.52 36.03 -61.86
CA PHE E 860 -65.12 34.95 -62.64
C PHE E 860 -66.04 35.46 -63.73
N GLN E 861 -66.84 36.47 -63.44
CA GLN E 861 -67.74 36.98 -64.47
C GLN E 861 -66.94 37.61 -65.59
N LYS E 862 -65.87 38.33 -65.24
CA LYS E 862 -64.99 38.83 -66.27
C LYS E 862 -64.44 37.67 -67.08
N CYS E 863 -64.04 36.59 -66.40
CA CYS E 863 -63.54 35.40 -67.06
C CYS E 863 -64.60 34.73 -67.94
N LEU E 864 -65.84 34.65 -67.47
CA LEU E 864 -66.92 34.07 -68.27
C LEU E 864 -67.06 34.87 -69.56
N PHE E 865 -67.14 36.18 -69.43
CA PHE E 865 -67.30 37.03 -70.60
C PHE E 865 -66.10 36.84 -71.50
N ALA E 866 -64.89 36.79 -70.93
CA ALA E 866 -63.68 36.60 -71.71
C ALA E 866 -63.67 35.24 -72.39
N ARG E 867 -64.18 34.20 -71.71
CA ARG E 867 -64.26 32.89 -72.35
C ARG E 867 -65.18 32.97 -73.57
N LYS E 868 -66.30 33.66 -73.43
CA LYS E 868 -67.21 33.79 -74.56
C LYS E 868 -66.57 34.66 -75.63
N ARG E 869 -65.79 35.66 -75.20
CA ARG E 869 -64.96 36.44 -76.10
C ARG E 869 -64.00 35.57 -76.88
N ILE E 870 -63.30 34.68 -76.19
CA ILE E 870 -62.35 33.80 -76.86
C ILE E 870 -63.11 32.89 -77.82
N GLU E 871 -64.30 32.45 -77.42
CA GLU E 871 -65.11 31.64 -78.32
C GLU E 871 -65.38 32.42 -79.60
N ASP E 872 -65.84 33.66 -79.45
CA ASP E 872 -66.14 34.52 -80.59
C ASP E 872 -64.88 34.81 -81.40
N LEU E 873 -63.76 35.05 -80.72
CA LEU E 873 -62.52 35.35 -81.42
C LEU E 873 -62.07 34.17 -82.25
N THR E 874 -62.19 32.96 -81.70
CA THR E 874 -61.85 31.77 -82.44
C THR E 874 -62.84 31.56 -83.58
N HIS E 875 -64.10 31.88 -83.33
CA HIS E 875 -65.11 31.80 -84.38
C HIS E 875 -64.72 32.71 -85.53
N ARG E 876 -64.36 33.96 -85.20
CA ARG E 876 -63.94 34.90 -86.21
C ARG E 876 -62.67 34.44 -86.90
N LEU E 877 -61.75 33.88 -86.13
CA LEU E 877 -60.50 33.40 -86.73
C LEU E 877 -60.73 32.27 -87.71
N PHE E 878 -61.61 31.30 -87.41
CA PHE E 878 -61.87 30.29 -88.43
C PHE E 878 -62.52 30.95 -89.64
N GLU E 879 -63.49 31.85 -89.39
CA GLU E 879 -64.14 32.55 -90.50
C GLU E 879 -63.10 33.26 -91.36
N MET E 880 -62.15 33.94 -90.72
CA MET E 880 -61.19 34.74 -91.48
C MET E 880 -60.23 33.84 -92.21
N GLU E 881 -59.90 32.69 -91.62
CA GLU E 881 -59.12 31.70 -92.34
C GLU E 881 -59.88 31.19 -93.56
N THR E 882 -61.19 30.96 -93.40
CA THR E 882 -62.04 30.57 -94.52
C THR E 882 -62.02 31.64 -95.60
N GLU E 883 -62.18 32.90 -95.21
CA GLU E 883 -62.16 34.00 -96.18
C GLU E 883 -60.81 34.06 -96.89
N LEU E 884 -59.72 33.89 -96.14
CA LEU E 884 -58.39 33.90 -96.74
C LEU E 884 -58.27 32.78 -97.76
N ASP E 885 -58.78 31.60 -97.39
CA ASP E 885 -58.75 30.46 -98.29
C ASP E 885 -59.56 30.75 -99.53
N ASP E 886 -60.74 31.37 -99.36
CA ASP E 886 -61.58 31.72 -100.50
C ASP E 886 -60.86 32.70 -101.41
N LEU E 887 -60.22 33.72 -100.84
CA LEU E 887 -59.50 34.69 -101.66
C LEU E 887 -58.38 33.98 -102.41
N LYS E 888 -57.65 33.10 -101.74
CA LYS E 888 -56.58 32.38 -102.40
C LYS E 888 -57.13 31.45 -103.49
N GLY E 889 -58.27 30.82 -103.24
CA GLY E 889 -58.88 30.00 -104.27
C GLY E 889 -59.23 30.82 -105.50
N ASP E 890 -59.83 32.00 -105.28
CA ASP E 890 -60.15 32.87 -106.40
C ASP E 890 -58.88 33.29 -107.12
N GLN E 891 -57.84 33.64 -106.37
CA GLN E 891 -56.57 34.06 -106.95
C GLN E 891 -55.96 32.92 -107.76
N ASN E 892 -56.05 31.70 -107.23
CA ASN E 892 -55.55 30.53 -107.93
C ASN E 892 -56.37 30.25 -109.19
N VAL E 893 -57.67 30.52 -109.14
CA VAL E 893 -58.50 30.42 -110.32
C VAL E 893 -57.99 31.40 -111.37
N LYS E 894 -57.69 32.63 -110.95
CA LYS E 894 -57.15 33.63 -111.86
C LYS E 894 -55.82 33.14 -112.43
N GLU E 895 -55.01 32.51 -111.57
CA GLU E 895 -53.71 31.98 -111.94
C GLU E 895 -53.80 30.85 -112.95
N SER E 896 -54.79 29.96 -112.80
CA SER E 896 -54.93 28.87 -113.76
C SER E 896 -55.24 29.41 -115.14
N GLN E 897 -56.15 30.39 -115.24
CA GLN E 897 -56.44 31.00 -116.53
C GLN E 897 -55.21 31.71 -117.07
N LEU E 898 -54.43 32.36 -116.20
CA LEU E 898 -53.21 33.05 -116.61
C LEU E 898 -52.17 32.09 -117.18
N ARG E 899 -51.98 30.94 -116.52
CA ARG E 899 -51.05 29.93 -117.04
C ARG E 899 -51.49 29.45 -118.41
N LYS E 900 -52.79 29.21 -118.56
CA LYS E 900 -53.34 28.76 -119.83
C LYS E 900 -53.09 29.79 -120.93
N GLU E 901 -53.33 31.07 -120.61
CA GLU E 901 -53.12 32.11 -121.63
C GLU E 901 -51.66 32.24 -122.00
N LYS E 902 -50.74 32.17 -121.04
CA LYS E 902 -49.32 32.19 -121.37
C LYS E 902 -48.92 31.01 -122.24
N ALA E 903 -49.38 29.80 -121.91
CA ALA E 903 -49.06 28.64 -122.73
C ALA E 903 -49.60 28.80 -124.14
N GLU E 904 -50.80 29.38 -124.27
CA GLU E 904 -51.38 29.58 -125.58
C GLU E 904 -50.62 30.63 -126.37
N ILE E 905 -50.10 31.66 -125.68
CA ILE E 905 -49.22 32.63 -126.34
C ILE E 905 -47.96 31.97 -126.85
N GLU E 906 -47.35 31.10 -126.02
CA GLU E 906 -46.17 30.37 -126.48
C GLU E 906 -46.49 29.55 -127.73
N SER E 907 -47.63 28.87 -127.73
CA SER E 907 -48.03 28.08 -128.90
C SER E 907 -48.25 28.98 -130.12
N ILE E 908 -48.87 30.13 -129.90
CA ILE E 908 -49.13 31.09 -130.97
C ILE E 908 -47.84 31.57 -131.61
N GLU E 909 -46.83 31.91 -130.81
CA GLU E 909 -45.57 32.34 -131.40
C GLU E 909 -44.93 31.25 -132.25
N GLN E 910 -44.92 30.01 -131.74
CA GLN E 910 -44.29 28.91 -132.47
C GLN E 910 -44.98 28.52 -133.78
N GLN E 911 -46.33 28.43 -133.79
CA GLN E 911 -46.99 28.05 -135.04
C GLN E 911 -46.89 29.06 -136.18
N LEU E 912 -46.99 30.36 -135.90
CA LEU E 912 -46.84 31.33 -136.97
C LEU E 912 -45.50 31.27 -137.71
N LYS E 913 -44.39 31.19 -136.99
CA LYS E 913 -43.07 31.13 -137.62
C LYS E 913 -42.82 29.87 -138.44
N LEU E 914 -43.27 28.71 -137.96
CA LEU E 914 -42.82 27.41 -138.47
C LEU E 914 -43.71 26.86 -139.59
N LYS E 915 -44.96 27.27 -139.66
CA LYS E 915 -46.01 26.58 -140.39
C LYS E 915 -45.67 26.10 -141.80
N GLY E 916 -46.45 25.12 -142.25
CA GLY E 916 -46.33 24.46 -143.55
C GLY E 916 -47.21 23.24 -143.53
N ILE E 917 -47.87 22.98 -144.66
CA ILE E 917 -48.95 21.98 -144.68
C ILE E 917 -48.49 20.60 -144.19
N GLU E 918 -47.38 20.11 -144.75
CA GLU E 918 -46.81 18.85 -144.30
C GLU E 918 -46.31 18.95 -142.87
N GLU E 919 -45.63 20.04 -142.56
CA GLU E 919 -45.13 20.23 -141.20
C GLU E 919 -46.29 20.25 -140.22
N VAL E 920 -47.41 20.87 -140.60
CA VAL E 920 -48.57 20.90 -139.72
C VAL E 920 -49.08 19.48 -139.50
N ARG E 921 -49.15 18.67 -140.56
CA ARG E 921 -49.54 17.27 -140.37
C ARG E 921 -48.59 16.55 -139.41
N LEU E 922 -47.28 16.70 -139.64
CA LEU E 922 -46.30 16.04 -138.80
C LEU E 922 -46.44 16.52 -137.36
N ARG E 923 -46.65 17.82 -137.18
CA ARG E 923 -46.77 18.39 -135.85
C ARG E 923 -48.06 17.90 -135.19
N ILE E 924 -49.11 17.72 -135.98
CA ILE E 924 -50.34 17.12 -135.46
C ILE E 924 -50.06 15.70 -134.98
N GLN E 925 -49.29 14.94 -135.75
CA GLN E 925 -48.92 13.59 -135.31
C GLN E 925 -48.12 13.65 -134.02
N GLN E 926 -47.18 14.59 -133.95
CA GLN E 926 -46.37 14.77 -132.74
C GLN E 926 -47.26 15.13 -131.57
N VAL E 927 -48.24 16.00 -131.82
CA VAL E 927 -49.17 16.43 -130.78
C VAL E 927 -50.01 15.23 -130.34
N GLN E 928 -50.39 14.38 -131.28
CA GLN E 928 -51.11 13.16 -130.92
C GLN E 928 -50.23 12.27 -130.04
N GLN E 929 -48.95 12.15 -130.39
CA GLN E 929 -48.04 11.35 -129.59
C GLN E 929 -47.91 11.93 -128.18
N GLU E 930 -47.76 13.26 -128.08
CA GLU E 930 -47.68 13.91 -126.79
C GLU E 930 -48.97 13.74 -126.00
N LEU E 931 -50.10 13.88 -126.68
CA LEU E 931 -51.40 13.71 -126.03
C LEU E 931 -51.61 12.29 -125.52
N ARG E 932 -51.23 11.29 -126.32
CA ARG E 932 -51.32 9.91 -125.85
C ARG E 932 -50.42 9.72 -124.65
N GLU E 933 -49.20 10.25 -124.70
CA GLU E 933 -48.29 10.11 -123.56
C GLU E 933 -48.86 10.75 -122.32
N ALA E 934 -49.42 11.96 -122.45
CA ALA E 934 -50.00 12.64 -121.30
C ALA E 934 -51.18 11.85 -120.76
N THR E 935 -52.02 11.33 -121.65
CA THR E 935 -53.15 10.52 -121.22
C THR E 935 -52.68 9.26 -120.52
N GLU E 936 -51.64 8.62 -121.06
CA GLU E 936 -51.07 7.42 -120.44
C GLU E 936 -50.56 7.74 -119.06
N GLY E 937 -49.81 8.84 -118.92
CA GLY E 937 -49.31 9.20 -117.61
C GLY E 937 -50.43 9.46 -116.65
N ILE E 938 -51.47 10.18 -117.11
CA ILE E 938 -52.58 10.51 -116.23
C ILE E 938 -53.34 9.24 -115.86
N ASN E 939 -53.45 8.30 -116.80
CA ASN E 939 -54.11 7.03 -116.56
C ASN E 939 -53.33 6.20 -115.53
N HIS E 940 -52.01 6.11 -115.72
CA HIS E 940 -51.18 5.35 -114.79
C HIS E 940 -51.28 5.95 -113.41
N LEU E 941 -51.21 7.27 -113.33
CA LEU E 941 -51.35 7.97 -112.07
C LEU E 941 -52.75 7.79 -111.48
N LEU E 942 -53.78 7.80 -112.33
CA LEU E 942 -55.14 7.60 -111.85
C LEU E 942 -55.28 6.23 -111.22
N GLU E 943 -54.59 5.23 -111.78
CA GLU E 943 -54.63 3.90 -111.18
C GLU E 943 -53.78 3.84 -109.91
N THR E 944 -52.56 4.37 -109.94
CA THR E 944 -51.66 4.21 -108.81
C THR E 944 -52.12 5.04 -107.61
N ILE E 945 -52.49 6.30 -107.84
CA ILE E 945 -52.77 7.21 -106.74
C ILE E 945 -53.83 6.64 -105.82
N PRO E 946 -54.98 6.16 -106.31
CA PRO E 946 -55.96 5.60 -105.38
C PRO E 946 -55.40 4.45 -104.59
N GLN E 947 -54.56 3.61 -105.20
CA GLN E 947 -53.97 2.51 -104.46
C GLN E 947 -53.15 3.04 -103.29
N LYS E 948 -52.26 3.99 -103.56
CA LYS E 948 -51.44 4.53 -102.49
C LYS E 948 -52.25 5.34 -101.50
N LYS E 949 -53.31 5.99 -101.97
CA LYS E 949 -54.19 6.73 -101.07
C LYS E 949 -54.90 5.79 -100.10
N ALA E 950 -55.43 4.67 -100.62
CA ALA E 950 -56.04 3.69 -99.73
C ALA E 950 -54.99 3.09 -98.81
N LYS E 951 -53.78 2.84 -99.33
CA LYS E 951 -52.73 2.32 -98.47
C LYS E 951 -52.40 3.31 -97.36
N GLN E 952 -52.33 4.60 -97.70
CA GLN E 952 -52.12 5.63 -96.71
C GLN E 952 -53.28 5.71 -95.73
N GLU E 953 -54.50 5.50 -96.22
CA GLU E 953 -55.65 5.46 -95.32
C GLU E 953 -55.47 4.35 -94.29
N THR E 954 -55.13 3.15 -94.75
CA THR E 954 -54.90 2.04 -93.85
C THR E 954 -53.72 2.35 -92.92
N CYS E 955 -52.65 2.89 -93.49
CA CYS E 955 -51.47 3.22 -92.70
C CYS E 955 -51.79 4.24 -91.62
N GLN E 956 -52.58 5.26 -91.96
CA GLN E 956 -52.96 6.27 -90.98
C GLN E 956 -53.84 5.68 -89.91
N ASN E 957 -54.82 4.86 -90.29
CA ASN E 957 -55.65 4.20 -89.30
C ASN E 957 -54.79 3.37 -88.35
N GLU E 958 -53.92 2.55 -88.93
CA GLU E 958 -53.09 1.66 -88.11
C GLU E 958 -52.06 2.45 -87.32
N LEU E 959 -51.59 3.58 -87.85
CA LEU E 959 -50.68 4.44 -87.10
C LEU E 959 -51.36 5.08 -85.92
N ALA E 960 -52.60 5.53 -86.10
CA ALA E 960 -53.37 6.05 -84.98
C ALA E 960 -53.58 4.95 -83.95
N ALA E 961 -53.93 3.75 -84.43
CA ALA E 961 -54.08 2.62 -83.54
C ALA E 961 -52.78 2.32 -82.81
N ALA E 962 -51.65 2.37 -83.52
CA ALA E 962 -50.37 2.07 -82.92
C ALA E 962 -50.01 3.11 -81.86
N LYS E 963 -50.27 4.39 -82.15
CA LYS E 963 -50.03 5.43 -81.15
C LYS E 963 -50.94 5.21 -79.94
N THR E 964 -52.20 4.86 -80.19
CA THR E 964 -53.11 4.52 -79.11
C THR E 964 -52.51 3.40 -78.28
N SER E 965 -52.05 2.34 -78.95
CA SER E 965 -51.47 1.20 -78.27
C SER E 965 -50.25 1.62 -77.48
N ALA E 966 -49.42 2.49 -78.06
CA ALA E 966 -48.22 2.96 -77.38
C ALA E 966 -48.60 3.69 -76.11
N GLU E 967 -49.60 4.57 -76.19
CA GLU E 967 -50.04 5.30 -75.00
C GLU E 967 -50.57 4.30 -73.98
N PHE E 968 -51.36 3.35 -74.46
CA PHE E 968 -51.95 2.34 -73.58
C PHE E 968 -50.88 1.53 -72.88
N TRP E 969 -49.89 1.06 -73.62
CA TRP E 969 -48.88 0.20 -73.05
C TRP E 969 -47.95 1.00 -72.17
N SER E 970 -47.75 2.28 -72.48
CA SER E 970 -47.05 3.18 -71.59
C SER E 970 -47.80 3.22 -70.27
N ASN E 971 -49.12 3.37 -70.37
CA ASN E 971 -49.96 3.44 -69.18
C ASN E 971 -49.90 2.14 -68.38
N MET E 972 -49.97 1.00 -69.06
CA MET E 972 -49.94 -0.28 -68.35
C MET E 972 -48.59 -0.50 -67.69
N ALA E 973 -47.51 -0.16 -68.40
CA ALA E 973 -46.18 -0.26 -67.83
C ALA E 973 -46.04 0.66 -66.64
N ASP E 974 -46.57 1.88 -66.75
CA ASP E 974 -46.57 2.81 -65.64
C ASP E 974 -47.38 2.29 -64.48
N GLU E 975 -48.51 1.64 -64.73
CA GLU E 975 -49.33 1.10 -63.67
C GLU E 975 -48.56 0.03 -62.92
N TRP E 976 -47.92 -0.85 -63.68
CA TRP E 976 -47.11 -1.87 -63.07
C TRP E 976 -45.95 -1.22 -62.32
N GLU E 977 -45.44 -0.11 -62.86
CA GLU E 977 -44.41 0.66 -62.18
C GLU E 977 -44.89 1.17 -60.83
N GLN E 978 -46.11 1.74 -60.80
CA GLN E 978 -46.62 2.20 -59.51
C GLN E 978 -46.77 1.05 -58.53
N MET E 979 -47.29 -0.08 -59.01
CA MET E 979 -47.40 -1.25 -58.15
C MET E 979 -46.03 -1.67 -57.61
N VAL E 980 -45.06 -1.85 -58.49
CA VAL E 980 -43.75 -2.34 -58.08
C VAL E 980 -43.09 -1.33 -57.14
N ARG E 981 -43.26 -0.04 -57.42
CA ARG E 981 -42.74 1.00 -56.54
C ARG E 981 -43.43 0.97 -55.19
N ALA E 982 -44.71 0.59 -55.17
CA ALA E 982 -45.41 0.45 -53.91
C ALA E 982 -44.78 -0.66 -53.10
N ASP E 983 -44.57 -1.81 -53.75
CA ASP E 983 -44.03 -2.94 -53.00
C ASP E 983 -42.67 -2.54 -52.47
N ILE E 984 -41.87 -1.87 -53.29
CA ILE E 984 -40.58 -1.41 -52.83
C ILE E 984 -40.71 -0.43 -51.66
N ALA E 985 -41.70 0.48 -51.70
CA ALA E 985 -41.83 1.42 -50.59
C ALA E 985 -41.97 0.66 -49.28
N ARG E 986 -42.74 -0.44 -49.31
CA ARG E 986 -42.87 -1.26 -48.12
C ARG E 986 -41.51 -1.81 -47.66
N GLY E 987 -40.58 -2.00 -48.59
CA GLY E 987 -39.28 -2.55 -48.24
C GLY E 987 -39.26 -4.05 -48.08
N PHE E 988 -40.37 -4.69 -48.38
CA PHE E 988 -40.50 -6.15 -48.32
C PHE E 988 -39.51 -6.87 -49.24
N VAL E 989 -39.21 -6.32 -50.41
CA VAL E 989 -38.30 -6.92 -51.38
C VAL E 989 -37.25 -5.89 -51.76
N GLU E 990 -35.99 -6.32 -51.81
CA GLU E 990 -34.93 -5.43 -52.28
C GLU E 990 -34.64 -5.66 -53.76
N VAL E 991 -34.21 -4.59 -54.41
CA VAL E 991 -33.98 -4.57 -55.84
C VAL E 991 -32.70 -3.87 -56.24
N VAL E 992 -32.21 -4.22 -57.43
CA VAL E 992 -31.01 -3.57 -57.96
C VAL E 992 -31.33 -2.11 -58.23
N GLU E 993 -32.35 -1.90 -59.05
CA GLU E 993 -32.81 -0.60 -59.52
C GLU E 993 -34.28 -0.77 -59.86
N MET E 994 -34.98 0.35 -60.06
CA MET E 994 -36.41 0.26 -60.38
C MET E 994 -36.55 0.00 -61.87
N ASP E 995 -35.89 -1.06 -62.37
CA ASP E 995 -36.00 -1.48 -63.76
C ASP E 995 -36.54 -2.90 -63.88
N PRO E 996 -37.65 -3.09 -64.60
CA PRO E 996 -38.25 -4.43 -64.71
C PRO E 996 -37.32 -5.50 -65.27
N VAL E 997 -36.45 -5.17 -66.24
CA VAL E 997 -35.57 -6.19 -66.80
C VAL E 997 -34.63 -6.74 -65.74
N LYS E 998 -34.04 -5.87 -64.92
CA LYS E 998 -33.15 -6.35 -63.87
C LYS E 998 -33.90 -7.21 -62.86
N ILE E 999 -35.11 -6.75 -62.50
CA ILE E 999 -35.93 -7.44 -61.50
C ILE E 999 -36.34 -8.83 -61.95
N VAL E 1000 -36.78 -8.97 -63.20
CA VAL E 1000 -37.19 -10.29 -63.66
C VAL E 1000 -36.00 -11.24 -63.62
N LYS E 1001 -34.82 -10.79 -64.01
CA LYS E 1001 -33.68 -11.69 -63.95
C LYS E 1001 -33.41 -12.09 -62.51
N GLN E 1002 -33.56 -11.15 -61.58
CA GLN E 1002 -33.28 -11.50 -60.18
C GLN E 1002 -34.26 -12.56 -59.67
N LEU E 1003 -35.53 -12.45 -60.06
CA LEU E 1003 -36.64 -13.29 -59.63
C LEU E 1003 -37.12 -14.23 -60.74
N GLU E 1004 -36.28 -14.45 -61.76
CA GLU E 1004 -36.67 -15.19 -62.95
C GLU E 1004 -37.32 -16.56 -62.66
N SER E 1005 -36.87 -17.28 -61.64
CA SER E 1005 -37.43 -18.60 -61.40
C SER E 1005 -38.69 -18.66 -60.54
N ILE E 1006 -39.05 -17.63 -59.77
CA ILE E 1006 -40.15 -17.79 -58.82
C ILE E 1006 -41.50 -17.97 -59.53
N LEU E 1007 -41.77 -17.18 -60.57
CA LEU E 1007 -42.99 -17.37 -61.36
C LEU E 1007 -43.12 -18.77 -61.95
N GLY E 1008 -42.03 -19.38 -62.37
CA GLY E 1008 -42.09 -20.74 -62.88
C GLY E 1008 -42.41 -21.76 -61.80
N LYS E 1009 -42.15 -21.41 -60.54
CA LYS E 1009 -42.23 -22.40 -59.48
C LYS E 1009 -43.63 -22.46 -58.88
N TYR E 1010 -44.19 -21.30 -58.52
CA TYR E 1010 -45.45 -21.27 -57.78
C TYR E 1010 -46.53 -20.57 -58.61
N ASP E 1011 -47.72 -20.46 -58.01
CA ASP E 1011 -48.81 -19.68 -58.57
C ASP E 1011 -49.55 -18.97 -57.44
N ARG E 1012 -50.20 -17.86 -57.80
CA ARG E 1012 -50.74 -16.93 -56.83
C ARG E 1012 -51.67 -17.54 -55.80
N SER E 1013 -52.65 -18.33 -56.26
CA SER E 1013 -53.62 -18.90 -55.33
C SER E 1013 -52.93 -19.75 -54.29
N LYS E 1014 -52.03 -20.61 -54.73
CA LYS E 1014 -51.34 -21.52 -53.82
C LYS E 1014 -50.56 -20.73 -52.76
N LEU E 1015 -49.76 -19.75 -53.19
CA LEU E 1015 -48.95 -19.01 -52.24
C LEU E 1015 -49.81 -18.19 -51.28
N ASN E 1016 -50.88 -17.59 -51.78
CA ASN E 1016 -51.75 -16.82 -50.90
C ASN E 1016 -52.37 -17.74 -49.86
N GLU E 1017 -52.87 -18.89 -50.31
CA GLU E 1017 -53.45 -19.89 -49.42
C GLU E 1017 -52.45 -20.34 -48.36
N GLN E 1018 -51.24 -20.67 -48.79
CA GLN E 1018 -50.27 -21.21 -47.85
C GLN E 1018 -49.78 -20.12 -46.90
N LEU E 1019 -49.81 -18.86 -47.35
CA LEU E 1019 -49.52 -17.76 -46.45
C LEU E 1019 -50.60 -17.68 -45.38
N THR E 1020 -51.86 -17.83 -45.77
CA THR E 1020 -52.95 -17.84 -44.80
C THR E 1020 -52.79 -19.01 -43.83
N LYS E 1021 -52.40 -20.17 -44.35
CA LYS E 1021 -52.21 -21.35 -43.52
C LYS E 1021 -51.12 -21.08 -42.49
N THR E 1022 -50.01 -20.50 -42.95
CA THR E 1022 -48.91 -20.17 -42.04
C THR E 1022 -49.39 -19.16 -41.01
N PHE E 1023 -50.21 -18.19 -41.44
CA PHE E 1023 -50.75 -17.19 -40.53
C PHE E 1023 -51.57 -17.85 -39.43
N ILE E 1024 -52.38 -18.82 -39.81
CA ILE E 1024 -53.19 -19.55 -38.83
C ILE E 1024 -52.28 -20.31 -37.88
N ASN E 1025 -51.33 -21.07 -38.42
CA ASN E 1025 -50.45 -21.89 -37.59
C ASN E 1025 -49.69 -21.00 -36.60
N GLU E 1026 -49.04 -19.95 -37.11
CA GLU E 1026 -48.10 -19.21 -36.31
C GLU E 1026 -48.82 -18.29 -35.32
N GLN E 1027 -50.15 -18.22 -35.41
CA GLN E 1027 -50.90 -17.52 -34.37
C GLN E 1027 -50.97 -18.34 -33.10
N ILE E 1028 -50.57 -19.61 -33.19
CA ILE E 1028 -50.45 -20.44 -31.99
C ILE E 1028 -49.37 -19.90 -31.07
N PHE E 1029 -48.24 -19.48 -31.67
CA PHE E 1029 -47.12 -18.99 -30.88
C PHE E 1029 -47.30 -17.52 -30.58
N LEU E 1030 -47.70 -16.77 -31.61
CA LEU E 1030 -47.67 -15.31 -31.61
C LEU E 1030 -48.97 -14.71 -31.13
N THR E 1031 -49.90 -15.53 -30.60
CA THR E 1031 -51.25 -15.05 -30.35
C THR E 1031 -51.28 -13.78 -29.51
N GLU E 1032 -50.30 -13.60 -28.62
CA GLU E 1032 -50.31 -12.40 -27.79
C GLU E 1032 -50.19 -11.13 -28.62
N TYR E 1033 -49.57 -11.22 -29.79
CA TYR E 1033 -49.41 -10.11 -30.71
C TYR E 1033 -50.64 -9.82 -31.57
N ARG E 1034 -51.66 -10.68 -31.61
CA ARG E 1034 -52.83 -10.26 -32.36
C ARG E 1034 -52.41 -9.96 -33.80
N MET E 1035 -51.89 -10.98 -34.50
CA MET E 1035 -51.50 -10.80 -35.89
C MET E 1035 -52.69 -10.24 -36.64
N PHE E 1036 -52.45 -9.71 -37.84
CA PHE E 1036 -53.54 -9.29 -38.71
C PHE E 1036 -53.08 -8.89 -40.10
N GLU E 1037 -53.90 -9.25 -41.08
CA GLU E 1037 -53.71 -9.02 -42.51
C GLU E 1037 -54.74 -8.04 -43.03
N TYR E 1038 -54.49 -7.45 -44.20
CA TYR E 1038 -55.40 -6.47 -44.78
C TYR E 1038 -55.09 -6.33 -46.26
N PRO E 1039 -56.11 -6.49 -47.13
CA PRO E 1039 -55.86 -6.43 -48.58
C PRO E 1039 -55.53 -5.05 -49.13
N GLU E 1040 -54.54 -5.01 -50.01
CA GLU E 1040 -54.15 -3.81 -50.74
C GLU E 1040 -54.77 -3.84 -52.14
N GLU E 1041 -55.33 -2.70 -52.54
CA GLU E 1041 -56.13 -2.54 -53.74
C GLU E 1041 -55.64 -1.30 -54.47
N THR E 1042 -55.93 -1.22 -55.78
CA THR E 1042 -55.53 -0.06 -56.56
C THR E 1042 -56.80 0.68 -56.96
N GLU E 1043 -56.74 2.00 -56.82
CA GLU E 1043 -57.86 2.91 -57.11
C GLU E 1043 -58.30 2.96 -58.58
N ARG E 1044 -58.40 1.80 -59.25
CA ARG E 1044 -58.91 1.70 -60.62
C ARG E 1044 -58.51 3.02 -61.31
N PRO E 1045 -57.31 3.14 -61.86
CA PRO E 1045 -56.93 4.41 -62.48
C PRO E 1045 -57.89 4.90 -63.55
N GLU E 1046 -58.15 6.21 -63.48
CA GLU E 1046 -59.12 6.86 -64.37
C GLU E 1046 -58.82 6.70 -65.84
N TRP E 1047 -57.56 6.58 -66.25
CA TRP E 1047 -57.32 6.55 -67.69
C TRP E 1047 -57.85 5.24 -68.27
N PHE E 1048 -58.21 4.31 -67.39
CA PHE E 1048 -58.88 3.08 -67.78
C PHE E 1048 -60.21 3.38 -68.46
N SER E 1049 -60.77 4.57 -68.23
CA SER E 1049 -62.08 4.90 -68.78
C SER E 1049 -62.07 5.02 -70.29
N LYS E 1050 -60.96 5.43 -70.88
CA LYS E 1050 -60.95 5.67 -72.32
C LYS E 1050 -60.99 4.35 -73.05
N GLU E 1051 -62.17 3.73 -73.07
CA GLU E 1051 -62.34 2.36 -73.52
C GLU E 1051 -61.49 2.03 -74.73
N TRP E 1052 -60.85 0.87 -74.66
CA TRP E 1052 -59.96 0.42 -75.72
C TRP E 1052 -60.53 -0.81 -76.42
N GLY E 1053 -61.43 -1.54 -75.75
CA GLY E 1053 -62.13 -2.71 -76.21
C GLY E 1053 -61.21 -3.79 -76.77
N GLU E 1054 -61.87 -4.80 -77.35
CA GLU E 1054 -61.22 -5.97 -77.94
C GLU E 1054 -59.80 -6.16 -77.42
N TYR E 1055 -58.80 -5.71 -78.18
CA TYR E 1055 -57.43 -6.13 -77.95
C TYR E 1055 -56.96 -5.77 -76.55
N TYR E 1056 -57.54 -4.75 -75.95
CA TYR E 1056 -57.06 -4.31 -74.65
C TYR E 1056 -57.93 -4.79 -73.51
N GLU E 1057 -59.17 -5.19 -73.80
CA GLU E 1057 -60.05 -5.64 -72.73
C GLU E 1057 -59.45 -6.78 -71.91
N PRO E 1058 -58.88 -7.81 -72.51
CA PRO E 1058 -58.27 -8.88 -71.70
C PRO E 1058 -57.21 -8.37 -70.75
N PHE E 1059 -56.39 -7.43 -71.20
CA PHE E 1059 -55.31 -6.94 -70.35
C PHE E 1059 -55.85 -6.14 -69.17
N MET E 1060 -56.88 -5.32 -69.39
CA MET E 1060 -57.46 -4.61 -68.27
C MET E 1060 -58.10 -5.57 -67.28
N ASN E 1061 -58.83 -6.57 -67.78
CA ASN E 1061 -59.41 -7.54 -66.85
C ASN E 1061 -58.35 -8.29 -66.08
N GLU E 1062 -57.30 -8.73 -66.76
CA GLU E 1062 -56.23 -9.46 -66.07
C GLU E 1062 -55.60 -8.60 -64.98
N TRP E 1063 -55.27 -7.36 -65.32
CA TRP E 1063 -54.67 -6.48 -64.33
C TRP E 1063 -55.62 -6.25 -63.16
N ASN E 1064 -56.90 -6.03 -63.44
CA ASN E 1064 -57.87 -5.85 -62.36
C ASN E 1064 -57.90 -7.06 -61.43
N GLN E 1065 -57.80 -8.27 -61.98
CA GLN E 1065 -57.85 -9.43 -61.10
C GLN E 1065 -56.57 -9.55 -60.29
N LEU E 1066 -55.42 -9.34 -60.94
CA LEU E 1066 -54.14 -9.62 -60.36
C LEU E 1066 -53.63 -8.46 -59.50
N GLN E 1067 -54.19 -7.27 -59.66
CA GLN E 1067 -53.64 -6.10 -58.98
C GLN E 1067 -53.76 -6.20 -57.47
N SER E 1068 -54.66 -7.05 -56.97
CA SER E 1068 -54.86 -7.14 -55.53
C SER E 1068 -53.83 -8.02 -54.85
N ARG E 1069 -53.31 -7.52 -53.72
CA ARG E 1069 -52.28 -8.22 -52.97
C ARG E 1069 -52.58 -8.06 -51.50
N ARG E 1070 -52.07 -8.97 -50.71
CA ARG E 1070 -52.37 -9.05 -49.29
C ARG E 1070 -51.19 -8.44 -48.53
N LEU E 1071 -51.51 -7.80 -47.41
CA LEU E 1071 -50.50 -7.23 -46.53
C LEU E 1071 -50.68 -7.76 -45.12
N ILE E 1072 -49.60 -7.70 -44.34
CA ILE E 1072 -49.63 -8.09 -42.93
C ILE E 1072 -48.99 -7.01 -42.06
N LEU E 1073 -49.66 -6.75 -40.94
CA LEU E 1073 -49.30 -5.78 -39.90
C LEU E 1073 -49.43 -6.52 -38.58
N MET E 1074 -48.52 -6.23 -37.64
CA MET E 1074 -48.49 -6.99 -36.39
C MET E 1074 -48.46 -6.09 -35.16
N GLU E 1075 -49.35 -6.37 -34.21
CA GLU E 1075 -49.38 -5.65 -32.93
C GLU E 1075 -48.26 -6.12 -32.01
N TYR E 1076 -47.02 -5.73 -32.30
CA TYR E 1076 -45.86 -6.17 -31.55
C TYR E 1076 -45.67 -5.33 -30.31
N LYS E 1077 -45.98 -5.87 -29.14
CA LYS E 1077 -45.78 -5.16 -27.88
C LYS E 1077 -46.45 -3.78 -27.93
N GLY E 1078 -47.71 -3.74 -28.38
CA GLY E 1078 -48.49 -2.52 -28.39
C GLY E 1078 -48.35 -1.69 -29.65
N GLN E 1079 -47.24 -1.81 -30.37
CA GLN E 1079 -47.05 -1.10 -31.62
C GLN E 1079 -47.56 -1.97 -32.77
N ARG E 1080 -47.92 -1.34 -33.88
CA ARG E 1080 -48.28 -2.08 -35.09
C ARG E 1080 -47.21 -1.94 -36.16
N VAL E 1081 -46.49 -3.04 -36.40
CA VAL E 1081 -45.22 -3.04 -37.14
C VAL E 1081 -45.33 -4.14 -38.19
N SER E 1082 -44.52 -4.06 -39.23
CA SER E 1082 -44.61 -5.10 -40.25
C SER E 1082 -43.87 -6.36 -39.80
N PRO E 1083 -44.21 -7.52 -40.37
CA PRO E 1083 -43.57 -8.77 -39.90
C PRO E 1083 -42.05 -8.75 -39.98
N TYR E 1084 -41.47 -8.04 -40.95
CA TYR E 1084 -40.02 -7.94 -41.02
C TYR E 1084 -39.47 -7.33 -39.74
N PHE E 1085 -40.10 -6.23 -39.30
CA PHE E 1085 -39.65 -5.54 -38.10
C PHE E 1085 -39.77 -6.44 -36.88
N VAL E 1086 -40.89 -7.17 -36.78
CA VAL E 1086 -41.08 -8.04 -35.63
C VAL E 1086 -40.05 -9.15 -35.61
N PHE E 1087 -39.77 -9.76 -36.78
CA PHE E 1087 -38.75 -10.80 -36.83
C PHE E 1087 -37.39 -10.27 -36.44
N THR E 1088 -37.01 -9.08 -36.95
CA THR E 1088 -35.73 -8.50 -36.59
C THR E 1088 -35.67 -8.19 -35.10
N SER E 1089 -36.76 -7.64 -34.56
CA SER E 1089 -36.81 -7.29 -33.15
C SER E 1089 -36.66 -8.52 -32.29
N LEU E 1090 -37.35 -9.60 -32.65
CA LEU E 1090 -37.23 -10.83 -31.89
C LEU E 1090 -35.83 -11.41 -32.01
N GLU E 1091 -35.21 -11.32 -33.19
CA GLU E 1091 -33.83 -11.76 -33.32
C GLU E 1091 -32.92 -11.01 -32.34
N LYS E 1092 -33.02 -9.68 -32.33
CA LYS E 1092 -32.16 -8.89 -31.45
C LYS E 1092 -32.45 -9.19 -29.98
N GLU E 1093 -33.73 -9.28 -29.62
CA GLU E 1093 -34.10 -9.53 -28.23
C GLU E 1093 -33.59 -10.90 -27.79
N LEU E 1094 -33.89 -11.95 -28.55
CA LEU E 1094 -33.44 -13.29 -28.22
C LEU E 1094 -31.92 -13.34 -28.11
N GLU E 1095 -31.23 -12.60 -28.99
CA GLU E 1095 -29.78 -12.51 -28.92
C GLU E 1095 -29.31 -11.90 -27.61
N ASP E 1096 -29.97 -10.84 -27.14
CA ASP E 1096 -29.57 -10.21 -25.89
C ASP E 1096 -29.97 -11.09 -24.70
N GLN E 1097 -31.21 -11.57 -24.70
CA GLN E 1097 -31.75 -12.31 -23.56
C GLN E 1097 -30.99 -13.61 -23.34
N LYS E 1098 -30.62 -14.29 -24.42
CA LYS E 1098 -29.91 -15.55 -24.33
C LYS E 1098 -28.55 -15.45 -23.65
N GLY E 1099 -27.96 -14.25 -23.59
CA GLY E 1099 -26.65 -14.18 -22.96
C GLY E 1099 -26.65 -13.99 -21.45
N TRP E 1100 -27.78 -13.64 -20.86
CA TRP E 1100 -27.77 -13.31 -19.44
C TRP E 1100 -27.26 -14.43 -18.54
N LEU E 1101 -27.85 -15.63 -18.64
CA LEU E 1101 -27.68 -16.64 -17.60
C LEU E 1101 -27.30 -17.99 -18.18
N ASP E 1102 -26.02 -18.26 -18.34
CA ASP E 1102 -25.62 -19.60 -18.76
C ASP E 1102 -25.98 -20.59 -17.67
N GLU E 1103 -26.31 -21.82 -18.09
CA GLU E 1103 -26.80 -22.82 -17.14
C GLU E 1103 -25.80 -23.09 -16.04
N GLN E 1104 -24.50 -23.08 -16.36
CA GLN E 1104 -23.50 -23.36 -15.34
C GLN E 1104 -23.61 -22.36 -14.20
N ASP E 1105 -23.82 -21.08 -14.52
CA ASP E 1105 -23.98 -20.07 -13.49
C ASP E 1105 -25.26 -20.29 -12.70
N ARG E 1106 -26.32 -20.74 -13.38
CA ARG E 1106 -27.55 -21.12 -12.68
C ARG E 1106 -27.27 -22.19 -11.62
N GLN E 1107 -26.59 -23.26 -12.03
CA GLN E 1107 -26.27 -24.34 -11.09
C GLN E 1107 -25.39 -23.84 -9.96
N LEU E 1108 -24.41 -22.98 -10.29
CA LEU E 1108 -23.51 -22.47 -9.27
C LEU E 1108 -24.25 -21.65 -8.23
N TYR E 1109 -25.14 -20.77 -8.70
CA TYR E 1109 -25.90 -19.93 -7.79
C TYR E 1109 -26.79 -20.78 -6.90
N GLU E 1110 -27.48 -21.74 -7.51
CA GLU E 1110 -28.33 -22.64 -6.74
C GLU E 1110 -27.53 -23.38 -5.68
N ASP E 1111 -26.35 -23.86 -6.05
CA ASP E 1111 -25.52 -24.58 -5.10
C ASP E 1111 -25.08 -23.68 -3.96
N ILE E 1112 -24.70 -22.44 -4.27
CA ILE E 1112 -24.15 -21.55 -3.25
C ILE E 1112 -25.21 -21.17 -2.23
N ILE E 1113 -26.45 -20.97 -2.68
CA ILE E 1113 -27.53 -20.71 -1.73
C ILE E 1113 -27.89 -21.98 -0.97
N VAL E 1114 -27.92 -23.09 -1.70
CA VAL E 1114 -28.30 -24.39 -1.17
C VAL E 1114 -27.38 -24.87 -0.05
N ASN E 1115 -26.14 -24.42 -0.03
CA ASN E 1115 -25.20 -24.87 0.99
C ASN E 1115 -25.56 -24.40 2.41
N THR E 1116 -25.97 -23.14 2.55
CA THR E 1116 -26.37 -22.61 3.85
C THR E 1116 -27.60 -23.26 4.49
N VAL E 1117 -28.59 -23.67 3.69
CA VAL E 1117 -29.76 -24.34 4.27
C VAL E 1117 -29.37 -25.62 4.99
N GLY E 1118 -28.39 -26.36 4.48
CA GLY E 1118 -27.99 -27.58 5.17
C GLY E 1118 -27.41 -27.30 6.53
N VAL E 1119 -26.64 -26.22 6.66
CA VAL E 1119 -26.11 -25.86 7.97
C VAL E 1119 -27.24 -25.49 8.92
N ILE E 1120 -28.25 -24.77 8.43
CA ILE E 1120 -29.40 -24.42 9.27
C ILE E 1120 -30.10 -25.69 9.74
N LEU E 1121 -30.28 -26.65 8.84
CA LEU E 1121 -30.92 -27.91 9.23
C LEU E 1121 -30.05 -28.61 10.25
N ARG E 1122 -28.73 -28.56 10.05
CA ARG E 1122 -27.79 -29.12 11.01
C ARG E 1122 -28.01 -28.49 12.38
N ASN E 1123 -28.16 -27.17 12.42
CA ASN E 1123 -28.30 -26.52 13.71
C ASN E 1123 -29.57 -26.98 14.39
N ARG E 1124 -30.68 -27.10 13.63
CA ARG E 1124 -31.89 -27.57 14.29
C ARG E 1124 -31.80 -29.02 14.71
N ILE E 1125 -31.20 -29.87 13.87
CA ILE E 1125 -31.04 -31.26 14.27
C ILE E 1125 -30.19 -31.38 15.53
N LYS E 1126 -29.08 -30.66 15.60
CA LYS E 1126 -28.26 -30.74 16.81
C LYS E 1126 -29.05 -30.28 18.04
N ARG E 1127 -29.77 -29.16 17.91
CA ARG E 1127 -30.50 -28.66 19.07
C ARG E 1127 -31.62 -29.61 19.47
N ALA E 1128 -32.36 -30.12 18.49
CA ALA E 1128 -33.44 -31.06 18.75
C ALA E 1128 -32.91 -32.34 19.36
N GLU E 1129 -31.77 -32.82 18.88
CA GLU E 1129 -31.21 -34.03 19.46
C GLU E 1129 -30.81 -33.79 20.91
N LYS E 1130 -30.23 -32.62 21.22
CA LYS E 1130 -29.91 -32.34 22.61
C LYS E 1130 -31.18 -32.24 23.45
N TRP E 1131 -32.22 -31.60 22.91
CA TRP E 1131 -33.49 -31.48 23.62
C TRP E 1131 -34.07 -32.86 23.92
N VAL E 1132 -34.05 -33.74 22.92
CA VAL E 1132 -34.58 -35.09 23.08
C VAL E 1132 -33.73 -35.84 24.09
N SER E 1133 -32.42 -35.55 24.10
CA SER E 1133 -31.55 -36.18 25.08
C SER E 1133 -31.98 -35.75 26.46
N GLU E 1134 -32.27 -34.47 26.63
CA GLU E 1134 -32.77 -33.96 27.91
C GLU E 1134 -34.10 -34.63 28.26
N MET E 1135 -34.96 -34.81 27.27
CA MET E 1135 -36.26 -35.45 27.50
C MET E 1135 -36.07 -36.87 28.03
N ASP E 1136 -35.16 -37.60 27.39
CA ASP E 1136 -34.85 -38.95 27.83
C ASP E 1136 -34.23 -38.96 29.21
N LYS E 1137 -33.32 -38.00 29.44
CA LYS E 1137 -32.68 -37.86 30.73
C LYS E 1137 -33.69 -37.63 31.84
N ILE E 1138 -34.69 -36.79 31.58
CA ILE E 1138 -35.69 -36.49 32.60
C ILE E 1138 -36.57 -37.71 32.84
N MET E 1139 -36.90 -38.44 31.77
CA MET E 1139 -37.74 -39.61 31.97
C MET E 1139 -36.97 -40.70 32.72
N GLU E 1140 -35.65 -40.73 32.51
CA GLU E 1140 -34.74 -41.67 33.15
C GLU E 1140 -34.27 -41.26 34.55
N SER E 1141 -34.28 -39.97 34.91
CA SER E 1141 -33.57 -39.58 36.11
C SER E 1141 -34.43 -39.59 37.36
N ARG E 1142 -35.43 -40.47 37.43
CA ARG E 1142 -36.23 -40.65 38.62
C ARG E 1142 -36.65 -42.10 38.68
N ASP E 1143 -37.19 -42.51 39.82
CA ASP E 1143 -37.72 -43.85 39.95
C ASP E 1143 -39.18 -43.86 40.38
N ASN E 1144 -39.98 -44.63 39.64
CA ASN E 1144 -41.43 -44.64 39.76
C ASN E 1144 -41.83 -45.87 40.56
N SER E 1145 -42.89 -45.73 41.35
CA SER E 1145 -43.34 -46.73 42.31
C SER E 1145 -43.75 -48.03 41.64
N SER E 1146 -43.96 -48.01 40.33
CA SER E 1146 -44.39 -49.17 39.57
C SER E 1146 -43.23 -50.07 39.16
N GLY E 1147 -42.01 -49.81 39.65
CA GLY E 1147 -40.90 -50.63 39.24
C GLY E 1147 -40.57 -50.42 37.78
N LEU E 1148 -40.53 -49.15 37.39
CA LEU E 1148 -40.38 -48.79 36.00
C LEU E 1148 -39.64 -47.47 35.88
N THR E 1149 -38.91 -47.33 34.78
CA THR E 1149 -38.12 -46.17 34.41
C THR E 1149 -38.39 -45.90 32.94
N PHE E 1150 -38.52 -44.62 32.57
CA PHE E 1150 -38.93 -44.29 31.22
C PHE E 1150 -37.80 -43.59 30.48
N SER E 1151 -37.89 -43.67 29.15
CA SER E 1151 -36.95 -43.06 28.23
C SER E 1151 -37.63 -42.79 26.90
N ILE E 1152 -36.82 -42.34 25.94
CA ILE E 1152 -37.28 -41.93 24.61
C ILE E 1152 -36.06 -41.70 23.74
N ALA E 1153 -36.22 -41.91 22.43
CA ALA E 1153 -35.11 -41.76 21.49
C ALA E 1153 -35.67 -41.25 20.16
N TRP E 1154 -34.85 -40.48 19.46
CA TRP E 1154 -35.23 -39.89 18.19
C TRP E 1154 -34.29 -40.38 17.11
N LYS E 1155 -34.72 -41.35 16.32
CA LYS E 1155 -33.82 -42.03 15.41
C LYS E 1155 -34.28 -41.78 13.99
N PRO E 1156 -33.36 -41.69 13.04
CA PRO E 1156 -33.77 -41.48 11.65
C PRO E 1156 -34.31 -42.76 11.02
N LEU E 1157 -35.32 -42.59 10.18
CA LEU E 1157 -35.96 -43.69 9.49
C LEU E 1157 -35.18 -44.03 8.22
N THR E 1158 -35.55 -45.13 7.58
CA THR E 1158 -35.00 -45.43 6.27
C THR E 1158 -36.01 -44.99 5.22
N ALA E 1159 -35.51 -44.41 4.14
CA ALA E 1159 -36.42 -43.89 3.12
C ALA E 1159 -37.16 -45.05 2.45
N GLU E 1160 -38.24 -44.72 1.75
CA GLU E 1160 -39.04 -45.76 1.11
C GLU E 1160 -38.20 -46.47 0.06
N SER E 1161 -37.42 -45.70 -0.70
CA SER E 1161 -36.63 -46.15 -1.83
C SER E 1161 -35.52 -45.12 -2.00
N GLU E 1162 -34.52 -45.44 -2.83
CA GLU E 1162 -33.45 -44.49 -3.09
C GLU E 1162 -33.84 -43.47 -4.15
N GLN E 1163 -35.14 -43.41 -4.45
CA GLN E 1163 -35.65 -42.43 -5.42
C GLN E 1163 -35.81 -41.14 -4.63
N GLU E 1164 -35.06 -41.13 -3.55
CA GLU E 1164 -34.44 -39.97 -2.98
C GLU E 1164 -33.15 -40.48 -2.35
N LEU E 1165 -32.25 -39.57 -2.08
CA LEU E 1165 -31.08 -39.89 -1.29
C LEU E 1165 -31.52 -40.30 0.10
N ASP E 1166 -31.37 -41.59 0.37
CA ASP E 1166 -31.97 -42.18 1.54
C ASP E 1166 -31.63 -41.33 2.74
N THR E 1167 -32.69 -40.98 3.47
CA THR E 1167 -32.65 -40.07 4.59
C THR E 1167 -31.70 -40.56 5.65
N LYS E 1168 -31.45 -41.86 5.69
CA LYS E 1168 -30.52 -42.32 6.70
C LYS E 1168 -29.13 -41.78 6.45
N ASP E 1169 -28.73 -41.72 5.17
CA ASP E 1169 -27.44 -41.18 4.78
C ASP E 1169 -27.25 -39.71 5.14
N LEU E 1170 -28.24 -38.86 4.84
CA LEU E 1170 -28.06 -37.45 5.15
C LEU E 1170 -27.94 -37.27 6.66
N VAL E 1171 -28.72 -38.03 7.42
CA VAL E 1171 -28.65 -37.94 8.87
C VAL E 1171 -27.29 -38.40 9.37
N LYS E 1172 -26.75 -39.48 8.80
CA LYS E 1172 -25.41 -39.91 9.19
C LYS E 1172 -24.42 -38.78 8.94
N LEU E 1173 -24.55 -38.12 7.80
CA LEU E 1173 -23.66 -37.01 7.49
C LEU E 1173 -23.82 -35.88 8.49
N LEU E 1174 -25.06 -35.59 8.87
CA LEU E 1174 -25.32 -34.51 9.80
C LEU E 1174 -24.72 -34.82 11.17
N GLN E 1175 -24.92 -36.05 11.67
CA GLN E 1175 -24.35 -36.39 12.96
C GLN E 1175 -22.84 -36.50 12.90
N ARG E 1176 -22.27 -36.66 11.72
CA ARG E 1176 -20.83 -36.83 11.59
C ARG E 1176 -20.11 -35.63 12.22
N ASN E 1177 -19.09 -35.93 13.02
CA ASN E 1177 -18.43 -34.89 13.78
C ASN E 1177 -17.83 -33.85 12.83
N SER E 1178 -17.88 -32.58 13.25
CA SER E 1178 -17.36 -31.50 12.42
C SER E 1178 -15.89 -31.70 12.12
N LYS E 1179 -15.11 -32.12 13.12
CA LYS E 1179 -13.69 -32.39 12.93
C LYS E 1179 -13.49 -33.32 11.74
N PHE E 1180 -14.39 -34.28 11.60
CA PHE E 1180 -14.34 -35.35 10.62
C PHE E 1180 -14.86 -34.98 9.24
N LEU E 1181 -15.45 -33.80 9.03
CA LEU E 1181 -15.95 -33.51 7.69
C LEU E 1181 -14.79 -33.46 6.71
N ASN E 1182 -15.09 -33.75 5.45
CA ASN E 1182 -14.13 -33.80 4.35
C ASN E 1182 -14.84 -33.51 3.04
N GLU E 1183 -14.04 -33.26 2.00
CA GLU E 1183 -14.60 -32.91 0.69
C GLU E 1183 -15.61 -33.95 0.22
N ASP E 1184 -15.38 -35.22 0.58
CA ASP E 1184 -16.32 -36.26 0.21
C ASP E 1184 -17.66 -36.05 0.88
N ASP E 1185 -17.65 -35.70 2.17
CA ASP E 1185 -18.88 -35.43 2.88
C ASP E 1185 -19.57 -34.21 2.30
N LEU E 1186 -18.79 -33.21 1.89
CA LEU E 1186 -19.36 -32.03 1.25
C LEU E 1186 -20.07 -32.44 -0.03
N ASN E 1187 -19.42 -33.31 -0.81
CA ASN E 1187 -20.04 -33.82 -2.02
C ASN E 1187 -21.32 -34.58 -1.74
N ARG E 1188 -21.32 -35.43 -0.71
CA ARG E 1188 -22.54 -36.18 -0.42
C ARG E 1188 -23.68 -35.26 -0.02
N ILE E 1189 -23.40 -34.27 0.82
CA ILE E 1189 -24.45 -33.34 1.22
C ILE E 1189 -24.96 -32.57 0.01
N THR E 1190 -24.04 -32.12 -0.85
CA THR E 1190 -24.44 -31.40 -2.05
C THR E 1190 -25.29 -32.31 -2.94
N LYS E 1191 -24.93 -33.59 -3.04
CA LYS E 1191 -25.72 -34.54 -3.81
C LYS E 1191 -27.11 -34.64 -3.21
N HIS E 1192 -27.20 -34.70 -1.88
CA HIS E 1192 -28.50 -34.79 -1.25
C HIS E 1192 -29.33 -33.57 -1.61
N PHE E 1193 -28.69 -32.41 -1.59
CA PHE E 1193 -29.38 -31.17 -1.91
C PHE E 1193 -29.84 -31.14 -3.37
N GLN E 1194 -28.96 -31.58 -4.26
CA GLN E 1194 -29.31 -31.68 -5.68
C GLN E 1194 -30.46 -32.62 -5.94
N SER E 1195 -30.44 -33.81 -5.34
CA SER E 1195 -31.53 -34.75 -5.51
C SER E 1195 -32.82 -34.17 -4.98
N ARG E 1196 -32.74 -33.52 -3.83
CA ARG E 1196 -33.92 -32.94 -3.22
C ARG E 1196 -34.49 -31.81 -4.05
N ILE E 1197 -33.63 -30.97 -4.63
CA ILE E 1197 -34.12 -29.87 -5.45
C ILE E 1197 -34.73 -30.41 -6.74
N GLY E 1198 -34.09 -31.41 -7.33
CA GLY E 1198 -34.70 -32.08 -8.47
C GLY E 1198 -36.06 -32.65 -8.14
N LYS E 1199 -36.16 -33.26 -6.95
CA LYS E 1199 -37.44 -33.77 -6.49
C LYS E 1199 -38.45 -32.65 -6.30
N ALA E 1200 -37.97 -31.48 -5.86
CA ALA E 1200 -38.86 -30.33 -5.70
C ALA E 1200 -39.44 -29.87 -7.03
N LYS E 1201 -38.59 -29.72 -8.05
CA LYS E 1201 -39.09 -29.31 -9.36
C LYS E 1201 -40.04 -30.33 -9.95
N GLU E 1202 -39.68 -31.61 -9.87
CA GLU E 1202 -40.54 -32.67 -10.39
C GLU E 1202 -41.89 -32.67 -9.69
N LEU E 1203 -41.89 -32.44 -8.37
CA LEU E 1203 -43.14 -32.41 -7.62
C LEU E 1203 -44.05 -31.28 -8.09
N ILE E 1204 -43.50 -30.10 -8.39
CA ILE E 1204 -44.35 -29.06 -8.95
C ILE E 1204 -45.05 -29.60 -10.17
N GLN E 1205 -44.30 -30.25 -11.06
CA GLN E 1205 -44.87 -30.78 -12.28
C GLN E 1205 -45.87 -31.88 -11.98
N LEU E 1206 -45.61 -32.75 -11.01
CA LEU E 1206 -46.51 -33.88 -10.85
C LEU E 1206 -47.82 -33.44 -10.23
N ARG E 1207 -47.80 -32.50 -9.30
CA ARG E 1207 -49.06 -32.04 -8.71
C ARG E 1207 -49.53 -30.83 -9.51
N ASN E 1208 -50.63 -30.98 -10.24
CA ASN E 1208 -51.16 -29.89 -11.05
C ASN E 1208 -51.94 -28.86 -10.23
N GLU E 1209 -51.96 -29.05 -8.90
CA GLU E 1209 -52.69 -28.20 -7.96
C GLU E 1209 -52.20 -26.76 -7.98
N GLY E 1210 -51.04 -26.51 -8.58
CA GLY E 1210 -50.52 -25.16 -8.65
C GLY E 1210 -50.02 -24.56 -7.36
N SER E 1211 -49.62 -25.36 -6.38
CA SER E 1211 -49.14 -24.77 -5.14
C SER E 1211 -47.77 -24.18 -5.47
N THR E 1212 -47.47 -23.04 -4.88
CA THR E 1212 -46.21 -22.37 -5.20
C THR E 1212 -45.01 -23.21 -4.80
N LEU E 1213 -43.89 -22.95 -5.48
CA LEU E 1213 -42.68 -23.73 -5.22
C LEU E 1213 -42.31 -23.61 -3.76
N HIS E 1214 -42.70 -22.52 -3.13
CA HIS E 1214 -42.38 -22.34 -1.73
C HIS E 1214 -43.05 -23.42 -0.92
N GLN E 1215 -44.32 -23.70 -1.23
CA GLN E 1215 -45.06 -24.75 -0.53
C GLN E 1215 -44.43 -26.11 -0.76
N VAL E 1216 -44.06 -26.40 -2.01
CA VAL E 1216 -43.50 -27.72 -2.32
C VAL E 1216 -42.17 -27.92 -1.62
N LEU E 1217 -41.37 -26.86 -1.57
CA LEU E 1217 -40.13 -26.91 -0.80
C LEU E 1217 -40.43 -27.13 0.67
N LYS E 1218 -41.36 -26.34 1.21
CA LYS E 1218 -41.74 -26.44 2.62
C LYS E 1218 -42.24 -27.83 2.95
N GLU E 1219 -42.70 -28.56 1.94
CA GLU E 1219 -43.15 -29.93 2.14
C GLU E 1219 -41.96 -30.88 2.10
N VAL E 1220 -41.07 -30.69 1.13
CA VAL E 1220 -39.96 -31.59 0.90
C VAL E 1220 -38.96 -31.53 2.05
N LEU E 1221 -38.75 -30.36 2.64
CA LEU E 1221 -37.72 -30.14 3.65
C LEU E 1221 -38.17 -30.31 5.09
N ASP E 1222 -39.41 -30.74 5.36
CA ASP E 1222 -39.79 -30.83 6.76
C ASP E 1222 -39.08 -32.05 7.34
N TYR E 1223 -38.09 -31.77 8.19
CA TYR E 1223 -37.18 -32.79 8.66
C TYR E 1223 -37.77 -33.73 9.70
N ARG E 1224 -38.79 -33.26 10.43
CA ARG E 1224 -39.42 -34.11 11.44
C ARG E 1224 -40.00 -35.37 10.82
N LYS E 1225 -40.32 -35.33 9.52
CA LYS E 1225 -40.86 -36.49 8.82
C LYS E 1225 -39.78 -37.52 8.48
N TRP E 1226 -38.53 -37.11 8.46
CA TRP E 1226 -37.39 -37.96 8.12
C TRP E 1226 -37.03 -38.90 9.24
N PHE E 1227 -37.32 -38.45 10.46
CA PHE E 1227 -36.99 -39.11 11.71
C PHE E 1227 -38.26 -39.72 12.28
N THR E 1228 -38.07 -40.65 13.20
CA THR E 1228 -39.16 -41.26 13.91
C THR E 1228 -38.82 -41.33 15.39
N PHE E 1229 -39.85 -41.30 16.21
CA PHE E 1229 -39.70 -41.38 17.64
C PHE E 1229 -39.74 -42.81 18.11
N VAL E 1230 -39.11 -43.03 19.25
CA VAL E 1230 -39.11 -44.33 19.89
C VAL E 1230 -39.20 -44.07 21.38
N LEU E 1231 -40.37 -44.35 21.94
CA LEU E 1231 -40.55 -44.21 23.37
C LEU E 1231 -40.04 -45.49 24.01
N SER E 1232 -39.47 -45.41 25.20
CA SER E 1232 -38.91 -46.64 25.73
C SER E 1232 -39.09 -46.72 27.23
N PHE E 1233 -39.39 -47.94 27.68
CA PHE E 1233 -39.55 -48.23 29.10
C PHE E 1233 -38.75 -49.47 29.44
N LYS E 1234 -38.26 -49.53 30.68
CA LYS E 1234 -37.41 -50.64 31.09
C LYS E 1234 -37.89 -51.02 32.49
N ARG E 1235 -38.78 -52.01 32.57
CA ARG E 1235 -39.21 -52.49 33.87
C ARG E 1235 -38.04 -53.07 34.65
N VAL E 1236 -38.23 -53.26 35.95
CA VAL E 1236 -37.13 -53.67 36.81
C VAL E 1236 -36.59 -54.98 36.25
N ASN E 1237 -35.29 -55.02 35.99
CA ASN E 1237 -34.67 -56.27 35.58
C ASN E 1237 -35.41 -56.87 34.39
N GLU E 1238 -35.72 -56.01 33.41
CA GLU E 1238 -36.35 -56.43 32.18
C GLU E 1238 -35.73 -55.65 31.04
N PRO E 1239 -35.80 -56.15 29.81
CA PRO E 1239 -35.07 -55.46 28.74
C PRO E 1239 -35.72 -54.12 28.43
N LYS E 1240 -34.90 -53.17 27.99
CA LYS E 1240 -35.44 -51.89 27.56
C LYS E 1240 -36.28 -52.17 26.31
N ARG E 1241 -37.40 -51.48 26.15
CA ARG E 1241 -38.24 -51.73 24.99
C ARG E 1241 -38.78 -50.44 24.40
N GLU E 1242 -39.08 -50.48 23.10
CA GLU E 1242 -39.73 -49.36 22.45
C GLU E 1242 -41.23 -49.49 22.71
N LEU E 1243 -41.92 -48.37 22.93
CA LEU E 1243 -43.31 -48.46 23.34
C LEU E 1243 -44.27 -48.39 22.15
N THR E 1244 -44.46 -49.55 21.54
CA THR E 1244 -45.43 -49.87 20.50
C THR E 1244 -46.75 -50.23 21.19
N ASN E 1245 -47.84 -50.27 20.44
CA ASN E 1245 -49.10 -50.69 21.04
C ASN E 1245 -48.87 -52.01 21.77
N ASN E 1246 -48.25 -52.97 21.09
CA ASN E 1246 -48.04 -54.28 21.67
C ASN E 1246 -47.30 -54.15 22.99
N ALA E 1247 -46.20 -53.37 22.99
CA ALA E 1247 -45.46 -53.17 24.22
C ALA E 1247 -46.35 -52.55 25.28
N PHE E 1248 -47.25 -51.64 24.88
CA PHE E 1248 -48.11 -50.98 25.85
C PHE E 1248 -49.00 -52.00 26.53
N PHE E 1249 -49.51 -52.94 25.76
CA PHE E 1249 -50.44 -53.92 26.29
C PHE E 1249 -49.79 -54.83 27.32
N LYS E 1250 -48.47 -55.07 27.23
CA LYS E 1250 -47.79 -55.89 28.23
C LYS E 1250 -47.78 -55.27 29.62
N PHE E 1251 -48.04 -53.96 29.74
CA PHE E 1251 -47.99 -53.26 31.01
C PHE E 1251 -49.12 -53.70 31.93
N SER E 1252 -48.92 -53.47 33.23
CA SER E 1252 -50.03 -53.64 34.16
C SER E 1252 -50.95 -52.42 34.01
N GLY E 1253 -52.09 -52.44 34.70
CA GLY E 1253 -53.03 -51.34 34.55
C GLY E 1253 -52.48 -49.98 34.95
N GLY E 1254 -51.87 -49.90 36.13
CA GLY E 1254 -51.31 -48.63 36.57
C GLY E 1254 -50.20 -48.15 35.66
N GLU E 1255 -49.35 -49.07 35.21
CA GLU E 1255 -48.28 -48.73 34.28
C GLU E 1255 -48.85 -48.22 32.97
N LYS E 1256 -49.91 -48.85 32.47
CA LYS E 1256 -50.55 -48.40 31.24
C LYS E 1256 -51.00 -46.97 31.43
N ALA E 1257 -51.64 -46.68 32.55
CA ALA E 1257 -52.11 -45.31 32.81
C ALA E 1257 -50.91 -44.36 32.86
N MET E 1258 -49.84 -44.77 33.56
CA MET E 1258 -48.62 -43.98 33.70
C MET E 1258 -47.99 -43.68 32.34
N ALA E 1259 -47.92 -44.68 31.46
CA ALA E 1259 -47.25 -44.56 30.18
C ALA E 1259 -47.87 -43.49 29.29
N MET E 1260 -49.18 -43.29 29.35
CA MET E 1260 -49.79 -42.32 28.45
C MET E 1260 -49.55 -40.89 28.91
N TYR E 1261 -49.54 -40.64 30.21
CA TYR E 1261 -49.58 -39.29 30.73
C TYR E 1261 -48.22 -38.84 31.27
N ILE E 1262 -47.22 -39.72 31.19
CA ILE E 1262 -45.82 -39.41 31.45
C ILE E 1262 -45.16 -38.73 30.27
N PRO E 1263 -45.35 -39.22 29.04
CA PRO E 1263 -44.74 -38.55 27.89
C PRO E 1263 -45.14 -37.09 27.85
N LEU E 1264 -46.41 -36.86 28.16
CA LEU E 1264 -46.95 -35.52 28.17
C LEU E 1264 -46.26 -34.69 29.25
N PHE E 1265 -46.19 -35.23 30.48
CA PHE E 1265 -45.55 -34.48 31.54
C PHE E 1265 -44.10 -34.17 31.21
N THR E 1266 -43.37 -35.15 30.68
CA THR E 1266 -41.98 -34.93 30.36
C THR E 1266 -41.80 -33.95 29.21
N ALA E 1267 -42.74 -33.92 28.28
CA ALA E 1267 -42.64 -32.93 27.22
C ALA E 1267 -42.82 -31.53 27.79
N ALA E 1268 -43.90 -31.35 28.56
CA ALA E 1268 -44.15 -30.03 29.12
C ALA E 1268 -43.08 -29.61 30.13
N TYR E 1269 -42.39 -30.57 30.75
CA TYR E 1269 -41.32 -30.18 31.66
C TYR E 1269 -40.01 -29.90 30.94
N SER E 1270 -39.69 -30.66 29.89
CA SER E 1270 -38.47 -30.35 29.16
C SER E 1270 -38.62 -29.02 28.47
N ARG E 1271 -39.81 -28.80 27.89
CA ARG E 1271 -40.13 -27.55 27.23
C ARG E 1271 -39.95 -26.39 28.18
N TYR E 1272 -40.46 -26.52 29.42
CA TYR E 1272 -40.41 -25.40 30.36
C TYR E 1272 -38.98 -24.97 30.65
N LYS E 1273 -38.02 -25.90 30.60
CA LYS E 1273 -36.63 -25.54 30.86
C LYS E 1273 -36.15 -24.47 29.88
N GLU E 1274 -36.79 -24.38 28.72
CA GLU E 1274 -36.64 -23.34 27.70
C GLU E 1274 -37.07 -21.97 28.20
N ALA E 1275 -37.91 -21.90 29.22
CA ALA E 1275 -38.49 -20.65 29.68
C ALA E 1275 -37.47 -19.91 30.52
N GLY E 1276 -37.87 -18.73 31.00
CA GLY E 1276 -36.99 -17.93 31.83
C GLY E 1276 -36.95 -18.44 33.25
N GLU E 1277 -36.21 -17.74 34.10
CA GLU E 1277 -36.13 -18.21 35.47
C GLU E 1277 -37.32 -17.76 36.29
N MET E 1278 -38.16 -16.90 35.71
CA MET E 1278 -39.36 -16.41 36.38
C MET E 1278 -40.58 -17.30 36.17
N ALA E 1279 -40.52 -18.28 35.27
CA ALA E 1279 -41.72 -18.98 34.79
C ALA E 1279 -42.27 -19.88 35.88
N PRO E 1280 -43.58 -19.86 36.13
CA PRO E 1280 -44.19 -20.82 37.04
C PRO E 1280 -44.59 -22.10 36.31
N TYR E 1281 -44.08 -23.23 36.78
CA TYR E 1281 -44.34 -24.46 36.04
C TYR E 1281 -45.78 -24.87 36.23
N ILE E 1282 -46.60 -24.54 35.23
CA ILE E 1282 -48.03 -24.77 35.29
C ILE E 1282 -48.38 -26.03 34.52
N ILE E 1283 -49.35 -26.77 35.01
CA ILE E 1283 -49.96 -27.83 34.22
C ILE E 1283 -51.45 -27.81 34.50
N SER E 1284 -52.22 -28.44 33.63
CA SER E 1284 -53.66 -28.56 33.79
C SER E 1284 -54.17 -29.94 33.36
N LEU E 1285 -54.77 -30.68 34.28
CA LEU E 1285 -55.26 -31.99 33.89
C LEU E 1285 -56.77 -31.78 33.86
N ASP E 1286 -57.42 -32.10 32.74
CA ASP E 1286 -58.87 -31.94 32.61
C ASP E 1286 -59.72 -33.22 32.71
N GLU E 1287 -60.32 -33.48 33.86
CA GLU E 1287 -61.06 -34.74 34.06
C GLU E 1287 -60.33 -35.99 33.57
N ALA E 1288 -59.17 -36.32 34.14
CA ALA E 1288 -58.37 -37.38 33.55
C ALA E 1288 -58.50 -38.65 34.37
N PHE E 1289 -58.00 -39.73 33.79
CA PHE E 1289 -57.79 -41.00 34.48
C PHE E 1289 -59.06 -41.63 35.05
N ALA E 1290 -60.25 -41.22 34.62
CA ALA E 1290 -61.43 -41.93 35.10
C ALA E 1290 -61.25 -43.39 34.71
N GLY E 1291 -61.35 -44.31 35.67
CA GLY E 1291 -61.02 -45.67 35.28
C GLY E 1291 -59.78 -46.21 35.95
N VAL E 1292 -58.78 -45.35 36.16
CA VAL E 1292 -57.55 -45.72 36.85
C VAL E 1292 -57.77 -46.18 38.29
N ASP E 1293 -57.14 -47.30 38.59
CA ASP E 1293 -57.18 -47.97 39.88
C ASP E 1293 -56.74 -47.06 41.02
N GLU E 1294 -57.50 -47.12 42.12
CA GLU E 1294 -57.37 -46.14 43.18
C GLU E 1294 -55.90 -45.91 43.54
N ASN E 1295 -55.08 -46.95 43.37
CA ASN E 1295 -53.68 -46.83 43.77
C ASN E 1295 -52.88 -45.94 42.83
N ASN E 1296 -53.17 -45.94 41.53
CA ASN E 1296 -52.20 -45.28 40.67
C ASN E 1296 -52.52 -43.82 40.47
N ILE E 1297 -53.74 -43.36 40.80
CA ILE E 1297 -53.94 -41.93 40.68
C ILE E 1297 -52.89 -41.22 41.51
N ARG E 1298 -52.51 -41.90 42.61
CA ARG E 1298 -51.43 -41.51 43.51
C ARG E 1298 -50.12 -41.28 42.79
N ASP E 1299 -49.79 -42.24 41.92
CA ASP E 1299 -48.55 -42.22 41.16
C ASP E 1299 -48.51 -41.06 40.19
N MET E 1300 -49.62 -40.77 39.53
CA MET E 1300 -49.63 -39.61 38.65
C MET E 1300 -49.27 -38.38 39.44
N PHE E 1301 -49.87 -38.23 40.61
CA PHE E 1301 -49.56 -37.15 41.52
C PHE E 1301 -48.12 -37.23 42.03
N GLU E 1302 -47.62 -38.45 42.22
CA GLU E 1302 -46.22 -38.64 42.60
C GLU E 1302 -45.30 -38.04 41.54
N VAL E 1303 -45.62 -38.28 40.27
CA VAL E 1303 -44.82 -37.76 39.17
C VAL E 1303 -44.85 -36.25 39.22
N VAL E 1304 -46.04 -35.68 39.38
CA VAL E 1304 -46.18 -34.23 39.42
C VAL E 1304 -45.36 -33.67 40.58
N GLU E 1305 -45.33 -34.38 41.70
CA GLU E 1305 -44.49 -33.95 42.81
C GLU E 1305 -43.02 -33.98 42.43
N GLN E 1306 -42.57 -35.06 41.79
CA GLN E 1306 -41.15 -35.17 41.45
C GLN E 1306 -40.73 -34.06 40.51
N LEU E 1307 -41.52 -33.84 39.45
CA LEU E 1307 -41.23 -32.80 38.48
C LEU E 1307 -41.32 -31.40 39.10
N GLY E 1308 -42.22 -31.21 40.06
CA GLY E 1308 -42.36 -29.93 40.74
C GLY E 1308 -43.39 -29.05 40.10
N PHE E 1309 -44.54 -29.62 39.72
CA PHE E 1309 -45.57 -28.86 39.04
C PHE E 1309 -46.51 -28.15 40.01
N ASN E 1310 -47.07 -27.06 39.51
CA ASN E 1310 -48.26 -26.37 40.00
C ASN E 1310 -49.39 -26.61 39.03
N TYR E 1311 -50.58 -26.95 39.54
CA TYR E 1311 -51.58 -27.49 38.63
C TYR E 1311 -52.98 -27.04 39.04
N ILE E 1312 -53.89 -27.13 38.07
CA ILE E 1312 -55.33 -26.96 38.19
C ILE E 1312 -56.09 -28.15 37.65
N MET E 1313 -56.74 -28.87 38.56
CA MET E 1313 -57.46 -30.09 38.22
C MET E 1313 -58.95 -29.98 38.53
N ASN E 1314 -59.76 -30.57 37.65
CA ASN E 1314 -61.21 -30.57 37.84
C ASN E 1314 -61.69 -32.00 37.69
N SER E 1315 -62.73 -32.37 38.42
CA SER E 1315 -63.18 -33.75 38.35
C SER E 1315 -64.61 -33.86 38.86
N GLN E 1316 -65.25 -34.98 38.51
CA GLN E 1316 -66.61 -35.24 38.99
C GLN E 1316 -66.62 -36.06 40.27
N ALA E 1317 -65.60 -36.90 40.51
CA ALA E 1317 -65.58 -37.82 41.64
C ALA E 1317 -64.28 -37.76 42.43
N LEU E 1318 -63.21 -37.20 41.86
CA LEU E 1318 -61.94 -37.09 42.55
C LEU E 1318 -62.13 -36.24 43.80
N TRP E 1319 -61.62 -36.75 44.91
CA TRP E 1319 -61.76 -36.04 46.17
C TRP E 1319 -60.38 -35.55 46.61
N GLY E 1320 -59.32 -36.05 45.97
CA GLY E 1320 -57.95 -35.66 46.24
C GLY E 1320 -57.38 -35.93 47.62
N ASP E 1321 -57.66 -37.10 48.20
CA ASP E 1321 -57.03 -37.46 49.47
C ASP E 1321 -56.00 -38.57 49.25
N TYR E 1322 -54.80 -38.17 48.83
CA TYR E 1322 -53.68 -39.08 48.57
C TYR E 1322 -52.42 -38.54 49.22
N ASP E 1323 -51.68 -39.46 49.84
CA ASP E 1323 -50.54 -39.06 50.66
C ASP E 1323 -49.44 -38.44 49.81
N THR E 1324 -49.52 -38.59 48.49
CA THR E 1324 -48.53 -37.98 47.60
C THR E 1324 -48.78 -36.51 47.35
N ILE E 1325 -49.97 -36.01 47.70
CA ILE E 1325 -50.31 -34.61 47.52
C ILE E 1325 -49.76 -33.87 48.73
N SER E 1326 -48.69 -33.10 48.53
CA SER E 1326 -48.10 -32.40 49.67
C SER E 1326 -49.10 -31.44 50.31
N SER E 1327 -49.74 -30.62 49.50
CA SER E 1327 -50.76 -29.69 49.94
C SER E 1327 -51.66 -29.39 48.75
N LEU E 1328 -52.93 -29.08 49.03
CA LEU E 1328 -53.85 -28.90 47.91
C LEU E 1328 -55.09 -28.15 48.37
N SER E 1329 -55.66 -27.42 47.41
CA SER E 1329 -56.89 -26.67 47.61
C SER E 1329 -57.96 -27.25 46.70
N ILE E 1330 -59.11 -27.56 47.28
CA ILE E 1330 -60.21 -28.17 46.53
C ILE E 1330 -61.36 -27.18 46.52
N CYS E 1331 -61.87 -26.90 45.33
CA CYS E 1331 -63.05 -26.07 45.13
C CYS E 1331 -64.17 -26.90 44.51
N GLU E 1332 -65.37 -26.72 45.05
CA GLU E 1332 -66.57 -27.42 44.63
C GLU E 1332 -67.49 -26.42 43.95
N LEU E 1333 -67.86 -26.72 42.70
CA LEU E 1333 -68.74 -25.82 41.97
C LEU E 1333 -70.16 -26.31 42.19
N VAL E 1334 -71.09 -25.37 42.23
CA VAL E 1334 -72.50 -25.63 42.51
C VAL E 1334 -73.33 -24.60 41.75
N ARG E 1335 -74.22 -25.06 40.87
CA ARG E 1335 -75.23 -24.18 40.28
C ARG E 1335 -76.48 -24.96 39.92
N PRO E 1336 -76.96 -25.77 40.86
CA PRO E 1336 -77.82 -26.91 40.51
C PRO E 1336 -79.09 -26.45 39.82
N LYS E 1337 -79.79 -27.45 39.29
CA LYS E 1337 -81.13 -27.34 38.71
C LYS E 1337 -81.45 -26.12 37.83
N ASN E 1338 -80.48 -25.60 37.06
CA ASN E 1338 -80.65 -24.31 36.34
C ASN E 1338 -80.45 -23.04 37.17
N ALA E 1339 -80.28 -23.11 38.50
CA ALA E 1339 -80.07 -21.92 39.30
C ALA E 1339 -79.05 -21.01 38.62
N ASP E 1340 -79.25 -19.69 38.70
CA ASP E 1340 -78.44 -18.75 37.94
C ASP E 1340 -77.18 -18.25 38.67
N PHE E 1341 -76.82 -18.78 39.82
CA PHE E 1341 -75.64 -18.29 40.56
C PHE E 1341 -74.78 -19.50 40.89
N VAL E 1342 -73.46 -19.38 40.70
CA VAL E 1342 -72.56 -20.47 41.04
C VAL E 1342 -72.03 -20.27 42.46
N THR E 1343 -72.19 -21.32 43.26
CA THR E 1343 -71.76 -21.36 44.66
C THR E 1343 -70.51 -22.22 44.80
N VAL E 1344 -69.43 -21.64 45.33
CA VAL E 1344 -68.16 -22.35 45.42
C VAL E 1344 -67.98 -22.75 46.88
N ILE E 1345 -67.82 -24.05 47.12
CA ILE E 1345 -67.62 -24.59 48.47
C ILE E 1345 -66.22 -25.17 48.56
N ARG E 1346 -65.32 -24.40 49.17
CA ARG E 1346 -63.89 -24.64 49.14
C ARG E 1346 -63.40 -25.50 50.30
N TYR E 1347 -62.76 -26.62 49.96
CA TYR E 1347 -62.17 -27.50 50.95
C TYR E 1347 -60.66 -27.28 50.98
N GLN E 1348 -59.97 -28.14 51.72
CA GLN E 1348 -58.51 -28.08 51.88
C GLN E 1348 -57.96 -29.48 52.14
N TRP E 1349 -56.65 -29.61 51.95
CA TRP E 1349 -55.94 -30.85 52.16
C TRP E 1349 -54.61 -30.57 52.82
N ASP E 1350 -54.65 -30.71 54.15
CA ASP E 1350 -53.58 -30.54 55.13
C ASP E 1350 -52.60 -31.69 55.14
N GLY E 1351 -52.65 -32.56 54.12
CA GLY E 1351 -51.78 -33.71 54.00
C GLY E 1351 -52.44 -35.03 54.36
N LYS E 1352 -53.55 -35.03 55.10
CA LYS E 1352 -54.16 -36.29 55.50
C LYS E 1352 -55.65 -36.37 55.20
N GLN E 1353 -56.43 -35.31 55.38
CA GLN E 1353 -57.87 -35.39 55.22
C GLN E 1353 -58.39 -34.13 54.57
N ARG E 1354 -59.56 -34.26 53.93
CA ARG E 1354 -60.18 -33.17 53.19
C ARG E 1354 -60.97 -32.39 54.21
N THR E 1355 -60.38 -31.30 54.71
CA THR E 1355 -61.06 -30.48 55.70
C THR E 1355 -61.96 -29.46 55.03
N PHE E 1356 -62.71 -28.73 55.86
CA PHE E 1356 -63.42 -27.55 55.39
C PHE E 1356 -62.52 -26.32 55.50
N VAL E 1357 -62.62 -25.46 54.50
CA VAL E 1357 -61.87 -24.21 54.49
C VAL E 1357 -62.79 -23.10 54.97
N VAL E 1358 -62.53 -22.60 56.17
CA VAL E 1358 -63.05 -21.30 56.59
C VAL E 1358 -62.10 -20.29 55.98
N ASP E 1359 -62.44 -19.80 54.78
CA ASP E 1359 -61.48 -19.15 53.89
C ASP E 1359 -60.47 -18.33 54.69
N ASP E 1360 -59.19 -18.57 54.42
CA ASP E 1360 -58.13 -18.05 55.27
C ASP E 1360 -58.28 -16.54 55.47
N GLU E 1361 -58.55 -15.82 54.39
CA GLU E 1361 -58.70 -14.36 54.46
C GLU E 1361 -60.13 -13.91 54.18
N HIS E 1362 -60.86 -14.64 53.35
CA HIS E 1362 -62.12 -14.12 52.82
C HIS E 1362 -63.31 -14.38 53.72
N VAL E 1363 -63.29 -15.43 54.55
CA VAL E 1363 -64.28 -15.52 55.61
C VAL E 1363 -64.07 -14.38 56.61
N GLU E 1364 -62.80 -14.08 56.92
CA GLU E 1364 -62.51 -12.91 57.73
C GLU E 1364 -63.00 -11.64 57.04
N GLU E 1365 -62.90 -11.59 55.71
CA GLU E 1365 -63.41 -10.43 54.97
C GLU E 1365 -64.92 -10.31 55.13
N LEU E 1366 -65.63 -11.43 55.01
CA LEU E 1366 -67.07 -11.43 55.27
C LEU E 1366 -67.38 -11.02 56.69
N VAL E 1367 -66.49 -11.32 57.64
CA VAL E 1367 -66.74 -11.03 59.04
C VAL E 1367 -66.41 -9.59 59.41
N THR E 1368 -65.50 -8.94 58.68
CA THR E 1368 -64.95 -7.66 59.12
C THR E 1368 -65.14 -6.50 58.14
N HIS E 1369 -65.57 -6.75 56.91
CA HIS E 1369 -65.70 -5.71 55.90
C HIS E 1369 -67.17 -5.32 55.75
N ASP E 1370 -67.44 -4.02 55.78
CA ASP E 1370 -68.80 -3.51 55.64
C ASP E 1370 -68.79 -2.05 55.21
N MET F 1 -104.45 -57.90 23.05
CA MET F 1 -104.29 -59.27 23.52
C MET F 1 -102.87 -59.72 23.24
N MET F 2 -102.39 -60.75 23.93
CA MET F 2 -101.02 -61.17 23.68
C MET F 2 -100.95 -61.72 22.26
N THR F 3 -99.74 -62.06 21.82
CA THR F 3 -99.55 -62.88 20.64
C THR F 3 -99.32 -64.35 21.02
N GLU F 4 -98.95 -65.17 20.04
CA GLU F 4 -98.55 -66.54 20.32
C GLU F 4 -97.30 -66.36 21.18
N ALA F 5 -96.94 -67.32 22.02
CA ALA F 5 -96.42 -66.88 23.29
C ALA F 5 -94.95 -66.56 23.12
N LYS F 6 -94.67 -65.28 23.35
CA LYS F 6 -93.41 -64.64 23.05
C LYS F 6 -92.26 -65.21 23.88
N TRP F 7 -91.09 -65.22 23.26
CA TRP F 7 -89.88 -65.59 23.96
C TRP F 7 -89.45 -64.45 24.89
N VAL F 8 -88.62 -64.80 25.85
CA VAL F 8 -88.01 -63.82 26.75
C VAL F 8 -86.60 -64.33 26.99
N MET F 9 -85.62 -63.44 27.10
CA MET F 9 -84.27 -63.91 27.31
C MET F 9 -83.92 -64.06 28.78
N ASN F 10 -83.90 -65.31 29.27
CA ASN F 10 -83.28 -65.53 30.58
C ASN F 10 -82.26 -66.65 30.63
N ARG F 11 -81.07 -66.45 30.05
CA ARG F 11 -79.78 -66.95 30.54
C ARG F 11 -78.77 -66.70 29.42
N ALA F 12 -77.48 -66.67 29.76
CA ALA F 12 -76.46 -66.43 28.76
C ALA F 12 -75.09 -66.92 29.22
N GLY F 13 -74.52 -67.86 28.46
CA GLY F 13 -73.33 -68.54 28.95
C GLY F 13 -72.20 -68.17 28.02
N LEU F 14 -70.97 -68.40 28.50
CA LEU F 14 -69.82 -68.39 27.62
C LEU F 14 -68.83 -69.48 28.00
N LEU F 15 -68.04 -69.89 27.01
CA LEU F 15 -67.07 -70.96 27.17
C LEU F 15 -65.90 -70.68 26.23
N ASN F 16 -64.78 -70.24 26.77
CA ASN F 16 -63.61 -69.92 25.95
C ASN F 16 -63.90 -68.83 24.91
N PHE F 17 -64.80 -67.90 25.25
CA PHE F 17 -65.13 -66.79 24.35
C PHE F 17 -64.48 -65.53 24.89
N TRP F 18 -63.90 -64.75 23.98
CA TRP F 18 -63.25 -63.49 24.32
C TRP F 18 -62.29 -63.69 25.51
N TYR F 19 -62.75 -63.29 26.71
CA TYR F 19 -62.04 -63.51 27.97
C TYR F 19 -62.99 -64.10 29.00
N TYR F 20 -63.71 -65.15 28.61
CA TYR F 20 -64.58 -65.94 29.48
C TYR F 20 -64.19 -67.41 29.35
N ASP F 21 -64.23 -68.13 30.47
CA ASP F 21 -63.77 -69.52 30.50
C ASP F 21 -64.94 -70.46 30.65
N ASP F 22 -65.76 -70.27 31.68
CA ASP F 22 -67.03 -70.98 31.80
C ASP F 22 -67.90 -70.14 32.73
N GLU F 23 -68.71 -69.28 32.14
CA GLU F 23 -69.56 -68.36 32.88
C GLU F 23 -71.00 -68.51 32.42
N ILE F 24 -71.95 -68.25 33.33
CA ILE F 24 -73.35 -68.25 32.94
C ILE F 24 -74.10 -67.16 33.70
N PHE F 25 -74.53 -66.14 32.97
CA PHE F 25 -75.21 -64.94 33.43
C PHE F 25 -76.71 -65.13 33.49
N PRO F 26 -77.36 -64.90 34.62
CA PRO F 26 -78.82 -64.99 34.67
C PRO F 26 -79.42 -63.64 34.30
N PHE F 27 -80.62 -63.68 33.73
CA PHE F 27 -81.34 -62.46 33.39
C PHE F 27 -82.53 -62.30 34.34
N SER F 28 -83.40 -61.35 34.04
CA SER F 28 -84.65 -61.19 34.78
C SER F 28 -85.76 -60.68 33.87
N ASP F 29 -86.69 -61.58 33.53
CA ASP F 29 -87.82 -61.25 32.64
C ASP F 29 -87.34 -60.65 31.33
N GLY F 30 -86.29 -61.22 30.75
CA GLY F 30 -85.83 -60.81 29.45
C GLY F 30 -84.92 -59.61 29.46
N LYS F 31 -84.56 -59.13 30.64
CA LYS F 31 -83.76 -57.92 30.77
C LYS F 31 -82.48 -58.25 31.51
N LEU F 32 -81.44 -57.51 31.19
CA LEU F 32 -80.09 -57.73 31.71
C LEU F 32 -79.36 -56.41 31.59
N LEU F 33 -78.40 -56.19 32.48
CA LEU F 33 -77.68 -54.93 32.51
C LEU F 33 -76.25 -55.16 32.98
N LEU F 34 -75.35 -55.31 32.02
CA LEU F 34 -73.93 -55.45 32.31
C LEU F 34 -73.43 -54.10 32.79
N ARG F 35 -72.38 -54.11 33.60
CA ARG F 35 -71.75 -52.88 34.03
C ARG F 35 -70.34 -53.21 34.48
N GLY F 36 -69.46 -52.23 34.40
CA GLY F 36 -68.10 -52.41 34.86
C GLY F 36 -67.23 -51.30 34.34
N THR F 37 -66.06 -51.18 34.96
CA THR F 37 -65.12 -50.16 34.54
C THR F 37 -64.84 -50.34 33.05
N ASN F 38 -64.58 -49.23 32.37
CA ASN F 38 -64.38 -49.30 30.93
C ASN F 38 -63.19 -50.18 30.61
N GLY F 39 -63.26 -50.84 29.46
CA GLY F 39 -62.25 -51.80 29.08
C GLY F 39 -62.42 -53.18 29.67
N SER F 40 -63.58 -53.51 30.23
CA SER F 40 -63.77 -54.79 30.90
C SER F 40 -64.61 -55.76 30.08
N GLY F 41 -65.31 -55.27 29.06
CA GLY F 41 -66.11 -56.11 28.19
C GLY F 41 -67.60 -55.90 28.23
N LYS F 42 -68.11 -54.95 29.00
CA LYS F 42 -69.57 -54.78 29.03
C LYS F 42 -70.09 -54.46 27.64
N SER F 43 -69.19 -53.95 26.80
CA SER F 43 -69.57 -53.61 25.43
C SER F 43 -69.24 -54.74 24.48
N VAL F 44 -68.07 -55.36 24.62
CA VAL F 44 -67.77 -56.40 23.64
C VAL F 44 -68.79 -57.51 23.83
N THR F 45 -69.08 -57.81 25.09
CA THR F 45 -70.09 -58.79 25.48
C THR F 45 -71.47 -58.39 24.97
N MET F 46 -71.92 -57.16 25.26
CA MET F 46 -73.25 -56.78 24.85
C MET F 46 -73.40 -56.78 23.33
N GLN F 47 -72.42 -56.25 22.61
CA GLN F 47 -72.43 -56.28 21.15
C GLN F 47 -72.49 -57.72 20.66
N SER F 48 -71.79 -58.62 21.36
CA SER F 48 -71.81 -60.04 21.02
C SER F 48 -73.20 -60.63 21.18
N PHE F 49 -73.93 -60.21 22.22
CA PHE F 49 -75.26 -60.79 22.45
C PHE F 49 -76.26 -60.23 21.44
N LEU F 50 -76.35 -58.91 21.31
CA LEU F 50 -77.39 -58.38 20.45
C LEU F 50 -76.80 -57.45 19.39
N PRO F 51 -77.30 -57.49 18.15
CA PRO F 51 -78.32 -58.41 17.64
C PRO F 51 -77.66 -59.66 17.06
N VAL F 52 -76.37 -59.86 17.32
CA VAL F 52 -75.59 -60.94 16.72
C VAL F 52 -76.20 -62.31 16.98
N LEU F 53 -76.55 -62.59 18.24
CA LEU F 53 -77.06 -63.89 18.64
C LEU F 53 -78.50 -64.15 18.17
N LEU F 54 -79.18 -63.11 17.71
CA LEU F 54 -80.57 -63.22 17.25
C LEU F 54 -80.65 -63.88 15.88
N ASP F 55 -79.66 -63.64 15.03
CA ASP F 55 -79.59 -64.20 13.69
C ASP F 55 -78.31 -65.02 13.44
N GLY F 56 -77.22 -64.68 14.11
CA GLY F 56 -75.93 -65.33 13.99
C GLY F 56 -74.94 -64.69 13.06
N LYS F 57 -75.33 -63.69 12.28
CA LYS F 57 -74.37 -62.97 11.46
C LYS F 57 -73.42 -62.28 12.44
N LYS F 58 -72.12 -62.42 12.20
CA LYS F 58 -71.13 -61.92 13.14
C LYS F 58 -70.19 -60.94 12.47
N SER F 59 -70.56 -60.48 11.28
CA SER F 59 -69.75 -59.58 10.48
C SER F 59 -69.59 -58.24 11.19
N PRO F 60 -68.55 -57.48 10.85
CA PRO F 60 -68.25 -56.26 11.60
C PRO F 60 -69.43 -55.30 11.70
N ASP F 61 -70.31 -55.28 10.70
CA ASP F 61 -71.43 -54.35 10.73
C ASP F 61 -72.32 -54.58 11.94
N ARG F 62 -72.52 -55.84 12.33
CA ARG F 62 -73.39 -56.15 13.46
C ARG F 62 -72.82 -55.64 14.78
N LEU F 63 -71.53 -55.85 15.05
CA LEU F 63 -70.98 -55.28 16.27
C LEU F 63 -71.02 -53.76 16.14
N ASP F 64 -70.72 -53.31 14.92
CA ASP F 64 -70.57 -51.92 14.57
C ASP F 64 -71.95 -51.27 14.63
N PRO F 65 -72.11 -50.16 15.34
CA PRO F 65 -73.46 -49.56 15.36
C PRO F 65 -73.95 -49.07 14.01
N PHE F 66 -73.15 -48.36 13.22
CA PHE F 66 -73.63 -47.93 11.90
C PHE F 66 -73.50 -48.94 10.76
N GLY F 67 -72.71 -50.00 10.89
CA GLY F 67 -72.31 -50.75 9.71
C GLY F 67 -70.91 -50.61 9.14
N SER F 68 -70.00 -49.90 9.81
CA SER F 68 -68.64 -49.82 9.28
C SER F 68 -67.83 -51.05 9.67
N LYS F 69 -66.52 -50.97 9.44
CA LYS F 69 -65.58 -52.08 9.62
C LYS F 69 -64.56 -51.80 10.71
N ALA F 70 -65.03 -51.23 11.81
CA ALA F 70 -64.27 -50.73 12.95
C ALA F 70 -63.57 -51.84 13.70
N ARG F 71 -64.29 -52.92 14.01
CA ARG F 71 -63.85 -53.96 14.93
C ARG F 71 -64.10 -55.28 14.21
N ARG F 72 -63.17 -56.23 14.39
CA ARG F 72 -63.34 -57.56 13.80
C ARG F 72 -64.04 -58.51 14.76
N MET F 73 -64.83 -59.43 14.20
CA MET F 73 -65.47 -60.46 15.01
C MET F 73 -64.42 -61.36 15.64
N GLU F 74 -63.39 -61.69 14.84
CA GLU F 74 -62.29 -62.50 15.33
C GLU F 74 -61.78 -61.90 16.61
N ASP F 75 -61.65 -60.57 16.64
CA ASP F 75 -61.12 -59.92 17.82
C ASP F 75 -61.98 -60.23 19.02
N TYR F 76 -63.31 -60.23 18.86
CA TYR F 76 -64.14 -60.63 19.99
C TYR F 76 -63.91 -62.08 20.39
N LEU F 77 -63.83 -63.03 19.45
CA LEU F 77 -63.68 -64.43 19.88
C LEU F 77 -62.35 -64.68 20.59
N LEU F 78 -61.29 -64.15 19.97
CA LEU F 78 -59.87 -64.27 20.32
C LEU F 78 -59.40 -63.19 21.29
N GLY F 79 -60.07 -62.05 21.29
CA GLY F 79 -59.70 -60.89 22.05
C GLY F 79 -58.74 -60.16 21.14
N GLU F 80 -58.41 -58.91 21.42
CA GLU F 80 -57.57 -58.14 20.51
C GLU F 80 -56.21 -58.79 20.31
N LYS F 81 -55.81 -58.87 19.04
CA LYS F 81 -54.50 -59.42 18.70
C LYS F 81 -53.38 -58.58 19.28
N GLU F 82 -53.63 -57.29 19.47
CA GLU F 82 -52.61 -56.42 20.05
C GLU F 82 -52.42 -56.64 21.54
N VAL F 83 -53.28 -57.42 22.21
CA VAL F 83 -53.18 -57.52 23.66
C VAL F 83 -52.84 -58.91 24.17
N VAL F 84 -53.53 -59.96 23.70
CA VAL F 84 -53.34 -61.32 24.20
C VAL F 84 -52.71 -62.23 23.16
N ASP F 85 -52.08 -63.29 23.68
CA ASP F 85 -51.39 -64.27 22.87
C ASP F 85 -52.31 -65.42 22.48
N ARG F 86 -53.56 -65.38 22.94
CA ARG F 86 -54.56 -66.40 22.65
C ARG F 86 -55.00 -66.31 21.21
N ASP F 87 -54.20 -66.87 20.28
CA ASP F 87 -54.63 -66.76 18.90
C ASP F 87 -55.38 -67.99 18.41
N GLU F 88 -55.86 -68.85 19.30
CA GLU F 88 -56.65 -70.01 18.92
C GLU F 88 -57.44 -70.52 20.11
N ARG F 89 -58.74 -70.73 19.90
CA ARG F 89 -59.63 -71.13 20.99
C ARG F 89 -60.79 -71.91 20.38
N THR F 90 -61.55 -72.60 21.23
CA THR F 90 -62.83 -73.11 20.77
C THR F 90 -63.86 -72.77 21.83
N GLY F 91 -64.80 -71.92 21.44
CA GLY F 91 -65.80 -71.35 22.32
C GLY F 91 -67.22 -71.76 22.08
N TYR F 92 -68.01 -71.70 23.16
CA TYR F 92 -69.43 -71.99 23.07
C TYR F 92 -70.15 -70.82 23.72
N LEU F 93 -71.11 -70.29 22.97
CA LEU F 93 -72.04 -69.25 23.38
C LEU F 93 -73.48 -69.72 23.36
N PHE F 94 -74.29 -69.22 24.29
CA PHE F 94 -75.71 -69.55 24.25
C PHE F 94 -76.50 -68.55 25.06
N ILE F 95 -77.76 -68.41 24.66
CA ILE F 95 -78.77 -67.61 25.32
C ILE F 95 -79.96 -68.53 25.54
N GLU F 96 -80.73 -68.29 26.60
CA GLU F 96 -81.81 -69.20 26.95
C GLU F 96 -83.11 -68.41 27.06
N TYR F 97 -83.97 -68.61 26.07
CA TYR F 97 -85.25 -67.95 25.95
C TYR F 97 -86.31 -68.73 26.74
N LYS F 98 -87.26 -68.01 27.31
CA LYS F 98 -88.39 -68.57 28.02
C LYS F 98 -89.67 -67.98 27.43
N LYS F 99 -90.66 -68.85 27.27
CA LYS F 99 -91.94 -68.46 26.71
C LYS F 99 -92.81 -67.84 27.80
N ALA F 100 -93.20 -66.58 27.58
CA ALA F 100 -93.95 -65.82 28.59
C ALA F 100 -95.23 -66.57 28.93
N GLY F 101 -95.51 -66.70 30.21
CA GLY F 101 -96.70 -67.39 30.66
C GLY F 101 -96.61 -68.89 30.56
N VAL F 102 -95.43 -69.42 30.27
CA VAL F 102 -95.21 -70.85 30.16
C VAL F 102 -93.85 -71.16 30.77
N GLU F 103 -93.54 -72.45 30.93
CA GLU F 103 -92.31 -72.91 31.57
C GLU F 103 -91.45 -73.65 30.54
N ARG F 104 -91.46 -73.13 29.31
CA ARG F 104 -90.66 -73.67 28.23
C ARG F 104 -89.46 -72.79 27.93
N TYR F 105 -88.30 -73.43 27.80
CA TYR F 105 -87.03 -72.76 27.54
C TYR F 105 -86.37 -73.30 26.28
N ILE F 106 -85.94 -72.39 25.39
CA ILE F 106 -85.18 -72.74 24.20
C ILE F 106 -83.83 -72.06 24.31
N THR F 107 -82.75 -72.83 24.13
CA THR F 107 -81.39 -72.29 24.26
C THR F 107 -80.73 -72.22 22.88
N THR F 108 -80.62 -71.01 22.34
CA THR F 108 -79.88 -70.79 21.10
C THR F 108 -78.41 -70.49 21.40
N GLY F 109 -77.50 -71.11 20.67
CA GLY F 109 -76.10 -70.95 20.97
C GLY F 109 -75.21 -71.24 19.79
N ILE F 110 -73.98 -70.74 19.90
CA ILE F 110 -72.94 -70.86 18.89
C ILE F 110 -71.81 -71.76 19.38
N GLY F 111 -71.16 -72.44 18.43
CA GLY F 111 -69.96 -73.25 18.73
C GLY F 111 -68.91 -72.77 17.74
N MET F 112 -67.73 -72.41 18.26
CA MET F 112 -66.72 -71.79 17.42
C MET F 112 -65.33 -72.42 17.55
N GLN F 113 -64.61 -72.43 16.43
CA GLN F 113 -63.18 -72.70 16.45
C GLN F 113 -62.57 -71.61 15.58
N ALA F 114 -61.53 -70.94 16.08
CA ALA F 114 -60.98 -69.83 15.31
C ALA F 114 -59.46 -69.83 15.35
N LYS F 115 -58.84 -69.56 14.20
CA LYS F 115 -57.40 -69.32 14.11
C LYS F 115 -57.12 -67.93 13.56
N ARG F 116 -56.38 -67.14 14.34
CA ARG F 116 -56.25 -65.70 14.14
C ARG F 116 -55.99 -65.34 12.68
N HIS F 117 -56.83 -64.45 12.16
CA HIS F 117 -56.91 -64.00 10.76
C HIS F 117 -56.66 -65.10 9.74
N LYS F 118 -57.41 -66.18 9.85
CA LYS F 118 -57.41 -67.28 8.90
C LYS F 118 -58.82 -67.79 8.66
N GLY F 119 -59.82 -67.23 9.33
CA GLY F 119 -61.17 -67.67 9.14
C GLY F 119 -61.71 -68.28 10.42
N ILE F 120 -62.97 -67.99 10.69
CA ILE F 120 -63.63 -68.33 11.95
C ILE F 120 -64.71 -69.30 11.52
N LYS F 121 -64.66 -70.50 12.09
CA LYS F 121 -65.68 -71.49 11.88
C LYS F 121 -66.92 -71.19 12.72
N SER F 122 -67.93 -72.03 12.55
CA SER F 122 -69.13 -71.96 13.37
C SER F 122 -69.98 -73.19 13.12
N TRP F 123 -70.63 -73.68 14.15
CA TRP F 123 -71.63 -74.74 14.03
C TRP F 123 -72.70 -74.30 15.03
N TYR F 124 -73.56 -73.41 14.54
CA TYR F 124 -74.62 -72.83 15.35
C TYR F 124 -75.62 -73.90 15.74
N PHE F 125 -76.34 -73.64 16.84
CA PHE F 125 -77.30 -74.61 17.36
C PHE F 125 -78.44 -73.89 18.06
N VAL F 126 -79.53 -74.63 18.24
CA VAL F 126 -80.72 -74.17 18.95
C VAL F 126 -81.37 -75.38 19.60
N ILE F 127 -81.60 -75.32 20.90
CA ILE F 127 -82.16 -76.46 21.63
C ILE F 127 -83.61 -76.14 21.96
N THR F 128 -84.48 -77.11 21.71
CA THR F 128 -85.92 -76.90 21.82
C THR F 128 -86.68 -77.97 22.59
N ASP F 129 -86.01 -78.97 23.14
CA ASP F 129 -86.67 -80.06 23.84
C ASP F 129 -86.97 -79.74 25.29
N ASN F 130 -86.74 -78.48 25.69
CA ASN F 130 -86.89 -77.97 27.05
C ASN F 130 -85.75 -78.37 27.96
N ARG F 131 -84.57 -78.67 27.42
CA ARG F 131 -83.40 -78.83 28.24
C ARG F 131 -82.73 -77.48 28.42
N ARG F 132 -82.15 -77.26 29.59
CA ARG F 132 -81.52 -75.98 29.90
C ARG F 132 -80.03 -76.26 30.08
N ILE F 133 -79.19 -75.46 29.42
CA ILE F 133 -77.75 -75.61 29.55
C ILE F 133 -77.35 -75.22 30.97
N GLY F 134 -76.76 -76.16 31.71
CA GLY F 134 -76.36 -75.89 33.07
C GLY F 134 -77.25 -76.48 34.14
N TYR F 135 -78.37 -77.12 33.76
CA TYR F 135 -79.19 -77.80 34.76
C TYR F 135 -79.34 -79.27 34.41
N ASP F 136 -79.61 -79.57 33.14
CA ASP F 136 -79.65 -80.94 32.63
C ASP F 136 -78.97 -81.09 31.28
N PHE F 137 -78.04 -80.23 30.91
CA PHE F 137 -77.38 -80.31 29.61
C PHE F 137 -76.03 -79.61 29.67
N GLU F 138 -75.14 -80.04 28.78
CA GLU F 138 -73.79 -79.49 28.71
C GLU F 138 -73.38 -79.42 27.25
N LEU F 139 -72.40 -78.56 27.00
CA LEU F 139 -71.88 -78.28 25.66
C LEU F 139 -70.50 -78.84 25.38
N ALA F 140 -69.72 -79.21 26.39
CA ALA F 140 -68.38 -79.69 26.15
C ALA F 140 -68.08 -80.95 26.95
N HIS F 141 -67.20 -81.77 26.37
CA HIS F 141 -66.77 -83.02 26.99
C HIS F 141 -65.83 -82.71 28.16
N SER F 142 -65.83 -83.59 29.13
CA SER F 142 -64.98 -83.43 30.30
C SER F 142 -63.57 -83.95 30.05
N GLN F 143 -63.34 -84.50 28.85
CA GLN F 143 -62.05 -85.04 28.47
C GLN F 143 -60.93 -84.04 28.74
N LEU F 144 -59.73 -84.59 28.96
CA LEU F 144 -58.53 -83.82 29.30
C LEU F 144 -58.65 -83.23 30.70
N GLY F 145 -59.78 -83.50 31.33
CA GLY F 145 -60.06 -83.10 32.70
C GLY F 145 -60.76 -81.78 32.93
N ASP F 146 -60.33 -80.71 32.25
CA ASP F 146 -60.96 -79.40 32.38
C ASP F 146 -62.21 -79.18 31.53
N ARG F 147 -62.07 -79.01 30.21
CA ARG F 147 -63.19 -78.91 29.28
C ARG F 147 -62.73 -78.96 27.83
N VAL F 148 -63.32 -79.86 27.05
CA VAL F 148 -62.99 -80.01 25.64
C VAL F 148 -64.31 -79.76 24.93
N PRO F 149 -64.42 -78.73 24.10
CA PRO F 149 -65.66 -78.50 23.34
C PRO F 149 -66.06 -79.58 22.35
N PHE F 150 -67.37 -79.76 22.21
CA PHE F 150 -67.94 -80.76 21.32
C PHE F 150 -67.53 -80.40 19.89
N SER F 151 -67.32 -81.39 19.05
CA SER F 151 -67.13 -81.05 17.65
C SER F 151 -68.50 -80.90 16.99
N ALA F 152 -68.52 -80.37 15.77
CA ALA F 152 -69.80 -80.05 15.17
C ALA F 152 -70.77 -81.21 15.20
N LYS F 153 -70.34 -82.39 14.77
CA LYS F 153 -71.22 -83.56 14.67
C LYS F 153 -71.69 -84.04 16.04
N GLU F 154 -70.81 -84.08 17.04
CA GLU F 154 -71.20 -84.55 18.37
C GLU F 154 -72.25 -83.64 18.99
N LEU F 155 -72.11 -82.33 18.80
CA LEU F 155 -73.11 -81.41 19.32
C LEU F 155 -74.45 -81.68 18.67
N GLU F 156 -74.46 -81.95 17.37
CA GLU F 156 -75.69 -82.30 16.67
C GLU F 156 -76.28 -83.61 17.19
N ASN F 157 -75.44 -84.59 17.51
CA ASN F 157 -75.89 -85.88 18.05
C ASN F 157 -76.56 -85.70 19.41
N ARG F 158 -75.87 -85.02 20.32
CA ARG F 158 -76.33 -84.81 21.69
C ARG F 158 -77.60 -83.98 21.71
N ILE F 159 -77.65 -82.90 20.92
CA ILE F 159 -78.85 -82.10 20.86
C ILE F 159 -79.92 -82.90 20.13
N GLY F 160 -79.50 -83.65 19.12
CA GLY F 160 -80.34 -84.27 18.11
C GLY F 160 -81.46 -83.40 17.60
N GLU F 161 -82.57 -84.05 17.21
CA GLU F 161 -83.77 -83.41 16.70
C GLU F 161 -84.51 -82.55 17.73
N GLY F 162 -84.01 -82.46 18.96
CA GLY F 162 -84.74 -81.81 20.04
C GLY F 162 -84.05 -80.47 20.08
N GLY F 163 -83.86 -79.95 18.88
CA GLY F 163 -83.15 -78.74 18.58
C GLY F 163 -82.31 -79.15 17.39
N TYR F 164 -81.55 -78.24 16.78
CA TYR F 164 -80.79 -78.57 15.59
C TYR F 164 -79.43 -77.91 15.70
N VAL F 165 -78.45 -78.53 15.04
CA VAL F 165 -77.13 -77.94 14.89
C VAL F 165 -76.80 -77.94 13.41
N VAL F 166 -76.36 -76.77 12.94
CA VAL F 166 -76.07 -76.47 11.55
C VAL F 166 -74.71 -75.80 11.52
N HIS F 167 -74.09 -75.79 10.34
CA HIS F 167 -72.74 -75.29 10.19
C HIS F 167 -72.65 -74.11 9.24
N THR F 168 -73.77 -73.44 9.00
CA THR F 168 -73.82 -72.26 8.15
C THR F 168 -74.72 -71.25 8.82
N GLN F 169 -74.28 -69.99 8.83
CA GLN F 169 -75.02 -68.95 9.50
C GLN F 169 -76.45 -68.86 8.96
N ARG F 170 -76.61 -69.04 7.65
CA ARG F 170 -77.92 -68.96 7.02
C ARG F 170 -78.87 -69.98 7.66
N GLU F 171 -78.41 -71.22 7.82
CA GLU F 171 -79.25 -72.27 8.41
C GLU F 171 -79.64 -71.86 9.81
N TYR F 172 -78.69 -71.28 10.54
CA TYR F 172 -78.98 -70.83 11.90
C TYR F 172 -80.07 -69.77 11.87
N MET F 173 -80.02 -68.87 10.89
CA MET F 173 -81.07 -67.84 10.82
C MET F 173 -82.40 -68.53 10.62
N GLU F 174 -82.41 -69.55 9.77
CA GLU F 174 -83.65 -70.30 9.63
C GLU F 174 -84.05 -70.93 10.95
N LEU F 175 -83.08 -71.47 11.70
CA LEU F 175 -83.39 -72.09 12.98
C LEU F 175 -84.02 -71.07 13.93
N VAL F 176 -83.38 -69.91 14.07
CA VAL F 176 -83.86 -68.90 14.98
C VAL F 176 -85.23 -68.41 14.55
N ASN F 177 -85.40 -68.11 13.26
CA ASN F 177 -86.71 -67.69 12.78
C ASN F 177 -87.74 -68.77 13.08
N LYS F 178 -87.48 -70.00 12.63
CA LYS F 178 -88.46 -71.05 12.81
C LYS F 178 -88.86 -71.19 14.27
N TYR F 179 -87.87 -71.14 15.17
CA TYR F 179 -88.13 -71.37 16.57
C TYR F 179 -88.54 -70.11 17.32
N ILE F 180 -87.69 -69.07 17.34
CA ILE F 180 -87.91 -67.88 18.14
C ILE F 180 -88.80 -66.79 17.53
N PHE F 181 -88.40 -66.27 16.34
CA PHE F 181 -88.96 -65.02 15.83
C PHE F 181 -90.15 -65.15 14.90
N GLY F 182 -90.22 -66.15 14.02
CA GLY F 182 -91.34 -66.32 13.12
C GLY F 182 -91.55 -65.17 12.15
N PHE F 183 -90.47 -64.54 11.67
CA PHE F 183 -90.54 -63.52 10.64
C PHE F 183 -91.15 -64.04 9.34
N GLN F 184 -91.92 -63.18 8.66
CA GLN F 184 -92.49 -63.59 7.39
C GLN F 184 -91.54 -63.46 6.22
N SER F 185 -90.29 -63.03 6.43
CA SER F 185 -89.32 -62.97 5.34
C SER F 185 -87.91 -62.83 5.89
N ASN F 186 -86.92 -63.25 5.11
CA ASN F 186 -85.56 -63.04 5.56
C ASN F 186 -85.17 -61.57 5.40
N GLU F 187 -85.67 -60.92 4.34
CA GLU F 187 -85.30 -59.53 4.08
C GLU F 187 -85.77 -58.64 5.23
N ALA F 188 -87.02 -58.84 5.66
CA ALA F 188 -87.59 -58.07 6.76
C ALA F 188 -86.77 -58.28 8.01
N TYR F 189 -86.35 -59.53 8.22
CA TYR F 189 -85.50 -59.87 9.35
C TYR F 189 -84.20 -59.08 9.31
N GLU F 190 -83.59 -59.02 8.12
CA GLU F 190 -82.36 -58.27 7.97
C GLU F 190 -82.56 -56.77 8.23
N ASP F 191 -83.65 -56.19 7.72
CA ASP F 191 -83.85 -54.75 7.94
C ASP F 191 -84.14 -54.43 9.40
N LEU F 192 -84.95 -55.26 10.07
CA LEU F 192 -85.15 -55.08 11.51
C LEU F 192 -83.86 -55.15 12.29
N ILE F 193 -83.04 -56.16 12.01
CA ILE F 193 -81.81 -56.30 12.77
C ILE F 193 -80.94 -55.08 12.49
N LYS F 194 -81.02 -54.58 11.26
CA LYS F 194 -80.31 -53.36 10.92
C LYS F 194 -80.80 -52.17 11.75
N LEU F 195 -82.13 -52.03 11.91
CA LEU F 195 -82.68 -50.94 12.72
C LEU F 195 -82.26 -51.09 14.18
N LEU F 196 -82.25 -52.31 14.68
CA LEU F 196 -81.81 -52.60 16.05
C LEU F 196 -80.37 -52.15 16.26
N ILE F 197 -79.52 -52.36 15.25
CA ILE F 197 -78.13 -51.93 15.28
C ILE F 197 -78.07 -50.41 15.45
N GLN F 198 -78.96 -49.70 14.77
CA GLN F 198 -79.03 -48.24 14.79
C GLN F 198 -79.22 -47.69 16.20
N LEU F 199 -80.08 -48.31 17.01
CA LEU F 199 -80.33 -47.85 18.38
C LEU F 199 -79.04 -47.60 19.16
N ARG F 200 -78.01 -48.41 18.96
CA ARG F 200 -76.82 -48.38 19.79
C ARG F 200 -75.79 -47.33 19.38
N SER F 201 -76.19 -46.27 18.68
CA SER F 201 -75.24 -45.26 18.23
C SER F 201 -74.63 -44.49 19.40
N PRO F 202 -73.36 -44.07 19.31
CA PRO F 202 -72.84 -43.04 20.21
C PRO F 202 -73.01 -41.61 19.72
N LYS F 203 -73.65 -41.39 18.57
CA LYS F 203 -73.77 -40.03 18.02
C LYS F 203 -74.57 -39.11 18.92
N LEU F 204 -75.42 -39.65 19.80
CA LEU F 204 -76.16 -38.75 20.68
C LEU F 204 -75.18 -37.93 21.52
N SER F 205 -73.92 -38.35 21.57
CA SER F 205 -72.84 -37.83 22.39
C SER F 205 -72.59 -36.36 22.08
N LYS F 206 -72.90 -35.96 20.84
CA LYS F 206 -72.62 -34.65 20.28
C LYS F 206 -73.86 -33.81 20.53
N ASP F 207 -73.97 -32.66 19.89
CA ASP F 207 -75.13 -31.82 20.12
C ASP F 207 -76.38 -32.68 20.01
N PHE F 208 -77.15 -32.76 21.08
CA PHE F 208 -78.30 -33.66 21.23
C PHE F 208 -79.50 -33.22 20.38
N LYS F 209 -79.24 -32.28 19.47
CA LYS F 209 -80.24 -31.80 18.54
C LYS F 209 -80.69 -32.86 17.54
N PRO F 210 -81.83 -32.64 16.86
CA PRO F 210 -82.49 -33.69 16.03
C PRO F 210 -81.73 -34.33 14.88
N THR F 211 -80.91 -33.57 14.16
CA THR F 211 -80.26 -34.03 12.93
C THR F 211 -79.39 -35.29 13.12
N VAL F 212 -78.98 -35.61 14.34
CA VAL F 212 -78.35 -36.90 14.62
C VAL F 212 -79.26 -38.07 14.28
N ILE F 213 -80.56 -37.96 14.59
CA ILE F 213 -81.54 -39.02 14.35
C ILE F 213 -81.64 -39.41 12.88
N TYR F 214 -81.51 -38.44 11.97
CA TYR F 214 -81.59 -38.70 10.53
C TYR F 214 -80.53 -39.67 10.03
N GLU F 215 -79.30 -39.60 10.53
CA GLU F 215 -78.27 -40.54 10.09
C GLU F 215 -78.66 -41.97 10.45
N ILE F 216 -79.25 -42.15 11.63
CA ILE F 216 -79.67 -43.46 12.13
C ILE F 216 -80.76 -44.08 11.24
N LEU F 217 -81.78 -43.30 10.89
CA LEU F 217 -82.90 -43.76 10.06
C LEU F 217 -82.50 -44.24 8.67
N GLU F 218 -81.70 -43.46 7.93
CA GLU F 218 -81.37 -43.84 6.56
C GLU F 218 -80.76 -45.23 6.41
N SER F 219 -79.96 -45.72 7.36
CA SER F 219 -79.42 -47.07 7.19
C SER F 219 -80.47 -48.16 7.41
N ALA F 220 -81.57 -47.87 8.08
CA ALA F 220 -82.61 -48.84 8.38
C ALA F 220 -83.49 -49.19 7.19
N LEU F 221 -83.68 -48.27 6.26
CA LEU F 221 -84.57 -48.43 5.11
C LEU F 221 -84.17 -49.56 4.17
N PRO F 222 -85.16 -50.30 3.66
CA PRO F 222 -84.91 -51.45 2.76
C PRO F 222 -83.84 -51.11 1.74
N PRO F 223 -82.80 -51.94 1.62
CA PRO F 223 -81.72 -51.63 0.66
C PRO F 223 -82.03 -52.03 -0.78
N LEU F 224 -81.02 -51.87 -1.64
CA LEU F 224 -81.06 -52.25 -3.05
C LEU F 224 -79.80 -53.03 -3.39
N THR F 225 -79.94 -54.33 -3.66
CA THR F 225 -78.78 -55.10 -4.11
C THR F 225 -78.78 -55.24 -5.62
N ASP F 226 -77.57 -55.17 -6.19
CA ASP F 226 -77.38 -55.05 -7.63
C ASP F 226 -78.00 -56.19 -8.43
N ASP F 227 -78.17 -57.38 -7.83
CA ASP F 227 -78.66 -58.52 -8.60
C ASP F 227 -80.03 -58.27 -9.22
N GLU F 228 -80.99 -57.79 -8.44
CA GLU F 228 -82.32 -57.59 -8.99
C GLU F 228 -82.28 -56.55 -10.10
N LEU F 229 -81.48 -55.52 -9.86
CA LEU F 229 -81.19 -54.41 -10.75
C LEU F 229 -80.34 -54.74 -11.98
N ARG F 230 -79.62 -55.86 -12.01
CA ARG F 230 -78.58 -56.11 -13.02
C ARG F 230 -79.09 -56.06 -14.46
N HIS F 231 -80.26 -56.61 -14.79
CA HIS F 231 -80.69 -56.51 -16.19
C HIS F 231 -80.71 -55.05 -16.67
N LEU F 232 -80.65 -54.09 -15.76
CA LEU F 232 -80.62 -52.67 -16.09
C LEU F 232 -79.34 -52.33 -16.85
N SER F 233 -78.23 -52.86 -16.35
CA SER F 233 -76.88 -52.59 -16.82
C SER F 233 -76.60 -52.96 -18.27
N ASP F 234 -77.07 -54.09 -18.78
CA ASP F 234 -76.77 -54.35 -20.18
C ASP F 234 -77.31 -53.22 -21.04
N THR F 235 -78.54 -52.81 -20.81
CA THR F 235 -79.15 -51.75 -21.60
C THR F 235 -78.38 -50.44 -21.40
N ILE F 236 -78.02 -50.13 -20.15
CA ILE F 236 -77.35 -48.86 -19.83
C ILE F 236 -75.96 -48.77 -20.44
N GLU F 237 -75.20 -49.87 -20.47
CA GLU F 237 -73.89 -49.80 -21.10
C GLU F 237 -74.03 -49.48 -22.58
N SER F 238 -74.98 -50.11 -23.24
CA SER F 238 -75.23 -49.84 -24.65
C SER F 238 -75.66 -48.40 -24.82
N MET F 239 -76.51 -47.92 -23.92
CA MET F 239 -77.01 -46.56 -23.97
C MET F 239 -75.90 -45.53 -23.79
N ASP F 240 -74.99 -45.74 -22.84
CA ASP F 240 -73.89 -44.80 -22.66
C ASP F 240 -72.94 -44.84 -23.85
N GLN F 241 -72.73 -46.02 -24.43
CA GLN F 241 -71.93 -46.09 -25.64
C GLN F 241 -72.59 -45.29 -26.76
N THR F 242 -73.90 -45.44 -26.89
CA THR F 242 -74.66 -44.69 -27.89
C THR F 242 -74.55 -43.20 -27.64
N GLN F 243 -74.65 -42.80 -26.37
CA GLN F 243 -74.55 -41.40 -26.01
C GLN F 243 -73.19 -40.82 -26.37
N GLN F 244 -72.11 -41.52 -26.05
CA GLN F 244 -70.80 -40.98 -26.38
C GLN F 244 -70.60 -40.87 -27.88
N GLN F 245 -71.04 -41.90 -28.62
CA GLN F 245 -70.92 -41.83 -30.06
C GLN F 245 -71.80 -40.74 -30.66
N LEU F 246 -73.02 -40.60 -30.14
CA LEU F 246 -73.94 -39.56 -30.60
C LEU F 246 -73.42 -38.17 -30.31
N GLU F 247 -72.82 -37.95 -29.13
CA GLU F 247 -72.28 -36.63 -28.83
C GLU F 247 -71.10 -36.32 -29.74
N GLN F 248 -70.24 -37.31 -29.99
CA GLN F 248 -69.16 -37.11 -30.94
C GLN F 248 -69.72 -36.80 -32.32
N LEU F 249 -70.74 -37.57 -32.71
CA LEU F 249 -71.40 -37.42 -34.00
C LEU F 249 -72.05 -36.06 -34.18
N GLU F 250 -72.69 -35.50 -33.15
CA GLU F 250 -73.30 -34.19 -33.36
C GLU F 250 -72.24 -33.13 -33.62
N ARG F 251 -71.13 -33.16 -32.88
CA ARG F 251 -70.06 -32.23 -33.17
C ARG F 251 -69.54 -32.44 -34.59
N GLU F 252 -69.25 -33.70 -34.95
CA GLU F 252 -68.74 -33.98 -36.27
C GLU F 252 -69.73 -33.61 -37.35
N PHE F 253 -71.02 -33.85 -37.12
CA PHE F 253 -72.06 -33.52 -38.09
C PHE F 253 -72.15 -32.04 -38.30
N ALA F 254 -72.06 -31.25 -37.23
CA ALA F 254 -72.09 -29.80 -37.38
C ALA F 254 -70.88 -29.35 -38.18
N SER F 255 -69.73 -29.94 -37.86
CA SER F 255 -68.51 -29.64 -38.60
C SER F 255 -68.68 -30.04 -40.06
N SER F 256 -69.26 -31.21 -40.29
CA SER F 256 -69.51 -31.68 -41.65
C SER F 256 -70.46 -30.74 -42.36
N SER F 257 -71.42 -30.19 -41.64
CA SER F 257 -72.33 -29.22 -42.24
C SER F 257 -71.55 -28.02 -42.72
N ARG F 258 -70.67 -27.49 -41.86
CA ARG F 258 -69.85 -26.37 -42.29
C ARG F 258 -69.02 -26.74 -43.51
N LEU F 259 -68.38 -27.92 -43.46
CA LEU F 259 -67.52 -28.34 -44.56
C LEU F 259 -68.31 -28.49 -45.84
N VAL F 260 -69.47 -29.15 -45.78
CA VAL F 260 -70.25 -29.41 -46.98
C VAL F 260 -70.82 -28.11 -47.52
N ASN F 261 -71.24 -27.20 -46.64
CA ASN F 261 -71.73 -25.92 -47.12
C ASN F 261 -70.63 -25.14 -47.81
N GLN F 262 -69.44 -25.09 -47.21
CA GLN F 262 -68.33 -24.42 -47.86
C GLN F 262 -67.97 -25.08 -49.17
N TYR F 263 -67.91 -26.40 -49.19
CA TYR F 263 -67.55 -27.13 -50.40
C TYR F 263 -68.60 -26.96 -51.49
N HIS F 264 -69.88 -26.93 -51.12
CA HIS F 264 -70.92 -26.73 -52.09
C HIS F 264 -70.91 -25.31 -52.61
N SER F 265 -70.64 -24.36 -51.73
CA SER F 265 -70.45 -22.98 -52.18
C SER F 265 -69.26 -22.89 -53.12
N TYR F 266 -68.16 -23.54 -52.79
CA TYR F 266 -67.00 -23.52 -53.68
C TYR F 266 -67.34 -24.09 -55.04
N ASN F 267 -68.01 -25.24 -55.06
CA ASN F 267 -68.31 -25.87 -56.34
C ASN F 267 -69.37 -25.08 -57.11
N GLN F 268 -70.38 -24.58 -56.42
CA GLN F 268 -71.35 -23.69 -57.04
C GLN F 268 -70.67 -22.47 -57.65
N TYR F 269 -69.75 -21.84 -56.92
CA TYR F 269 -69.10 -20.65 -57.43
C TYR F 269 -68.21 -20.97 -58.61
N ILE F 270 -67.47 -22.07 -58.52
CA ILE F 270 -66.59 -22.46 -59.62
C ILE F 270 -67.43 -22.73 -60.86
N LEU F 271 -68.48 -23.54 -60.70
CA LEU F 271 -69.32 -23.89 -61.82
C LEU F 271 -70.03 -22.66 -62.37
N ALA F 272 -70.52 -21.78 -61.50
CA ALA F 272 -71.20 -20.59 -61.97
C ALA F 272 -70.26 -19.70 -62.77
N GLU F 273 -69.04 -19.49 -62.28
CA GLU F 273 -68.11 -18.63 -63.01
C GLU F 273 -67.71 -19.28 -64.33
N ARG F 274 -67.44 -20.59 -64.29
CA ARG F 274 -67.07 -21.30 -65.50
C ARG F 274 -68.23 -21.31 -66.49
N ALA F 275 -69.45 -21.45 -65.99
CA ALA F 275 -70.63 -21.39 -66.84
C ALA F 275 -70.77 -20.00 -67.43
N GLY F 276 -70.49 -18.97 -66.63
CA GLY F 276 -70.53 -17.61 -67.14
C GLY F 276 -69.53 -17.43 -68.25
N LYS F 277 -68.32 -17.94 -68.06
CA LYS F 277 -67.31 -17.85 -69.11
C LYS F 277 -67.75 -18.64 -70.33
N TRP F 278 -68.34 -19.82 -70.14
CA TRP F 278 -68.86 -20.60 -71.26
C TRP F 278 -69.93 -19.83 -72.01
N GLN F 279 -70.88 -19.23 -71.27
CA GLN F 279 -71.94 -18.46 -71.90
C GLN F 279 -71.37 -17.27 -72.65
N ASP F 280 -70.41 -16.59 -72.04
CA ASP F 280 -69.75 -15.46 -72.68
C ASP F 280 -69.02 -15.91 -73.94
N ALA F 281 -68.32 -17.04 -73.88
CA ALA F 281 -67.62 -17.55 -75.04
C ALA F 281 -68.59 -17.86 -76.16
N LEU F 282 -69.71 -18.53 -75.84
CA LEU F 282 -70.67 -18.84 -76.89
C LEU F 282 -71.28 -17.56 -77.45
N LYS F 283 -71.60 -16.61 -76.58
CA LYS F 283 -72.11 -15.32 -77.02
C LYS F 283 -71.12 -14.64 -77.95
N ARG F 284 -69.86 -14.56 -77.52
CA ARG F 284 -68.85 -13.91 -78.34
C ARG F 284 -68.67 -14.66 -79.65
N TYR F 285 -68.74 -15.99 -79.61
CA TYR F 285 -68.61 -16.74 -80.86
C TYR F 285 -69.78 -16.44 -81.79
N THR F 286 -70.98 -16.34 -81.25
CA THR F 286 -72.11 -16.03 -82.11
C THR F 286 -71.95 -14.64 -82.71
N VAL F 287 -71.53 -13.67 -81.90
CA VAL F 287 -71.27 -12.34 -82.41
C VAL F 287 -70.17 -12.39 -83.47
N ALA F 288 -69.11 -13.15 -83.20
CA ALA F 288 -68.01 -13.29 -84.14
C ALA F 288 -68.46 -13.95 -85.43
N GLU F 289 -69.30 -14.98 -85.32
CA GLU F 289 -69.81 -15.67 -86.50
C GLU F 289 -70.67 -14.71 -87.31
N GLU F 290 -71.52 -13.93 -86.64
CA GLU F 290 -72.30 -12.92 -87.32
C GLU F 290 -71.38 -11.95 -88.04
N HIS F 291 -70.32 -11.51 -87.35
CA HIS F 291 -69.36 -10.59 -87.95
C HIS F 291 -68.72 -11.24 -89.16
N VAL F 292 -68.36 -12.52 -89.04
CA VAL F 292 -67.73 -13.26 -90.13
C VAL F 292 -68.68 -13.27 -91.31
N LYS F 293 -69.94 -13.57 -91.04
CA LYS F 293 -70.97 -13.63 -92.07
C LYS F 293 -71.12 -12.27 -92.73
N GLY F 294 -71.17 -11.21 -91.93
CA GLY F 294 -71.35 -9.88 -92.48
C GLY F 294 -70.17 -9.51 -93.36
N LEU F 295 -68.96 -9.82 -92.90
CA LEU F 295 -67.76 -9.51 -93.66
C LEU F 295 -67.70 -10.40 -94.91
N THR F 296 -68.22 -11.62 -94.82
CA THR F 296 -68.33 -12.49 -95.98
C THR F 296 -69.28 -11.87 -97.00
N ALA F 297 -70.41 -11.34 -96.52
CA ALA F 297 -71.35 -10.66 -97.40
C ALA F 297 -70.66 -9.48 -98.05
N GLN F 298 -69.92 -8.71 -97.27
CA GLN F 298 -69.19 -7.57 -97.80
C GLN F 298 -68.16 -8.04 -98.81
N ASP F 299 -67.53 -9.17 -98.54
CA ASP F 299 -66.56 -9.77 -99.46
C ASP F 299 -67.22 -10.12 -100.79
N GLU F 300 -68.41 -10.73 -100.72
CA GLU F 300 -69.15 -11.06 -101.94
C GLU F 300 -69.54 -9.79 -102.69
N GLU F 301 -70.04 -8.80 -101.95
CA GLU F 301 -70.42 -7.53 -102.55
C GLU F 301 -69.24 -6.86 -103.24
N LEU F 302 -68.08 -6.83 -102.56
CA LEU F 302 -66.91 -6.19 -103.15
C LEU F 302 -66.42 -6.96 -104.36
N THR F 303 -66.48 -8.29 -104.30
CA THR F 303 -66.11 -9.07 -105.48
C THR F 303 -67.00 -8.73 -106.66
N GLN F 304 -68.32 -8.75 -106.45
CA GLN F 304 -69.23 -8.43 -107.54
C GLN F 304 -69.03 -7.00 -108.02
N GLU F 305 -68.89 -6.07 -107.09
CA GLU F 305 -68.76 -4.66 -107.42
C GLU F 305 -67.49 -4.33 -108.18
N ILE F 306 -66.33 -4.86 -107.76
CA ILE F 306 -65.10 -4.58 -108.47
C ILE F 306 -65.18 -5.13 -109.89
N LYS F 307 -65.69 -6.35 -110.02
CA LYS F 307 -65.86 -6.93 -111.34
C LYS F 307 -66.77 -6.06 -112.19
N GLN F 308 -67.91 -5.64 -111.63
CA GLN F 308 -68.86 -4.84 -112.38
C GLN F 308 -68.24 -3.51 -112.77
N GLU F 309 -67.43 -2.91 -111.91
CA GLU F 309 -66.77 -1.66 -112.28
C GLU F 309 -65.82 -1.93 -113.43
N GLU F 310 -65.13 -3.06 -113.41
CA GLU F 310 -64.27 -3.44 -114.53
C GLU F 310 -65.08 -3.64 -115.79
N GLU F 311 -66.26 -4.25 -115.66
CA GLU F 311 -67.15 -4.44 -116.81
C GLU F 311 -67.55 -3.10 -117.39
N GLN F 312 -67.89 -2.15 -116.52
CA GLN F 312 -68.26 -0.82 -117.00
C GLN F 312 -67.05 -0.14 -117.62
N LYS F 313 -65.86 -0.40 -117.08
CA LYS F 313 -64.63 0.11 -117.68
C LYS F 313 -64.46 -0.41 -119.10
N GLN F 314 -64.69 -1.72 -119.30
CA GLN F 314 -64.59 -2.28 -120.64
C GLN F 314 -65.67 -1.70 -121.56
N GLN F 315 -66.87 -1.51 -121.03
CA GLN F 315 -67.94 -0.89 -121.81
C GLN F 315 -67.53 0.52 -122.24
N PHE F 316 -67.03 1.29 -121.28
CA PHE F 316 -66.58 2.66 -121.53
C PHE F 316 -65.40 2.69 -122.48
N ALA F 317 -64.48 1.73 -122.36
CA ALA F 317 -63.35 1.68 -123.28
C ALA F 317 -63.83 1.43 -124.70
N GLN F 318 -64.77 0.50 -124.86
CA GLN F 318 -65.36 0.24 -126.18
C GLN F 318 -66.02 1.49 -126.71
N GLN F 319 -66.84 2.14 -125.88
CA GLN F 319 -67.54 3.34 -126.32
C GLN F 319 -66.56 4.44 -126.70
N GLN F 320 -65.51 4.62 -125.90
CA GLN F 320 -64.50 5.63 -126.17
C GLN F 320 -63.78 5.35 -127.48
N GLU F 321 -63.40 4.10 -127.70
CA GLU F 321 -62.70 3.74 -128.93
C GLU F 321 -63.58 3.96 -130.14
N ILE F 322 -64.85 3.55 -130.07
CA ILE F 322 -65.73 3.74 -131.22
C ILE F 322 -65.99 5.23 -131.45
N ALA F 323 -66.11 5.99 -130.38
CA ALA F 323 -66.30 7.43 -130.52
C ALA F 323 -65.08 8.10 -131.12
N LEU F 324 -63.89 7.71 -130.68
CA LEU F 324 -62.67 8.26 -131.26
C LEU F 324 -62.53 7.89 -132.73
N GLU F 325 -62.81 6.63 -133.08
CA GLU F 325 -62.70 6.25 -134.48
C GLU F 325 -63.68 7.00 -135.37
N GLU F 326 -64.93 7.11 -134.93
CA GLU F 326 -65.95 7.84 -135.67
C GLU F 326 -65.66 9.34 -135.69
N LYS F 327 -65.05 9.82 -134.60
CA LYS F 327 -64.59 11.20 -134.50
C LYS F 327 -63.58 11.53 -135.60
N LYS F 328 -62.63 10.63 -135.85
CA LYS F 328 -61.71 10.89 -136.94
C LYS F 328 -62.48 11.15 -138.23
N ARG F 329 -63.40 10.25 -138.58
CA ARG F 329 -64.14 10.35 -139.84
C ARG F 329 -65.11 11.52 -139.87
N LEU F 330 -65.65 11.92 -138.72
CA LEU F 330 -66.51 13.09 -138.55
C LEU F 330 -65.85 14.45 -138.53
N GLU F 331 -64.55 14.56 -138.29
CA GLU F 331 -64.00 15.91 -138.14
C GLU F 331 -63.81 16.63 -139.47
N ARG F 332 -64.29 16.05 -140.57
CA ARG F 332 -63.84 16.51 -141.88
C ARG F 332 -64.62 17.75 -142.30
N HIS F 333 -65.63 18.13 -141.52
CA HIS F 333 -66.36 19.38 -141.71
C HIS F 333 -66.20 20.26 -140.48
N GLU F 334 -66.36 21.57 -140.65
CA GLU F 334 -66.00 22.54 -139.61
C GLU F 334 -66.95 22.43 -138.41
N VAL F 335 -67.88 21.48 -138.46
CA VAL F 335 -69.02 21.28 -137.59
C VAL F 335 -68.56 20.96 -136.17
N TRP F 336 -67.73 19.93 -136.05
CA TRP F 336 -67.32 19.42 -134.75
C TRP F 336 -66.61 20.50 -133.93
N ASN F 337 -65.73 21.28 -134.57
CA ASN F 337 -65.05 22.35 -133.85
C ASN F 337 -66.05 23.38 -133.32
N LEU F 338 -67.03 23.76 -134.15
CA LEU F 338 -68.04 24.74 -133.77
C LEU F 338 -68.85 24.24 -132.58
N GLU F 339 -69.18 22.95 -132.59
CA GLU F 339 -70.00 22.35 -131.54
C GLU F 339 -69.18 22.32 -130.26
N GLU F 340 -67.87 22.11 -130.40
CA GLU F 340 -67.05 22.00 -129.21
C GLU F 340 -66.96 23.38 -128.59
N ASP F 341 -66.74 24.41 -129.41
CA ASP F 341 -66.50 25.70 -128.79
C ASP F 341 -67.78 26.07 -128.07
N LYS F 342 -68.92 25.83 -128.76
CA LYS F 342 -70.21 26.23 -128.22
C LYS F 342 -70.40 25.62 -126.85
N ARG F 343 -69.96 24.35 -126.73
CA ARG F 343 -70.02 23.61 -125.48
C ARG F 343 -69.14 24.25 -124.42
N LYS F 344 -67.91 24.63 -124.80
CA LYS F 344 -67.04 25.29 -123.83
C LYS F 344 -67.68 26.58 -123.34
N LYS F 345 -68.31 27.35 -124.23
CA LYS F 345 -68.95 28.58 -123.79
C LYS F 345 -70.09 28.27 -122.82
N ILE F 346 -70.85 27.22 -123.12
CA ILE F 346 -71.95 26.83 -122.23
C ILE F 346 -71.40 26.44 -120.87
N GLU F 347 -70.33 25.65 -120.85
CA GLU F 347 -69.70 25.26 -119.59
C GLU F 347 -69.22 26.48 -118.83
N ASN F 348 -68.64 27.46 -119.53
CA ASN F 348 -68.16 28.66 -118.86
C ASN F 348 -69.31 29.44 -118.24
N THR F 349 -70.44 29.51 -118.95
CA THR F 349 -71.62 30.16 -118.37
C THR F 349 -72.11 29.40 -117.14
N LYS F 350 -72.08 28.07 -117.20
CA LYS F 350 -72.44 27.27 -116.03
C LYS F 350 -71.52 27.56 -114.86
N SER F 351 -70.21 27.64 -115.12
CA SER F 351 -69.26 27.92 -114.05
C SER F 351 -69.51 29.29 -113.45
N LEU F 352 -69.81 30.29 -114.29
CA LEU F 352 -70.11 31.62 -113.78
C LEU F 352 -71.38 31.60 -112.94
N SER F 353 -72.37 30.81 -113.37
CA SER F 353 -73.59 30.65 -112.58
C SER F 353 -73.27 30.05 -111.22
N SER F 354 -72.45 29.00 -111.20
CA SER F 354 -72.09 28.36 -109.95
C SER F 354 -71.38 29.34 -109.02
N GLU F 355 -70.45 30.14 -109.56
CA GLU F 355 -69.73 31.09 -108.72
C GLU F 355 -70.67 32.17 -108.21
N ILE F 356 -71.62 32.58 -109.05
CA ILE F 356 -72.62 33.57 -108.63
C ILE F 356 -73.45 33.02 -107.48
N ASN F 357 -73.86 31.74 -107.60
CA ASN F 357 -74.61 31.13 -106.52
C ASN F 357 -73.78 30.98 -105.25
N SER F 358 -72.50 30.65 -105.40
CA SER F 358 -71.64 30.56 -104.21
C SER F 358 -71.54 31.91 -103.50
N LEU F 359 -71.31 32.97 -104.26
CA LEU F 359 -71.27 34.30 -103.67
C LEU F 359 -72.61 34.70 -103.07
N GLN F 360 -73.71 34.31 -103.72
CA GLN F 360 -75.04 34.58 -103.16
C GLN F 360 -75.23 33.87 -101.83
N LYS F 361 -74.82 32.60 -101.76
CA LYS F 361 -74.92 31.84 -100.53
C LYS F 361 -74.11 32.48 -99.42
N LYS F 362 -72.86 32.81 -99.70
CA LYS F 362 -72.02 33.42 -98.68
C LYS F 362 -72.60 34.76 -98.24
N TRP F 363 -73.07 35.57 -99.19
CA TRP F 363 -73.63 36.88 -98.85
C TRP F 363 -74.90 36.75 -98.01
N ASP F 364 -75.75 35.78 -98.32
CA ASP F 364 -76.95 35.60 -97.51
C ASP F 364 -76.59 35.12 -96.11
N HIS F 365 -75.61 34.23 -96.00
CA HIS F 365 -75.15 33.81 -94.68
C HIS F 365 -74.62 35.01 -93.89
N LYS F 366 -73.80 35.82 -94.53
CA LYS F 366 -73.25 37.02 -93.90
C LYS F 366 -74.35 38.00 -93.50
N ASN F 367 -75.33 38.22 -94.38
CA ASN F 367 -76.40 39.17 -94.12
C ASN F 367 -77.33 38.73 -92.99
N SER F 368 -77.62 37.43 -92.91
CA SER F 368 -78.45 36.96 -91.81
C SER F 368 -77.75 37.20 -90.47
N GLN F 369 -76.46 36.88 -90.41
CA GLN F 369 -75.71 37.12 -89.19
C GLN F 369 -75.62 38.62 -88.89
N TYR F 370 -75.50 39.45 -89.93
CA TYR F 370 -75.47 40.89 -89.72
C TYR F 370 -76.78 41.41 -89.12
N ASN F 371 -77.91 40.92 -89.61
CA ASN F 371 -79.19 41.33 -89.04
C ASN F 371 -79.32 40.83 -87.60
N ARG F 372 -78.87 39.60 -87.37
CA ARG F 372 -78.86 39.05 -86.02
C ARG F 372 -78.02 39.91 -85.09
N LEU F 373 -76.81 40.29 -85.53
CA LEU F 373 -75.95 41.15 -84.71
C LEU F 373 -76.58 42.51 -84.46
N TRP F 374 -77.30 43.06 -85.44
CA TRP F 374 -77.99 44.33 -85.19
C TRP F 374 -79.00 44.15 -84.08
N GLN F 375 -79.74 43.04 -84.15
CA GLN F 375 -80.71 42.72 -83.10
C GLN F 375 -80.01 42.54 -81.75
N GLU F 376 -78.86 41.86 -81.74
CA GLU F 376 -78.15 41.65 -80.48
C GLU F 376 -77.68 42.98 -79.88
N ARG F 377 -77.19 43.90 -80.72
CA ARG F 377 -76.80 45.20 -80.19
C ARG F 377 -78.00 45.91 -79.60
N GLU F 378 -79.16 45.80 -80.27
CA GLU F 378 -80.38 46.38 -79.73
C GLU F 378 -80.76 45.72 -78.41
N GLN F 379 -80.58 44.40 -78.32
CA GLN F 379 -80.86 43.67 -77.09
C GLN F 379 -79.93 44.11 -75.97
N SER F 380 -78.65 44.32 -76.26
CA SER F 380 -77.74 44.82 -75.25
C SER F 380 -78.16 46.21 -74.81
N GLN F 381 -78.64 47.04 -75.74
CA GLN F 381 -79.16 48.35 -75.35
C GLN F 381 -80.38 48.19 -74.45
N ASN F 382 -81.23 47.20 -74.73
CA ASN F 382 -82.37 46.90 -73.86
C ASN F 382 -81.91 46.52 -72.47
N GLN F 383 -80.89 45.66 -72.39
CA GLN F 383 -80.35 45.27 -71.09
C GLN F 383 -79.84 46.49 -70.35
N ILE F 384 -79.14 47.38 -71.06
CA ILE F 384 -78.63 48.58 -70.42
C ILE F 384 -79.77 49.45 -69.90
N ARG F 385 -80.82 49.60 -70.70
CA ARG F 385 -81.97 50.39 -70.28
C ARG F 385 -82.63 49.80 -69.04
N GLN F 386 -82.88 48.49 -69.05
CA GLN F 386 -83.54 47.83 -67.94
C GLN F 386 -82.69 47.94 -66.68
N HIS F 387 -81.40 47.66 -66.82
CA HIS F 387 -80.49 47.66 -65.69
C HIS F 387 -80.28 49.05 -65.13
N GLU F 388 -80.05 50.07 -65.97
CA GLU F 388 -79.82 51.39 -65.44
C GLU F 388 -81.05 51.88 -64.68
N SER F 389 -82.24 51.68 -65.25
CA SER F 389 -83.47 52.04 -64.54
C SER F 389 -83.49 51.37 -63.17
N GLY F 390 -83.16 50.08 -63.14
CA GLY F 390 -83.17 49.39 -61.87
C GLY F 390 -82.17 50.02 -60.92
N MET F 391 -80.95 50.26 -61.41
CA MET F 391 -79.92 50.84 -60.55
C MET F 391 -80.36 52.20 -60.01
N GLU F 392 -81.15 52.95 -60.79
CA GLU F 392 -81.67 54.23 -60.30
C GLU F 392 -82.60 54.00 -59.12
N ASP F 393 -83.50 53.02 -59.26
CA ASP F 393 -84.40 52.71 -58.16
C ASP F 393 -83.58 52.24 -56.97
N LEU F 394 -82.59 51.38 -57.23
CA LEU F 394 -81.70 50.90 -56.18
C LEU F 394 -81.00 52.05 -55.50
N LEU F 395 -80.66 53.11 -56.24
CA LEU F 395 -80.00 54.25 -55.60
C LEU F 395 -80.96 54.94 -54.65
N GLY F 396 -82.23 55.07 -55.05
CA GLY F 396 -83.20 55.60 -54.10
C GLY F 396 -83.35 54.72 -52.87
N GLU F 397 -83.45 53.41 -53.09
CA GLU F 397 -83.53 52.44 -52.00
C GLU F 397 -82.30 52.50 -51.10
N LEU F 398 -81.13 52.60 -51.71
CA LEU F 398 -79.87 52.62 -50.98
C LEU F 398 -79.78 53.87 -50.14
N GLN F 399 -80.24 55.00 -50.70
CA GLN F 399 -80.28 56.23 -49.92
C GLN F 399 -81.23 56.06 -48.74
N PHE F 400 -82.37 55.39 -48.97
CA PHE F 400 -83.29 55.13 -47.87
C PHE F 400 -82.60 54.31 -46.77
N ASP F 401 -81.86 53.29 -47.17
CA ASP F 401 -81.19 52.48 -46.16
C ASP F 401 -80.14 53.30 -45.43
N ALA F 402 -79.41 54.15 -46.18
CA ALA F 402 -78.42 55.02 -45.56
C ALA F 402 -79.07 56.01 -44.60
N GLU F 403 -80.20 56.60 -44.97
CA GLU F 403 -80.87 57.52 -44.06
C GLU F 403 -81.31 56.80 -42.80
N GLU F 404 -81.90 55.61 -42.91
CA GLU F 404 -82.31 54.89 -41.71
C GLU F 404 -81.09 54.59 -40.85
N ALA F 405 -80.02 54.10 -41.47
CA ALA F 405 -78.80 53.74 -40.75
C ALA F 405 -77.85 54.92 -40.57
N ALA F 406 -78.25 56.11 -41.02
CA ALA F 406 -77.41 57.31 -40.96
C ALA F 406 -76.05 57.10 -41.61
N PHE F 407 -76.03 56.63 -42.86
CA PHE F 407 -74.79 56.37 -43.58
C PHE F 407 -74.54 57.61 -44.44
N SER F 408 -73.77 58.55 -43.87
CA SER F 408 -73.50 59.79 -44.59
C SER F 408 -72.69 59.54 -45.84
N GLU F 409 -71.83 58.54 -45.83
CA GLU F 409 -71.02 58.24 -47.00
C GLU F 409 -71.86 57.80 -48.20
N HIS F 410 -73.09 57.31 -48.01
CA HIS F 410 -73.89 56.85 -49.15
C HIS F 410 -73.97 57.89 -50.26
N GLU F 411 -74.35 59.12 -49.91
CA GLU F 411 -74.45 60.20 -50.89
C GLU F 411 -73.11 60.50 -51.55
N VAL F 412 -72.05 60.63 -50.75
CA VAL F 412 -70.74 60.96 -51.30
C VAL F 412 -70.30 59.89 -52.28
N ASN F 413 -70.44 58.62 -51.89
CA ASN F 413 -70.04 57.54 -52.77
C ASN F 413 -70.92 57.48 -54.02
N VAL F 414 -72.23 57.70 -53.90
CA VAL F 414 -73.08 57.69 -55.08
C VAL F 414 -72.64 58.76 -56.08
N HIS F 415 -72.44 59.99 -55.61
CA HIS F 415 -72.00 61.02 -56.55
C HIS F 415 -70.62 60.72 -57.10
N ASP F 416 -69.69 60.25 -56.26
CA ASP F 416 -68.39 59.81 -56.77
C ASP F 416 -68.54 58.77 -57.87
N PHE F 417 -69.46 57.82 -57.69
CA PHE F 417 -69.75 56.84 -58.74
C PHE F 417 -70.30 57.52 -59.98
N GLU F 418 -71.04 58.62 -59.82
CA GLU F 418 -71.61 59.20 -61.03
C GLU F 418 -70.57 60.06 -61.71
N ARG F 419 -69.58 60.51 -60.96
CA ARG F 419 -68.46 61.25 -61.52
C ARG F 419 -67.40 60.32 -62.09
N HIS F 420 -67.52 59.00 -61.82
CA HIS F 420 -66.78 57.98 -62.54
C HIS F 420 -67.59 56.73 -62.86
N GLN F 421 -68.77 56.86 -63.45
CA GLN F 421 -69.44 55.71 -64.07
C GLN F 421 -69.11 55.56 -65.55
N GLU F 422 -67.90 55.95 -65.96
CA GLU F 422 -67.49 55.75 -67.34
C GLU F 422 -66.65 54.50 -67.52
N GLU F 423 -66.44 53.73 -66.46
CA GLU F 423 -65.52 52.59 -66.50
C GLU F 423 -65.90 51.59 -65.40
N GLU F 424 -64.99 50.64 -65.15
CA GLU F 424 -65.09 49.66 -64.08
C GLU F 424 -64.95 50.19 -62.66
N PHE F 425 -66.00 50.84 -62.16
CA PHE F 425 -65.90 51.59 -60.92
C PHE F 425 -65.51 50.59 -59.85
N ASP F 426 -64.66 51.02 -58.93
CA ASP F 426 -64.25 50.10 -57.86
C ASP F 426 -65.11 50.37 -56.65
N PHE F 427 -65.91 49.34 -56.31
CA PHE F 427 -66.80 49.39 -55.17
C PHE F 427 -66.14 48.90 -53.91
N SER F 428 -64.89 48.44 -53.99
CA SER F 428 -64.25 47.81 -52.84
C SER F 428 -64.30 48.73 -51.64
N ILE F 429 -64.00 50.01 -51.85
CA ILE F 429 -63.98 50.98 -50.76
C ILE F 429 -65.39 51.22 -50.25
N TRP F 430 -66.37 51.24 -51.15
CA TRP F 430 -67.75 51.44 -50.75
C TRP F 430 -68.22 50.30 -49.87
N ILE F 431 -67.91 49.07 -50.28
CA ILE F 431 -68.25 47.89 -49.49
C ILE F 431 -67.52 47.91 -48.15
N GLY F 432 -66.25 48.30 -48.17
CA GLY F 432 -65.52 48.41 -46.92
C GLY F 432 -66.14 49.43 -45.99
N GLU F 433 -66.57 50.56 -46.53
CA GLU F 433 -67.20 51.59 -45.71
C GLU F 433 -68.51 51.08 -45.12
N ILE F 434 -69.34 50.44 -45.94
CA ILE F 434 -70.60 49.92 -45.40
C ILE F 434 -70.34 48.80 -44.41
N GLY F 435 -69.29 48.01 -44.64
CA GLY F 435 -68.94 46.98 -43.68
C GLY F 435 -68.51 47.57 -42.35
N SER F 436 -67.68 48.61 -42.39
CA SER F 436 -67.29 49.28 -41.16
C SER F 436 -68.49 49.90 -40.47
N HIS F 437 -69.38 50.52 -41.25
CA HIS F 437 -70.59 51.11 -40.69
C HIS F 437 -71.46 50.03 -40.05
N GLU F 438 -71.61 48.90 -40.73
CA GLU F 438 -72.39 47.80 -40.19
C GLU F 438 -71.75 47.25 -38.94
N GLN F 439 -70.42 47.16 -38.93
CA GLN F 439 -69.71 46.71 -37.74
C GLN F 439 -69.96 47.66 -36.59
N LEU F 440 -69.93 48.96 -36.87
CA LEU F 440 -70.23 49.93 -35.83
C LEU F 440 -71.65 49.74 -35.32
N LEU F 441 -72.61 49.52 -36.22
CA LEU F 441 -73.98 49.27 -35.79
C LEU F 441 -74.06 47.98 -34.99
N ALA F 442 -73.29 46.97 -35.39
CA ALA F 442 -73.24 45.72 -34.63
C ALA F 442 -72.72 45.98 -33.24
N ASN F 443 -71.65 46.76 -33.13
CA ASN F 443 -71.07 47.10 -31.84
C ASN F 443 -72.08 47.85 -31.00
N LEU F 444 -72.77 48.82 -31.60
CA LEU F 444 -73.76 49.58 -30.86
C LEU F 444 -74.92 48.68 -30.45
N ASN F 445 -75.25 47.70 -31.29
CA ASN F 445 -76.29 46.74 -30.94
C ASN F 445 -75.84 45.89 -29.77
N GLN F 446 -74.57 45.47 -29.78
CA GLN F 446 -74.03 44.70 -28.67
C GLN F 446 -74.05 45.53 -27.40
N LEU F 447 -73.64 46.79 -27.49
CA LEU F 447 -73.69 47.68 -26.34
C LEU F 447 -75.12 47.89 -25.88
N ALA F 448 -76.05 48.03 -26.83
CA ALA F 448 -77.46 48.19 -26.51
C ALA F 448 -77.99 46.98 -25.78
N ASP F 449 -77.59 45.79 -26.24
CA ASP F 449 -77.99 44.56 -25.59
C ASP F 449 -77.42 44.52 -24.18
N GLU F 450 -76.16 44.94 -24.05
CA GLU F 450 -75.55 45.01 -22.74
C GLU F 450 -76.32 45.98 -21.85
N GLU F 451 -76.71 47.12 -22.40
CA GLU F 451 -77.48 48.09 -21.63
C GLU F 451 -78.83 47.52 -21.23
N ASN F 452 -79.49 46.81 -22.13
CA ASN F 452 -80.79 46.23 -21.78
C ASN F 452 -80.62 45.16 -20.72
N ARG F 453 -79.58 44.34 -20.86
CA ARG F 453 -79.27 43.33 -19.86
C ARG F 453 -78.97 43.98 -18.52
N LEU F 454 -78.06 44.96 -18.50
CA LEU F 454 -77.73 45.63 -17.25
C LEU F 454 -78.93 46.36 -16.69
N SER F 455 -79.82 46.88 -17.53
CA SER F 455 -81.01 47.53 -17.02
C SER F 455 -81.92 46.52 -16.35
N GLU F 456 -82.07 45.35 -16.98
CA GLU F 456 -82.85 44.27 -16.38
C GLU F 456 -82.21 43.80 -15.09
N GLU F 457 -80.90 43.60 -15.11
CA GLU F 457 -80.16 43.19 -13.91
C GLU F 457 -80.31 44.23 -12.82
N HIS F 458 -80.24 45.51 -13.18
CA HIS F 458 -80.30 46.58 -12.21
C HIS F 458 -81.71 46.67 -11.64
N ASN F 459 -82.72 46.43 -12.47
CA ASN F 459 -84.09 46.34 -11.99
C ASN F 459 -84.27 45.16 -11.06
N ARG F 460 -83.66 44.02 -11.43
CA ARG F 460 -83.68 42.85 -10.57
C ARG F 460 -83.11 43.21 -9.21
N LEU F 461 -81.94 43.85 -9.21
CA LEU F 461 -81.30 44.21 -7.97
C LEU F 461 -82.15 45.21 -7.21
N GLN F 462 -82.75 46.17 -7.91
CA GLN F 462 -83.59 47.14 -7.22
C GLN F 462 -84.77 46.45 -6.57
N ARG F 463 -85.45 45.55 -7.29
CA ARG F 463 -86.58 44.87 -6.67
C ARG F 463 -86.13 43.98 -5.53
N GLN F 464 -85.03 43.25 -5.72
CA GLN F 464 -84.54 42.40 -4.64
C GLN F 464 -84.13 43.23 -3.42
N SER F 465 -83.37 44.30 -3.63
CA SER F 465 -82.91 45.10 -2.51
C SER F 465 -84.08 45.77 -1.81
N SER F 466 -85.05 46.27 -2.58
CA SER F 466 -86.20 46.88 -1.94
C SER F 466 -87.03 45.84 -1.22
N GLU F 467 -87.17 44.65 -1.79
CA GLU F 467 -87.88 43.57 -1.14
C GLU F 467 -87.19 43.11 0.13
N LYS F 468 -85.86 42.97 0.07
CA LYS F 468 -85.11 42.59 1.25
C LYS F 468 -85.20 43.69 2.28
N LYS F 469 -85.20 44.95 1.84
CA LYS F 469 -85.41 46.06 2.77
C LYS F 469 -86.78 45.98 3.42
N LYS F 470 -87.83 45.65 2.66
CA LYS F 470 -89.14 45.49 3.26
C LYS F 470 -89.08 44.39 4.29
N GLU F 471 -88.46 43.27 3.93
CA GLU F 471 -88.34 42.16 4.85
C GLU F 471 -87.58 42.60 6.09
N VAL F 472 -86.47 43.31 5.90
CA VAL F 472 -85.65 43.73 7.02
C VAL F 472 -86.42 44.66 7.93
N ASP F 473 -87.15 45.62 7.36
CA ASP F 473 -87.91 46.54 8.19
C ASP F 473 -89.08 45.84 8.86
N ALA F 474 -89.74 44.92 8.17
CA ALA F 474 -90.81 44.14 8.78
C ALA F 474 -90.28 43.31 9.93
N ILE F 475 -89.15 42.65 9.71
CA ILE F 475 -88.51 41.85 10.76
C ILE F 475 -88.07 42.73 11.91
N ARG F 476 -87.54 43.92 11.61
CA ARG F 476 -87.09 44.83 12.65
C ARG F 476 -88.27 45.32 13.48
N LYS F 477 -89.38 45.63 12.81
CA LYS F 477 -90.59 46.01 13.50
C LYS F 477 -91.08 44.86 14.35
N ASN F 478 -91.00 43.64 13.81
CA ASN F 478 -91.38 42.45 14.53
C ASN F 478 -90.48 42.27 15.75
N LEU F 479 -89.19 42.54 15.59
CA LEU F 479 -88.25 42.42 16.68
C LEU F 479 -88.53 43.44 17.78
N ASP F 480 -88.82 44.67 17.39
CA ASP F 480 -89.17 45.68 18.38
C ASP F 480 -90.45 45.29 19.10
N HIS F 481 -91.42 44.79 18.34
CA HIS F 481 -92.66 44.31 18.91
C HIS F 481 -92.38 43.17 19.87
N LEU F 482 -91.50 42.26 19.48
CA LEU F 482 -91.13 41.15 20.35
C LEU F 482 -90.49 41.71 21.61
N ALA F 483 -89.70 42.77 21.44
CA ALA F 483 -89.04 43.40 22.57
C ALA F 483 -90.07 43.96 23.56
N ASP F 484 -91.10 44.62 23.05
CA ASP F 484 -92.15 45.10 23.94
C ASP F 484 -92.81 43.91 24.62
N TRP F 485 -93.06 42.83 23.87
CA TRP F 485 -93.69 41.67 24.48
C TRP F 485 -92.86 41.09 25.62
N PHE F 486 -91.54 41.03 25.47
CA PHE F 486 -90.78 40.41 26.56
C PHE F 486 -90.75 41.32 27.76
N THR F 487 -90.63 42.63 27.52
CA THR F 487 -90.68 43.54 28.65
C THR F 487 -92.03 43.49 29.37
N GLU F 488 -93.12 43.53 28.61
CA GLU F 488 -94.43 43.44 29.23
C GLU F 488 -94.57 42.13 29.99
N GLU F 489 -94.13 41.04 29.38
CA GLU F 489 -94.25 39.75 30.02
C GLU F 489 -93.36 39.65 31.26
N LYS F 490 -92.15 40.22 31.22
CA LYS F 490 -91.29 40.18 32.39
C LYS F 490 -91.89 40.96 33.55
N GLN F 491 -92.44 42.15 33.29
CA GLN F 491 -93.11 42.85 34.38
C GLN F 491 -94.31 42.04 34.89
N ARG F 492 -95.09 41.48 33.97
CA ARG F 492 -96.24 40.67 34.39
C ARG F 492 -95.78 39.45 35.17
N LEU F 493 -94.68 38.85 34.74
CA LEU F 493 -94.11 37.70 35.41
C LEU F 493 -93.62 38.06 36.81
N GLU F 494 -93.01 39.23 36.96
CA GLU F 494 -92.64 39.64 38.31
C GLU F 494 -93.89 39.72 39.17
N HIS F 495 -94.95 40.29 38.61
CA HIS F 495 -96.21 40.37 39.34
C HIS F 495 -96.72 38.98 39.69
N GLN F 496 -96.66 38.06 38.72
CA GLN F 496 -97.11 36.70 38.90
C GLN F 496 -96.27 35.96 39.93
N VAL F 497 -94.95 36.18 39.90
CA VAL F 497 -94.03 35.52 40.82
C VAL F 497 -94.39 35.94 42.24
N PHE F 498 -94.62 37.23 42.44
CA PHE F 498 -94.92 37.73 43.77
C PHE F 498 -96.37 37.48 44.09
N THR F 499 -97.13 37.00 43.11
CA THR F 499 -98.46 36.48 43.40
C THR F 499 -98.36 35.03 43.83
N TRP F 500 -97.31 34.33 43.43
CA TRP F 500 -97.11 32.98 43.95
C TRP F 500 -96.71 33.08 45.41
N ILE F 501 -95.90 34.10 45.72
CA ILE F 501 -95.47 34.34 47.11
C ILE F 501 -96.68 34.73 47.94
N GLU F 502 -97.46 35.69 47.43
CA GLU F 502 -98.58 36.35 48.07
C GLU F 502 -99.80 35.46 48.19
N GLN F 503 -99.77 34.27 47.61
CA GLN F 503 -100.89 33.36 47.84
C GLN F 503 -100.70 32.63 49.17
N HIS F 504 -99.49 32.65 49.72
CA HIS F 504 -99.23 32.03 51.01
C HIS F 504 -98.08 32.75 51.73
N PRO F 505 -98.21 34.09 51.93
CA PRO F 505 -97.12 34.86 52.55
C PRO F 505 -96.96 34.56 54.03
N LYS F 506 -97.14 33.29 54.40
CA LYS F 506 -97.10 32.78 55.76
C LYS F 506 -95.68 32.77 56.32
N LEU F 507 -94.71 33.04 55.46
CA LEU F 507 -93.31 33.03 55.82
C LEU F 507 -92.75 34.40 56.13
N ILE F 508 -91.51 34.37 56.62
CA ILE F 508 -90.75 35.50 57.15
C ILE F 508 -89.84 35.87 56.01
N PHE F 509 -90.27 36.81 55.18
CA PHE F 509 -89.44 37.25 54.07
C PHE F 509 -88.52 38.41 54.44
N SER F 510 -87.26 38.07 54.70
CA SER F 510 -86.23 39.04 54.99
C SER F 510 -86.09 40.00 53.81
N ASN F 511 -85.33 41.07 54.00
CA ASN F 511 -85.11 41.99 52.89
C ASN F 511 -84.40 41.25 51.77
N GLU F 512 -83.45 40.38 52.13
CA GLU F 512 -82.71 39.63 51.13
C GLU F 512 -83.62 38.70 50.33
N ARG F 513 -84.52 38.00 51.02
CA ARG F 513 -85.46 37.09 50.36
C ARG F 513 -86.47 37.74 49.42
N ARG F 514 -86.41 39.06 49.25
CA ARG F 514 -87.24 39.78 48.29
C ARG F 514 -86.37 40.65 47.39
N GLN F 515 -85.34 41.26 47.97
CA GLN F 515 -84.38 42.02 47.17
C GLN F 515 -83.75 41.10 46.14
N GLU F 516 -83.42 39.89 46.57
CA GLU F 516 -82.83 38.91 45.68
C GLU F 516 -83.76 38.64 44.50
N ILE F 517 -85.05 38.42 44.77
CA ILE F 517 -86.00 38.16 43.70
C ILE F 517 -86.05 39.36 42.77
N ALA F 518 -86.06 40.55 43.34
CA ALA F 518 -86.07 41.77 42.54
C ALA F 518 -84.89 41.77 41.57
N ARG F 519 -83.70 41.51 42.09
CA ARG F 519 -82.50 41.56 41.25
C ARG F 519 -82.51 40.46 40.21
N SER F 520 -82.92 39.26 40.63
CA SER F 520 -82.97 38.11 39.75
C SER F 520 -83.92 38.30 38.58
N ILE F 521 -85.09 38.87 38.85
CA ILE F 521 -85.96 39.22 37.74
C ILE F 521 -85.31 40.25 36.82
N GLU F 522 -84.68 41.29 37.39
CA GLU F 522 -84.12 42.31 36.52
C GLU F 522 -83.11 41.76 35.51
N GLY F 523 -82.34 40.75 35.91
CA GLY F 523 -81.37 40.13 35.04
C GLY F 523 -81.76 38.80 34.44
N LEU F 524 -82.98 38.59 33.97
CA LEU F 524 -83.31 37.26 33.47
C LEU F 524 -82.69 37.06 32.09
N TYR F 525 -81.89 36.00 31.98
CA TYR F 525 -81.33 35.49 30.75
C TYR F 525 -80.21 36.40 30.26
N GLU F 526 -80.05 37.56 30.92
CA GLU F 526 -78.86 38.39 30.72
C GLU F 526 -77.83 38.15 31.80
N GLU F 527 -78.30 37.93 33.03
CA GLU F 527 -77.45 37.69 34.19
C GLU F 527 -77.63 36.30 34.79
N ASN F 528 -78.86 35.94 35.10
CA ASN F 528 -79.19 34.74 35.85
C ASN F 528 -80.38 34.07 35.17
N ARG F 529 -80.96 33.07 35.82
CA ARG F 529 -82.15 32.45 35.26
C ARG F 529 -83.24 32.44 36.31
N TYR F 530 -84.44 31.98 35.90
CA TYR F 530 -85.51 31.90 36.88
C TYR F 530 -85.10 30.89 37.94
N GLU F 531 -84.21 29.98 37.53
CA GLU F 531 -83.81 28.86 38.38
C GLU F 531 -83.21 29.38 39.67
N GLN F 532 -82.56 30.54 39.58
CA GLN F 532 -81.85 31.14 40.70
C GLN F 532 -82.81 31.77 41.68
N VAL F 533 -84.03 32.08 41.23
CA VAL F 533 -85.04 32.63 42.10
C VAL F 533 -85.67 31.51 42.88
N ARG F 534 -86.24 30.57 42.16
CA ARG F 534 -86.91 29.45 42.76
C ARG F 534 -85.95 28.61 43.59
N GLU F 535 -84.65 28.68 43.29
CA GLU F 535 -83.76 27.94 44.18
C GLU F 535 -83.84 28.50 45.59
N LYS F 536 -83.89 29.81 45.72
CA LYS F 536 -84.01 30.40 47.05
C LYS F 536 -85.44 30.29 47.58
N LEU F 537 -86.44 30.45 46.71
CA LEU F 537 -87.82 30.22 47.15
C LEU F 537 -87.99 28.82 47.71
N LEU F 538 -87.49 27.81 47.01
CA LEU F 538 -87.59 26.45 47.51
C LEU F 538 -86.70 26.25 48.73
N ALA F 539 -85.60 27.00 48.81
CA ALA F 539 -84.77 26.94 50.00
C ALA F 539 -85.56 27.42 51.20
N VAL F 540 -86.27 28.53 51.02
CA VAL F 540 -87.11 29.07 52.08
C VAL F 540 -88.23 28.10 52.42
N VAL F 541 -88.87 27.55 51.39
CA VAL F 541 -89.98 26.64 51.65
C VAL F 541 -89.47 25.41 52.38
N ASN F 542 -88.25 25.01 52.05
CA ASN F 542 -87.66 23.84 52.69
C ASN F 542 -87.20 24.17 54.10
N ASP F 543 -86.75 25.39 54.33
CA ASP F 543 -86.50 25.85 55.69
C ASP F 543 -87.77 25.75 56.53
N TYR F 544 -88.87 26.25 55.99
CA TYR F 544 -90.12 26.23 56.73
C TYR F 544 -90.54 24.79 56.98
N ILE F 545 -90.44 23.95 55.96
CA ILE F 545 -90.86 22.56 56.09
C ILE F 545 -89.92 21.82 57.02
N THR F 546 -88.64 22.18 57.03
CA THR F 546 -87.71 21.59 57.99
C THR F 546 -88.14 21.92 59.40
N ASP F 547 -88.52 23.18 59.63
CA ASP F 547 -89.02 23.57 60.94
C ASP F 547 -90.26 22.75 61.28
N ILE F 548 -91.16 22.63 60.32
CA ILE F 548 -92.40 21.90 60.53
C ILE F 548 -92.11 20.43 60.80
N SER F 549 -91.16 19.87 60.06
CA SER F 549 -90.76 18.49 60.28
C SER F 549 -90.19 18.30 61.67
N THR F 550 -89.35 19.23 62.12
CA THR F 550 -88.80 19.13 63.46
C THR F 550 -89.93 19.14 64.48
N LYS F 551 -90.87 20.07 64.32
CA LYS F 551 -91.98 20.15 65.26
C LYS F 551 -92.87 18.92 65.15
N LYS F 552 -93.00 18.33 63.96
CA LYS F 552 -93.74 17.08 63.82
C LYS F 552 -93.03 16.00 64.62
N LYS F 553 -91.71 15.99 64.55
CA LYS F 553 -90.93 15.05 65.33
C LYS F 553 -91.19 15.29 66.80
N LEU F 554 -91.28 16.56 67.19
CA LEU F 554 -91.61 16.89 68.57
C LEU F 554 -92.98 16.35 68.93
N MET F 555 -93.91 16.39 67.98
CA MET F 555 -95.23 15.82 68.23
C MET F 555 -95.12 14.32 68.42
N GLU F 556 -94.29 13.67 67.62
CA GLU F 556 -94.06 12.23 67.78
C GLU F 556 -93.44 11.94 69.14
N THR F 557 -92.47 12.73 69.54
CA THR F 557 -91.84 12.53 70.84
C THR F 557 -92.85 12.70 71.96
N LYS F 558 -93.70 13.72 71.88
CA LYS F 558 -94.68 13.93 72.93
C LYS F 558 -95.78 12.87 72.87
N ILE F 559 -96.06 12.31 71.69
CA ILE F 559 -96.98 11.18 71.62
C ILE F 559 -96.36 9.99 72.35
N GLU F 560 -95.07 9.76 72.12
CA GLU F 560 -94.35 8.72 72.85
C GLU F 560 -94.43 8.98 74.35
N ASP F 561 -94.19 10.23 74.75
CA ASP F 561 -94.21 10.59 76.15
C ASP F 561 -95.58 10.36 76.77
N LYS F 562 -96.65 10.80 76.09
CA LYS F 562 -97.99 10.64 76.64
C LYS F 562 -98.41 9.17 76.66
N LYS F 563 -98.03 8.41 75.64
CA LYS F 563 -98.29 6.97 75.69
C LYS F 563 -97.62 6.36 76.91
N HIS F 564 -96.39 6.78 77.20
CA HIS F 564 -95.66 6.23 78.34
C HIS F 564 -96.28 6.67 79.66
N GLU F 565 -96.75 7.92 79.72
CA GLU F 565 -97.45 8.37 80.91
C GLU F 565 -98.72 7.57 81.11
N LEU F 566 -99.46 7.33 80.02
CA LEU F 566 -100.66 6.51 80.10
C LEU F 566 -100.34 5.08 80.46
N GLU F 567 -99.17 4.58 80.05
CA GLU F 567 -98.78 3.25 80.47
C GLU F 567 -98.47 3.18 81.96
N ALA F 568 -97.80 4.20 82.50
CA ALA F 568 -97.59 4.24 83.95
C ALA F 568 -98.90 4.36 84.71
N ALA F 569 -99.79 5.23 84.23
CA ALA F 569 -101.11 5.35 84.82
C ALA F 569 -101.89 4.06 84.72
N ARG F 570 -101.80 3.38 83.58
CA ARG F 570 -102.45 2.10 83.38
C ARG F 570 -101.90 1.06 84.36
N ALA F 571 -100.59 1.04 84.58
CA ALA F 571 -100.02 0.10 85.52
C ALA F 571 -100.54 0.37 86.93
N GLU F 572 -100.59 1.64 87.33
CA GLU F 572 -101.14 1.99 88.64
C GLU F 572 -102.61 1.60 88.73
N LEU F 573 -103.38 1.86 87.67
CA LEU F 573 -104.78 1.52 87.65
C LEU F 573 -104.96 0.01 87.76
N HIS F 574 -104.10 -0.75 87.09
CA HIS F 574 -104.13 -2.20 87.20
C HIS F 574 -103.83 -2.63 88.62
N HIS F 575 -102.86 -1.99 89.26
CA HIS F 575 -102.54 -2.34 90.64
C HIS F 575 -103.74 -2.12 91.55
N TRP F 576 -104.41 -0.96 91.40
CA TRP F 576 -105.59 -0.72 92.22
C TRP F 576 -106.77 -1.62 91.85
N LYS F 577 -106.96 -1.93 90.57
CA LYS F 577 -107.98 -2.88 90.17
C LYS F 577 -107.77 -4.29 90.70
N THR F 578 -106.54 -4.81 90.72
CA THR F 578 -106.43 -6.15 91.27
C THR F 578 -106.07 -6.16 92.73
N LEU F 579 -106.47 -5.15 93.49
CA LEU F 579 -106.16 -5.14 94.91
C LEU F 579 -107.26 -5.98 95.55
N LYS F 580 -107.04 -6.46 96.77
CA LYS F 580 -108.14 -7.15 97.44
C LYS F 580 -108.40 -6.65 98.86
N MET F 581 -107.35 -6.36 99.61
CA MET F 581 -107.49 -5.92 100.99
C MET F 581 -106.16 -5.31 101.42
N PRO F 582 -106.10 -3.97 101.51
CA PRO F 582 -104.89 -3.32 101.99
C PRO F 582 -104.82 -3.30 103.51
N ASN F 583 -103.62 -3.54 104.03
CA ASN F 583 -103.41 -3.64 105.46
C ASN F 583 -102.72 -2.37 105.97
N PRO F 584 -102.75 -2.13 107.28
CA PRO F 584 -102.02 -0.98 107.83
C PRO F 584 -100.51 -1.02 107.70
N ASP F 585 -99.94 0.07 108.20
CA ASP F 585 -98.50 0.34 108.27
C ASP F 585 -97.75 -0.72 109.07
N ARG F 586 -96.59 -1.13 108.56
CA ARG F 586 -95.79 -2.17 109.19
C ARG F 586 -94.33 -1.98 108.80
N ALA F 587 -93.45 -2.61 109.57
CA ALA F 587 -92.05 -2.75 109.20
C ALA F 587 -91.73 -4.19 108.84
N LYS F 588 -90.65 -4.38 108.07
CA LYS F 588 -90.26 -5.73 107.69
C LYS F 588 -89.88 -6.56 108.91
N ASP F 589 -89.43 -5.90 109.97
CA ASP F 589 -89.15 -6.62 111.21
C ASP F 589 -90.41 -7.16 111.85
N THR F 590 -91.50 -6.39 111.84
CA THR F 590 -92.77 -6.90 112.34
C THR F 590 -93.24 -8.09 111.52
N GLU F 591 -93.07 -8.04 110.20
CA GLU F 591 -93.43 -9.19 109.37
C GLU F 591 -92.58 -10.40 109.71
N ALA F 592 -91.28 -10.21 109.93
CA ALA F 592 -90.42 -11.31 110.32
C ALA F 592 -90.84 -11.89 111.66
N PHE F 593 -91.15 -11.03 112.61
CA PHE F 593 -91.59 -11.48 113.92
C PHE F 593 -92.90 -12.26 113.83
N ARG F 594 -93.83 -11.80 113.00
CA ARG F 594 -95.12 -12.46 112.91
C ARG F 594 -94.97 -13.79 112.18
N LEU F 595 -93.99 -13.89 111.29
CA LEU F 595 -93.64 -15.18 110.71
C LEU F 595 -93.09 -16.08 111.81
N GLN F 596 -92.28 -15.52 112.71
CA GLN F 596 -91.79 -16.27 113.86
C GLN F 596 -92.95 -16.76 114.74
N LEU F 597 -93.93 -15.90 114.97
CA LEU F 597 -95.12 -16.29 115.73
C LEU F 597 -95.84 -17.44 115.03
N LEU F 598 -96.00 -17.35 113.72
CA LEU F 598 -96.66 -18.41 112.98
C LEU F 598 -95.89 -19.71 113.14
N GLU F 599 -94.56 -19.65 113.03
CA GLU F 599 -93.74 -20.85 113.22
C GLU F 599 -93.93 -21.40 114.63
N ASP F 600 -94.02 -20.52 115.63
CA ASP F 600 -94.34 -20.91 117.00
C ASP F 600 -95.76 -21.44 117.12
N GLY F 601 -96.66 -20.98 116.25
CA GLY F 601 -98.07 -21.33 116.31
C GLY F 601 -98.86 -20.52 117.32
N GLN F 602 -98.31 -19.41 117.79
CA GLN F 602 -98.99 -18.60 118.79
C GLN F 602 -100.28 -18.02 118.22
N ALA F 603 -101.30 -17.94 119.09
CA ALA F 603 -102.60 -17.41 118.71
C ALA F 603 -102.50 -15.89 118.61
N PHE F 604 -102.72 -15.34 117.42
CA PHE F 604 -102.64 -13.90 117.24
C PHE F 604 -103.51 -13.47 116.06
N ILE F 605 -103.92 -12.19 116.11
CA ILE F 605 -104.69 -11.56 115.06
C ILE F 605 -104.49 -10.05 115.17
N PRO F 606 -104.13 -9.34 114.09
CA PRO F 606 -103.98 -7.88 114.20
C PRO F 606 -105.27 -7.19 114.59
N PHE F 607 -105.10 -6.03 115.24
CA PHE F 607 -106.24 -5.26 115.74
C PHE F 607 -107.18 -4.83 114.63
N TYR F 608 -106.63 -4.32 113.51
CA TYR F 608 -107.52 -3.86 112.46
C TYR F 608 -108.33 -5.02 111.91
N ALA F 609 -107.76 -6.22 111.94
CA ALA F 609 -108.44 -7.44 111.50
C ALA F 609 -109.26 -8.06 112.62
N ALA F 610 -109.24 -7.42 113.80
CA ALA F 610 -109.85 -7.98 115.00
C ALA F 610 -111.17 -7.34 115.37
N VAL F 611 -111.43 -6.08 114.99
CA VAL F 611 -112.60 -5.36 115.46
C VAL F 611 -113.28 -4.61 114.32
N GLU F 612 -114.57 -4.32 114.50
CA GLU F 612 -115.34 -3.46 113.61
C GLU F 612 -116.20 -2.49 114.41
N PHE F 613 -116.49 -1.34 113.82
CA PHE F 613 -117.25 -0.31 114.51
C PHE F 613 -118.72 -0.70 114.56
N GLN F 614 -119.45 -0.14 115.53
CA GLN F 614 -120.86 -0.50 115.63
C GLN F 614 -121.68 0.37 114.68
N ASP F 615 -122.98 0.07 114.56
CA ASP F 615 -123.80 0.79 113.60
C ASP F 615 -123.92 2.28 113.92
N ASP F 616 -124.17 2.61 115.18
CA ASP F 616 -124.38 3.98 115.65
C ASP F 616 -123.12 4.84 115.62
N VAL F 617 -121.95 4.23 115.42
CA VAL F 617 -120.69 4.97 115.37
C VAL F 617 -120.54 5.58 113.98
N THR F 618 -120.98 6.83 113.82
CA THR F 618 -120.87 7.50 112.54
C THR F 618 -119.41 7.77 112.17
N GLU F 619 -119.23 8.36 110.98
CA GLU F 619 -117.90 8.57 110.43
C GLU F 619 -116.99 9.45 111.30
N GLU F 620 -117.54 10.46 111.96
CA GLU F 620 -116.68 11.28 112.82
C GLU F 620 -116.09 10.46 113.98
N GLN F 621 -116.92 9.65 114.63
CA GLN F 621 -116.42 8.81 115.71
C GLN F 621 -115.42 7.78 115.20
N LYS F 622 -115.73 7.14 114.06
CA LYS F 622 -114.79 6.21 113.46
C LYS F 622 -113.46 6.91 113.21
N GLU F 623 -113.50 8.12 112.67
CA GLU F 623 -112.28 8.85 112.37
C GLU F 623 -111.49 9.10 113.64
N ARG F 624 -112.15 9.58 114.69
CA ARG F 624 -111.43 9.86 115.93
C ARG F 624 -110.77 8.58 116.46
N ILE F 625 -111.51 7.49 116.52
CA ILE F 625 -110.99 6.27 117.15
C ILE F 625 -109.86 5.67 116.31
N GLU F 626 -110.06 5.61 114.99
CA GLU F 626 -109.03 5.05 114.12
C GLU F 626 -107.79 5.92 114.07
N SER F 627 -107.97 7.24 114.09
CA SER F 627 -106.82 8.13 114.10
C SER F 627 -106.01 7.95 115.38
N ALA F 628 -106.68 7.85 116.52
CA ALA F 628 -105.94 7.62 117.75
C ALA F 628 -105.21 6.29 117.73
N LEU F 629 -105.89 5.23 117.24
CA LEU F 629 -105.24 3.94 117.15
C LEU F 629 -104.03 3.95 116.21
N LYS F 630 -104.17 4.59 115.04
CA LYS F 630 -103.08 4.69 114.08
C LYS F 630 -101.91 5.50 114.62
N GLN F 631 -102.20 6.63 115.29
CA GLN F 631 -101.13 7.44 115.86
C GLN F 631 -100.33 6.65 116.89
N THR F 632 -101.04 5.92 117.75
CA THR F 632 -100.40 5.09 118.76
C THR F 632 -99.76 3.85 118.16
N GLY F 633 -100.16 3.47 116.95
CA GLY F 633 -99.70 2.24 116.35
C GLY F 633 -100.53 1.05 116.77
N ILE F 634 -101.52 1.27 117.65
CA ILE F 634 -102.38 0.21 118.14
C ILE F 634 -103.16 -0.41 116.98
N LEU F 635 -103.32 0.33 115.88
CA LEU F 635 -104.20 -0.12 114.81
C LEU F 635 -103.74 -1.48 114.31
N ASP F 636 -102.43 -1.65 114.14
CA ASP F 636 -101.84 -2.87 113.62
C ASP F 636 -101.42 -3.80 114.76
N SER F 637 -101.55 -3.35 116.00
CA SER F 637 -101.11 -4.11 117.16
C SER F 637 -101.83 -5.46 117.22
N LEU F 638 -101.17 -6.42 117.85
CA LEU F 638 -101.62 -7.81 117.82
C LEU F 638 -102.41 -8.12 119.09
N ILE F 639 -103.53 -8.79 118.92
CA ILE F 639 -104.21 -9.43 120.03
C ILE F 639 -103.78 -10.89 120.10
N THR F 640 -103.35 -11.31 121.30
CA THR F 640 -102.81 -12.64 121.53
C THR F 640 -103.57 -13.35 122.64
N GLU F 641 -103.93 -14.61 122.39
CA GLU F 641 -104.63 -15.39 123.40
C GLU F 641 -103.77 -15.60 124.65
N ASN F 642 -102.47 -15.83 124.49
CA ASN F 642 -101.53 -15.91 125.59
C ASN F 642 -100.75 -14.60 125.78
N ALA F 643 -100.31 -14.39 127.02
CA ALA F 643 -99.50 -13.23 127.40
C ALA F 643 -98.14 -13.24 126.68
N LEU F 644 -98.18 -12.77 125.43
CA LEU F 644 -97.01 -12.82 124.56
C LEU F 644 -96.17 -11.55 124.69
N ALA F 645 -94.87 -11.71 124.54
CA ALA F 645 -93.95 -10.57 124.49
C ALA F 645 -93.40 -10.45 123.07
N PRO F 646 -93.72 -9.38 122.36
CA PRO F 646 -93.33 -9.28 120.95
C PRO F 646 -91.90 -8.80 120.74
N THR F 647 -91.30 -9.31 119.66
CA THR F 647 -89.98 -8.89 119.21
C THR F 647 -90.19 -8.17 117.87
N HIS F 648 -89.77 -6.90 117.81
CA HIS F 648 -90.00 -6.03 116.66
C HIS F 648 -91.50 -5.80 116.40
N ASP F 649 -92.34 -6.00 117.41
CA ASP F 649 -93.79 -5.95 117.21
C ASP F 649 -94.45 -5.52 118.51
N ARG F 650 -95.77 -5.33 118.48
CA ARG F 650 -96.53 -4.92 119.65
C ARG F 650 -97.66 -5.93 119.90
N VAL F 651 -97.87 -6.29 121.16
CA VAL F 651 -98.91 -7.24 121.55
C VAL F 651 -99.75 -6.63 122.68
N ILE F 652 -101.06 -6.71 122.57
CA ILE F 652 -101.97 -6.20 123.61
C ILE F 652 -102.25 -7.35 124.56
N ARG F 653 -101.39 -7.57 125.55
CA ARG F 653 -101.70 -8.60 126.52
C ARG F 653 -102.97 -8.23 127.27
N PRO F 654 -103.82 -9.20 127.63
CA PRO F 654 -105.09 -8.85 128.26
C PRO F 654 -104.90 -8.58 129.74
N GLU F 655 -103.88 -7.79 130.09
CA GLU F 655 -103.70 -7.34 131.45
C GLU F 655 -104.87 -6.45 131.88
N PRO F 656 -105.37 -6.64 133.11
CA PRO F 656 -106.63 -5.99 133.51
C PRO F 656 -106.59 -4.47 133.51
N GLN F 657 -107.31 -3.87 132.56
CA GLN F 657 -107.43 -2.41 132.45
C GLN F 657 -108.91 -2.04 132.40
N LEU F 658 -109.63 -2.64 133.34
CA LEU F 658 -111.08 -2.66 133.55
C LEU F 658 -111.57 -1.44 134.32
N LEU F 659 -110.80 -0.36 134.33
CA LEU F 659 -111.14 0.86 135.06
C LEU F 659 -111.59 1.97 134.12
N GLY F 660 -112.84 2.40 134.33
CA GLY F 660 -113.53 3.45 133.59
C GLY F 660 -114.04 3.00 132.24
N TYR F 661 -114.32 3.97 131.39
CA TYR F 661 -114.88 3.65 130.09
C TYR F 661 -113.84 2.97 129.21
N THR F 662 -114.33 2.24 128.21
CA THR F 662 -113.46 1.55 127.27
C THR F 662 -114.00 1.59 125.85
N LEU F 663 -113.08 1.37 124.91
CA LEU F 663 -113.37 1.34 123.48
C LEU F 663 -114.33 0.21 123.11
N ALA F 664 -114.40 -0.84 123.94
CA ALA F 664 -115.38 -1.92 123.73
C ALA F 664 -116.81 -1.41 123.68
N ASP F 665 -117.09 -0.27 124.30
CA ASP F 665 -118.41 0.34 124.26
C ASP F 665 -118.82 0.71 122.84
N TYR F 666 -117.85 1.04 121.99
CA TYR F 666 -118.05 1.62 120.67
C TYR F 666 -117.76 0.57 119.60
N LEU F 667 -116.99 -0.46 119.96
CA LEU F 667 -116.49 -1.45 119.01
C LEU F 667 -116.90 -2.85 119.43
N ARG F 668 -117.02 -3.74 118.44
CA ARG F 668 -117.32 -5.15 118.66
C ARG F 668 -116.30 -5.91 117.83
N PRO F 669 -115.92 -7.11 118.24
CA PRO F 669 -114.84 -7.78 117.50
C PRO F 669 -115.33 -8.15 116.09
N ASP F 670 -114.37 -8.30 115.18
CA ASP F 670 -114.62 -8.69 113.78
C ASP F 670 -113.53 -9.69 113.41
N LEU F 671 -113.78 -10.98 113.63
CA LEU F 671 -112.73 -11.94 113.35
C LEU F 671 -112.64 -12.29 111.87
N GLU F 672 -111.41 -12.40 111.39
CA GLU F 672 -111.11 -12.69 110.00
C GLU F 672 -111.12 -14.20 109.73
N ALA F 673 -110.70 -14.56 108.52
CA ALA F 673 -110.64 -15.95 108.10
C ALA F 673 -109.51 -16.71 108.79
N ASP F 674 -108.44 -16.01 109.20
CA ASP F 674 -107.31 -16.62 109.88
C ASP F 674 -107.38 -16.53 111.40
N SER F 675 -108.51 -16.11 111.95
CA SER F 675 -108.62 -15.92 113.39
C SER F 675 -108.30 -17.20 114.15
N LEU F 676 -107.46 -17.05 115.17
CA LEU F 676 -107.05 -18.09 116.12
C LEU F 676 -107.47 -17.74 117.53
N ILE F 677 -108.24 -16.66 117.69
CA ILE F 677 -108.63 -16.11 118.98
C ILE F 677 -110.15 -15.95 119.01
N SER F 678 -110.71 -16.12 120.21
CA SER F 678 -112.15 -16.02 120.42
C SER F 678 -112.55 -14.58 120.68
N ASN F 679 -113.81 -14.26 120.35
CA ASN F 679 -114.30 -12.90 120.55
C ASN F 679 -114.42 -12.50 122.02
N LYS F 680 -114.56 -13.44 122.94
CA LYS F 680 -114.68 -12.99 124.33
C LYS F 680 -113.41 -12.28 124.76
N LEU F 681 -112.25 -12.88 124.45
CA LEU F 681 -110.96 -12.28 124.77
C LEU F 681 -110.76 -10.95 124.05
N VAL F 682 -111.14 -10.89 122.76
CA VAL F 682 -111.00 -9.65 122.00
C VAL F 682 -111.84 -8.56 122.62
N ASP F 683 -113.07 -8.90 123.00
CA ASP F 683 -113.95 -7.92 123.65
C ASP F 683 -113.30 -7.45 124.94
N GLU F 684 -112.72 -8.38 125.70
CA GLU F 684 -112.04 -8.02 126.95
C GLU F 684 -110.88 -7.09 126.68
N ILE F 685 -110.10 -7.32 125.61
CA ILE F 685 -109.03 -6.40 125.25
C ILE F 685 -109.60 -5.04 124.87
N LEU F 686 -110.71 -5.03 124.14
CA LEU F 686 -111.34 -3.76 123.81
C LEU F 686 -111.65 -3.02 125.10
N ARG F 687 -112.05 -3.76 126.14
CA ARG F 687 -112.27 -3.16 127.45
C ARG F 687 -110.93 -2.77 128.08
N SER F 688 -109.86 -3.46 127.70
CA SER F 688 -108.54 -3.14 128.22
C SER F 688 -108.16 -1.73 127.82
N ILE F 689 -108.52 -1.31 126.60
CA ILE F 689 -108.12 0.01 126.16
C ILE F 689 -109.07 0.91 126.94
N SER F 690 -108.50 1.73 127.80
CA SER F 690 -109.22 2.65 128.66
C SER F 690 -109.42 4.00 128.00
N LEU F 691 -110.41 4.74 128.48
CA LEU F 691 -110.63 6.09 127.99
C LEU F 691 -110.31 7.16 129.03
N GLU F 692 -109.63 6.82 130.12
CA GLU F 692 -109.19 7.81 131.08
C GLU F 692 -107.75 7.51 131.48
N GLN F 693 -107.01 8.57 131.84
CA GLN F 693 -105.58 8.44 132.10
C GLN F 693 -105.31 7.45 133.23
N GLU F 694 -104.49 6.43 132.97
CA GLU F 694 -104.01 5.57 134.05
C GLU F 694 -102.66 6.07 134.56
N GLY F 695 -102.60 7.34 134.92
CA GLY F 695 -101.32 7.95 135.25
C GLY F 695 -100.41 7.83 134.06
N ALA F 696 -99.17 7.39 134.31
CA ALA F 696 -98.23 7.09 133.24
C ALA F 696 -98.45 5.71 132.62
N GLY F 697 -99.63 5.46 132.06
CA GLY F 697 -99.92 4.11 131.58
C GLY F 697 -100.53 4.12 130.19
N PHE F 698 -101.49 3.25 129.92
CA PHE F 698 -102.01 3.07 128.57
C PHE F 698 -103.52 3.25 128.51
N HIS F 699 -103.96 4.11 127.59
CA HIS F 699 -105.40 4.25 127.36
C HIS F 699 -105.58 5.03 126.05
N VAL F 700 -106.74 4.86 125.41
CA VAL F 700 -107.02 5.59 124.19
C VAL F 700 -108.47 6.05 124.26
N ASP F 701 -108.68 7.35 124.46
CA ASP F 701 -110.00 7.91 124.64
C ASP F 701 -110.76 7.94 123.31
N VAL F 702 -112.06 8.17 123.40
CA VAL F 702 -112.91 8.25 122.21
C VAL F 702 -112.58 9.50 121.41
N ASP F 703 -112.24 10.59 122.09
CA ASP F 703 -111.89 11.85 121.44
C ASP F 703 -110.53 11.81 120.75
N GLY F 704 -109.85 10.67 120.75
CA GLY F 704 -108.55 10.55 120.13
C GLY F 704 -107.34 10.70 121.02
N SER F 705 -107.47 11.11 122.26
CA SER F 705 -106.30 11.14 123.12
C SER F 705 -105.87 9.73 123.52
N TYR F 706 -104.58 9.60 123.83
CA TYR F 706 -103.99 8.30 124.15
C TYR F 706 -102.81 8.54 125.09
N SER F 707 -102.57 7.58 125.99
CA SER F 707 -101.38 7.60 126.82
C SER F 707 -100.53 6.35 126.61
N LEU F 708 -99.24 6.57 126.35
CA LEU F 708 -98.29 5.51 126.00
C LEU F 708 -97.11 5.71 126.95
N GLY F 709 -97.03 4.85 127.97
CA GLY F 709 -96.00 5.02 128.97
C GLY F 709 -96.10 6.34 129.73
N CYS F 710 -95.04 7.14 129.63
CA CYS F 710 -95.03 8.47 130.23
C CYS F 710 -95.71 9.50 129.34
N LEU F 711 -96.28 9.08 128.22
CA LEU F 711 -96.83 9.98 127.22
C LEU F 711 -98.35 10.11 127.32
N VAL F 712 -98.84 11.27 126.92
CA VAL F 712 -100.26 11.57 126.74
C VAL F 712 -100.35 12.32 125.43
N GLY F 713 -101.29 11.92 124.58
CA GLY F 713 -101.38 12.43 123.22
C GLY F 713 -102.81 12.62 122.77
N HIS F 714 -102.93 13.22 121.59
CA HIS F 714 -104.22 13.48 120.94
C HIS F 714 -103.97 13.39 119.44
N ALA F 715 -104.87 12.73 118.73
CA ALA F 715 -104.60 12.39 117.33
C ALA F 715 -105.03 13.50 116.37
N PRO F 716 -104.42 13.60 115.19
CA PRO F 716 -104.83 14.62 114.22
C PRO F 716 -105.92 14.12 113.27
N ASN F 717 -106.32 14.95 112.32
CA ASN F 717 -107.25 14.54 111.26
C ASN F 717 -106.59 13.51 110.35
N GLU F 718 -107.34 12.44 110.03
CA GLU F 718 -106.88 11.42 109.09
C GLU F 718 -107.96 11.00 108.10
N GLY F 719 -109.13 11.63 108.14
CA GLY F 719 -110.23 11.30 107.25
C GLY F 719 -111.02 10.09 107.70
N PRO F 720 -112.04 9.73 106.94
CA PRO F 720 -112.88 8.57 107.31
C PRO F 720 -112.11 7.26 107.41
N SER F 721 -112.67 6.38 108.24
CA SER F 721 -112.09 5.09 108.53
C SER F 721 -111.85 4.23 107.29
N LYS F 722 -110.66 3.64 107.22
CA LYS F 722 -110.28 2.78 106.11
C LYS F 722 -109.76 1.42 106.56
N TYR F 723 -109.22 1.31 107.77
CA TYR F 723 -108.62 0.05 108.23
C TYR F 723 -109.58 -0.77 109.09
N ILE F 724 -110.42 -0.10 109.88
CA ILE F 724 -111.28 -0.74 110.88
C ILE F 724 -112.61 -1.03 110.17
N GLY F 725 -112.97 -2.31 110.14
CA GLY F 725 -114.22 -2.78 109.58
C GLY F 725 -114.02 -3.28 108.17
N ARG F 726 -114.86 -4.23 107.76
CA ARG F 726 -114.75 -4.81 106.42
C ARG F 726 -115.02 -3.78 105.33
N SER F 727 -116.02 -2.92 105.51
CA SER F 727 -116.32 -1.89 104.53
C SER F 727 -115.16 -0.92 104.37
N SER F 728 -114.56 -0.52 105.49
CA SER F 728 -113.45 0.43 105.51
C SER F 728 -112.19 -0.06 104.81
N ARG F 729 -111.81 -1.33 105.01
CA ARG F 729 -110.60 -1.82 104.36
C ARG F 729 -110.68 -1.78 102.83
N LYS F 730 -111.81 -2.19 102.28
CA LYS F 730 -112.06 -2.16 100.84
C LYS F 730 -112.12 -0.73 100.28
N ARG F 731 -112.70 0.19 101.06
CA ARG F 731 -112.83 1.61 100.72
C ARG F 731 -111.51 2.30 100.41
N TYR F 732 -110.43 2.01 101.14
CA TYR F 732 -109.14 2.64 100.81
C TYR F 732 -108.85 2.44 99.33
N GLN F 733 -109.03 1.21 98.84
CA GLN F 733 -108.78 0.76 97.47
C GLN F 733 -109.58 1.54 96.41
N GLN F 734 -110.87 1.77 96.64
CA GLN F 734 -111.79 2.32 95.65
C GLN F 734 -111.49 3.73 95.16
N GLU F 735 -111.04 4.66 96.01
CA GLU F 735 -110.77 6.02 95.51
C GLU F 735 -109.62 6.09 94.50
N LYS F 736 -108.57 5.31 94.71
CA LYS F 736 -107.45 5.27 93.78
C LYS F 736 -107.82 4.75 92.38
N ILE F 737 -108.66 3.72 92.27
CA ILE F 737 -109.02 3.25 90.94
C ILE F 737 -109.68 4.37 90.14
N LYS F 738 -110.61 5.10 90.76
CA LYS F 738 -111.27 6.19 90.05
C LYS F 738 -110.27 7.28 89.68
N GLU F 739 -109.38 7.63 90.62
CA GLU F 739 -108.37 8.64 90.33
C GLU F 739 -107.52 8.25 89.12
N CYS F 740 -106.99 7.03 89.11
CA CYS F 740 -106.15 6.60 88.00
C CYS F 740 -106.93 6.57 86.69
N GLN F 741 -108.21 6.20 86.74
CA GLN F 741 -108.99 6.17 85.50
C GLN F 741 -109.17 7.58 84.96
N GLU F 742 -109.46 8.54 85.83
CA GLU F 742 -109.60 9.92 85.40
C GLU F 742 -108.28 10.46 84.86
N THR F 743 -107.17 10.11 85.50
CA THR F 743 -105.87 10.55 84.99
C THR F 743 -105.61 9.97 83.61
N ILE F 744 -106.00 8.71 83.40
CA ILE F 744 -105.84 8.11 82.08
C ILE F 744 -106.71 8.84 81.07
N GLU F 745 -107.90 9.26 81.49
CA GLU F 745 -108.77 10.05 80.62
C GLU F 745 -108.10 11.35 80.21
N GLN F 746 -107.53 12.07 81.18
CA GLN F 746 -106.89 13.35 80.87
C GLN F 746 -105.70 13.15 79.94
N LEU F 747 -104.90 12.11 80.19
CA LEU F 747 -103.76 11.84 79.34
C LEU F 747 -104.21 11.42 77.95
N GLN F 748 -105.33 10.70 77.86
CA GLN F 748 -105.91 10.35 76.57
C GLN F 748 -106.34 11.58 75.81
N LEU F 749 -106.94 12.55 76.51
CA LEU F 749 -107.33 13.80 75.87
C LEU F 749 -106.08 14.47 75.29
N GLU F 750 -105.02 14.52 76.09
CA GLU F 750 -103.79 15.16 75.62
C GLU F 750 -103.19 14.40 74.44
N LEU F 751 -103.26 13.07 74.49
CA LEU F 751 -102.72 12.25 73.41
C LEU F 751 -103.52 12.44 72.13
N GLU F 752 -104.84 12.55 72.23
CA GLU F 752 -105.64 12.83 71.05
C GLU F 752 -105.38 14.22 70.50
N GLU F 753 -105.13 15.19 71.38
CA GLU F 753 -104.72 16.51 70.92
C GLU F 753 -103.40 16.41 70.17
N LEU F 754 -102.47 15.62 70.69
CA LEU F 754 -101.20 15.38 70.02
C LEU F 754 -101.42 14.75 68.65
N LYS F 755 -102.32 13.77 68.57
CA LYS F 755 -102.65 13.18 67.28
C LYS F 755 -103.16 14.24 66.32
N VAL F 756 -104.00 15.14 66.83
CA VAL F 756 -104.53 16.23 66.01
C VAL F 756 -103.38 17.10 65.51
N GLN F 757 -102.43 17.38 66.40
CA GLN F 757 -101.28 18.19 66.04
C GLN F 757 -100.48 17.49 64.94
N LEU F 758 -100.32 16.18 65.07
CA LEU F 758 -99.60 15.39 64.07
C LEU F 758 -100.33 15.47 62.73
N SER F 759 -101.65 15.43 62.79
CA SER F 759 -102.45 15.58 61.59
C SER F 759 -102.19 16.94 60.94
N GLN F 760 -102.14 17.99 61.76
CA GLN F 760 -101.86 19.32 61.22
C GLN F 760 -100.50 19.37 60.57
N TYR F 761 -99.51 18.70 61.16
CA TYR F 761 -98.19 18.67 60.53
C TYR F 761 -98.22 17.90 59.21
N GLU F 762 -98.98 16.81 59.15
CA GLU F 762 -99.10 16.10 57.88
C GLU F 762 -99.73 16.99 56.83
N GLU F 763 -100.75 17.74 57.22
CA GLU F 763 -101.36 18.71 56.31
C GLU F 763 -100.36 19.78 55.90
N ASN F 764 -99.51 20.20 56.84
CA ASN F 764 -98.48 21.19 56.51
C ASN F 764 -97.50 20.63 55.49
N LEU F 765 -97.12 19.36 55.64
CA LEU F 765 -96.23 18.75 54.66
C LEU F 765 -96.91 18.69 53.29
N LEU F 766 -98.18 18.29 53.29
CA LEU F 766 -98.94 18.24 52.06
C LEU F 766 -98.97 19.60 51.38
N GLN F 767 -99.34 20.64 52.13
CA GLN F 767 -99.43 21.98 51.55
C GLN F 767 -98.08 22.50 51.09
N ALA F 768 -97.00 22.11 51.76
CA ALA F 768 -95.69 22.55 51.30
C ALA F 768 -95.34 21.92 49.96
N ALA F 769 -95.60 20.62 49.84
CA ALA F 769 -95.37 19.95 48.56
C ALA F 769 -96.26 20.53 47.47
N GLN F 770 -97.53 20.79 47.80
CA GLN F 770 -98.43 21.37 46.83
C GLN F 770 -97.95 22.75 46.38
N TRP F 771 -97.41 23.53 47.31
CA TRP F 771 -96.83 24.81 46.92
C TRP F 771 -95.71 24.58 45.92
N LYS F 772 -94.77 23.69 46.25
CA LYS F 772 -93.68 23.39 45.33
C LYS F 772 -94.22 23.03 43.94
N GLN F 773 -95.32 22.26 43.89
CA GLN F 773 -95.87 21.84 42.60
C GLN F 773 -96.54 23.00 41.86
N THR F 774 -97.08 23.96 42.59
CA THR F 774 -97.86 25.03 42.00
C THR F 774 -96.99 26.11 41.40
N MET F 775 -95.69 26.02 41.60
CA MET F 775 -94.79 27.08 41.19
C MET F 775 -94.90 27.45 39.71
N PRO F 776 -94.84 28.77 39.37
CA PRO F 776 -95.05 29.22 37.98
C PRO F 776 -93.96 28.79 37.02
N THR F 777 -94.05 29.21 35.77
CA THR F 777 -92.98 28.94 34.83
C THR F 777 -92.56 30.28 34.26
N ASP F 778 -91.29 30.42 33.91
CA ASP F 778 -90.92 31.46 32.96
C ASP F 778 -90.80 30.89 31.56
N GLN F 779 -91.59 29.85 31.27
CA GLN F 779 -91.49 29.13 30.02
C GLN F 779 -91.72 30.07 28.84
N GLU F 780 -92.81 30.81 28.91
CA GLU F 780 -93.20 31.72 27.84
C GLU F 780 -92.14 32.78 27.65
N LEU F 781 -91.60 33.32 28.75
CA LEU F 781 -90.56 34.32 28.60
C LEU F 781 -89.38 33.67 27.89
N ASN F 782 -89.08 32.40 28.21
CA ASN F 782 -87.98 31.73 27.50
C ASN F 782 -88.28 31.64 26.03
N ASP F 783 -89.52 31.31 25.66
CA ASP F 783 -89.84 31.25 24.23
C ASP F 783 -89.65 32.60 23.59
N LEU F 784 -90.14 33.65 24.23
CA LEU F 784 -89.98 34.97 23.67
C LEU F 784 -88.52 35.38 23.55
N ASN F 785 -87.72 35.12 24.59
CA ASN F 785 -86.32 35.53 24.49
C ASN F 785 -85.58 34.74 23.43
N VAL F 786 -85.84 33.44 23.35
CA VAL F 786 -85.19 32.63 22.31
C VAL F 786 -85.59 33.15 20.95
N GLN F 787 -86.88 33.39 20.76
CA GLN F 787 -87.36 33.92 19.50
C GLN F 787 -86.73 35.28 19.23
N ILE F 788 -86.56 36.08 20.28
CA ILE F 788 -85.97 37.42 20.10
C ILE F 788 -84.54 37.31 19.64
N GLU F 789 -83.77 36.42 20.27
CA GLU F 789 -82.37 36.24 19.86
C GLU F 789 -82.29 35.68 18.45
N LYS F 790 -83.13 34.70 18.15
CA LYS F 790 -83.12 34.11 16.81
C LYS F 790 -83.47 35.18 15.80
N THR F 791 -84.49 35.99 16.08
CA THR F 791 -84.88 37.05 15.17
C THR F 791 -83.79 38.11 15.06
N GLY F 792 -83.05 38.38 16.14
CA GLY F 792 -81.94 39.30 16.04
C GLY F 792 -80.90 38.77 15.07
N HIS F 793 -80.62 37.48 15.17
CA HIS F 793 -79.74 36.81 14.25
C HIS F 793 -80.31 36.88 12.85
N GLN F 794 -81.62 36.68 12.72
CA GLN F 794 -82.27 36.79 11.43
C GLN F 794 -82.02 38.18 10.89
N LEU F 795 -82.07 39.17 11.77
CA LEU F 795 -81.84 40.54 11.37
C LEU F 795 -80.41 40.70 10.87
N GLU F 796 -79.45 40.06 11.56
CA GLU F 796 -78.08 40.13 11.09
C GLU F 796 -77.93 39.51 9.71
N GLU F 797 -78.53 38.33 9.52
CA GLU F 797 -78.46 37.69 8.21
C GLU F 797 -79.11 38.55 7.14
N GLN F 798 -80.35 39.02 7.36
CA GLN F 798 -80.99 39.81 6.31
C GLN F 798 -80.27 41.14 6.10
N LYS F 799 -79.68 41.72 7.14
CA LYS F 799 -78.87 42.90 6.94
C LYS F 799 -77.67 42.60 6.08
N LYS F 800 -76.98 41.49 6.37
CA LYS F 800 -75.86 41.09 5.52
C LYS F 800 -76.31 40.91 4.09
N VAL F 801 -77.41 40.19 3.89
CA VAL F 801 -77.90 39.93 2.54
C VAL F 801 -78.24 41.24 1.86
N LEU F 802 -78.89 42.15 2.58
CA LEU F 802 -79.24 43.43 2.00
C LEU F 802 -77.98 44.20 1.65
N PHE F 803 -76.98 44.15 2.52
CA PHE F 803 -75.72 44.85 2.25
C PHE F 803 -75.05 44.29 1.01
N GLN F 804 -75.04 42.97 0.89
CA GLN F 804 -74.44 42.34 -0.29
C GLN F 804 -75.25 42.67 -1.53
N LEU F 805 -76.59 42.69 -1.41
CA LEU F 805 -77.44 43.06 -2.52
C LEU F 805 -77.15 44.48 -2.96
N ASP F 806 -76.96 45.39 -2.00
CA ASP F 806 -76.63 46.76 -2.32
C ASP F 806 -75.24 46.84 -2.95
N GLU F 807 -74.31 46.01 -2.48
CA GLU F 807 -73.01 45.90 -3.12
C GLU F 807 -73.21 45.57 -4.59
N GLN F 808 -73.99 44.53 -4.86
CA GLN F 808 -74.24 44.14 -6.24
C GLN F 808 -74.92 45.27 -6.99
N TRP F 809 -75.88 45.94 -6.36
CA TRP F 809 -76.61 47.01 -7.02
C TRP F 809 -75.68 48.14 -7.42
N LYS F 810 -74.74 48.51 -6.54
CA LYS F 810 -73.81 49.58 -6.85
C LYS F 810 -72.76 49.14 -7.84
N GLN F 811 -72.36 47.87 -7.78
CA GLN F 811 -71.50 47.29 -8.80
C GLN F 811 -72.16 47.42 -10.16
N VAL F 812 -73.40 46.97 -10.25
CA VAL F 812 -74.15 47.02 -11.49
C VAL F 812 -74.29 48.46 -11.93
N HIS F 813 -74.50 49.37 -10.98
CA HIS F 813 -74.65 50.76 -11.34
C HIS F 813 -73.36 51.32 -11.94
N GLY F 814 -72.21 50.96 -11.37
CA GLY F 814 -70.95 51.40 -11.96
C GLY F 814 -70.74 50.85 -13.36
N HIS F 815 -70.99 49.54 -13.52
CA HIS F 815 -70.90 48.92 -14.83
C HIS F 815 -71.85 49.60 -15.81
N LEU F 816 -73.09 49.81 -15.39
CA LEU F 816 -74.10 50.39 -16.25
C LEU F 816 -73.72 51.81 -16.65
N GLN F 817 -73.15 52.57 -15.72
CA GLN F 817 -72.71 53.93 -16.05
C GLN F 817 -71.60 53.87 -17.09
N VAL F 818 -70.65 52.95 -16.90
CA VAL F 818 -69.57 52.81 -17.87
C VAL F 818 -70.14 52.43 -19.23
N ILE F 819 -71.10 51.51 -19.23
CA ILE F 819 -71.70 51.06 -20.47
C ILE F 819 -72.45 52.19 -21.16
N LYS F 820 -73.20 52.99 -20.38
CA LYS F 820 -73.92 54.11 -20.97
C LYS F 820 -72.97 55.16 -21.55
N ILE F 821 -71.89 55.46 -20.84
CA ILE F 821 -70.90 56.40 -21.39
C ILE F 821 -70.34 55.85 -22.70
N GLN F 822 -69.92 54.58 -22.69
CA GLN F 822 -69.34 54.01 -23.89
C GLN F 822 -70.34 53.99 -25.05
N LEU F 823 -71.58 53.56 -24.80
CA LEU F 823 -72.56 53.52 -25.86
C LEU F 823 -72.77 54.91 -26.45
N HIS F 824 -72.92 55.93 -25.60
CA HIS F 824 -73.11 57.26 -26.13
C HIS F 824 -71.87 57.79 -26.84
N GLN F 825 -70.68 57.41 -26.35
CA GLN F 825 -69.43 57.79 -26.99
C GLN F 825 -69.32 57.23 -28.40
N GLU F 826 -69.54 55.94 -28.55
CA GLU F 826 -69.39 55.28 -29.85
C GLU F 826 -70.53 55.54 -30.81
N GLY F 827 -71.74 55.81 -30.32
CA GLY F 827 -72.79 56.14 -31.27
C GLY F 827 -72.92 57.62 -31.48
N ARG F 828 -71.92 58.36 -31.02
CA ARG F 828 -71.90 59.82 -31.08
C ARG F 828 -71.89 60.31 -32.52
N GLN F 829 -71.05 59.71 -33.35
CA GLN F 829 -70.74 60.26 -34.67
C GLN F 829 -71.96 60.29 -35.59
N LEU F 830 -72.88 59.33 -35.46
CA LEU F 830 -73.96 59.22 -36.43
C LEU F 830 -75.27 59.76 -35.84
N ASN F 831 -76.26 59.84 -36.72
CA ASN F 831 -77.65 60.17 -36.40
C ASN F 831 -78.62 59.10 -35.88
N LEU F 832 -78.30 58.38 -34.80
CA LEU F 832 -79.15 57.28 -34.36
C LEU F 832 -79.30 57.28 -32.84
N SER F 833 -80.54 57.07 -32.39
CA SER F 833 -80.85 56.77 -31.01
C SER F 833 -80.32 55.38 -30.64
N LEU F 834 -79.39 55.35 -29.70
CA LEU F 834 -78.68 54.11 -29.35
C LEU F 834 -79.59 53.18 -28.54
N THR F 835 -80.65 52.69 -29.17
CA THR F 835 -81.63 51.84 -28.51
C THR F 835 -81.69 50.48 -29.20
N LYS F 836 -82.22 49.48 -28.48
CA LYS F 836 -82.16 48.12 -29.00
C LYS F 836 -82.85 48.03 -30.35
N GLU F 837 -84.10 48.45 -30.43
CA GLU F 837 -84.88 48.31 -31.66
C GLU F 837 -84.31 49.15 -32.78
N VAL F 838 -83.97 50.41 -32.48
CA VAL F 838 -83.46 51.31 -33.51
C VAL F 838 -82.16 50.77 -34.07
N LEU F 839 -81.26 50.32 -33.19
CA LEU F 839 -79.98 49.81 -33.64
C LEU F 839 -80.12 48.49 -34.39
N GLY F 840 -81.04 47.63 -33.95
CA GLY F 840 -81.31 46.43 -34.72
C GLY F 840 -81.81 46.73 -36.11
N GLN F 841 -82.75 47.66 -36.22
CA GLN F 841 -83.26 48.03 -37.54
C GLN F 841 -82.16 48.65 -38.39
N ALA F 842 -81.31 49.49 -37.78
CA ALA F 842 -80.21 50.08 -38.54
C ALA F 842 -79.23 49.02 -39.00
N LEU F 843 -78.94 48.03 -38.16
CA LEU F 843 -78.05 46.94 -38.56
C LEU F 843 -78.65 46.16 -39.73
N ILE F 844 -79.94 45.83 -39.63
CA ILE F 844 -80.61 45.15 -40.74
C ILE F 844 -80.55 46.00 -41.99
N SER F 845 -80.76 47.32 -41.81
CA SER F 845 -80.70 48.24 -42.93
C SER F 845 -79.33 48.23 -43.57
N ALA F 846 -78.26 48.23 -42.76
CA ALA F 846 -76.92 48.21 -43.32
C ALA F 846 -76.66 46.91 -44.06
N LYS F 847 -77.14 45.79 -43.51
CA LYS F 847 -76.99 44.51 -44.21
C LYS F 847 -77.69 44.59 -45.56
N ASN F 848 -78.93 45.06 -45.56
CA ASN F 848 -79.65 45.21 -46.81
C ASN F 848 -78.96 46.21 -47.72
N TYR F 849 -78.36 47.26 -47.15
CA TYR F 849 -77.60 48.21 -47.96
C TYR F 849 -76.47 47.51 -48.70
N ARG F 850 -75.71 46.69 -47.99
CA ARG F 850 -74.60 46.02 -48.64
C ARG F 850 -75.10 45.05 -49.70
N ASP F 851 -76.18 44.31 -49.38
CA ASP F 851 -76.73 43.38 -50.36
C ASP F 851 -77.25 44.13 -51.59
N GLN F 852 -77.99 45.21 -51.38
CA GLN F 852 -78.47 46.01 -52.50
C GLN F 852 -77.29 46.57 -53.27
N LEU F 853 -76.23 46.93 -52.57
CA LEU F 853 -75.04 47.44 -53.25
C LEU F 853 -74.44 46.38 -54.14
N TYR F 854 -74.37 45.13 -53.66
CA TYR F 854 -73.86 44.08 -54.53
C TYR F 854 -74.78 43.90 -55.73
N SER F 855 -76.09 43.90 -55.52
CA SER F 855 -77.01 43.78 -56.64
C SER F 855 -76.87 44.93 -57.63
N PHE F 856 -76.77 46.16 -57.11
CA PHE F 856 -76.59 47.33 -57.98
C PHE F 856 -75.26 47.24 -58.72
N LYS F 857 -74.22 46.79 -58.04
CA LYS F 857 -72.93 46.58 -58.69
C LYS F 857 -73.09 45.56 -59.82
N ASP F 858 -73.83 44.48 -59.55
CA ASP F 858 -74.05 43.46 -60.57
C ASP F 858 -74.75 44.09 -61.76
N LEU F 859 -75.79 44.87 -61.52
CA LEU F 859 -76.50 45.55 -62.60
C LEU F 859 -75.52 46.45 -63.35
N PHE F 860 -74.65 47.11 -62.60
CA PHE F 860 -73.66 48.01 -63.17
C PHE F 860 -72.71 47.24 -64.06
N GLN F 861 -72.30 46.07 -63.61
CA GLN F 861 -71.40 45.22 -64.39
C GLN F 861 -72.10 44.73 -65.64
N LYS F 862 -73.38 44.36 -65.52
CA LYS F 862 -74.13 44.00 -66.70
C LYS F 862 -74.19 45.16 -67.69
N CYS F 863 -74.45 46.38 -67.20
CA CYS F 863 -74.48 47.53 -68.10
C CYS F 863 -73.13 47.78 -68.75
N LEU F 864 -72.05 47.68 -67.97
CA LEU F 864 -70.71 47.86 -68.51
C LEU F 864 -70.41 46.84 -69.61
N PHE F 865 -70.65 45.57 -69.30
CA PHE F 865 -70.37 44.51 -70.25
C PHE F 865 -71.21 44.68 -71.50
N ALA F 866 -72.49 45.02 -71.32
CA ALA F 866 -73.36 45.21 -72.48
C ALA F 866 -72.87 46.40 -73.29
N ARG F 867 -72.39 47.45 -72.62
CA ARG F 867 -71.84 48.60 -73.31
C ARG F 867 -70.63 48.20 -74.16
N LYS F 868 -69.75 47.37 -73.60
CA LYS F 868 -68.58 46.94 -74.35
C LYS F 868 -69.00 46.03 -75.49
N ARG F 869 -70.03 45.22 -75.25
CA ARG F 869 -70.64 44.44 -76.32
C ARG F 869 -71.15 45.33 -77.42
N ILE F 870 -71.89 46.38 -77.08
CA ILE F 870 -72.44 47.29 -78.09
C ILE F 870 -71.31 47.97 -78.85
N GLU F 871 -70.24 48.33 -78.15
CA GLU F 871 -69.09 48.93 -78.83
C GLU F 871 -68.56 47.98 -79.88
N ASP F 872 -68.32 46.74 -79.47
CA ASP F 872 -67.79 45.73 -80.39
C ASP F 872 -68.79 45.45 -81.51
N LEU F 873 -70.07 45.39 -81.16
CA LEU F 873 -71.08 45.11 -82.16
C LEU F 873 -71.18 46.23 -83.19
N THR F 874 -71.12 47.50 -82.78
CA THR F 874 -71.19 48.56 -83.78
C THR F 874 -69.94 48.64 -84.66
N HIS F 875 -68.74 48.47 -84.09
CA HIS F 875 -67.57 48.46 -84.98
C HIS F 875 -67.65 47.28 -85.95
N ARG F 876 -67.98 46.10 -85.41
CA ARG F 876 -68.11 44.90 -86.22
C ARG F 876 -69.22 45.04 -87.25
N LEU F 877 -70.35 45.64 -86.88
CA LEU F 877 -71.45 45.83 -87.81
C LEU F 877 -71.05 46.74 -88.97
N PHE F 878 -70.32 47.82 -88.69
CA PHE F 878 -69.84 48.66 -89.79
C PHE F 878 -68.90 47.87 -90.70
N GLU F 879 -67.98 47.11 -90.09
CA GLU F 879 -67.06 46.27 -90.86
C GLU F 879 -67.85 45.31 -91.72
N MET F 880 -68.91 44.75 -91.14
CA MET F 880 -69.70 43.72 -91.79
C MET F 880 -70.48 44.31 -92.94
N GLU F 881 -70.91 45.56 -92.79
CA GLU F 881 -71.53 46.26 -93.92
C GLU F 881 -70.53 46.44 -95.06
N THR F 882 -69.29 46.80 -94.71
CA THR F 882 -68.25 46.91 -95.73
C THR F 882 -68.03 45.58 -96.44
N GLU F 883 -67.93 44.49 -95.68
CA GLU F 883 -67.71 43.18 -96.27
C GLU F 883 -68.88 42.79 -97.16
N LEU F 884 -70.11 43.04 -96.71
CA LEU F 884 -71.28 42.72 -97.50
C LEU F 884 -71.29 43.50 -98.80
N ASP F 885 -70.95 44.79 -98.75
CA ASP F 885 -70.92 45.59 -99.96
C ASP F 885 -69.88 45.08 -100.95
N ASP F 886 -68.69 44.74 -100.46
CA ASP F 886 -67.66 44.22 -101.36
C ASP F 886 -68.10 42.90 -102.00
N LEU F 887 -68.64 41.99 -101.19
CA LEU F 887 -69.10 40.70 -101.71
C LEU F 887 -70.23 40.87 -102.72
N LYS F 888 -71.19 41.75 -102.44
CA LYS F 888 -72.29 41.97 -103.36
C LYS F 888 -71.79 42.57 -104.67
N GLY F 889 -70.82 43.48 -104.59
CA GLY F 889 -70.24 44.03 -105.80
C GLY F 889 -69.57 42.95 -106.64
N ASP F 890 -68.82 42.06 -106.00
CA ASP F 890 -68.18 40.97 -106.73
C ASP F 890 -69.24 40.08 -107.39
N GLN F 891 -70.31 39.79 -106.65
CA GLN F 891 -71.37 38.94 -107.19
C GLN F 891 -72.02 39.60 -108.40
N ASN F 892 -72.24 40.91 -108.34
CA ASN F 892 -72.81 41.62 -109.48
C ASN F 892 -71.88 41.62 -110.67
N VAL F 893 -70.56 41.70 -110.42
CA VAL F 893 -69.60 41.58 -111.52
C VAL F 893 -69.72 40.20 -112.18
N LYS F 894 -69.81 39.15 -111.36
CA LYS F 894 -69.99 37.81 -111.90
C LYS F 894 -71.30 37.70 -112.69
N GLU F 895 -72.36 38.32 -112.19
CA GLU F 895 -73.63 38.26 -112.92
C GLU F 895 -73.52 38.94 -114.28
N SER F 896 -72.83 40.08 -114.35
CA SER F 896 -72.61 40.75 -115.63
C SER F 896 -71.79 39.88 -116.57
N GLN F 897 -70.75 39.25 -116.04
CA GLN F 897 -69.92 38.35 -116.84
C GLN F 897 -70.72 37.17 -117.37
N LEU F 898 -71.65 36.65 -116.58
CA LEU F 898 -72.47 35.54 -117.06
C LEU F 898 -73.31 35.94 -118.27
N ARG F 899 -73.94 37.12 -118.22
CA ARG F 899 -74.69 37.59 -119.37
C ARG F 899 -73.78 37.77 -120.58
N LYS F 900 -72.59 38.32 -120.36
CA LYS F 900 -71.65 38.49 -121.47
C LYS F 900 -71.31 37.16 -122.12
N GLU F 901 -71.04 36.14 -121.30
CA GLU F 901 -70.70 34.82 -121.84
C GLU F 901 -71.89 34.21 -122.58
N LYS F 902 -73.10 34.41 -122.06
CA LYS F 902 -74.33 33.96 -122.71
C LYS F 902 -74.50 34.57 -124.11
N ALA F 903 -74.24 35.86 -124.25
CA ALA F 903 -74.38 36.54 -125.55
C ALA F 903 -73.47 35.95 -126.62
N GLU F 904 -72.26 35.54 -126.24
CA GLU F 904 -71.23 34.96 -127.11
C GLU F 904 -71.58 33.59 -127.68
N ILE F 905 -72.34 32.77 -126.96
CA ILE F 905 -72.81 31.47 -127.47
C ILE F 905 -73.64 31.63 -128.75
N GLU F 906 -74.51 32.63 -128.81
CA GLU F 906 -75.28 32.87 -130.02
C GLU F 906 -74.41 33.04 -131.26
N SER F 907 -73.26 33.73 -131.16
CA SER F 907 -72.41 33.89 -132.32
C SER F 907 -71.91 32.55 -132.86
N ILE F 908 -71.54 31.62 -132.00
CA ILE F 908 -71.11 30.29 -132.45
C ILE F 908 -72.24 29.62 -133.24
N GLU F 909 -73.46 29.73 -132.72
CA GLU F 909 -74.64 29.18 -133.38
C GLU F 909 -74.82 29.79 -134.76
N GLN F 910 -74.59 31.09 -134.93
CA GLN F 910 -74.79 31.67 -136.25
C GLN F 910 -73.87 31.02 -137.28
N GLN F 911 -72.59 30.80 -136.94
CA GLN F 911 -71.69 30.14 -137.88
C GLN F 911 -72.13 28.69 -138.10
N LEU F 912 -72.60 28.04 -137.02
CA LEU F 912 -73.16 26.69 -137.09
C LEU F 912 -74.33 26.59 -138.06
N LYS F 913 -75.24 27.58 -138.04
CA LYS F 913 -76.40 27.54 -138.92
C LYS F 913 -76.01 27.55 -140.39
N LEU F 914 -74.96 28.28 -140.76
CA LEU F 914 -74.76 28.55 -142.18
C LEU F 914 -73.90 27.45 -142.79
N LYS F 915 -73.12 26.77 -141.96
CA LYS F 915 -72.76 25.36 -142.15
C LYS F 915 -73.81 24.47 -141.48
N GLY F 916 -75.07 24.70 -141.83
CA GLY F 916 -76.22 24.02 -141.26
C GLY F 916 -76.49 22.53 -141.43
N ILE F 917 -75.60 21.72 -142.00
CA ILE F 917 -76.00 20.37 -142.37
C ILE F 917 -76.52 19.75 -141.08
N GLU F 918 -77.84 19.53 -141.01
CA GLU F 918 -78.44 18.87 -139.85
C GLU F 918 -78.00 17.43 -139.65
N GLU F 919 -77.99 16.61 -140.71
CA GLU F 919 -77.59 15.22 -140.52
C GLU F 919 -76.16 15.09 -139.99
N VAL F 920 -75.23 15.89 -140.51
CA VAL F 920 -73.86 15.83 -140.02
C VAL F 920 -73.80 16.29 -138.57
N ARG F 921 -74.52 17.37 -138.24
CA ARG F 921 -74.58 17.88 -136.87
C ARG F 921 -75.12 16.88 -135.86
N LEU F 922 -76.25 16.22 -136.15
CA LEU F 922 -76.80 15.31 -135.16
C LEU F 922 -75.83 14.15 -134.88
N ARG F 923 -75.23 13.58 -135.92
CA ARG F 923 -74.33 12.46 -135.68
C ARG F 923 -73.06 12.93 -134.97
N ILE F 924 -72.59 14.13 -135.31
CA ILE F 924 -71.45 14.72 -134.61
C ILE F 924 -71.78 14.94 -133.14
N GLN F 925 -72.97 15.45 -132.84
CA GLN F 925 -73.37 15.64 -131.45
C GLN F 925 -73.43 14.32 -130.70
N GLN F 926 -74.00 13.29 -131.34
CA GLN F 926 -74.07 11.99 -130.68
C GLN F 926 -72.68 11.43 -130.41
N VAL F 927 -71.77 11.57 -131.39
CA VAL F 927 -70.42 11.07 -131.21
C VAL F 927 -69.69 11.86 -130.13
N GLN F 928 -69.90 13.18 -130.08
CA GLN F 928 -69.29 13.98 -129.03
C GLN F 928 -69.78 13.56 -127.66
N GLN F 929 -71.09 13.35 -127.53
CA GLN F 929 -71.63 12.90 -126.26
C GLN F 929 -71.07 11.54 -125.87
N GLU F 930 -70.99 10.62 -126.83
CA GLU F 930 -70.45 9.30 -126.55
C GLU F 930 -68.99 9.36 -126.13
N LEU F 931 -68.19 10.18 -126.81
CA LEU F 931 -66.79 10.31 -126.44
C LEU F 931 -66.64 10.91 -125.05
N ARG F 932 -67.43 11.94 -124.74
CA ARG F 932 -67.39 12.51 -123.40
C ARG F 932 -67.79 11.50 -122.33
N GLU F 933 -68.87 10.76 -122.59
CA GLU F 933 -69.31 9.76 -121.63
C GLU F 933 -68.27 8.69 -121.41
N ALA F 934 -67.70 8.18 -122.50
CA ALA F 934 -66.69 7.14 -122.40
C ALA F 934 -65.43 7.62 -121.69
N THR F 935 -64.96 8.84 -122.01
CA THR F 935 -63.78 9.35 -121.33
C THR F 935 -64.04 9.56 -119.84
N GLU F 936 -65.20 10.12 -119.49
CA GLU F 936 -65.53 10.32 -118.10
C GLU F 936 -65.60 8.99 -117.35
N GLY F 937 -66.30 8.03 -117.94
CA GLY F 937 -66.41 6.73 -117.31
C GLY F 937 -65.08 6.04 -117.13
N ILE F 938 -64.24 6.05 -118.17
CA ILE F 938 -62.97 5.34 -118.05
C ILE F 938 -62.07 6.03 -117.04
N ASN F 939 -62.09 7.36 -117.00
CA ASN F 939 -61.27 8.05 -116.01
C ASN F 939 -61.75 7.78 -114.59
N HIS F 940 -63.06 7.88 -114.36
CA HIS F 940 -63.59 7.63 -113.02
C HIS F 940 -63.34 6.19 -112.59
N LEU F 941 -63.57 5.25 -113.50
CA LEU F 941 -63.33 3.84 -113.20
C LEU F 941 -61.86 3.55 -112.96
N LEU F 942 -60.94 4.18 -113.69
CA LEU F 942 -59.55 3.89 -113.42
C LEU F 942 -59.19 4.26 -111.99
N GLU F 943 -59.75 5.33 -111.45
CA GLU F 943 -59.52 5.68 -110.06
C GLU F 943 -60.27 4.77 -109.10
N THR F 944 -61.56 4.50 -109.38
CA THR F 944 -62.39 3.75 -108.44
C THR F 944 -61.99 2.29 -108.36
N ILE F 945 -61.73 1.63 -109.50
CA ILE F 945 -61.50 0.20 -109.49
C ILE F 945 -60.37 -0.12 -108.53
N PRO F 946 -59.22 0.55 -108.59
CA PRO F 946 -58.18 0.26 -107.61
C PRO F 946 -58.68 0.48 -106.20
N GLN F 947 -59.52 1.50 -106.01
CA GLN F 947 -60.08 1.75 -104.68
C GLN F 947 -60.86 0.54 -104.20
N LYS F 948 -61.76 0.00 -105.02
CA LYS F 948 -62.53 -1.15 -104.58
C LYS F 948 -61.64 -2.37 -104.45
N LYS F 949 -60.58 -2.48 -105.26
CA LYS F 949 -59.67 -3.61 -105.10
C LYS F 949 -59.00 -3.54 -103.74
N ALA F 950 -58.53 -2.36 -103.34
CA ALA F 950 -57.94 -2.19 -102.02
C ALA F 950 -59.00 -2.43 -100.94
N LYS F 951 -60.22 -1.98 -101.18
CA LYS F 951 -61.31 -2.22 -100.24
C LYS F 951 -61.55 -3.71 -100.08
N GLN F 952 -61.53 -4.44 -101.19
CA GLN F 952 -61.67 -5.89 -101.17
C GLN F 952 -60.50 -6.52 -100.42
N GLU F 953 -59.31 -5.96 -100.57
CA GLU F 953 -58.14 -6.41 -99.82
C GLU F 953 -58.39 -6.26 -98.33
N THR F 954 -58.87 -5.08 -97.93
CA THR F 954 -59.18 -4.83 -96.52
C THR F 954 -60.27 -5.78 -96.04
N CYS F 955 -61.29 -5.98 -96.88
CA CYS F 955 -62.38 -6.87 -96.51
C CYS F 955 -61.85 -8.28 -96.28
N GLN F 956 -60.95 -8.74 -97.14
CA GLN F 956 -60.38 -10.06 -96.99
C GLN F 956 -59.53 -10.17 -95.73
N ASN F 957 -58.69 -9.17 -95.46
CA ASN F 957 -57.90 -9.19 -94.22
C ASN F 957 -58.81 -9.26 -93.00
N GLU F 958 -59.80 -8.38 -92.94
CA GLU F 958 -60.67 -8.32 -91.77
C GLU F 958 -61.54 -9.57 -91.69
N LEU F 959 -61.89 -10.15 -92.84
CA LEU F 959 -62.64 -11.38 -92.85
C LEU F 959 -61.81 -12.53 -92.32
N ALA F 960 -60.54 -12.59 -92.70
CA ALA F 960 -59.65 -13.61 -92.16
C ALA F 960 -59.52 -13.44 -90.65
N ALA F 961 -59.34 -12.19 -90.19
CA ALA F 961 -59.26 -11.95 -88.75
C ALA F 961 -60.55 -12.39 -88.06
N ALA F 962 -61.70 -12.07 -88.65
CA ALA F 962 -62.98 -12.42 -88.07
C ALA F 962 -63.17 -13.92 -88.02
N LYS F 963 -62.77 -14.61 -89.09
CA LYS F 963 -62.83 -16.06 -89.12
C LYS F 963 -61.94 -16.66 -88.05
N THR F 964 -60.73 -16.10 -87.90
CA THR F 964 -59.85 -16.56 -86.82
C THR F 964 -60.56 -16.42 -85.48
N SER F 965 -61.15 -15.26 -85.22
CA SER F 965 -61.83 -15.03 -83.95
C SER F 965 -63.00 -16.00 -83.78
N ALA F 966 -63.79 -16.19 -84.84
CA ALA F 966 -64.94 -17.07 -84.78
C ALA F 966 -64.52 -18.49 -84.46
N GLU F 967 -63.50 -18.98 -85.15
CA GLU F 967 -63.00 -20.33 -84.91
C GLU F 967 -62.49 -20.42 -83.48
N PHE F 968 -61.74 -19.41 -83.06
CA PHE F 968 -61.15 -19.39 -81.73
C PHE F 968 -62.26 -19.50 -80.68
N TRP F 969 -63.30 -18.68 -80.81
CA TRP F 969 -64.35 -18.68 -79.80
C TRP F 969 -65.23 -19.92 -79.89
N SER F 970 -65.40 -20.51 -81.06
CA SER F 970 -66.08 -21.81 -81.11
C SER F 970 -65.31 -22.82 -80.29
N ASN F 971 -64.00 -22.87 -80.51
CA ASN F 971 -63.16 -23.81 -79.80
C ASN F 971 -63.13 -23.51 -78.30
N MET F 972 -63.04 -22.22 -77.96
CA MET F 972 -62.99 -21.82 -76.56
C MET F 972 -64.30 -22.12 -75.85
N ALA F 973 -65.42 -21.88 -76.53
CA ALA F 973 -66.72 -22.21 -75.97
C ALA F 973 -66.85 -23.70 -75.76
N ASP F 974 -66.37 -24.49 -76.72
CA ASP F 974 -66.38 -25.93 -76.57
C ASP F 974 -65.53 -26.35 -75.39
N GLU F 975 -64.39 -25.69 -75.18
CA GLU F 975 -63.50 -25.99 -74.07
C GLU F 975 -64.17 -25.69 -72.74
N TRP F 976 -64.83 -24.54 -72.65
CA TRP F 976 -65.56 -24.20 -71.43
C TRP F 976 -66.67 -25.21 -71.23
N GLU F 977 -67.26 -25.69 -72.32
CA GLU F 977 -68.25 -26.75 -72.22
C GLU F 977 -67.65 -27.99 -71.58
N GLN F 978 -66.44 -28.36 -72.02
CA GLN F 978 -65.76 -29.53 -71.45
C GLN F 978 -65.48 -29.32 -69.97
N MET F 979 -65.01 -28.14 -69.61
CA MET F 979 -64.75 -27.81 -68.21
C MET F 979 -66.01 -27.99 -67.39
N VAL F 980 -67.10 -27.35 -67.83
CA VAL F 980 -68.34 -27.36 -67.08
C VAL F 980 -68.91 -28.77 -66.98
N ARG F 981 -68.76 -29.54 -68.06
CA ARG F 981 -69.20 -30.94 -68.06
C ARG F 981 -68.39 -31.78 -67.09
N ALA F 982 -67.11 -31.44 -66.88
CA ALA F 982 -66.36 -32.22 -65.90
C ALA F 982 -66.92 -32.03 -64.49
N ASP F 983 -67.13 -30.80 -64.05
CA ASP F 983 -67.62 -30.55 -62.70
C ASP F 983 -69.02 -31.07 -62.45
N ILE F 984 -69.92 -30.90 -63.44
CA ILE F 984 -71.30 -31.38 -63.32
C ILE F 984 -71.34 -32.89 -63.12
N ALA F 985 -70.45 -33.62 -63.80
CA ALA F 985 -70.40 -35.08 -63.72
C ALA F 985 -70.27 -35.60 -62.29
N ARG F 986 -69.54 -34.88 -61.44
CA ARG F 986 -69.33 -35.30 -60.05
C ARG F 986 -70.64 -35.50 -59.29
N GLY F 987 -71.69 -34.77 -59.66
CA GLY F 987 -72.97 -34.82 -58.99
C GLY F 987 -72.98 -34.00 -57.72
N PHE F 988 -71.88 -33.32 -57.44
CA PHE F 988 -71.72 -32.41 -56.31
C PHE F 988 -72.72 -31.28 -56.42
N VAL F 989 -72.99 -30.87 -57.65
CA VAL F 989 -73.88 -29.81 -58.04
C VAL F 989 -74.85 -30.43 -59.04
N GLU F 990 -76.13 -30.12 -58.88
CA GLU F 990 -77.15 -30.58 -59.79
C GLU F 990 -77.40 -29.54 -60.87
N VAL F 991 -77.83 -30.01 -62.04
CA VAL F 991 -77.98 -29.18 -63.21
C VAL F 991 -79.33 -29.44 -63.87
N VAL F 992 -80.09 -28.37 -63.99
CA VAL F 992 -81.42 -28.35 -64.59
C VAL F 992 -81.32 -28.68 -66.08
N GLU F 993 -80.48 -27.94 -66.80
CA GLU F 993 -80.37 -28.08 -68.24
C GLU F 993 -78.94 -27.70 -68.60
N MET F 994 -78.33 -28.49 -69.48
CA MET F 994 -76.94 -28.32 -69.91
C MET F 994 -76.78 -27.28 -71.01
N ASP F 995 -77.29 -26.08 -70.73
CA ASP F 995 -77.18 -24.92 -71.59
C ASP F 995 -76.45 -23.88 -70.74
N PRO F 996 -75.31 -23.35 -71.21
CA PRO F 996 -74.55 -22.42 -70.34
C PRO F 996 -75.36 -21.23 -69.87
N VAL F 997 -76.22 -20.66 -70.72
CA VAL F 997 -77.01 -19.53 -70.27
C VAL F 997 -77.96 -19.97 -69.16
N LYS F 998 -78.60 -21.13 -69.34
CA LYS F 998 -79.50 -21.67 -68.33
C LYS F 998 -78.77 -21.97 -67.03
N ILE F 999 -77.57 -22.57 -67.11
CA ILE F 999 -76.81 -22.89 -65.91
C ILE F 999 -76.43 -21.60 -65.18
N VAL F 1000 -75.99 -20.59 -65.93
CA VAL F 1000 -75.64 -19.31 -65.35
C VAL F 1000 -76.87 -18.72 -64.69
N LYS F 1001 -78.02 -18.87 -65.33
CA LYS F 1001 -79.25 -18.37 -64.73
C LYS F 1001 -79.53 -19.10 -63.43
N GLN F 1002 -79.25 -20.39 -63.37
CA GLN F 1002 -79.51 -21.13 -62.15
C GLN F 1002 -78.64 -20.64 -61.01
N LEU F 1003 -77.37 -20.31 -61.30
CA LEU F 1003 -76.45 -19.90 -60.24
C LEU F 1003 -76.07 -18.42 -60.22
N GLU F 1004 -76.81 -17.56 -60.93
CA GLU F 1004 -76.46 -16.14 -61.05
C GLU F 1004 -76.24 -15.50 -59.67
N SER F 1005 -77.01 -15.95 -58.69
CA SER F 1005 -77.01 -15.46 -57.31
C SER F 1005 -75.60 -15.43 -56.72
N ILE F 1006 -74.82 -16.49 -56.91
CA ILE F 1006 -73.54 -16.71 -56.27
C ILE F 1006 -72.55 -15.61 -56.64
N LEU F 1007 -72.55 -15.13 -57.88
CA LEU F 1007 -71.67 -14.00 -58.18
C LEU F 1007 -71.92 -12.85 -57.19
N GLY F 1008 -73.18 -12.65 -56.79
CA GLY F 1008 -73.45 -11.65 -55.78
C GLY F 1008 -72.94 -12.01 -54.40
N LYS F 1009 -72.71 -13.31 -54.14
CA LYS F 1009 -72.41 -13.73 -52.77
C LYS F 1009 -70.92 -13.72 -52.50
N TYR F 1010 -70.11 -14.36 -53.35
CA TYR F 1010 -68.70 -14.55 -53.07
C TYR F 1010 -67.83 -13.89 -54.13
N ASP F 1011 -66.51 -14.02 -53.93
CA ASP F 1011 -65.51 -13.64 -54.91
C ASP F 1011 -64.40 -14.69 -54.85
N ARG F 1012 -63.66 -14.88 -55.94
CA ARG F 1012 -62.80 -16.06 -56.00
C ARG F 1012 -61.82 -16.11 -54.81
N SER F 1013 -61.13 -14.99 -54.57
CA SER F 1013 -60.15 -14.96 -53.48
C SER F 1013 -60.81 -15.27 -52.16
N LYS F 1014 -61.94 -14.63 -51.90
CA LYS F 1014 -62.66 -14.78 -50.64
C LYS F 1014 -63.06 -16.24 -50.42
N LEU F 1015 -63.67 -16.84 -51.44
CA LEU F 1015 -64.15 -18.21 -51.31
C LEU F 1015 -62.99 -19.18 -51.15
N ASN F 1016 -61.88 -18.95 -51.86
CA ASN F 1016 -60.72 -19.81 -51.68
C ASN F 1016 -60.22 -19.71 -50.26
N GLU F 1017 -60.12 -18.49 -49.74
CA GLU F 1017 -59.69 -18.28 -48.37
C GLU F 1017 -60.60 -19.02 -47.41
N GLN F 1018 -61.91 -18.87 -47.60
CA GLN F 1018 -62.84 -19.46 -46.64
C GLN F 1018 -62.89 -20.98 -46.77
N LEU F 1019 -62.60 -21.53 -47.96
CA LEU F 1019 -62.48 -22.97 -48.08
C LEU F 1019 -61.27 -23.46 -47.29
N THR F 1020 -60.15 -22.74 -47.38
CA THR F 1020 -58.99 -23.08 -46.58
C THR F 1020 -59.32 -22.98 -45.10
N LYS F 1021 -60.06 -21.94 -44.74
CA LYS F 1021 -60.46 -21.71 -43.36
C LYS F 1021 -61.30 -22.88 -42.86
N THR F 1022 -62.27 -23.30 -43.66
CA THR F 1022 -63.11 -24.43 -43.28
C THR F 1022 -62.28 -25.69 -43.16
N PHE F 1023 -61.35 -25.91 -44.08
CA PHE F 1023 -60.51 -27.10 -44.02
C PHE F 1023 -59.71 -27.10 -42.73
N ILE F 1024 -59.18 -25.94 -42.34
CA ILE F 1024 -58.42 -25.82 -41.11
C ILE F 1024 -59.34 -26.10 -39.93
N ASN F 1025 -60.51 -25.48 -39.94
CA ASN F 1025 -61.46 -25.62 -38.84
C ASN F 1025 -61.84 -27.08 -38.67
N GLU F 1026 -62.21 -27.76 -39.76
CA GLU F 1026 -62.84 -29.06 -39.69
C GLU F 1026 -61.88 -30.18 -39.35
N GLN F 1027 -60.58 -29.91 -39.29
CA GLN F 1027 -59.68 -30.94 -38.78
C GLN F 1027 -59.72 -31.08 -37.27
N ILE F 1028 -60.35 -30.15 -36.55
CA ILE F 1028 -60.49 -30.36 -35.11
C ILE F 1028 -61.36 -31.57 -34.74
N PHE F 1029 -62.50 -31.75 -35.39
CA PHE F 1029 -63.43 -32.83 -35.05
C PHE F 1029 -63.14 -34.14 -35.75
N LEU F 1030 -62.88 -34.09 -37.04
CA LEU F 1030 -62.89 -35.24 -37.94
C LEU F 1030 -61.55 -35.96 -38.10
N THR F 1031 -60.51 -35.62 -37.32
CA THR F 1031 -59.18 -36.13 -37.65
C THR F 1031 -59.18 -37.63 -37.85
N GLU F 1032 -60.04 -38.36 -37.15
CA GLU F 1032 -60.04 -39.80 -37.32
C GLU F 1032 -60.40 -40.21 -38.73
N TYR F 1033 -61.17 -39.39 -39.43
CA TYR F 1033 -61.57 -39.63 -40.81
C TYR F 1033 -60.51 -39.27 -41.85
N ARG F 1034 -59.44 -38.58 -41.49
CA ARG F 1034 -58.37 -38.32 -42.45
C ARG F 1034 -58.87 -37.59 -43.69
N MET F 1035 -59.45 -36.41 -43.45
CA MET F 1035 -59.90 -35.57 -44.55
C MET F 1035 -58.71 -35.32 -45.44
N PHE F 1036 -58.95 -34.82 -46.64
CA PHE F 1036 -57.84 -34.36 -47.47
C PHE F 1036 -58.32 -33.66 -48.73
N GLU F 1037 -57.60 -32.59 -49.06
CA GLU F 1037 -57.90 -31.82 -50.25
C GLU F 1037 -56.72 -32.03 -51.18
N TYR F 1038 -56.90 -31.76 -52.46
CA TYR F 1038 -55.83 -31.95 -53.43
C TYR F 1038 -56.27 -31.17 -54.63
N PRO F 1039 -55.47 -30.29 -55.17
CA PRO F 1039 -56.04 -29.54 -56.28
C PRO F 1039 -56.19 -30.50 -57.43
N GLU F 1040 -57.38 -30.40 -58.02
CA GLU F 1040 -57.78 -31.10 -59.21
C GLU F 1040 -57.71 -30.19 -60.42
N GLU F 1041 -57.17 -30.73 -61.50
CA GLU F 1041 -56.86 -29.95 -62.68
C GLU F 1041 -57.41 -30.70 -63.88
N THR F 1042 -57.66 -29.96 -64.95
CA THR F 1042 -58.16 -30.55 -66.19
C THR F 1042 -57.03 -30.39 -67.20
N GLU F 1043 -56.79 -31.47 -67.95
CA GLU F 1043 -55.70 -31.42 -68.91
C GLU F 1043 -55.93 -30.32 -69.93
N ARG F 1044 -54.86 -29.61 -70.24
CA ARG F 1044 -54.87 -28.58 -71.25
C ARG F 1044 -55.24 -29.13 -72.62
N PRO F 1045 -56.29 -28.63 -73.26
CA PRO F 1045 -56.64 -29.12 -74.60
C PRO F 1045 -55.46 -28.89 -75.53
N GLU F 1046 -55.15 -29.89 -76.36
CA GLU F 1046 -53.98 -29.77 -77.21
C GLU F 1046 -54.07 -28.57 -78.15
N TRP F 1047 -55.28 -28.19 -78.59
CA TRP F 1047 -55.31 -27.13 -79.59
C TRP F 1047 -54.93 -25.77 -79.00
N PHE F 1048 -54.84 -25.66 -77.66
CA PHE F 1048 -54.33 -24.46 -77.03
C PHE F 1048 -52.91 -24.18 -77.48
N SER F 1049 -52.21 -25.21 -77.95
CA SER F 1049 -50.81 -25.11 -78.35
C SER F 1049 -50.65 -24.26 -79.61
N LYS F 1050 -51.65 -24.23 -80.48
CA LYS F 1050 -51.47 -23.55 -81.75
C LYS F 1050 -51.43 -22.05 -81.50
N GLU F 1051 -50.37 -21.42 -82.02
CA GLU F 1051 -50.08 -20.02 -81.68
C GLU F 1051 -51.12 -19.14 -82.36
N TRP F 1052 -52.27 -18.99 -81.70
CA TRP F 1052 -53.33 -18.20 -82.28
C TRP F 1052 -52.85 -16.78 -82.51
N GLY F 1053 -51.81 -16.39 -81.77
CA GLY F 1053 -51.12 -15.12 -81.82
C GLY F 1053 -51.19 -14.39 -80.50
N GLU F 1054 -50.72 -13.14 -80.54
CA GLU F 1054 -50.70 -12.32 -79.35
C GLU F 1054 -52.12 -12.07 -78.84
N TYR F 1055 -53.01 -11.61 -79.72
CA TYR F 1055 -54.31 -11.05 -79.35
C TYR F 1055 -55.15 -12.05 -78.58
N TYR F 1056 -54.86 -13.33 -78.75
CA TYR F 1056 -55.63 -14.43 -78.17
C TYR F 1056 -54.97 -15.02 -76.93
N GLU F 1057 -53.69 -14.74 -76.71
CA GLU F 1057 -52.98 -15.29 -75.56
C GLU F 1057 -53.76 -14.99 -74.29
N PRO F 1058 -54.31 -13.78 -74.09
CA PRO F 1058 -55.04 -13.55 -72.84
C PRO F 1058 -56.16 -14.55 -72.59
N PHE F 1059 -56.87 -14.98 -73.63
CA PHE F 1059 -57.97 -15.91 -73.40
C PHE F 1059 -57.47 -17.27 -72.93
N MET F 1060 -56.37 -17.75 -73.50
CA MET F 1060 -55.79 -19.01 -73.03
C MET F 1060 -55.26 -18.90 -71.60
N ASN F 1061 -54.62 -17.79 -71.27
CA ASN F 1061 -54.13 -17.61 -69.90
C ASN F 1061 -55.28 -17.64 -68.91
N GLU F 1062 -56.38 -16.97 -69.21
CA GLU F 1062 -57.47 -17.01 -68.24
C GLU F 1062 -57.98 -18.42 -67.98
N TRP F 1063 -58.26 -19.19 -69.03
CA TRP F 1063 -58.75 -20.55 -68.82
C TRP F 1063 -57.71 -21.43 -68.13
N ASN F 1064 -56.44 -21.31 -68.55
CA ASN F 1064 -55.34 -22.04 -67.94
C ASN F 1064 -55.19 -21.71 -66.47
N GLN F 1065 -55.42 -20.46 -66.10
CA GLN F 1065 -55.30 -20.03 -64.72
C GLN F 1065 -56.46 -20.58 -63.92
N LEU F 1066 -57.66 -20.52 -64.48
CA LEU F 1066 -58.89 -20.84 -63.78
C LEU F 1066 -59.14 -22.34 -63.79
N GLN F 1067 -58.45 -23.07 -64.67
CA GLN F 1067 -58.75 -24.49 -64.85
C GLN F 1067 -58.47 -25.26 -63.58
N SER F 1068 -57.63 -24.73 -62.69
CA SER F 1068 -57.30 -25.46 -61.48
C SER F 1068 -58.42 -25.26 -60.47
N ARG F 1069 -58.85 -26.36 -59.86
CA ARG F 1069 -59.93 -26.38 -58.88
C ARG F 1069 -59.59 -27.39 -57.81
N ARG F 1070 -60.19 -27.21 -56.63
CA ARG F 1070 -59.84 -28.03 -55.47
C ARG F 1070 -60.92 -29.09 -55.27
N LEU F 1071 -60.52 -30.27 -54.81
CA LEU F 1071 -61.51 -31.29 -54.46
C LEU F 1071 -61.23 -31.76 -53.05
N ILE F 1072 -62.25 -32.29 -52.37
CA ILE F 1072 -62.07 -32.86 -51.04
C ILE F 1072 -62.74 -34.22 -50.93
N LEU F 1073 -62.03 -35.18 -50.33
CA LEU F 1073 -62.55 -36.51 -50.11
C LEU F 1073 -62.24 -36.90 -48.67
N MET F 1074 -63.19 -37.56 -48.03
CA MET F 1074 -63.06 -37.93 -46.62
C MET F 1074 -63.46 -39.39 -46.44
N GLU F 1075 -62.58 -40.11 -45.73
CA GLU F 1075 -62.74 -41.51 -45.37
C GLU F 1075 -63.76 -41.64 -44.24
N TYR F 1076 -64.77 -42.48 -44.48
CA TYR F 1076 -65.90 -42.69 -43.59
C TYR F 1076 -66.28 -44.16 -43.56
N LYS F 1077 -65.96 -44.82 -42.44
CA LYS F 1077 -66.29 -46.22 -42.23
C LYS F 1077 -65.79 -47.08 -43.39
N GLY F 1078 -64.54 -46.84 -43.77
CA GLY F 1078 -63.89 -47.63 -44.78
C GLY F 1078 -64.03 -47.13 -46.20
N GLN F 1079 -65.10 -46.40 -46.53
CA GLN F 1079 -65.27 -45.86 -47.87
C GLN F 1079 -64.63 -44.47 -47.93
N ARG F 1080 -64.23 -44.05 -49.12
CA ARG F 1080 -63.76 -42.68 -49.35
C ARG F 1080 -64.79 -41.91 -50.18
N VAL F 1081 -65.45 -40.95 -49.53
CA VAL F 1081 -66.68 -40.37 -50.04
C VAL F 1081 -66.56 -38.85 -50.05
N SER F 1082 -67.40 -38.19 -50.85
CA SER F 1082 -67.41 -36.75 -50.99
C SER F 1082 -68.17 -36.11 -49.83
N PRO F 1083 -67.93 -34.81 -49.57
CA PRO F 1083 -68.60 -34.19 -48.42
C PRO F 1083 -70.10 -34.32 -48.46
N TYR F 1084 -70.69 -34.36 -49.64
CA TYR F 1084 -72.14 -34.55 -49.74
C TYR F 1084 -72.55 -35.85 -49.07
N PHE F 1085 -71.82 -36.92 -49.43
CA PHE F 1085 -72.12 -38.25 -48.90
C PHE F 1085 -71.91 -38.28 -47.40
N VAL F 1086 -70.81 -37.67 -46.92
CA VAL F 1086 -70.55 -37.67 -45.50
C VAL F 1086 -71.61 -36.87 -44.74
N PHE F 1087 -72.02 -35.72 -45.26
CA PHE F 1087 -73.06 -34.98 -44.57
C PHE F 1087 -74.33 -35.80 -44.49
N THR F 1088 -74.70 -36.44 -45.61
CA THR F 1088 -75.89 -37.29 -45.61
C THR F 1088 -75.71 -38.44 -44.64
N SER F 1089 -74.52 -39.04 -44.65
CA SER F 1089 -74.20 -40.16 -43.78
C SER F 1089 -74.29 -39.78 -42.32
N LEU F 1090 -73.75 -38.62 -41.95
CA LEU F 1090 -73.85 -38.16 -40.57
C LEU F 1090 -75.29 -37.85 -40.21
N GLU F 1091 -76.07 -37.30 -41.14
CA GLU F 1091 -77.49 -37.11 -40.86
C GLU F 1091 -78.09 -38.47 -40.52
N LYS F 1092 -77.81 -39.46 -41.36
CA LYS F 1092 -78.35 -40.80 -41.19
C LYS F 1092 -77.85 -41.43 -39.89
N GLU F 1093 -76.56 -41.29 -39.61
CA GLU F 1093 -75.97 -41.86 -38.41
C GLU F 1093 -76.58 -41.23 -37.18
N LEU F 1094 -76.58 -39.91 -37.11
CA LEU F 1094 -77.14 -39.21 -35.97
C LEU F 1094 -78.62 -39.56 -35.79
N GLU F 1095 -79.36 -39.70 -36.89
CA GLU F 1095 -80.76 -40.12 -36.87
C GLU F 1095 -80.91 -41.54 -36.31
N ASP F 1096 -80.00 -42.42 -36.72
CA ASP F 1096 -80.05 -43.79 -36.25
C ASP F 1096 -79.68 -43.80 -34.78
N GLN F 1097 -78.63 -43.08 -34.42
CA GLN F 1097 -78.20 -43.14 -33.04
C GLN F 1097 -79.30 -42.58 -32.16
N LYS F 1098 -79.97 -41.49 -32.59
CA LYS F 1098 -81.04 -40.99 -31.75
C LYS F 1098 -82.15 -42.02 -31.64
N GLY F 1099 -82.27 -42.93 -32.63
CA GLY F 1099 -83.34 -43.89 -32.44
C GLY F 1099 -82.80 -45.02 -31.60
N TRP F 1100 -81.48 -45.14 -31.59
CA TRP F 1100 -80.83 -46.19 -30.82
C TRP F 1100 -81.21 -45.90 -29.39
N LEU F 1101 -80.94 -44.64 -29.04
CA LEU F 1101 -80.92 -44.15 -27.67
C LEU F 1101 -82.35 -43.98 -27.18
N ASP F 1102 -83.26 -43.62 -28.10
CA ASP F 1102 -84.66 -43.60 -27.71
C ASP F 1102 -85.12 -45.01 -27.40
N GLU F 1103 -84.84 -45.96 -28.30
CA GLU F 1103 -85.32 -47.31 -28.07
C GLU F 1103 -84.71 -47.84 -26.79
N GLN F 1104 -83.44 -47.50 -26.56
CA GLN F 1104 -82.74 -47.94 -25.36
C GLN F 1104 -83.43 -47.43 -24.11
N ASP F 1105 -83.83 -46.16 -24.12
CA ASP F 1105 -84.53 -45.61 -22.97
C ASP F 1105 -85.92 -46.21 -22.82
N ARG F 1106 -86.58 -46.47 -23.95
CA ARG F 1106 -87.85 -47.19 -23.91
C ARG F 1106 -87.68 -48.53 -23.23
N GLN F 1107 -86.68 -49.29 -23.64
CA GLN F 1107 -86.44 -50.58 -23.03
C GLN F 1107 -86.16 -50.40 -21.56
N LEU F 1108 -85.37 -49.40 -21.20
CA LEU F 1108 -85.07 -49.27 -19.78
C LEU F 1108 -86.34 -48.99 -19.00
N TYR F 1109 -87.13 -48.03 -19.45
CA TYR F 1109 -88.34 -47.70 -18.72
C TYR F 1109 -89.33 -48.86 -18.66
N GLU F 1110 -89.97 -49.16 -19.80
CA GLU F 1110 -90.96 -50.24 -19.78
C GLU F 1110 -90.43 -51.62 -19.37
N ASP F 1111 -89.30 -52.06 -19.92
CA ASP F 1111 -88.79 -53.37 -19.55
C ASP F 1111 -88.30 -53.49 -18.12
N ILE F 1112 -87.60 -52.49 -17.57
CA ILE F 1112 -87.00 -52.69 -16.27
C ILE F 1112 -87.36 -51.70 -15.17
N ILE F 1113 -87.52 -50.43 -15.52
CA ILE F 1113 -87.53 -49.41 -14.47
C ILE F 1113 -88.79 -49.48 -13.63
N VAL F 1114 -89.94 -49.69 -14.25
CA VAL F 1114 -91.16 -49.77 -13.48
C VAL F 1114 -91.71 -51.19 -13.49
N ASN F 1115 -91.42 -51.97 -14.52
CA ASN F 1115 -91.98 -53.30 -14.48
C ASN F 1115 -91.35 -54.15 -13.37
N THR F 1116 -90.20 -54.79 -13.59
CA THR F 1116 -89.57 -55.52 -12.49
C THR F 1116 -89.03 -54.61 -11.39
N VAL F 1117 -88.42 -53.49 -11.79
CA VAL F 1117 -87.97 -52.51 -10.80
C VAL F 1117 -89.16 -51.93 -10.08
N GLY F 1118 -90.26 -51.72 -10.80
CA GLY F 1118 -91.45 -51.19 -10.17
C GLY F 1118 -92.02 -52.17 -9.17
N VAL F 1119 -91.96 -53.47 -9.46
CA VAL F 1119 -92.43 -54.44 -8.49
C VAL F 1119 -91.53 -54.40 -7.26
N ILE F 1120 -90.23 -54.28 -7.49
CA ILE F 1120 -89.30 -54.13 -6.37
C ILE F 1120 -89.64 -52.88 -5.58
N LEU F 1121 -89.91 -51.79 -6.29
CA LEU F 1121 -90.27 -50.52 -5.68
C LEU F 1121 -91.57 -50.63 -4.93
N ARG F 1122 -92.55 -51.32 -5.49
CA ARG F 1122 -93.79 -51.51 -4.76
C ARG F 1122 -93.54 -52.24 -3.45
N ASN F 1123 -92.78 -53.33 -3.48
CA ASN F 1123 -92.59 -54.03 -2.21
C ASN F 1123 -91.80 -53.17 -1.23
N ARG F 1124 -90.74 -52.51 -1.71
CA ARG F 1124 -89.92 -51.65 -0.85
C ARG F 1124 -90.62 -50.37 -0.42
N ILE F 1125 -91.35 -49.69 -1.30
CA ILE F 1125 -92.09 -48.51 -0.90
C ILE F 1125 -93.10 -48.91 0.16
N LYS F 1126 -93.80 -50.02 -0.09
CA LYS F 1126 -94.76 -50.50 0.89
C LYS F 1126 -94.06 -50.81 2.20
N ARG F 1127 -92.90 -51.47 2.15
CA ARG F 1127 -92.18 -51.85 3.38
C ARG F 1127 -91.69 -50.61 4.12
N ALA F 1128 -91.11 -49.66 3.41
CA ALA F 1128 -90.63 -48.44 4.05
C ALA F 1128 -91.80 -47.67 4.62
N GLU F 1129 -92.91 -47.62 3.87
CA GLU F 1129 -94.10 -46.97 4.34
C GLU F 1129 -94.65 -47.71 5.54
N LYS F 1130 -94.61 -49.03 5.53
CA LYS F 1130 -95.08 -49.73 6.70
C LYS F 1130 -94.23 -49.40 7.91
N TRP F 1131 -92.91 -49.39 7.79
CA TRP F 1131 -92.14 -49.03 8.97
C TRP F 1131 -92.33 -47.58 9.44
N VAL F 1132 -92.14 -46.61 8.53
CA VAL F 1132 -92.27 -45.21 8.91
C VAL F 1132 -93.72 -44.75 9.13
N SER F 1133 -94.67 -45.21 8.33
CA SER F 1133 -96.07 -44.84 8.51
C SER F 1133 -96.63 -45.40 9.80
N GLU F 1134 -96.37 -46.67 10.06
CA GLU F 1134 -96.81 -47.26 11.33
C GLU F 1134 -96.12 -46.54 12.47
N MET F 1135 -94.83 -46.23 12.32
CA MET F 1135 -94.10 -45.54 13.36
C MET F 1135 -94.70 -44.18 13.65
N ASP F 1136 -95.01 -43.41 12.60
CA ASP F 1136 -95.65 -42.10 12.75
C ASP F 1136 -97.03 -42.20 13.34
N LYS F 1137 -97.79 -43.18 12.87
CA LYS F 1137 -99.13 -43.41 13.38
C LYS F 1137 -99.07 -43.66 14.87
N ILE F 1138 -98.11 -44.47 15.30
CA ILE F 1138 -97.99 -44.80 16.72
C ILE F 1138 -97.49 -43.60 17.52
N MET F 1139 -96.55 -42.80 16.99
CA MET F 1139 -96.09 -41.66 17.79
C MET F 1139 -97.17 -40.59 17.92
N GLU F 1140 -98.06 -40.46 16.93
CA GLU F 1140 -99.08 -39.43 17.09
C GLU F 1140 -100.22 -39.85 17.98
N SER F 1141 -100.47 -41.14 18.13
CA SER F 1141 -101.69 -41.56 18.81
C SER F 1141 -101.45 -41.79 20.29
N ARG F 1142 -100.49 -41.06 20.88
CA ARG F 1142 -100.20 -41.12 22.31
C ARG F 1142 -99.73 -39.77 22.81
N ASP F 1143 -99.67 -39.63 24.14
CA ASP F 1143 -99.12 -38.46 24.80
C ASP F 1143 -98.00 -38.88 25.76
N ASN F 1144 -96.86 -38.19 25.64
CA ASN F 1144 -95.63 -38.57 26.32
C ASN F 1144 -95.43 -37.67 27.55
N SER F 1145 -94.84 -38.28 28.59
CA SER F 1145 -94.73 -37.66 29.91
C SER F 1145 -93.92 -36.36 29.89
N SER F 1146 -93.15 -36.12 28.83
CA SER F 1146 -92.31 -34.94 28.72
C SER F 1146 -93.08 -33.74 28.20
N GLY F 1147 -94.40 -33.86 28.05
CA GLY F 1147 -95.21 -32.80 27.49
C GLY F 1147 -94.92 -32.57 26.03
N LEU F 1148 -94.82 -33.64 25.26
CA LEU F 1148 -94.42 -33.62 23.87
C LEU F 1148 -95.10 -34.80 23.19
N THR F 1149 -95.39 -34.67 21.91
CA THR F 1149 -96.03 -35.71 21.10
C THR F 1149 -95.25 -35.80 19.80
N PHE F 1150 -95.01 -37.01 19.33
CA PHE F 1150 -94.14 -37.14 18.17
C PHE F 1150 -94.83 -37.68 16.93
N SER F 1151 -94.22 -37.36 15.80
CA SER F 1151 -94.64 -37.81 14.49
C SER F 1151 -93.42 -37.78 13.57
N ILE F 1152 -93.30 -38.77 12.70
CA ILE F 1152 -92.14 -38.89 11.82
C ILE F 1152 -92.70 -38.98 10.41
N ALA F 1153 -91.92 -38.54 9.43
CA ALA F 1153 -92.41 -38.56 8.06
C ALA F 1153 -91.29 -38.86 7.07
N TRP F 1154 -91.72 -39.50 5.99
CA TRP F 1154 -90.91 -39.96 4.86
C TRP F 1154 -91.54 -39.18 3.72
N LYS F 1155 -90.85 -38.14 3.28
CA LYS F 1155 -91.50 -37.19 2.40
C LYS F 1155 -90.85 -37.14 1.01
N PRO F 1156 -91.67 -36.89 0.00
CA PRO F 1156 -91.17 -36.78 -1.37
C PRO F 1156 -90.46 -35.47 -1.60
N LEU F 1157 -89.40 -35.52 -2.40
CA LEU F 1157 -88.61 -34.33 -2.68
C LEU F 1157 -89.33 -33.57 -3.80
N THR F 1158 -88.89 -32.36 -4.12
CA THR F 1158 -89.41 -31.64 -5.26
C THR F 1158 -88.48 -31.82 -6.45
N ALA F 1159 -88.91 -31.27 -7.57
CA ALA F 1159 -88.20 -31.39 -8.84
C ALA F 1159 -86.85 -30.69 -8.85
N GLU F 1160 -85.77 -31.47 -8.82
CA GLU F 1160 -84.45 -30.87 -8.81
C GLU F 1160 -84.29 -30.06 -10.08
N SER F 1161 -84.79 -30.63 -11.16
CA SER F 1161 -84.79 -30.20 -12.54
C SER F 1161 -86.23 -29.78 -12.84
N GLU F 1162 -86.46 -29.15 -13.98
CA GLU F 1162 -87.87 -28.81 -14.21
C GLU F 1162 -88.58 -30.05 -14.75
N GLN F 1163 -87.90 -31.18 -14.66
CA GLN F 1163 -88.38 -32.48 -15.09
C GLN F 1163 -89.18 -33.28 -14.07
N GLU F 1164 -89.75 -32.69 -13.01
CA GLU F 1164 -90.43 -33.61 -12.10
C GLU F 1164 -91.58 -33.02 -11.29
N LEU F 1165 -92.37 -33.98 -10.80
CA LEU F 1165 -93.44 -33.96 -9.81
C LEU F 1165 -92.94 -33.61 -8.40
N ASP F 1166 -93.90 -33.42 -7.49
CA ASP F 1166 -93.77 -33.99 -6.15
C ASP F 1166 -93.53 -35.48 -6.28
N THR F 1167 -92.47 -36.00 -5.65
CA THR F 1167 -92.19 -37.43 -5.85
C THR F 1167 -93.34 -38.35 -5.41
N LYS F 1168 -94.21 -37.94 -4.47
CA LYS F 1168 -95.32 -38.82 -4.10
C LYS F 1168 -96.27 -38.99 -5.27
N ASP F 1169 -96.44 -37.92 -6.04
CA ASP F 1169 -97.23 -37.98 -7.26
C ASP F 1169 -96.58 -39.02 -8.16
N LEU F 1170 -95.27 -39.00 -8.23
CA LEU F 1170 -94.56 -39.97 -9.04
C LEU F 1170 -94.87 -41.38 -8.51
N VAL F 1171 -94.95 -41.54 -7.19
CA VAL F 1171 -95.25 -42.83 -6.57
C VAL F 1171 -96.65 -43.32 -6.94
N LYS F 1172 -97.65 -42.44 -6.96
CA LYS F 1172 -98.97 -42.90 -7.40
C LYS F 1172 -98.87 -43.51 -8.80
N LEU F 1173 -98.12 -42.88 -9.70
CA LEU F 1173 -97.86 -43.31 -11.07
C LEU F 1173 -97.13 -44.66 -11.01
N LEU F 1174 -96.24 -44.74 -10.04
CA LEU F 1174 -95.36 -45.87 -9.72
C LEU F 1174 -96.15 -47.10 -9.31
N GLN F 1175 -97.23 -46.92 -8.56
CA GLN F 1175 -98.00 -48.07 -8.12
C GLN F 1175 -98.60 -48.82 -9.30
N ARG F 1176 -98.69 -48.21 -10.48
CA ARG F 1176 -99.25 -48.89 -11.63
C ARG F 1176 -98.09 -49.22 -12.56
N ASN F 1177 -98.05 -50.45 -13.04
CA ASN F 1177 -96.93 -50.93 -13.83
C ASN F 1177 -96.81 -50.08 -15.09
N SER F 1178 -95.57 -49.83 -15.52
CA SER F 1178 -95.39 -48.99 -16.69
C SER F 1178 -96.14 -49.60 -17.85
N LYS F 1179 -96.06 -50.91 -17.99
CA LYS F 1179 -96.81 -51.53 -19.05
C LYS F 1179 -98.27 -51.08 -18.95
N PHE F 1180 -98.81 -50.99 -17.73
CA PHE F 1180 -100.22 -50.62 -17.57
C PHE F 1180 -100.40 -49.11 -17.57
N LEU F 1181 -99.30 -48.37 -17.46
CA LEU F 1181 -99.30 -46.92 -17.45
C LEU F 1181 -99.69 -46.34 -18.81
N ASN F 1182 -100.22 -45.12 -18.79
CA ASN F 1182 -100.58 -44.54 -20.07
C ASN F 1182 -99.40 -43.69 -20.55
N GLU F 1183 -99.41 -43.33 -21.83
CA GLU F 1183 -98.28 -42.58 -22.36
C GLU F 1183 -97.98 -41.29 -21.61
N ASP F 1184 -98.98 -40.59 -21.09
CA ASP F 1184 -98.71 -39.36 -20.34
C ASP F 1184 -97.96 -39.64 -19.05
N ASP F 1185 -98.39 -40.66 -18.30
CA ASP F 1185 -97.70 -41.01 -17.07
C ASP F 1185 -96.30 -41.49 -17.37
N LEU F 1186 -96.14 -42.25 -18.46
CA LEU F 1186 -94.82 -42.70 -18.87
C LEU F 1186 -93.92 -41.52 -19.19
N ASN F 1187 -94.45 -40.52 -19.90
CA ASN F 1187 -93.65 -39.33 -20.18
C ASN F 1187 -93.24 -38.62 -18.91
N ARG F 1188 -94.16 -38.49 -17.95
CA ARG F 1188 -93.81 -37.82 -16.70
C ARG F 1188 -92.71 -38.58 -15.98
N ILE F 1189 -92.83 -39.90 -15.94
CA ILE F 1189 -91.84 -40.76 -15.31
C ILE F 1189 -90.50 -40.66 -16.02
N THR F 1190 -90.56 -40.66 -17.36
CA THR F 1190 -89.35 -40.52 -18.16
C THR F 1190 -88.65 -39.20 -17.86
N LYS F 1191 -89.43 -38.13 -17.71
CA LYS F 1191 -88.82 -36.86 -17.35
C LYS F 1191 -88.14 -36.99 -15.99
N HIS F 1192 -88.81 -37.65 -15.04
CA HIS F 1192 -88.21 -37.82 -13.72
C HIS F 1192 -86.90 -38.60 -13.80
N PHE F 1193 -86.89 -39.67 -14.59
CA PHE F 1193 -85.71 -40.49 -14.75
C PHE F 1193 -84.62 -39.72 -15.47
N GLN F 1194 -84.99 -38.89 -16.45
CA GLN F 1194 -84.01 -38.03 -17.09
C GLN F 1194 -83.36 -37.17 -16.02
N SER F 1195 -84.17 -36.65 -15.08
CA SER F 1195 -83.64 -35.88 -13.97
C SER F 1195 -82.68 -36.76 -13.17
N ARG F 1196 -83.04 -38.04 -13.01
CA ARG F 1196 -82.22 -38.97 -12.25
C ARG F 1196 -80.87 -39.15 -12.94
N ILE F 1197 -80.89 -39.19 -14.27
CA ILE F 1197 -79.65 -39.32 -15.05
C ILE F 1197 -78.84 -38.05 -14.89
N GLY F 1198 -79.51 -36.90 -14.85
CA GLY F 1198 -78.82 -35.67 -14.52
C GLY F 1198 -78.14 -35.78 -13.17
N LYS F 1199 -78.82 -36.40 -12.21
CA LYS F 1199 -78.23 -36.68 -10.90
C LYS F 1199 -77.04 -37.62 -11.04
N ALA F 1200 -77.10 -38.53 -12.00
CA ALA F 1200 -75.97 -39.43 -12.26
C ALA F 1200 -74.77 -38.59 -12.67
N LYS F 1201 -75.03 -37.63 -13.56
CA LYS F 1201 -73.98 -36.72 -13.99
C LYS F 1201 -73.48 -35.94 -12.78
N GLU F 1202 -74.41 -35.53 -11.92
CA GLU F 1202 -74.06 -34.80 -10.70
C GLU F 1202 -73.12 -35.65 -9.83
N LEU F 1203 -73.40 -36.95 -9.73
CA LEU F 1203 -72.52 -37.83 -8.96
C LEU F 1203 -71.14 -37.88 -9.61
N ILE F 1204 -71.12 -37.95 -10.94
CA ILE F 1204 -69.84 -37.90 -11.66
C ILE F 1204 -69.09 -36.65 -11.25
N GLN F 1205 -69.77 -35.51 -11.24
CA GLN F 1205 -69.13 -34.25 -10.89
C GLN F 1205 -68.65 -34.26 -9.44
N LEU F 1206 -69.46 -34.82 -8.54
CA LEU F 1206 -69.16 -34.76 -7.11
C LEU F 1206 -68.05 -35.72 -6.71
N ARG F 1207 -67.96 -36.87 -7.35
CA ARG F 1207 -66.94 -37.86 -7.04
C ARG F 1207 -66.12 -38.27 -8.25
N ASN F 1208 -66.70 -38.28 -9.44
CA ASN F 1208 -66.07 -38.68 -10.68
C ASN F 1208 -65.77 -40.18 -10.72
N GLU F 1209 -64.50 -40.57 -10.90
CA GLU F 1209 -64.11 -41.97 -11.01
C GLU F 1209 -64.50 -42.48 -12.40
N GLY F 1210 -65.34 -41.74 -13.09
CA GLY F 1210 -65.80 -42.09 -14.42
C GLY F 1210 -67.27 -42.48 -14.34
N SER F 1211 -67.93 -42.43 -15.49
CA SER F 1211 -69.35 -42.78 -15.55
C SER F 1211 -69.54 -44.29 -15.43
N THR F 1212 -68.99 -44.91 -14.38
CA THR F 1212 -69.11 -46.36 -14.30
C THR F 1212 -70.56 -46.76 -14.10
N LEU F 1213 -70.87 -47.97 -14.55
CA LEU F 1213 -72.23 -48.50 -14.48
C LEU F 1213 -72.76 -48.58 -13.07
N HIS F 1214 -71.87 -48.72 -12.08
CA HIS F 1214 -72.29 -48.86 -10.69
C HIS F 1214 -73.01 -47.65 -10.13
N GLN F 1215 -72.52 -46.43 -10.37
CA GLN F 1215 -73.24 -45.28 -9.84
C GLN F 1215 -74.63 -45.19 -10.41
N VAL F 1216 -74.78 -45.35 -11.72
CA VAL F 1216 -76.10 -45.23 -12.34
C VAL F 1216 -77.03 -46.35 -11.88
N LEU F 1217 -76.48 -47.57 -11.75
CA LEU F 1217 -77.18 -48.75 -11.26
C LEU F 1217 -77.70 -48.74 -9.83
N LYS F 1218 -76.91 -48.37 -8.81
CA LYS F 1218 -77.46 -48.45 -7.45
C LYS F 1218 -77.53 -47.16 -6.66
N GLU F 1219 -76.71 -46.18 -6.98
CA GLU F 1219 -76.80 -44.89 -6.28
C GLU F 1219 -77.86 -43.99 -6.91
N VAL F 1220 -77.88 -43.89 -8.23
CA VAL F 1220 -78.78 -42.96 -8.92
C VAL F 1220 -80.22 -43.39 -8.72
N LEU F 1221 -80.45 -44.70 -8.73
CA LEU F 1221 -81.80 -45.27 -8.67
C LEU F 1221 -82.25 -45.56 -7.26
N ASP F 1222 -81.45 -45.20 -6.26
CA ASP F 1222 -81.76 -45.46 -4.85
C ASP F 1222 -82.86 -44.53 -4.38
N TYR F 1223 -84.02 -45.13 -4.11
CA TYR F 1223 -85.22 -44.34 -3.85
C TYR F 1223 -85.16 -43.66 -2.50
N ARG F 1224 -84.36 -44.19 -1.57
CA ARG F 1224 -84.30 -43.53 -0.28
C ARG F 1224 -83.86 -42.08 -0.41
N LYS F 1225 -83.10 -41.77 -1.47
CA LYS F 1225 -82.66 -40.41 -1.75
C LYS F 1225 -83.75 -39.55 -2.39
N TRP F 1226 -84.77 -40.18 -2.97
CA TRP F 1226 -85.83 -39.40 -3.58
C TRP F 1226 -86.68 -38.81 -2.48
N PHE F 1227 -86.75 -39.54 -1.37
CA PHE F 1227 -87.50 -39.17 -0.19
C PHE F 1227 -86.45 -38.73 0.81
N THR F 1228 -86.87 -37.98 1.80
CA THR F 1228 -86.02 -37.56 2.89
C THR F 1228 -86.82 -37.71 4.17
N PHE F 1229 -86.13 -37.90 5.29
CA PHE F 1229 -86.91 -38.00 6.52
C PHE F 1229 -87.08 -36.60 7.05
N VAL F 1230 -88.17 -36.44 7.78
CA VAL F 1230 -88.52 -35.21 8.45
C VAL F 1230 -89.17 -35.62 9.76
N LEU F 1231 -88.45 -35.39 10.84
CA LEU F 1231 -89.00 -35.69 12.14
C LEU F 1231 -89.89 -34.53 12.53
N SER F 1232 -90.93 -34.82 13.29
CA SER F 1232 -91.90 -33.79 13.64
C SER F 1232 -92.37 -34.02 15.06
N PHE F 1233 -92.56 -32.90 15.74
CA PHE F 1233 -93.01 -32.85 17.13
C PHE F 1233 -94.17 -31.87 17.25
N LYS F 1234 -95.04 -32.13 18.22
CA LYS F 1234 -96.22 -31.30 18.42
C LYS F 1234 -96.24 -31.12 19.92
N ARG F 1235 -95.63 -30.03 20.38
CA ARG F 1235 -95.64 -29.67 21.79
C ARG F 1235 -97.07 -29.41 22.24
N VAL F 1236 -97.25 -29.37 23.56
CA VAL F 1236 -98.58 -29.31 24.14
C VAL F 1236 -99.23 -28.06 23.55
N ASN F 1237 -100.41 -28.21 22.94
CA ASN F 1237 -101.17 -27.06 22.47
C ASN F 1237 -100.33 -26.18 21.55
N GLU F 1238 -99.62 -26.78 20.60
CA GLU F 1238 -98.82 -26.04 19.64
C GLU F 1238 -98.92 -26.68 18.26
N PRO F 1239 -98.63 -25.93 17.20
CA PRO F 1239 -98.87 -26.44 15.85
C PRO F 1239 -97.89 -27.57 15.56
N LYS F 1240 -98.29 -28.49 14.68
CA LYS F 1240 -97.35 -29.53 14.32
C LYS F 1240 -96.17 -28.90 13.61
N ARG F 1241 -94.98 -29.39 13.91
CA ARG F 1241 -93.73 -28.89 13.35
C ARG F 1241 -92.76 -30.02 13.07
N GLU F 1242 -91.85 -29.71 12.16
CA GLU F 1242 -90.74 -30.62 11.87
C GLU F 1242 -89.71 -30.31 12.95
N LEU F 1243 -89.00 -31.33 13.41
CA LEU F 1243 -88.15 -31.16 14.57
C LEU F 1243 -86.75 -30.71 14.18
N THR F 1244 -86.67 -29.39 14.03
CA THR F 1244 -85.45 -28.63 13.82
C THR F 1244 -84.75 -28.32 15.15
N ASN F 1245 -83.50 -27.90 15.02
CA ASN F 1245 -82.69 -27.52 16.17
C ASN F 1245 -83.41 -26.53 17.08
N ASN F 1246 -83.98 -25.45 16.53
CA ASN F 1246 -84.56 -24.41 17.38
C ASN F 1246 -85.61 -24.99 18.32
N ALA F 1247 -86.53 -25.81 17.78
CA ALA F 1247 -87.52 -26.41 18.65
C ALA F 1247 -86.83 -27.23 19.71
N PHE F 1248 -85.73 -27.88 19.33
CA PHE F 1248 -85.02 -28.71 20.28
C PHE F 1248 -84.49 -27.84 21.41
N PHE F 1249 -83.98 -26.66 21.07
CA PHE F 1249 -83.40 -25.81 22.08
C PHE F 1249 -84.50 -25.35 23.05
N LYS F 1250 -85.73 -25.22 22.54
CA LYS F 1250 -86.82 -24.84 23.41
C LYS F 1250 -87.18 -25.95 24.41
N PHE F 1251 -86.74 -27.19 24.14
CA PHE F 1251 -87.12 -28.30 24.99
C PHE F 1251 -86.49 -28.23 26.37
N SER F 1252 -87.15 -28.89 27.32
CA SER F 1252 -86.56 -29.16 28.62
C SER F 1252 -85.62 -30.34 28.46
N GLY F 1253 -84.91 -30.67 29.53
CA GLY F 1253 -83.98 -31.78 29.43
C GLY F 1253 -84.73 -33.04 29.07
N GLY F 1254 -85.82 -33.30 29.77
CA GLY F 1254 -86.66 -34.45 29.54
C GLY F 1254 -87.30 -34.45 28.17
N GLU F 1255 -87.72 -33.28 27.67
CA GLU F 1255 -88.27 -33.23 26.33
C GLU F 1255 -87.22 -33.65 25.31
N LYS F 1256 -85.99 -33.17 25.49
CA LYS F 1256 -84.91 -33.56 24.60
C LYS F 1256 -84.70 -35.07 24.64
N ALA F 1257 -84.65 -35.64 25.86
CA ALA F 1257 -84.44 -37.07 26.01
C ALA F 1257 -85.58 -37.86 25.36
N MET F 1258 -86.81 -37.43 25.60
CA MET F 1258 -88.00 -38.06 25.05
C MET F 1258 -87.95 -38.06 23.54
N ALA F 1259 -87.60 -36.92 22.93
CA ALA F 1259 -87.61 -36.82 21.49
C ALA F 1259 -86.64 -37.80 20.88
N MET F 1260 -85.50 -38.01 21.51
CA MET F 1260 -84.51 -38.91 20.92
C MET F 1260 -84.93 -40.36 21.15
N TYR F 1261 -85.50 -40.67 22.32
CA TYR F 1261 -85.59 -42.10 22.57
C TYR F 1261 -86.99 -42.71 22.48
N ILE F 1262 -88.06 -41.94 22.24
CA ILE F 1262 -89.34 -42.58 21.90
C ILE F 1262 -89.41 -42.96 20.43
N PRO F 1263 -89.05 -42.05 19.53
CA PRO F 1263 -89.09 -42.38 18.09
C PRO F 1263 -88.28 -43.61 17.73
N LEU F 1264 -87.11 -43.77 18.31
CA LEU F 1264 -86.27 -44.92 18.00
C LEU F 1264 -86.95 -46.22 18.42
N PHE F 1265 -87.41 -46.27 19.68
CA PHE F 1265 -88.07 -47.48 20.16
C PHE F 1265 -89.32 -47.75 19.34
N THR F 1266 -90.09 -46.71 19.03
CA THR F 1266 -91.30 -46.87 18.24
C THR F 1266 -90.95 -47.35 16.83
N ALA F 1267 -89.76 -46.99 16.36
CA ALA F 1267 -89.29 -47.50 15.08
C ALA F 1267 -89.05 -49.00 15.18
N ALA F 1268 -88.34 -49.43 16.22
CA ALA F 1268 -88.09 -50.85 16.39
C ALA F 1268 -89.40 -51.61 16.60
N TYR F 1269 -90.42 -50.89 17.08
CA TYR F 1269 -91.73 -51.49 17.25
C TYR F 1269 -92.51 -51.54 15.94
N SER F 1270 -92.36 -50.53 15.09
CA SER F 1270 -93.06 -50.60 13.80
C SER F 1270 -92.50 -51.74 12.96
N ARG F 1271 -91.17 -51.89 12.99
CA ARG F 1271 -90.48 -52.97 12.30
C ARG F 1271 -91.02 -54.32 12.74
N TYR F 1272 -91.21 -54.49 14.05
CA TYR F 1272 -91.60 -55.74 14.68
C TYR F 1272 -92.91 -56.26 14.13
N LYS F 1273 -93.84 -55.41 13.69
CA LYS F 1273 -95.08 -55.92 13.15
C LYS F 1273 -94.82 -56.87 11.98
N GLU F 1274 -93.69 -56.72 11.29
CA GLU F 1274 -93.21 -57.66 10.27
C GLU F 1274 -92.85 -59.04 10.81
N ALA F 1275 -92.52 -59.15 12.09
CA ALA F 1275 -92.03 -60.39 12.67
C ALA F 1275 -93.21 -61.32 12.97
N GLY F 1276 -92.91 -62.52 13.47
CA GLY F 1276 -93.97 -63.43 13.81
C GLY F 1276 -94.59 -63.08 15.15
N GLU F 1277 -95.54 -63.91 15.57
CA GLU F 1277 -96.21 -63.62 16.84
C GLU F 1277 -95.42 -64.15 18.02
N MET F 1278 -94.37 -64.92 17.75
CA MET F 1278 -93.51 -65.45 18.80
C MET F 1278 -92.35 -64.52 19.14
N ALA F 1279 -92.10 -63.50 18.32
CA ALA F 1279 -90.87 -62.73 18.36
C ALA F 1279 -90.87 -61.85 19.61
N PRO F 1280 -89.77 -61.80 20.36
CA PRO F 1280 -89.70 -60.83 21.46
C PRO F 1280 -89.18 -59.46 21.07
N TYR F 1281 -89.97 -58.43 21.35
CA TYR F 1281 -89.64 -57.08 20.93
C TYR F 1281 -88.48 -56.58 21.77
N ILE F 1282 -87.30 -56.63 21.16
CA ILE F 1282 -86.01 -56.33 21.76
C ILE F 1282 -85.57 -54.93 21.42
N ILE F 1283 -84.90 -54.30 22.37
CA ILE F 1283 -84.16 -53.08 22.13
C ILE F 1283 -82.86 -53.17 22.91
N SER F 1284 -81.90 -52.34 22.52
CA SER F 1284 -80.63 -52.27 23.22
C SER F 1284 -80.14 -50.83 23.31
N LEU F 1285 -79.17 -50.63 24.19
CA LEU F 1285 -78.59 -49.31 24.39
C LEU F 1285 -77.20 -49.45 24.96
N ASP F 1286 -76.23 -48.83 24.29
CA ASP F 1286 -74.85 -48.82 24.78
C ASP F 1286 -74.62 -47.46 25.42
N GLU F 1287 -73.93 -47.43 26.56
CA GLU F 1287 -73.80 -46.19 27.32
C GLU F 1287 -75.20 -45.55 27.43
N ALA F 1288 -76.09 -46.29 28.08
CA ALA F 1288 -77.50 -45.98 28.08
C ALA F 1288 -77.77 -44.50 28.34
N PHE F 1289 -78.42 -43.88 27.34
CA PHE F 1289 -79.01 -42.56 27.44
C PHE F 1289 -77.95 -41.52 27.80
N ALA F 1290 -77.03 -41.32 26.86
CA ALA F 1290 -76.00 -40.30 26.98
C ALA F 1290 -76.57 -38.90 27.20
N GLY F 1291 -76.11 -38.24 28.25
CA GLY F 1291 -76.60 -36.95 28.69
C GLY F 1291 -78.06 -36.82 29.06
N VAL F 1292 -78.86 -37.89 28.96
CA VAL F 1292 -80.24 -37.77 29.40
C VAL F 1292 -80.30 -37.51 30.90
N ASP F 1293 -81.08 -36.50 31.28
CA ASP F 1293 -81.25 -36.12 32.68
C ASP F 1293 -81.85 -37.26 33.50
N GLU F 1294 -81.25 -37.48 34.69
CA GLU F 1294 -81.55 -38.69 35.46
C GLU F 1294 -83.06 -38.92 35.59
N ASN F 1295 -83.84 -37.83 35.60
CA ASN F 1295 -85.27 -38.00 35.84
C ASN F 1295 -85.86 -38.68 34.63
N ASN F 1296 -85.37 -38.35 33.46
CA ASN F 1296 -86.16 -38.92 32.42
C ASN F 1296 -85.58 -40.27 32.13
N ILE F 1297 -84.36 -40.59 32.60
CA ILE F 1297 -83.94 -41.97 32.43
C ILE F 1297 -84.96 -42.81 33.17
N ARG F 1298 -85.44 -42.26 34.31
CA ARG F 1298 -86.52 -42.87 35.06
C ARG F 1298 -87.75 -43.05 34.19
N ASP F 1299 -88.08 -41.98 33.46
CA ASP F 1299 -89.26 -42.00 32.60
C ASP F 1299 -89.10 -43.02 31.48
N MET F 1300 -87.91 -43.09 30.91
CA MET F 1300 -87.62 -44.07 29.90
C MET F 1300 -87.81 -45.49 30.41
N PHE F 1301 -87.29 -45.79 31.61
CA PHE F 1301 -87.50 -47.13 32.14
C PHE F 1301 -88.97 -47.44 32.42
N GLU F 1302 -89.75 -46.47 32.92
CA GLU F 1302 -91.20 -46.71 33.06
C GLU F 1302 -91.83 -47.00 31.70
N VAL F 1303 -91.43 -46.22 30.69
CA VAL F 1303 -91.93 -46.32 29.32
C VAL F 1303 -91.61 -47.69 28.73
N VAL F 1304 -90.39 -48.16 28.91
CA VAL F 1304 -90.02 -49.45 28.33
C VAL F 1304 -90.93 -50.54 28.87
N GLU F 1305 -91.34 -50.43 30.13
CA GLU F 1305 -92.32 -51.38 30.63
C GLU F 1305 -93.62 -51.30 29.86
N GLN F 1306 -94.13 -50.08 29.60
CA GLN F 1306 -95.40 -49.96 28.90
C GLN F 1306 -95.34 -50.57 27.50
N LEU F 1307 -94.30 -50.24 26.73
CA LEU F 1307 -94.20 -50.82 25.38
C LEU F 1307 -94.01 -52.33 25.46
N GLY F 1308 -93.30 -52.79 26.49
CA GLY F 1308 -93.08 -54.21 26.74
C GLY F 1308 -91.82 -54.77 26.10
N PHE F 1309 -90.70 -54.05 26.18
CA PHE F 1309 -89.48 -54.55 25.54
C PHE F 1309 -88.69 -55.47 26.48
N ASN F 1310 -87.95 -56.39 25.89
CA ASN F 1310 -86.86 -57.11 26.55
C ASN F 1310 -85.51 -56.64 26.01
N TYR F 1311 -84.56 -56.36 26.89
CA TYR F 1311 -83.39 -55.64 26.43
C TYR F 1311 -82.17 -56.11 27.22
N ILE F 1312 -81.00 -55.84 26.64
CA ILE F 1312 -79.71 -56.01 27.30
C ILE F 1312 -78.96 -54.68 27.22
N MET F 1313 -78.76 -54.03 28.36
CA MET F 1313 -78.15 -52.71 28.38
C MET F 1313 -76.84 -52.75 29.16
N ASN F 1314 -75.86 -51.99 28.67
CA ASN F 1314 -74.54 -51.87 29.27
C ASN F 1314 -74.19 -50.40 29.43
N SER F 1315 -73.43 -50.07 30.47
CA SER F 1315 -73.11 -48.68 30.73
C SER F 1315 -71.88 -48.62 31.62
N GLN F 1316 -71.23 -47.46 31.65
CA GLN F 1316 -70.08 -47.29 32.52
C GLN F 1316 -70.42 -46.74 33.91
N ALA F 1317 -71.50 -45.96 34.07
CA ALA F 1317 -71.78 -45.36 35.37
C ALA F 1317 -73.24 -45.58 35.78
N LEU F 1318 -74.11 -45.93 34.83
CA LEU F 1318 -75.51 -46.20 35.11
C LEU F 1318 -75.56 -47.40 36.05
N TRP F 1319 -76.34 -47.29 37.10
CA TRP F 1319 -76.44 -48.39 38.05
C TRP F 1319 -77.80 -49.06 37.98
N GLY F 1320 -78.79 -48.44 37.35
CA GLY F 1320 -80.08 -49.09 37.22
C GLY F 1320 -80.75 -49.41 38.54
N ASP F 1321 -80.71 -48.50 39.50
CA ASP F 1321 -81.42 -48.71 40.76
C ASP F 1321 -82.63 -47.79 40.85
N TYR F 1322 -83.30 -47.59 39.72
CA TYR F 1322 -84.47 -46.72 39.67
C TYR F 1322 -85.75 -47.53 39.89
N ASP F 1323 -86.66 -46.98 40.69
CA ASP F 1323 -87.83 -47.70 41.17
C ASP F 1323 -88.78 -48.08 40.03
N THR F 1324 -88.58 -47.50 38.84
CA THR F 1324 -89.45 -47.83 37.71
C THR F 1324 -89.10 -49.17 37.07
N ILE F 1325 -87.94 -49.76 37.37
CA ILE F 1325 -87.58 -51.04 36.80
C ILE F 1325 -88.25 -52.15 37.60
N SER F 1326 -89.27 -52.79 37.02
CA SER F 1326 -89.98 -53.82 37.77
C SER F 1326 -89.05 -54.93 38.21
N SER F 1327 -88.23 -55.46 37.29
CA SER F 1327 -87.26 -56.48 37.64
C SER F 1327 -86.11 -56.40 36.64
N LEU F 1328 -84.91 -56.76 37.10
CA LEU F 1328 -83.74 -56.62 36.26
C LEU F 1328 -82.58 -57.43 36.81
N SER F 1329 -81.71 -57.89 35.93
CA SER F 1329 -80.52 -58.63 36.33
C SER F 1329 -79.28 -57.83 35.96
N ILE F 1330 -78.40 -57.62 36.93
CA ILE F 1330 -77.19 -56.83 36.72
C ILE F 1330 -75.99 -57.76 36.89
N CYS F 1331 -75.10 -57.75 35.91
CA CYS F 1331 -73.83 -58.47 35.94
C CYS F 1331 -72.70 -57.46 35.89
N GLU F 1332 -71.68 -57.63 36.73
CA GLU F 1332 -70.56 -56.71 36.77
C GLU F 1332 -69.28 -57.34 36.27
N LEU F 1333 -68.72 -56.73 35.22
CA LEU F 1333 -67.47 -57.16 34.58
C LEU F 1333 -66.30 -56.37 35.14
N VAL F 1334 -65.14 -57.03 35.17
CA VAL F 1334 -63.90 -56.49 35.69
C VAL F 1334 -62.78 -57.12 34.87
N ARG F 1335 -61.98 -56.29 34.20
CA ARG F 1335 -60.77 -56.83 33.60
C ARG F 1335 -59.65 -55.79 33.47
N PRO F 1336 -58.60 -55.87 34.32
CA PRO F 1336 -57.77 -54.69 34.62
C PRO F 1336 -57.02 -54.04 33.45
N LYS F 1337 -57.69 -53.24 32.62
CA LYS F 1337 -57.02 -52.47 31.57
C LYS F 1337 -56.24 -53.27 30.53
N ASN F 1338 -56.92 -54.01 29.65
CA ASN F 1338 -56.27 -55.00 28.76
C ASN F 1338 -55.67 -56.16 29.56
N ALA F 1339 -56.56 -56.86 30.26
CA ALA F 1339 -56.33 -58.03 31.08
C ALA F 1339 -57.05 -59.21 30.44
N ASP F 1340 -56.48 -60.41 30.52
CA ASP F 1340 -57.06 -61.51 29.77
C ASP F 1340 -58.13 -62.29 30.56
N PHE F 1341 -58.52 -61.84 31.74
CA PHE F 1341 -59.54 -62.58 32.48
C PHE F 1341 -60.63 -61.59 32.92
N VAL F 1342 -61.89 -61.96 32.70
CA VAL F 1342 -63.04 -61.17 33.13
C VAL F 1342 -63.57 -61.72 34.46
N THR F 1343 -63.71 -60.85 35.45
CA THR F 1343 -64.26 -61.27 36.74
C THR F 1343 -65.70 -60.80 36.83
N VAL F 1344 -66.64 -61.73 36.98
CA VAL F 1344 -68.06 -61.38 36.95
C VAL F 1344 -68.65 -61.45 38.35
N ILE F 1345 -69.21 -60.32 38.81
CA ILE F 1345 -69.88 -60.25 40.10
C ILE F 1345 -71.34 -59.95 39.84
N ARG F 1346 -72.19 -60.97 39.90
CA ARG F 1346 -73.54 -60.79 39.40
C ARG F 1346 -74.45 -60.32 40.51
N TYR F 1347 -75.03 -59.14 40.31
CA TYR F 1347 -75.99 -58.57 41.23
C TYR F 1347 -77.36 -58.76 40.60
N GLN F 1348 -78.35 -58.17 41.24
CA GLN F 1348 -79.74 -58.19 40.78
C GLN F 1348 -80.42 -56.94 41.31
N TRP F 1349 -81.56 -56.56 40.77
CA TRP F 1349 -82.25 -55.38 41.23
C TRP F 1349 -83.71 -55.69 41.17
N ASP F 1350 -84.22 -56.09 42.32
CA ASP F 1350 -85.60 -56.47 42.47
C ASP F 1350 -86.50 -55.52 41.70
N GLY F 1351 -86.60 -54.28 42.13
CA GLY F 1351 -87.44 -53.37 41.41
C GLY F 1351 -88.80 -53.18 42.04
N LYS F 1352 -89.06 -52.05 42.68
CA LYS F 1352 -90.35 -51.90 43.35
C LYS F 1352 -91.04 -50.59 42.92
N GLN F 1353 -91.81 -50.67 41.84
CA GLN F 1353 -92.44 -49.48 41.30
C GLN F 1353 -93.28 -48.95 42.45
N ARG F 1354 -93.65 -47.68 42.42
CA ARG F 1354 -94.33 -47.14 43.60
C ARG F 1354 -95.75 -46.74 43.28
N THR F 1355 -96.61 -46.90 44.29
CA THR F 1355 -98.02 -46.58 44.23
C THR F 1355 -98.21 -45.11 44.57
N PHE F 1356 -97.63 -44.24 43.74
CA PHE F 1356 -97.92 -42.82 43.79
C PHE F 1356 -99.14 -42.47 42.92
N GLN G 5 -59.94 -36.50 -3.58
CA GLN G 5 -60.24 -35.82 -2.32
C GLN G 5 -61.70 -35.38 -2.30
N THR G 6 -62.26 -35.24 -1.10
CA THR G 6 -63.67 -34.91 -0.92
C THR G 6 -63.81 -33.83 0.15
N GLN G 7 -64.90 -33.08 0.07
CA GLN G 7 -65.20 -31.97 0.96
C GLN G 7 -66.71 -31.84 1.06
N LEU G 8 -67.17 -31.23 2.15
CA LEU G 8 -68.58 -31.02 2.38
C LEU G 8 -68.82 -29.62 2.93
N PHE G 9 -69.98 -29.08 2.59
CA PHE G 9 -70.38 -27.76 3.04
C PHE G 9 -70.71 -27.76 4.53
N ASP G 10 -69.91 -27.05 5.30
CA ASP G 10 -70.03 -27.07 6.76
C ASP G 10 -69.97 -25.64 7.29
N GLU G 11 -69.81 -25.53 8.61
CA GLU G 11 -69.73 -24.22 9.26
C GLU G 11 -68.67 -23.36 8.59
N LYS G 12 -67.52 -23.94 8.28
CA LYS G 12 -66.44 -23.18 7.66
C LYS G 12 -66.87 -22.61 6.32
N ALA G 13 -67.56 -23.40 5.51
CA ALA G 13 -67.98 -22.90 4.21
C ALA G 13 -68.98 -21.77 4.35
N ILE G 14 -69.93 -21.90 5.28
CA ILE G 14 -70.90 -20.84 5.49
C ILE G 14 -70.20 -19.56 5.91
N GLN G 15 -69.32 -19.68 6.91
CA GLN G 15 -68.59 -18.51 7.40
C GLN G 15 -67.71 -17.88 6.32
N GLY G 16 -66.99 -18.68 5.54
CA GLY G 16 -66.17 -18.09 4.50
C GLY G 16 -67.00 -17.35 3.48
N MET G 17 -68.13 -17.96 3.10
CA MET G 17 -69.02 -17.32 2.15
C MET G 17 -69.58 -16.01 2.69
N ASP G 18 -70.04 -16.03 3.95
CA ASP G 18 -70.58 -14.83 4.57
C ASP G 18 -69.52 -13.73 4.70
N ILE G 19 -68.32 -14.09 5.13
CA ILE G 19 -67.25 -13.12 5.29
C ILE G 19 -66.93 -12.48 3.94
N LEU G 20 -66.94 -13.31 2.90
CA LEU G 20 -66.70 -12.82 1.56
C LEU G 20 -67.76 -11.81 1.17
N PHE G 21 -69.01 -12.12 1.47
CA PHE G 21 -70.13 -11.26 1.10
C PHE G 21 -70.03 -9.90 1.77
N HIS G 22 -69.80 -9.84 3.08
CA HIS G 22 -70.01 -8.59 3.78
C HIS G 22 -68.85 -7.63 3.59
N HIS G 23 -67.83 -8.02 2.82
CA HIS G 23 -66.76 -7.12 2.41
C HIS G 23 -66.64 -7.14 0.89
N TYR G 24 -66.08 -6.06 0.32
CA TYR G 24 -65.86 -6.08 -1.12
C TYR G 24 -64.85 -7.17 -1.49
N TRP G 25 -63.73 -7.27 -0.78
CA TRP G 25 -62.81 -8.37 -1.04
C TRP G 25 -61.99 -8.53 0.23
N ILE G 26 -61.32 -9.68 0.31
CA ILE G 26 -60.50 -10.05 1.45
C ILE G 26 -59.05 -10.14 1.01
N LEU G 27 -58.17 -9.48 1.76
CA LEU G 27 -56.76 -9.40 1.46
C LEU G 27 -55.98 -10.38 2.30
N ARG G 28 -55.09 -11.10 1.63
CA ARG G 28 -54.20 -12.07 2.28
C ARG G 28 -53.34 -11.38 3.31
N ALA G 29 -52.79 -10.23 2.96
CA ALA G 29 -51.80 -9.58 3.82
C ALA G 29 -52.39 -9.16 5.15
N GLU G 30 -53.71 -8.97 5.25
CA GLU G 30 -54.28 -8.50 6.51
C GLU G 30 -55.21 -9.51 7.13
N GLN G 31 -55.79 -10.41 6.35
CA GLN G 31 -56.80 -11.34 6.86
C GLN G 31 -56.40 -12.78 6.53
N PRO G 32 -55.15 -13.14 6.79
CA PRO G 32 -54.66 -14.45 6.31
C PRO G 32 -55.49 -15.63 6.77
N GLU G 33 -56.04 -15.58 7.99
CA GLU G 33 -56.86 -16.69 8.49
C GLU G 33 -58.11 -16.91 7.65
N TRP G 34 -58.89 -15.85 7.40
CA TRP G 34 -60.10 -16.02 6.60
C TRP G 34 -59.73 -16.46 5.19
N TYR G 35 -58.66 -15.90 4.63
CA TYR G 35 -58.23 -16.26 3.28
C TYR G 35 -57.91 -17.75 3.21
N GLN G 36 -57.17 -18.26 4.19
CA GLN G 36 -56.85 -19.68 4.21
C GLN G 36 -58.12 -20.52 4.37
N LEU G 37 -59.02 -20.07 5.26
CA LEU G 37 -60.26 -20.78 5.52
C LEU G 37 -61.03 -20.90 4.22
N ILE G 38 -61.12 -19.80 3.49
CA ILE G 38 -61.85 -19.79 2.24
C ILE G 38 -61.17 -20.77 1.30
N ARG G 39 -59.84 -20.81 1.32
CA ARG G 39 -59.08 -21.62 0.38
C ARG G 39 -59.37 -23.11 0.57
N GLU G 40 -59.53 -23.60 1.79
CA GLU G 40 -59.71 -25.05 1.93
C GLU G 40 -60.97 -25.52 1.19
N ARG G 41 -62.07 -24.77 1.31
CA ARG G 41 -63.30 -25.15 0.62
C ARG G 41 -63.42 -24.57 -0.78
N GLU G 42 -62.38 -23.92 -1.30
CA GLU G 42 -62.53 -23.16 -2.53
C GLU G 42 -63.08 -23.99 -3.69
N LYS G 43 -62.78 -25.29 -3.70
CA LYS G 43 -63.30 -26.16 -4.76
C LYS G 43 -64.82 -26.22 -4.73
N VAL G 44 -65.39 -26.54 -3.57
CA VAL G 44 -66.84 -26.66 -3.48
C VAL G 44 -67.48 -25.30 -3.70
N LEU G 45 -66.87 -24.26 -3.14
CA LEU G 45 -67.40 -22.91 -3.31
C LEU G 45 -67.45 -22.47 -4.77
N ARG G 46 -66.40 -22.72 -5.54
CA ARG G 46 -66.46 -22.30 -6.94
C ARG G 46 -67.62 -22.98 -7.67
N ARG G 47 -67.72 -24.30 -7.54
CA ARG G 47 -68.81 -25.01 -8.18
C ARG G 47 -70.14 -24.45 -7.73
N TYR G 48 -70.31 -24.32 -6.41
CA TYR G 48 -71.56 -23.91 -5.80
C TYR G 48 -71.95 -22.50 -6.22
N LEU G 49 -70.98 -21.57 -6.23
CA LEU G 49 -71.29 -20.20 -6.62
C LEU G 49 -71.83 -20.21 -8.03
N ASP G 50 -71.21 -21.00 -8.89
CA ASP G 50 -71.63 -21.11 -10.28
C ASP G 50 -73.03 -21.69 -10.34
N GLU G 51 -73.28 -22.74 -9.55
CA GLU G 51 -74.55 -23.44 -9.61
C GLU G 51 -75.69 -22.53 -9.19
N LYS G 52 -75.51 -21.79 -8.09
CA LYS G 52 -76.65 -21.08 -7.55
C LYS G 52 -76.72 -19.64 -8.05
N PHE G 53 -75.64 -18.88 -7.89
CA PHE G 53 -75.56 -17.50 -8.32
C PHE G 53 -75.07 -17.33 -9.76
N GLY G 54 -74.04 -18.09 -10.13
CA GLY G 54 -73.33 -17.92 -11.39
C GLY G 54 -72.16 -16.95 -11.34
N LEU G 55 -71.86 -16.39 -10.17
CA LEU G 55 -70.69 -15.53 -10.00
C LEU G 55 -69.37 -16.29 -10.14
N ARG G 56 -68.40 -15.58 -10.71
CA ARG G 56 -67.00 -15.98 -10.92
C ARG G 56 -66.10 -15.61 -9.74
N LEU G 57 -65.51 -16.65 -9.11
CA LEU G 57 -64.53 -16.45 -8.05
C LEU G 57 -63.10 -16.29 -8.54
N ILE G 58 -62.51 -15.14 -8.22
CA ILE G 58 -61.14 -14.83 -8.58
C ILE G 58 -60.30 -15.04 -7.34
N VAL G 59 -59.41 -15.99 -7.39
CA VAL G 59 -58.49 -16.27 -6.29
C VAL G 59 -57.09 -15.88 -6.73
N HIS G 60 -56.43 -15.05 -5.92
CA HIS G 60 -55.16 -14.47 -6.29
C HIS G 60 -54.17 -14.59 -5.15
N GLN G 61 -52.92 -14.22 -5.42
CA GLN G 61 -51.86 -14.28 -4.43
C GLN G 61 -52.15 -13.29 -3.32
N HIS G 62 -52.65 -12.10 -3.68
CA HIS G 62 -52.86 -11.02 -2.73
C HIS G 62 -54.30 -10.87 -2.26
N PHE G 63 -55.28 -11.48 -2.95
CA PHE G 63 -56.67 -11.22 -2.63
C PHE G 63 -57.59 -12.32 -3.17
N ILE G 64 -58.81 -12.34 -2.64
CA ILE G 64 -59.90 -13.16 -3.17
C ILE G 64 -61.12 -12.27 -3.35
N LYS G 65 -61.81 -12.39 -4.49
CA LYS G 65 -62.87 -11.44 -4.80
C LYS G 65 -64.03 -12.08 -5.56
N LEU G 66 -65.24 -11.72 -5.14
CA LEU G 66 -66.50 -12.11 -5.78
C LEU G 66 -67.24 -10.91 -6.34
N GLU G 67 -67.37 -10.84 -7.67
CA GLU G 67 -67.98 -9.67 -8.25
C GLU G 67 -69.46 -9.81 -7.92
N LYS G 68 -69.86 -9.36 -6.73
CA LYS G 68 -71.24 -9.53 -6.30
C LYS G 68 -72.01 -8.55 -7.15
N ILE G 69 -72.40 -9.03 -8.32
CA ILE G 69 -73.16 -8.25 -9.29
C ILE G 69 -74.65 -8.47 -9.06
N PRO G 70 -75.42 -7.42 -8.79
CA PRO G 70 -76.83 -7.61 -8.46
C PRO G 70 -77.64 -7.82 -9.73
N VAL G 71 -78.82 -8.38 -9.54
CA VAL G 71 -79.72 -8.58 -10.68
C VAL G 71 -80.20 -7.23 -11.18
N GLU G 72 -80.61 -6.35 -10.28
CA GLU G 72 -80.99 -4.99 -10.65
C GLU G 72 -80.41 -4.08 -9.58
N PRO G 73 -79.44 -3.23 -9.95
CA PRO G 73 -78.74 -2.42 -8.95
C PRO G 73 -79.68 -1.52 -8.18
N GLU G 74 -79.35 -1.31 -6.91
CA GLU G 74 -80.18 -0.51 -6.02
C GLU G 74 -79.29 0.46 -5.26
N GLY G 75 -79.86 1.59 -4.84
CA GLY G 75 -79.07 2.69 -4.33
C GLY G 75 -78.22 2.29 -3.13
N TRP G 76 -78.77 1.48 -2.23
CA TRP G 76 -78.06 1.15 -1.00
C TRP G 76 -76.83 0.31 -1.28
N MET G 77 -76.76 -0.35 -2.43
CA MET G 77 -75.67 -1.26 -2.70
C MET G 77 -74.35 -0.52 -2.78
N GLY G 78 -74.35 0.66 -3.39
CA GLY G 78 -73.14 1.39 -3.70
C GLY G 78 -72.38 1.78 -2.45
N ILE G 79 -71.15 2.23 -2.66
CA ILE G 79 -70.34 2.68 -1.53
C ILE G 79 -71.10 3.79 -0.84
N GLN G 80 -71.48 3.55 0.41
CA GLN G 80 -72.40 4.46 1.06
C GLN G 80 -71.69 5.69 1.59
N ASP G 81 -70.42 5.57 1.95
CA ASP G 81 -69.71 6.73 2.47
C ASP G 81 -69.74 7.86 1.45
N PHE G 82 -69.94 7.53 0.18
CA PHE G 82 -70.01 8.57 -0.83
C PHE G 82 -71.42 9.12 -0.90
N GLN G 83 -71.53 10.43 -1.15
CA GLN G 83 -72.82 11.11 -1.13
C GLN G 83 -73.16 11.90 -2.39
N GLU G 84 -72.20 12.16 -3.26
CA GLU G 84 -72.48 12.91 -4.48
C GLU G 84 -71.82 12.25 -5.68
N PRO G 85 -72.30 12.55 -6.88
CA PRO G 85 -71.61 12.06 -8.07
C PRO G 85 -70.17 12.51 -8.11
N MET G 86 -69.89 13.73 -7.66
CA MET G 86 -68.53 14.23 -7.68
C MET G 86 -67.59 13.31 -6.93
N ASP G 87 -68.08 12.68 -5.85
CA ASP G 87 -67.25 11.74 -5.12
C ASP G 87 -66.86 10.56 -5.98
N TYR G 88 -67.82 10.00 -6.71
CA TYR G 88 -67.54 8.90 -7.62
C TYR G 88 -66.61 9.32 -8.73
N ALA G 89 -66.80 10.53 -9.26
CA ALA G 89 -65.95 11.02 -10.32
C ALA G 89 -64.52 11.11 -9.83
N ILE G 90 -64.34 11.61 -8.61
CA ILE G 90 -62.99 11.72 -8.06
C ILE G 90 -62.44 10.33 -7.82
N PHE G 91 -63.29 9.39 -7.43
CA PHE G 91 -62.84 8.01 -7.26
C PHE G 91 -62.32 7.44 -8.57
N CYS G 92 -63.08 7.61 -9.64
CA CYS G 92 -62.67 7.11 -10.95
C CYS G 92 -61.38 7.80 -11.38
N CYS G 93 -61.27 9.10 -11.13
CA CYS G 93 -60.05 9.81 -11.49
C CYS G 93 -58.89 9.25 -10.70
N ALA G 94 -59.10 8.94 -9.42
CA ALA G 94 -58.06 8.34 -8.61
C ALA G 94 -57.64 6.99 -9.17
N LEU G 95 -58.62 6.20 -9.60
CA LEU G 95 -58.29 4.94 -10.26
C LEU G 95 -57.40 5.20 -11.47
N ALA G 96 -57.84 6.12 -12.33
CA ALA G 96 -57.05 6.49 -13.50
C ALA G 96 -55.64 6.89 -13.09
N PHE G 97 -55.54 7.61 -11.97
CA PHE G 97 -54.23 7.99 -11.45
C PHE G 97 -53.42 6.78 -11.09
N LEU G 98 -54.05 5.82 -10.43
CA LEU G 98 -53.29 4.66 -9.99
C LEU G 98 -52.82 3.86 -11.19
N GLU G 99 -53.55 3.94 -12.30
CA GLU G 99 -53.04 3.31 -13.52
C GLU G 99 -51.71 3.92 -13.94
N GLY G 100 -51.45 5.16 -13.55
CA GLY G 100 -50.23 5.82 -13.92
C GLY G 100 -49.08 5.60 -12.97
N LYS G 101 -49.30 4.96 -11.83
CA LYS G 101 -48.26 4.78 -10.84
C LYS G 101 -47.79 3.33 -10.81
N ALA G 102 -46.48 3.14 -10.83
CA ALA G 102 -45.91 1.82 -10.72
C ALA G 102 -46.06 1.27 -9.30
N VAL G 103 -46.01 -0.05 -9.18
CA VAL G 103 -46.16 -0.69 -7.88
C VAL G 103 -45.09 -0.15 -6.92
N ASP G 104 -45.48 0.10 -5.68
CA ASP G 104 -44.60 0.65 -4.65
C ASP G 104 -44.07 2.01 -5.00
N GLU G 105 -44.59 2.65 -6.04
CA GLU G 105 -44.29 4.04 -6.35
C GLU G 105 -44.83 4.98 -5.29
N GLN G 106 -44.13 6.08 -5.07
CA GLN G 106 -44.48 7.04 -4.04
C GLN G 106 -44.92 8.32 -4.73
N PHE G 107 -46.08 8.84 -4.33
CA PHE G 107 -46.60 10.05 -4.93
C PHE G 107 -47.13 11.03 -3.89
N LEU G 108 -47.08 12.31 -4.23
CA LEU G 108 -47.52 13.38 -3.35
C LEU G 108 -49.01 13.64 -3.53
N LEU G 109 -49.65 14.10 -2.46
CA LEU G 109 -51.08 14.38 -2.54
C LEU G 109 -51.34 15.45 -3.59
N SER G 110 -50.41 16.40 -3.73
CA SER G 110 -50.54 17.48 -4.70
C SER G 110 -50.52 16.97 -6.12
N GLU G 111 -49.67 15.99 -6.42
CA GLU G 111 -49.64 15.45 -7.77
C GLU G 111 -50.98 14.81 -8.07
N LEU G 112 -51.53 14.07 -7.10
CA LEU G 112 -52.82 13.46 -7.32
C LEU G 112 -53.92 14.49 -7.55
N CYS G 113 -53.95 15.55 -6.74
CA CYS G 113 -54.96 16.58 -6.94
C CYS G 113 -54.81 17.26 -8.29
N GLN G 114 -53.58 17.61 -8.66
CA GLN G 114 -53.34 18.28 -9.93
C GLN G 114 -53.73 17.39 -11.09
N GLU G 115 -53.30 16.13 -11.05
CA GLU G 115 -53.61 15.22 -12.14
C GLU G 115 -55.09 14.98 -12.26
N ILE G 116 -55.78 14.83 -11.12
CA ILE G 116 -57.22 14.63 -11.18
C ILE G 116 -57.89 15.85 -11.79
N GLN G 117 -57.47 17.04 -11.39
CA GLN G 117 -58.04 18.25 -11.97
C GLN G 117 -57.79 18.32 -13.47
N ALA G 118 -56.58 17.99 -13.90
CA ALA G 118 -56.22 18.07 -15.32
C ALA G 118 -57.04 17.07 -16.12
N ASP G 119 -57.11 15.83 -15.65
CA ASP G 119 -57.72 14.74 -16.40
C ASP G 119 -59.24 14.80 -16.37
N TYR G 120 -59.82 15.36 -15.31
CA TYR G 120 -61.25 15.26 -15.06
C TYR G 120 -62.06 15.48 -16.35
N PRO G 121 -62.78 14.47 -16.83
CA PRO G 121 -63.28 14.54 -18.21
C PRO G 121 -64.58 15.32 -18.36
N GLY G 122 -65.18 15.81 -17.28
CA GLY G 122 -66.45 16.50 -17.37
C GLY G 122 -66.34 17.85 -18.05
N ASP G 123 -67.48 18.33 -18.55
CA ASP G 123 -67.57 19.69 -19.07
C ASP G 123 -67.37 20.76 -18.00
N PHE G 124 -67.79 20.52 -16.75
CA PHE G 124 -67.73 21.53 -15.71
C PHE G 124 -66.49 21.30 -14.87
N PRO G 125 -65.54 22.24 -14.85
CA PRO G 125 -64.27 21.95 -14.20
C PRO G 125 -64.40 21.77 -12.69
N LEU G 126 -63.56 20.89 -12.16
CA LEU G 126 -63.31 20.66 -10.74
C LEU G 126 -62.25 21.63 -10.22
N ASP G 127 -62.54 22.31 -9.10
CA ASP G 127 -61.66 23.37 -8.62
C ASP G 127 -61.35 23.02 -7.17
N TRP G 128 -60.07 23.12 -6.80
CA TRP G 128 -59.67 22.71 -5.45
C TRP G 128 -59.73 23.84 -4.44
N THR G 129 -59.91 25.07 -4.89
CA THR G 129 -59.99 26.17 -3.93
C THR G 129 -61.26 26.09 -3.10
N LEU G 130 -62.28 25.40 -3.60
CA LEU G 130 -63.54 25.28 -2.91
C LEU G 130 -63.39 24.28 -1.77
N TYR G 131 -64.33 24.35 -0.81
CA TYR G 131 -64.38 23.34 0.25
C TYR G 131 -65.00 22.03 -0.23
N THR G 132 -66.12 22.10 -0.96
CA THR G 132 -66.84 20.88 -1.32
C THR G 132 -65.99 19.95 -2.17
N HIS G 133 -65.22 20.51 -3.11
CA HIS G 133 -64.37 19.66 -3.93
C HIS G 133 -63.35 18.95 -3.06
N ARG G 134 -62.77 19.69 -2.12
CA ARG G 134 -61.78 19.11 -1.20
C ARG G 134 -62.42 18.04 -0.34
N LYS G 135 -63.64 18.27 0.14
CA LYS G 135 -64.33 17.24 0.92
C LYS G 135 -64.55 15.98 0.11
N SER G 136 -64.95 16.15 -1.15
CA SER G 136 -65.14 14.99 -2.00
C SER G 136 -63.84 14.22 -2.17
N LEU G 137 -62.75 14.94 -2.39
CA LEU G 137 -61.46 14.27 -2.54
C LEU G 137 -61.04 13.55 -1.26
N ILE G 138 -61.27 14.17 -0.11
CA ILE G 138 -60.87 13.53 1.15
C ILE G 138 -61.69 12.26 1.38
N ARG G 139 -62.97 12.31 1.08
CA ARG G 139 -63.79 11.10 1.23
C ARG G 139 -63.30 10.03 0.26
N ALA G 140 -62.97 10.42 -0.95
CA ALA G 140 -62.46 9.47 -1.93
C ALA G 140 -61.18 8.84 -1.43
N VAL G 141 -60.28 9.65 -0.88
CA VAL G 141 -59.00 9.13 -0.41
C VAL G 141 -59.19 8.18 0.77
N LYS G 142 -60.12 8.49 1.68
CA LYS G 142 -60.34 7.57 2.79
C LYS G 142 -60.88 6.24 2.29
N VAL G 143 -61.82 6.29 1.36
CA VAL G 143 -62.34 5.03 0.82
C VAL G 143 -61.25 4.29 0.07
N LEU G 144 -60.43 5.01 -0.70
CA LEU G 144 -59.32 4.37 -1.39
C LEU G 144 -58.43 3.63 -0.40
N MET G 145 -57.99 4.31 0.65
CA MET G 145 -57.15 3.67 1.63
C MET G 145 -57.84 2.50 2.30
N GLU G 146 -59.17 2.51 2.39
CA GLU G 146 -59.85 1.40 3.02
C GLU G 146 -59.60 0.10 2.29
N PHE G 147 -59.57 0.13 0.95
CA PHE G 147 -59.30 -1.04 0.15
C PHE G 147 -57.80 -1.24 -0.06
N GLN G 148 -56.97 -0.52 0.70
CA GLN G 148 -55.52 -0.60 0.60
C GLN G 148 -55.01 -0.31 -0.80
N LEU G 149 -55.80 0.42 -1.57
CA LEU G 149 -55.36 0.90 -2.86
C LEU G 149 -54.18 1.83 -2.71
N ILE G 150 -54.13 2.56 -1.59
CA ILE G 150 -53.05 3.48 -1.30
C ILE G 150 -52.62 3.28 0.15
N ARG G 151 -51.30 3.24 0.33
CA ARG G 151 -50.64 3.10 1.63
C ARG G 151 -50.26 4.47 2.15
N THR G 152 -50.05 4.57 3.46
CA THR G 152 -49.76 5.84 4.10
C THR G 152 -48.32 5.89 4.53
N ILE G 153 -47.56 6.79 3.92
CA ILE G 153 -46.27 7.20 4.44
C ILE G 153 -46.42 8.22 5.57
N ASP G 154 -47.04 9.36 5.30
CA ASP G 154 -46.79 10.53 6.10
C ASP G 154 -47.66 11.70 5.62
N GLY G 155 -47.95 12.60 6.55
CA GLY G 155 -48.92 13.66 6.39
C GLY G 155 -50.21 13.45 7.16
N ASP G 156 -51.22 14.22 6.73
CA ASP G 156 -52.57 14.21 7.28
C ASP G 156 -53.50 14.84 6.25
N ILE G 157 -54.45 14.07 5.71
CA ILE G 157 -55.35 14.67 4.74
C ILE G 157 -56.47 15.39 5.45
N GLY G 158 -56.84 14.97 6.65
CA GLY G 158 -57.92 15.67 7.31
C GLY G 158 -57.67 17.16 7.45
N ARG G 159 -56.41 17.59 7.59
CA ARG G 159 -56.09 19.01 7.67
C ARG G 159 -56.42 19.71 6.37
N PHE G 160 -56.49 18.93 5.29
CA PHE G 160 -56.80 19.42 3.95
C PHE G 160 -58.14 20.13 3.89
N ASP G 161 -59.04 19.83 4.82
CA ASP G 161 -60.35 20.46 4.85
C ASP G 161 -60.21 21.98 4.88
N GLN G 162 -59.38 22.50 5.75
CA GLN G 162 -59.29 23.96 5.91
C GLN G 162 -57.96 24.50 5.40
N ASN G 163 -57.12 23.68 4.75
CA ASN G 163 -55.83 24.12 4.22
C ASN G 163 -55.48 23.32 2.96
N GLU G 164 -55.87 23.89 1.82
CA GLU G 164 -55.63 23.26 0.52
C GLU G 164 -54.16 23.07 0.22
N GLU G 165 -53.28 23.87 0.81
CA GLU G 165 -51.85 23.71 0.58
C GLU G 165 -51.29 22.51 1.31
N GLN G 166 -52.09 21.92 2.20
CA GLN G 166 -51.67 20.74 2.95
C GLN G 166 -51.07 19.70 2.00
N GLU G 167 -50.17 18.89 2.53
CA GLU G 167 -49.52 17.83 1.78
C GLU G 167 -49.41 16.53 2.56
N VAL G 168 -49.41 15.43 1.80
CA VAL G 168 -49.28 14.10 2.39
C VAL G 168 -48.57 13.24 1.36
N LEU G 169 -47.82 12.23 1.81
CA LEU G 169 -47.11 11.32 0.92
C LEU G 169 -47.63 9.89 1.00
N TYR G 170 -48.22 9.41 -0.08
CA TYR G 170 -48.82 8.08 -0.15
C TYR G 170 -48.03 7.23 -1.14
N GLU G 171 -48.23 5.91 -1.03
CA GLU G 171 -47.52 4.92 -1.82
C GLU G 171 -48.55 3.99 -2.43
N ALA G 172 -48.42 3.80 -3.74
CA ALA G 172 -49.35 2.95 -4.48
C ALA G 172 -49.05 1.48 -4.26
N SER G 173 -50.05 0.78 -3.73
CA SER G 173 -50.02 -0.63 -3.38
C SER G 173 -50.48 -1.47 -4.56
N THR G 174 -50.13 -2.75 -4.48
CA THR G 174 -50.30 -3.68 -5.60
C THR G 174 -51.77 -3.77 -6.01
N TYR G 175 -52.67 -3.61 -5.06
CA TYR G 175 -54.08 -3.85 -5.32
C TYR G 175 -54.64 -2.93 -6.40
N SER G 176 -53.99 -1.79 -6.67
CA SER G 176 -54.51 -0.89 -7.69
C SER G 176 -54.71 -1.62 -9.01
N ARG G 177 -53.82 -2.56 -9.31
CA ARG G 177 -53.92 -3.28 -10.56
C ARG G 177 -55.22 -4.05 -10.66
N TYR G 178 -55.61 -4.74 -9.59
CA TYR G 178 -56.66 -5.73 -9.68
C TYR G 178 -58.01 -5.16 -9.33
N PHE G 179 -58.10 -3.88 -8.97
CA PHE G 179 -59.33 -3.35 -8.40
C PHE G 179 -60.49 -3.58 -9.36
N MET G 180 -60.32 -3.22 -10.62
CA MET G 180 -61.42 -3.25 -11.56
C MET G 180 -61.81 -4.69 -11.87
N ARG G 181 -63.11 -4.95 -11.85
CA ARG G 181 -63.61 -6.29 -12.06
C ARG G 181 -63.24 -6.68 -13.48
N THR G 182 -63.62 -7.89 -13.87
CA THR G 182 -63.32 -8.35 -15.22
C THR G 182 -64.48 -8.09 -16.18
N TYR G 183 -64.20 -7.17 -17.11
CA TYR G 183 -65.10 -6.57 -18.09
C TYR G 183 -64.55 -6.86 -19.47
N PRO G 184 -65.21 -7.67 -20.27
CA PRO G 184 -64.53 -8.21 -21.46
C PRO G 184 -64.02 -7.22 -22.50
N ASP G 185 -64.89 -6.43 -23.14
CA ASP G 185 -64.39 -5.56 -24.22
C ASP G 185 -63.98 -4.12 -23.92
N ASP G 186 -63.77 -3.37 -25.01
CA ASP G 186 -63.81 -1.91 -25.07
C ASP G 186 -65.15 -1.33 -24.67
N PHE G 187 -65.18 -0.69 -23.50
CA PHE G 187 -66.45 -0.31 -22.92
C PHE G 187 -67.20 0.61 -23.86
N SER G 188 -66.48 1.30 -24.75
CA SER G 188 -67.11 2.26 -25.63
C SER G 188 -68.06 1.62 -26.63
N SER G 189 -67.94 0.32 -26.91
CA SER G 189 -68.89 -0.20 -27.89
C SER G 189 -70.27 -0.21 -27.25
N TYR G 190 -70.29 -0.08 -25.92
CA TYR G 190 -71.51 -0.08 -25.15
C TYR G 190 -71.93 1.39 -25.04
N GLN G 191 -73.23 1.65 -24.92
CA GLN G 191 -73.62 3.06 -24.96
C GLN G 191 -74.27 3.48 -23.66
N HIS G 192 -74.68 2.52 -22.84
CA HIS G 192 -75.32 2.83 -21.58
C HIS G 192 -75.18 1.65 -20.61
N TRP G 193 -75.10 1.97 -19.33
CA TRP G 193 -74.84 0.96 -18.32
C TRP G 193 -75.86 -0.17 -18.34
N SER G 194 -77.10 0.11 -18.72
CA SER G 194 -78.10 -0.96 -18.76
C SER G 194 -77.64 -2.13 -19.64
N GLU G 195 -76.81 -1.86 -20.63
CA GLU G 195 -76.24 -2.80 -21.60
C GLU G 195 -75.29 -3.81 -20.94
N LEU G 196 -74.75 -3.44 -19.79
CA LEU G 196 -73.86 -4.26 -18.99
C LEU G 196 -74.52 -5.56 -18.56
N LEU G 197 -75.78 -5.54 -18.14
CA LEU G 197 -76.44 -6.77 -17.70
C LEU G 197 -76.38 -7.80 -18.83
N LYS G 198 -76.60 -7.36 -20.07
CA LYS G 198 -76.58 -8.27 -21.22
C LYS G 198 -75.27 -9.03 -21.29
N GLU G 199 -74.23 -8.54 -20.61
CA GLU G 199 -73.00 -9.31 -20.51
C GLU G 199 -73.23 -10.40 -19.49
N ASP G 200 -73.71 -10.01 -18.32
CA ASP G 200 -73.92 -10.95 -17.23
C ASP G 200 -74.83 -12.07 -17.69
N TRP G 201 -75.64 -11.80 -18.73
CA TRP G 201 -76.53 -12.82 -19.27
C TRP G 201 -75.97 -13.63 -20.44
N LYS G 202 -74.80 -13.31 -21.02
CA LYS G 202 -74.29 -14.26 -22.00
C LYS G 202 -73.74 -15.53 -21.35
N LEU G 203 -73.38 -15.45 -20.08
CA LEU G 203 -72.89 -16.62 -19.34
C LEU G 203 -73.94 -17.42 -18.60
N ASN G 204 -75.19 -16.97 -18.50
CA ASN G 204 -76.09 -17.72 -17.63
C ASN G 204 -77.34 -18.25 -18.29
N GLN G 205 -77.31 -18.75 -19.52
CA GLN G 205 -78.55 -19.30 -20.06
C GLN G 205 -79.01 -20.53 -19.30
N GLU G 206 -78.09 -21.29 -18.70
CA GLU G 206 -78.45 -22.52 -18.00
C GLU G 206 -79.10 -22.18 -16.67
N ASP G 207 -80.38 -22.51 -16.53
CA ASP G 207 -81.12 -22.23 -15.31
C ASP G 207 -80.97 -20.76 -14.96
N GLU G 208 -81.14 -19.91 -15.97
CA GLU G 208 -81.05 -18.48 -15.74
C GLU G 208 -82.03 -18.04 -14.67
N ARG G 209 -83.19 -18.71 -14.60
CA ARG G 209 -84.22 -18.26 -13.69
C ARG G 209 -83.80 -18.50 -12.26
N ARG G 210 -83.23 -19.68 -11.99
CA ARG G 210 -82.84 -20.00 -10.63
C ARG G 210 -81.73 -19.08 -10.14
N LYS G 211 -80.71 -18.88 -10.96
CA LYS G 211 -79.63 -17.99 -10.58
C LYS G 211 -80.10 -16.55 -10.42
N ARG G 212 -80.97 -16.08 -11.31
CA ARG G 212 -81.49 -14.73 -11.19
C ARG G 212 -82.23 -14.55 -9.88
N VAL G 213 -83.15 -15.47 -9.58
CA VAL G 213 -83.95 -15.36 -8.37
C VAL G 213 -83.05 -15.45 -7.15
N TYR G 214 -82.08 -16.38 -7.18
CA TYR G 214 -81.18 -16.57 -6.06
C TYR G 214 -80.39 -15.30 -5.81
N ARG G 215 -79.90 -14.66 -6.88
CA ARG G 215 -79.16 -13.42 -6.71
C ARG G 215 -80.05 -12.33 -6.13
N LYS G 216 -81.28 -12.21 -6.65
CA LYS G 216 -82.18 -11.19 -6.15
C LYS G 216 -82.48 -11.39 -4.68
N LEU G 217 -82.75 -12.63 -4.27
CA LEU G 217 -83.06 -12.98 -2.91
C LEU G 217 -81.89 -12.75 -1.97
N PHE G 218 -80.71 -13.26 -2.32
CA PHE G 218 -79.55 -13.26 -1.43
C PHE G 218 -79.01 -11.87 -1.19
N PHE G 219 -79.11 -10.99 -2.19
CA PHE G 219 -78.51 -9.67 -2.02
C PHE G 219 -79.46 -8.80 -1.22
N SER G 220 -80.66 -8.62 -1.73
CA SER G 220 -81.59 -7.68 -1.13
C SER G 220 -82.18 -8.33 0.13
N PRO G 221 -82.56 -7.51 1.12
CA PRO G 221 -83.27 -8.09 2.27
C PRO G 221 -84.50 -8.87 1.85
N GLY G 222 -85.16 -8.43 0.79
CA GLY G 222 -86.37 -9.10 0.33
C GLY G 222 -86.53 -8.94 -1.17
N LEU G 223 -87.50 -9.69 -1.68
CA LEU G 223 -87.84 -9.75 -3.10
C LEU G 223 -89.33 -9.51 -3.25
N HIS G 224 -89.67 -8.39 -3.86
CA HIS G 224 -91.06 -7.94 -3.93
C HIS G 224 -91.68 -8.44 -5.22
N ARG G 225 -92.94 -8.84 -5.14
CA ARG G 225 -93.67 -9.35 -6.30
C ARG G 225 -93.96 -8.21 -7.27
N LEU G 226 -93.45 -8.35 -8.49
CA LEU G 226 -93.63 -7.30 -9.49
C LEU G 226 -95.10 -7.09 -9.79
N ASP G 227 -95.83 -8.16 -10.09
CA ASP G 227 -97.26 -8.02 -10.32
C ASP G 227 -97.95 -9.35 -10.02
N GLN G 228 -99.23 -9.44 -10.41
CA GLN G 228 -100.05 -10.64 -10.18
C GLN G 228 -99.55 -11.84 -10.93
N GLN G 229 -98.82 -11.59 -12.02
CA GLN G 229 -98.34 -12.63 -12.92
C GLN G 229 -96.83 -12.61 -13.03
N ASP G 230 -96.12 -12.25 -11.96
CA ASP G 230 -94.66 -12.22 -12.01
C ASP G 230 -94.10 -13.61 -12.25
N PRO G 231 -93.33 -13.83 -13.31
CA PRO G 231 -92.86 -15.18 -13.60
C PRO G 231 -91.90 -15.66 -12.53
N ASP G 232 -91.09 -14.73 -12.04
CA ASP G 232 -90.13 -15.03 -10.99
C ASP G 232 -90.83 -15.51 -9.73
N PHE G 233 -91.91 -14.82 -9.33
CA PHE G 233 -92.58 -15.20 -8.09
C PHE G 233 -93.28 -16.55 -8.25
N LEU G 234 -93.82 -16.81 -9.44
CA LEU G 234 -94.38 -18.13 -9.73
C LEU G 234 -93.32 -19.21 -9.63
N TYR G 235 -92.13 -18.92 -10.17
CA TYR G 235 -91.01 -19.83 -10.08
C TYR G 235 -90.66 -20.13 -8.62
N ILE G 236 -90.59 -19.07 -7.81
CA ILE G 236 -90.26 -19.21 -6.39
C ILE G 236 -91.30 -20.13 -5.77
N ARG G 237 -92.55 -19.91 -6.15
CA ARG G 237 -93.68 -20.72 -5.70
C ARG G 237 -93.48 -22.16 -6.13
N ASN G 238 -92.93 -22.38 -7.32
CA ASN G 238 -92.78 -23.73 -7.85
C ASN G 238 -91.81 -24.52 -6.99
N TYR G 239 -90.52 -24.17 -6.94
CA TYR G 239 -89.71 -25.06 -6.10
C TYR G 239 -90.13 -24.94 -4.65
N ARG G 240 -90.61 -23.77 -4.25
CA ARG G 240 -91.08 -23.46 -2.91
C ARG G 240 -90.28 -24.17 -1.82
N ASN G 241 -90.61 -25.44 -1.62
CA ASN G 241 -90.12 -26.24 -0.49
C ASN G 241 -88.63 -26.49 -0.58
N ARG G 242 -88.15 -26.93 -1.75
CA ARG G 242 -86.74 -27.24 -1.90
C ARG G 242 -85.88 -26.01 -1.76
N LEU G 243 -86.38 -24.84 -2.16
CA LEU G 243 -85.62 -23.63 -1.87
C LEU G 243 -85.39 -23.55 -0.37
N ALA G 244 -86.45 -23.74 0.42
CA ALA G 244 -86.32 -23.69 1.87
C ALA G 244 -85.36 -24.77 2.37
N GLU G 245 -85.48 -25.97 1.81
CA GLU G 245 -84.64 -27.10 2.22
C GLU G 245 -83.17 -26.79 1.92
N ASP G 246 -82.92 -26.26 0.73
CA ASP G 246 -81.58 -25.90 0.32
C ASP G 246 -81.02 -24.84 1.25
N ILE G 247 -81.85 -23.85 1.60
CA ILE G 247 -81.40 -22.76 2.44
C ILE G 247 -81.06 -23.29 3.84
N GLU G 248 -81.89 -24.20 4.37
CA GLU G 248 -81.54 -24.78 5.66
C GLU G 248 -80.23 -25.54 5.59
N LYS G 249 -80.01 -26.27 4.49
CA LYS G 249 -78.76 -27.02 4.38
C LYS G 249 -77.57 -26.08 4.25
N HIS G 250 -77.74 -25.02 3.48
CA HIS G 250 -76.63 -24.19 3.04
C HIS G 250 -76.38 -22.85 3.75
N SER G 251 -77.26 -22.38 4.62
CA SER G 251 -76.96 -21.06 5.17
C SER G 251 -77.68 -20.77 6.48
N GLU G 252 -77.32 -19.61 7.04
CA GLU G 252 -77.88 -19.15 8.31
C GLU G 252 -79.33 -18.74 8.16
N TYR G 253 -79.78 -18.48 6.93
CA TYR G 253 -81.06 -17.84 6.67
C TYR G 253 -82.19 -18.82 6.90
N LYS G 254 -83.38 -18.27 7.02
CA LYS G 254 -84.61 -19.06 7.08
C LYS G 254 -85.55 -18.35 6.12
N LEU G 255 -86.14 -19.11 5.22
CA LEU G 255 -86.91 -18.50 4.15
C LEU G 255 -88.29 -18.14 4.68
N HIS G 256 -88.86 -17.04 4.18
CA HIS G 256 -90.26 -16.73 4.42
C HIS G 256 -90.94 -16.42 3.09
N VAL G 257 -92.22 -16.75 2.99
CA VAL G 257 -92.98 -16.49 1.78
C VAL G 257 -94.37 -15.98 2.10
N TYR G 258 -94.81 -14.95 1.38
CA TYR G 258 -96.16 -14.44 1.52
C TYR G 258 -96.74 -14.23 0.13
N LYS G 259 -98.01 -13.83 0.08
CA LYS G 259 -98.69 -13.63 -1.19
C LYS G 259 -98.06 -12.60 -2.10
N ASN G 260 -97.40 -11.58 -1.56
CA ASN G 260 -96.91 -10.48 -2.38
C ASN G 260 -95.44 -10.16 -2.12
N THR G 261 -94.74 -11.00 -1.37
CA THR G 261 -93.33 -10.80 -1.09
C THR G 261 -92.72 -12.12 -0.64
N ALA G 262 -91.40 -12.21 -0.76
CA ALA G 262 -90.63 -13.34 -0.29
C ALA G 262 -89.26 -12.81 0.14
N PHE G 263 -88.72 -13.37 1.21
CA PHE G 263 -87.46 -12.83 1.72
C PHE G 263 -86.76 -13.85 2.61
N LEU G 264 -85.49 -13.55 2.89
CA LEU G 264 -84.67 -14.34 3.78
C LEU G 264 -84.49 -13.61 5.10
N SER G 265 -84.72 -14.33 6.19
CA SER G 265 -84.47 -13.87 7.54
C SER G 265 -83.16 -14.47 8.02
N ILE G 266 -82.57 -13.87 9.05
CA ILE G 266 -81.33 -14.39 9.62
C ILE G 266 -81.51 -14.54 11.12
N ALA G 267 -81.11 -15.71 11.62
CA ALA G 267 -81.36 -16.07 13.00
C ALA G 267 -80.27 -15.58 13.94
N GLU G 268 -79.01 -15.75 13.55
CA GLU G 268 -77.89 -15.36 14.39
C GLU G 268 -76.92 -14.41 13.70
N PRO G 269 -77.12 -13.11 13.77
CA PRO G 269 -76.20 -12.19 13.11
C PRO G 269 -74.91 -12.18 13.92
N ARG G 270 -73.88 -11.53 13.40
CA ARG G 270 -72.62 -11.45 14.12
C ARG G 270 -72.09 -10.02 14.05
N GLN G 271 -70.92 -9.80 14.64
CA GLN G 271 -70.42 -8.44 14.78
C GLN G 271 -70.25 -7.86 13.39
N TYR G 272 -69.55 -8.60 12.53
CA TYR G 272 -69.15 -8.05 11.24
C TYR G 272 -70.32 -8.01 10.27
N GLN G 273 -71.46 -8.59 10.64
CA GLN G 273 -72.58 -8.71 9.73
C GLN G 273 -73.44 -7.45 9.84
N GLN G 274 -74.19 -7.15 8.79
CA GLN G 274 -75.19 -6.09 8.79
C GLN G 274 -76.61 -6.64 8.77
N VAL G 275 -77.50 -6.07 9.59
CA VAL G 275 -78.86 -6.56 9.70
C VAL G 275 -79.79 -5.42 10.08
N PHE G 276 -81.14 -5.61 9.79
CA PHE G 276 -82.23 -4.73 10.19
C PHE G 276 -83.21 -5.46 11.10
N PRO G 277 -83.58 -4.90 12.27
CA PRO G 277 -83.24 -3.58 12.83
C PRO G 277 -81.81 -3.48 13.31
N ASN G 278 -81.40 -2.25 13.63
CA ASN G 278 -80.09 -1.96 14.16
C ASN G 278 -80.21 -0.73 15.05
N SER G 279 -79.08 -0.16 15.44
CA SER G 279 -79.07 0.90 16.44
C SER G 279 -79.71 2.19 15.93
N LYS G 280 -79.60 2.51 14.65
CA LYS G 280 -80.05 3.83 14.21
C LYS G 280 -81.52 3.98 14.59
N ALA G 281 -81.87 5.15 15.12
CA ALA G 281 -83.22 5.35 15.65
C ALA G 281 -84.27 5.21 14.56
N SER G 282 -83.93 5.61 13.33
CA SER G 282 -84.92 5.61 12.29
C SER G 282 -85.53 4.23 12.12
N THR G 283 -84.78 3.17 12.40
CA THR G 283 -85.41 1.86 12.31
C THR G 283 -86.51 1.75 13.35
N ASP G 284 -86.24 2.21 14.58
CA ASP G 284 -87.26 2.19 15.62
C ASP G 284 -88.53 2.92 15.17
N ILE G 285 -88.37 4.12 14.63
CA ILE G 285 -89.54 4.88 14.19
C ILE G 285 -90.20 4.20 13.00
N ILE G 286 -89.41 3.53 12.17
CA ILE G 286 -89.97 2.78 11.07
C ILE G 286 -90.84 1.66 11.60
N LEU G 287 -90.37 0.94 12.61
CA LEU G 287 -91.17 -0.12 13.21
C LEU G 287 -92.44 0.44 13.84
N GLN G 288 -92.34 1.57 14.54
CA GLN G 288 -93.54 2.14 15.13
C GLN G 288 -94.53 2.55 14.05
N LEU G 289 -94.01 3.11 12.96
CA LEU G 289 -94.85 3.45 11.82
C LEU G 289 -95.46 2.20 11.24
N SER G 290 -94.69 1.12 11.18
CA SER G 290 -95.20 -0.15 10.71
C SER G 290 -96.38 -0.59 11.57
N LYS G 291 -96.25 -0.48 12.88
CA LYS G 291 -97.37 -0.85 13.75
C LYS G 291 -98.57 0.04 13.47
N TYR G 292 -98.35 1.35 13.34
CA TYR G 292 -99.47 2.26 13.09
C TYR G 292 -100.16 1.97 11.76
N ILE G 293 -99.39 1.63 10.72
CA ILE G 293 -100.01 1.29 9.45
C ILE G 293 -100.73 -0.05 9.57
N HIS G 294 -100.12 -1.00 10.28
CA HIS G 294 -100.76 -2.28 10.54
C HIS G 294 -102.05 -2.11 11.29
N GLY G 295 -102.16 -1.08 12.13
CA GLY G 295 -103.29 -0.97 13.02
C GLY G 295 -104.52 -0.44 12.34
N GLU G 296 -104.37 0.08 11.13
CA GLU G 296 -105.52 0.57 10.39
C GLU G 296 -105.43 -0.01 9.01
N PRO G 297 -105.54 -1.33 8.85
CA PRO G 297 -105.38 -1.93 7.53
C PRO G 297 -106.40 -1.43 6.54
N GLU G 298 -107.63 -1.18 6.98
CA GLU G 298 -108.71 -0.74 6.11
C GLU G 298 -108.56 0.71 5.64
N ARG G 299 -108.04 1.61 6.48
CA ARG G 299 -107.91 3.01 6.10
C ARG G 299 -106.72 3.08 5.16
N PHE G 300 -105.72 2.26 5.48
CA PHE G 300 -104.43 2.08 4.81
C PHE G 300 -104.54 0.72 4.13
N LYS G 301 -105.70 0.55 3.50
CA LYS G 301 -106.02 -0.66 2.75
C LYS G 301 -104.94 -0.91 1.71
N ALA G 302 -104.28 -2.07 1.84
CA ALA G 302 -103.21 -2.41 0.92
C ALA G 302 -103.80 -2.79 -0.42
N ASN G 303 -103.16 -2.36 -1.49
CA ASN G 303 -103.55 -2.73 -2.84
C ASN G 303 -103.26 -4.21 -3.06
N GLU G 304 -103.71 -4.72 -4.21
CA GLU G 304 -103.64 -6.13 -4.51
C GLU G 304 -102.21 -6.66 -4.41
N ASN G 305 -101.25 -5.82 -4.76
CA ASN G 305 -99.83 -6.12 -4.75
C ASN G 305 -99.22 -6.16 -3.35
N GLY G 306 -100.02 -6.01 -2.30
CA GLY G 306 -99.49 -6.04 -0.96
C GLY G 306 -98.96 -4.72 -0.47
N GLU G 307 -98.95 -3.70 -1.33
CA GLU G 307 -98.50 -2.37 -0.96
C GLU G 307 -99.60 -1.61 -0.22
N ILE G 308 -99.17 -0.67 0.63
CA ILE G 308 -100.07 0.27 1.29
C ILE G 308 -99.76 1.70 0.84
N LEU G 309 -100.80 2.38 0.36
CA LEU G 309 -100.69 3.67 -0.31
C LEU G 309 -101.14 4.83 0.58
N MET G 310 -100.26 5.82 0.72
CA MET G 310 -100.51 7.03 1.49
C MET G 310 -99.82 8.18 0.76
N THR G 311 -100.45 9.35 0.79
CA THR G 311 -99.82 10.53 0.17
C THR G 311 -98.92 11.26 1.15
N GLU G 312 -98.02 12.08 0.59
CA GLU G 312 -97.05 12.79 1.41
C GLU G 312 -97.74 13.55 2.54
N GLY G 313 -98.89 14.15 2.24
CA GLY G 313 -99.64 14.84 3.28
C GLY G 313 -100.07 13.87 4.35
N GLU G 314 -100.56 12.70 3.93
CA GLU G 314 -100.98 11.68 4.88
C GLU G 314 -99.79 11.22 5.70
N PHE G 315 -98.64 11.05 5.07
CA PHE G 315 -97.44 10.66 5.80
C PHE G 315 -97.07 11.72 6.84
N GLU G 316 -97.15 13.00 6.48
CA GLU G 316 -96.82 14.03 7.45
C GLU G 316 -97.80 14.01 8.63
N GLN G 317 -99.07 13.77 8.34
CA GLN G 317 -100.05 13.64 9.42
C GLN G 317 -99.71 12.44 10.30
N VAL G 318 -99.32 11.34 9.67
CA VAL G 318 -98.92 10.14 10.38
C VAL G 318 -97.72 10.43 11.26
N VAL G 319 -96.75 11.17 10.74
CA VAL G 319 -95.55 11.46 11.53
C VAL G 319 -95.93 12.31 12.74
N ASP G 320 -96.88 13.23 12.56
CA ASP G 320 -97.36 14.00 13.70
C ASP G 320 -98.03 13.07 14.70
N ASP G 321 -98.84 12.13 14.20
CA ASP G 321 -99.50 11.16 15.05
C ASP G 321 -98.49 10.31 15.80
N LEU G 322 -97.43 9.89 15.12
CA LEU G 322 -96.38 9.12 15.77
C LEU G 322 -95.69 9.94 16.84
N ARG G 323 -95.39 11.21 16.58
CA ARG G 323 -94.78 12.04 17.62
C ARG G 323 -95.74 12.13 18.79
N GLN G 324 -97.04 12.10 18.49
CA GLN G 324 -98.05 12.11 19.54
C GLN G 324 -97.97 10.82 20.36
N GLN G 325 -97.92 9.68 19.70
CA GLN G 325 -97.95 8.40 20.40
C GLN G 325 -96.61 8.09 21.07
N PHE G 326 -95.55 7.90 20.29
CA PHE G 326 -94.25 7.45 20.77
C PHE G 326 -93.20 8.54 21.01
N GLY G 327 -93.50 9.80 20.68
CA GLY G 327 -92.49 10.86 20.75
C GLY G 327 -91.69 11.25 21.98
N THR G 328 -92.21 11.10 23.20
CA THR G 328 -91.41 11.46 24.38
C THR G 328 -90.12 10.67 24.44
N GLY G 329 -90.10 9.47 23.86
CA GLY G 329 -88.95 8.59 23.94
C GLY G 329 -88.06 8.59 22.72
N TRP G 330 -88.45 9.26 21.65
CA TRP G 330 -87.60 9.33 20.48
C TRP G 330 -86.27 9.97 20.86
N ALA G 331 -85.26 9.78 20.03
CA ALA G 331 -83.99 10.46 20.27
C ALA G 331 -84.16 11.97 20.08
N LYS G 332 -83.39 12.74 20.84
CA LYS G 332 -83.53 14.20 20.77
C LYS G 332 -83.23 14.70 19.36
N TYR G 333 -82.47 13.93 18.59
CA TYR G 333 -82.17 14.35 17.23
C TYR G 333 -83.44 14.51 16.42
N PHE G 334 -84.34 13.54 16.49
CA PHE G 334 -85.55 13.64 15.71
C PHE G 334 -86.61 14.44 16.44
N ARG G 335 -86.67 14.34 17.77
CA ARG G 335 -87.67 15.05 18.54
C ARG G 335 -87.54 16.55 18.30
N ASP G 336 -86.33 16.98 17.97
CA ASP G 336 -86.01 18.39 17.82
C ASP G 336 -86.07 18.84 16.37
N MET G 337 -86.49 17.94 15.48
CA MET G 337 -86.42 18.21 14.06
C MET G 337 -87.84 18.33 13.52
N SER G 338 -88.04 19.25 12.59
CA SER G 338 -89.38 19.50 12.10
C SER G 338 -89.94 18.24 11.44
N THR G 339 -91.25 18.28 11.19
CA THR G 339 -91.91 17.11 10.62
C THR G 339 -91.35 16.78 9.25
N LYS G 340 -91.22 17.80 8.39
CA LYS G 340 -90.81 17.56 7.00
C LYS G 340 -89.40 17.01 6.91
N GLY G 341 -88.49 17.48 7.76
CA GLY G 341 -87.14 16.93 7.79
C GLY G 341 -87.12 15.47 8.17
N ILE G 342 -87.91 15.15 9.21
CA ILE G 342 -88.04 13.77 9.64
C ILE G 342 -88.62 12.94 8.50
N ARG G 343 -89.59 13.51 7.80
CA ARG G 343 -90.21 12.89 6.65
C ARG G 343 -89.22 12.56 5.53
N THR G 344 -88.37 13.54 5.20
CA THR G 344 -87.39 13.31 4.15
C THR G 344 -86.40 12.23 4.53
N GLU G 345 -85.87 12.31 5.76
CA GLU G 345 -84.89 11.32 6.18
C GLU G 345 -85.49 9.93 6.28
N LEU G 346 -86.65 9.81 6.93
CA LEU G 346 -87.27 8.50 7.07
C LEU G 346 -87.62 7.90 5.71
N LEU G 347 -88.08 8.72 4.76
CA LEU G 347 -88.42 8.13 3.47
C LEU G 347 -87.18 7.71 2.69
N ARG G 348 -86.07 8.46 2.78
CA ARG G 348 -84.84 7.99 2.17
C ARG G 348 -84.38 6.70 2.82
N ALA G 349 -84.40 6.67 4.15
CA ALA G 349 -84.00 5.48 4.88
C ALA G 349 -84.85 4.28 4.47
N MET G 350 -86.17 4.46 4.42
CA MET G 350 -87.04 3.34 4.07
C MET G 350 -86.77 2.90 2.65
N LYS G 351 -86.36 3.80 1.78
CA LYS G 351 -85.93 3.39 0.45
C LYS G 351 -84.67 2.55 0.48
N ASP G 352 -83.67 2.92 1.28
CA ASP G 352 -82.41 2.18 1.28
C ASP G 352 -82.61 0.70 1.59
N TRP G 353 -83.48 0.39 2.56
CA TRP G 353 -83.75 -0.98 2.97
C TRP G 353 -84.91 -1.61 2.18
N MET G 354 -85.33 -0.96 1.11
CA MET G 354 -86.42 -1.35 0.23
C MET G 354 -87.77 -1.54 0.91
N MET G 355 -88.08 -0.87 2.01
CA MET G 355 -89.42 -1.10 2.53
C MET G 355 -90.47 -0.40 1.67
N ALA G 356 -90.16 0.76 1.11
CA ALA G 356 -91.17 1.50 0.37
C ALA G 356 -90.55 2.38 -0.71
N GLU G 357 -91.38 2.85 -1.64
CA GLU G 357 -90.89 3.83 -2.61
C GLU G 357 -91.86 5.00 -2.58
N VAL G 358 -91.32 6.21 -2.74
CA VAL G 358 -92.11 7.42 -2.95
C VAL G 358 -92.13 7.91 -4.38
N ASP G 359 -93.28 7.89 -5.03
CA ASP G 359 -93.33 8.35 -6.42
C ASP G 359 -92.91 9.82 -6.42
N SER G 360 -91.97 10.16 -7.29
CA SER G 360 -91.42 11.51 -7.31
C SER G 360 -92.46 12.55 -7.68
N GLU G 361 -93.32 12.23 -8.65
CA GLU G 361 -94.26 13.18 -9.22
C GLU G 361 -95.54 13.25 -8.43
N THR G 362 -96.25 12.14 -8.24
CA THR G 362 -97.57 12.21 -7.66
C THR G 362 -97.51 12.20 -6.14
N SER G 363 -96.30 12.10 -5.59
CA SER G 363 -96.08 11.99 -4.15
C SER G 363 -96.77 10.78 -3.53
N LEU G 364 -97.16 9.78 -4.30
CA LEU G 364 -97.80 8.63 -3.67
C LEU G 364 -96.74 7.78 -2.98
N ILE G 365 -97.09 7.27 -1.79
CA ILE G 365 -96.19 6.43 -1.02
C ILE G 365 -96.57 4.99 -1.28
N ARG G 366 -95.60 4.16 -1.65
CA ARG G 366 -95.89 2.72 -1.77
C ARG G 366 -95.11 2.00 -0.68
N ILE G 367 -95.85 1.46 0.28
CA ILE G 367 -95.28 0.65 1.35
C ILE G 367 -95.35 -0.81 0.96
N LYS G 368 -94.21 -1.46 0.86
CA LYS G 368 -94.17 -2.81 0.33
C LYS G 368 -94.58 -3.78 1.41
N SER G 369 -95.05 -4.96 1.00
CA SER G 369 -95.54 -5.91 1.98
C SER G 369 -94.45 -6.28 2.97
N LEU G 370 -93.19 -6.12 2.57
CA LEU G 370 -92.08 -6.45 3.46
C LEU G 370 -92.13 -5.60 4.71
N THR G 371 -92.71 -4.41 4.61
CA THR G 371 -92.77 -3.49 5.74
C THR G 371 -93.59 -4.09 6.88
N GLY G 372 -94.60 -4.87 6.56
CA GLY G 372 -95.52 -5.38 7.56
C GLY G 372 -95.00 -6.56 8.34
N VAL G 373 -93.77 -7.00 8.07
CA VAL G 373 -93.21 -8.13 8.78
C VAL G 373 -92.98 -7.78 10.26
N MET G 374 -92.59 -6.55 10.55
CA MET G 374 -92.21 -6.16 11.90
C MET G 374 -92.97 -4.92 12.36
N THR G 375 -93.32 -4.92 13.65
CA THR G 375 -93.96 -3.79 14.31
C THR G 375 -93.32 -3.63 15.68
N GLY G 376 -93.26 -2.40 16.17
CA GLY G 376 -92.58 -2.13 17.43
C GLY G 376 -93.32 -1.16 18.32
N GLU G 377 -93.08 -1.32 19.62
CA GLU G 377 -93.67 -0.47 20.65
C GLU G 377 -92.72 -0.39 21.83
N TYR G 378 -92.89 0.64 22.65
CA TYR G 378 -92.14 0.77 23.88
C TYR G 378 -92.54 -0.22 24.98
N PRO G 379 -91.62 -0.46 25.91
CA PRO G 379 -91.91 -1.24 27.11
C PRO G 379 -93.06 -0.67 27.91
N SER G 380 -93.83 -1.58 28.50
CA SER G 380 -95.06 -1.20 29.18
C SER G 380 -94.82 -0.13 30.23
N ASP G 381 -93.65 -0.08 30.89
CA ASP G 381 -93.52 0.93 31.93
C ASP G 381 -93.55 2.34 31.32
N PHE G 382 -92.96 2.54 30.16
CA PHE G 382 -93.17 3.78 29.43
C PHE G 382 -94.56 3.86 28.85
N GLN G 383 -95.12 2.77 28.33
CA GLN G 383 -96.45 2.93 27.78
C GLN G 383 -97.34 3.59 28.83
N THR G 384 -97.30 3.11 30.07
CA THR G 384 -97.94 3.86 31.19
C THR G 384 -97.30 5.24 31.38
N GLY G 385 -96.09 5.26 31.96
CA GLY G 385 -95.08 6.29 32.20
C GLY G 385 -94.37 6.96 31.05
N GLY G 386 -94.93 7.03 29.84
CA GLY G 386 -94.26 7.76 28.78
C GLY G 386 -95.15 8.63 27.94
N THR G 387 -95.03 8.50 26.63
CA THR G 387 -95.87 9.21 25.68
C THR G 387 -97.30 8.68 25.72
N GLU G 388 -97.76 8.19 26.87
CA GLU G 388 -99.09 7.61 26.98
C GLU G 388 -100.17 8.59 26.55
N MET H 5 -1.10 15.37 19.43
CA MET H 5 -1.75 15.49 18.10
C MET H 5 -1.83 14.13 17.41
N ASP H 6 -3.04 13.71 17.06
CA ASP H 6 -3.21 12.50 16.29
C ASP H 6 -2.94 12.78 14.81
N SER H 7 -2.03 12.01 14.22
CA SER H 7 -1.53 12.31 12.88
C SER H 7 -2.53 12.00 11.78
N THR H 8 -3.80 11.76 12.11
CA THR H 8 -4.74 11.24 11.13
C THR H 8 -5.43 12.34 10.32
N MET H 9 -5.11 13.63 10.55
CA MET H 9 -5.93 14.70 10.01
C MET H 9 -5.11 15.87 9.45
N LYS H 10 -3.79 15.78 9.42
CA LYS H 10 -3.00 16.88 8.89
C LYS H 10 -2.75 16.73 7.39
N LYS H 11 -2.27 17.81 6.79
CA LYS H 11 -2.06 17.86 5.36
C LYS H 11 -0.83 17.05 4.98
N ILE H 12 -1.03 15.98 4.23
CA ILE H 12 0.09 15.08 3.86
C ILE H 12 0.72 15.68 2.61
N ILE H 13 1.71 16.54 2.83
CA ILE H 13 2.37 17.23 1.73
C ILE H 13 3.38 16.35 1.02
N GLU H 14 3.68 15.16 1.56
CA GLU H 14 4.49 14.21 0.81
C GLU H 14 3.87 13.91 -0.54
N ALA H 15 2.54 13.98 -0.63
CA ALA H 15 1.85 13.67 -1.87
C ALA H 15 1.77 14.88 -2.80
N SER H 16 2.31 16.03 -2.39
CA SER H 16 2.20 17.23 -3.20
C SER H 16 2.71 17.01 -4.62
N TYR H 17 3.69 16.12 -4.78
CA TYR H 17 4.22 15.86 -6.12
C TYR H 17 3.15 15.39 -7.08
N LEU H 18 2.17 14.64 -6.57
CA LEU H 18 1.17 14.03 -7.45
C LEU H 18 0.28 15.05 -8.14
N THR H 19 0.23 16.29 -7.66
CA THR H 19 -0.59 17.30 -8.31
C THR H 19 0.16 18.61 -8.55
N ALA H 20 1.47 18.66 -8.32
CA ALA H 20 2.24 19.81 -8.77
C ALA H 20 2.13 19.91 -10.29
N ASP H 21 2.33 21.13 -10.80
CA ASP H 21 2.24 21.32 -12.24
C ASP H 21 3.31 20.50 -12.98
N SER H 22 4.47 20.29 -12.36
CA SER H 22 5.49 19.42 -12.89
C SER H 22 5.31 17.98 -12.44
N ALA H 23 4.07 17.58 -12.12
CA ALA H 23 3.84 16.24 -11.58
C ALA H 23 4.33 15.16 -12.54
N ALA H 24 4.37 15.45 -13.83
CA ALA H 24 5.00 14.52 -14.76
C ALA H 24 6.47 14.32 -14.39
N HIS H 25 7.19 15.42 -14.22
CA HIS H 25 8.60 15.34 -13.87
C HIS H 25 8.79 14.66 -12.53
N TYR H 26 8.07 15.13 -11.51
CA TYR H 26 8.20 14.56 -10.17
C TYR H 26 7.88 13.08 -10.17
N ARG H 27 6.76 12.70 -10.79
CA ARG H 27 6.34 11.30 -10.74
C ARG H 27 7.32 10.42 -11.50
N THR H 28 7.77 10.85 -12.67
CA THR H 28 8.75 10.08 -13.40
C THR H 28 10.04 9.95 -12.59
N ILE H 29 10.46 11.04 -11.95
CA ILE H 29 11.69 11.03 -11.18
C ILE H 29 11.60 10.06 -10.03
N LEU H 30 10.48 10.13 -9.31
CA LEU H 30 10.32 9.30 -8.13
C LEU H 30 10.12 7.84 -8.51
N ARG H 31 9.46 7.61 -9.65
CA ARG H 31 9.38 6.26 -10.19
C ARG H 31 10.76 5.71 -10.51
N TYR H 32 11.61 6.54 -11.11
CA TYR H 32 12.98 6.12 -11.38
C TYR H 32 13.72 5.81 -10.09
N PHE H 33 13.54 6.66 -9.08
CA PHE H 33 14.14 6.40 -7.77
C PHE H 33 13.67 5.06 -7.21
N TYR H 34 12.37 4.78 -7.33
CA TYR H 34 11.85 3.52 -6.84
C TYR H 34 12.49 2.35 -7.58
N HIS H 35 12.63 2.48 -8.90
CA HIS H 35 13.24 1.42 -9.67
C HIS H 35 14.69 1.21 -9.28
N GLN H 36 15.44 2.29 -9.07
CA GLN H 36 16.81 2.16 -8.63
C GLN H 36 16.89 1.50 -7.27
N HIS H 37 15.98 1.88 -6.37
CA HIS H 37 15.86 1.19 -5.09
C HIS H 37 15.62 -0.29 -5.31
N GLU H 38 14.77 -0.64 -6.28
CA GLU H 38 14.58 -2.03 -6.64
C GLU H 38 15.87 -2.64 -7.19
N ARG H 39 16.69 -1.83 -7.84
CA ARG H 39 17.94 -2.29 -8.43
C ARG H 39 19.08 -2.36 -7.41
N MET H 40 18.77 -2.20 -6.13
CA MET H 40 19.74 -2.33 -5.05
C MET H 40 20.81 -1.24 -5.14
N ARG H 41 20.46 -0.11 -5.75
CA ARG H 41 21.41 0.96 -6.02
C ARG H 41 21.26 2.08 -5.00
N ASP H 42 22.31 2.89 -4.90
CA ASP H 42 22.37 3.92 -3.87
C ASP H 42 23.18 5.09 -4.39
N PHE H 43 23.10 6.22 -3.67
CA PHE H 43 23.89 7.41 -3.97
C PHE H 43 23.67 7.85 -5.42
N ILE H 44 22.44 8.23 -5.70
CA ILE H 44 22.03 8.45 -7.08
C ILE H 44 22.54 9.80 -7.57
N ALA H 45 22.94 9.86 -8.82
CA ALA H 45 23.45 11.08 -9.40
C ALA H 45 22.31 11.87 -10.04
N PRO H 46 22.03 13.10 -9.59
CA PRO H 46 21.01 13.91 -10.29
C PRO H 46 21.30 14.08 -11.76
N GLU H 47 22.58 14.14 -12.13
CA GLU H 47 22.93 14.23 -13.54
C GLU H 47 22.46 13.00 -14.31
N GLU H 48 22.60 11.82 -13.70
CA GLU H 48 22.04 10.62 -14.32
C GLU H 48 20.53 10.73 -14.47
N LEU H 49 19.86 11.38 -13.52
CA LEU H 49 18.43 11.61 -13.65
C LEU H 49 18.12 12.54 -14.82
N LEU H 50 18.91 13.60 -15.00
CA LEU H 50 18.72 14.44 -16.18
C LEU H 50 18.91 13.62 -17.45
N GLU H 51 19.95 12.80 -17.47
CA GLU H 51 20.19 11.93 -18.61
C GLU H 51 18.97 11.07 -18.93
N HIS H 52 18.45 10.37 -17.93
CA HIS H 52 17.40 9.40 -18.21
C HIS H 52 16.07 10.10 -18.47
N MET H 53 15.84 11.26 -17.85
CA MET H 53 14.66 12.05 -18.16
C MET H 53 14.68 12.49 -19.62
N ARG H 54 15.85 12.94 -20.08
CA ARG H 54 15.97 13.34 -21.48
C ARG H 54 15.87 12.14 -22.40
N SER H 55 16.36 10.98 -21.98
CA SER H 55 16.20 9.78 -22.78
C SER H 55 14.72 9.45 -22.98
N ILE H 56 13.90 9.72 -21.97
CA ILE H 56 12.45 9.65 -22.14
C ILE H 56 12.04 10.81 -23.04
N PRO H 57 11.32 10.56 -24.14
CA PRO H 57 10.98 11.67 -25.04
C PRO H 57 10.22 12.79 -24.36
N ALA H 58 9.38 12.47 -23.36
CA ALA H 58 8.55 13.49 -22.72
C ALA H 58 9.38 14.62 -22.14
N PHE H 59 10.64 14.36 -21.77
CA PHE H 59 11.49 15.37 -21.15
C PHE H 59 12.82 15.48 -21.86
N ALA H 60 12.83 15.35 -23.19
CA ALA H 60 14.06 15.50 -23.95
C ALA H 60 14.70 16.87 -23.70
N ASP H 61 13.87 17.90 -23.54
CA ASP H 61 14.34 19.26 -23.29
C ASP H 61 14.50 19.55 -21.81
N PHE H 62 14.72 18.53 -20.98
CA PHE H 62 14.69 18.72 -19.55
C PHE H 62 15.76 19.70 -19.10
N GLN H 63 15.36 20.68 -18.30
CA GLN H 63 16.29 21.67 -17.75
C GLN H 63 16.85 21.15 -16.44
N GLU H 64 18.17 21.10 -16.32
CA GLU H 64 18.77 20.52 -15.13
C GLU H 64 18.68 21.46 -13.93
N ASP H 65 18.66 22.76 -14.16
CA ASP H 65 18.37 23.68 -13.06
C ASP H 65 16.98 23.41 -12.50
N GLN H 66 16.00 23.18 -13.39
CA GLN H 66 14.69 22.77 -12.93
C GLN H 66 14.75 21.39 -12.28
N LEU H 67 15.65 20.52 -12.74
CA LEU H 67 15.81 19.22 -12.11
C LEU H 67 16.21 19.38 -10.66
N HIS H 68 17.21 20.23 -10.39
CA HIS H 68 17.69 20.40 -9.03
C HIS H 68 16.68 21.16 -8.19
N GLN H 69 15.97 22.10 -8.80
CA GLN H 69 14.85 22.75 -8.10
C GLN H 69 13.83 21.71 -7.66
N GLN H 70 13.48 20.79 -8.56
CA GLN H 70 12.52 19.75 -8.25
C GLN H 70 13.05 18.83 -7.16
N LEU H 71 14.34 18.50 -7.23
CA LEU H 71 14.94 17.64 -6.22
C LEU H 71 14.88 18.29 -4.85
N ALA H 72 15.22 19.57 -4.77
CA ALA H 72 15.16 20.29 -3.50
C ALA H 72 13.73 20.37 -3.01
N GLN H 73 12.77 20.59 -3.92
CA GLN H 73 11.37 20.62 -3.52
C GLN H 73 10.93 19.28 -2.96
N LEU H 74 11.33 18.19 -3.61
CA LEU H 74 10.98 16.86 -3.15
C LEU H 74 11.57 16.58 -1.77
N VAL H 75 12.86 16.88 -1.60
CA VAL H 75 13.49 16.70 -0.30
C VAL H 75 12.76 17.53 0.75
N LYS H 76 12.48 18.78 0.42
CA LYS H 76 11.69 19.63 1.30
C LYS H 76 10.32 19.04 1.55
N TRP H 77 9.79 18.27 0.59
CA TRP H 77 8.51 17.61 0.74
C TRP H 77 8.64 16.25 1.41
N ASN H 78 9.73 16.01 2.13
CA ASN H 78 9.94 14.76 2.86
C ASN H 78 9.76 13.55 1.94
N ASN H 79 10.31 13.64 0.73
CA ASN H 79 10.19 12.59 -0.27
C ASN H 79 11.52 12.05 -0.74
N LEU H 80 12.62 12.79 -0.53
CA LEU H 80 13.93 12.39 -0.97
C LEU H 80 14.95 12.72 0.11
N ILE H 81 16.17 12.20 -0.09
CA ILE H 81 17.31 12.48 0.78
C ILE H 81 18.51 12.71 -0.12
N ALA H 82 19.53 13.38 0.41
CA ALA H 82 20.77 13.55 -0.34
C ALA H 82 21.87 14.00 0.62
N ARG H 83 23.11 13.84 0.17
CA ARG H 83 24.25 14.32 0.92
C ARG H 83 25.40 14.60 -0.05
N GLN H 84 26.16 15.65 0.24
CA GLN H 84 27.29 16.02 -0.59
C GLN H 84 28.33 14.91 -0.62
N ASP H 85 28.91 14.69 -1.80
CA ASP H 85 29.99 13.73 -1.95
C ASP H 85 31.24 14.28 -1.25
N MET H 86 31.94 13.40 -0.54
CA MET H 86 33.10 13.83 0.24
C MET H 86 34.43 13.60 -0.48
N THR H 87 34.52 12.62 -1.37
CA THR H 87 35.82 12.17 -1.84
C THR H 87 35.98 12.27 -3.35
N ASN H 88 34.95 11.89 -4.08
CA ASN H 88 35.08 11.57 -5.50
C ASN H 88 35.05 12.80 -6.38
N ALA H 89 36.19 13.51 -6.45
CA ALA H 89 36.34 14.60 -7.39
C ALA H 89 37.42 14.26 -8.42
N LYS H 90 37.07 14.43 -9.69
CA LYS H 90 37.99 14.24 -10.80
C LYS H 90 38.30 15.54 -11.51
N THR H 91 37.29 16.31 -11.88
CA THR H 91 37.50 17.69 -12.29
C THR H 91 37.44 18.59 -11.07
N ILE H 92 38.30 19.62 -11.08
CA ILE H 92 38.34 20.57 -9.97
C ILE H 92 36.94 21.09 -9.66
N GLU H 93 36.11 21.23 -10.70
CA GLU H 93 34.75 21.69 -10.49
C GLU H 93 33.98 20.76 -9.57
N GLU H 94 34.13 19.46 -9.77
CA GLU H 94 33.49 18.51 -8.87
C GLU H 94 33.95 18.71 -7.44
N TYR H 95 35.26 18.91 -7.23
CA TYR H 95 35.75 19.22 -5.90
C TYR H 95 35.09 20.48 -5.36
N LYS H 96 34.75 21.42 -6.24
CA LYS H 96 34.14 22.66 -5.79
C LYS H 96 32.67 22.47 -5.40
N LYS H 97 31.94 21.67 -6.17
CA LYS H 97 30.50 21.84 -6.32
C LYS H 97 29.66 21.04 -5.33
N LYS H 98 30.27 20.32 -4.40
CA LYS H 98 29.51 19.67 -3.32
C LYS H 98 28.41 18.77 -3.88
N ARG H 99 28.70 18.07 -4.97
CA ARG H 99 27.67 17.34 -5.70
C ARG H 99 26.96 16.33 -4.81
N PHE H 100 25.66 16.49 -4.67
CA PHE H 100 24.88 15.65 -3.77
C PHE H 100 24.41 14.37 -4.46
N ARG H 101 24.22 13.32 -3.67
CA ARG H 101 23.74 12.03 -4.15
C ARG H 101 22.53 11.62 -3.32
N TYR H 102 21.52 11.08 -4.01
CA TYR H 102 20.15 11.17 -3.54
C TYR H 102 19.55 9.80 -3.25
N GLN H 103 18.39 9.84 -2.60
CA GLN H 103 17.61 8.65 -2.28
C GLN H 103 16.16 9.08 -2.09
N CYS H 104 15.29 8.11 -1.87
CA CYS H 104 13.87 8.37 -1.65
C CYS H 104 13.48 7.98 -0.23
N THR H 105 12.71 8.85 0.42
CA THR H 105 12.25 8.57 1.77
C THR H 105 11.38 7.31 1.78
N PRO H 106 11.32 6.59 2.90
CA PRO H 106 10.40 5.45 2.97
C PRO H 106 8.97 5.85 2.72
N TYR H 107 8.59 7.07 3.11
CA TYR H 107 7.32 7.64 2.68
C TYR H 107 7.12 7.37 1.19
N THR H 108 8.06 7.87 0.39
CA THR H 108 7.96 7.72 -1.07
C THR H 108 7.97 6.26 -1.48
N VAL H 109 8.82 5.44 -0.85
CA VAL H 109 8.92 4.04 -1.23
C VAL H 109 7.57 3.37 -1.11
N GLU H 110 6.95 3.52 0.06
CA GLU H 110 5.66 2.88 0.29
C GLU H 110 4.59 3.50 -0.60
N ILE H 111 4.62 4.82 -0.76
CA ILE H 111 3.61 5.50 -1.56
C ILE H 111 3.61 4.92 -2.97
N GLU H 112 4.79 4.83 -3.58
CA GLU H 112 4.87 4.30 -4.93
C GLU H 112 4.58 2.81 -4.96
N ARG H 113 4.90 2.10 -3.88
CA ARG H 113 4.55 0.69 -3.82
C ARG H 113 3.05 0.51 -3.93
N MET H 114 2.29 1.26 -3.15
CA MET H 114 0.83 1.18 -3.25
C MET H 114 0.37 1.61 -4.64
N ILE H 115 0.96 2.68 -5.17
CA ILE H 115 0.53 3.19 -6.47
C ILE H 115 0.66 2.10 -7.52
N VAL H 116 1.76 1.35 -7.49
CA VAL H 116 1.99 0.32 -8.49
C VAL H 116 0.82 -0.66 -8.50
N GLN H 117 0.36 -1.07 -7.32
CA GLN H 117 -0.78 -1.97 -7.26
C GLN H 117 -1.94 -1.45 -8.08
N LEU H 118 -2.23 -0.16 -7.97
CA LEU H 118 -3.32 0.42 -8.73
C LEU H 118 -2.99 0.55 -10.21
N GLU H 119 -1.71 0.78 -10.54
CA GLU H 119 -1.32 0.85 -11.94
C GLU H 119 -1.61 -0.45 -12.67
N LYS H 120 -1.60 -1.57 -11.95
CA LYS H 120 -1.85 -2.85 -12.58
C LYS H 120 -3.24 -2.93 -13.19
N LEU H 121 -4.17 -2.15 -12.66
CA LEU H 121 -5.59 -2.47 -12.71
C LEU H 121 -6.30 -1.64 -13.76
N GLY H 122 -7.11 -2.31 -14.59
CA GLY H 122 -8.24 -1.66 -15.18
C GLY H 122 -9.17 -1.14 -14.11
N ASP H 123 -10.11 -0.28 -14.55
CA ASP H 123 -10.83 0.55 -13.59
C ASP H 123 -11.59 -0.28 -12.56
N THR H 124 -12.57 -1.06 -13.00
CA THR H 124 -13.68 -1.40 -12.11
C THR H 124 -13.28 -2.16 -10.86
N PHE H 125 -12.98 -3.45 -10.98
CA PHE H 125 -12.61 -4.23 -9.80
C PHE H 125 -11.58 -5.30 -10.12
N GLN H 126 -10.53 -4.94 -10.85
CA GLN H 126 -9.65 -5.95 -11.45
C GLN H 126 -8.88 -6.77 -10.43
N GLY H 127 -9.10 -6.61 -9.13
CA GLY H 127 -8.37 -7.40 -8.16
C GLY H 127 -8.53 -8.88 -8.40
N SER H 128 -7.50 -9.64 -8.06
CA SER H 128 -7.49 -11.09 -8.23
C SER H 128 -7.94 -11.78 -6.94
N LEU H 129 -7.80 -13.11 -6.92
CA LEU H 129 -8.18 -13.88 -5.75
C LEU H 129 -7.54 -15.26 -5.84
N GLU H 130 -6.96 -15.71 -4.73
CA GLU H 130 -6.34 -17.03 -4.64
C GLU H 130 -7.23 -17.86 -3.72
N ARG H 131 -8.05 -18.73 -4.32
CA ARG H 131 -9.15 -19.34 -3.60
C ARG H 131 -8.70 -20.10 -2.37
N SER H 132 -7.46 -20.56 -2.32
CA SER H 132 -7.04 -21.40 -1.20
C SER H 132 -6.81 -20.62 0.10
N GLN H 133 -7.29 -19.38 0.22
CA GLN H 133 -7.14 -18.64 1.47
C GLN H 133 -7.67 -19.45 2.65
N PHE H 134 -8.89 -19.95 2.52
CA PHE H 134 -9.58 -20.54 3.67
C PHE H 134 -8.87 -21.80 4.16
N ASP H 135 -8.51 -22.69 3.23
CA ASP H 135 -7.88 -23.93 3.64
C ASP H 135 -6.53 -23.67 4.32
N ARG H 136 -5.83 -22.63 3.90
CA ARG H 136 -4.54 -22.34 4.52
C ARG H 136 -4.72 -21.84 5.95
N LEU H 137 -5.66 -20.92 6.15
CA LEU H 137 -6.03 -20.52 7.51
C LEU H 137 -6.41 -21.74 8.34
N PHE H 138 -7.20 -22.65 7.74
CA PHE H 138 -7.59 -23.85 8.45
C PHE H 138 -6.40 -24.72 8.80
N GLN H 139 -5.42 -24.80 7.91
CA GLN H 139 -4.25 -25.61 8.17
C GLN H 139 -3.46 -25.06 9.33
N ALA H 140 -3.28 -23.73 9.36
CA ALA H 140 -2.60 -23.11 10.50
C ALA H 140 -3.39 -23.35 11.79
N ILE H 141 -4.72 -23.29 11.70
CA ILE H 141 -5.55 -23.52 12.87
C ILE H 141 -5.42 -24.96 13.34
N THR H 142 -5.37 -25.90 12.40
CA THR H 142 -5.16 -27.29 12.74
C THR H 142 -3.82 -27.50 13.40
N SER H 143 -2.79 -26.79 12.92
CA SER H 143 -1.50 -26.80 13.60
C SER H 143 -1.66 -26.34 15.04
N LEU H 144 -2.38 -25.24 15.25
CA LEU H 144 -2.63 -24.78 16.62
C LEU H 144 -3.30 -25.85 17.45
N GLN H 145 -4.36 -26.47 16.92
CA GLN H 145 -5.04 -27.53 17.66
C GLN H 145 -4.08 -28.65 18.03
N ASN H 146 -3.27 -29.10 17.08
CA ASN H 146 -2.33 -30.18 17.36
C ASN H 146 -1.36 -29.78 18.45
N GLU H 147 -1.02 -28.48 18.52
CA GLU H 147 -0.14 -28.00 19.58
C GLU H 147 -0.79 -28.17 20.95
N LEU H 148 -2.09 -27.88 21.05
CA LEU H 148 -2.76 -27.96 22.34
C LEU H 148 -2.88 -29.38 22.86
N GLU H 149 -2.80 -30.39 21.99
CA GLU H 149 -2.76 -31.77 22.41
C GLU H 149 -1.36 -32.22 22.83
N ASN H 150 -0.34 -31.43 22.52
CA ASN H 150 1.03 -31.74 22.89
C ASN H 150 1.34 -31.40 24.35
N ASP H 151 0.39 -30.80 25.06
CA ASP H 151 0.51 -30.56 26.50
C ASP H 151 1.49 -29.43 26.81
N LEU H 152 1.61 -28.46 25.91
CA LEU H 152 2.36 -27.22 26.15
C LEU H 152 3.83 -27.46 26.43
N ASN H 153 4.43 -28.48 25.83
CA ASN H 153 5.83 -28.78 26.09
C ASN H 153 6.76 -28.08 25.09
N LYS H 154 6.25 -27.71 23.92
CA LYS H 154 7.10 -27.17 22.87
C LYS H 154 7.54 -25.74 23.21
N SER H 155 8.39 -25.19 22.35
CA SER H 155 9.05 -23.92 22.59
C SER H 155 8.22 -22.76 22.04
N ALA H 156 8.57 -21.56 22.51
CA ALA H 156 7.73 -20.37 22.27
C ALA H 156 7.60 -20.06 20.79
N GLU H 157 8.71 -20.13 20.05
CA GLU H 157 8.69 -19.72 18.65
C GLU H 157 7.75 -20.60 17.83
N GLU H 158 7.69 -21.89 18.15
CA GLU H 158 6.76 -22.77 17.46
C GLU H 158 5.33 -22.24 17.57
N TYR H 159 4.95 -21.76 18.76
CA TYR H 159 3.62 -21.21 18.96
C TYR H 159 3.47 -19.87 18.24
N MET H 160 4.49 -19.01 18.35
CA MET H 160 4.39 -17.66 17.78
C MET H 160 4.25 -17.71 16.27
N ARG H 161 4.99 -18.60 15.61
CA ARG H 161 4.93 -18.70 14.16
C ARG H 161 3.52 -19.06 13.71
N ILE H 162 2.91 -20.06 14.36
CA ILE H 162 1.57 -20.46 13.98
C ILE H 162 0.58 -19.35 14.30
N TRP H 163 0.75 -18.66 15.42
CA TRP H 163 -0.11 -17.54 15.76
C TRP H 163 -0.12 -16.53 14.62
N GLU H 164 1.06 -16.09 14.20
CA GLU H 164 1.09 -15.04 13.19
C GLU H 164 0.77 -15.55 11.80
N ASP H 165 0.93 -16.84 11.52
CA ASP H 165 0.46 -17.39 10.24
C ASP H 165 -1.06 -17.39 10.20
N VAL H 166 -1.68 -17.90 11.27
CA VAL H 166 -3.14 -17.86 11.38
C VAL H 166 -3.62 -16.43 11.19
N PHE H 167 -2.92 -15.48 11.80
CA PHE H 167 -3.40 -14.11 11.76
C PHE H 167 -3.11 -13.43 10.43
N ARG H 168 -2.00 -13.77 9.77
CA ARG H 168 -1.81 -13.35 8.39
C ARG H 168 -3.00 -13.79 7.55
N TYR H 169 -3.38 -15.06 7.67
CA TYR H 169 -4.45 -15.60 6.85
C TYR H 169 -5.79 -14.97 7.20
N PHE H 170 -6.06 -14.75 8.48
CA PHE H 170 -7.29 -14.09 8.89
C PHE H 170 -7.35 -12.66 8.36
N GLN H 171 -6.23 -11.92 8.48
CA GLN H 171 -6.18 -10.57 7.96
C GLN H 171 -6.43 -10.57 6.45
N THR H 172 -5.81 -11.52 5.75
CA THR H 172 -5.98 -11.60 4.30
C THR H 172 -7.43 -11.85 3.95
N ILE H 173 -8.06 -12.84 4.58
CA ILE H 173 -9.44 -13.17 4.25
C ILE H 173 -10.36 -12.04 4.67
N ARG H 174 -10.03 -11.34 5.76
CA ARG H 174 -10.83 -10.19 6.18
C ARG H 174 -10.78 -9.09 5.13
N THR H 175 -9.58 -8.77 4.65
CA THR H 175 -9.46 -7.80 3.57
C THR H 175 -10.20 -8.26 2.33
N SER H 176 -10.07 -9.54 2.00
CA SER H 176 -10.71 -10.08 0.81
C SER H 176 -12.23 -9.97 0.90
N THR H 177 -12.79 -10.32 2.04
CA THR H 177 -14.24 -10.26 2.18
C THR H 177 -14.73 -8.82 2.22
N ALA H 178 -13.97 -7.92 2.86
CA ALA H 178 -14.33 -6.51 2.79
C ALA H 178 -14.40 -6.06 1.34
N ASP H 179 -13.35 -6.31 0.57
CA ASP H 179 -13.33 -5.91 -0.84
C ASP H 179 -14.50 -6.54 -1.59
N TYR H 180 -14.67 -7.85 -1.44
CA TYR H 180 -15.70 -8.57 -2.18
C TYR H 180 -17.07 -8.02 -1.87
N ILE H 181 -17.43 -7.95 -0.59
CA ILE H 181 -18.77 -7.52 -0.21
C ILE H 181 -18.99 -6.06 -0.58
N ALA H 182 -17.97 -5.21 -0.49
CA ALA H 182 -18.13 -3.85 -0.95
C ALA H 182 -18.44 -3.83 -2.44
N TYR H 183 -17.73 -4.64 -3.21
CA TYR H 183 -18.02 -4.76 -4.63
C TYR H 183 -19.45 -5.25 -4.86
N ILE H 184 -19.91 -6.18 -4.03
CA ILE H 184 -21.29 -6.63 -4.08
C ILE H 184 -22.23 -5.47 -3.79
N ASN H 185 -21.88 -4.67 -2.78
CA ASN H 185 -22.80 -3.67 -2.24
C ASN H 185 -22.68 -2.36 -2.99
N SER H 186 -22.00 -2.38 -4.13
CA SER H 186 -21.79 -1.18 -4.91
C SER H 186 -23.11 -0.66 -5.50
N GLU H 187 -23.19 0.65 -5.65
CA GLU H 187 -24.33 1.25 -6.34
C GLU H 187 -24.52 0.64 -7.71
N GLN H 188 -23.44 0.32 -8.41
CA GLN H 188 -23.54 -0.42 -9.65
C GLN H 188 -24.37 -1.68 -9.48
N THR H 189 -24.13 -2.44 -8.41
CA THR H 189 -24.82 -3.69 -8.21
C THR H 189 -26.31 -3.50 -7.96
N ASP H 190 -26.67 -2.47 -7.20
CA ASP H 190 -28.04 -2.33 -6.70
C ASP H 190 -28.83 -1.26 -7.43
N GLN H 191 -28.33 -0.03 -7.46
CA GLN H 191 -29.06 1.09 -8.05
C GLN H 191 -29.06 1.05 -9.58
N ARG H 192 -27.92 0.75 -10.19
CA ARG H 192 -27.72 0.90 -11.62
C ARG H 192 -27.87 -0.42 -12.37
N MET H 193 -28.79 -1.28 -11.94
CA MET H 193 -28.96 -2.57 -12.59
C MET H 193 -29.40 -2.43 -14.05
N GLN H 194 -29.78 -1.23 -14.47
CA GLN H 194 -30.43 -1.03 -15.76
C GLN H 194 -29.43 -0.81 -16.88
N THR H 195 -28.23 -1.36 -16.74
CA THR H 195 -27.20 -1.22 -17.76
C THR H 195 -26.52 -2.56 -17.99
N GLU H 196 -25.78 -2.66 -19.10
CA GLU H 196 -25.01 -3.87 -19.38
C GLU H 196 -23.97 -4.14 -18.32
N ALA H 197 -23.56 -3.12 -17.56
CA ALA H 197 -22.64 -3.33 -16.46
C ALA H 197 -23.19 -4.35 -15.47
N PHE H 198 -24.52 -4.43 -15.36
CA PHE H 198 -25.13 -5.47 -14.53
C PHE H 198 -24.57 -6.84 -14.89
N LEU H 199 -24.38 -7.09 -16.20
CA LEU H 199 -23.83 -8.36 -16.64
C LEU H 199 -22.34 -8.46 -16.34
N VAL H 200 -21.60 -7.35 -16.41
CA VAL H 200 -20.18 -7.38 -16.10
C VAL H 200 -19.97 -7.70 -14.63
N TYR H 201 -20.69 -6.98 -13.77
CA TYR H 201 -20.73 -7.34 -12.36
C TYR H 201 -21.15 -8.79 -12.18
N LYS H 202 -22.08 -9.25 -13.01
CA LYS H 202 -22.48 -10.65 -12.90
C LYS H 202 -21.31 -11.58 -13.14
N ASN H 203 -20.52 -11.28 -14.17
CA ASN H 203 -19.38 -12.15 -14.49
C ASN H 203 -18.37 -12.16 -13.36
N GLN H 204 -17.96 -10.99 -12.90
CA GLN H 204 -16.97 -10.95 -11.82
C GLN H 204 -17.56 -11.53 -10.53
N PHE H 205 -18.85 -11.32 -10.30
CA PHE H 205 -19.52 -11.80 -9.11
C PHE H 205 -19.57 -13.32 -9.10
N THR H 206 -19.90 -13.93 -10.23
CA THR H 206 -19.89 -15.38 -10.32
C THR H 206 -18.48 -15.92 -10.22
N THR H 207 -17.50 -15.18 -10.72
CA THR H 207 -16.11 -15.58 -10.52
C THR H 207 -15.79 -15.67 -9.03
N TYR H 208 -16.13 -14.62 -8.29
CA TYR H 208 -15.86 -14.63 -6.85
C TYR H 208 -16.75 -15.61 -6.10
N LEU H 209 -17.92 -15.94 -6.62
CA LEU H 209 -18.71 -17.01 -6.02
C LEU H 209 -18.00 -18.34 -6.21
N ARG H 210 -17.57 -18.61 -7.44
CA ARG H 210 -16.94 -19.89 -7.76
C ARG H 210 -15.61 -20.06 -7.02
N ASP H 211 -14.90 -18.97 -6.76
CA ASP H 211 -13.60 -19.09 -6.09
C ASP H 211 -13.68 -18.77 -4.60
N PHE H 212 -14.08 -17.55 -4.27
CA PHE H 212 -14.10 -17.12 -2.87
C PHE H 212 -15.14 -17.92 -2.08
N ILE H 213 -16.36 -17.98 -2.60
CA ILE H 213 -17.46 -18.54 -1.82
C ILE H 213 -17.43 -20.06 -1.85
N VAL H 214 -16.93 -20.65 -2.94
CA VAL H 214 -16.84 -22.12 -3.00
C VAL H 214 -15.88 -22.64 -1.94
N SER H 215 -14.67 -22.09 -1.90
CA SER H 215 -13.72 -22.49 -0.87
C SER H 215 -14.22 -22.09 0.51
N LEU H 216 -14.76 -20.88 0.63
CA LEU H 216 -15.36 -20.43 1.88
C LEU H 216 -16.28 -21.48 2.45
N GLN H 217 -17.30 -21.84 1.69
CA GLN H 217 -18.29 -22.81 2.17
C GLN H 217 -17.66 -24.17 2.41
N LYS H 218 -16.89 -24.66 1.44
CA LYS H 218 -16.27 -25.98 1.58
C LYS H 218 -15.43 -26.06 2.83
N THR H 219 -14.88 -24.93 3.28
CA THR H 219 -13.96 -24.89 4.41
C THR H 219 -14.62 -24.39 5.68
N SER H 220 -15.75 -23.68 5.56
CA SER H 220 -16.30 -22.95 6.69
C SER H 220 -16.73 -23.86 7.83
N LEU H 221 -17.26 -25.05 7.53
CA LEU H 221 -17.73 -25.93 8.60
C LEU H 221 -16.60 -26.23 9.57
N GLN H 222 -15.47 -26.71 9.05
CA GLN H 222 -14.34 -27.05 9.90
C GLN H 222 -13.77 -25.80 10.55
N ILE H 223 -13.75 -24.68 9.82
CA ILE H 223 -13.32 -23.40 10.41
C ILE H 223 -14.11 -23.11 11.68
N GLN H 224 -15.42 -23.01 11.55
CA GLN H 224 -16.25 -22.66 12.70
C GLN H 224 -16.12 -23.69 13.80
N HIS H 225 -16.06 -24.98 13.44
CA HIS H 225 -15.92 -25.99 14.48
C HIS H 225 -14.62 -25.80 15.26
N SER H 226 -13.50 -25.67 14.56
CA SER H 226 -12.23 -25.47 15.25
C SER H 226 -12.24 -24.19 16.07
N LEU H 227 -12.93 -23.16 15.59
CA LEU H 227 -13.08 -21.94 16.38
C LEU H 227 -13.79 -22.24 17.69
N SER H 228 -14.85 -23.04 17.64
CA SER H 228 -15.53 -23.43 18.87
C SER H 228 -14.60 -24.24 19.76
N GLU H 229 -13.79 -25.12 19.15
CA GLU H 229 -12.87 -25.94 19.91
C GLU H 229 -11.80 -25.12 20.61
N LEU H 230 -11.38 -24.00 20.00
CA LEU H 230 -10.29 -23.20 20.51
C LEU H 230 -10.85 -22.20 21.53
N THR H 231 -11.06 -22.69 22.75
CA THR H 231 -11.57 -21.83 23.81
C THR H 231 -10.49 -20.89 24.31
N LEU H 232 -10.91 -19.67 24.65
CA LEU H 232 -9.97 -18.66 25.12
C LEU H 232 -9.15 -19.17 26.30
N GLU H 233 -9.77 -19.94 27.20
CA GLU H 233 -9.02 -20.50 28.31
C GLU H 233 -7.93 -21.44 27.82
N ARG H 234 -8.25 -22.33 26.88
CA ARG H 234 -7.22 -23.15 26.28
C ARG H 234 -6.13 -22.30 25.65
N LEU H 235 -6.50 -21.12 25.14
CA LEU H 235 -5.52 -20.27 24.48
C LEU H 235 -4.75 -19.42 25.48
N GLN H 236 -5.13 -19.41 26.75
CA GLN H 236 -4.44 -18.54 27.70
C GLN H 236 -3.04 -19.06 28.03
N HIS H 237 -2.89 -20.36 28.28
CA HIS H 237 -1.55 -20.89 28.47
C HIS H 237 -0.76 -20.84 27.17
N PHE H 238 -1.42 -21.06 26.04
CA PHE H 238 -0.79 -20.82 24.75
C PHE H 238 -0.30 -19.39 24.65
N PHE H 239 -1.04 -18.44 25.22
CA PHE H 239 -0.64 -17.04 25.20
C PHE H 239 0.55 -16.80 26.12
N GLN H 240 0.63 -17.54 27.23
CA GLN H 240 1.85 -17.48 28.04
C GLN H 240 3.05 -17.96 27.24
N LYS H 241 2.89 -19.05 26.50
CA LYS H 241 3.96 -19.49 25.61
C LYS H 241 4.27 -18.45 24.54
N LEU H 242 3.24 -17.76 24.03
CA LEU H 242 3.47 -16.68 23.08
C LEU H 242 4.28 -15.56 23.72
N ILE H 243 3.96 -15.22 24.96
CA ILE H 243 4.75 -14.25 25.71
C ILE H 243 6.18 -14.72 25.81
N GLU H 244 6.38 -16.04 25.92
CA GLU H 244 7.72 -16.60 26.03
C GLU H 244 8.59 -16.23 24.84
N HIS H 245 8.00 -15.86 23.71
CA HIS H 245 8.74 -15.40 22.54
C HIS H 245 8.60 -13.90 22.30
N ARG H 246 7.41 -13.33 22.51
CA ARG H 246 7.20 -11.91 22.31
C ARG H 246 8.10 -11.09 23.23
N GLY H 247 8.12 -11.43 24.51
CA GLY H 247 9.03 -10.79 25.44
C GLY H 247 10.47 -11.19 25.19
N ALA H 248 10.67 -12.40 24.66
CA ALA H 248 12.01 -12.81 24.30
C ALA H 248 12.64 -11.83 23.32
N ILE H 249 11.82 -11.25 22.44
CA ILE H 249 12.28 -10.18 21.56
C ILE H 249 12.43 -8.92 22.42
N PRO H 250 13.63 -8.33 22.51
CA PRO H 250 13.75 -7.05 23.24
C PRO H 250 13.14 -5.90 22.44
N ARG H 251 11.82 -5.84 22.46
CA ARG H 251 11.10 -4.94 21.59
C ARG H 251 11.22 -3.49 22.05
N LEU H 252 11.59 -2.61 21.12
CA LEU H 252 11.50 -1.17 21.33
C LEU H 252 10.12 -0.63 21.02
N GLU H 253 9.28 -1.41 20.33
CA GLU H 253 7.95 -0.96 19.96
C GLU H 253 7.11 -0.70 21.22
N ASP H 254 5.87 -0.26 20.99
CA ASP H 254 4.93 -0.07 22.09
C ASP H 254 4.57 -1.38 22.76
N VAL H 255 5.11 -2.51 22.31
CA VAL H 255 4.96 -3.77 23.00
C VAL H 255 5.59 -3.77 24.38
N SER H 256 6.25 -2.67 24.76
CA SER H 256 6.79 -2.50 26.11
C SER H 256 5.72 -2.73 27.17
N SER H 257 4.45 -2.73 26.77
CA SER H 257 3.37 -3.03 27.70
C SER H 257 3.61 -4.35 28.40
N SER H 258 2.93 -4.57 29.52
CA SER H 258 3.21 -5.73 30.36
C SER H 258 2.83 -7.02 29.63
N THR H 259 3.33 -8.13 30.17
CA THR H 259 2.99 -9.44 29.64
C THR H 259 1.48 -9.66 29.61
N ASN H 260 0.78 -9.21 30.65
CA ASN H 260 -0.66 -9.43 30.72
C ASN H 260 -1.41 -8.59 29.68
N ASP H 261 -0.87 -7.43 29.32
CA ASP H 261 -1.44 -6.69 28.19
C ASP H 261 -1.36 -7.52 26.92
N TRP H 262 -0.22 -8.19 26.71
CA TRP H 262 -0.09 -9.06 25.55
C TRP H 262 -1.08 -10.21 25.63
N LEU H 263 -1.25 -10.78 26.82
CA LEU H 263 -2.24 -11.84 27.02
C LEU H 263 -3.62 -11.39 26.58
N THR H 264 -4.06 -10.23 27.10
CA THR H 264 -5.38 -9.72 26.77
C THR H 264 -5.48 -9.40 25.28
N GLU H 265 -4.39 -8.92 24.67
CA GLU H 265 -4.45 -8.59 23.25
C GLU H 265 -4.59 -9.84 22.40
N TYR H 266 -3.84 -10.91 22.72
CA TYR H 266 -4.05 -12.17 22.02
C TYR H 266 -5.49 -12.64 22.20
N GLU H 267 -6.00 -12.55 23.43
CA GLU H 267 -7.36 -13.02 23.68
C GLU H 267 -8.37 -12.25 22.85
N GLU H 268 -8.22 -10.92 22.79
CA GLU H 268 -9.16 -10.10 22.03
C GLU H 268 -9.07 -10.41 20.54
N TYR H 269 -7.86 -10.56 20.01
CA TYR H 269 -7.72 -10.89 18.59
C TYR H 269 -8.33 -12.24 18.28
N TRP H 270 -8.09 -13.23 19.15
CA TRP H 270 -8.66 -14.56 18.93
C TRP H 270 -10.18 -14.50 18.98
N PHE H 271 -10.74 -13.75 19.92
CA PHE H 271 -12.19 -13.62 19.97
C PHE H 271 -12.71 -12.89 18.75
N SER H 272 -11.93 -11.97 18.19
CA SER H 272 -12.31 -11.34 16.93
C SER H 272 -12.39 -12.38 15.83
N LEU H 273 -11.41 -13.27 15.75
CA LEU H 273 -11.48 -14.37 14.78
C LEU H 273 -12.71 -15.23 15.02
N ARG H 274 -12.96 -15.57 16.29
CA ARG H 274 -14.12 -16.39 16.63
C ARG H 274 -15.41 -15.73 16.18
N GLN H 275 -15.53 -14.43 16.41
CA GLN H 275 -16.70 -13.71 15.93
C GLN H 275 -16.78 -13.74 14.41
N TRP H 276 -15.64 -13.56 13.75
CA TRP H 276 -15.66 -13.40 12.30
C TRP H 276 -16.09 -14.69 11.60
N PHE H 277 -15.59 -15.84 12.07
CA PHE H 277 -15.90 -17.10 11.39
C PHE H 277 -16.52 -18.15 12.30
N LEU H 278 -16.98 -17.75 13.49
CA LEU H 278 -17.85 -18.58 14.31
C LEU H 278 -19.03 -17.76 14.80
N GLY H 279 -18.85 -16.44 14.88
CA GLY H 279 -19.90 -15.59 15.40
C GLY H 279 -19.96 -15.69 16.90
N SER H 280 -21.17 -15.73 17.43
CA SER H 280 -21.39 -15.81 18.87
C SER H 280 -22.80 -16.32 19.12
N ALA H 281 -23.03 -16.78 20.35
CA ALA H 281 -24.37 -17.24 20.71
C ALA H 281 -25.36 -16.10 20.69
N VAL H 282 -24.88 -14.86 20.66
CA VAL H 282 -25.75 -13.68 20.73
C VAL H 282 -25.87 -13.01 19.36
N GLN H 283 -24.87 -13.21 18.50
CA GLN H 283 -24.84 -12.50 17.23
C GLN H 283 -24.27 -13.42 16.15
N GLN H 284 -24.57 -13.08 14.90
CA GLN H 284 -24.11 -13.86 13.77
C GLN H 284 -22.69 -13.45 13.38
N SER H 285 -21.94 -14.41 12.84
CA SER H 285 -20.56 -14.18 12.45
C SER H 285 -20.49 -13.32 11.21
N GLU H 286 -19.30 -12.77 10.95
CA GLU H 286 -19.07 -12.11 9.67
C GLU H 286 -19.22 -13.10 8.51
N LEU H 287 -18.93 -14.37 8.75
CA LEU H 287 -19.17 -15.39 7.74
C LEU H 287 -20.64 -15.45 7.39
N ASP H 288 -21.50 -15.50 8.41
CA ASP H 288 -22.94 -15.55 8.16
C ASP H 288 -23.45 -14.25 7.58
N ILE H 289 -22.88 -13.12 7.97
CA ILE H 289 -23.28 -11.85 7.38
C ILE H 289 -22.98 -11.85 5.89
N LEU H 290 -21.77 -12.23 5.52
CA LEU H 290 -21.40 -12.33 4.11
C LEU H 290 -22.31 -13.32 3.40
N GLN H 291 -22.57 -14.46 4.03
CA GLN H 291 -23.40 -15.49 3.42
C GLN H 291 -24.79 -14.96 3.12
N TRP H 292 -25.43 -14.36 4.12
CA TRP H 292 -26.77 -13.82 3.95
C TRP H 292 -26.79 -12.71 2.90
N GLN H 293 -25.81 -11.81 2.95
CA GLN H 293 -25.79 -10.71 2.00
C GLN H 293 -25.60 -11.23 0.57
N THR H 294 -24.71 -12.20 0.39
CA THR H 294 -24.50 -12.76 -0.94
C THR H 294 -25.76 -13.47 -1.42
N ASN H 295 -26.42 -14.21 -0.54
CA ASN H 295 -27.65 -14.89 -0.93
C ASN H 295 -28.73 -13.90 -1.30
N GLU H 296 -28.85 -12.82 -0.54
CA GLU H 296 -29.82 -11.78 -0.86
C GLU H 296 -29.49 -11.15 -2.21
N MET H 297 -28.21 -10.91 -2.46
CA MET H 297 -27.82 -10.33 -3.74
C MET H 297 -28.13 -11.28 -4.87
N ILE H 298 -27.92 -12.58 -4.66
CA ILE H 298 -28.26 -13.55 -5.69
C ILE H 298 -29.76 -13.53 -5.94
N ARG H 299 -30.55 -13.43 -4.86
CA ARG H 299 -32.00 -13.37 -5.01
C ARG H 299 -32.40 -12.17 -5.86
N ARG H 300 -31.88 -10.99 -5.51
CA ARG H 300 -32.25 -9.78 -6.24
C ARG H 300 -31.74 -9.82 -7.67
N MET H 301 -30.53 -10.34 -7.87
CA MET H 301 -29.97 -10.47 -9.21
C MET H 301 -30.78 -11.40 -10.08
N THR H 302 -31.14 -12.57 -9.54
CA THR H 302 -31.99 -13.50 -10.26
C THR H 302 -33.33 -12.85 -10.56
N ARG H 303 -33.86 -12.10 -9.59
CA ARG H 303 -35.09 -11.36 -9.82
C ARG H 303 -34.94 -10.39 -10.97
N TYR H 304 -33.79 -9.72 -11.06
CA TYR H 304 -33.59 -8.74 -12.13
C TYR H 304 -33.48 -9.43 -13.49
N VAL H 305 -32.75 -10.54 -13.55
CA VAL H 305 -32.66 -11.28 -14.80
C VAL H 305 -34.04 -11.77 -15.22
N GLN H 306 -34.78 -12.32 -14.25
CA GLN H 306 -36.15 -12.74 -14.48
C GLN H 306 -36.99 -11.57 -15.00
N ARG H 307 -36.80 -10.38 -14.43
CA ARG H 307 -37.53 -9.20 -14.88
C ARG H 307 -37.19 -8.89 -16.32
N ILE H 308 -35.90 -9.00 -16.68
CA ILE H 308 -35.51 -8.85 -18.08
C ILE H 308 -36.28 -9.85 -18.92
N GLY H 309 -36.49 -11.05 -18.41
CA GLY H 309 -37.37 -11.99 -19.08
C GLY H 309 -38.80 -11.51 -19.15
N GLU H 310 -39.29 -10.90 -18.06
CA GLU H 310 -40.68 -10.43 -18.02
C GLU H 310 -40.87 -9.22 -18.94
N ARG H 311 -39.80 -8.47 -19.16
CA ARG H 311 -39.90 -7.21 -19.90
C ARG H 311 -40.16 -7.43 -21.37
N GLN H 312 -40.12 -8.67 -21.84
CA GLN H 312 -40.41 -8.98 -23.23
C GLN H 312 -41.90 -9.17 -23.49
N GLN H 313 -42.70 -9.45 -22.45
CA GLN H 313 -44.05 -9.98 -22.66
C GLN H 313 -45.15 -9.31 -21.83
N HIS H 314 -44.78 -8.76 -20.67
CA HIS H 314 -45.76 -8.61 -19.59
C HIS H 314 -46.85 -7.59 -19.91
N PHE H 315 -46.50 -6.51 -20.59
CA PHE H 315 -47.21 -5.24 -20.42
C PHE H 315 -48.71 -5.36 -20.70
N ARG H 316 -49.50 -4.70 -19.84
CA ARG H 316 -50.94 -4.54 -20.00
C ARG H 316 -51.34 -3.14 -19.54
N SER H 317 -52.60 -2.78 -19.80
CA SER H 317 -53.09 -1.48 -19.38
C SER H 317 -54.60 -1.40 -19.55
N ARG H 318 -55.24 -0.65 -18.64
CA ARG H 318 -56.69 -0.50 -18.65
C ARG H 318 -57.18 0.91 -18.33
N LYS H 319 -56.31 1.91 -18.29
CA LYS H 319 -56.70 3.24 -17.82
C LYS H 319 -57.86 3.80 -18.63
N LYS H 320 -57.80 3.67 -19.94
CA LYS H 320 -58.83 4.16 -20.85
C LYS H 320 -60.22 3.96 -20.29
N ASP H 321 -60.45 2.77 -19.73
CA ASP H 321 -61.78 2.40 -19.27
C ASP H 321 -62.37 3.46 -18.36
N TYR H 322 -61.57 3.94 -17.43
CA TYR H 322 -62.10 4.71 -16.30
C TYR H 322 -62.76 5.98 -16.78
N LEU H 323 -62.40 6.44 -17.98
CA LEU H 323 -62.88 7.72 -18.48
C LEU H 323 -64.38 7.67 -18.76
N GLN H 324 -64.82 6.65 -19.49
CA GLN H 324 -66.25 6.54 -19.81
C GLN H 324 -67.07 6.45 -18.54
N LEU H 325 -66.60 5.69 -17.56
CA LEU H 325 -67.38 5.50 -16.35
C LEU H 325 -67.41 6.77 -15.51
N SER H 326 -66.29 7.48 -15.45
CA SER H 326 -66.28 8.77 -14.77
C SER H 326 -67.25 9.73 -15.45
N LYS H 327 -67.27 9.75 -16.78
CA LYS H 327 -68.22 10.60 -17.46
C LYS H 327 -69.65 10.20 -17.12
N TRP H 328 -69.94 8.90 -17.15
CA TRP H 328 -71.27 8.45 -16.78
C TRP H 328 -71.62 8.93 -15.38
N PHE H 329 -70.66 8.90 -14.46
CA PHE H 329 -70.87 9.53 -13.16
C PHE H 329 -71.19 11.00 -13.30
N VAL H 330 -70.55 11.68 -14.25
CA VAL H 330 -70.87 13.08 -14.50
C VAL H 330 -72.36 13.23 -14.82
N GLU H 331 -72.89 12.38 -15.70
CA GLU H 331 -74.30 12.49 -16.02
C GLU H 331 -75.20 12.15 -14.84
N CYS H 332 -74.66 11.62 -13.76
CA CYS H 332 -75.50 11.30 -12.61
C CYS H 332 -76.03 12.60 -12.03
N ARG H 333 -77.31 12.89 -12.30
CA ARG H 333 -77.99 14.07 -11.83
C ARG H 333 -78.39 13.98 -10.37
N ASP H 334 -78.30 12.80 -9.76
CA ASP H 334 -78.71 12.59 -8.39
C ASP H 334 -77.98 11.37 -7.85
N SER H 335 -77.65 11.44 -6.55
CA SER H 335 -76.66 10.54 -5.99
C SER H 335 -77.21 9.16 -5.67
N GLU H 336 -78.53 8.97 -5.68
CA GLU H 336 -79.06 7.62 -5.52
C GLU H 336 -79.08 6.88 -6.84
N GLU H 337 -79.46 7.56 -7.92
CA GLU H 337 -79.14 7.09 -9.25
C GLU H 337 -77.66 6.79 -9.37
N ALA H 338 -76.82 7.67 -8.82
CA ALA H 338 -75.38 7.45 -8.86
C ALA H 338 -75.00 6.21 -8.06
N HIS H 339 -75.65 6.01 -6.91
CA HIS H 339 -75.41 4.81 -6.13
C HIS H 339 -75.77 3.57 -6.92
N LYS H 340 -76.88 3.61 -7.63
CA LYS H 340 -77.27 2.49 -8.48
C LYS H 340 -76.21 2.25 -9.54
N LEU H 341 -75.70 3.31 -10.15
CA LEU H 341 -74.65 3.16 -11.14
C LEU H 341 -73.41 2.55 -10.50
N SER H 342 -73.09 2.97 -9.27
CA SER H 342 -71.97 2.38 -8.55
C SER H 342 -72.18 0.89 -8.36
N ALA H 343 -73.39 0.52 -7.97
CA ALA H 343 -73.72 -0.91 -7.82
C ALA H 343 -73.60 -1.63 -9.15
N VAL H 344 -73.83 -0.93 -10.26
CA VAL H 344 -73.51 -1.49 -11.56
C VAL H 344 -72.01 -1.74 -11.65
N VAL H 345 -71.24 -0.73 -11.27
CA VAL H 345 -69.80 -0.79 -11.46
C VAL H 345 -69.20 -1.93 -10.66
N PHE H 346 -69.63 -2.09 -9.41
CA PHE H 346 -68.98 -3.11 -8.59
C PHE H 346 -69.91 -3.86 -7.65
N GLY H 347 -71.21 -3.58 -7.67
CA GLY H 347 -72.12 -4.33 -6.82
C GLY H 347 -72.16 -3.78 -5.41
N SER H 348 -72.22 -4.69 -4.43
CA SER H 348 -72.38 -4.34 -3.03
C SER H 348 -71.25 -4.93 -2.21
N MET H 349 -70.62 -4.09 -1.39
CA MET H 349 -69.60 -4.55 -0.46
C MET H 349 -70.17 -5.59 0.49
N THR H 350 -71.45 -5.45 0.84
CA THR H 350 -72.11 -6.35 1.79
C THR H 350 -73.51 -6.67 1.30
N ILE H 351 -74.35 -7.25 2.17
CA ILE H 351 -75.72 -7.58 1.81
C ILE H 351 -76.65 -7.07 2.89
N GLN H 352 -77.89 -6.76 2.48
CA GLN H 352 -78.92 -6.22 3.35
C GLN H 352 -79.91 -7.33 3.68
N HIS H 353 -80.16 -7.53 4.97
CA HIS H 353 -81.13 -8.52 5.43
C HIS H 353 -81.57 -8.19 6.84
N LEU H 354 -82.56 -8.94 7.32
CA LEU H 354 -83.24 -8.69 8.58
C LEU H 354 -83.16 -9.93 9.46
N GLN H 355 -83.05 -9.72 10.78
CA GLN H 355 -82.99 -10.87 11.68
C GLN H 355 -84.37 -11.16 12.26
N LEU H 356 -84.64 -12.45 12.45
CA LEU H 356 -85.89 -12.92 13.02
C LEU H 356 -85.61 -13.89 14.15
N GLU H 357 -86.67 -14.24 14.87
CA GLU H 357 -86.52 -15.03 16.10
C GLU H 357 -86.84 -16.49 15.87
N GLU H 358 -87.78 -16.78 14.99
CA GLU H 358 -88.28 -18.15 14.84
C GLU H 358 -88.87 -18.34 13.44
N ALA H 359 -88.90 -19.59 13.01
CA ALA H 359 -89.58 -19.93 11.77
C ALA H 359 -91.05 -19.55 11.85
N THR H 360 -91.70 -19.51 10.70
CA THR H 360 -93.11 -19.15 10.60
C THR H 360 -93.81 -20.09 9.64
N THR H 361 -95.13 -20.04 9.68
CA THR H 361 -95.92 -20.83 8.73
C THR H 361 -95.56 -20.43 7.31
N GLU H 362 -95.57 -21.41 6.41
CA GLU H 362 -95.11 -21.19 5.05
C GLU H 362 -96.30 -20.90 4.13
N ASN H 363 -97.31 -20.22 4.64
CA ASN H 363 -98.49 -19.91 3.85
C ASN H 363 -98.16 -18.94 2.74
N LEU H 364 -98.03 -19.46 1.51
CA LEU H 364 -97.79 -18.60 0.36
C LEU H 364 -98.95 -17.66 0.11
N HIS H 365 -100.18 -18.14 0.29
CA HIS H 365 -101.37 -17.45 -0.16
C HIS H 365 -101.86 -16.41 0.83
N VAL H 366 -101.01 -15.95 1.75
CA VAL H 366 -101.39 -14.96 2.74
C VAL H 366 -100.28 -13.92 2.87
N ASP H 367 -100.68 -12.68 3.09
CA ASP H 367 -99.77 -11.55 3.21
C ASP H 367 -99.51 -11.20 4.66
N THR H 368 -98.45 -10.41 4.87
CA THR H 368 -98.03 -10.06 6.22
C THR H 368 -99.09 -9.28 6.98
N TRP H 369 -99.82 -8.40 6.31
CA TRP H 369 -100.86 -7.64 6.98
C TRP H 369 -101.92 -8.56 7.58
N ASP H 370 -102.27 -9.63 6.88
CA ASP H 370 -103.06 -10.69 7.51
C ASP H 370 -102.31 -11.29 8.69
N GLU H 371 -101.01 -11.49 8.53
CA GLU H 371 -100.22 -12.08 9.60
C GLU H 371 -100.20 -11.17 10.82
N ALA H 372 -100.05 -11.76 11.99
CA ALA H 372 -99.70 -10.99 13.16
C ALA H 372 -98.24 -10.58 13.04
N PRO H 373 -97.92 -9.29 13.04
CA PRO H 373 -96.54 -8.88 12.77
C PRO H 373 -95.62 -9.19 13.94
N THR H 374 -94.33 -9.15 13.64
CA THR H 374 -93.30 -9.38 14.65
C THR H 374 -93.25 -8.20 15.60
N GLU H 375 -94.06 -8.24 16.64
CA GLU H 375 -94.12 -7.13 17.59
C GLU H 375 -92.81 -7.10 18.37
N LEU H 376 -92.26 -5.90 18.54
CA LEU H 376 -90.92 -5.72 19.08
C LEU H 376 -90.96 -4.76 20.26
N THR H 377 -90.36 -5.16 21.37
CA THR H 377 -90.23 -4.25 22.50
C THR H 377 -89.11 -3.27 22.22
N ILE H 378 -89.45 -2.21 21.49
CA ILE H 378 -88.49 -1.14 21.17
C ILE H 378 -87.92 -0.63 22.48
N LYS H 379 -86.61 -0.78 22.66
CA LYS H 379 -85.98 -0.24 23.85
C LYS H 379 -86.00 1.28 23.70
N PRO H 380 -86.70 2.00 24.56
CA PRO H 380 -86.88 3.44 24.34
C PRO H 380 -85.55 4.17 24.29
N ARG H 381 -85.46 5.16 23.41
CA ARG H 381 -84.22 5.90 23.21
C ARG H 381 -84.16 7.12 24.11
N THR H 382 -84.28 6.85 25.41
CA THR H 382 -84.04 7.86 26.43
C THR H 382 -83.38 7.19 27.62
N VAL H 383 -82.37 7.88 28.17
CA VAL H 383 -81.84 7.43 29.46
C VAL H 383 -82.97 7.32 30.46
N ARG H 384 -84.08 8.04 30.22
CA ARG H 384 -85.23 7.99 31.12
C ARG H 384 -85.62 6.55 31.44
N TYR H 385 -85.56 5.67 30.43
CA TYR H 385 -85.64 4.25 30.73
C TYR H 385 -84.28 3.74 31.16
N ARG H 386 -83.39 3.51 30.21
CA ARG H 386 -82.00 3.24 30.43
C ARG H 386 -81.34 3.34 29.05
N GLU H 387 -80.24 4.10 28.93
CA GLU H 387 -79.59 4.21 27.62
C GLU H 387 -78.12 3.87 27.86
N LYS H 388 -77.92 2.76 28.54
CA LYS H 388 -76.67 2.44 29.19
C LYS H 388 -75.51 2.39 28.21
N THR H 389 -74.39 2.98 28.62
CA THR H 389 -73.13 2.88 27.89
C THR H 389 -72.04 2.41 28.84
N LYS H 390 -72.15 2.82 30.11
CA LYS H 390 -71.17 2.46 31.11
C LYS H 390 -71.58 1.14 31.79
N PRO H 391 -70.63 0.46 32.43
CA PRO H 391 -70.89 -0.93 32.86
C PRO H 391 -71.98 -1.01 33.92
N GLY H 392 -72.62 -2.18 33.96
CA GLY H 392 -73.69 -2.44 34.91
C GLY H 392 -73.24 -3.16 36.17
N SER H 393 -74.11 -3.21 37.16
CA SER H 393 -73.78 -3.86 38.41
C SER H 393 -74.18 -5.31 38.39
N PHE H 394 -73.29 -6.18 38.86
CA PHE H 394 -73.65 -7.56 39.09
C PHE H 394 -74.63 -7.67 40.26
N ASN H 395 -75.41 -8.74 40.26
CA ASN H 395 -76.45 -8.90 41.27
C ASN H 395 -75.87 -8.92 42.67
N SER H 396 -74.59 -9.24 42.83
CA SER H 396 -74.00 -9.42 44.15
C SER H 396 -74.79 -10.49 44.90
N ASN H 397 -74.75 -11.69 44.35
CA ASN H 397 -75.50 -12.84 44.83
C ASN H 397 -74.97 -13.38 46.11
N GLU H 398 -74.09 -12.69 46.83
CA GLU H 398 -73.58 -13.22 48.09
C GLU H 398 -74.71 -13.77 48.95
N GLN H 399 -75.91 -13.22 48.82
CA GLN H 399 -77.08 -13.79 49.49
C GLN H 399 -77.36 -15.20 48.98
N LYS H 400 -77.47 -15.35 47.66
CA LYS H 400 -77.76 -16.65 47.08
C LYS H 400 -76.61 -17.62 47.30
N LYS H 401 -75.37 -17.14 47.19
CA LYS H 401 -74.22 -18.02 47.29
C LYS H 401 -74.02 -18.51 48.72
N LYS H 402 -74.16 -17.60 49.70
CA LYS H 402 -74.10 -18.00 51.10
C LYS H 402 -75.21 -18.99 51.42
N GLU H 403 -76.43 -18.69 50.97
CA GLU H 403 -77.55 -19.59 51.22
C GLU H 403 -77.31 -20.95 50.59
N GLN H 404 -76.79 -20.96 49.36
CA GLN H 404 -76.54 -22.23 48.68
C GLN H 404 -75.46 -23.03 49.39
N ARG H 405 -74.37 -22.38 49.80
CA ARG H 405 -73.36 -23.11 50.55
C ARG H 405 -73.94 -23.65 51.85
N GLU H 406 -74.75 -22.83 52.52
CA GLU H 406 -75.37 -23.27 53.77
C GLU H 406 -76.22 -24.51 53.54
N LEU H 407 -77.12 -24.45 52.56
CA LEU H 407 -78.03 -25.56 52.31
C LEU H 407 -77.28 -26.80 51.82
N TYR H 408 -76.34 -26.60 50.89
CA TYR H 408 -75.57 -27.72 50.35
C TYR H 408 -74.74 -28.38 51.44
N LEU H 409 -74.09 -27.59 52.29
CA LEU H 409 -73.30 -28.15 53.37
C LEU H 409 -74.17 -28.74 54.45
N LYS H 410 -75.41 -28.28 54.59
CA LYS H 410 -76.33 -28.92 55.51
C LYS H 410 -76.75 -30.29 55.00
N GLU H 411 -76.98 -30.39 53.69
CA GLU H 411 -77.17 -31.71 53.09
C GLU H 411 -75.94 -32.58 53.28
N ARG H 412 -74.75 -32.00 53.11
CA ARG H 412 -73.52 -32.73 53.34
C ARG H 412 -73.41 -33.19 54.79
N GLU H 413 -73.86 -32.35 55.72
CA GLU H 413 -73.82 -32.72 57.13
C GLU H 413 -74.80 -33.84 57.43
N GLN H 414 -75.98 -33.80 56.81
CA GLN H 414 -76.92 -34.91 56.93
C GLN H 414 -76.29 -36.19 56.44
N GLU H 415 -75.63 -36.12 55.28
CA GLU H 415 -74.98 -37.30 54.70
C GLU H 415 -73.85 -37.79 55.61
N LYS H 416 -73.06 -36.86 56.15
CA LYS H 416 -71.97 -37.21 57.05
C LYS H 416 -72.50 -37.87 58.32
N LYS H 417 -73.64 -37.39 58.82
CA LYS H 417 -74.24 -37.99 60.00
C LYS H 417 -74.78 -39.38 59.69
N LEU H 418 -75.39 -39.55 58.52
CA LEU H 418 -75.86 -40.87 58.12
C LEU H 418 -74.70 -41.85 57.98
N ILE H 419 -73.58 -41.40 57.43
CA ILE H 419 -72.38 -42.23 57.40
C ILE H 419 -71.91 -42.52 58.82
N GLU H 420 -71.95 -41.50 59.69
CA GLU H 420 -71.61 -41.68 61.09
C GLU H 420 -72.59 -42.64 61.77
N LYS H 421 -73.78 -42.80 61.20
CA LYS H 421 -74.77 -43.70 61.79
C LYS H 421 -74.32 -45.15 61.70
N TYR H 422 -73.26 -45.43 60.92
CA TYR H 422 -72.87 -46.81 60.64
C TYR H 422 -71.38 -47.09 60.78
N MET H 423 -70.52 -46.08 60.92
CA MET H 423 -69.14 -46.40 61.27
C MET H 423 -69.14 -47.10 62.62
N THR H 424 -68.83 -48.39 62.62
CA THR H 424 -68.84 -49.21 63.82
C THR H 424 -67.63 -50.12 63.80
N GLN H 425 -66.79 -50.03 64.82
CA GLN H 425 -65.56 -50.82 64.91
C GLN H 425 -64.67 -50.60 63.71
N GLY H 426 -64.68 -49.38 63.15
CA GLY H 426 -63.93 -49.10 61.96
C GLY H 426 -64.36 -49.87 60.74
N LYS H 427 -65.66 -50.14 60.59
CA LYS H 427 -66.16 -50.90 59.46
C LYS H 427 -67.64 -50.64 59.27
N ILE H 428 -68.13 -50.93 58.07
CA ILE H 428 -69.54 -50.91 57.75
C ILE H 428 -69.89 -52.18 57.00
N THR H 429 -70.97 -52.83 57.41
CA THR H 429 -71.34 -54.13 56.86
C THR H 429 -72.74 -54.07 56.26
N LEU H 430 -72.89 -54.67 55.08
CA LEU H 430 -74.18 -54.66 54.40
C LEU H 430 -75.17 -55.62 55.05
N SER H 431 -74.69 -56.80 55.47
CA SER H 431 -75.58 -57.75 56.12
C SER H 431 -76.12 -57.20 57.43
N ALA H 432 -75.25 -56.55 58.23
CA ALA H 432 -75.73 -55.89 59.43
C ALA H 432 -76.73 -54.80 59.10
N LEU H 433 -76.72 -54.31 57.86
CA LEU H 433 -77.65 -53.30 57.38
C LEU H 433 -78.47 -53.86 56.23
N SER H 434 -79.02 -55.06 56.41
CA SER H 434 -79.78 -55.70 55.33
C SER H 434 -80.87 -54.79 54.80
N THR H 435 -81.47 -53.96 55.65
CA THR H 435 -82.27 -52.83 55.22
C THR H 435 -81.47 -51.56 55.44
N VAL H 436 -81.21 -50.82 54.36
CA VAL H 436 -80.27 -49.71 54.37
C VAL H 436 -80.92 -48.49 53.72
N GLU H 437 -80.37 -47.33 54.06
CA GLU H 437 -80.83 -46.10 53.43
C GLU H 437 -80.52 -46.13 51.95
N PRO H 438 -81.34 -45.52 51.09
CA PRO H 438 -80.95 -45.42 49.68
C PRO H 438 -79.61 -44.71 49.49
N PHE H 439 -79.37 -43.65 50.27
CA PHE H 439 -78.10 -42.94 50.16
C PHE H 439 -76.94 -43.83 50.57
N ILE H 440 -77.10 -44.57 51.67
CA ILE H 440 -76.01 -45.43 52.11
C ILE H 440 -75.81 -46.58 51.14
N ARG H 441 -76.90 -47.11 50.58
CA ARG H 441 -76.76 -48.17 49.57
C ARG H 441 -75.96 -47.67 48.39
N LYS H 442 -76.30 -46.48 47.89
CA LYS H 442 -75.59 -45.96 46.72
C LYS H 442 -74.16 -45.61 47.07
N VAL H 443 -73.91 -45.13 48.29
CA VAL H 443 -72.54 -44.80 48.69
C VAL H 443 -71.69 -46.06 48.77
N LEU H 444 -72.24 -47.12 49.37
CA LEU H 444 -71.49 -48.36 49.48
C LEU H 444 -71.35 -49.04 48.13
N LEU H 445 -72.30 -48.85 47.23
CA LEU H 445 -72.14 -49.35 45.86
C LEU H 445 -71.04 -48.58 45.14
N SER H 446 -70.96 -47.27 45.35
CA SER H 446 -69.87 -46.49 44.79
C SER H 446 -68.53 -46.95 45.35
N TRP H 447 -68.49 -47.26 46.65
CA TRP H 447 -67.27 -47.79 47.25
C TRP H 447 -66.92 -49.16 46.68
N ILE H 448 -67.93 -50.00 46.44
CA ILE H 448 -67.70 -51.29 45.80
C ILE H 448 -67.14 -51.09 44.39
N GLY H 449 -67.64 -50.09 43.68
CA GLY H 449 -67.10 -49.80 42.36
C GLY H 449 -65.69 -49.28 42.40
N LYS H 450 -65.39 -48.46 43.41
CA LYS H 450 -64.03 -47.96 43.59
C LYS H 450 -63.06 -49.10 43.89
N SER H 451 -63.49 -50.05 44.71
CA SER H 451 -62.65 -51.19 45.08
C SER H 451 -62.54 -52.23 43.97
N MET H 452 -63.60 -52.44 43.18
CA MET H 452 -63.65 -53.50 42.19
C MET H 452 -63.26 -53.06 40.79
N ALA H 453 -63.23 -51.75 40.55
CA ALA H 453 -62.60 -51.25 39.32
C ALA H 453 -61.10 -51.45 39.36
N ALA H 454 -60.56 -51.85 40.51
CA ALA H 454 -59.13 -52.07 40.68
C ALA H 454 -58.91 -53.36 41.45
N LYS H 455 -57.69 -53.89 41.31
CA LYS H 455 -57.26 -54.99 42.16
C LYS H 455 -56.90 -54.54 43.56
N ASN H 456 -56.91 -53.22 43.82
CA ASN H 456 -56.49 -52.70 45.11
C ASN H 456 -57.52 -52.92 46.20
N ARG H 457 -58.80 -52.98 45.84
CA ARG H 457 -59.88 -53.18 46.78
C ARG H 457 -60.09 -51.96 47.69
N MET H 458 -59.27 -50.93 47.55
CA MET H 458 -59.44 -49.76 48.39
C MET H 458 -60.44 -48.80 47.77
N VAL H 459 -60.67 -47.69 48.46
CA VAL H 459 -61.83 -46.83 48.17
C VAL H 459 -61.52 -45.42 48.65
N LYS H 460 -62.09 -44.44 47.96
CA LYS H 460 -62.01 -43.04 48.36
C LYS H 460 -63.38 -42.62 48.89
N THR H 461 -63.54 -42.61 50.21
CA THR H 461 -64.81 -42.22 50.78
C THR H 461 -65.15 -40.79 50.38
N ASP H 462 -66.43 -40.53 50.21
CA ASP H 462 -66.86 -39.20 49.80
C ASP H 462 -66.60 -38.15 50.86
N TYR H 463 -66.23 -38.54 52.08
CA TYR H 463 -66.05 -37.60 53.18
C TYR H 463 -64.65 -37.66 53.78
N GLY H 464 -63.63 -37.72 52.94
CA GLY H 464 -62.26 -37.51 53.36
C GLY H 464 -61.53 -38.74 53.86
N LEU H 465 -62.23 -39.81 54.20
CA LEU H 465 -61.58 -41.03 54.67
C LEU H 465 -61.29 -41.96 53.49
N HIS H 466 -60.78 -43.14 53.84
CA HIS H 466 -60.54 -44.22 52.88
C HIS H 466 -61.11 -45.52 53.41
N VAL H 467 -61.22 -46.51 52.53
CA VAL H 467 -61.84 -47.80 52.83
C VAL H 467 -61.26 -48.88 51.93
N LYS H 468 -61.25 -50.10 52.45
CA LYS H 468 -61.03 -51.31 51.67
C LYS H 468 -62.23 -52.22 51.85
N VAL H 469 -62.76 -52.72 50.74
CA VAL H 469 -64.05 -53.40 50.71
C VAL H 469 -63.82 -54.91 50.64
N MET H 470 -64.22 -55.61 51.70
CA MET H 470 -64.33 -57.06 51.64
C MET H 470 -65.61 -57.42 50.90
N LEU H 471 -65.56 -58.51 50.13
CA LEU H 471 -66.73 -59.00 49.41
C LEU H 471 -66.78 -60.52 49.51
N ASP H 472 -67.83 -61.01 50.16
CA ASP H 472 -68.06 -62.45 50.31
C ASP H 472 -69.01 -62.86 49.18
N TYR H 473 -68.42 -63.30 48.07
CA TYR H 473 -69.21 -63.69 46.91
C TYR H 473 -69.98 -64.98 47.14
N GLU H 474 -69.71 -65.68 48.25
CA GLU H 474 -70.46 -66.87 48.62
C GLU H 474 -71.59 -66.57 49.60
N LYS H 475 -71.91 -65.30 49.83
CA LYS H 475 -72.82 -64.88 50.89
C LYS H 475 -73.84 -63.87 50.34
N THR H 476 -74.46 -64.22 49.22
CA THR H 476 -75.46 -63.33 48.63
C THR H 476 -76.59 -63.05 49.62
N ILE H 477 -77.04 -61.80 49.64
CA ILE H 477 -78.05 -61.32 50.57
C ILE H 477 -79.00 -60.41 49.81
N THR H 478 -79.96 -59.85 50.55
CA THR H 478 -80.88 -58.86 50.01
C THR H 478 -80.68 -57.54 50.72
N LEU H 479 -80.55 -56.46 49.95
CA LEU H 479 -80.30 -55.13 50.47
C LEU H 479 -81.52 -54.26 50.13
N GLN H 480 -82.46 -54.19 51.06
CA GLN H 480 -83.68 -53.43 50.84
C GLN H 480 -83.45 -51.94 51.04
N ALA H 481 -84.40 -51.14 50.57
CA ALA H 481 -84.35 -49.69 50.72
C ALA H 481 -85.72 -49.13 50.33
N GLU H 482 -85.81 -47.81 50.26
CA GLU H 482 -87.06 -47.18 49.83
C GLU H 482 -87.42 -47.61 48.41
N ASP H 483 -86.43 -47.64 47.52
CA ASP H 483 -86.65 -48.00 46.12
C ASP H 483 -86.00 -49.35 45.85
N GLY H 484 -86.82 -50.31 45.46
CA GLY H 484 -86.34 -51.61 45.06
C GLY H 484 -85.49 -52.28 46.13
N ASN H 485 -84.92 -53.42 45.75
CA ASN H 485 -83.87 -54.06 46.53
C ASN H 485 -82.71 -54.37 45.60
N LEU H 486 -81.64 -54.88 46.17
CA LEU H 486 -80.45 -55.26 45.42
C LEU H 486 -79.89 -56.55 46.01
N LEU H 487 -80.27 -57.68 45.43
CA LEU H 487 -79.70 -58.97 45.82
C LEU H 487 -78.23 -58.97 45.44
N MET H 488 -77.36 -58.95 46.44
CA MET H 488 -75.95 -58.66 46.22
C MET H 488 -75.11 -59.42 47.24
N PRO H 489 -73.91 -59.87 46.86
CA PRO H 489 -73.00 -60.46 47.85
C PRO H 489 -72.73 -59.49 48.99
N ASP H 490 -72.62 -60.04 50.20
CA ASP H 490 -72.37 -59.22 51.38
C ASP H 490 -71.02 -58.52 51.26
N ALA H 491 -70.92 -57.34 51.86
CA ALA H 491 -69.71 -56.55 51.82
C ALA H 491 -69.40 -56.00 53.20
N THR H 492 -68.12 -55.74 53.44
CA THR H 492 -67.66 -55.03 54.62
C THR H 492 -66.73 -53.92 54.16
N PHE H 493 -66.69 -52.83 54.92
CA PHE H 493 -65.95 -51.62 54.53
C PHE H 493 -65.08 -51.18 55.70
N LEU H 494 -63.90 -51.79 55.81
CA LEU H 494 -62.93 -51.38 56.82
C LEU H 494 -62.33 -50.04 56.42
N PHE H 495 -62.10 -49.16 57.40
CA PHE H 495 -61.65 -47.81 57.11
C PHE H 495 -60.13 -47.72 57.16
N GLU H 496 -59.61 -46.70 56.47
CA GLU H 496 -58.18 -46.42 56.39
C GLU H 496 -57.95 -44.99 56.84
N GLU H 497 -56.72 -44.69 57.27
CA GLU H 497 -56.44 -43.46 58.01
C GLU H 497 -55.89 -42.36 57.10
N THR H 498 -56.79 -41.74 56.33
CA THR H 498 -56.52 -40.45 55.71
C THR H 498 -57.19 -39.38 56.57
N ARG H 499 -56.72 -39.27 57.80
CA ARG H 499 -57.27 -38.33 58.77
C ARG H 499 -56.21 -37.34 59.24
#